data_4WJG
#
_entry.id   4WJG
#
_cell.length_a   143.230
_cell.length_b   140.950
_cell.length_c   267.180
_cell.angle_alpha   90.00
_cell.angle_beta   98.54
_cell.angle_gamma   90.00
#
_symmetry.space_group_name_H-M   'P 1 21 1'
#
loop_
_entity.id
_entity.type
_entity.pdbx_description
1 polymer 'Hemoglobin subunit alpha'
2 polymer 'Hemoglobin subunit beta'
3 polymer Haptoglobin
4 polymer 'Iron-regulated surface determinant protein H'
5 polymer 'Haptoglobin-hemoglobin receptor'
6 branched 2-acetamido-2-deoxy-beta-D-glucopyranose-(1-4)-2-acetamido-2-deoxy-beta-D-glucopyranose
7 non-polymer 'PROTOPORPHYRIN IX CONTAINING FE'
8 non-polymer 'OXYGEN MOLECULE'
9 non-polymer 2-acetamido-2-deoxy-beta-D-glucopyranose
#
loop_
_entity_poly.entity_id
_entity_poly.type
_entity_poly.pdbx_seq_one_letter_code
_entity_poly.pdbx_strand_id
1 'polypeptide(L)'
;VLSPADKTNVKAAWGKVGAHAGEYGAEALERMFLSFPTTKTYFPHFDLSHGSAQVKGHGKKVADALTNAVAHVDDMPNAL
SALSDLHAHKLRVDPVNFKLLSHCLLVTLAAHLPAEFTPAVHASLDKFLASVSTVLTSKYR
;
A,F,K,P,U,Z
2 'polypeptide(L)'
;VHLTPEEKSAVTALWGKVNVDEVGGEALGRLLVVYPWTQRFFESFGDLSTPDAVMGNPKVKAHGKKVLGAFSDGLAHLDN
LKGTFATLSELHCDKLHVDPENFRLLGNVLVCVLAHHFGKEFTPPVQAAYQKVVAGVANALAHKYH
;
B,G,L,Q,V,1
3 'polypeptide(L)'
;CPKPPEIAHGYVEHSVRYQCKNYYKLRTEGDGVYTLNNEKQWINKAVGDKLPECEAVCGKPKNPANPVQRILGGHLDAKG
SFPWQAKMVSHHNLTTGATLINEQWLLTTAKNLFLNHSENATAKDIAPTLTLYVGKKQLVEIEKVVLHPNYSQVDIGLIK
LKQKVSVNERVMPICLPSKDYAEVGRVGYVSGWGRNANFKFTDHLKYVMLPVADQDQCIRHYEGSTVPEKKTPKSPVGVQ
PILNEHTFCAGMSKYQEDTCYGDAGSAFAVHDLEEDTWYATGILSFDKSCAVAEYGVYVKVTSIQDWVQKTIAEN
;
C,H,M,R,W,2
4 'polypeptide(L)'
;GSADESLKDAIKDPALENKEHDIGPREQVNFQLLDKNNETQYYHFFSIKDPADVYYTKKKAEVELDINTASTWKKFEVYE
NNQKLPVRLVSYSPVPEDHAYIRFPVSDGTQELKIVSSTQIDDGEETNYDYTKLVFAKPIYNDPSL
;
D,I,N,S,X,3
5 'polypeptide(L)'
;AEGLKTKDEVEKACHLAQQLKEVSITLGVIYRTTERHSVQVEAHKTAIDKHADAVSRAVEALTRVDVALQRLKELGKAND
TKAVKIIENITSARENLALFNNETQAVLTARDHVHKHRAAALQGWSDAKEKGDAAAEDVWVLLNAAKKGNGSADVKAAAE
KCSRYSSSSTSETELQKAIDAAANVGGLSAHKSKYGDVLNKFKLSNASVGAVRDTSGRGGKHMEKVNNVAKLLKDAEVSL
AAAAAEIEEVKNAHETKAQEEMKRNGNPIENESETNSGGNAESQGNGDREDKNDEQQQVDEEETKVENGSSEEGSCCGNE
SNGPHVMKKRHGVEGPRPVDVVS
;
E,J,O,T,Y,4
#
loop_
_chem_comp.id
_chem_comp.type
_chem_comp.name
_chem_comp.formula
HEM non-polymer 'PROTOPORPHYRIN IX CONTAINING FE' 'C34 H32 Fe N4 O4'
NAG D-saccharide, beta linking 2-acetamido-2-deoxy-beta-D-glucopyranose 'C8 H15 N O6'
OXY non-polymer 'OXYGEN MOLECULE' O2
#
# COMPACT_ATOMS: atom_id res chain seq x y z
N VAL A 1 38.54 -31.62 -11.43
CA VAL A 1 37.69 -32.81 -11.34
C VAL A 1 37.35 -33.34 -12.74
N LEU A 2 37.63 -32.52 -13.77
CA LEU A 2 37.72 -32.97 -15.17
C LEU A 2 36.48 -33.68 -15.71
N SER A 3 35.46 -32.88 -16.00
CA SER A 3 34.22 -33.30 -16.63
C SER A 3 34.50 -33.71 -18.04
N PRO A 4 33.50 -34.31 -18.70
CA PRO A 4 33.69 -34.51 -20.13
C PRO A 4 34.12 -33.21 -20.84
N ALA A 5 33.47 -32.10 -20.51
CA ALA A 5 33.81 -30.80 -21.11
C ALA A 5 35.29 -30.48 -20.96
N ASP A 6 35.78 -30.47 -19.71
CA ASP A 6 37.19 -30.24 -19.47
C ASP A 6 38.03 -31.13 -20.33
N LYS A 7 37.73 -32.43 -20.31
CA LYS A 7 38.56 -33.45 -20.93
C LYS A 7 38.73 -33.07 -22.40
N THR A 8 37.61 -32.79 -23.07
CA THR A 8 37.61 -32.35 -24.46
C THR A 8 38.53 -31.17 -24.69
N ASN A 9 38.34 -30.10 -23.91
CA ASN A 9 39.17 -28.90 -24.01
C ASN A 9 40.66 -29.18 -23.94
N VAL A 10 41.05 -29.97 -22.94
CA VAL A 10 42.48 -30.25 -22.74
C VAL A 10 43.06 -30.98 -23.93
N LYS A 11 42.33 -31.95 -24.47
CA LYS A 11 42.80 -32.67 -25.64
C LYS A 11 42.91 -31.72 -26.84
N ALA A 12 41.82 -30.98 -27.10
CA ALA A 12 41.75 -30.09 -28.24
C ALA A 12 42.82 -29.02 -28.11
N ALA A 13 43.12 -28.58 -26.91
CA ALA A 13 44.12 -27.54 -26.77
C ALA A 13 45.55 -28.08 -26.88
N TRP A 14 45.76 -29.30 -26.38
CA TRP A 14 47.09 -29.86 -26.31
C TRP A 14 47.48 -30.43 -27.68
N GLY A 15 46.45 -30.71 -28.47
CA GLY A 15 46.62 -31.08 -29.86
C GLY A 15 47.17 -29.87 -30.58
N LYS A 16 46.47 -28.75 -30.51
CA LYS A 16 46.92 -27.52 -31.15
C LYS A 16 48.33 -27.13 -30.70
N VAL A 17 48.84 -27.82 -29.70
CA VAL A 17 50.21 -27.62 -29.27
C VAL A 17 51.14 -28.43 -30.17
N GLY A 18 50.75 -29.67 -30.43
CA GLY A 18 51.47 -30.52 -31.38
C GLY A 18 52.94 -30.74 -31.10
N ALA A 19 53.75 -30.81 -32.16
CA ALA A 19 55.18 -31.08 -32.02
C ALA A 19 55.91 -30.04 -31.17
N HIS A 20 55.25 -28.93 -30.91
CA HIS A 20 55.87 -27.92 -30.08
C HIS A 20 55.78 -28.30 -28.59
N ALA A 21 55.01 -29.35 -28.30
CA ALA A 21 54.89 -29.84 -26.95
C ALA A 21 56.27 -29.95 -26.30
N GLY A 22 57.24 -30.44 -27.03
CA GLY A 22 58.57 -30.49 -26.46
C GLY A 22 59.13 -29.12 -26.13
N GLU A 23 59.04 -28.23 -27.10
CA GLU A 23 59.72 -26.95 -27.04
C GLU A 23 59.06 -26.04 -26.00
N TYR A 24 57.76 -26.23 -25.78
CA TYR A 24 57.05 -25.47 -24.74
C TYR A 24 57.51 -25.91 -23.38
N GLY A 25 57.63 -27.23 -23.21
CA GLY A 25 58.08 -27.79 -21.95
C GLY A 25 59.35 -27.14 -21.46
N ALA A 26 60.25 -26.82 -22.38
CA ALA A 26 61.50 -26.19 -22.00
C ALA A 26 61.29 -24.71 -21.75
N GLU A 27 60.51 -24.06 -22.60
CA GLU A 27 60.24 -22.64 -22.41
C GLU A 27 59.58 -22.45 -21.05
N ALA A 28 58.66 -23.36 -20.72
CA ALA A 28 57.95 -23.33 -19.43
C ALA A 28 58.95 -23.42 -18.27
N LEU A 29 59.82 -24.42 -18.28
CA LEU A 29 60.83 -24.57 -17.23
C LEU A 29 61.67 -23.33 -17.11
N GLU A 30 62.05 -22.78 -18.25
CA GLU A 30 62.96 -21.64 -18.23
C GLU A 30 62.36 -20.52 -17.42
N ARG A 31 61.10 -20.21 -17.72
CA ARG A 31 60.35 -19.19 -17.01
C ARG A 31 60.42 -19.42 -15.51
N MET A 32 60.24 -20.69 -15.11
CA MET A 32 60.19 -21.06 -13.70
C MET A 32 61.50 -20.76 -12.98
N PHE A 33 62.61 -21.09 -13.61
CA PHE A 33 63.90 -20.84 -13.00
C PHE A 33 64.18 -19.32 -12.96
N LEU A 34 63.63 -18.60 -13.93
CA LEU A 34 63.82 -17.15 -14.01
C LEU A 34 62.87 -16.41 -13.07
N SER A 35 61.62 -16.84 -13.06
CA SER A 35 60.63 -16.22 -12.21
C SER A 35 60.84 -16.61 -10.75
N PHE A 36 60.99 -17.91 -10.47
CA PHE A 36 61.08 -18.41 -9.09
C PHE A 36 62.38 -19.17 -8.81
N PRO A 37 63.48 -18.44 -8.58
CA PRO A 37 64.85 -18.95 -8.50
C PRO A 37 65.04 -20.08 -7.51
N THR A 38 64.07 -20.26 -6.63
CA THR A 38 64.16 -21.28 -5.60
C THR A 38 64.00 -22.67 -6.22
N THR A 39 63.30 -22.75 -7.35
CA THR A 39 63.09 -24.04 -7.97
C THR A 39 64.38 -24.62 -8.54
N LYS A 40 65.42 -23.79 -8.64
CA LYS A 40 66.70 -24.25 -9.18
C LYS A 40 67.43 -25.24 -8.23
N THR A 41 67.06 -25.20 -6.94
CA THR A 41 67.74 -26.03 -5.93
C THR A 41 67.40 -27.53 -6.06
N TYR A 42 66.48 -27.84 -6.97
CA TYR A 42 66.19 -29.23 -7.27
C TYR A 42 67.04 -29.75 -8.46
N PHE A 43 67.69 -28.83 -9.18
CA PHE A 43 68.44 -29.16 -10.38
C PHE A 43 69.88 -28.67 -10.30
N PRO A 44 70.63 -29.19 -9.32
CA PRO A 44 71.95 -28.63 -9.04
C PRO A 44 72.89 -28.70 -10.23
N HIS A 45 73.00 -29.86 -10.84
CA HIS A 45 74.08 -30.13 -11.80
C HIS A 45 73.70 -29.74 -13.22
N PHE A 46 72.43 -29.36 -13.40
CA PHE A 46 71.98 -28.92 -14.71
C PHE A 46 72.61 -27.57 -15.04
N ASP A 47 72.96 -27.40 -16.30
CA ASP A 47 73.25 -26.08 -16.81
C ASP A 47 71.88 -25.42 -16.99
N LEU A 48 71.63 -24.34 -16.25
CA LEU A 48 70.30 -23.74 -16.21
C LEU A 48 70.16 -22.54 -17.16
N SER A 49 71.23 -22.24 -17.89
CA SER A 49 71.31 -21.04 -18.71
C SER A 49 70.34 -21.09 -19.88
N HIS A 50 70.37 -20.06 -20.72
CA HIS A 50 69.39 -19.94 -21.78
C HIS A 50 69.56 -21.03 -22.84
N GLY A 51 68.45 -21.72 -23.15
CA GLY A 51 68.39 -22.74 -24.18
C GLY A 51 69.39 -23.87 -24.00
N SER A 52 69.81 -24.08 -22.76
CA SER A 52 70.73 -25.15 -22.40
C SER A 52 70.19 -26.47 -22.92
N ALA A 53 71.04 -27.27 -23.57
CA ALA A 53 70.64 -28.58 -24.05
C ALA A 53 70.02 -29.42 -22.92
N GLN A 54 70.61 -29.29 -21.73
CA GLN A 54 70.13 -30.04 -20.58
C GLN A 54 68.71 -29.64 -20.19
N VAL A 55 68.45 -28.34 -20.08
CA VAL A 55 67.10 -27.81 -19.91
C VAL A 55 66.16 -28.24 -21.03
N LYS A 56 66.63 -28.11 -22.27
CA LYS A 56 65.84 -28.31 -23.47
C LYS A 56 65.37 -29.74 -23.58
N GLY A 57 66.25 -30.66 -23.18
CA GLY A 57 65.94 -32.08 -23.26
C GLY A 57 65.00 -32.50 -22.14
N HIS A 58 65.33 -32.05 -20.94
CA HIS A 58 64.48 -32.29 -19.79
C HIS A 58 63.03 -31.87 -20.05
N GLY A 59 62.87 -30.75 -20.76
CA GLY A 59 61.56 -30.26 -21.16
C GLY A 59 60.82 -31.26 -22.05
N LYS A 60 61.59 -32.01 -22.83
CA LYS A 60 60.98 -33.01 -23.70
C LYS A 60 60.44 -34.14 -22.85
N LYS A 61 61.06 -34.39 -21.69
CA LYS A 61 60.55 -35.44 -20.80
C LYS A 61 59.23 -34.98 -20.20
N VAL A 62 59.28 -33.79 -19.58
CA VAL A 62 58.12 -33.19 -18.93
C VAL A 62 56.96 -33.01 -19.89
N ALA A 63 57.30 -32.63 -21.12
CA ALA A 63 56.32 -32.54 -22.19
C ALA A 63 55.59 -33.86 -22.35
N ASP A 64 56.39 -34.92 -22.33
CA ASP A 64 55.91 -36.24 -22.72
C ASP A 64 55.07 -36.83 -21.61
N ALA A 65 55.52 -36.59 -20.38
CA ALA A 65 54.71 -36.89 -19.20
C ALA A 65 53.30 -36.33 -19.37
N LEU A 66 53.24 -35.05 -19.73
CA LEU A 66 51.97 -34.39 -19.92
C LEU A 66 51.13 -34.99 -21.04
N THR A 67 51.77 -35.26 -22.18
CA THR A 67 51.05 -35.82 -23.31
C THR A 67 50.46 -37.16 -22.94
N ASN A 68 51.25 -37.89 -22.15
CA ASN A 68 50.86 -39.20 -21.69
C ASN A 68 49.58 -39.02 -20.91
N ALA A 69 49.61 -38.02 -20.03
CA ALA A 69 48.49 -37.74 -19.17
C ALA A 69 47.23 -37.49 -20.00
N VAL A 70 47.32 -36.73 -21.09
CA VAL A 70 46.11 -36.45 -21.82
C VAL A 70 45.76 -37.66 -22.68
N ALA A 71 46.79 -38.46 -22.98
CA ALA A 71 46.63 -39.70 -23.74
C ALA A 71 45.73 -40.69 -23.00
N HIS A 72 46.02 -40.96 -21.74
CA HIS A 72 44.97 -41.52 -20.94
C HIS A 72 44.65 -40.55 -19.82
N VAL A 73 43.67 -39.70 -20.05
CA VAL A 73 43.38 -38.69 -19.05
C VAL A 73 42.33 -39.27 -18.12
N ASP A 74 41.68 -40.34 -18.60
CA ASP A 74 40.58 -40.91 -17.83
C ASP A 74 41.10 -41.77 -16.72
N ASP A 75 42.36 -42.17 -16.79
CA ASP A 75 43.06 -42.63 -15.62
C ASP A 75 44.41 -41.96 -15.58
N MET A 76 44.54 -40.89 -14.82
CA MET A 76 45.87 -40.33 -14.63
C MET A 76 46.79 -41.03 -13.64
N PRO A 77 46.29 -41.48 -12.47
CA PRO A 77 47.26 -42.00 -11.48
C PRO A 77 47.95 -43.30 -11.90
N ASN A 78 47.27 -44.19 -12.62
CA ASN A 78 47.98 -45.32 -13.20
C ASN A 78 49.06 -44.85 -14.17
N ALA A 79 48.68 -44.00 -15.10
CA ALA A 79 49.63 -43.46 -16.07
C ALA A 79 50.80 -42.76 -15.38
N LEU A 80 50.52 -41.96 -14.38
CA LEU A 80 51.56 -41.15 -13.76
C LEU A 80 52.19 -41.80 -12.55
N SER A 81 51.77 -43.05 -12.29
CA SER A 81 52.18 -43.80 -11.11
C SER A 81 53.69 -43.83 -10.89
N ALA A 82 54.46 -44.18 -11.90
CA ALA A 82 55.90 -44.24 -11.71
C ALA A 82 56.44 -42.85 -11.40
N LEU A 83 55.74 -41.82 -11.87
CA LEU A 83 56.10 -40.44 -11.55
C LEU A 83 55.58 -39.98 -10.17
N SER A 84 54.49 -40.60 -9.69
CA SER A 84 53.99 -40.33 -8.35
C SER A 84 55.16 -40.48 -7.42
N ASP A 85 55.78 -41.65 -7.50
CA ASP A 85 56.78 -42.09 -6.55
C ASP A 85 58.08 -41.35 -6.74
N LEU A 86 58.33 -40.90 -7.96
CA LEU A 86 59.61 -40.31 -8.26
C LEU A 86 59.76 -38.98 -7.57
N HIS A 87 58.73 -38.14 -7.68
CA HIS A 87 58.78 -36.83 -7.07
C HIS A 87 58.44 -36.90 -5.59
N ALA A 88 57.44 -37.70 -5.25
CA ALA A 88 57.02 -37.77 -3.87
C ALA A 88 58.18 -38.25 -3.00
N HIS A 89 58.69 -39.44 -3.30
CA HIS A 89 59.60 -40.15 -2.39
C HIS A 89 61.09 -39.88 -2.67
N LYS A 90 61.55 -40.28 -3.85
CA LYS A 90 62.96 -40.22 -4.19
C LYS A 90 63.45 -38.78 -4.17
N LEU A 91 62.82 -37.96 -4.99
CA LEU A 91 63.20 -36.55 -5.20
C LEU A 91 62.69 -35.58 -4.13
N ARG A 92 61.65 -35.97 -3.40
CA ARG A 92 60.98 -35.12 -2.39
C ARG A 92 60.81 -33.67 -2.84
N VAL A 93 59.90 -33.43 -3.79
CA VAL A 93 59.66 -32.08 -4.30
C VAL A 93 58.53 -31.40 -3.54
N ASP A 94 58.80 -30.24 -2.95
CA ASP A 94 57.78 -29.55 -2.15
C ASP A 94 56.58 -29.13 -2.99
N PRO A 95 55.39 -29.67 -2.69
CA PRO A 95 54.16 -29.51 -3.48
C PRO A 95 53.86 -28.07 -3.92
N VAL A 96 54.46 -27.09 -3.26
CA VAL A 96 54.31 -25.71 -3.70
C VAL A 96 54.95 -25.50 -5.06
N ASN A 97 55.96 -26.32 -5.38
CA ASN A 97 56.77 -26.06 -6.57
C ASN A 97 56.00 -26.38 -7.82
N PHE A 98 55.18 -27.43 -7.77
CA PHE A 98 54.33 -27.84 -8.88
C PHE A 98 53.39 -26.72 -9.32
N LYS A 99 52.92 -25.92 -8.37
CA LYS A 99 51.98 -24.86 -8.67
C LYS A 99 52.65 -23.69 -9.41
N LEU A 100 53.95 -23.50 -9.15
CA LEU A 100 54.74 -22.58 -9.95
C LEU A 100 54.76 -23.05 -11.41
N LEU A 101 55.31 -24.23 -11.63
CA LEU A 101 55.47 -24.74 -12.96
C LEU A 101 54.10 -24.86 -13.60
N SER A 102 53.07 -25.17 -12.81
CA SER A 102 51.70 -25.23 -13.33
C SER A 102 51.41 -23.92 -14.02
N HIS A 103 51.80 -22.84 -13.37
CA HIS A 103 51.48 -21.50 -13.82
C HIS A 103 52.40 -21.09 -14.93
N CYS A 104 53.70 -21.31 -14.79
CA CYS A 104 54.57 -21.15 -15.95
C CYS A 104 54.05 -21.92 -17.19
N LEU A 105 53.56 -23.14 -17.02
CA LEU A 105 52.96 -23.87 -18.13
C LEU A 105 51.72 -23.20 -18.65
N LEU A 106 51.10 -22.39 -17.81
CA LEU A 106 49.91 -21.63 -18.23
C LEU A 106 50.32 -20.33 -18.94
N VAL A 107 51.34 -19.67 -18.40
CA VAL A 107 51.88 -18.50 -19.05
C VAL A 107 52.38 -18.87 -20.45
N THR A 108 53.15 -19.95 -20.52
CA THR A 108 53.75 -20.44 -21.76
C THR A 108 52.72 -20.76 -22.84
N LEU A 109 51.71 -21.54 -22.49
CA LEU A 109 50.67 -21.88 -23.45
C LEU A 109 49.92 -20.63 -23.88
N ALA A 110 49.80 -19.66 -22.98
CA ALA A 110 49.09 -18.42 -23.32
C ALA A 110 49.85 -17.74 -24.46
N ALA A 111 51.12 -17.48 -24.24
CA ALA A 111 51.94 -16.78 -25.21
C ALA A 111 51.85 -17.41 -26.61
N HIS A 112 52.00 -18.74 -26.71
CA HIS A 112 52.10 -19.39 -28.03
C HIS A 112 50.73 -19.65 -28.66
N LEU A 113 49.66 -19.60 -27.86
CA LEU A 113 48.38 -20.02 -28.41
C LEU A 113 47.19 -19.10 -28.16
N PRO A 114 47.32 -17.83 -28.54
CA PRO A 114 46.27 -16.87 -28.21
C PRO A 114 44.84 -17.35 -28.52
N ALA A 115 44.62 -17.99 -29.65
CA ALA A 115 43.24 -18.27 -30.06
C ALA A 115 42.51 -19.32 -29.26
N GLU A 116 43.21 -20.28 -28.65
CA GLU A 116 42.53 -21.38 -27.90
C GLU A 116 42.39 -21.11 -26.39
N PHE A 117 43.00 -20.02 -25.92
CA PHE A 117 43.17 -19.73 -24.52
C PHE A 117 41.95 -18.99 -23.97
N THR A 118 40.82 -19.14 -24.66
CA THR A 118 39.53 -18.66 -24.18
C THR A 118 39.32 -19.07 -22.74
N PRO A 119 38.59 -18.24 -21.95
CA PRO A 119 38.44 -18.53 -20.52
C PRO A 119 38.07 -19.98 -20.26
N ALA A 120 37.08 -20.51 -20.99
CA ALA A 120 36.68 -21.92 -20.82
C ALA A 120 37.88 -22.87 -20.82
N VAL A 121 38.84 -22.63 -21.68
CA VAL A 121 39.98 -23.53 -21.76
C VAL A 121 40.91 -23.28 -20.60
N HIS A 122 41.04 -22.00 -20.25
CA HIS A 122 41.93 -21.60 -19.17
C HIS A 122 41.55 -22.35 -17.91
N ALA A 123 40.25 -22.55 -17.75
CA ALA A 123 39.67 -23.32 -16.65
C ALA A 123 40.21 -24.75 -16.69
N SER A 124 39.81 -25.50 -17.72
CA SER A 124 40.11 -26.91 -17.82
C SER A 124 41.59 -27.16 -18.04
N LEU A 125 42.34 -26.18 -18.49
CA LEU A 125 43.78 -26.41 -18.59
C LEU A 125 44.36 -26.41 -17.20
N ASP A 126 43.83 -25.53 -16.35
CA ASP A 126 44.30 -25.35 -14.98
C ASP A 126 43.89 -26.50 -14.08
N LYS A 127 42.66 -26.96 -14.28
CA LYS A 127 42.18 -28.14 -13.60
C LYS A 127 43.11 -29.29 -13.95
N PHE A 128 43.38 -29.42 -15.25
CA PHE A 128 44.23 -30.51 -15.75
C PHE A 128 45.59 -30.47 -15.09
N LEU A 129 46.29 -29.33 -15.06
CA LEU A 129 47.55 -29.30 -14.34
C LEU A 129 47.36 -29.40 -12.82
N ALA A 130 46.20 -28.97 -12.34
CA ALA A 130 45.89 -29.23 -10.95
C ALA A 130 45.90 -30.74 -10.78
N SER A 131 44.94 -31.39 -11.44
CA SER A 131 44.75 -32.82 -11.36
C SER A 131 46.08 -33.55 -11.49
N VAL A 132 46.93 -33.13 -12.40
CA VAL A 132 48.21 -33.76 -12.49
C VAL A 132 49.07 -33.37 -11.29
N SER A 133 49.19 -32.06 -11.03
CA SER A 133 50.16 -31.61 -10.04
C SER A 133 49.83 -32.22 -8.69
N THR A 134 48.55 -32.55 -8.50
CA THR A 134 48.12 -33.23 -7.29
C THR A 134 48.73 -34.64 -7.23
N VAL A 135 48.53 -35.43 -8.30
CA VAL A 135 48.83 -36.88 -8.32
C VAL A 135 50.29 -37.15 -8.01
N LEU A 136 51.16 -36.24 -8.42
CA LEU A 136 52.58 -36.36 -8.09
C LEU A 136 52.82 -36.09 -6.64
N THR A 137 52.08 -35.13 -6.11
CA THR A 137 52.27 -34.73 -4.73
C THR A 137 51.59 -35.60 -3.64
N SER A 138 50.48 -36.25 -3.96
CA SER A 138 49.66 -36.85 -2.93
C SER A 138 50.35 -37.97 -2.20
N LYS A 139 51.49 -38.44 -2.68
CA LYS A 139 52.27 -39.44 -1.95
C LYS A 139 53.40 -38.77 -1.15
N TYR A 140 53.37 -37.45 -1.08
CA TYR A 140 54.29 -36.72 -0.22
C TYR A 140 54.05 -37.19 1.23
N ARG A 141 55.08 -37.12 2.09
CA ARG A 141 54.94 -37.44 3.51
C ARG A 141 56.18 -36.93 4.24
N VAL B 1 60.02 -4.42 -3.98
CA VAL B 1 61.35 -5.03 -4.04
C VAL B 1 62.20 -4.26 -5.07
N HIS B 2 63.51 -4.51 -5.06
CA HIS B 2 64.42 -3.90 -6.02
C HIS B 2 64.16 -4.41 -7.43
N LEU B 3 64.36 -3.52 -8.41
CA LEU B 3 64.20 -3.89 -9.80
C LEU B 3 65.32 -3.28 -10.64
N THR B 4 66.02 -4.12 -11.41
CA THR B 4 67.04 -3.63 -12.32
C THR B 4 66.42 -2.64 -13.31
N PRO B 5 67.15 -1.57 -13.65
CA PRO B 5 66.63 -0.55 -14.58
C PRO B 5 66.05 -1.11 -15.89
N GLU B 6 66.68 -2.12 -16.46
CA GLU B 6 66.19 -2.72 -17.71
C GLU B 6 65.01 -3.64 -17.43
N GLU B 7 64.83 -4.04 -16.18
CA GLU B 7 63.60 -4.73 -15.81
C GLU B 7 62.47 -3.73 -15.84
N LYS B 8 62.63 -2.64 -15.08
CA LYS B 8 61.61 -1.60 -14.97
C LYS B 8 61.33 -1.01 -16.35
N SER B 9 62.36 -0.94 -17.19
CA SER B 9 62.21 -0.36 -18.51
C SER B 9 61.41 -1.30 -19.41
N ALA B 10 61.74 -2.59 -19.35
CA ALA B 10 60.99 -3.59 -20.11
C ALA B 10 59.57 -3.69 -19.60
N VAL B 11 59.40 -3.53 -18.29
CA VAL B 11 58.10 -3.54 -17.63
C VAL B 11 57.23 -2.35 -18.06
N THR B 12 57.74 -1.14 -17.86
CA THR B 12 56.92 0.05 -18.10
C THR B 12 56.59 0.15 -19.58
N ALA B 13 57.58 -0.11 -20.42
CA ALA B 13 57.40 0.00 -21.87
C ALA B 13 56.32 -0.97 -22.34
N LEU B 14 56.24 -2.12 -21.68
CA LEU B 14 55.22 -3.09 -22.04
C LEU B 14 53.88 -2.61 -21.52
N TRP B 15 53.89 -2.06 -20.31
CA TRP B 15 52.66 -1.62 -19.65
C TRP B 15 52.00 -0.52 -20.48
N GLY B 16 52.84 0.21 -21.20
CA GLY B 16 52.38 1.21 -22.14
C GLY B 16 51.43 0.62 -23.17
N LYS B 17 51.78 -0.54 -23.72
CA LYS B 17 50.96 -1.12 -24.77
C LYS B 17 49.68 -1.77 -24.24
N VAL B 18 49.54 -1.84 -22.92
CA VAL B 18 48.41 -2.53 -22.32
C VAL B 18 47.10 -1.75 -22.43
N ASN B 19 46.07 -2.36 -23.02
CA ASN B 19 44.79 -1.68 -23.16
C ASN B 19 44.11 -1.49 -21.81
N VAL B 20 43.88 -0.24 -21.42
CA VAL B 20 43.40 0.02 -20.06
C VAL B 20 41.90 -0.02 -19.98
N ASP B 21 41.23 -0.20 -21.10
CA ASP B 21 39.78 -0.31 -21.04
C ASP B 21 39.36 -1.76 -21.07
N GLU B 22 40.33 -2.68 -21.27
CA GLU B 22 40.00 -4.11 -21.38
C GLU B 22 40.74 -5.10 -20.46
N VAL B 23 42.07 -5.10 -20.52
CA VAL B 23 42.91 -6.07 -19.84
C VAL B 23 42.53 -6.32 -18.40
N GLY B 24 42.40 -5.28 -17.59
CA GLY B 24 42.09 -5.47 -16.19
C GLY B 24 40.83 -6.27 -16.00
N GLY B 25 39.83 -5.97 -16.82
CA GLY B 25 38.53 -6.60 -16.68
C GLY B 25 38.61 -8.02 -17.14
N GLU B 26 39.52 -8.30 -18.06
CA GLU B 26 39.65 -9.66 -18.53
C GLU B 26 40.37 -10.49 -17.50
N ALA B 27 41.35 -9.90 -16.79
CA ALA B 27 42.06 -10.59 -15.72
C ALA B 27 41.05 -10.90 -14.61
N LEU B 28 40.13 -9.98 -14.35
CA LEU B 28 39.22 -10.20 -13.24
C LEU B 28 38.26 -11.35 -13.55
N GLY B 29 37.61 -11.30 -14.70
CA GLY B 29 36.63 -12.32 -15.04
C GLY B 29 37.22 -13.71 -15.23
N ARG B 30 38.54 -13.80 -15.40
CA ARG B 30 39.11 -15.12 -15.56
C ARG B 30 39.25 -15.69 -14.19
N LEU B 31 39.74 -14.89 -13.26
CA LEU B 31 39.71 -15.25 -11.84
C LEU B 31 38.34 -15.76 -11.34
N LEU B 32 37.28 -15.04 -11.63
CA LEU B 32 35.96 -15.53 -11.31
C LEU B 32 35.71 -16.92 -11.87
N VAL B 33 36.22 -17.19 -13.08
CA VAL B 33 35.93 -18.44 -13.78
C VAL B 33 36.83 -19.62 -13.35
N VAL B 34 38.13 -19.31 -13.22
CA VAL B 34 39.16 -20.30 -12.88
C VAL B 34 39.12 -20.73 -11.40
N TYR B 35 38.90 -19.78 -10.51
CA TYR B 35 38.79 -20.01 -9.08
C TYR B 35 37.44 -19.59 -8.59
N PRO B 36 36.39 -20.37 -8.89
CA PRO B 36 35.01 -19.88 -8.71
C PRO B 36 34.63 -19.38 -7.32
N TRP B 37 35.42 -19.60 -6.28
CA TRP B 37 34.98 -19.17 -4.97
C TRP B 37 35.10 -17.66 -4.77
N THR B 38 35.84 -16.97 -5.61
CA THR B 38 35.88 -15.53 -5.48
C THR B 38 34.58 -14.91 -5.94
N GLN B 39 33.82 -15.66 -6.73
CA GLN B 39 32.53 -15.15 -7.19
C GLN B 39 31.69 -14.65 -6.04
N ARG B 40 31.94 -15.21 -4.87
CA ARG B 40 31.21 -14.93 -3.65
C ARG B 40 31.17 -13.44 -3.29
N PHE B 41 32.26 -12.75 -3.58
CA PHE B 41 32.41 -11.34 -3.28
C PHE B 41 31.73 -10.44 -4.32
N PHE B 42 31.65 -10.94 -5.55
CA PHE B 42 31.16 -10.17 -6.69
C PHE B 42 29.74 -10.49 -7.19
N GLU B 43 29.00 -11.40 -6.57
CA GLU B 43 27.76 -11.84 -7.23
C GLU B 43 26.73 -10.74 -7.42
N SER B 44 27.00 -9.58 -6.83
CA SER B 44 26.24 -8.35 -7.04
C SER B 44 26.27 -7.89 -8.49
N PHE B 45 27.21 -8.44 -9.27
CA PHE B 45 27.41 -8.02 -10.66
C PHE B 45 26.25 -8.40 -11.54
N GLY B 46 25.78 -9.62 -11.40
CA GLY B 46 24.76 -10.13 -12.31
C GLY B 46 25.03 -11.61 -12.38
N ASP B 47 24.69 -12.25 -13.50
CA ASP B 47 25.02 -13.68 -13.66
C ASP B 47 26.52 -13.89 -13.79
N LEU B 48 27.08 -14.63 -12.85
CA LEU B 48 28.47 -15.05 -12.92
C LEU B 48 28.71 -16.55 -13.25
N SER B 49 27.68 -17.27 -13.68
CA SER B 49 27.74 -18.74 -13.78
C SER B 49 28.60 -19.29 -14.94
N THR B 50 28.24 -18.93 -16.16
CA THR B 50 28.97 -19.30 -17.37
C THR B 50 30.19 -18.40 -17.52
N PRO B 51 31.20 -18.82 -18.31
CA PRO B 51 32.34 -17.92 -18.56
C PRO B 51 31.95 -16.74 -19.50
N ASP B 52 30.96 -16.95 -20.38
CA ASP B 52 30.56 -15.90 -21.30
C ASP B 52 29.84 -14.79 -20.58
N ALA B 53 28.97 -15.16 -19.65
CA ALA B 53 28.28 -14.18 -18.83
C ALA B 53 29.31 -13.36 -18.07
N VAL B 54 30.21 -14.02 -17.38
CA VAL B 54 31.24 -13.31 -16.64
C VAL B 54 32.02 -12.37 -17.54
N MET B 55 32.54 -12.91 -18.64
CA MET B 55 33.36 -12.12 -19.53
C MET B 55 32.55 -10.95 -20.16
N GLY B 56 31.27 -11.23 -20.43
CA GLY B 56 30.36 -10.26 -20.99
C GLY B 56 29.82 -9.24 -20.02
N ASN B 57 29.56 -9.64 -18.77
CA ASN B 57 28.85 -8.79 -17.81
C ASN B 57 29.53 -7.44 -17.65
N PRO B 58 28.81 -6.34 -18.01
CA PRO B 58 29.39 -4.99 -18.11
C PRO B 58 29.93 -4.48 -16.80
N LYS B 59 29.49 -5.04 -15.67
CA LYS B 59 29.99 -4.54 -14.39
C LYS B 59 31.34 -5.13 -14.08
N VAL B 60 31.66 -6.23 -14.79
CA VAL B 60 32.93 -6.91 -14.59
C VAL B 60 34.11 -6.13 -15.18
N LYS B 61 34.00 -5.71 -16.44
CA LYS B 61 35.14 -5.01 -17.01
C LYS B 61 35.18 -3.63 -16.40
N ALA B 62 34.00 -3.15 -16.05
CA ALA B 62 33.84 -1.85 -15.41
C ALA B 62 34.65 -1.87 -14.15
N HIS B 63 34.52 -3.00 -13.44
CA HIS B 63 35.26 -3.23 -12.22
C HIS B 63 36.75 -3.47 -12.50
N GLY B 64 37.04 -4.38 -13.40
CA GLY B 64 38.43 -4.68 -13.73
C GLY B 64 39.27 -3.43 -13.96
N LYS B 65 38.67 -2.43 -14.63
CA LYS B 65 39.36 -1.21 -14.98
C LYS B 65 39.96 -0.59 -13.72
N LYS B 66 39.09 -0.40 -12.72
CA LYS B 66 39.46 0.19 -11.44
C LYS B 66 40.59 -0.61 -10.80
N VAL B 67 40.53 -1.95 -10.97
CA VAL B 67 41.53 -2.87 -10.45
C VAL B 67 42.82 -2.74 -11.20
N LEU B 68 42.68 -2.68 -12.52
CA LEU B 68 43.80 -2.52 -13.41
C LEU B 68 44.49 -1.21 -13.12
N GLY B 69 43.66 -0.18 -12.91
CA GLY B 69 44.17 1.10 -12.52
C GLY B 69 44.96 0.91 -11.25
N ALA B 70 44.32 0.30 -10.25
CA ALA B 70 44.99 0.03 -8.98
C ALA B 70 46.38 -0.59 -9.23
N PHE B 71 46.50 -1.50 -10.19
CA PHE B 71 47.82 -2.04 -10.55
C PHE B 71 48.72 -0.99 -11.24
N SER B 72 48.14 -0.11 -12.05
CA SER B 72 48.94 0.94 -12.70
C SER B 72 49.67 1.79 -11.66
N ASP B 73 48.99 2.03 -10.53
CA ASP B 73 49.51 2.88 -9.46
C ASP B 73 50.75 2.22 -8.86
N GLY B 74 50.77 0.89 -8.92
CA GLY B 74 51.88 0.12 -8.39
C GLY B 74 53.12 0.40 -9.20
N LEU B 75 53.02 0.20 -10.51
CA LEU B 75 54.14 0.43 -11.41
C LEU B 75 54.61 1.87 -11.31
N ALA B 76 53.68 2.77 -10.97
CA ALA B 76 54.02 4.17 -10.81
C ALA B 76 55.00 4.34 -9.66
N HIS B 77 54.59 3.94 -8.46
CA HIS B 77 55.52 4.01 -7.34
C HIS B 77 55.80 2.62 -6.74
N LEU B 78 56.94 2.04 -7.11
CA LEU B 78 57.28 0.67 -6.74
C LEU B 78 58.10 0.62 -5.46
N ASP B 79 58.58 1.78 -5.05
CA ASP B 79 59.32 1.89 -3.81
C ASP B 79 58.40 2.03 -2.59
N ASN B 80 57.34 2.83 -2.72
CA ASN B 80 56.33 2.77 -1.69
C ASN B 80 55.11 2.01 -2.21
N LEU B 81 55.18 0.69 -2.09
CA LEU B 81 54.08 -0.19 -2.49
C LEU B 81 53.11 -0.30 -1.33
N LYS B 82 53.70 -0.41 -0.14
CA LYS B 82 52.95 -0.51 1.09
C LYS B 82 51.98 0.64 1.14
N GLY B 83 52.53 1.84 1.04
CA GLY B 83 51.75 3.07 1.19
C GLY B 83 50.68 3.28 0.13
N THR B 84 51.04 3.00 -1.11
CA THR B 84 50.12 3.23 -2.21
C THR B 84 48.84 2.40 -2.00
N PHE B 85 49.04 1.17 -1.55
CA PHE B 85 47.94 0.24 -1.30
C PHE B 85 47.49 0.23 0.17
N ALA B 86 48.09 1.09 0.98
CA ALA B 86 47.81 1.10 2.41
C ALA B 86 46.32 1.19 2.67
N THR B 87 45.65 2.08 1.95
CA THR B 87 44.20 2.18 2.12
C THR B 87 43.50 0.99 1.50
N LEU B 88 43.86 0.65 0.26
CA LEU B 88 43.27 -0.52 -0.38
C LEU B 88 43.40 -1.76 0.52
N SER B 89 44.53 -1.85 1.22
CA SER B 89 44.78 -2.95 2.13
C SER B 89 43.70 -2.99 3.23
N GLU B 90 43.23 -1.80 3.61
CA GLU B 90 42.20 -1.68 4.63
C GLU B 90 40.87 -2.20 4.08
N LEU B 91 40.57 -1.90 2.82
CA LEU B 91 39.30 -2.30 2.27
C LEU B 91 39.16 -3.82 2.31
N HIS B 92 40.19 -4.52 1.83
CA HIS B 92 40.14 -5.98 1.69
C HIS B 92 40.35 -6.71 3.02
N CYS B 93 41.35 -6.29 3.80
CA CYS B 93 41.70 -7.03 5.02
C CYS B 93 40.80 -6.69 6.21
N ASP B 94 40.62 -5.40 6.48
CA ASP B 94 39.88 -4.96 7.67
C ASP B 94 38.35 -4.97 7.49
N LYS B 95 37.87 -4.46 6.34
CA LYS B 95 36.44 -4.43 6.09
C LYS B 95 35.89 -5.71 5.48
N LEU B 96 36.59 -6.21 4.46
CA LEU B 96 36.17 -7.36 3.63
C LEU B 96 36.58 -8.77 4.10
N HIS B 97 37.81 -8.87 4.61
CA HIS B 97 38.42 -10.13 5.02
C HIS B 97 38.62 -11.08 3.85
N VAL B 98 39.11 -10.54 2.73
CA VAL B 98 39.60 -11.34 1.62
C VAL B 98 40.82 -12.11 2.11
N ASP B 99 40.90 -13.41 1.80
CA ASP B 99 42.09 -14.18 2.10
C ASP B 99 43.20 -13.77 1.16
N PRO B 100 44.37 -13.37 1.70
CA PRO B 100 45.47 -12.73 0.96
C PRO B 100 46.00 -13.60 -0.18
N GLU B 101 45.61 -14.86 -0.18
CA GLU B 101 46.01 -15.76 -1.24
C GLU B 101 45.32 -15.43 -2.52
N ASN B 102 44.15 -14.80 -2.45
CA ASN B 102 43.46 -14.48 -3.69
C ASN B 102 44.01 -13.21 -4.40
N PHE B 103 44.86 -12.46 -3.71
CA PHE B 103 45.58 -11.37 -4.35
C PHE B 103 46.57 -11.91 -5.33
N ARG B 104 47.31 -12.91 -4.91
CA ARG B 104 48.33 -13.47 -5.77
C ARG B 104 47.69 -14.30 -6.87
N LEU B 105 46.66 -15.04 -6.49
CA LEU B 105 45.87 -15.78 -7.45
C LEU B 105 45.41 -14.85 -8.54
N LEU B 106 44.97 -13.66 -8.17
CA LEU B 106 44.58 -12.65 -9.18
C LEU B 106 45.74 -12.03 -9.94
N GLY B 107 46.83 -11.68 -9.25
CA GLY B 107 48.01 -11.12 -9.86
C GLY B 107 48.58 -12.05 -10.91
N ASN B 108 48.49 -13.35 -10.63
CA ASN B 108 48.91 -14.38 -11.59
C ASN B 108 47.99 -14.51 -12.79
N VAL B 109 46.67 -14.47 -12.60
CA VAL B 109 45.76 -14.53 -13.73
C VAL B 109 45.99 -13.29 -14.57
N LEU B 110 46.38 -12.20 -13.92
CA LEU B 110 46.75 -11.02 -14.68
C LEU B 110 47.95 -11.35 -15.61
N VAL B 111 49.05 -11.82 -15.03
CA VAL B 111 50.26 -12.24 -15.79
C VAL B 111 49.92 -13.22 -16.89
N CYS B 112 48.97 -14.11 -16.66
CA CYS B 112 48.47 -14.93 -17.74
C CYS B 112 47.84 -14.13 -18.88
N VAL B 113 46.93 -13.24 -18.54
CA VAL B 113 46.29 -12.37 -19.54
C VAL B 113 47.29 -11.46 -20.28
N LEU B 114 48.25 -10.91 -19.55
CA LEU B 114 49.40 -10.22 -20.14
C LEU B 114 50.11 -11.06 -21.22
N ALA B 115 50.46 -12.27 -20.83
CA ALA B 115 51.12 -13.17 -21.75
C ALA B 115 50.16 -13.46 -22.91
N HIS B 116 48.85 -13.49 -22.67
CA HIS B 116 47.90 -13.78 -23.73
C HIS B 116 47.89 -12.73 -24.80
N HIS B 117 47.87 -11.46 -24.41
CA HIS B 117 47.83 -10.39 -25.41
C HIS B 117 49.19 -10.23 -26.11
N PHE B 118 50.28 -10.28 -25.35
CA PHE B 118 51.59 -9.95 -25.91
C PHE B 118 52.45 -11.08 -26.47
N GLY B 119 51.93 -12.31 -26.53
CA GLY B 119 52.62 -13.40 -27.21
C GLY B 119 54.09 -13.54 -26.85
N LYS B 120 54.91 -13.85 -27.87
CA LYS B 120 56.35 -14.07 -27.73
C LYS B 120 57.07 -12.89 -27.11
N GLU B 121 56.45 -11.73 -27.21
CA GLU B 121 57.00 -10.48 -26.74
C GLU B 121 56.93 -10.39 -25.21
N PHE B 122 56.13 -11.27 -24.59
CA PHE B 122 56.15 -11.37 -23.13
C PHE B 122 57.18 -12.45 -22.82
N THR B 123 58.40 -11.99 -22.54
CA THR B 123 59.57 -12.86 -22.52
C THR B 123 59.84 -13.35 -21.12
N PRO B 124 60.54 -14.48 -20.98
CA PRO B 124 60.84 -14.99 -19.64
C PRO B 124 61.48 -13.96 -18.69
N PRO B 125 62.41 -13.11 -19.17
CA PRO B 125 62.86 -12.05 -18.26
C PRO B 125 61.75 -11.04 -17.87
N VAL B 126 60.87 -10.70 -18.82
CA VAL B 126 59.81 -9.75 -18.55
C VAL B 126 58.78 -10.30 -17.56
N GLN B 127 58.36 -11.55 -17.73
CA GLN B 127 57.53 -12.20 -16.73
C GLN B 127 58.22 -12.16 -15.36
N ALA B 128 59.46 -12.65 -15.32
CA ALA B 128 60.25 -12.67 -14.09
C ALA B 128 60.30 -11.29 -13.44
N ALA B 129 60.30 -10.23 -14.25
CA ALA B 129 60.18 -8.89 -13.68
C ALA B 129 58.74 -8.64 -13.18
N TYR B 130 57.74 -9.02 -13.97
CA TYR B 130 56.37 -8.79 -13.56
C TYR B 130 55.99 -9.64 -12.37
N GLN B 131 56.61 -10.80 -12.25
CA GLN B 131 56.36 -11.66 -11.10
C GLN B 131 56.72 -10.90 -9.84
N LYS B 132 57.84 -10.18 -9.86
CA LYS B 132 58.23 -9.36 -8.72
C LYS B 132 57.10 -8.37 -8.40
N VAL B 133 56.48 -7.86 -9.46
CA VAL B 133 55.45 -6.85 -9.33
C VAL B 133 54.16 -7.36 -8.76
N VAL B 134 53.59 -8.42 -9.32
CA VAL B 134 52.27 -8.83 -8.81
C VAL B 134 52.39 -9.43 -7.43
N ALA B 135 53.62 -9.77 -7.06
CA ALA B 135 53.90 -10.19 -5.69
C ALA B 135 53.85 -8.96 -4.80
N GLY B 136 54.77 -8.03 -5.02
CA GLY B 136 54.88 -6.82 -4.22
C GLY B 136 53.52 -6.18 -3.99
N VAL B 137 52.71 -6.15 -5.04
CA VAL B 137 51.35 -5.68 -4.93
C VAL B 137 50.53 -6.55 -3.97
N ALA B 138 50.52 -7.87 -4.22
CA ALA B 138 49.72 -8.79 -3.39
C ALA B 138 50.08 -8.69 -1.89
N ASN B 139 51.39 -8.58 -1.61
CA ASN B 139 51.86 -8.38 -0.25
C ASN B 139 51.43 -7.05 0.34
N ALA B 140 51.77 -5.96 -0.35
CA ALA B 140 51.40 -4.64 0.13
C ALA B 140 49.90 -4.58 0.36
N LEU B 141 49.15 -5.20 -0.53
CA LEU B 141 47.72 -5.21 -0.40
C LEU B 141 47.31 -5.99 0.86
N ALA B 142 48.20 -6.89 1.27
CA ALA B 142 47.96 -7.76 2.44
C ALA B 142 48.59 -7.25 3.77
N HIS B 143 49.19 -6.07 3.73
CA HIS B 143 49.98 -5.58 4.83
C HIS B 143 49.21 -5.27 6.11
N LYS B 144 47.95 -4.81 5.97
CA LYS B 144 47.11 -4.48 7.12
C LYS B 144 46.57 -5.74 7.84
N TYR B 145 46.93 -6.92 7.30
CA TYR B 145 46.59 -8.20 7.91
C TYR B 145 47.49 -8.53 9.09
N HIS B 146 48.61 -7.81 9.19
CA HIS B 146 49.45 -7.81 10.38
C HIS B 146 49.82 -6.35 10.76
N CYS C 1 35.56 -9.59 51.85
CA CYS C 1 34.67 -8.59 52.40
C CYS C 1 35.35 -7.26 52.66
N PRO C 2 35.04 -6.24 51.83
CA PRO C 2 35.19 -4.82 52.20
C PRO C 2 34.22 -4.51 53.33
N LYS C 3 34.64 -4.79 54.58
CA LYS C 3 33.78 -5.11 55.74
C LYS C 3 32.53 -4.27 55.86
N PRO C 4 31.38 -4.93 56.09
CA PRO C 4 30.11 -4.22 56.20
C PRO C 4 30.10 -3.34 57.44
N PRO C 5 29.35 -2.24 57.41
CA PRO C 5 29.30 -1.40 58.60
C PRO C 5 28.50 -2.10 59.69
N GLU C 6 28.78 -1.77 60.95
CA GLU C 6 28.03 -2.31 62.07
C GLU C 6 26.73 -1.55 62.27
N ILE C 7 25.73 -2.25 62.80
CA ILE C 7 24.57 -1.55 63.32
C ILE C 7 24.48 -1.77 64.84
N ALA C 8 23.85 -0.80 65.51
CA ALA C 8 23.67 -0.85 66.96
C ALA C 8 22.96 -2.13 67.41
N HIS C 9 23.60 -2.85 68.33
CA HIS C 9 23.07 -4.09 68.91
C HIS C 9 22.76 -5.17 67.87
N GLY C 10 23.59 -5.29 66.86
CA GLY C 10 23.27 -6.25 65.83
C GLY C 10 24.46 -6.86 65.15
N TYR C 11 24.25 -8.03 64.54
CA TYR C 11 25.35 -8.77 63.96
C TYR C 11 25.02 -9.22 62.59
N VAL C 12 26.07 -9.67 61.94
CA VAL C 12 26.13 -10.02 60.54
C VAL C 12 26.28 -11.53 60.32
N GLU C 13 25.51 -12.08 59.39
CA GLU C 13 25.73 -13.46 58.96
C GLU C 13 26.26 -13.57 57.50
N HIS C 14 27.51 -14.00 57.35
CA HIS C 14 28.13 -13.95 56.03
C HIS C 14 27.72 -15.07 55.05
N SER C 15 27.48 -14.69 53.80
CA SER C 15 27.31 -15.68 52.75
C SER C 15 28.23 -15.35 51.60
N VAL C 16 28.63 -16.35 50.83
CA VAL C 16 29.23 -16.13 49.53
C VAL C 16 28.49 -16.97 48.52
N ARG C 17 28.38 -16.45 47.29
CA ARG C 17 27.83 -17.21 46.18
C ARG C 17 28.94 -17.37 45.16
N TYR C 18 29.28 -18.61 44.84
CA TYR C 18 30.37 -18.89 43.90
C TYR C 18 29.83 -18.75 42.50
N GLN C 19 30.60 -18.11 41.64
CA GLN C 19 30.24 -18.01 40.23
C GLN C 19 31.49 -18.20 39.41
N CYS C 20 31.34 -18.84 38.25
CA CYS C 20 32.46 -19.18 37.41
C CYS C 20 32.65 -18.07 36.37
N LYS C 21 33.91 -17.70 36.09
CA LYS C 21 34.17 -16.59 35.21
C LYS C 21 33.81 -16.91 33.75
N ASN C 22 34.09 -15.94 32.89
CA ASN C 22 33.74 -16.02 31.47
C ASN C 22 34.25 -17.26 30.77
N TYR C 23 33.38 -17.85 29.95
CA TYR C 23 33.62 -19.10 29.21
C TYR C 23 33.69 -20.36 30.11
N TYR C 24 33.39 -20.20 31.41
CA TYR C 24 33.32 -21.35 32.35
C TYR C 24 31.93 -21.60 32.97
N LYS C 25 31.85 -22.63 33.82
CA LYS C 25 30.56 -23.10 34.29
C LYS C 25 30.62 -23.74 35.69
N LEU C 26 29.59 -23.55 36.51
CA LEU C 26 29.55 -24.19 37.83
C LEU C 26 29.34 -25.71 37.71
N ARG C 27 30.18 -26.49 38.38
CA ARG C 27 29.86 -27.90 38.60
C ARG C 27 29.71 -28.26 40.08
N THR C 28 28.47 -28.49 40.52
CA THR C 28 28.12 -29.05 41.84
C THR C 28 26.60 -29.00 42.13
N GLU C 29 26.15 -29.78 43.12
CA GLU C 29 24.71 -29.97 43.40
C GLU C 29 23.97 -29.19 44.53
N GLY C 30 24.62 -28.32 45.32
CA GLY C 30 25.63 -27.40 44.86
C GLY C 30 24.94 -26.20 44.22
N ASP C 31 23.99 -25.60 44.94
CA ASP C 31 23.27 -24.41 44.48
C ASP C 31 24.21 -23.22 44.54
N GLY C 32 25.40 -23.44 45.07
CA GLY C 32 26.49 -22.47 44.97
C GLY C 32 26.72 -21.57 46.17
N VAL C 33 25.73 -21.38 47.03
CA VAL C 33 25.87 -20.45 48.16
C VAL C 33 26.57 -21.14 49.34
N TYR C 34 27.34 -20.37 50.09
CA TYR C 34 28.02 -20.92 51.26
C TYR C 34 28.00 -19.94 52.44
N THR C 35 27.38 -20.36 53.55
CA THR C 35 27.17 -19.50 54.75
C THR C 35 28.20 -19.74 55.84
N LEU C 36 28.68 -18.66 56.47
CA LEU C 36 29.70 -18.80 57.52
C LEU C 36 29.09 -19.28 58.84
N ASN C 37 29.86 -20.06 59.59
CA ASN C 37 29.40 -20.79 60.79
C ASN C 37 29.66 -20.05 62.08
N ASN C 38 29.15 -20.58 63.19
CA ASN C 38 29.68 -20.13 64.46
C ASN C 38 30.98 -20.89 64.66
N GLU C 39 31.07 -22.01 63.92
CA GLU C 39 32.25 -22.84 63.80
C GLU C 39 33.21 -22.20 62.79
N LYS C 40 32.80 -21.06 62.24
CA LYS C 40 33.59 -20.31 61.24
C LYS C 40 34.04 -21.20 60.07
N GLN C 41 33.10 -22.05 59.68
CA GLN C 41 33.22 -22.94 58.57
C GLN C 41 32.35 -22.42 57.41
N TRP C 42 32.74 -22.71 56.17
CA TRP C 42 32.00 -22.24 55.00
C TRP C 42 31.11 -23.35 54.45
N ILE C 43 29.80 -23.22 54.65
CA ILE C 43 28.93 -24.39 54.50
C ILE C 43 27.71 -24.27 53.58
N ASN C 44 27.69 -25.05 52.51
CA ASN C 44 26.49 -25.17 51.68
C ASN C 44 25.55 -26.24 52.15
N LYS C 45 24.30 -25.85 52.43
CA LYS C 45 23.36 -26.75 53.10
C LYS C 45 23.02 -28.01 52.27
N ALA C 46 23.53 -28.08 51.05
CA ALA C 46 23.32 -29.26 50.24
C ALA C 46 24.56 -30.19 50.23
N VAL C 47 25.69 -29.64 49.83
CA VAL C 47 26.94 -30.37 49.76
C VAL C 47 27.87 -30.11 50.95
N GLY C 48 27.45 -29.27 51.90
CA GLY C 48 28.32 -29.01 53.03
C GLY C 48 29.63 -28.27 52.83
N ASP C 49 30.70 -28.99 53.11
CA ASP C 49 32.07 -28.51 53.08
C ASP C 49 32.67 -28.44 51.67
N LYS C 50 32.01 -29.06 50.70
CA LYS C 50 32.63 -29.25 49.39
C LYS C 50 32.42 -28.06 48.47
N LEU C 51 33.51 -27.52 47.95
CA LEU C 51 33.41 -26.38 47.05
C LEU C 51 32.93 -26.82 45.66
N PRO C 52 32.54 -25.84 44.82
CA PRO C 52 32.36 -26.19 43.40
C PRO C 52 33.64 -26.01 42.63
N GLU C 53 33.65 -26.45 41.36
CA GLU C 53 34.80 -26.26 40.49
C GLU C 53 34.30 -25.67 39.20
N CYS C 54 35.14 -24.93 38.50
CA CYS C 54 34.68 -24.33 37.26
C CYS C 54 35.15 -25.08 36.00
N GLU C 55 34.17 -25.55 35.24
CA GLU C 55 34.39 -26.41 34.09
C GLU C 55 34.10 -25.66 32.76
N ALA C 56 35.04 -25.76 31.82
CA ALA C 56 34.92 -25.05 30.55
C ALA C 56 33.67 -25.43 29.77
N VAL C 57 33.05 -24.43 29.14
CA VAL C 57 31.93 -24.67 28.23
C VAL C 57 32.53 -25.14 26.93
N CYS C 58 31.74 -25.86 26.14
CA CYS C 58 32.15 -26.25 24.79
C CYS C 58 31.06 -25.96 23.73
N GLY C 59 31.42 -25.52 22.54
CA GLY C 59 30.43 -25.36 21.50
C GLY C 59 29.73 -24.02 21.57
N LYS C 60 30.43 -23.07 22.17
CA LYS C 60 29.94 -21.71 22.36
C LYS C 60 31.11 -20.79 22.04
N PRO C 61 31.39 -20.58 20.76
CA PRO C 61 32.44 -19.61 20.52
C PRO C 61 31.92 -18.18 20.71
N LYS C 62 32.78 -17.33 21.26
CA LYS C 62 32.42 -15.96 21.55
C LYS C 62 31.96 -15.20 20.30
N ASN C 63 32.69 -15.35 19.19
CA ASN C 63 32.25 -14.78 17.91
C ASN C 63 32.18 -15.87 16.85
N PRO C 64 30.98 -16.43 16.62
CA PRO C 64 30.73 -17.50 15.64
C PRO C 64 30.74 -16.97 14.20
N ALA C 65 30.56 -17.82 13.20
CA ALA C 65 30.77 -17.33 11.86
C ALA C 65 29.45 -17.03 11.11
N ASN C 66 29.07 -15.74 11.07
CA ASN C 66 27.69 -15.30 10.82
C ASN C 66 27.41 -13.97 11.55
N ILE C 71 42.90 -26.10 2.70
CA ILE C 71 41.66 -25.61 2.10
C ILE C 71 41.96 -24.77 0.86
N LEU C 72 41.39 -25.16 -0.28
CA LEU C 72 41.71 -24.43 -1.52
C LEU C 72 40.91 -23.13 -1.63
N GLY C 73 39.62 -23.24 -1.35
CA GLY C 73 38.75 -22.08 -1.35
C GLY C 73 38.86 -21.23 -0.08
N GLY C 74 37.74 -20.58 0.23
CA GLY C 74 37.68 -19.31 0.97
C GLY C 74 37.37 -19.30 2.44
N HIS C 75 36.63 -18.25 2.85
CA HIS C 75 36.27 -17.94 4.24
C HIS C 75 37.48 -17.70 5.14
N LEU C 76 38.10 -16.53 5.00
CA LEU C 76 39.19 -16.08 5.85
C LEU C 76 38.65 -16.00 7.27
N ASP C 77 39.47 -16.33 8.26
CA ASP C 77 38.95 -16.34 9.62
C ASP C 77 39.21 -14.98 10.26
N ALA C 78 38.17 -14.15 10.26
CA ALA C 78 38.38 -12.78 10.60
C ALA C 78 38.39 -12.62 12.10
N LYS C 79 37.37 -13.26 12.67
CA LYS C 79 37.00 -13.20 14.08
C LYS C 79 37.73 -14.17 15.02
N GLY C 80 38.20 -15.29 14.50
CA GLY C 80 38.56 -16.43 15.33
C GLY C 80 37.32 -17.21 15.73
N SER C 81 36.46 -17.51 14.77
CA SER C 81 35.21 -18.29 14.97
C SER C 81 35.41 -19.78 15.24
N PHE C 82 36.68 -20.21 15.27
CA PHE C 82 37.00 -21.63 15.41
C PHE C 82 38.06 -21.84 16.49
N PRO C 83 37.67 -21.61 17.75
CA PRO C 83 38.60 -21.58 18.88
C PRO C 83 39.14 -22.96 19.22
N TRP C 84 38.47 -23.99 18.75
CA TRP C 84 38.88 -25.37 18.99
C TRP C 84 39.87 -25.89 17.95
N GLN C 85 40.30 -25.04 17.03
CA GLN C 85 41.20 -25.46 15.96
C GLN C 85 42.69 -25.38 16.37
N ALA C 86 43.40 -26.51 16.29
CA ALA C 86 44.84 -26.52 16.56
C ALA C 86 45.70 -26.84 15.32
N LYS C 87 46.82 -26.13 15.24
CA LYS C 87 47.77 -26.28 14.17
C LYS C 87 48.97 -26.96 14.74
N MET C 88 49.19 -28.21 14.32
CA MET C 88 50.34 -28.98 14.76
C MET C 88 51.38 -29.17 13.65
N VAL C 89 52.64 -28.88 13.97
CA VAL C 89 53.69 -29.06 12.97
C VAL C 89 54.59 -30.23 13.37
N SER C 90 54.81 -31.16 12.42
CA SER C 90 55.69 -32.30 12.66
C SER C 90 57.16 -31.87 12.71
N HIS C 91 58.07 -32.82 12.87
CA HIS C 91 59.44 -32.42 13.15
C HIS C 91 60.03 -31.66 11.98
N HIS C 92 59.67 -32.08 10.79
CA HIS C 92 60.15 -31.50 9.53
C HIS C 92 59.23 -30.42 8.90
N ASN C 93 58.58 -29.57 9.70
CA ASN C 93 57.93 -28.35 9.18
C ASN C 93 56.70 -28.68 8.33
N LEU C 94 56.12 -29.85 8.61
CA LEU C 94 54.88 -30.24 7.95
C LEU C 94 53.66 -29.91 8.81
N THR C 95 52.81 -29.02 8.29
CA THR C 95 51.71 -28.48 9.04
C THR C 95 50.48 -29.41 9.00
N THR C 96 49.87 -29.66 10.15
CA THR C 96 48.80 -30.65 10.26
C THR C 96 47.75 -30.30 11.31
N GLY C 97 46.51 -30.73 11.10
CA GLY C 97 45.42 -30.37 12.01
C GLY C 97 45.06 -31.23 13.22
N ALA C 98 44.56 -30.58 14.27
CA ALA C 98 44.06 -31.24 15.49
C ALA C 98 42.96 -30.39 16.15
N THR C 99 41.99 -31.02 16.75
CA THR C 99 40.94 -30.22 17.37
C THR C 99 40.80 -30.47 18.88
N LEU C 100 40.44 -29.43 19.61
CA LEU C 100 40.45 -29.45 21.08
C LEU C 100 39.14 -29.90 21.65
N ILE C 101 39.16 -31.10 22.23
CA ILE C 101 37.98 -31.77 22.69
C ILE C 101 37.60 -31.49 24.19
N ASN C 102 38.60 -31.05 24.98
CA ASN C 102 38.37 -30.50 26.32
C ASN C 102 39.60 -29.75 26.83
N GLU C 103 39.62 -29.35 28.09
CA GLU C 103 40.69 -28.46 28.53
C GLU C 103 42.08 -29.08 28.40
N GLN C 104 42.19 -30.40 28.46
CA GLN C 104 43.50 -31.04 28.35
C GLN C 104 43.85 -31.82 27.09
N TRP C 105 42.88 -32.01 26.20
CA TRP C 105 43.05 -32.98 25.13
C TRP C 105 42.60 -32.49 23.77
N LEU C 106 43.25 -33.02 22.74
CA LEU C 106 42.88 -32.77 21.36
C LEU C 106 42.84 -34.05 20.55
N LEU C 107 41.77 -34.21 19.78
CA LEU C 107 41.77 -35.23 18.75
C LEU C 107 42.73 -34.89 17.57
N THR C 108 43.17 -35.93 16.88
CA THR C 108 43.95 -35.82 15.65
C THR C 108 43.85 -37.16 14.95
N THR C 109 44.65 -37.33 13.91
CA THR C 109 44.66 -38.57 13.14
C THR C 109 45.89 -39.34 13.50
N ALA C 110 45.81 -40.66 13.39
CA ALA C 110 46.98 -41.53 13.51
C ALA C 110 48.02 -41.13 12.47
N LYS C 111 47.56 -40.93 11.25
CA LYS C 111 48.41 -40.46 10.17
C LYS C 111 49.26 -39.21 10.50
N ASN C 112 48.62 -38.09 10.90
CA ASN C 112 49.35 -36.82 11.13
C ASN C 112 50.49 -37.04 12.10
N LEU C 113 50.16 -37.86 13.10
CA LEU C 113 51.03 -38.24 14.21
C LEU C 113 52.28 -38.98 13.72
N PHE C 114 52.06 -39.86 12.76
CA PHE C 114 53.10 -40.73 12.24
C PHE C 114 54.02 -40.07 11.20
N LEU C 115 53.79 -38.80 10.88
CA LEU C 115 54.67 -38.16 9.93
C LEU C 115 56.10 -38.13 10.46
N ASN C 116 57.06 -38.29 9.56
CA ASN C 116 58.48 -38.33 9.88
C ASN C 116 58.79 -39.37 10.93
N HIS C 117 58.07 -40.49 10.88
CA HIS C 117 58.28 -41.60 11.82
C HIS C 117 58.02 -42.96 11.18
N SER C 118 58.70 -43.99 11.67
CA SER C 118 58.52 -45.33 11.14
C SER C 118 57.27 -46.00 11.70
N GLU C 119 56.74 -46.96 10.94
CA GLU C 119 55.60 -47.75 11.41
C GLU C 119 55.96 -48.41 12.72
N ASN C 120 57.26 -48.64 12.92
CA ASN C 120 57.82 -49.13 14.17
C ASN C 120 57.51 -48.26 15.36
N ALA C 121 57.54 -46.94 15.13
CA ALA C 121 57.47 -45.95 16.20
C ALA C 121 56.23 -46.10 17.07
N THR C 122 56.44 -45.94 18.37
CA THR C 122 55.34 -45.96 19.33
C THR C 122 55.07 -44.56 19.85
N ALA C 123 54.03 -44.45 20.67
CA ALA C 123 53.56 -43.15 21.15
C ALA C 123 54.66 -42.35 21.82
N LYS C 124 55.39 -43.02 22.73
CA LYS C 124 56.49 -42.41 23.47
C LYS C 124 57.52 -41.75 22.54
N ASP C 125 57.74 -42.38 21.40
CA ASP C 125 58.67 -41.85 20.40
C ASP C 125 58.16 -40.55 19.80
N ILE C 126 56.86 -40.53 19.50
CA ILE C 126 56.28 -39.44 18.71
C ILE C 126 56.00 -38.17 19.51
N ALA C 127 55.59 -38.30 20.77
CA ALA C 127 55.15 -37.16 21.55
C ALA C 127 56.19 -36.02 21.65
N PRO C 128 57.47 -36.33 21.90
CA PRO C 128 58.42 -35.20 22.01
C PRO C 128 58.71 -34.51 20.69
N THR C 129 58.43 -35.22 19.60
CA THR C 129 58.71 -34.73 18.25
C THR C 129 57.86 -33.54 17.86
N LEU C 130 56.60 -33.56 18.30
CA LEU C 130 55.62 -32.59 17.84
C LEU C 130 55.76 -31.22 18.48
N THR C 131 55.28 -30.23 17.74
CA THR C 131 55.06 -28.87 18.22
C THR C 131 53.56 -28.64 18.04
N LEU C 132 52.89 -28.03 19.03
CA LEU C 132 51.43 -27.85 18.96
C LEU C 132 51.02 -26.42 19.24
N TYR C 133 49.95 -26.00 18.56
CA TYR C 133 49.46 -24.62 18.63
C TYR C 133 47.94 -24.49 18.76
N VAL C 134 47.52 -23.65 19.72
CA VAL C 134 46.14 -23.22 19.84
C VAL C 134 46.01 -21.71 19.64
N GLY C 135 44.79 -21.26 19.35
CA GLY C 135 44.50 -19.84 19.36
C GLY C 135 45.34 -19.10 18.35
N LYS C 136 46.13 -18.14 18.81
CA LYS C 136 46.92 -17.36 17.88
C LYS C 136 48.30 -17.94 17.59
N LYS C 137 49.25 -17.64 18.45
CA LYS C 137 50.54 -18.31 18.39
C LYS C 137 50.63 -19.35 19.50
N GLN C 138 49.55 -19.49 20.26
CA GLN C 138 49.69 -20.02 21.60
C GLN C 138 50.26 -21.41 21.57
N LEU C 139 51.43 -21.53 22.21
CA LEU C 139 52.20 -22.75 22.21
C LEU C 139 51.78 -23.54 23.43
N VAL C 140 51.09 -24.65 23.21
CA VAL C 140 50.78 -25.56 24.30
C VAL C 140 51.77 -26.70 24.28
N GLU C 141 52.34 -27.02 25.43
CA GLU C 141 53.28 -28.11 25.49
C GLU C 141 52.50 -29.42 25.54
N ILE C 142 53.21 -30.53 25.44
CA ILE C 142 52.58 -31.77 25.07
C ILE C 142 53.14 -32.92 25.91
N GLU C 143 52.28 -33.56 26.69
CA GLU C 143 52.73 -34.56 27.70
C GLU C 143 52.84 -35.96 27.10
N LYS C 144 51.70 -36.57 26.80
CA LYS C 144 51.73 -37.83 26.09
C LYS C 144 50.84 -37.82 24.83
N VAL C 145 50.82 -38.95 24.16
CA VAL C 145 50.14 -39.16 22.90
C VAL C 145 49.58 -40.58 22.93
N VAL C 146 48.35 -40.79 22.51
CA VAL C 146 47.86 -42.17 22.53
C VAL C 146 47.06 -42.48 21.26
N LEU C 147 47.26 -43.67 20.71
CA LEU C 147 46.73 -44.04 19.38
C LEU C 147 45.60 -45.01 19.49
N HIS C 148 44.61 -44.92 18.61
CA HIS C 148 43.50 -45.85 18.62
C HIS C 148 44.00 -47.25 18.27
N PRO C 149 43.58 -48.27 19.04
CA PRO C 149 44.00 -49.65 18.85
C PRO C 149 43.80 -50.15 17.44
N ASN C 150 42.83 -49.58 16.75
CA ASN C 150 42.56 -49.82 15.33
C ASN C 150 43.16 -48.77 14.35
N TYR C 151 44.22 -48.07 14.76
CA TYR C 151 44.83 -46.95 14.00
C TYR C 151 44.76 -47.13 12.47
N SER C 152 45.02 -48.33 11.96
CA SER C 152 45.02 -48.58 10.53
C SER C 152 43.61 -48.64 9.92
N GLN C 153 42.60 -48.69 10.76
CA GLN C 153 41.21 -48.75 10.33
C GLN C 153 40.47 -47.48 10.76
N VAL C 154 40.51 -47.24 12.06
CA VAL C 154 40.06 -45.97 12.59
C VAL C 154 41.27 -45.03 12.70
N ASP C 155 41.31 -44.01 11.84
CA ASP C 155 42.50 -43.17 11.76
C ASP C 155 42.36 -41.99 12.75
N ILE C 156 42.89 -42.21 13.96
CA ILE C 156 42.62 -41.33 15.10
C ILE C 156 43.74 -41.32 16.15
N GLY C 157 44.19 -40.15 16.59
CA GLY C 157 45.03 -40.06 17.78
C GLY C 157 44.35 -39.38 18.95
N LEU C 158 45.03 -39.36 20.11
CA LEU C 158 44.66 -38.46 21.19
C LEU C 158 45.90 -37.76 21.71
N ILE C 159 45.80 -36.44 21.87
CA ILE C 159 46.90 -35.72 22.47
C ILE C 159 46.52 -35.27 23.89
N LYS C 160 47.40 -35.53 24.87
CA LYS C 160 47.23 -34.98 26.21
C LYS C 160 48.20 -33.82 26.40
N LEU C 161 47.64 -32.66 26.77
CA LEU C 161 48.40 -31.46 27.10
C LEU C 161 48.92 -31.48 28.54
N LYS C 162 50.19 -31.08 28.70
CA LYS C 162 50.92 -31.20 29.96
C LYS C 162 50.11 -30.65 31.13
N GLN C 163 49.38 -29.59 30.85
CA GLN C 163 48.45 -29.01 31.81
C GLN C 163 47.15 -28.66 31.08
N LYS C 164 46.18 -28.11 31.80
CA LYS C 164 44.97 -27.67 31.11
C LYS C 164 45.30 -26.34 30.46
N VAL C 165 44.59 -25.99 29.38
CA VAL C 165 44.74 -24.69 28.71
C VAL C 165 43.60 -23.73 29.11
N SER C 166 43.92 -22.46 29.35
CA SER C 166 42.88 -21.52 29.75
C SER C 166 41.93 -21.22 28.59
N VAL C 167 40.65 -21.48 28.80
CA VAL C 167 39.63 -21.23 27.79
C VAL C 167 39.30 -19.75 27.66
N ASN C 168 39.15 -19.26 26.44
CA ASN C 168 38.65 -17.89 26.17
C ASN C 168 38.09 -17.78 24.76
N GLU C 169 37.88 -16.56 24.29
CA GLU C 169 37.18 -16.40 23.01
C GLU C 169 37.93 -17.07 21.85
N ARG C 170 39.26 -17.07 21.89
CA ARG C 170 40.03 -17.66 20.79
C ARG C 170 40.47 -19.12 20.99
N VAL C 171 40.40 -19.62 22.22
CA VAL C 171 40.88 -20.97 22.56
C VAL C 171 39.84 -21.68 23.36
N MET C 172 39.23 -22.74 22.86
CA MET C 172 38.13 -23.32 23.59
C MET C 172 37.60 -24.60 22.96
N PRO C 173 37.29 -25.61 23.77
CA PRO C 173 36.98 -26.93 23.23
C PRO C 173 35.65 -27.03 22.50
N ILE C 174 35.51 -28.08 21.70
CA ILE C 174 34.32 -28.30 20.91
C ILE C 174 33.51 -29.39 21.60
N CYS C 175 32.19 -29.40 21.43
CA CYS C 175 31.36 -30.45 22.03
C CYS C 175 31.35 -31.80 21.31
N LEU C 176 31.52 -32.91 22.04
CA LEU C 176 31.31 -34.23 21.42
C LEU C 176 29.82 -34.50 21.38
N PRO C 177 29.31 -34.97 20.26
CA PRO C 177 27.88 -35.11 20.04
C PRO C 177 27.27 -36.30 20.72
N SER C 178 26.11 -36.11 21.31
CA SER C 178 25.29 -37.24 21.72
C SER C 178 24.68 -37.81 20.46
N LYS C 179 23.98 -36.93 19.74
CA LYS C 179 23.38 -37.30 18.47
C LYS C 179 24.50 -37.53 17.46
N ASP C 180 24.17 -38.20 16.35
CA ASP C 180 25.16 -38.33 15.31
C ASP C 180 24.72 -37.57 14.05
N TYR C 181 25.36 -36.46 13.72
CA TYR C 181 25.00 -35.90 12.44
C TYR C 181 26.09 -36.25 11.42
N ALA C 182 26.00 -37.46 10.90
CA ALA C 182 26.83 -37.94 9.80
C ALA C 182 25.96 -38.14 8.58
N GLU C 183 24.67 -37.88 8.71
CA GLU C 183 23.72 -38.20 7.65
C GLU C 183 23.72 -37.16 6.54
N VAL C 184 23.33 -37.57 5.33
CA VAL C 184 23.22 -36.60 4.25
C VAL C 184 21.96 -35.77 4.51
N GLY C 185 22.06 -34.50 4.17
CA GLY C 185 21.14 -33.46 4.55
C GLY C 185 21.76 -32.57 5.60
N ARG C 186 22.69 -33.08 6.39
CA ARG C 186 23.40 -32.22 7.31
C ARG C 186 24.49 -31.44 6.57
N VAL C 187 24.91 -30.32 7.15
CA VAL C 187 26.00 -29.51 6.60
C VAL C 187 27.01 -29.32 7.71
N GLY C 188 28.27 -29.06 7.40
CA GLY C 188 29.27 -29.02 8.44
C GLY C 188 30.24 -27.91 8.15
N TYR C 189 31.13 -27.63 9.07
CA TYR C 189 32.09 -26.56 8.89
C TYR C 189 33.49 -27.11 9.09
N VAL C 190 34.37 -27.01 8.11
CA VAL C 190 35.72 -27.49 8.37
C VAL C 190 36.69 -26.35 8.44
N SER C 191 37.40 -26.19 9.54
CA SER C 191 38.46 -25.20 9.58
C SER C 191 39.65 -25.88 9.01
N GLY C 192 40.75 -25.17 8.76
CA GLY C 192 42.01 -25.83 8.44
C GLY C 192 43.27 -25.00 8.38
N TRP C 193 44.40 -25.61 8.68
CA TRP C 193 45.71 -25.00 8.51
C TRP C 193 46.41 -25.50 7.26
N GLY C 194 45.72 -26.34 6.49
CA GLY C 194 46.35 -27.00 5.35
C GLY C 194 46.63 -26.09 4.17
N ARG C 195 47.18 -26.67 3.10
CA ARG C 195 47.61 -25.97 1.88
C ARG C 195 46.47 -25.31 1.09
N ASN C 196 46.81 -24.38 0.21
CA ASN C 196 45.82 -23.78 -0.70
C ASN C 196 46.21 -23.95 -2.18
N ALA C 197 45.53 -23.21 -3.06
CA ALA C 197 45.69 -23.39 -4.51
C ALA C 197 47.04 -22.95 -5.06
N ASN C 198 47.89 -22.32 -4.26
CA ASN C 198 49.32 -22.24 -4.58
C ASN C 198 50.09 -23.38 -3.91
N PHE C 199 49.36 -24.33 -3.30
CA PHE C 199 49.95 -25.47 -2.58
C PHE C 199 50.92 -24.96 -1.52
N LYS C 200 50.69 -23.73 -1.08
CA LYS C 200 51.32 -23.14 0.10
C LYS C 200 50.50 -23.48 1.35
N PHE C 201 51.20 -23.85 2.42
CA PHE C 201 50.56 -23.94 3.73
C PHE C 201 49.97 -22.57 4.03
N THR C 202 48.69 -22.54 4.43
CA THR C 202 47.95 -21.28 4.50
C THR C 202 48.43 -20.31 5.56
N ASP C 203 48.37 -19.03 5.24
CA ASP C 203 48.80 -17.97 6.13
C ASP C 203 47.79 -17.58 7.21
N HIS C 204 46.56 -17.99 6.98
CA HIS C 204 45.46 -17.64 7.85
C HIS C 204 44.51 -18.82 7.92
N LEU C 205 44.07 -19.15 9.12
CA LEU C 205 43.10 -20.21 9.28
C LEU C 205 41.94 -19.93 8.32
N LYS C 206 41.43 -20.95 7.66
CA LYS C 206 40.26 -20.70 6.82
C LYS C 206 39.26 -21.78 7.11
N TYR C 207 38.12 -21.72 6.44
CA TYR C 207 37.07 -22.67 6.73
C TYR C 207 36.16 -22.80 5.55
N VAL C 208 35.39 -23.86 5.44
CA VAL C 208 34.57 -24.05 4.28
C VAL C 208 33.40 -24.84 4.78
N MET C 209 32.23 -24.62 4.20
CA MET C 209 31.06 -25.45 4.47
C MET C 209 31.03 -26.57 3.43
N LEU C 210 30.72 -27.80 3.84
CA LEU C 210 30.63 -28.93 2.90
C LEU C 210 29.44 -29.76 3.28
N PRO C 211 28.67 -30.28 2.31
CA PRO C 211 27.59 -31.18 2.71
C PRO C 211 28.15 -32.56 3.11
N VAL C 212 27.41 -33.40 3.82
CA VAL C 212 27.95 -34.74 4.03
C VAL C 212 27.37 -35.58 2.91
N ALA C 213 28.16 -36.53 2.41
CA ALA C 213 27.86 -37.21 1.15
C ALA C 213 27.40 -38.64 1.33
N ASP C 214 26.56 -39.10 0.39
CA ASP C 214 26.02 -40.44 0.43
C ASP C 214 27.14 -41.44 0.47
N GLN C 215 27.11 -42.34 1.46
CA GLN C 215 28.23 -43.27 1.68
C GLN C 215 28.51 -44.24 0.50
N ASP C 216 27.48 -44.69 -0.21
CA ASP C 216 27.70 -45.57 -1.35
C ASP C 216 28.34 -44.84 -2.57
N GLN C 217 27.79 -43.67 -2.94
CA GLN C 217 28.34 -42.82 -4.01
C GLN C 217 29.82 -42.56 -3.76
N CYS C 218 30.16 -42.37 -2.50
CA CYS C 218 31.53 -42.10 -2.12
C CYS C 218 32.38 -43.33 -2.28
N ILE C 219 31.81 -44.49 -1.95
CA ILE C 219 32.54 -45.74 -2.01
C ILE C 219 32.81 -46.03 -3.46
N ARG C 220 31.73 -46.07 -4.24
CA ARG C 220 31.83 -46.31 -5.65
C ARG C 220 32.81 -45.36 -6.32
N HIS C 221 32.99 -44.19 -5.75
CA HIS C 221 33.95 -43.26 -6.28
C HIS C 221 35.37 -43.74 -6.04
N TYR C 222 35.71 -44.05 -4.81
CA TYR C 222 37.12 -44.32 -4.45
C TYR C 222 37.68 -45.74 -4.75
N GLU C 223 36.81 -46.71 -4.52
CA GLU C 223 37.02 -48.08 -4.89
C GLU C 223 35.94 -48.22 -5.92
N GLY C 224 35.67 -49.37 -6.49
CA GLY C 224 34.74 -49.30 -7.60
C GLY C 224 33.35 -49.70 -7.21
N SER C 225 33.25 -50.10 -5.95
CA SER C 225 32.45 -51.27 -5.59
C SER C 225 31.06 -51.14 -4.96
N THR C 226 31.00 -50.75 -3.68
CA THR C 226 30.20 -51.49 -2.66
C THR C 226 30.91 -52.84 -2.51
N VAL C 227 30.35 -53.92 -3.09
CA VAL C 227 30.88 -55.31 -2.93
C VAL C 227 32.41 -55.52 -3.11
N PRO C 228 33.05 -56.17 -2.12
CA PRO C 228 34.51 -56.15 -1.97
C PRO C 228 35.29 -56.93 -3.06
N GLU C 229 34.58 -57.74 -3.83
CA GLU C 229 35.27 -58.55 -4.84
C GLU C 229 35.47 -57.72 -6.12
N LYS C 230 34.68 -56.66 -6.25
CA LYS C 230 34.74 -55.75 -7.38
C LYS C 230 35.55 -54.48 -7.04
N LYS C 231 36.13 -54.48 -5.85
CA LYS C 231 36.97 -53.36 -5.38
C LYS C 231 38.26 -53.25 -6.19
N THR C 232 38.53 -52.04 -6.68
CA THR C 232 39.78 -51.67 -7.36
C THR C 232 40.15 -50.24 -6.99
N PRO C 233 41.44 -49.88 -7.04
CA PRO C 233 41.81 -48.52 -6.66
C PRO C 233 41.46 -47.43 -7.69
N LYS C 234 40.24 -46.91 -7.64
CA LYS C 234 39.75 -45.89 -8.58
C LYS C 234 40.09 -44.44 -8.21
N SER C 235 40.83 -44.27 -7.12
CA SER C 235 41.05 -42.93 -6.54
C SER C 235 41.80 -41.95 -7.46
N PRO C 236 41.16 -40.83 -7.84
CA PRO C 236 41.69 -39.73 -8.63
C PRO C 236 43.07 -39.19 -8.26
N VAL C 237 43.40 -39.06 -6.98
CA VAL C 237 44.82 -38.81 -6.67
C VAL C 237 45.51 -40.16 -6.50
N GLY C 238 46.80 -40.16 -6.17
CA GLY C 238 47.52 -41.43 -6.08
C GLY C 238 47.09 -42.43 -4.99
N VAL C 239 46.62 -41.91 -3.86
CA VAL C 239 46.48 -42.72 -2.66
C VAL C 239 45.03 -42.95 -2.26
N GLN C 240 44.81 -44.07 -1.57
CA GLN C 240 43.46 -44.50 -1.21
C GLN C 240 43.03 -44.07 0.20
N PRO C 241 41.80 -43.57 0.32
CA PRO C 241 41.31 -43.20 1.64
C PRO C 241 40.92 -44.46 2.39
N ILE C 242 40.82 -44.40 3.72
CA ILE C 242 40.32 -45.48 4.53
C ILE C 242 38.83 -45.44 4.57
N LEU C 243 38.15 -46.48 4.12
CA LEU C 243 36.69 -46.44 4.08
C LEU C 243 36.00 -47.66 4.68
N ASN C 244 35.31 -47.44 5.80
CA ASN C 244 34.61 -48.49 6.53
C ASN C 244 33.34 -47.91 7.11
N GLU C 245 32.73 -48.62 8.07
CA GLU C 245 31.53 -48.13 8.76
C GLU C 245 31.83 -47.07 9.82
N HIS C 246 33.11 -46.88 10.16
CA HIS C 246 33.52 -45.84 11.09
C HIS C 246 33.88 -44.50 10.39
N THR C 247 33.67 -44.43 9.07
CA THR C 247 33.97 -43.22 8.30
C THR C 247 32.73 -42.66 7.63
N PHE C 248 32.81 -41.38 7.26
CA PHE C 248 31.80 -40.78 6.37
C PHE C 248 32.47 -39.80 5.41
N CYS C 249 31.84 -39.52 4.27
CA CYS C 249 32.43 -38.60 3.31
C CYS C 249 31.68 -37.27 3.19
N ALA C 250 32.45 -36.18 3.13
CA ALA C 250 31.87 -34.87 2.85
C ALA C 250 32.14 -34.44 1.39
N GLY C 251 31.10 -33.92 0.74
CA GLY C 251 31.18 -33.51 -0.63
C GLY C 251 32.12 -32.32 -0.86
N MET C 252 32.08 -31.78 -2.08
CA MET C 252 32.83 -30.57 -2.35
C MET C 252 31.97 -29.34 -2.05
N SER C 253 32.59 -28.17 -2.07
CA SER C 253 31.90 -26.94 -1.71
C SER C 253 30.86 -26.53 -2.75
N LYS C 254 30.17 -25.42 -2.50
CA LYS C 254 29.22 -24.89 -3.48
C LYS C 254 30.00 -24.35 -4.65
N TYR C 255 31.12 -23.73 -4.32
CA TYR C 255 32.08 -23.09 -5.22
C TYR C 255 33.31 -23.94 -5.56
N GLN C 256 33.25 -25.24 -5.29
CA GLN C 256 34.37 -26.19 -5.60
C GLN C 256 35.58 -25.94 -4.72
N GLU C 257 35.34 -25.40 -3.53
CA GLU C 257 36.41 -25.31 -2.55
C GLU C 257 36.59 -26.72 -2.02
N ASP C 258 37.80 -27.06 -1.61
CA ASP C 258 37.95 -28.32 -0.96
C ASP C 258 39.15 -28.28 -0.04
N THR C 259 39.41 -29.44 0.54
CA THR C 259 40.25 -29.58 1.68
C THR C 259 41.44 -30.43 1.26
N CYS C 260 42.65 -29.91 1.47
CA CYS C 260 43.86 -30.48 0.89
C CYS C 260 44.84 -30.77 2.01
N TYR C 261 46.11 -31.05 1.67
CA TYR C 261 47.16 -31.48 2.58
C TYR C 261 47.33 -30.60 3.84
N GLY C 262 47.24 -31.23 5.00
CA GLY C 262 47.33 -30.47 6.24
C GLY C 262 46.01 -30.35 6.97
N ASP C 263 44.93 -30.68 6.25
CA ASP C 263 43.60 -30.48 6.75
C ASP C 263 43.09 -31.66 7.52
N ALA C 264 43.84 -32.75 7.60
CA ALA C 264 43.44 -33.86 8.47
C ALA C 264 43.56 -33.44 9.93
N GLY C 265 42.67 -33.96 10.77
CA GLY C 265 42.69 -33.65 12.19
C GLY C 265 41.87 -32.43 12.49
N SER C 266 41.58 -31.64 11.46
CA SER C 266 40.60 -30.56 11.60
C SER C 266 39.19 -31.17 11.68
N ALA C 267 38.30 -30.53 12.41
CA ALA C 267 37.04 -31.18 12.76
C ALA C 267 35.98 -30.82 11.77
N PHE C 268 35.13 -31.78 11.42
CA PHE C 268 34.02 -31.45 10.59
C PHE C 268 32.97 -31.08 11.58
N ALA C 269 32.73 -29.78 11.75
CA ALA C 269 32.00 -29.27 12.94
C ALA C 269 30.60 -28.85 12.58
N VAL C 270 29.61 -29.56 13.07
CA VAL C 270 28.22 -29.23 12.75
C VAL C 270 27.52 -28.42 13.85
N HIS C 271 27.00 -27.27 13.44
CA HIS C 271 26.37 -26.31 14.33
C HIS C 271 24.89 -26.70 14.43
N ASP C 272 24.47 -26.93 15.67
CA ASP C 272 23.11 -27.36 15.99
C ASP C 272 22.32 -26.13 16.31
N LEU C 273 21.37 -25.76 15.46
CA LEU C 273 20.74 -24.46 15.63
C LEU C 273 19.77 -24.40 16.84
N GLU C 274 19.12 -25.51 17.17
CA GLU C 274 18.16 -25.54 18.28
C GLU C 274 18.84 -25.29 19.61
N GLU C 275 19.92 -26.00 19.90
CA GLU C 275 20.65 -25.79 21.15
C GLU C 275 21.84 -24.85 21.00
N ASP C 276 21.99 -24.25 19.82
CA ASP C 276 23.09 -23.31 19.53
C ASP C 276 24.47 -23.79 20.03
N THR C 277 24.80 -25.03 19.73
CA THR C 277 26.08 -25.56 20.16
C THR C 277 26.84 -26.19 18.98
N TRP C 278 28.17 -26.11 19.05
CA TRP C 278 29.03 -26.67 18.03
C TRP C 278 29.60 -28.06 18.35
N TYR C 279 29.14 -29.06 17.64
CA TYR C 279 29.60 -30.41 17.86
C TYR C 279 30.70 -30.83 16.87
N ALA C 280 31.64 -31.66 17.30
CA ALA C 280 32.50 -32.26 16.33
C ALA C 280 31.88 -33.56 15.88
N THR C 281 31.31 -33.56 14.68
CA THR C 281 30.71 -34.77 14.17
C THR C 281 31.80 -35.70 13.63
N GLY C 282 32.83 -35.15 13.00
CA GLY C 282 33.92 -35.96 12.49
C GLY C 282 35.32 -35.34 12.57
N ILE C 283 36.34 -36.19 12.42
CA ILE C 283 37.70 -35.72 12.24
C ILE C 283 38.21 -36.07 10.83
N LEU C 284 38.94 -35.16 10.19
CA LEU C 284 39.35 -35.40 8.82
C LEU C 284 40.48 -36.41 8.73
N SER C 285 40.24 -37.51 8.00
CA SER C 285 41.32 -38.49 7.76
C SER C 285 42.03 -38.18 6.48
N PHE C 286 41.28 -38.23 5.37
CA PHE C 286 41.86 -38.09 4.03
C PHE C 286 41.82 -36.63 3.52
N ASP C 287 42.96 -35.97 3.63
CA ASP C 287 43.12 -34.60 3.21
C ASP C 287 43.81 -34.49 1.87
N LYS C 288 43.95 -35.62 1.16
CA LYS C 288 44.62 -35.64 -0.14
C LYS C 288 43.81 -35.16 -1.35
N SER C 289 42.47 -35.10 -1.25
CA SER C 289 41.55 -35.02 -2.43
C SER C 289 41.57 -33.73 -3.27
N CYS C 290 41.61 -32.59 -2.60
CA CYS C 290 41.81 -31.30 -3.26
C CYS C 290 40.94 -30.94 -4.52
N ALA C 291 41.58 -30.44 -5.55
CA ALA C 291 40.83 -30.20 -6.74
C ALA C 291 40.21 -31.53 -7.24
N VAL C 292 41.08 -32.53 -7.28
CA VAL C 292 40.89 -33.58 -8.27
C VAL C 292 39.94 -34.68 -7.84
N ALA C 293 39.68 -34.81 -6.54
CA ALA C 293 39.02 -36.01 -6.01
C ALA C 293 37.80 -35.66 -5.21
N GLU C 294 36.65 -36.15 -5.68
CA GLU C 294 35.36 -35.60 -5.27
C GLU C 294 34.96 -35.64 -3.77
N TYR C 295 35.61 -36.44 -2.92
CA TYR C 295 35.21 -36.45 -1.50
C TYR C 295 36.37 -36.51 -0.50
N GLY C 296 36.43 -35.55 0.41
CA GLY C 296 37.25 -35.69 1.59
C GLY C 296 36.49 -36.65 2.47
N VAL C 297 37.18 -37.35 3.36
CA VAL C 297 36.52 -38.40 4.13
C VAL C 297 36.87 -38.31 5.63
N TYR C 298 35.85 -38.45 6.46
CA TYR C 298 35.98 -38.22 7.89
C TYR C 298 35.60 -39.49 8.62
N VAL C 299 36.21 -39.70 9.81
CA VAL C 299 35.79 -40.76 10.76
C VAL C 299 34.79 -40.20 11.78
N LYS C 300 33.60 -40.82 11.80
CA LYS C 300 32.52 -40.38 12.67
C LYS C 300 33.03 -40.33 14.09
N VAL C 301 32.71 -39.25 14.81
CA VAL C 301 33.22 -39.12 16.17
C VAL C 301 32.41 -40.03 17.12
N THR C 302 31.10 -40.11 16.88
CA THR C 302 30.23 -41.02 17.63
C THR C 302 30.79 -42.45 17.71
N SER C 303 31.52 -42.89 16.68
CA SER C 303 32.08 -44.23 16.68
C SER C 303 33.37 -44.39 17.52
N ILE C 304 34.13 -43.31 17.73
CA ILE C 304 35.25 -43.35 18.67
C ILE C 304 34.90 -42.88 20.08
N GLN C 305 33.61 -42.71 20.35
CA GLN C 305 33.13 -42.23 21.65
C GLN C 305 33.66 -43.00 22.89
N ASP C 306 33.29 -44.26 23.00
CA ASP C 306 33.58 -44.99 24.20
C ASP C 306 35.07 -45.17 24.38
N TRP C 307 35.83 -44.97 23.31
CA TRP C 307 37.27 -45.07 23.43
C TRP C 307 37.89 -43.79 23.98
N VAL C 308 37.35 -42.64 23.58
CA VAL C 308 37.97 -41.36 23.96
C VAL C 308 37.67 -41.14 25.42
N GLN C 309 36.43 -41.44 25.81
CA GLN C 309 36.05 -41.34 27.21
C GLN C 309 36.99 -42.21 28.04
N LYS C 310 37.16 -43.46 27.62
CA LYS C 310 38.02 -44.43 28.30
C LYS C 310 39.44 -43.91 28.46
N THR C 311 39.98 -43.28 27.43
CA THR C 311 41.38 -42.84 27.47
C THR C 311 41.57 -41.67 28.42
N ILE C 312 40.58 -40.77 28.42
CA ILE C 312 40.60 -39.53 29.21
C ILE C 312 40.84 -39.80 30.68
N ALA C 313 40.32 -40.95 31.12
CA ALA C 313 40.46 -41.47 32.48
C ALA C 313 41.92 -41.72 32.89
N GLU C 314 42.86 -41.74 31.96
CA GLU C 314 44.26 -41.84 32.33
C GLU C 314 45.07 -40.64 31.82
N ALA D 3 22.56 -44.00 -35.46
CA ALA D 3 23.70 -44.28 -34.58
C ALA D 3 24.85 -43.29 -34.77
N ASP D 4 25.26 -43.09 -36.03
CA ASP D 4 26.43 -42.25 -36.35
C ASP D 4 26.04 -40.81 -36.74
N GLU D 5 24.74 -40.53 -36.68
CA GLU D 5 24.27 -39.16 -36.87
C GLU D 5 24.58 -38.36 -35.58
N SER D 6 24.23 -38.92 -34.43
CA SER D 6 24.65 -38.32 -33.15
C SER D 6 25.11 -39.39 -32.15
N LEU D 7 26.39 -39.33 -31.80
CA LEU D 7 27.02 -40.34 -30.94
C LEU D 7 26.73 -40.08 -29.46
N LYS D 8 26.64 -38.81 -29.08
CA LYS D 8 26.40 -38.46 -27.67
C LYS D 8 24.93 -38.66 -27.29
N ASP D 9 24.05 -38.69 -28.29
CA ASP D 9 22.66 -39.11 -28.06
C ASP D 9 22.63 -40.64 -28.01
N ALA D 10 23.51 -41.28 -28.77
CA ALA D 10 23.53 -42.73 -28.85
C ALA D 10 23.86 -43.35 -27.51
N ILE D 11 24.83 -42.80 -26.80
CA ILE D 11 25.26 -43.42 -25.54
C ILE D 11 24.20 -43.32 -24.44
N LYS D 12 23.13 -42.57 -24.70
CA LYS D 12 22.06 -42.37 -23.73
C LYS D 12 21.18 -43.60 -23.53
N ASP D 13 21.23 -44.54 -24.48
CA ASP D 13 20.50 -45.80 -24.35
C ASP D 13 21.06 -46.57 -23.17
N PRO D 14 20.22 -46.82 -22.15
CA PRO D 14 20.66 -47.48 -20.91
C PRO D 14 21.03 -48.95 -21.11
N ALA D 15 20.58 -49.54 -22.20
CA ALA D 15 20.81 -50.96 -22.42
C ALA D 15 22.27 -51.24 -22.71
N LEU D 16 23.03 -50.19 -22.99
CA LEU D 16 24.39 -50.35 -23.49
C LEU D 16 25.48 -50.20 -22.43
N GLU D 17 25.11 -49.94 -21.16
CA GLU D 17 26.14 -49.55 -20.19
C GLU D 17 26.84 -50.74 -19.54
N ASN D 18 28.16 -50.76 -19.71
CA ASN D 18 29.04 -51.81 -19.21
C ASN D 18 28.61 -53.17 -19.73
N LYS D 19 27.99 -53.15 -20.92
CA LYS D 19 27.66 -54.36 -21.65
C LYS D 19 28.94 -54.99 -22.15
N GLU D 20 28.97 -56.32 -22.33
CA GLU D 20 30.16 -57.01 -22.80
C GLU D 20 30.31 -56.91 -24.32
N HIS D 21 31.41 -56.32 -24.75
CA HIS D 21 31.82 -56.37 -26.15
C HIS D 21 33.01 -57.32 -26.43
N ASP D 22 33.52 -58.01 -25.41
CA ASP D 22 34.81 -58.72 -25.55
C ASP D 22 34.75 -60.21 -25.88
N ILE D 23 33.55 -60.73 -26.09
CA ILE D 23 33.38 -62.15 -26.40
C ILE D 23 33.85 -62.50 -27.80
N GLY D 24 34.67 -63.54 -27.91
CA GLY D 24 35.08 -64.05 -29.22
C GLY D 24 36.52 -63.78 -29.60
N PRO D 25 36.92 -64.29 -30.78
CA PRO D 25 38.27 -64.19 -31.35
C PRO D 25 38.53 -62.80 -31.94
N ARG D 26 39.77 -62.32 -31.81
CA ARG D 26 40.05 -60.91 -32.13
C ARG D 26 41.50 -60.74 -32.51
N GLU D 27 41.79 -59.73 -33.32
CA GLU D 27 43.17 -59.41 -33.65
C GLU D 27 43.44 -58.05 -33.10
N GLN D 28 44.69 -57.73 -32.77
CA GLN D 28 45.02 -56.36 -32.37
C GLN D 28 45.86 -55.62 -33.40
N VAL D 29 45.28 -54.63 -34.06
CA VAL D 29 45.99 -53.93 -35.12
C VAL D 29 46.26 -52.46 -34.79
N ASN D 30 47.54 -52.12 -34.61
CA ASN D 30 47.92 -50.71 -34.49
C ASN D 30 47.48 -49.92 -35.72
N PHE D 31 47.10 -48.66 -35.50
CA PHE D 31 46.76 -47.77 -36.60
C PHE D 31 47.35 -46.40 -36.35
N GLN D 32 47.31 -45.57 -37.39
CA GLN D 32 47.59 -44.17 -37.24
C GLN D 32 46.34 -43.37 -37.62
N LEU D 33 46.21 -42.20 -37.01
CA LEU D 33 45.13 -41.27 -37.29
C LEU D 33 45.75 -39.98 -37.81
N LEU D 34 45.50 -39.64 -39.09
CA LEU D 34 46.12 -38.49 -39.73
C LEU D 34 45.09 -37.54 -40.40
N ASP D 35 45.46 -36.27 -40.53
CA ASP D 35 44.60 -35.28 -41.21
C ASP D 35 44.90 -35.22 -42.73
N LYS D 36 44.41 -34.21 -43.44
CA LYS D 36 44.51 -34.23 -44.89
C LYS D 36 45.90 -33.88 -45.41
N ASN D 37 46.78 -33.43 -44.51
CA ASN D 37 48.18 -33.23 -44.87
C ASN D 37 49.08 -34.38 -44.43
N ASN D 38 48.48 -35.45 -43.92
CA ASN D 38 49.19 -36.64 -43.41
C ASN D 38 50.11 -36.37 -42.22
N GLU D 39 49.66 -35.48 -41.34
CA GLU D 39 50.20 -35.35 -39.99
C GLU D 39 49.10 -35.77 -39.02
N THR D 40 49.52 -36.22 -37.84
CA THR D 40 48.60 -36.86 -36.91
C THR D 40 47.44 -35.95 -36.58
N GLN D 41 46.25 -36.53 -36.50
CA GLN D 41 45.12 -35.73 -36.10
C GLN D 41 45.11 -35.81 -34.60
N TYR D 42 45.58 -34.76 -33.95
CA TYR D 42 45.90 -34.88 -32.53
C TYR D 42 44.67 -35.01 -31.66
N TYR D 43 43.54 -34.46 -32.08
CA TYR D 43 42.37 -34.66 -31.25
C TYR D 43 41.88 -36.09 -31.32
N HIS D 44 41.81 -36.64 -32.53
CA HIS D 44 41.41 -38.03 -32.68
C HIS D 44 42.48 -38.95 -32.10
N PHE D 45 43.73 -38.55 -32.26
CA PHE D 45 44.84 -39.35 -31.79
C PHE D 45 44.66 -39.69 -30.37
N PHE D 46 44.26 -38.64 -29.64
CA PHE D 46 44.08 -38.62 -28.18
C PHE D 46 42.78 -39.27 -27.76
N SER D 47 41.81 -39.28 -28.64
CA SER D 47 40.50 -39.78 -28.28
C SER D 47 40.26 -41.24 -28.55
N ILE D 48 41.11 -41.89 -29.34
CA ILE D 48 40.88 -43.29 -29.73
C ILE D 48 42.02 -44.23 -29.40
N LYS D 49 41.69 -45.31 -28.68
CA LYS D 49 42.68 -46.28 -28.20
C LYS D 49 43.43 -47.02 -29.29
N ASP D 50 44.75 -46.99 -29.17
CA ASP D 50 45.68 -47.68 -30.07
C ASP D 50 46.50 -48.75 -29.35
N PRO D 51 46.41 -50.02 -29.76
CA PRO D 51 45.83 -50.69 -30.93
C PRO D 51 44.33 -50.89 -30.91
N ALA D 52 43.78 -51.43 -32.00
CA ALA D 52 42.34 -51.58 -32.17
C ALA D 52 41.93 -53.04 -32.22
N ASP D 53 40.97 -53.40 -31.38
CA ASP D 53 40.48 -54.77 -31.40
C ASP D 53 39.69 -54.96 -32.68
N VAL D 54 40.03 -55.99 -33.44
CA VAL D 54 39.28 -56.36 -34.62
C VAL D 54 38.66 -57.74 -34.46
N TYR D 55 37.34 -57.80 -34.43
CA TYR D 55 36.65 -59.03 -34.10
C TYR D 55 36.26 -59.80 -35.33
N TYR D 56 36.45 -61.11 -35.27
CA TYR D 56 36.21 -62.01 -36.41
C TYR D 56 34.75 -62.44 -36.47
N THR D 57 34.20 -62.53 -37.68
CA THR D 57 32.82 -62.95 -37.87
C THR D 57 32.68 -63.94 -39.02
N LYS D 58 31.43 -64.25 -39.36
CA LYS D 58 31.14 -65.10 -40.51
C LYS D 58 31.47 -64.40 -41.81
N LYS D 59 31.11 -63.12 -41.90
CA LYS D 59 31.16 -62.42 -43.18
C LYS D 59 32.36 -61.48 -43.32
N LYS D 60 32.34 -60.32 -42.65
CA LYS D 60 33.54 -59.46 -42.65
C LYS D 60 33.99 -59.18 -41.22
N ALA D 61 35.29 -58.91 -41.05
CA ALA D 61 35.84 -58.60 -39.73
C ALA D 61 35.29 -57.28 -39.25
N GLU D 62 34.93 -57.19 -37.98
CA GLU D 62 34.38 -55.95 -37.45
C GLU D 62 35.36 -55.25 -36.53
N VAL D 63 35.79 -54.06 -36.93
CA VAL D 63 36.71 -53.28 -36.12
C VAL D 63 35.97 -52.66 -34.93
N GLU D 64 36.61 -52.66 -33.76
CA GLU D 64 36.01 -51.99 -32.61
C GLU D 64 36.88 -50.83 -32.12
N LEU D 65 36.25 -49.65 -32.04
CA LEU D 65 36.94 -48.42 -31.67
C LEU D 65 36.63 -47.96 -30.23
N ASP D 66 37.68 -47.58 -29.51
CA ASP D 66 37.56 -47.18 -28.11
C ASP D 66 37.67 -45.66 -28.00
N ILE D 67 36.56 -44.96 -27.77
CA ILE D 67 36.64 -43.52 -27.82
C ILE D 67 36.28 -42.85 -26.50
N ASN D 68 37.16 -42.02 -25.95
CA ASN D 68 36.79 -41.33 -24.70
C ASN D 68 35.99 -40.06 -25.02
N THR D 69 35.54 -39.39 -23.96
CA THR D 69 34.66 -38.22 -24.03
C THR D 69 33.52 -38.40 -25.01
N ALA D 70 32.95 -39.59 -25.06
CA ALA D 70 31.86 -39.89 -25.98
C ALA D 70 30.72 -38.91 -25.86
N SER D 71 30.51 -38.39 -24.66
CA SER D 71 29.44 -37.42 -24.45
C SER D 71 29.65 -36.11 -25.21
N THR D 72 30.89 -35.76 -25.53
CA THR D 72 31.16 -34.58 -26.37
C THR D 72 31.40 -34.92 -27.85
N TRP D 73 31.37 -36.19 -28.22
CA TRP D 73 31.40 -36.56 -29.62
C TRP D 73 30.00 -36.45 -30.26
N LYS D 74 29.90 -35.93 -31.48
CA LYS D 74 28.59 -35.86 -32.13
C LYS D 74 28.48 -36.69 -33.41
N LYS D 75 29.11 -36.25 -34.48
CA LYS D 75 29.01 -36.96 -35.75
C LYS D 75 30.22 -37.88 -35.84
N PHE D 76 30.01 -39.19 -35.96
CA PHE D 76 31.15 -40.06 -36.21
C PHE D 76 30.81 -41.02 -37.33
N GLU D 77 31.35 -40.75 -38.52
CA GLU D 77 30.99 -41.49 -39.70
C GLU D 77 32.26 -42.15 -40.18
N VAL D 78 32.20 -43.44 -40.53
CA VAL D 78 33.38 -44.10 -41.06
C VAL D 78 33.19 -44.67 -42.47
N TYR D 79 34.09 -44.31 -43.36
CA TYR D 79 33.96 -44.59 -44.79
C TYR D 79 35.05 -45.54 -45.32
N GLU D 80 34.64 -46.52 -46.12
CA GLU D 80 35.57 -47.43 -46.77
C GLU D 80 35.38 -47.33 -48.28
N ASN D 81 36.44 -46.89 -48.97
CA ASN D 81 36.38 -46.56 -50.41
C ASN D 81 35.31 -45.52 -50.73
N ASN D 82 35.22 -44.48 -49.90
CA ASN D 82 34.22 -43.44 -50.02
C ASN D 82 32.78 -43.93 -50.05
N GLN D 83 32.44 -44.97 -49.30
CA GLN D 83 31.03 -45.28 -49.08
C GLN D 83 30.77 -45.63 -47.62
N LYS D 84 29.55 -45.34 -47.16
CA LYS D 84 29.24 -45.31 -45.73
C LYS D 84 29.22 -46.70 -45.12
N LEU D 85 29.97 -46.89 -44.03
CA LEU D 85 29.86 -48.13 -43.27
C LEU D 85 28.77 -47.98 -42.23
N PRO D 86 28.01 -49.06 -41.98
CA PRO D 86 26.93 -49.06 -40.98
C PRO D 86 27.46 -49.11 -39.55
N VAL D 87 27.83 -47.96 -38.99
CA VAL D 87 28.41 -47.93 -37.65
C VAL D 87 27.35 -48.11 -36.58
N ARG D 88 27.67 -48.90 -35.55
CA ARG D 88 26.75 -49.08 -34.42
C ARG D 88 27.49 -49.10 -33.08
N LEU D 89 26.78 -48.71 -32.03
CA LEU D 89 27.35 -48.64 -30.70
C LEU D 89 27.08 -49.94 -29.95
N VAL D 90 28.13 -50.55 -29.39
CA VAL D 90 27.95 -51.79 -28.66
C VAL D 90 27.96 -51.57 -27.12
N SER D 91 29.04 -51.05 -26.55
CA SER D 91 28.99 -50.74 -25.12
C SER D 91 29.33 -49.30 -24.85
N TYR D 92 28.86 -48.78 -23.71
CA TYR D 92 29.26 -47.46 -23.23
C TYR D 92 29.70 -47.52 -21.77
N SER D 93 30.72 -46.76 -21.40
CA SER D 93 31.18 -46.73 -20.02
C SER D 93 30.96 -45.35 -19.37
N PRO D 94 30.08 -45.28 -18.33
CA PRO D 94 29.52 -44.03 -17.78
C PRO D 94 30.55 -43.09 -17.18
N VAL D 95 30.06 -41.95 -16.69
CA VAL D 95 30.75 -40.66 -16.86
C VAL D 95 32.16 -40.39 -16.29
N PRO D 96 32.57 -41.00 -15.16
CA PRO D 96 34.03 -40.86 -14.91
C PRO D 96 34.87 -41.51 -16.05
N GLU D 97 34.24 -42.43 -16.76
CA GLU D 97 34.86 -43.16 -17.86
C GLU D 97 34.56 -42.49 -19.22
N ASP D 98 33.27 -42.45 -19.58
CA ASP D 98 32.81 -41.71 -20.74
C ASP D 98 33.46 -42.24 -22.00
N HIS D 99 33.59 -43.56 -22.12
CA HIS D 99 34.12 -44.22 -23.34
C HIS D 99 33.01 -44.87 -24.14
N ALA D 100 32.94 -44.63 -25.43
CA ALA D 100 31.96 -45.35 -26.22
C ALA D 100 32.65 -46.40 -27.07
N TYR D 101 31.97 -47.54 -27.25
CA TYR D 101 32.52 -48.65 -28.02
C TYR D 101 31.68 -48.91 -29.27
N ILE D 102 32.29 -48.71 -30.43
CA ILE D 102 31.59 -48.90 -31.71
C ILE D 102 32.22 -49.95 -32.63
N ARG D 103 31.36 -50.59 -33.41
CA ARG D 103 31.79 -51.60 -34.37
C ARG D 103 31.22 -51.36 -35.78
N PHE D 104 32.03 -51.67 -36.78
CA PHE D 104 31.61 -51.61 -38.17
C PHE D 104 32.36 -52.67 -38.98
N PRO D 105 31.70 -53.23 -40.02
CA PRO D 105 32.36 -54.21 -40.89
C PRO D 105 33.38 -53.59 -41.83
N VAL D 106 34.51 -54.23 -42.05
CA VAL D 106 35.42 -53.78 -43.10
C VAL D 106 35.71 -54.93 -44.08
N SER D 107 35.76 -54.59 -45.36
CA SER D 107 35.99 -55.56 -46.42
C SER D 107 37.42 -56.03 -46.33
N ASP D 108 37.61 -57.35 -46.49
CA ASP D 108 38.94 -57.97 -46.49
C ASP D 108 39.87 -57.22 -47.45
N GLY D 109 41.03 -56.81 -46.96
CA GLY D 109 41.98 -56.07 -47.76
C GLY D 109 42.08 -54.58 -47.47
N THR D 110 41.09 -54.03 -46.78
CA THR D 110 41.07 -52.62 -46.38
C THR D 110 42.27 -52.25 -45.50
N GLN D 111 42.85 -51.08 -45.74
CA GLN D 111 43.86 -50.56 -44.83
C GLN D 111 43.51 -49.13 -44.39
N GLU D 112 43.36 -48.23 -45.35
CA GLU D 112 42.94 -46.85 -45.08
C GLU D 112 41.46 -46.74 -44.74
N LEU D 113 41.13 -45.81 -43.85
CA LEU D 113 39.73 -45.51 -43.56
C LEU D 113 39.45 -44.01 -43.39
N LYS D 114 38.30 -43.58 -43.88
CA LYS D 114 37.90 -42.17 -43.82
C LYS D 114 36.97 -41.88 -42.63
N ILE D 115 37.31 -40.90 -41.80
CA ILE D 115 36.42 -40.52 -40.68
C ILE D 115 35.96 -39.08 -40.75
N VAL D 116 34.66 -38.92 -40.99
CA VAL D 116 34.00 -37.61 -40.89
C VAL D 116 33.39 -37.48 -39.51
N SER D 117 33.97 -36.61 -38.67
CA SER D 117 33.51 -36.47 -37.29
C SER D 117 33.23 -35.04 -36.83
N SER D 118 32.56 -34.87 -35.68
CA SER D 118 32.44 -33.56 -35.04
C SER D 118 32.30 -33.63 -33.52
N THR D 119 32.84 -32.62 -32.83
CA THR D 119 32.74 -32.54 -31.36
C THR D 119 32.06 -31.26 -30.87
N GLN D 120 31.02 -31.40 -30.05
CA GLN D 120 30.26 -30.27 -29.50
C GLN D 120 30.01 -30.43 -28.00
N ILE D 121 30.38 -29.43 -27.20
CA ILE D 121 30.13 -29.52 -25.74
C ILE D 121 28.77 -28.93 -25.38
N ASP D 122 27.87 -29.77 -24.88
CA ASP D 122 26.50 -29.35 -24.58
C ASP D 122 25.83 -28.71 -25.80
N ASP D 123 25.42 -27.45 -25.69
CA ASP D 123 24.74 -26.74 -26.79
C ASP D 123 25.68 -25.87 -27.62
N GLY D 124 26.94 -25.82 -27.23
CA GLY D 124 27.86 -24.84 -27.75
C GLY D 124 28.30 -25.05 -29.19
N GLU D 125 29.41 -24.42 -29.52
CA GLU D 125 30.03 -24.51 -30.83
C GLU D 125 30.34 -25.96 -31.22
N GLU D 126 29.83 -26.37 -32.38
CA GLU D 126 30.13 -27.67 -32.97
C GLU D 126 31.42 -27.58 -33.74
N THR D 127 32.40 -28.41 -33.41
CA THR D 127 33.65 -28.40 -34.16
C THR D 127 33.69 -29.53 -35.18
N ASN D 128 33.60 -29.19 -36.46
CA ASN D 128 33.60 -30.21 -37.48
C ASN D 128 35.01 -30.61 -37.83
N TYR D 129 35.24 -31.93 -37.90
CA TYR D 129 36.51 -32.50 -38.33
C TYR D 129 36.25 -33.18 -39.66
N ASP D 130 36.75 -32.55 -40.71
CA ASP D 130 36.27 -32.79 -42.07
C ASP D 130 36.60 -34.14 -42.59
N TYR D 131 37.90 -34.41 -42.51
CA TYR D 131 38.49 -35.60 -43.04
C TYR D 131 39.49 -36.09 -41.99
N THR D 132 39.39 -37.36 -41.63
CA THR D 132 40.39 -37.98 -40.80
C THR D 132 40.71 -39.32 -41.43
N LYS D 133 41.98 -39.56 -41.72
CA LYS D 133 42.38 -40.80 -42.39
C LYS D 133 42.86 -41.77 -41.33
N LEU D 134 42.20 -42.93 -41.24
CA LEU D 134 42.69 -43.96 -40.33
C LEU D 134 43.47 -44.99 -41.11
N VAL D 135 44.75 -45.16 -40.74
CA VAL D 135 45.64 -46.12 -41.39
C VAL D 135 46.09 -47.29 -40.51
N PHE D 136 45.55 -48.49 -40.75
CA PHE D 136 45.99 -49.67 -39.99
C PHE D 136 47.41 -50.00 -40.36
N ALA D 137 48.23 -50.32 -39.37
CA ALA D 137 49.64 -50.63 -39.65
C ALA D 137 49.80 -51.88 -40.51
N LYS D 138 48.74 -52.67 -40.63
CA LYS D 138 48.69 -53.78 -41.58
C LYS D 138 47.26 -53.97 -42.07
N PRO D 139 47.07 -54.55 -43.26
CA PRO D 139 45.71 -54.74 -43.80
C PRO D 139 44.81 -55.56 -42.90
N ILE D 140 43.49 -55.45 -43.05
CA ILE D 140 42.57 -56.25 -42.23
C ILE D 140 42.01 -57.42 -43.04
N TYR D 141 42.18 -58.63 -42.51
CA TYR D 141 41.59 -59.83 -43.12
C TYR D 141 40.79 -60.67 -42.13
N ASN D 142 39.53 -60.94 -42.47
CA ASN D 142 38.68 -61.81 -41.67
C ASN D 142 39.22 -63.23 -41.62
N ASP D 143 38.96 -63.91 -40.50
CA ASP D 143 39.41 -65.29 -40.30
C ASP D 143 38.30 -66.14 -39.70
N PRO D 144 37.28 -66.48 -40.50
CA PRO D 144 36.12 -67.22 -40.00
C PRO D 144 36.49 -68.58 -39.39
N SER D 145 37.72 -69.02 -39.65
CA SER D 145 38.21 -70.33 -39.20
C SER D 145 38.30 -70.47 -37.66
N LEU D 146 38.10 -69.37 -36.93
CA LEU D 146 38.20 -69.40 -35.46
C LEU D 146 36.84 -69.40 -34.75
N ALA E 1 23.71 23.94 -8.19
CA ALA E 1 24.26 23.10 -7.11
C ALA E 1 25.58 23.68 -6.57
N GLU E 2 25.62 24.07 -5.30
CA GLU E 2 26.88 24.55 -4.72
C GLU E 2 27.15 23.98 -3.34
N GLY E 3 28.20 23.19 -3.20
CA GLY E 3 28.71 22.76 -1.90
C GLY E 3 29.65 23.60 -1.05
N LEU E 4 29.27 23.89 0.21
CA LEU E 4 30.17 24.07 1.37
C LEU E 4 29.41 24.69 2.56
N LYS E 5 30.11 24.82 3.68
CA LYS E 5 29.58 25.51 4.86
C LYS E 5 30.69 25.64 5.90
N THR E 6 30.29 25.84 7.16
CA THR E 6 31.19 25.75 8.30
C THR E 6 31.82 24.35 8.45
N LYS E 7 32.90 24.29 9.25
CA LYS E 7 33.66 23.05 9.52
C LYS E 7 32.79 21.94 10.10
N ASP E 8 31.55 22.27 10.44
CA ASP E 8 30.59 21.25 10.80
C ASP E 8 30.08 20.56 9.53
N GLU E 9 29.42 21.32 8.65
CA GLU E 9 28.75 20.75 7.48
C GLU E 9 29.70 20.00 6.51
N VAL E 10 31.01 20.20 6.65
CA VAL E 10 31.95 19.37 5.90
C VAL E 10 31.91 17.95 6.44
N GLU E 11 31.93 17.81 7.76
CA GLU E 11 31.87 16.51 8.41
C GLU E 11 30.54 15.84 8.11
N LYS E 12 29.44 16.52 8.44
CA LYS E 12 28.11 16.01 8.17
C LYS E 12 28.07 15.36 6.79
N ALA E 13 28.83 15.93 5.86
CA ALA E 13 28.92 15.39 4.51
C ALA E 13 29.95 14.28 4.46
N CYS E 14 30.95 14.36 5.34
CA CYS E 14 31.99 13.34 5.42
C CYS E 14 31.43 12.06 5.97
N HIS E 15 30.63 12.19 7.00
CA HIS E 15 30.00 11.04 7.59
C HIS E 15 29.03 10.44 6.60
N LEU E 16 28.49 11.25 5.69
CA LEU E 16 27.49 10.72 4.79
C LEU E 16 28.20 9.85 3.78
N ALA E 17 29.26 10.40 3.20
CA ALA E 17 30.04 9.71 2.20
C ALA E 17 30.49 8.37 2.74
N GLN E 18 30.84 8.39 4.03
CA GLN E 18 31.41 7.22 4.62
C GLN E 18 30.29 6.22 4.78
N GLN E 19 29.11 6.66 5.21
CA GLN E 19 28.04 5.69 5.36
C GLN E 19 27.60 5.30 3.96
N LEU E 20 27.43 6.30 3.10
CA LEU E 20 27.01 6.04 1.74
C LEU E 20 27.94 5.06 1.03
N LYS E 21 29.24 5.13 1.31
CA LYS E 21 30.13 4.17 0.67
C LYS E 21 29.99 2.79 1.30
N GLU E 22 29.95 2.79 2.62
CA GLU E 22 29.87 1.58 3.40
C GLU E 22 28.58 0.78 3.22
N VAL E 23 27.57 1.28 2.50
CA VAL E 23 26.37 0.45 2.35
C VAL E 23 26.66 -0.67 1.37
N SER E 24 27.56 -0.41 0.41
CA SER E 24 27.86 -1.42 -0.61
C SER E 24 28.73 -2.51 -0.02
N ILE E 25 29.39 -2.21 1.11
CA ILE E 25 30.25 -3.16 1.77
C ILE E 25 29.41 -4.01 2.70
N THR E 26 28.82 -3.36 3.71
CA THR E 26 28.02 -4.03 4.72
C THR E 26 27.02 -5.03 4.11
N LEU E 27 26.22 -4.54 3.16
CA LEU E 27 25.20 -5.36 2.53
C LEU E 27 25.80 -6.60 1.86
N GLY E 28 27.08 -6.51 1.48
CA GLY E 28 27.82 -7.65 0.98
C GLY E 28 28.03 -8.74 2.01
N VAL E 29 28.60 -8.36 3.16
CA VAL E 29 28.85 -9.25 4.28
C VAL E 29 27.57 -9.92 4.66
N ILE E 30 26.49 -9.22 4.46
CA ILE E 30 25.23 -9.76 4.91
C ILE E 30 24.75 -10.82 3.93
N TYR E 31 25.00 -10.63 2.64
CA TYR E 31 24.49 -11.63 1.69
C TYR E 31 25.19 -12.97 1.97
N ARG E 32 26.48 -12.86 2.29
CA ARG E 32 27.32 -14.01 2.53
C ARG E 32 26.98 -14.67 3.87
N THR E 33 26.53 -13.85 4.79
CA THR E 33 25.93 -14.34 6.02
C THR E 33 24.86 -15.39 5.74
N THR E 34 24.24 -15.30 4.56
CA THR E 34 23.21 -16.28 4.14
C THR E 34 23.66 -17.41 3.18
N GLU E 35 24.95 -17.54 2.89
CA GLU E 35 25.32 -18.69 2.07
C GLU E 35 24.94 -19.99 2.77
N ARG E 36 25.11 -20.00 4.08
CA ARG E 36 24.77 -21.13 4.92
C ARG E 36 23.39 -21.70 4.64
N HIS E 37 22.40 -20.83 4.56
CA HIS E 37 21.04 -21.29 4.35
C HIS E 37 20.85 -21.82 2.94
N SER E 38 21.60 -21.26 2.00
CA SER E 38 21.49 -21.67 0.60
C SER E 38 21.97 -23.11 0.43
N VAL E 39 23.20 -23.37 0.88
CA VAL E 39 23.79 -24.69 0.83
C VAL E 39 23.03 -25.68 1.71
N GLN E 40 22.37 -25.18 2.76
CA GLN E 40 21.69 -26.07 3.69
C GLN E 40 20.42 -26.57 3.04
N VAL E 41 19.76 -25.67 2.35
CA VAL E 41 18.49 -26.03 1.75
C VAL E 41 18.81 -26.96 0.57
N GLU E 42 20.02 -26.85 0.04
CA GLU E 42 20.42 -27.70 -1.06
C GLU E 42 20.57 -29.14 -0.56
N ALA E 43 21.24 -29.30 0.58
CA ALA E 43 21.45 -30.64 1.10
C ALA E 43 20.12 -31.26 1.51
N HIS E 44 19.12 -30.43 1.84
CA HIS E 44 17.79 -30.94 2.16
C HIS E 44 17.22 -31.64 0.95
N LYS E 45 17.45 -31.04 -0.22
CA LYS E 45 17.05 -31.63 -1.49
C LYS E 45 17.72 -32.98 -1.65
N THR E 46 19.03 -33.02 -1.40
CA THR E 46 19.80 -34.25 -1.58
C THR E 46 19.18 -35.37 -0.77
N ALA E 47 18.89 -35.08 0.50
CA ALA E 47 18.37 -36.07 1.45
C ALA E 47 16.94 -36.44 1.12
N ILE E 48 16.13 -35.46 0.72
CA ILE E 48 14.76 -35.74 0.31
C ILE E 48 14.76 -36.69 -0.88
N ASP E 49 15.72 -36.53 -1.79
CA ASP E 49 15.86 -37.50 -2.87
C ASP E 49 16.10 -38.87 -2.27
N LYS E 50 17.14 -38.97 -1.45
CA LYS E 50 17.59 -40.23 -0.84
C LYS E 50 16.47 -40.97 -0.14
N HIS E 51 15.62 -40.23 0.57
CA HIS E 51 14.48 -40.81 1.28
C HIS E 51 13.46 -41.44 0.33
N ALA E 52 13.23 -40.78 -0.80
CA ALA E 52 12.24 -41.25 -1.76
C ALA E 52 12.59 -42.65 -2.22
N ASP E 53 13.88 -42.90 -2.36
CA ASP E 53 14.37 -44.23 -2.75
C ASP E 53 14.41 -45.16 -1.55
N ALA E 54 14.68 -44.60 -0.37
CA ALA E 54 14.73 -45.39 0.85
C ALA E 54 13.40 -46.08 1.14
N VAL E 55 12.31 -45.35 0.93
CA VAL E 55 10.98 -45.87 1.20
C VAL E 55 10.30 -46.44 -0.03
N SER E 56 11.02 -46.44 -1.16
CA SER E 56 10.45 -46.86 -2.44
C SER E 56 9.78 -48.23 -2.33
N ARG E 57 10.48 -49.18 -1.71
CA ARG E 57 9.98 -50.54 -1.55
C ARG E 57 8.67 -50.57 -0.76
N ALA E 58 8.56 -49.70 0.24
CA ALA E 58 7.39 -49.66 1.11
C ALA E 58 6.19 -48.95 0.47
N VAL E 59 6.45 -48.01 -0.43
CA VAL E 59 5.37 -47.36 -1.16
C VAL E 59 4.87 -48.26 -2.29
N GLU E 60 5.80 -48.89 -2.99
CA GLU E 60 5.46 -49.82 -4.07
C GLU E 60 4.57 -50.93 -3.54
N ALA E 61 4.83 -51.32 -2.29
CA ALA E 61 4.03 -52.33 -1.61
C ALA E 61 2.64 -51.80 -1.27
N LEU E 62 2.60 -50.60 -0.71
CA LEU E 62 1.33 -49.99 -0.29
C LEU E 62 0.53 -49.59 -1.53
N THR E 63 1.20 -49.45 -2.66
CA THR E 63 0.51 -49.21 -3.91
C THR E 63 -0.21 -50.49 -4.32
N ARG E 64 0.46 -51.62 -4.18
CA ARG E 64 -0.11 -52.91 -4.56
C ARG E 64 -1.43 -53.20 -3.85
N VAL E 65 -1.57 -52.73 -2.62
CA VAL E 65 -2.78 -52.96 -1.85
C VAL E 65 -3.86 -51.96 -2.24
N ASP E 66 -3.45 -50.89 -2.93
CA ASP E 66 -4.40 -49.94 -3.49
C ASP E 66 -4.98 -50.51 -4.77
N VAL E 67 -4.11 -51.10 -5.59
CA VAL E 67 -4.51 -51.60 -6.91
C VAL E 67 -5.18 -52.96 -6.80
N ALA E 68 -5.02 -53.62 -5.66
CA ALA E 68 -5.70 -54.87 -5.42
C ALA E 68 -6.98 -54.63 -4.62
N LEU E 69 -7.19 -53.38 -4.22
CA LEU E 69 -8.44 -52.98 -3.59
C LEU E 69 -9.38 -52.41 -4.67
N GLN E 70 -8.91 -52.44 -5.91
CA GLN E 70 -9.66 -51.97 -7.07
C GLN E 70 -10.45 -53.10 -7.73
N ARG E 71 -9.77 -54.15 -8.18
CA ARG E 71 -10.46 -55.35 -8.63
C ARG E 71 -11.29 -55.95 -7.49
N LEU E 72 -10.98 -55.50 -6.27
CA LEU E 72 -11.76 -55.81 -5.08
C LEU E 72 -12.94 -54.86 -4.89
N LYS E 73 -13.15 -53.96 -5.86
CA LYS E 73 -14.27 -53.03 -5.79
C LYS E 73 -15.49 -53.72 -6.37
N GLU E 74 -15.36 -55.02 -6.62
CA GLU E 74 -16.48 -55.87 -6.98
C GLU E 74 -16.98 -56.68 -5.76
N LEU E 75 -16.28 -57.74 -5.35
CA LEU E 75 -16.73 -58.52 -4.18
C LEU E 75 -16.00 -58.19 -2.87
N GLY E 76 -15.00 -57.30 -2.92
CA GLY E 76 -14.13 -57.10 -1.78
C GLY E 76 -14.41 -55.92 -0.87
N LYS E 77 -15.22 -54.97 -1.34
CA LYS E 77 -15.52 -53.77 -0.54
C LYS E 77 -16.32 -54.10 0.72
N ALA E 78 -16.88 -55.30 0.78
CA ALA E 78 -17.70 -55.68 1.92
C ALA E 78 -17.05 -56.79 2.74
N ASN E 79 -16.55 -56.40 3.92
CA ASN E 79 -16.22 -57.30 5.04
C ASN E 79 -15.64 -58.66 4.64
N ASP E 80 -14.45 -58.63 4.04
CA ASP E 80 -13.86 -59.83 3.47
C ASP E 80 -13.06 -60.59 4.53
N THR E 81 -13.20 -60.18 5.81
CA THR E 81 -12.39 -60.71 6.90
C THR E 81 -10.93 -60.38 6.58
N LYS E 82 -10.16 -61.38 6.16
CA LYS E 82 -8.72 -61.26 5.96
C LYS E 82 -8.29 -60.09 5.06
N ALA E 83 -9.25 -59.44 4.39
CA ALA E 83 -8.98 -58.21 3.63
C ALA E 83 -9.24 -56.96 4.47
N VAL E 84 -10.47 -56.77 4.92
CA VAL E 84 -10.84 -55.56 5.69
C VAL E 84 -10.06 -55.41 7.00
N LYS E 85 -9.41 -56.47 7.44
CA LYS E 85 -8.55 -56.42 8.62
C LYS E 85 -7.10 -56.05 8.24
N ILE E 86 -6.84 -55.96 6.94
CA ILE E 86 -5.54 -55.49 6.47
C ILE E 86 -5.43 -53.98 6.67
N ILE E 87 -6.48 -53.24 6.28
CA ILE E 87 -6.53 -51.79 6.46
C ILE E 87 -6.41 -51.42 7.94
N GLU E 88 -6.65 -52.40 8.79
CA GLU E 88 -6.48 -52.25 10.22
C GLU E 88 -5.00 -52.31 10.63
N ASN E 89 -4.20 -53.09 9.90
CA ASN E 89 -2.76 -53.17 10.17
C ASN E 89 -1.95 -52.18 9.33
N ILE E 90 -2.61 -51.56 8.35
CA ILE E 90 -2.02 -50.51 7.52
C ILE E 90 -2.40 -49.16 8.14
N THR E 91 -3.01 -49.21 9.32
CA THR E 91 -3.48 -48.00 9.99
C THR E 91 -2.39 -46.93 10.06
N SER E 92 -1.25 -47.26 10.67
CA SER E 92 -0.16 -46.31 10.85
C SER E 92 0.69 -46.14 9.59
N ALA E 93 0.72 -47.17 8.76
CA ALA E 93 1.48 -47.11 7.52
C ALA E 93 1.00 -45.95 6.66
N ARG E 94 -0.30 -45.87 6.42
CA ARG E 94 -0.86 -44.80 5.62
C ARG E 94 -0.87 -43.47 6.37
N GLU E 95 -0.78 -43.54 7.69
CA GLU E 95 -0.65 -42.30 8.45
C GLU E 95 0.67 -41.65 8.01
N ASN E 96 1.78 -42.36 8.21
CA ASN E 96 3.10 -41.82 7.94
C ASN E 96 3.28 -41.38 6.50
N LEU E 97 2.81 -42.20 5.58
CA LEU E 97 2.88 -41.89 4.15
C LEU E 97 2.16 -40.58 3.87
N ALA E 98 1.09 -40.32 4.61
CA ALA E 98 0.38 -39.07 4.50
C ALA E 98 1.28 -37.94 4.99
N LEU E 99 1.91 -38.14 6.14
CA LEU E 99 2.83 -37.15 6.70
C LEU E 99 4.03 -36.92 5.80
N PHE E 100 4.52 -38.00 5.20
CA PHE E 100 5.69 -37.95 4.32
C PHE E 100 5.47 -36.98 3.14
N ASN E 101 4.50 -37.30 2.29
CA ASN E 101 4.22 -36.47 1.13
C ASN E 101 3.71 -35.08 1.52
N ASN E 102 3.40 -34.92 2.80
CA ASN E 102 3.05 -33.62 3.35
C ASN E 102 4.32 -32.84 3.72
N GLU E 103 5.09 -33.39 4.65
CA GLU E 103 6.29 -32.74 5.18
C GLU E 103 7.42 -32.59 4.16
N THR E 104 7.60 -33.57 3.28
CA THR E 104 8.61 -33.43 2.24
C THR E 104 8.31 -32.21 1.38
N GLN E 105 7.04 -32.10 0.97
CA GLN E 105 6.60 -30.97 0.15
C GLN E 105 6.86 -29.63 0.83
N ALA E 106 6.80 -29.63 2.16
CA ALA E 106 7.01 -28.42 2.94
C ALA E 106 8.45 -27.94 2.87
N VAL E 107 9.40 -28.87 2.97
CA VAL E 107 10.81 -28.51 2.89
C VAL E 107 11.16 -28.17 1.46
N LEU E 108 10.34 -28.64 0.52
CA LEU E 108 10.48 -28.27 -0.88
C LEU E 108 10.03 -26.83 -1.09
N THR E 109 8.88 -26.48 -0.51
CA THR E 109 8.39 -25.12 -0.64
C THR E 109 9.30 -24.17 0.16
N ALA E 110 9.64 -24.55 1.40
CA ALA E 110 10.62 -23.80 2.20
C ALA E 110 11.89 -23.53 1.40
N ARG E 111 12.31 -24.57 0.67
CA ARG E 111 13.45 -24.50 -0.24
C ARG E 111 13.26 -23.44 -1.29
N ASP E 112 12.19 -23.57 -2.06
CA ASP E 112 11.94 -22.64 -3.14
C ASP E 112 11.95 -21.21 -2.59
N HIS E 113 11.31 -20.99 -1.45
CA HIS E 113 11.19 -19.66 -0.86
C HIS E 113 12.55 -19.10 -0.47
N VAL E 114 13.44 -19.96 0.05
CA VAL E 114 14.69 -19.45 0.56
C VAL E 114 15.56 -18.92 -0.59
N HIS E 115 15.48 -19.55 -1.76
CA HIS E 115 16.22 -19.05 -2.92
C HIS E 115 15.67 -17.70 -3.38
N LYS E 116 14.36 -17.64 -3.61
CA LYS E 116 13.71 -16.41 -4.05
C LYS E 116 14.11 -15.22 -3.16
N HIS E 117 13.95 -15.41 -1.85
CA HIS E 117 14.31 -14.36 -0.92
C HIS E 117 15.79 -14.02 -1.03
N ARG E 118 16.62 -15.05 -1.09
CA ARG E 118 18.07 -14.87 -1.27
C ARG E 118 18.36 -14.14 -2.61
N ALA E 119 17.48 -14.33 -3.59
CA ALA E 119 17.58 -13.61 -4.85
C ALA E 119 17.18 -12.15 -4.64
N ALA E 120 16.02 -11.93 -4.01
CA ALA E 120 15.59 -10.58 -3.66
C ALA E 120 16.63 -9.93 -2.78
N ALA E 121 17.20 -10.70 -1.88
CA ALA E 121 18.36 -10.23 -1.13
C ALA E 121 19.41 -9.71 -2.09
N LEU E 122 19.77 -10.57 -3.05
CA LEU E 122 20.85 -10.34 -4.00
C LEU E 122 20.54 -9.11 -4.84
N GLN E 123 19.33 -9.07 -5.37
CA GLN E 123 18.93 -7.97 -6.23
C GLN E 123 19.11 -6.67 -5.49
N GLY E 124 18.49 -6.59 -4.31
CA GLY E 124 18.59 -5.43 -3.44
C GLY E 124 20.02 -5.00 -3.18
N TRP E 125 20.91 -5.96 -2.92
CA TRP E 125 22.32 -5.62 -2.76
C TRP E 125 22.82 -4.85 -3.99
N SER E 126 22.70 -5.45 -5.18
CA SER E 126 23.31 -4.87 -6.39
C SER E 126 22.85 -3.46 -6.66
N ASP E 127 21.55 -3.21 -6.45
CA ASP E 127 20.98 -1.87 -6.61
C ASP E 127 21.64 -0.89 -5.69
N ALA E 128 21.54 -1.16 -4.40
CA ALA E 128 22.07 -0.26 -3.38
C ALA E 128 23.59 -0.07 -3.49
N LYS E 129 24.27 -0.95 -4.22
CA LYS E 129 25.67 -0.71 -4.50
C LYS E 129 25.72 0.46 -5.48
N GLU E 130 24.90 0.43 -6.53
CA GLU E 130 24.85 1.53 -7.52
C GLU E 130 24.52 2.85 -6.88
N LYS E 131 23.28 2.88 -6.37
CA LYS E 131 22.70 4.04 -5.73
C LYS E 131 23.65 4.61 -4.69
N GLY E 132 24.10 3.76 -3.76
CA GLY E 132 25.08 4.16 -2.77
C GLY E 132 26.42 4.65 -3.31
N ASP E 133 27.03 3.89 -4.23
CA ASP E 133 28.33 4.26 -4.79
C ASP E 133 28.20 5.54 -5.57
N ALA E 134 27.12 5.64 -6.33
CA ALA E 134 26.78 6.86 -7.03
C ALA E 134 26.81 8.01 -6.05
N ALA E 135 25.83 7.99 -5.15
CA ALA E 135 25.60 9.01 -4.16
C ALA E 135 26.86 9.37 -3.36
N ALA E 136 27.57 8.38 -2.88
CA ALA E 136 28.78 8.66 -2.11
C ALA E 136 29.77 9.43 -2.96
N GLU E 137 29.71 9.18 -4.26
CA GLU E 137 30.65 9.78 -5.22
C GLU E 137 30.34 11.25 -5.39
N ASP E 138 29.04 11.56 -5.47
CA ASP E 138 28.59 12.93 -5.59
C ASP E 138 29.03 13.73 -4.39
N VAL E 139 28.79 13.22 -3.19
CA VAL E 139 29.04 14.04 -2.00
C VAL E 139 30.55 14.03 -1.75
N TRP E 140 31.28 13.35 -2.63
CA TRP E 140 32.73 13.44 -2.60
C TRP E 140 33.29 14.47 -3.55
N VAL E 141 32.46 15.01 -4.43
CA VAL E 141 32.94 16.09 -5.30
C VAL E 141 32.84 17.41 -4.55
N LEU E 142 31.92 17.47 -3.58
CA LEU E 142 31.84 18.61 -2.69
C LEU E 142 32.92 18.47 -1.64
N LEU E 143 33.23 17.24 -1.29
CA LEU E 143 34.21 16.96 -0.25
C LEU E 143 35.60 17.26 -0.79
N ASN E 144 35.81 16.97 -2.07
CA ASN E 144 37.09 17.25 -2.71
C ASN E 144 37.18 18.70 -3.12
N ALA E 145 36.03 19.29 -3.42
CA ALA E 145 35.96 20.72 -3.73
C ALA E 145 36.39 21.54 -2.52
N ALA E 146 36.02 21.06 -1.33
CA ALA E 146 36.36 21.74 -0.08
C ALA E 146 37.87 21.66 0.17
N LYS E 147 38.51 20.66 -0.42
CA LYS E 147 39.96 20.70 -0.53
C LYS E 147 40.25 21.82 -1.52
N LYS E 148 41.03 22.82 -1.10
CA LYS E 148 41.30 24.05 -1.87
C LYS E 148 40.06 24.73 -2.51
N GLY E 149 39.02 24.94 -1.72
CA GLY E 149 37.77 25.55 -2.16
C GLY E 149 37.60 27.01 -1.75
N ASN E 150 38.73 27.70 -1.57
CA ASN E 150 38.82 29.09 -1.07
C ASN E 150 38.57 29.12 0.46
N GLY E 151 37.97 28.06 0.97
CA GLY E 151 38.11 27.66 2.36
C GLY E 151 37.48 28.50 3.44
N SER E 152 37.25 27.88 4.59
CA SER E 152 37.16 28.59 5.86
C SER E 152 38.51 28.38 6.54
N ALA E 153 39.35 27.60 5.85
CA ALA E 153 40.70 27.21 6.25
C ALA E 153 40.72 26.32 7.50
N ASP E 154 39.62 26.32 8.27
CA ASP E 154 39.39 25.22 9.20
C ASP E 154 38.47 24.24 8.52
N VAL E 155 37.92 24.65 7.37
CA VAL E 155 37.16 23.76 6.50
C VAL E 155 38.12 22.98 5.62
N LYS E 156 39.21 23.65 5.26
CA LYS E 156 40.27 23.02 4.50
C LYS E 156 40.84 21.85 5.30
N ALA E 157 41.21 22.13 6.55
CA ALA E 157 41.73 21.10 7.44
C ALA E 157 40.73 19.94 7.59
N ALA E 158 39.45 20.27 7.52
CA ALA E 158 38.37 19.33 7.81
C ALA E 158 38.06 18.41 6.63
N ALA E 159 38.76 18.60 5.54
CA ALA E 159 38.68 17.65 4.45
C ALA E 159 39.82 16.65 4.58
N GLU E 160 41.05 17.13 4.51
CA GLU E 160 42.21 16.23 4.50
C GLU E 160 42.27 15.27 5.71
N LYS E 161 41.60 15.63 6.80
CA LYS E 161 41.45 14.71 7.92
C LYS E 161 40.51 13.56 7.56
N CYS E 162 39.67 13.76 6.54
CA CYS E 162 38.63 12.79 6.22
C CYS E 162 39.18 11.59 5.45
N SER E 163 38.66 10.39 5.72
CA SER E 163 39.11 9.19 5.01
C SER E 163 37.97 8.46 4.30
N ARG E 164 38.29 7.76 3.22
CA ARG E 164 37.29 7.23 2.30
C ARG E 164 36.24 6.29 2.91
N TYR E 165 36.66 5.38 3.79
CA TYR E 165 35.77 4.37 4.35
C TYR E 165 35.40 4.69 5.81
N SER E 166 34.18 4.32 6.21
CA SER E 166 33.81 4.36 7.62
C SER E 166 34.63 3.37 8.42
N SER E 167 34.65 3.53 9.74
CA SER E 167 35.43 2.63 10.55
C SER E 167 34.62 1.39 10.87
N SER E 168 33.32 1.45 10.58
CA SER E 168 32.39 0.42 11.04
C SER E 168 31.31 0.06 10.02
N SER E 169 30.45 -0.88 10.36
CA SER E 169 29.33 -1.28 9.49
C SER E 169 28.20 -0.26 9.54
N THR E 170 27.09 -0.53 8.84
CA THR E 170 25.94 0.38 8.89
C THR E 170 24.59 -0.25 9.14
N SER E 171 23.90 0.23 10.18
CA SER E 171 22.52 -0.16 10.38
C SER E 171 21.67 0.55 9.32
N GLU E 172 20.39 0.22 9.27
CA GLU E 172 19.44 1.13 8.67
C GLU E 172 19.53 2.40 9.52
N THR E 173 19.70 2.20 10.82
CA THR E 173 19.73 3.27 11.79
C THR E 173 20.80 4.31 11.48
N GLU E 174 22.05 3.88 11.55
CA GLU E 174 23.17 4.76 11.25
C GLU E 174 23.01 5.56 9.94
N LEU E 175 22.49 4.90 8.91
CA LEU E 175 22.27 5.49 7.59
C LEU E 175 21.32 6.68 7.65
N GLN E 176 20.11 6.46 8.16
CA GLN E 176 19.10 7.53 8.27
C GLN E 176 19.62 8.66 9.13
N LYS E 177 20.38 8.30 10.15
CA LYS E 177 21.03 9.24 11.07
C LYS E 177 22.15 9.98 10.34
N ALA E 178 22.65 9.42 9.24
CA ALA E 178 23.61 10.14 8.40
C ALA E 178 22.89 11.07 7.43
N ILE E 179 21.75 10.61 6.89
CA ILE E 179 20.85 11.42 6.08
C ILE E 179 20.25 12.54 6.92
N ASP E 180 19.86 12.20 8.15
CA ASP E 180 19.32 13.16 9.11
C ASP E 180 20.23 14.35 9.29
N ALA E 181 21.43 14.12 9.83
CA ALA E 181 22.37 15.23 10.04
C ALA E 181 22.63 16.00 8.74
N ALA E 182 22.41 15.32 7.61
CA ALA E 182 22.65 15.88 6.28
C ALA E 182 21.53 16.76 5.73
N ALA E 183 20.29 16.37 5.97
CA ALA E 183 19.14 17.09 5.43
C ALA E 183 19.12 18.56 5.86
N ASN E 184 18.89 18.76 7.17
CA ASN E 184 18.58 20.07 7.76
C ASN E 184 19.59 21.20 7.49
N VAL E 185 20.75 21.10 8.14
CA VAL E 185 21.90 21.94 7.82
C VAL E 185 22.38 21.49 6.47
N GLY E 186 22.90 22.42 5.68
CA GLY E 186 23.46 22.04 4.41
C GLY E 186 22.49 21.29 3.53
N GLY E 187 21.34 21.90 3.25
CA GLY E 187 20.42 21.46 2.20
C GLY E 187 21.13 21.66 0.87
N LEU E 188 22.38 22.10 1.03
CA LEU E 188 23.44 22.12 0.07
C LEU E 188 23.41 20.85 -0.77
N SER E 189 23.10 19.73 -0.11
CA SER E 189 22.87 18.49 -0.83
C SER E 189 21.53 18.59 -1.57
N ALA E 190 20.42 18.58 -0.83
CA ALA E 190 19.07 18.56 -1.44
C ALA E 190 18.95 17.46 -2.48
N HIS E 191 19.71 16.38 -2.26
CA HIS E 191 19.66 15.17 -3.06
C HIS E 191 18.77 14.13 -2.41
N LYS E 192 18.17 14.51 -1.27
CA LYS E 192 17.64 13.54 -0.30
C LYS E 192 16.68 12.51 -0.89
N SER E 193 16.10 12.79 -2.05
CA SER E 193 15.23 11.81 -2.69
C SER E 193 16.03 10.62 -3.22
N LYS E 194 17.31 10.82 -3.52
CA LYS E 194 18.14 9.71 -3.95
C LYS E 194 18.67 8.93 -2.75
N TYR E 195 19.04 9.60 -1.67
CA TYR E 195 19.42 8.89 -0.45
C TYR E 195 18.26 8.01 0.02
N GLY E 196 17.06 8.44 -0.32
CA GLY E 196 15.87 7.66 -0.03
C GLY E 196 15.96 6.30 -0.70
N ASP E 197 16.44 6.29 -1.94
CA ASP E 197 16.60 5.03 -2.67
C ASP E 197 17.58 4.09 -1.97
N VAL E 198 18.81 4.56 -1.71
CA VAL E 198 19.86 3.69 -1.20
C VAL E 198 19.42 3.08 0.13
N LEU E 199 18.63 3.82 0.88
CA LEU E 199 18.11 3.27 2.11
C LEU E 199 17.00 2.29 1.79
N ASN E 200 16.14 2.66 0.85
CA ASN E 200 15.00 1.80 0.57
C ASN E 200 15.42 0.50 -0.08
N LYS E 201 16.53 0.50 -0.79
CA LYS E 201 17.01 -0.73 -1.38
C LYS E 201 17.69 -1.50 -0.25
N PHE E 202 18.42 -0.75 0.59
CA PHE E 202 18.99 -1.32 1.79
C PHE E 202 17.89 -2.03 2.55
N LYS E 203 16.92 -1.29 3.05
CA LYS E 203 15.85 -1.88 3.83
C LYS E 203 15.29 -3.13 3.15
N LEU E 204 14.96 -2.98 1.87
CA LEU E 204 14.44 -4.06 1.05
C LEU E 204 15.33 -5.30 1.06
N SER E 205 16.65 -5.06 1.04
CA SER E 205 17.63 -6.14 0.97
C SER E 205 17.76 -6.96 2.25
N ASN E 206 18.02 -6.26 3.36
CA ASN E 206 17.99 -6.81 4.73
C ASN E 206 16.69 -7.53 4.99
N ALA E 207 15.61 -6.95 4.47
CA ALA E 207 14.28 -7.52 4.62
C ALA E 207 14.32 -8.96 4.18
N SER E 208 15.01 -9.19 3.07
CA SER E 208 15.04 -10.51 2.46
C SER E 208 16.04 -11.45 3.13
N VAL E 209 17.16 -10.91 3.61
CA VAL E 209 18.10 -11.69 4.41
C VAL E 209 17.38 -12.31 5.62
N GLY E 210 16.76 -11.45 6.42
CA GLY E 210 15.92 -11.88 7.50
C GLY E 210 14.89 -12.87 7.02
N ALA E 211 14.34 -12.65 5.83
CA ALA E 211 13.35 -13.59 5.29
C ALA E 211 13.92 -15.01 5.15
N VAL E 212 15.21 -15.14 4.79
CA VAL E 212 15.71 -16.47 4.56
C VAL E 212 16.02 -17.15 5.90
N ARG E 213 16.63 -16.44 6.86
CA ARG E 213 16.88 -17.05 8.18
C ARG E 213 15.55 -17.55 8.71
N ASP E 214 14.53 -16.71 8.65
CA ASP E 214 13.19 -17.12 9.07
C ASP E 214 12.68 -18.31 8.26
N THR E 215 12.81 -18.23 6.95
CA THR E 215 12.16 -19.22 6.09
C THR E 215 12.98 -20.51 6.03
N SER E 216 14.30 -20.42 6.25
CA SER E 216 15.15 -21.61 6.24
C SER E 216 15.05 -22.34 7.55
N GLY E 217 14.77 -21.59 8.61
CA GLY E 217 14.59 -22.15 9.94
C GLY E 217 13.43 -23.13 9.98
N ARG E 218 12.30 -22.72 9.41
CA ARG E 218 11.11 -23.54 9.45
C ARG E 218 11.26 -24.69 8.48
N GLY E 219 12.22 -24.56 7.56
CA GLY E 219 12.63 -25.65 6.68
C GLY E 219 13.27 -26.80 7.45
N GLY E 220 14.32 -26.47 8.21
CA GLY E 220 15.00 -27.44 9.06
C GLY E 220 14.07 -28.11 10.06
N LYS E 221 13.08 -27.36 10.53
CA LYS E 221 12.05 -27.95 11.37
C LYS E 221 11.40 -29.06 10.58
N HIS E 222 10.90 -28.73 9.39
CA HIS E 222 10.17 -29.68 8.57
C HIS E 222 11.06 -30.86 8.19
N MET E 223 12.33 -30.59 7.89
CA MET E 223 13.24 -31.67 7.48
C MET E 223 13.36 -32.69 8.59
N GLU E 224 13.49 -32.21 9.83
CA GLU E 224 13.61 -33.14 10.95
C GLU E 224 12.39 -34.04 11.01
N LYS E 225 11.20 -33.47 10.82
CA LYS E 225 9.97 -34.25 10.76
C LYS E 225 10.00 -35.21 9.57
N VAL E 226 10.74 -34.86 8.53
CA VAL E 226 10.85 -35.75 7.38
C VAL E 226 11.65 -36.99 7.76
N ASN E 227 12.86 -36.80 8.30
CA ASN E 227 13.77 -37.91 8.60
C ASN E 227 13.12 -38.96 9.48
N ASN E 228 12.36 -38.51 10.48
CA ASN E 228 11.74 -39.40 11.45
C ASN E 228 10.73 -40.35 10.82
N VAL E 229 9.69 -39.78 10.23
CA VAL E 229 8.58 -40.57 9.71
C VAL E 229 9.03 -41.48 8.57
N ALA E 230 10.18 -41.16 7.97
CA ALA E 230 10.74 -41.96 6.88
C ALA E 230 11.31 -43.25 7.42
N LYS E 231 11.77 -43.20 8.67
CA LYS E 231 12.29 -44.38 9.35
C LYS E 231 11.17 -45.36 9.66
N LEU E 232 10.00 -44.83 10.02
CA LEU E 232 8.83 -45.65 10.32
C LEU E 232 8.43 -46.46 9.09
N LEU E 233 8.63 -45.91 7.91
CA LEU E 233 8.28 -46.58 6.66
C LEU E 233 9.32 -47.62 6.25
N LYS E 234 10.60 -47.31 6.45
CA LYS E 234 11.69 -48.19 6.04
C LYS E 234 11.74 -49.44 6.90
N ASP E 235 11.43 -49.28 8.18
CA ASP E 235 11.43 -50.40 9.11
C ASP E 235 10.12 -51.22 9.05
N ALA E 236 9.06 -50.58 8.56
CA ALA E 236 7.78 -51.28 8.35
C ALA E 236 7.72 -51.83 6.93
N GLU E 237 8.82 -51.71 6.20
CA GLU E 237 8.92 -52.20 4.82
C GLU E 237 8.63 -53.70 4.70
N VAL E 238 9.23 -54.48 5.61
CA VAL E 238 9.01 -55.93 5.66
C VAL E 238 7.54 -56.25 5.97
N SER E 239 7.00 -55.56 6.97
CA SER E 239 5.58 -55.63 7.32
C SER E 239 4.70 -55.45 6.08
N LEU E 240 4.79 -54.27 5.47
CA LEU E 240 4.01 -53.93 4.27
C LEU E 240 4.26 -54.89 3.10
N ALA E 241 5.47 -55.44 3.04
CA ALA E 241 5.84 -56.34 1.96
C ALA E 241 4.92 -57.55 1.91
N ALA E 242 4.70 -58.15 3.07
CA ALA E 242 3.83 -59.32 3.18
C ALA E 242 2.38 -58.91 3.34
N ALA E 243 2.14 -57.62 3.51
CA ALA E 243 0.78 -57.11 3.69
C ALA E 243 0.04 -57.05 2.35
N ALA E 244 0.77 -56.66 1.30
CA ALA E 244 0.19 -56.58 -0.03
C ALA E 244 0.10 -57.96 -0.65
N ALA E 245 1.05 -58.80 -0.28
CA ALA E 245 1.10 -60.16 -0.78
C ALA E 245 0.14 -61.05 0.00
N GLU E 246 -0.49 -60.50 1.03
CA GLU E 246 -1.48 -61.24 1.81
C GLU E 246 -2.87 -60.99 1.21
N ILE E 247 -2.89 -60.18 0.17
CA ILE E 247 -4.12 -59.93 -0.58
C ILE E 247 -4.17 -61.00 -1.68
N GLU E 248 -3.22 -61.94 -1.57
CA GLU E 248 -3.09 -63.10 -2.46
C GLU E 248 -4.40 -63.85 -2.72
N GLU E 249 -5.12 -64.19 -1.66
CA GLU E 249 -6.34 -64.99 -1.78
C GLU E 249 -7.50 -64.10 -2.16
N VAL E 250 -7.30 -62.81 -2.00
CA VAL E 250 -8.25 -61.83 -2.49
C VAL E 250 -8.22 -61.82 -4.03
N LYS E 251 -7.06 -62.19 -4.59
CA LYS E 251 -6.91 -62.36 -6.04
C LYS E 251 -7.53 -63.67 -6.49
N ASN E 252 -7.76 -64.59 -5.54
CA ASN E 252 -8.47 -65.82 -5.83
C ASN E 252 -9.98 -65.57 -5.86
N ALA E 253 -10.38 -64.46 -5.24
CA ALA E 253 -11.76 -64.01 -5.36
C ALA E 253 -11.98 -63.43 -6.76
N HIS E 254 -10.89 -63.27 -7.51
CA HIS E 254 -10.94 -62.88 -8.92
C HIS E 254 -10.76 -64.11 -9.80
N GLU E 255 -9.60 -64.76 -9.67
CA GLU E 255 -9.24 -65.92 -10.48
C GLU E 255 -10.28 -67.04 -10.47
N THR E 256 -10.73 -67.43 -9.28
CA THR E 256 -11.72 -68.49 -9.15
C THR E 256 -13.10 -68.04 -9.67
N LYS E 257 -13.24 -66.74 -9.88
CA LYS E 257 -14.49 -66.15 -10.35
C LYS E 257 -14.44 -65.84 -11.86
N ALA E 258 -13.51 -65.00 -12.27
CA ALA E 258 -13.47 -64.40 -13.62
C ALA E 258 -13.50 -65.41 -14.78
N GLN E 259 -13.21 -66.68 -14.51
CA GLN E 259 -13.25 -67.71 -15.54
C GLN E 259 -14.67 -68.19 -15.88
N GLU E 260 -15.48 -68.47 -14.85
CA GLU E 260 -16.77 -69.14 -15.02
C GLU E 260 -17.87 -68.27 -15.64
N GLU E 261 -17.84 -66.98 -15.32
CA GLU E 261 -18.85 -66.03 -15.80
C GLU E 261 -20.27 -66.48 -15.42
N VAL F 1 -9.07 -3.92 107.49
CA VAL F 1 -10.29 -3.30 106.95
C VAL F 1 -11.47 -3.27 107.92
N LEU F 2 -11.35 -4.00 109.03
CA LEU F 2 -12.27 -3.86 110.18
C LEU F 2 -13.74 -4.08 109.87
N SER F 3 -14.08 -5.37 109.73
CA SER F 3 -15.45 -5.82 109.55
C SER F 3 -16.24 -5.55 110.81
N PRO F 4 -17.57 -5.73 110.73
CA PRO F 4 -18.29 -5.75 112.02
C PRO F 4 -17.63 -6.71 113.05
N ALA F 5 -17.24 -7.91 112.61
CA ALA F 5 -16.62 -8.87 113.52
C ALA F 5 -15.39 -8.27 114.22
N ASP F 6 -14.43 -7.79 113.42
CA ASP F 6 -13.27 -7.12 113.99
C ASP F 6 -13.69 -6.07 115.00
N LYS F 7 -14.56 -5.17 114.57
CA LYS F 7 -14.92 -4.00 115.36
C LYS F 7 -15.39 -4.46 116.75
N THR F 8 -16.28 -5.45 116.77
CA THR F 8 -16.76 -6.05 118.03
C THR F 8 -15.61 -6.53 118.89
N ASN F 9 -14.74 -7.35 118.33
CA ASN F 9 -13.57 -7.87 119.04
C ASN F 9 -12.70 -6.81 119.68
N VAL F 10 -12.40 -5.75 118.93
CA VAL F 10 -11.54 -4.68 119.45
C VAL F 10 -12.20 -3.98 120.62
N LYS F 11 -13.49 -3.74 120.52
CA LYS F 11 -14.19 -3.08 121.64
C LYS F 11 -14.20 -4.01 122.85
N ALA F 12 -14.62 -5.26 122.63
CA ALA F 12 -14.74 -6.22 123.70
C ALA F 12 -13.38 -6.45 124.34
N ALA F 13 -12.32 -6.40 123.56
CA ALA F 13 -11.01 -6.65 124.16
C ALA F 13 -10.46 -5.44 124.88
N TRP F 14 -10.75 -4.25 124.35
CA TRP F 14 -10.16 -3.02 124.88
C TRP F 14 -10.93 -2.59 126.10
N GLY F 15 -12.16 -3.09 126.18
CA GLY F 15 -12.98 -2.96 127.38
C GLY F 15 -12.34 -3.74 128.50
N LYS F 16 -12.11 -5.04 128.27
CA LYS F 16 -11.44 -5.88 129.25
C LYS F 16 -10.06 -5.33 129.67
N VAL F 17 -9.58 -4.32 128.95
CA VAL F 17 -8.37 -3.61 129.34
C VAL F 17 -8.72 -2.59 130.44
N GLY F 18 -9.80 -1.84 130.23
CA GLY F 18 -10.32 -0.93 131.25
C GLY F 18 -9.35 0.14 131.73
N ALA F 19 -9.44 0.50 133.02
CA ALA F 19 -8.60 1.56 133.59
C ALA F 19 -7.10 1.29 133.42
N HIS F 20 -6.74 0.05 133.09
CA HIS F 20 -5.34 -0.29 132.90
C HIS F 20 -4.85 0.25 131.54
N ALA F 21 -5.80 0.69 130.72
CA ALA F 21 -5.45 1.24 129.41
C ALA F 21 -4.28 2.22 129.54
N GLY F 22 -4.29 3.03 130.58
CA GLY F 22 -3.18 3.95 130.76
C GLY F 22 -1.88 3.22 131.03
N GLU F 23 -1.94 2.28 131.96
CA GLU F 23 -0.76 1.64 132.48
C GLU F 23 -0.13 0.71 131.44
N TYR F 24 -0.96 0.15 130.55
CA TYR F 24 -0.44 -0.67 129.46
C TYR F 24 0.30 0.21 128.49
N GLY F 25 -0.29 1.36 128.16
CA GLY F 25 0.31 2.30 127.23
C GLY F 25 1.76 2.58 127.56
N ALA F 26 2.06 2.67 128.85
CA ALA F 26 3.41 2.93 129.31
C ALA F 26 4.24 1.68 129.26
N GLU F 27 3.67 0.57 129.69
CA GLU F 27 4.39 -0.70 129.63
C GLU F 27 4.78 -0.99 128.17
N ALA F 28 3.85 -0.74 127.26
CA ALA F 28 4.07 -0.90 125.83
C ALA F 28 5.25 -0.06 125.35
N LEU F 29 5.22 1.24 125.64
CA LEU F 29 6.33 2.12 125.25
C LEU F 29 7.63 1.62 125.81
N GLU F 30 7.62 1.19 127.05
CA GLU F 30 8.86 0.79 127.68
C GLU F 30 9.53 -0.31 126.90
N ARG F 31 8.75 -1.35 126.57
CA ARG F 31 9.21 -2.46 125.75
C ARG F 31 9.87 -1.97 124.47
N MET F 32 9.23 -0.99 123.83
CA MET F 32 9.69 -0.45 122.56
C MET F 32 11.08 0.16 122.69
N PHE F 33 11.30 0.95 123.74
CA PHE F 33 12.59 1.60 123.93
C PHE F 33 13.64 0.56 124.32
N LEU F 34 13.20 -0.52 124.96
CA LEU F 34 14.10 -1.59 125.37
C LEU F 34 14.40 -2.55 124.25
N SER F 35 13.35 -2.88 123.49
CA SER F 35 13.51 -3.80 122.39
C SER F 35 14.16 -3.12 121.19
N PHE F 36 13.67 -1.94 120.82
CA PHE F 36 14.16 -1.26 119.62
C PHE F 36 14.71 0.14 119.93
N PRO F 37 15.96 0.20 120.40
CA PRO F 37 16.60 1.41 120.95
C PRO F 37 16.58 2.60 120.01
N THR F 38 16.34 2.35 118.74
CA THR F 38 16.32 3.43 117.75
C THR F 38 15.10 4.35 117.94
N THR F 39 14.02 3.82 118.50
CA THR F 39 12.83 4.63 118.71
C THR F 39 13.04 5.72 119.76
N LYS F 40 14.14 5.61 120.52
CA LYS F 40 14.43 6.60 121.54
C LYS F 40 14.82 7.97 120.94
N THR F 41 15.27 7.96 119.68
CA THR F 41 15.75 9.19 119.04
C THR F 41 14.61 10.17 118.72
N TYR F 42 13.38 9.74 118.96
CA TYR F 42 12.26 10.63 118.80
C TYR F 42 11.90 11.33 120.13
N PHE F 43 12.47 10.84 121.23
CA PHE F 43 12.17 11.33 122.57
C PHE F 43 13.40 11.77 123.32
N PRO F 44 14.08 12.80 122.82
CA PRO F 44 15.39 13.13 123.36
C PRO F 44 15.35 13.50 124.83
N HIS F 45 14.43 14.38 125.19
CA HIS F 45 14.49 15.05 126.50
C HIS F 45 13.75 14.27 127.58
N PHE F 46 13.06 13.22 127.16
CA PHE F 46 12.35 12.38 128.10
C PHE F 46 13.35 11.59 128.92
N ASP F 47 13.01 11.41 130.19
CA ASP F 47 13.70 10.42 130.99
C ASP F 47 13.11 9.10 130.55
N LEU F 48 13.94 8.23 129.99
CA LEU F 48 13.43 7.00 129.40
C LEU F 48 13.56 5.78 130.31
N SER F 49 14.01 6.02 131.53
CA SER F 49 14.32 4.93 132.46
C SER F 49 13.08 4.20 132.93
N HIS F 50 13.27 3.25 133.84
CA HIS F 50 12.15 2.42 134.27
C HIS F 50 11.11 3.22 135.06
N GLY F 51 9.86 3.11 134.64
CA GLY F 51 8.73 3.71 135.33
C GLY F 51 8.85 5.21 135.50
N SER F 52 9.58 5.83 134.58
CA SER F 52 9.75 7.26 134.57
C SER F 52 8.39 7.93 134.47
N ALA F 53 8.15 8.92 135.34
CA ALA F 53 6.89 9.66 135.30
C ALA F 53 6.59 10.20 133.90
N GLN F 54 7.64 10.63 133.21
CA GLN F 54 7.52 11.18 131.87
C GLN F 54 7.02 10.13 130.88
N VAL F 55 7.65 8.95 130.89
CA VAL F 55 7.18 7.79 130.14
C VAL F 55 5.76 7.39 130.54
N LYS F 56 5.51 7.35 131.85
CA LYS F 56 4.25 6.84 132.41
C LYS F 56 3.06 7.69 132.02
N GLY F 57 3.29 9.00 131.98
CA GLY F 57 2.25 9.94 131.63
C GLY F 57 2.02 9.94 130.13
N HIS F 58 3.10 9.99 129.37
CA HIS F 58 3.01 9.92 127.93
C HIS F 58 2.19 8.71 127.47
N GLY F 59 2.34 7.59 128.17
CA GLY F 59 1.57 6.40 127.91
C GLY F 59 0.08 6.65 128.09
N LYS F 60 -0.27 7.54 129.03
CA LYS F 60 -1.66 7.84 129.27
C LYS F 60 -2.20 8.59 128.05
N LYS F 61 -1.34 9.32 127.35
CA LYS F 61 -1.81 10.06 126.18
C LYS F 61 -2.10 9.07 125.08
N VAL F 62 -1.10 8.25 124.77
CA VAL F 62 -1.18 7.21 123.76
C VAL F 62 -2.31 6.23 124.01
N ALA F 63 -2.50 5.87 125.27
CA ALA F 63 -3.63 5.06 125.67
C ALA F 63 -4.94 5.69 125.23
N ASP F 64 -5.03 7.00 125.45
CA ASP F 64 -6.28 7.71 125.28
C ASP F 64 -6.58 7.90 123.82
N ALA F 65 -5.54 8.21 123.05
CA ALA F 65 -5.63 8.24 121.60
C ALA F 65 -6.30 6.94 121.11
N LEU F 66 -5.80 5.81 121.60
CA LEU F 66 -6.33 4.52 121.20
C LEU F 66 -7.78 4.32 121.62
N THR F 67 -8.08 4.67 122.86
CA THR F 67 -9.45 4.54 123.35
C THR F 67 -10.41 5.38 122.52
N ASN F 68 -9.92 6.55 122.11
CA ASN F 68 -10.67 7.45 121.27
C ASN F 68 -11.01 6.70 120.01
N ALA F 69 -9.98 6.06 119.46
CA ALA F 69 -10.11 5.36 118.20
C ALA F 69 -11.20 4.30 118.32
N VAL F 70 -11.22 3.53 119.39
CA VAL F 70 -12.25 2.50 119.46
C VAL F 70 -13.61 3.14 119.80
N ALA F 71 -13.55 4.31 120.45
CA ALA F 71 -14.75 5.08 120.79
C ALA F 71 -15.50 5.49 119.51
N HIS F 72 -14.81 6.08 118.54
CA HIS F 72 -15.40 6.11 117.23
C HIS F 72 -14.48 5.34 116.32
N VAL F 73 -14.77 4.06 116.14
CA VAL F 73 -13.86 3.26 115.34
C VAL F 73 -14.40 3.28 113.93
N ASP F 74 -15.65 3.71 113.80
CA ASP F 74 -16.27 3.67 112.48
C ASP F 74 -15.88 4.87 111.65
N ASP F 75 -15.35 5.90 112.29
CA ASP F 75 -14.55 6.87 111.58
C ASP F 75 -13.26 7.09 112.35
N MET F 76 -12.17 6.46 111.97
CA MET F 76 -10.91 6.80 112.60
C MET F 76 -10.23 8.08 112.12
N PRO F 77 -10.21 8.36 110.80
CA PRO F 77 -9.35 9.47 110.38
C PRO F 77 -9.85 10.84 110.86
N ASN F 78 -11.15 11.05 110.95
CA ASN F 78 -11.63 12.26 111.61
C ASN F 78 -11.17 12.34 113.07
N ALA F 79 -11.40 11.26 113.82
CA ALA F 79 -10.99 11.18 115.20
C ALA F 79 -9.50 11.42 115.35
N LEU F 80 -8.70 10.76 114.52
CA LEU F 80 -7.26 10.83 114.68
C LEU F 80 -6.62 11.94 113.88
N SER F 81 -7.45 12.73 113.22
CA SER F 81 -7.01 13.78 112.30
C SER F 81 -5.92 14.70 112.86
N ALA F 82 -6.15 15.26 114.04
CA ALA F 82 -5.16 16.14 114.62
C ALA F 82 -3.86 15.37 114.90
N LEU F 83 -3.98 14.06 115.12
CA LEU F 83 -2.82 13.20 115.26
C LEU F 83 -2.19 12.78 113.89
N SER F 84 -3.00 12.76 112.83
CA SER F 84 -2.47 12.50 111.49
C SER F 84 -1.31 13.44 111.29
N ASP F 85 -1.61 14.72 111.47
CA ASP F 85 -0.74 15.82 111.10
C ASP F 85 0.42 15.94 112.07
N LEU F 86 0.20 15.53 113.29
CA LEU F 86 1.23 15.72 114.29
C LEU F 86 2.43 14.83 114.00
N HIS F 87 2.18 13.56 113.72
CA HIS F 87 3.26 12.62 113.49
C HIS F 87 3.76 12.77 112.07
N ALA F 88 2.84 12.89 111.12
CA ALA F 88 3.24 12.96 109.74
C ALA F 88 4.15 14.16 109.53
N HIS F 89 3.66 15.35 109.84
CA HIS F 89 4.31 16.60 109.43
C HIS F 89 5.27 17.18 110.45
N LYS F 90 4.73 17.57 111.61
CA LYS F 90 5.52 18.26 112.62
C LYS F 90 6.66 17.36 113.10
N LEU F 91 6.30 16.18 113.60
CA LEU F 91 7.24 15.25 114.23
C LEU F 91 8.02 14.38 113.25
N ARG F 92 7.49 14.22 112.03
CA ARG F 92 8.04 13.32 111.01
C ARG F 92 8.53 11.97 111.56
N VAL F 93 7.59 11.10 111.94
CA VAL F 93 7.94 9.79 112.46
C VAL F 93 8.00 8.74 111.35
N ASP F 94 9.14 8.07 111.19
CA ASP F 94 9.29 7.09 110.12
C ASP F 94 8.32 5.92 110.29
N PRO F 95 7.42 5.73 109.30
CA PRO F 95 6.32 4.76 109.36
C PRO F 95 6.69 3.35 109.85
N VAL F 96 7.97 3.00 109.78
CA VAL F 96 8.42 1.72 110.32
C VAL F 96 8.25 1.68 111.85
N ASN F 97 8.26 2.85 112.48
CA ASN F 97 8.33 2.89 113.93
C ASN F 97 6.99 2.49 114.54
N PHE F 98 5.91 2.86 113.86
CA PHE F 98 4.56 2.54 114.33
C PHE F 98 4.36 1.02 114.40
N LYS F 99 5.01 0.29 113.50
CA LYS F 99 4.84 -1.15 113.44
C LYS F 99 5.58 -1.87 114.60
N LEU F 100 6.64 -1.22 115.10
CA LEU F 100 7.26 -1.64 116.33
C LEU F 100 6.27 -1.52 117.50
N LEU F 101 5.84 -0.29 117.74
CA LEU F 101 4.96 -0.04 118.86
C LEU F 101 3.68 -0.82 118.68
N SER F 102 3.25 -1.02 117.43
CA SER F 102 2.08 -1.84 117.15
C SER F 102 2.27 -3.20 117.80
N HIS F 103 3.47 -3.73 117.62
CA HIS F 103 3.81 -5.06 118.09
C HIS F 103 4.03 -5.07 119.60
N CYS F 104 4.79 -4.11 120.10
CA CYS F 104 4.90 -3.96 121.54
C CYS F 104 3.50 -3.86 122.20
N LEU F 105 2.57 -3.11 121.58
CA LEU F 105 1.21 -3.06 122.09
C LEU F 105 0.51 -4.41 122.01
N LEU F 106 0.98 -5.27 121.10
CA LEU F 106 0.44 -6.62 120.99
C LEU F 106 1.08 -7.56 122.01
N VAL F 107 2.39 -7.44 122.19
CA VAL F 107 3.08 -8.19 123.24
C VAL F 107 2.48 -7.85 124.60
N THR F 108 2.31 -6.56 124.85
CA THR F 108 1.77 -6.04 126.12
C THR F 108 0.38 -6.56 126.44
N LEU F 109 -0.54 -6.43 125.49
CA LEU F 109 -1.89 -6.94 125.68
C LEU F 109 -1.88 -8.45 125.90
N ALA F 110 -0.97 -9.14 125.23
CA ALA F 110 -0.89 -10.58 125.39
C ALA F 110 -0.61 -10.89 126.84
N ALA F 111 0.49 -10.34 127.36
CA ALA F 111 0.91 -10.61 128.73
C ALA F 111 -0.21 -10.41 129.76
N HIS F 112 -0.90 -9.27 129.68
CA HIS F 112 -1.88 -8.94 130.71
C HIS F 112 -3.22 -9.61 130.48
N LEU F 113 -3.50 -10.12 129.29
CA LEU F 113 -4.84 -10.60 129.03
C LEU F 113 -4.97 -11.95 128.37
N PRO F 114 -4.36 -12.99 128.97
CA PRO F 114 -4.33 -14.30 128.32
C PRO F 114 -5.66 -14.79 127.78
N ALA F 115 -6.76 -14.59 128.48
CA ALA F 115 -8.00 -15.23 128.06
C ALA F 115 -8.66 -14.66 126.81
N GLU F 116 -8.44 -13.38 126.49
CA GLU F 116 -9.12 -12.73 125.34
C GLU F 116 -8.28 -12.76 124.06
N PHE F 117 -7.04 -13.19 124.18
CA PHE F 117 -6.04 -13.10 123.13
C PHE F 117 -6.13 -14.28 122.14
N THR F 118 -7.29 -14.92 122.12
CA THR F 118 -7.60 -15.95 121.14
C THR F 118 -7.21 -15.48 119.78
N PRO F 119 -6.84 -16.41 118.86
CA PRO F 119 -6.36 -16.01 117.54
C PRO F 119 -7.27 -15.01 116.84
N ALA F 120 -8.59 -15.26 116.83
CA ALA F 120 -9.56 -14.32 116.26
C ALA F 120 -9.34 -12.88 116.72
N VAL F 121 -9.02 -12.68 117.99
CA VAL F 121 -8.84 -11.32 118.49
C VAL F 121 -7.49 -10.81 118.06
N HIS F 122 -6.52 -11.71 118.05
CA HIS F 122 -5.17 -11.35 117.65
C HIS F 122 -5.17 -10.75 116.24
N ALA F 123 -6.04 -11.32 115.40
CA ALA F 123 -6.30 -10.81 114.08
C ALA F 123 -6.78 -9.35 114.14
N SER F 124 -8.00 -9.15 114.65
CA SER F 124 -8.63 -7.85 114.64
C SER F 124 -7.91 -6.86 115.53
N LEU F 125 -7.13 -7.31 116.48
CA LEU F 125 -6.40 -6.32 117.28
C LEU F 125 -5.29 -5.76 116.42
N ASP F 126 -4.72 -6.62 115.58
CA ASP F 126 -3.60 -6.24 114.71
C ASP F 126 -4.06 -5.36 113.55
N LYS F 127 -5.22 -5.72 113.00
CA LYS F 127 -5.85 -4.93 111.97
C LYS F 127 -6.10 -3.55 112.55
N PHE F 128 -6.70 -3.52 113.74
CA PHE F 128 -6.97 -2.25 114.41
C PHE F 128 -5.71 -1.39 114.56
N LEU F 129 -4.63 -1.90 115.14
CA LEU F 129 -3.41 -1.09 115.16
C LEU F 129 -2.83 -0.86 113.76
N ALA F 130 -3.06 -1.78 112.83
CA ALA F 130 -2.71 -1.51 111.45
C ALA F 130 -3.48 -0.25 111.04
N SER F 131 -4.81 -0.38 111.02
CA SER F 131 -5.69 0.68 110.59
C SER F 131 -5.31 2.00 111.24
N VAL F 132 -4.98 1.98 112.52
CA VAL F 132 -4.58 3.22 113.17
C VAL F 132 -3.18 3.62 112.70
N SER F 133 -2.24 2.67 112.74
CA SER F 133 -0.84 3.03 112.48
C SER F 133 -0.70 3.54 111.06
N THR F 134 -1.59 3.09 110.17
CA THR F 134 -1.67 3.66 108.84
C THR F 134 -2.05 5.13 108.84
N VAL F 135 -3.19 5.46 109.47
CA VAL F 135 -3.81 6.80 109.42
C VAL F 135 -2.85 7.91 109.85
N LEU F 136 -2.00 7.61 110.82
CA LEU F 136 -0.99 8.56 111.25
C LEU F 136 0.07 8.74 110.18
N THR F 137 0.45 7.64 109.55
CA THR F 137 1.49 7.67 108.53
C THR F 137 1.10 8.16 107.11
N SER F 138 -0.16 8.00 106.70
CA SER F 138 -0.51 8.21 105.32
C SER F 138 -0.32 9.65 104.87
N LYS F 139 -0.09 10.57 105.79
CA LYS F 139 0.23 11.96 105.42
C LYS F 139 1.74 12.20 105.42
N TYR F 140 2.50 11.14 105.57
CA TYR F 140 3.95 11.24 105.46
C TYR F 140 4.27 11.74 104.04
N ARG F 141 5.42 12.39 103.85
CA ARG F 141 5.87 12.83 102.53
C ARG F 141 7.32 13.25 102.64
N VAL G 1 24.03 -12.09 117.26
CA VAL G 1 24.51 -10.86 117.88
C VAL G 1 24.96 -11.19 119.32
N HIS G 2 25.65 -10.24 119.95
CA HIS G 2 26.10 -10.39 121.35
C HIS G 2 24.92 -10.39 122.30
N LEU G 3 25.04 -11.16 123.38
CA LEU G 3 24.02 -11.21 124.41
C LEU G 3 24.65 -11.21 125.78
N THR G 4 24.22 -10.29 126.64
CA THR G 4 24.68 -10.26 128.04
C THR G 4 24.34 -11.59 128.70
N PRO G 5 25.24 -12.09 129.56
CA PRO G 5 25.02 -13.38 130.24
C PRO G 5 23.66 -13.50 130.94
N GLU G 6 23.19 -12.43 131.59
CA GLU G 6 21.90 -12.45 132.25
C GLU G 6 20.75 -12.33 131.25
N GLU G 7 21.07 -11.89 130.03
CA GLU G 7 20.08 -11.98 128.96
C GLU G 7 19.91 -13.42 128.57
N LYS G 8 21.03 -14.06 128.23
CA LYS G 8 21.01 -15.46 127.80
C LYS G 8 20.46 -16.35 128.91
N SER G 9 20.75 -15.98 130.14
CA SER G 9 20.29 -16.77 131.28
C SER G 9 18.79 -16.65 131.45
N ALA G 10 18.27 -15.43 131.34
CA ALA G 10 16.84 -15.19 131.43
C ALA G 10 16.13 -15.82 130.25
N VAL G 11 16.80 -15.80 129.10
CA VAL G 11 16.28 -16.40 127.87
C VAL G 11 16.20 -17.91 127.98
N THR G 12 17.32 -18.56 128.30
CA THR G 12 17.35 -20.02 128.28
C THR G 12 16.43 -20.58 129.36
N ALA G 13 16.48 -19.96 130.54
CA ALA G 13 15.67 -20.39 131.68
C ALA G 13 14.19 -20.32 131.34
N LEU G 14 13.81 -19.32 130.56
CA LEU G 14 12.42 -19.19 130.16
C LEU G 14 12.11 -20.25 129.11
N TRP G 15 13.03 -20.43 128.18
CA TRP G 15 12.85 -21.39 127.08
C TRP G 15 12.65 -22.80 127.65
N GLY G 16 13.27 -23.05 128.81
CA GLY G 16 13.02 -24.28 129.54
C GLY G 16 11.54 -24.54 129.80
N LYS G 17 10.83 -23.53 130.26
CA LYS G 17 9.41 -23.70 130.60
C LYS G 17 8.50 -23.79 129.37
N VAL G 18 9.05 -23.60 128.19
CA VAL G 18 8.24 -23.56 126.98
C VAL G 18 7.80 -24.95 126.54
N ASN G 19 6.48 -25.16 126.42
CA ASN G 19 5.97 -26.46 125.97
C ASN G 19 6.35 -26.74 124.51
N VAL G 20 7.11 -27.81 124.28
CA VAL G 20 7.67 -28.04 122.95
C VAL G 20 6.73 -28.85 122.09
N ASP G 21 5.63 -29.32 122.65
CA ASP G 21 4.65 -30.03 121.84
C ASP G 21 3.52 -29.10 121.41
N GLU G 22 3.53 -27.86 121.90
CA GLU G 22 2.44 -26.91 121.59
C GLU G 22 2.84 -25.53 121.02
N VAL G 23 3.67 -24.80 121.76
CA VAL G 23 4.00 -23.41 121.43
C VAL G 23 4.34 -23.17 119.97
N GLY G 24 5.28 -23.94 119.44
CA GLY G 24 5.69 -23.75 118.07
C GLY G 24 4.55 -23.81 117.08
N GLY G 25 3.62 -24.72 117.31
CA GLY G 25 2.50 -24.91 116.42
C GLY G 25 1.51 -23.79 116.60
N GLU G 26 1.44 -23.26 117.81
CA GLU G 26 0.53 -22.14 118.01
C GLU G 26 1.05 -20.89 117.34
N ALA G 27 2.38 -20.69 117.36
CA ALA G 27 2.99 -19.53 116.73
C ALA G 27 2.71 -19.63 115.26
N LEU G 28 2.80 -20.83 114.71
CA LEU G 28 2.65 -20.97 113.25
C LEU G 28 1.24 -20.68 112.82
N GLY G 29 0.27 -21.28 113.51
CA GLY G 29 -1.13 -21.13 113.18
C GLY G 29 -1.65 -19.71 113.34
N ARG G 30 -0.99 -18.90 114.17
CA ARG G 30 -1.44 -17.54 114.30
C ARG G 30 -0.97 -16.75 113.09
N LEU G 31 0.29 -16.93 112.73
CA LEU G 31 0.79 -16.41 111.47
C LEU G 31 -0.10 -16.68 110.26
N LEU G 32 -0.58 -17.92 110.14
CA LEU G 32 -1.50 -18.25 109.08
C LEU G 32 -2.75 -17.37 109.16
N VAL G 33 -3.19 -17.09 110.38
CA VAL G 33 -4.44 -16.36 110.60
C VAL G 33 -4.30 -14.86 110.50
N VAL G 34 -3.24 -14.32 111.09
CA VAL G 34 -3.00 -12.87 111.15
C VAL G 34 -2.50 -12.26 109.81
N TYR G 35 -1.63 -13.01 109.10
CA TYR G 35 -1.09 -12.60 107.83
C TYR G 35 -1.45 -13.61 106.77
N PRO G 36 -2.72 -13.63 106.35
CA PRO G 36 -3.25 -14.78 105.59
C PRO G 36 -2.48 -15.18 104.34
N TRP G 37 -1.61 -14.34 103.81
CA TRP G 37 -0.93 -14.70 102.55
C TRP G 37 0.10 -15.82 102.71
N THR G 38 0.51 -16.10 103.94
CA THR G 38 1.45 -17.20 104.13
C THR G 38 0.75 -18.53 103.94
N GLN G 39 -0.58 -18.53 104.02
CA GLN G 39 -1.35 -19.75 103.85
C GLN G 39 -1.01 -20.43 102.54
N ARG G 40 -0.57 -19.63 101.60
CA ARG G 40 -0.23 -20.04 100.25
C ARG G 40 0.78 -21.19 100.18
N PHE G 41 1.71 -21.17 101.12
CA PHE G 41 2.78 -22.14 101.20
C PHE G 41 2.33 -23.44 101.90
N PHE G 42 1.38 -23.30 102.81
CA PHE G 42 0.89 -24.39 103.62
C PHE G 42 -0.46 -25.03 103.27
N GLU G 43 -1.18 -24.59 102.23
CA GLU G 43 -2.55 -25.09 102.03
C GLU G 43 -2.66 -26.61 101.86
N SER G 44 -1.52 -27.28 101.66
CA SER G 44 -1.42 -28.73 101.68
C SER G 44 -1.88 -29.33 103.01
N PHE G 45 -1.99 -28.49 104.04
CA PHE G 45 -2.34 -28.95 105.37
C PHE G 45 -3.75 -29.48 105.45
N GLY G 46 -4.68 -28.74 104.87
CA GLY G 46 -6.08 -29.08 105.03
C GLY G 46 -6.79 -27.76 104.97
N ASP G 47 -7.95 -27.65 105.61
CA ASP G 47 -8.64 -26.36 105.67
C ASP G 47 -7.86 -25.39 106.54
N LEU G 48 -7.44 -24.29 105.93
CA LEU G 48 -6.83 -23.17 106.62
C LEU G 48 -7.71 -21.91 106.77
N SER G 49 -9.00 -22.00 106.45
CA SER G 49 -9.85 -20.80 106.31
C SER G 49 -10.19 -20.07 107.62
N THR G 50 -10.89 -20.78 108.50
CA THR G 50 -11.22 -20.28 109.83
C THR G 50 -10.01 -20.33 110.76
N PRO G 51 -10.03 -19.55 111.86
CA PRO G 51 -8.93 -19.70 112.84
C PRO G 51 -8.97 -21.03 113.62
N ASP G 52 -10.16 -21.58 113.82
CA ASP G 52 -10.28 -22.82 114.56
C ASP G 52 -9.73 -23.97 113.76
N ALA G 53 -10.03 -23.98 112.47
CA ALA G 53 -9.49 -25.02 111.60
C ALA G 53 -7.99 -24.96 111.66
N VAL G 54 -7.43 -23.78 111.45
CA VAL G 54 -5.98 -23.64 111.47
C VAL G 54 -5.39 -24.12 112.76
N MET G 55 -5.95 -23.63 113.86
CA MET G 55 -5.41 -23.95 115.18
C MET G 55 -5.59 -25.44 115.47
N GLY G 56 -6.71 -26.00 114.99
CA GLY G 56 -6.99 -27.40 115.18
C GLY G 56 -6.26 -28.35 114.26
N ASN G 57 -6.04 -27.94 113.01
CA ASN G 57 -5.54 -28.86 111.98
C ASN G 57 -4.24 -29.53 112.44
N PRO G 58 -4.25 -30.88 112.54
CA PRO G 58 -3.16 -31.64 113.17
C PRO G 58 -1.85 -31.51 112.45
N LYS G 59 -1.86 -31.11 111.19
CA LYS G 59 -0.59 -31.01 110.48
C LYS G 59 0.09 -29.71 110.85
N VAL G 60 -0.70 -28.78 111.41
CA VAL G 60 -0.18 -27.46 111.73
C VAL G 60 0.72 -27.53 112.95
N LYS G 61 0.26 -28.15 114.03
CA LYS G 61 1.08 -28.17 115.23
C LYS G 61 2.19 -29.13 114.99
N ALA G 62 1.89 -30.13 114.18
CA ALA G 62 2.87 -31.13 113.78
C ALA G 62 4.02 -30.40 113.13
N HIS G 63 3.66 -29.46 112.26
CA HIS G 63 4.63 -28.64 111.60
C HIS G 63 5.31 -27.66 112.54
N GLY G 64 4.52 -26.92 113.30
CA GLY G 64 5.06 -25.96 114.26
C GLY G 64 6.18 -26.52 115.12
N LYS G 65 6.04 -27.79 115.52
CA LYS G 65 7.00 -28.45 116.38
C LYS G 65 8.38 -28.38 115.73
N LYS G 66 8.44 -28.84 114.49
CA LYS G 66 9.66 -28.85 113.71
C LYS G 66 10.26 -27.46 113.61
N VAL G 67 9.38 -26.46 113.50
CA VAL G 67 9.76 -25.05 113.43
C VAL G 67 10.25 -24.56 114.75
N LEU G 68 9.51 -24.94 115.79
CA LEU G 68 9.86 -24.60 117.15
C LEU G 68 11.20 -25.20 117.49
N GLY G 69 11.37 -26.45 117.08
CA GLY G 69 12.64 -27.11 117.22
C GLY G 69 13.67 -26.25 116.52
N ALA G 70 13.45 -25.94 115.24
CA ALA G 70 14.38 -25.11 114.48
C ALA G 70 14.79 -23.86 115.26
N PHE G 71 13.86 -23.25 115.98
CA PHE G 71 14.21 -22.14 116.87
C PHE G 71 15.03 -22.61 118.09
N SER G 72 14.76 -23.81 118.61
CA SER G 72 15.52 -24.28 119.79
C SER G 72 17.01 -24.36 119.43
N ASP G 73 17.29 -24.76 118.19
CA ASP G 73 18.66 -24.93 117.71
C ASP G 73 19.37 -23.58 117.74
N GLY G 74 18.60 -22.51 117.54
CA GLY G 74 19.15 -21.17 117.55
C GLY G 74 19.69 -20.83 118.93
N LEU G 75 18.83 -20.94 119.93
CA LEU G 75 19.20 -20.68 121.31
C LEU G 75 20.38 -21.55 121.73
N ALA G 76 20.47 -22.74 121.12
CA ALA G 76 21.58 -23.65 121.38
C ALA G 76 22.90 -23.02 120.94
N HIS G 77 23.01 -22.69 119.67
CA HIS G 77 24.23 -22.02 119.23
C HIS G 77 23.91 -20.64 118.63
N LEU G 78 24.12 -19.60 119.44
CA LEU G 78 23.75 -18.23 119.06
C LEU G 78 24.91 -17.49 118.42
N ASP G 79 26.09 -18.06 118.51
CA ASP G 79 27.26 -17.48 117.87
C ASP G 79 27.37 -17.87 116.38
N ASN G 80 27.07 -19.13 116.08
CA ASN G 80 26.94 -19.61 114.72
C ASN G 80 25.49 -19.69 114.19
N LEU G 81 24.71 -18.63 114.37
CA LEU G 81 23.39 -18.58 113.77
C LEU G 81 23.34 -18.81 112.26
N LYS G 82 24.26 -18.19 111.53
CA LYS G 82 24.33 -18.32 110.07
C LYS G 82 24.41 -19.78 109.71
N GLY G 83 25.40 -20.44 110.27
CA GLY G 83 25.67 -21.84 109.96
C GLY G 83 24.58 -22.82 110.35
N THR G 84 23.99 -22.61 111.52
CA THR G 84 22.97 -23.52 112.02
C THR G 84 21.80 -23.56 111.05
N PHE G 85 21.44 -22.38 110.54
CA PHE G 85 20.35 -22.22 109.59
C PHE G 85 20.79 -22.19 108.15
N ALA G 86 22.09 -22.39 107.92
CA ALA G 86 22.65 -22.29 106.56
C ALA G 86 21.88 -23.16 105.59
N THR G 87 21.63 -24.41 105.97
CA THR G 87 20.83 -25.27 105.12
C THR G 87 19.38 -24.81 105.09
N LEU G 88 18.78 -24.58 106.27
CA LEU G 88 17.40 -24.08 106.29
C LEU G 88 17.24 -22.85 105.39
N SER G 89 18.28 -22.02 105.34
CA SER G 89 18.26 -20.82 104.53
C SER G 89 18.09 -21.20 103.06
N GLU G 90 18.65 -22.35 102.70
CA GLU G 90 18.61 -22.83 101.32
C GLU G 90 17.19 -23.28 100.98
N LEU G 91 16.53 -23.93 101.94
CA LEU G 91 15.19 -24.45 101.70
C LEU G 91 14.25 -23.31 101.35
N HIS G 92 14.27 -22.24 102.15
CA HIS G 92 13.34 -21.14 101.99
C HIS G 92 13.72 -20.18 100.85
N CYS G 93 15.00 -19.78 100.81
CA CYS G 93 15.43 -18.79 99.81
C CYS G 93 15.67 -19.36 98.40
N ASP G 94 16.44 -20.44 98.31
CA ASP G 94 16.81 -20.97 97.01
C ASP G 94 15.75 -21.87 96.38
N LYS G 95 15.15 -22.77 97.17
CA LYS G 95 14.11 -23.65 96.65
C LYS G 95 12.69 -23.05 96.64
N LEU G 96 12.33 -22.44 97.77
CA LEU G 96 10.97 -21.90 98.05
C LEU G 96 10.70 -20.47 97.62
N HIS G 97 11.68 -19.60 97.83
CA HIS G 97 11.56 -18.15 97.57
C HIS G 97 10.54 -17.50 98.49
N VAL G 98 10.61 -17.86 99.76
CA VAL G 98 9.88 -17.14 100.81
C VAL G 98 10.48 -15.74 100.91
N ASP G 99 9.63 -14.71 101.02
CA ASP G 99 10.10 -13.35 101.20
C ASP G 99 10.57 -13.20 102.62
N PRO G 100 11.83 -12.75 102.83
CA PRO G 100 12.51 -12.76 104.13
C PRO G 100 11.76 -12.00 105.21
N GLU G 101 10.78 -11.22 104.78
CA GLU G 101 9.99 -10.47 105.72
C GLU G 101 9.10 -11.36 106.51
N ASN G 102 8.74 -12.52 105.97
CA ASN G 102 7.83 -13.40 106.70
C ASN G 102 8.53 -14.22 107.80
N PHE G 103 9.86 -14.21 107.79
CA PHE G 103 10.61 -14.80 108.88
C PHE G 103 10.43 -13.99 110.15
N ARG G 104 10.55 -12.69 110.02
CA ARG G 104 10.45 -11.82 111.17
C ARG G 104 9.01 -11.71 111.61
N LEU G 105 8.13 -11.62 110.63
CA LEU G 105 6.71 -11.65 110.90
C LEU G 105 6.40 -12.86 111.75
N LEU G 106 6.99 -14.01 111.45
CA LEU G 106 6.76 -15.24 112.24
C LEU G 106 7.49 -15.25 113.58
N GLY G 107 8.73 -14.76 113.59
CA GLY G 107 9.48 -14.64 114.83
C GLY G 107 8.76 -13.76 115.85
N ASN G 108 8.14 -12.70 115.35
CA ASN G 108 7.31 -11.83 116.19
C ASN G 108 6.05 -12.51 116.69
N VAL G 109 5.32 -13.24 115.84
CA VAL G 109 4.11 -13.89 116.29
C VAL G 109 4.54 -14.91 117.32
N LEU G 110 5.76 -15.42 117.18
CA LEU G 110 6.28 -16.31 118.21
C LEU G 110 6.39 -15.54 119.54
N VAL G 111 7.11 -14.41 119.53
CA VAL G 111 7.24 -13.56 120.73
C VAL G 111 5.90 -13.17 121.32
N CYS G 112 4.90 -12.93 120.49
CA CYS G 112 3.54 -12.75 120.97
C CYS G 112 3.00 -13.95 121.77
N VAL G 113 3.19 -15.14 121.20
CA VAL G 113 2.72 -16.38 121.82
C VAL G 113 3.50 -16.69 123.10
N LEU G 114 4.80 -16.39 123.09
CA LEU G 114 5.62 -16.42 124.30
C LEU G 114 5.02 -15.55 125.41
N ALA G 115 4.73 -14.30 125.05
CA ALA G 115 4.18 -13.38 126.00
C ALA G 115 2.79 -13.88 126.45
N HIS G 116 2.07 -14.56 125.56
CA HIS G 116 0.76 -15.08 125.93
C HIS G 116 0.82 -16.16 127.00
N HIS G 117 1.74 -17.09 126.89
CA HIS G 117 1.81 -18.16 127.89
C HIS G 117 2.41 -17.63 129.20
N PHE G 118 3.46 -16.82 129.12
CA PHE G 118 4.20 -16.46 130.32
C PHE G 118 3.81 -15.18 131.05
N GLY G 119 2.76 -14.48 130.62
CA GLY G 119 2.22 -13.34 131.35
C GLY G 119 3.27 -12.33 131.79
N LYS G 120 3.08 -11.79 132.98
CA LYS G 120 3.95 -10.77 133.56
C LYS G 120 5.39 -11.20 133.64
N GLU G 121 5.61 -12.50 133.55
CA GLU G 121 6.92 -13.12 133.70
C GLU G 121 7.73 -12.94 132.42
N PHE G 122 7.03 -12.58 131.33
CA PHE G 122 7.75 -12.24 130.10
C PHE G 122 7.96 -10.74 130.15
N THR G 123 9.14 -10.36 130.63
CA THR G 123 9.39 -8.99 131.07
C THR G 123 10.00 -8.18 129.95
N PRO G 124 9.85 -6.85 130.01
CA PRO G 124 10.46 -6.01 128.96
C PRO G 124 11.94 -6.32 128.67
N PRO G 125 12.77 -6.59 129.71
CA PRO G 125 14.15 -7.00 129.37
C PRO G 125 14.23 -8.36 128.66
N VAL G 126 13.35 -9.29 129.03
CA VAL G 126 13.35 -10.62 128.43
C VAL G 126 12.89 -10.59 126.96
N GLN G 127 11.82 -9.85 126.67
CA GLN G 127 11.43 -9.60 125.29
C GLN G 127 12.60 -8.98 124.53
N ALA G 128 13.14 -7.89 125.05
CA ALA G 128 14.27 -7.22 124.43
C ALA G 128 15.42 -8.19 124.12
N ALA G 129 15.61 -9.18 124.98
CA ALA G 129 16.59 -10.21 124.69
C ALA G 129 16.09 -11.11 123.58
N TYR G 130 14.82 -11.52 123.66
CA TYR G 130 14.29 -12.42 122.63
C TYR G 130 14.17 -11.73 121.29
N GLN G 131 13.95 -10.42 121.32
CA GLN G 131 13.89 -9.66 120.08
C GLN G 131 15.19 -9.83 119.33
N LYS G 132 16.31 -9.79 120.04
CA LYS G 132 17.61 -10.01 119.43
C LYS G 132 17.63 -11.39 118.77
N VAL G 133 16.99 -12.34 119.44
CA VAL G 133 16.98 -13.72 118.97
C VAL G 133 16.14 -13.95 117.72
N VAL G 134 14.88 -13.53 117.71
CA VAL G 134 14.06 -13.82 116.54
C VAL G 134 14.49 -13.00 115.36
N ALA G 135 15.29 -11.97 115.61
CA ALA G 135 15.94 -11.24 114.53
C ALA G 135 17.06 -12.11 113.98
N GLY G 136 18.07 -12.38 114.82
CA GLY G 136 19.25 -13.14 114.43
C GLY G 136 18.85 -14.37 113.65
N VAL G 137 17.82 -15.06 114.12
CA VAL G 137 17.25 -16.18 113.37
C VAL G 137 16.74 -15.78 111.98
N ALA G 138 15.85 -14.79 111.96
CA ALA G 138 15.24 -14.34 110.70
C ALA G 138 16.30 -13.94 109.67
N ASN G 139 17.35 -13.24 110.12
CA ASN G 139 18.46 -12.89 109.26
C ASN G 139 19.26 -14.08 108.76
N ALA G 140 19.76 -14.89 109.70
CA ALA G 140 20.51 -16.07 109.33
C ALA G 140 19.70 -16.92 108.37
N LEU G 141 18.39 -17.00 108.61
CA LEU G 141 17.54 -17.80 107.75
C LEU G 141 17.46 -17.17 106.38
N ALA G 142 17.73 -15.87 106.31
CA ALA G 142 17.69 -15.10 105.07
C ALA G 142 19.05 -14.90 104.38
N HIS G 143 20.10 -15.54 104.90
CA HIS G 143 21.48 -15.26 104.49
C HIS G 143 21.82 -15.72 103.05
N LYS G 144 21.18 -16.80 102.60
CA LYS G 144 21.46 -17.35 101.27
C LYS G 144 20.74 -16.52 100.17
N TYR G 145 20.04 -15.47 100.60
CA TYR G 145 19.38 -14.52 99.70
C TYR G 145 20.37 -13.52 99.09
N HIS G 146 21.55 -13.46 99.71
CA HIS G 146 22.70 -12.75 99.15
C HIS G 146 23.97 -13.65 99.27
N CYS H 1 34.27 -11.62 57.09
CA CYS H 1 34.56 -12.81 56.31
C CYS H 1 35.90 -13.41 56.69
N PRO H 2 35.86 -14.56 57.40
CA PRO H 2 36.95 -15.55 57.43
C PRO H 2 37.10 -16.14 56.03
N LYS H 3 37.86 -15.46 55.15
CA LYS H 3 37.73 -15.49 53.70
C LYS H 3 37.47 -16.86 53.10
N PRO H 4 36.48 -16.96 52.19
CA PRO H 4 36.15 -18.23 51.57
C PRO H 4 37.31 -18.70 50.72
N PRO H 5 37.43 -20.01 50.54
CA PRO H 5 38.48 -20.51 49.64
C PRO H 5 38.16 -20.21 48.17
N GLU H 6 39.18 -20.05 47.34
CA GLU H 6 39.00 -19.86 45.90
C GLU H 6 38.71 -21.15 45.15
N ILE H 7 37.96 -21.06 44.06
CA ILE H 7 37.85 -22.19 43.19
C ILE H 7 38.44 -21.80 41.85
N ALA H 8 38.94 -22.80 41.12
CA ALA H 8 39.57 -22.60 39.82
C ALA H 8 38.63 -21.93 38.86
N HIS H 9 39.08 -20.81 38.28
CA HIS H 9 38.32 -20.01 37.31
C HIS H 9 36.98 -19.54 37.84
N GLY H 10 36.92 -19.17 39.10
CA GLY H 10 35.65 -18.75 39.63
C GLY H 10 35.69 -17.68 40.71
N TYR H 11 34.58 -16.99 40.89
CA TYR H 11 34.54 -15.87 41.79
C TYR H 11 33.38 -15.96 42.69
N VAL H 12 33.44 -15.10 43.70
CA VAL H 12 32.55 -15.05 44.83
C VAL H 12 31.67 -13.79 44.83
N GLU H 13 30.38 -13.95 45.10
CA GLU H 13 29.49 -12.81 45.31
C GLU H 13 29.04 -12.71 46.78
N HIS H 14 29.50 -11.68 47.49
CA HIS H 14 29.22 -11.59 48.92
C HIS H 14 27.82 -11.12 49.34
N SER H 15 27.25 -11.77 50.34
CA SER H 15 26.02 -11.27 50.93
C SER H 15 26.24 -11.22 52.41
N VAL H 16 25.51 -10.34 53.11
CA VAL H 16 25.34 -10.42 54.55
C VAL H 16 23.85 -10.39 54.83
N ARG H 17 23.45 -11.08 55.90
CA ARG H 17 22.10 -11.01 56.43
C ARG H 17 22.22 -10.41 57.82
N TYR H 18 21.53 -9.30 58.05
CA TYR H 18 21.57 -8.63 59.35
C TYR H 18 20.59 -9.31 60.25
N GLN H 19 20.99 -9.50 61.50
CA GLN H 19 20.10 -10.03 62.52
C GLN H 19 20.34 -9.29 63.82
N CYS H 20 19.27 -9.08 64.58
CA CYS H 20 19.33 -8.33 65.83
C CYS H 20 19.54 -9.29 67.00
N LYS H 21 20.40 -8.89 67.94
CA LYS H 21 20.77 -9.80 69.03
C LYS H 21 19.61 -10.05 69.98
N ASN H 22 19.92 -10.80 71.02
CA ASN H 22 18.93 -11.20 71.99
C ASN H 22 18.17 -10.02 72.59
N TYR H 23 16.87 -10.22 72.74
CA TYR H 23 15.90 -9.24 73.25
C TYR H 23 15.74 -7.99 72.34
N TYR H 24 16.17 -8.08 71.07
CA TYR H 24 16.02 -7.00 70.09
C TYR H 24 15.30 -7.46 68.84
N LYS H 25 15.11 -6.56 67.88
CA LYS H 25 14.28 -6.88 66.73
C LYS H 25 14.68 -6.08 65.47
N LEU H 26 14.56 -6.67 64.27
CA LEU H 26 14.84 -5.93 63.03
C LEU H 26 13.80 -4.88 62.68
N ARG H 27 14.23 -3.65 62.44
CA ARG H 27 13.32 -2.67 61.88
C ARG H 27 13.79 -2.21 60.49
N THR H 28 13.10 -2.67 59.44
CA THR H 28 13.24 -2.17 58.07
C THR H 28 12.45 -3.02 57.06
N GLU H 29 12.22 -2.46 55.86
CA GLU H 29 11.33 -3.08 54.85
C GLU H 29 11.88 -3.90 53.65
N GLY H 30 13.18 -4.09 53.47
CA GLY H 30 14.13 -4.35 54.54
C GLY H 30 14.05 -5.80 54.95
N ASP H 31 14.16 -6.70 53.95
CA ASP H 31 14.18 -8.14 54.17
C ASP H 31 15.50 -8.55 54.79
N GLY H 32 16.41 -7.58 54.90
CA GLY H 32 17.58 -7.75 55.75
C GLY H 32 18.86 -8.12 55.05
N VAL H 33 18.78 -8.71 53.86
CA VAL H 33 19.99 -9.15 53.17
C VAL H 33 20.65 -8.01 52.42
N TYR H 34 21.98 -8.03 52.33
CA TYR H 34 22.68 -6.97 51.61
C TYR H 34 23.83 -7.54 50.76
N THR H 35 23.78 -7.35 49.44
CA THR H 35 24.76 -7.95 48.51
C THR H 35 25.86 -6.99 48.07
N LEU H 36 27.09 -7.45 48.02
CA LEU H 36 28.19 -6.56 47.64
C LEU H 36 28.21 -6.27 46.12
N ASN H 37 28.64 -5.06 45.76
CA ASN H 37 28.56 -4.55 44.39
C ASN H 37 29.82 -4.76 43.55
N ASN H 38 29.77 -4.43 42.28
CA ASN H 38 31.02 -4.24 41.57
C ASN H 38 31.50 -2.84 41.95
N GLU H 39 30.54 -2.05 42.41
CA GLU H 39 30.76 -0.73 42.98
C GLU H 39 31.19 -0.87 44.44
N LYS H 40 31.32 -2.13 44.88
CA LYS H 40 31.71 -2.46 46.24
C LYS H 40 30.89 -1.68 47.27
N GLN H 41 29.62 -1.61 46.95
CA GLN H 41 28.59 -1.05 47.80
C GLN H 41 27.76 -2.18 48.44
N TRP H 42 27.20 -1.95 49.62
CA TRP H 42 26.39 -2.97 50.30
C TRP H 42 24.93 -2.69 50.09
N ILE H 43 24.26 -3.50 49.27
CA ILE H 43 22.95 -3.09 48.72
C ILE H 43 21.77 -4.06 48.87
N ASN H 44 20.76 -3.65 49.65
CA ASN H 44 19.50 -4.40 49.69
C ASN H 44 18.54 -3.98 48.60
N LYS H 45 18.12 -4.96 47.79
CA LYS H 45 17.33 -4.66 46.61
C LYS H 45 15.96 -4.01 46.91
N ALA H 46 15.61 -3.88 48.17
CA ALA H 46 14.38 -3.20 48.53
C ALA H 46 14.64 -1.76 49.01
N VAL H 47 15.46 -1.63 50.05
CA VAL H 47 15.81 -0.34 50.61
C VAL H 47 17.16 0.21 50.14
N GLY H 48 17.87 -0.53 49.30
CA GLY H 48 19.14 -0.01 48.81
C GLY H 48 20.29 0.10 49.79
N ASP H 49 20.69 1.34 49.99
CA ASP H 49 21.84 1.74 50.81
C ASP H 49 21.53 1.79 52.32
N LYS H 50 20.25 1.71 52.68
CA LYS H 50 19.86 1.97 54.06
C LYS H 50 19.96 0.71 54.92
N LEU H 51 20.68 0.82 56.02
CA LEU H 51 20.81 -0.31 56.92
C LEU H 51 19.54 -0.48 57.75
N PRO H 52 19.40 -1.64 58.43
CA PRO H 52 18.37 -1.73 59.47
C PRO H 52 18.90 -1.26 60.83
N GLU H 53 18.00 -1.16 61.80
CA GLU H 53 18.38 -0.79 63.16
C GLU H 53 17.75 -1.80 64.09
N CYS H 54 18.33 -2.02 65.26
CA CYS H 54 17.77 -3.00 66.15
C CYS H 54 16.94 -2.36 67.30
N GLU H 55 15.66 -2.70 67.34
CA GLU H 55 14.71 -2.10 68.26
C GLU H 55 14.26 -3.08 69.37
N ALA H 56 14.30 -2.63 70.62
CA ALA H 56 14.00 -3.51 71.74
C ALA H 56 12.57 -4.05 71.69
N VAL H 57 12.43 -5.31 72.08
CA VAL H 57 11.13 -5.93 72.22
C VAL H 57 10.57 -5.47 73.54
N CYS H 58 9.24 -5.52 73.69
CA CYS H 58 8.58 -5.18 74.96
C CYS H 58 7.49 -6.21 75.31
N GLY H 59 7.36 -6.58 76.58
CA GLY H 59 6.30 -7.50 76.94
C GLY H 59 6.68 -8.95 76.76
N LYS H 60 7.98 -9.19 76.79
CA LYS H 60 8.55 -10.52 76.64
C LYS H 60 9.64 -10.66 77.66
N PRO H 61 9.28 -10.91 78.93
CA PRO H 61 10.39 -11.11 79.85
C PRO H 61 10.96 -12.50 79.70
N LYS H 62 12.27 -12.59 79.83
CA LYS H 62 12.98 -13.84 79.63
C LYS H 62 12.50 -14.93 80.57
N ASN H 63 12.26 -14.59 81.84
CA ASN H 63 11.67 -15.54 82.78
C ASN H 63 10.46 -14.90 83.42
N PRO H 64 9.27 -15.18 82.89
CA PRO H 64 7.98 -14.68 83.40
C PRO H 64 7.50 -15.36 84.70
N ALA H 65 6.29 -15.02 85.13
CA ALA H 65 5.66 -15.66 86.27
C ALA H 65 5.33 -17.10 85.93
N ASN H 66 4.67 -17.82 86.85
CA ASN H 66 4.12 -19.15 86.54
C ASN H 66 5.10 -20.11 85.79
N ILE H 71 4.10 -3.20 99.01
CA ILE H 71 3.29 -4.40 98.97
C ILE H 71 3.35 -5.11 100.33
N LEU H 72 2.18 -5.36 100.92
CA LEU H 72 2.16 -5.99 102.23
C LEU H 72 2.34 -7.50 102.14
N GLY H 73 1.60 -8.10 101.22
CA GLY H 73 1.70 -9.52 101.00
C GLY H 73 2.91 -9.93 100.15
N GLY H 74 2.74 -11.05 99.45
CA GLY H 74 3.82 -11.93 99.01
C GLY H 74 4.35 -11.87 97.60
N HIS H 75 4.71 -13.04 97.07
CA HIS H 75 5.37 -13.26 95.77
C HIS H 75 6.73 -12.58 95.68
N LEU H 76 7.72 -13.19 96.34
CA LEU H 76 9.11 -12.76 96.24
C LEU H 76 9.57 -12.91 94.81
N ASP H 77 10.40 -11.97 94.33
CA ASP H 77 10.78 -12.00 92.92
C ASP H 77 12.05 -12.81 92.77
N ALA H 78 11.87 -14.06 92.35
CA ALA H 78 12.96 -14.99 92.45
C ALA H 78 13.81 -14.83 91.24
N LYS H 79 13.09 -14.76 90.13
CA LYS H 79 13.63 -14.77 88.77
C LYS H 79 14.02 -13.42 88.16
N GLY H 80 13.43 -12.34 88.67
CA GLY H 80 13.42 -11.08 87.94
C GLY H 80 12.40 -11.08 86.83
N SER H 81 11.16 -11.50 87.13
CA SER H 81 10.04 -11.57 86.17
C SER H 81 9.44 -10.22 85.81
N PHE H 82 10.00 -9.15 86.35
CA PHE H 82 9.46 -7.82 86.11
C PHE H 82 10.57 -6.86 85.72
N PRO H 83 11.12 -7.01 84.51
CA PRO H 83 12.31 -6.30 84.05
C PRO H 83 12.07 -4.84 83.79
N TRP H 84 10.81 -4.47 83.62
CA TRP H 84 10.38 -3.09 83.42
C TRP H 84 10.15 -2.31 84.73
N GLN H 85 10.44 -2.91 85.88
CA GLN H 85 10.24 -2.25 87.16
C GLN H 85 11.43 -1.39 87.62
N ALA H 86 11.19 -0.11 87.86
CA ALA H 86 12.24 0.77 88.36
C ALA H 86 11.97 1.31 89.77
N LYS H 87 13.03 1.36 90.55
CA LYS H 87 13.02 1.83 91.91
C LYS H 87 13.69 3.18 91.95
N MET H 88 12.90 4.22 92.20
CA MET H 88 13.42 5.58 92.24
C MET H 88 13.40 6.13 93.67
N VAL H 89 14.51 6.67 94.12
CA VAL H 89 14.55 7.24 95.47
C VAL H 89 14.68 8.77 95.39
N SER H 90 13.81 9.45 96.12
CA SER H 90 13.83 10.91 96.15
C SER H 90 15.02 11.41 96.95
N HIS H 91 15.15 12.73 97.12
CA HIS H 91 16.39 13.25 97.68
C HIS H 91 16.60 12.75 99.09
N HIS H 92 15.52 12.66 99.84
CA HIS H 92 15.51 12.25 101.24
C HIS H 92 15.21 10.76 101.51
N ASN H 93 15.69 9.86 100.65
CA ASN H 93 15.71 8.42 100.95
C ASN H 93 14.30 7.83 100.97
N LEU H 94 13.40 8.45 100.21
CA LEU H 94 12.05 7.92 100.07
C LEU H 94 11.90 7.13 98.78
N THR H 95 11.59 5.84 98.94
CA THR H 95 11.60 4.91 97.81
C THR H 95 10.28 4.91 97.06
N THR H 96 10.35 4.96 95.73
CA THR H 96 9.15 5.17 94.92
C THR H 96 9.26 4.48 93.56
N GLY H 97 8.12 4.10 92.97
CA GLY H 97 8.12 3.32 91.74
C GLY H 97 8.01 4.05 90.42
N ALA H 98 8.56 3.43 89.37
CA ALA H 98 8.49 3.92 87.99
C ALA H 98 8.64 2.74 87.03
N THR H 99 7.98 2.80 85.88
CA THR H 99 8.09 1.67 84.98
C THR H 99 8.61 2.06 83.58
N LEU H 100 9.34 1.15 82.96
CA LEU H 100 10.10 1.44 81.76
C LEU H 100 9.29 1.16 80.52
N ILE H 101 8.91 2.24 79.85
CA ILE H 101 8.02 2.19 78.71
C ILE H 101 8.74 2.04 77.32
N ASN H 102 10.01 2.41 77.25
CA ASN H 102 10.88 2.05 76.10
C ASN H 102 12.36 2.25 76.45
N GLU H 103 13.25 2.18 75.47
CA GLU H 103 14.66 2.16 75.79
C GLU H 103 15.14 3.43 76.53
N GLN H 104 14.49 4.55 76.29
CA GLN H 104 14.89 5.81 76.96
C GLN H 104 13.99 6.38 78.05
N TRP H 105 12.81 5.81 78.26
CA TRP H 105 11.81 6.49 79.08
C TRP H 105 11.13 5.58 80.07
N LEU H 106 10.67 6.19 81.17
CA LEU H 106 9.89 5.51 82.17
C LEU H 106 8.71 6.38 82.61
N LEU H 107 7.53 5.78 82.70
CA LEU H 107 6.41 6.43 83.38
C LEU H 107 6.62 6.49 84.88
N THR H 108 5.94 7.44 85.52
CA THR H 108 5.86 7.54 86.98
C THR H 108 4.68 8.43 87.28
N THR H 109 4.55 8.84 88.54
CA THR H 109 3.46 9.69 88.96
C THR H 109 3.98 11.08 89.17
N ALA H 110 3.11 12.06 88.96
CA ALA H 110 3.42 13.44 89.31
C ALA H 110 3.79 13.52 90.77
N LYS H 111 2.99 12.87 91.59
CA LYS H 111 3.23 12.81 93.03
C LYS H 111 4.65 12.34 93.46
N ASN H 112 5.08 11.15 93.00
CA ASN H 112 6.40 10.61 93.39
C ASN H 112 7.51 11.60 93.10
N LEU H 113 7.35 12.26 91.96
CA LEU H 113 8.25 13.26 91.41
C LEU H 113 8.38 14.46 92.34
N PHE H 114 7.24 14.87 92.89
CA PHE H 114 7.13 16.09 93.68
C PHE H 114 7.54 15.89 95.14
N LEU H 115 7.99 14.69 95.50
CA LEU H 115 8.40 14.50 96.87
C LEU H 115 9.61 15.37 97.19
N ASN H 116 9.65 15.87 98.39
CA ASN H 116 10.69 16.78 98.86
C ASN H 116 10.85 18.01 97.95
N HIS H 117 9.72 18.50 97.44
CA HIS H 117 9.70 19.68 96.57
C HIS H 117 8.42 20.50 96.74
N SER H 118 8.52 21.79 96.50
CA SER H 118 7.35 22.65 96.61
C SER H 118 6.47 22.57 95.35
N GLU H 119 5.18 22.88 95.52
CA GLU H 119 4.25 22.97 94.41
C GLU H 119 4.79 23.94 93.38
N ASN H 120 5.58 24.91 93.85
CA ASN H 120 6.29 25.87 93.00
C ASN H 120 7.21 25.19 92.00
N ALA H 121 7.84 24.10 92.43
CA ALA H 121 8.93 23.47 91.69
C ALA H 121 8.50 23.06 90.28
N THR H 122 9.40 23.28 89.34
CA THR H 122 9.19 22.84 87.97
C THR H 122 10.08 21.65 87.63
N ALA H 123 9.92 21.14 86.42
CA ALA H 123 10.59 19.92 86.03
C ALA H 123 12.12 20.04 86.18
N LYS H 124 12.64 21.17 85.71
CA LYS H 124 14.08 21.44 85.75
C LYS H 124 14.64 21.34 87.17
N ASP H 125 13.83 21.78 88.15
CA ASP H 125 14.21 21.67 89.53
C ASP H 125 14.32 20.24 90.01
N ILE H 126 13.35 19.42 89.59
CA ILE H 126 13.21 18.08 90.13
C ILE H 126 14.18 17.03 89.55
N ALA H 127 14.48 17.13 88.26
CA ALA H 127 15.28 16.10 87.58
C ALA H 127 16.64 15.80 88.23
N PRO H 128 17.42 16.82 88.62
CA PRO H 128 18.71 16.49 89.23
C PRO H 128 18.60 15.84 90.63
N THR H 129 17.45 16.04 91.26
CA THR H 129 17.23 15.59 92.64
C THR H 129 17.19 14.09 92.72
N LEU H 130 16.62 13.47 91.70
CA LEU H 130 16.29 12.06 91.77
C LEU H 130 17.50 11.15 91.55
N THR H 131 17.38 9.95 92.10
CA THR H 131 18.25 8.82 91.82
C THR H 131 17.32 7.77 91.24
N LEU H 132 17.75 7.09 90.16
CA LEU H 132 16.89 6.09 89.50
C LEU H 132 17.59 4.74 89.33
N TYR H 133 16.81 3.67 89.45
CA TYR H 133 17.33 2.30 89.34
C TYR H 133 16.51 1.35 88.48
N VAL H 134 17.21 0.61 87.62
CA VAL H 134 16.64 -0.52 86.86
C VAL H 134 17.34 -1.82 87.20
N GLY H 135 16.68 -2.92 86.90
CA GLY H 135 17.32 -4.22 87.00
C GLY H 135 17.75 -4.53 88.41
N LYS H 136 19.04 -4.76 88.61
CA LYS H 136 19.51 -5.10 89.95
C LYS H 136 19.89 -3.92 90.82
N LYS H 137 21.11 -3.44 90.63
CA LYS H 137 21.52 -2.17 91.22
C LYS H 137 21.56 -1.09 90.16
N GLN H 138 21.18 -1.45 88.94
CA GLN H 138 21.66 -0.71 87.79
C GLN H 138 21.23 0.73 87.87
N LEU H 139 22.22 1.61 87.91
CA LEU H 139 22.02 3.02 88.09
C LEU H 139 21.93 3.64 86.72
N VAL H 140 20.75 4.10 86.35
CA VAL H 140 20.59 4.84 85.10
C VAL H 140 20.55 6.31 85.43
N GLU H 141 21.32 7.10 84.69
CA GLU H 141 21.32 8.53 84.94
C GLU H 141 20.11 9.15 84.25
N ILE H 142 19.88 10.42 84.53
CA ILE H 142 18.55 10.98 84.28
C ILE H 142 18.68 12.38 83.66
N GLU H 143 18.18 12.55 82.44
CA GLU H 143 18.41 13.76 81.64
C GLU H 143 17.37 14.82 81.94
N LYS H 144 16.13 14.60 81.50
CA LYS H 144 15.06 15.51 81.92
C LYS H 144 13.87 14.77 82.56
N VAL H 145 12.85 15.55 82.89
CA VAL H 145 11.64 15.08 83.54
C VAL H 145 10.50 15.89 82.96
N VAL H 146 9.37 15.28 82.62
CA VAL H 146 8.27 16.09 82.09
C VAL H 146 6.94 15.65 82.70
N LEU H 147 6.10 16.64 83.06
CA LEU H 147 4.86 16.41 83.82
C LEU H 147 3.62 16.57 82.97
N HIS H 148 2.59 15.79 83.25
CA HIS H 148 1.37 15.88 82.48
C HIS H 148 0.70 17.21 82.79
N PRO H 149 0.26 17.94 81.74
CA PRO H 149 -0.38 19.25 81.85
C PRO H 149 -1.53 19.26 82.85
N ASN H 150 -2.17 18.11 83.04
CA ASN H 150 -3.21 17.89 84.03
C ASN H 150 -2.73 17.19 85.35
N TYR H 151 -1.44 17.31 85.68
CA TYR H 151 -0.81 16.64 86.83
C TYR H 151 -1.73 16.47 88.05
N SER H 152 -2.52 17.48 88.37
CA SER H 152 -3.41 17.41 89.54
C SER H 152 -4.65 16.54 89.32
N GLN H 153 -4.89 16.17 88.07
CA GLN H 153 -6.03 15.34 87.69
C GLN H 153 -5.54 14.00 87.16
N VAL H 154 -4.72 14.07 86.14
CA VAL H 154 -4.01 12.89 85.70
C VAL H 154 -2.66 12.85 86.41
N ASP H 155 -2.49 11.91 87.34
CA ASP H 155 -1.28 11.90 88.17
C ASP H 155 -0.20 11.04 87.51
N ILE H 156 0.65 11.73 86.73
CA ILE H 156 1.57 11.08 85.78
C ILE H 156 2.82 11.93 85.48
N GLY H 157 4.01 11.34 85.55
CA GLY H 157 5.19 11.97 84.99
C GLY H 157 5.78 11.25 83.78
N LEU H 158 6.81 11.83 83.17
CA LEU H 158 7.66 11.07 82.23
C LEU H 158 9.12 11.33 82.54
N ILE H 159 9.90 10.25 82.60
CA ILE H 159 11.34 10.40 82.78
C ILE H 159 12.08 10.10 81.48
N LYS H 160 12.97 10.99 81.08
CA LYS H 160 13.88 10.70 79.98
C LYS H 160 15.26 10.33 80.53
N LEU H 161 15.75 9.16 80.13
CA LEU H 161 17.11 8.71 80.48
C LEU H 161 18.16 9.31 79.53
N LYS H 162 19.28 9.76 80.12
CA LYS H 162 20.34 10.48 79.42
C LYS H 162 20.76 9.78 78.13
N GLN H 163 20.74 8.46 78.18
CA GLN H 163 20.98 7.65 76.99
C GLN H 163 19.98 6.49 77.00
N LYS H 164 20.03 5.63 75.99
CA LYS H 164 19.18 4.45 76.02
C LYS H 164 19.79 3.42 76.96
N VAL H 165 18.98 2.57 77.58
CA VAL H 165 19.51 1.50 78.45
C VAL H 165 19.53 0.15 77.69
N SER H 166 20.58 -0.64 77.87
CA SER H 166 20.67 -1.91 77.15
C SER H 166 19.64 -2.89 77.68
N VAL H 167 18.79 -3.38 76.80
CA VAL H 167 17.76 -4.35 77.19
C VAL H 167 18.34 -5.77 77.38
N ASN H 168 17.90 -6.47 78.43
CA ASN H 168 18.22 -7.90 78.62
C ASN H 168 17.19 -8.59 79.51
N GLU H 169 17.50 -9.77 80.01
CA GLU H 169 16.50 -10.52 80.77
C GLU H 169 16.01 -9.74 82.01
N ARG H 170 16.88 -8.98 82.68
CA ARG H 170 16.46 -8.29 83.89
C ARG H 170 16.01 -6.82 83.69
N VAL H 171 16.32 -6.25 82.52
CA VAL H 171 16.02 -4.85 82.24
C VAL H 171 15.38 -4.75 80.87
N MET H 172 14.13 -4.33 80.80
CA MET H 172 13.45 -4.35 79.52
C MET H 172 12.05 -3.73 79.57
N PRO H 173 11.68 -2.97 78.53
CA PRO H 173 10.46 -2.18 78.61
C PRO H 173 9.18 -3.00 78.52
N ILE H 174 8.07 -2.40 78.94
CA ILE H 174 6.76 -3.04 78.94
C ILE H 174 5.96 -2.50 77.76
N CYS H 175 5.02 -3.27 77.23
CA CYS H 175 4.23 -2.79 76.09
C CYS H 175 3.10 -1.85 76.46
N LEU H 176 2.91 -0.74 75.71
CA LEU H 176 1.71 0.09 75.90
C LEU H 176 0.60 -0.55 75.10
N PRO H 177 -0.57 -0.65 75.69
CA PRO H 177 -1.68 -1.41 75.12
C PRO H 177 -2.39 -0.69 74.02
N SER H 178 -2.72 -1.41 72.96
CA SER H 178 -3.67 -0.90 71.98
C SER H 178 -5.04 -1.04 72.62
N LYS H 179 -5.36 -2.25 73.02
CA LYS H 179 -6.61 -2.53 73.70
C LYS H 179 -6.57 -1.88 75.07
N ASP H 180 -7.71 -1.75 75.73
CA ASP H 180 -7.70 -1.28 77.10
C ASP H 180 -8.20 -2.35 78.06
N TYR H 181 -7.33 -2.95 78.86
CA TYR H 181 -7.89 -3.84 79.85
C TYR H 181 -7.91 -3.11 81.18
N ALA H 182 -8.94 -2.29 81.36
CA ALA H 182 -9.26 -1.65 82.62
C ALA H 182 -10.55 -2.21 83.16
N GLU H 183 -11.13 -3.16 82.45
CA GLU H 183 -12.47 -3.63 82.77
C GLU H 183 -12.47 -4.65 83.89
N VAL H 184 -13.57 -4.75 84.64
CA VAL H 184 -13.62 -5.76 85.68
C VAL H 184 -13.79 -7.10 84.97
N GLY H 185 -13.18 -8.12 85.56
CA GLY H 185 -13.01 -9.42 84.96
C GLY H 185 -11.57 -9.59 84.53
N ARG H 186 -10.86 -8.49 84.23
CA ARG H 186 -9.43 -8.60 83.98
C ARG H 186 -8.67 -8.72 85.30
N VAL H 187 -7.47 -9.29 85.23
CA VAL H 187 -6.59 -9.43 86.39
C VAL H 187 -5.27 -8.80 86.03
N GLY H 188 -4.48 -8.36 87.01
CA GLY H 188 -3.29 -7.61 86.69
C GLY H 188 -2.20 -8.00 87.63
N TYR H 189 -0.98 -7.55 87.35
CA TYR H 189 0.17 -7.87 88.16
C TYR H 189 0.82 -6.57 88.59
N VAL H 190 0.94 -6.33 89.89
CA VAL H 190 1.66 -5.14 90.27
C VAL H 190 2.98 -5.51 90.94
N SER H 191 4.07 -4.98 90.43
CA SER H 191 5.33 -5.17 91.10
C SER H 191 5.43 -4.03 92.05
N GLY H 192 6.43 -4.04 92.94
CA GLY H 192 6.68 -2.87 93.76
C GLY H 192 7.91 -2.84 94.67
N TRP H 193 8.42 -1.63 94.89
CA TRP H 193 9.51 -1.39 95.83
C TRP H 193 9.02 -0.82 97.13
N GLY H 194 7.71 -0.70 97.28
CA GLY H 194 7.14 -0.03 98.43
C GLY H 194 7.23 -0.80 99.73
N ARG H 195 6.67 -0.22 100.79
CA ARG H 195 6.72 -0.73 102.16
C ARG H 195 5.98 -2.06 102.36
N ASN H 196 6.28 -2.76 103.44
CA ASN H 196 5.55 -3.98 103.78
C ASN H 196 4.92 -3.92 105.19
N ALA H 197 4.47 -5.07 105.71
CA ALA H 197 3.74 -5.11 106.96
C ALA H 197 4.56 -4.76 108.18
N ASN H 198 5.88 -4.61 108.04
CA ASN H 198 6.65 -3.93 109.09
C ASN H 198 6.81 -2.46 108.76
N PHE H 199 6.12 -2.01 107.70
CA PHE H 199 6.21 -0.63 107.19
C PHE H 199 7.67 -0.29 106.88
N LYS H 200 8.46 -1.33 106.63
CA LYS H 200 9.80 -1.24 106.06
C LYS H 200 9.74 -1.21 104.54
N PHE H 201 10.52 -0.33 103.95
CA PHE H 201 10.72 -0.35 102.50
C PHE H 201 11.29 -1.74 102.16
N THR H 202 10.73 -2.41 101.16
CA THR H 202 11.02 -3.83 100.97
C THR H 202 12.44 -4.13 100.51
N ASP H 203 12.97 -5.24 100.98
CA ASP H 203 14.33 -5.67 100.63
C ASP H 203 14.45 -6.35 99.28
N HIS H 204 13.32 -6.80 98.77
CA HIS H 204 13.25 -7.55 97.53
C HIS H 204 12.02 -7.14 96.79
N LEU H 205 12.17 -6.96 95.48
CA LEU H 205 11.02 -6.62 94.64
C LEU H 205 9.94 -7.67 94.91
N LYS H 206 8.69 -7.26 95.01
CA LYS H 206 7.62 -8.24 95.19
C LYS H 206 6.54 -7.90 94.21
N TYR H 207 5.49 -8.71 94.20
CA TYR H 207 4.42 -8.50 93.23
C TYR H 207 3.16 -9.13 93.75
N VAL H 208 2.02 -8.69 93.27
CA VAL H 208 0.77 -9.26 93.74
C VAL H 208 -0.19 -9.21 92.58
N MET H 209 -1.07 -10.20 92.48
CA MET H 209 -2.17 -10.17 91.53
C MET H 209 -3.35 -9.48 92.18
N LEU H 210 -4.04 -8.60 91.44
CA LEU H 210 -5.24 -7.91 91.99
C LEU H 210 -6.28 -7.84 90.90
N PRO H 211 -7.55 -7.99 91.25
CA PRO H 211 -8.55 -7.86 90.19
C PRO H 211 -8.76 -6.38 89.92
N VAL H 212 -9.30 -6.00 88.77
CA VAL H 212 -9.67 -4.58 88.63
C VAL H 212 -11.10 -4.45 89.14
N ALA H 213 -11.39 -3.33 89.77
CA ALA H 213 -12.63 -3.21 90.51
C ALA H 213 -13.66 -2.30 89.86
N ASP H 214 -14.93 -2.60 90.15
CA ASP H 214 -16.05 -1.82 89.64
C ASP H 214 -15.87 -0.35 90.01
N GLN H 215 -15.92 0.53 89.00
CA GLN H 215 -15.60 1.95 89.23
C GLN H 215 -16.58 2.64 90.20
N ASP H 216 -17.85 2.25 90.18
CA ASP H 216 -18.83 2.90 91.06
C ASP H 216 -18.65 2.48 92.52
N GLN H 217 -18.55 1.17 92.77
CA GLN H 217 -18.24 0.64 94.12
C GLN H 217 -17.03 1.35 94.72
N CYS H 218 -16.02 1.56 93.90
CA CYS H 218 -14.79 2.21 94.35
C CYS H 218 -15.04 3.66 94.68
N ILE H 219 -15.86 4.32 93.85
CA ILE H 219 -16.18 5.72 94.05
C ILE H 219 -16.94 5.86 95.34
N ARG H 220 -18.07 5.15 95.44
CA ARG H 220 -18.85 5.13 96.64
C ARG H 220 -18.01 4.80 97.87
N HIS H 221 -16.93 4.07 97.70
CA HIS H 221 -16.06 3.75 98.83
C HIS H 221 -15.31 4.99 99.30
N TYR H 222 -14.63 5.69 98.40
CA TYR H 222 -13.71 6.76 98.78
C TYR H 222 -14.32 8.14 99.08
N GLU H 223 -15.32 8.46 98.28
CA GLU H 223 -16.17 9.63 98.40
C GLU H 223 -17.48 8.94 98.73
N GLY H 224 -18.59 9.61 98.81
CA GLY H 224 -19.73 8.84 99.27
C GLY H 224 -20.64 8.42 98.14
N SER H 225 -20.30 8.90 96.96
CA SER H 225 -21.28 9.43 96.03
C SER H 225 -21.74 8.63 94.81
N THR H 226 -20.90 8.54 93.77
CA THR H 226 -21.30 8.85 92.39
C THR H 226 -21.57 10.36 92.41
N VAL H 227 -22.84 10.79 92.40
CA VAL H 227 -23.22 12.21 92.27
C VAL H 227 -22.45 13.23 93.17
N PRO H 228 -21.90 14.29 92.55
CA PRO H 228 -20.90 15.16 93.19
C PRO H 228 -21.40 16.01 94.36
N GLU H 229 -22.71 16.13 94.51
CA GLU H 229 -23.26 16.97 95.57
C GLU H 229 -23.32 16.20 96.88
N LYS H 230 -23.29 14.88 96.76
CA LYS H 230 -23.30 13.99 97.93
C LYS H 230 -21.89 13.52 98.28
N LYS H 231 -20.90 14.05 97.57
CA LYS H 231 -19.50 13.72 97.82
C LYS H 231 -19.04 14.20 99.20
N THR H 232 -18.41 13.30 99.94
CA THR H 232 -17.75 13.62 101.21
C THR H 232 -16.50 12.78 101.34
N PRO H 233 -15.50 13.21 102.14
CA PRO H 233 -14.29 12.40 102.28
C PRO H 233 -14.46 11.17 103.16
N LYS H 234 -14.88 10.04 102.57
CA LYS H 234 -15.09 8.78 103.32
C LYS H 234 -13.84 7.90 103.44
N SER H 235 -12.70 8.39 102.97
CA SER H 235 -11.50 7.55 102.81
C SER H 235 -10.97 6.99 104.11
N PRO H 236 -10.92 5.66 104.25
CA PRO H 236 -10.35 4.94 105.41
C PRO H 236 -8.96 5.36 105.93
N VAL H 237 -7.99 5.68 105.06
CA VAL H 237 -6.77 6.35 105.57
C VAL H 237 -7.04 7.86 105.58
N GLY H 238 -6.07 8.68 105.99
CA GLY H 238 -6.31 10.11 106.03
C GLY H 238 -6.57 10.85 104.70
N VAL H 239 -6.01 10.35 103.61
CA VAL H 239 -5.92 11.13 102.37
C VAL H 239 -6.74 10.56 101.22
N GLN H 240 -7.18 11.45 100.32
CA GLN H 240 -8.11 11.09 99.26
C GLN H 240 -7.41 10.76 97.95
N PRO H 241 -7.85 9.68 97.30
CA PRO H 241 -7.28 9.36 95.99
C PRO H 241 -7.88 10.29 94.95
N ILE H 242 -7.22 10.40 93.81
CA ILE H 242 -7.73 11.15 92.66
C ILE H 242 -8.64 10.26 91.86
N LEU H 243 -9.90 10.64 91.72
CA LEU H 243 -10.83 9.75 91.01
C LEU H 243 -11.65 10.44 89.91
N ASN H 244 -11.39 10.05 88.66
CA ASN H 244 -12.05 10.62 87.51
C ASN H 244 -12.23 9.56 86.45
N GLU H 245 -12.53 9.96 85.23
CA GLU H 245 -12.64 9.03 84.10
C GLU H 245 -11.30 8.57 83.52
N HIS H 246 -10.20 9.20 83.96
CA HIS H 246 -8.86 8.76 83.60
C HIS H 246 -8.24 7.77 84.63
N THR H 247 -9.01 7.35 85.64
CA THR H 247 -8.51 6.43 86.64
C THR H 247 -9.32 5.14 86.65
N PHE H 248 -8.75 4.08 87.24
CA PHE H 248 -9.50 2.86 87.57
C PHE H 248 -9.02 2.26 88.90
N CYS H 249 -9.84 1.43 89.52
CA CYS H 249 -9.45 0.89 90.81
C CYS H 249 -9.22 -0.61 90.80
N ALA H 250 -8.15 -1.05 91.45
CA ALA H 250 -7.90 -2.47 91.60
C ALA H 250 -8.19 -2.93 93.03
N GLY H 251 -8.90 -4.06 93.14
CA GLY H 251 -9.34 -4.58 94.41
C GLY H 251 -8.20 -5.06 95.30
N MET H 252 -8.54 -5.73 96.40
CA MET H 252 -7.51 -6.31 97.23
C MET H 252 -7.18 -7.74 96.75
N SER H 253 -6.13 -8.32 97.32
CA SER H 253 -5.65 -9.62 96.90
C SER H 253 -6.61 -10.72 97.31
N LYS H 254 -6.30 -11.96 96.93
CA LYS H 254 -7.11 -13.11 97.34
C LYS H 254 -6.89 -13.32 98.82
N TYR H 255 -5.64 -13.13 99.22
CA TYR H 255 -5.14 -13.26 100.60
C TYR H 255 -5.01 -11.94 101.38
N GLN H 256 -5.67 -10.88 100.92
CA GLN H 256 -5.63 -9.57 101.57
C GLN H 256 -4.28 -8.89 101.47
N GLU H 257 -3.49 -9.23 100.45
CA GLU H 257 -2.27 -8.50 100.19
C GLU H 257 -2.71 -7.19 99.59
N ASP H 258 -1.93 -6.15 99.80
CA ASP H 258 -2.24 -4.91 99.13
C ASP H 258 -0.98 -4.11 99.01
N THR H 259 -1.16 -2.92 98.46
CA THR H 259 -0.12 -2.13 97.88
C THR H 259 -0.05 -0.85 98.71
N CYS H 260 1.12 -0.54 99.25
CA CYS H 260 1.31 0.48 100.26
C CYS H 260 2.32 1.53 99.77
N TYR H 261 2.79 2.38 100.69
CA TYR H 261 3.66 3.50 100.39
C TYR H 261 4.91 3.12 99.53
N GLY H 262 5.09 3.77 98.39
CA GLY H 262 6.25 3.49 97.56
C GLY H 262 5.82 2.78 96.29
N ASP H 263 4.59 2.30 96.31
CA ASP H 263 4.11 1.46 95.21
C ASP H 263 3.49 2.25 94.07
N ALA H 264 3.44 3.56 94.19
CA ALA H 264 2.98 4.38 93.08
C ALA H 264 4.03 4.40 91.98
N GLY H 265 3.59 4.45 90.73
CA GLY H 265 4.53 4.45 89.62
C GLY H 265 4.87 3.05 89.13
N SER H 266 4.62 2.07 90.00
CA SER H 266 4.67 0.67 89.59
C SER H 266 3.46 0.39 88.69
N ALA H 267 3.65 -0.45 87.67
CA ALA H 267 2.65 -0.63 86.63
C ALA H 267 1.68 -1.73 86.97
N PHE H 268 0.41 -1.51 86.66
CA PHE H 268 -0.55 -2.56 86.82
C PHE H 268 -0.47 -3.25 85.49
N ALA H 269 0.22 -4.39 85.47
CA ALA H 269 0.66 -5.04 84.24
C ALA H 269 -0.20 -6.24 83.91
N VAL H 270 -0.97 -6.16 82.85
CA VAL H 270 -1.84 -7.26 82.48
C VAL H 270 -1.25 -8.11 81.34
N HIS H 271 -1.12 -9.40 81.61
CA HIS H 271 -0.55 -10.35 80.71
C HIS H 271 -1.65 -10.84 79.78
N ASP H 272 -1.40 -10.73 78.48
CA ASP H 272 -2.37 -11.10 77.45
C ASP H 272 -1.99 -12.47 76.98
N LEU H 273 -2.83 -13.47 77.24
CA LEU H 273 -2.38 -14.84 77.01
C LEU H 273 -2.34 -15.24 75.53
N GLU H 274 -3.21 -14.64 74.72
CA GLU H 274 -3.27 -14.96 73.29
C GLU H 274 -2.00 -14.54 72.56
N GLU H 275 -1.57 -13.29 72.77
CA GLU H 275 -0.35 -12.78 72.15
C GLU H 275 0.88 -12.87 73.06
N ASP H 276 0.71 -13.46 74.24
CA ASP H 276 1.79 -13.68 75.21
C ASP H 276 2.65 -12.42 75.41
N THR H 277 2.00 -11.28 75.59
CA THR H 277 2.73 -10.04 75.80
C THR H 277 2.25 -9.33 77.05
N TRP H 278 3.15 -8.60 77.69
CA TRP H 278 2.86 -7.88 78.92
C TRP H 278 2.59 -6.40 78.67
N TYR H 279 1.35 -5.98 78.87
CA TYR H 279 0.99 -4.58 78.66
C TYR H 279 0.92 -3.79 79.97
N ALA H 280 1.26 -2.51 79.95
CA ALA H 280 0.98 -1.70 81.11
C ALA H 280 -0.40 -1.10 80.94
N THR H 281 -1.37 -1.64 81.64
CA THR H 281 -2.71 -1.11 81.56
C THR H 281 -2.82 0.16 82.40
N GLY H 282 -2.16 0.19 83.54
CA GLY H 282 -2.18 1.37 84.37
C GLY H 282 -0.92 1.66 85.16
N ILE H 283 -0.84 2.90 85.67
CA ILE H 283 0.19 3.27 86.63
C ILE H 283 -0.43 3.58 88.00
N LEU H 284 0.19 3.12 89.08
CA LEU H 284 -0.36 3.32 90.41
C LEU H 284 -0.25 4.77 90.86
N SER H 285 -1.39 5.38 91.19
CA SER H 285 -1.39 6.73 91.75
C SER H 285 -1.43 6.69 93.26
N PHE H 286 -2.50 6.09 93.78
CA PHE H 286 -2.72 6.07 95.22
C PHE H 286 -2.18 4.79 95.85
N ASP H 287 -1.04 4.94 96.50
CA ASP H 287 -0.37 3.84 97.17
C ASP H 287 -0.59 3.88 98.67
N LYS H 288 -1.51 4.72 99.13
CA LYS H 288 -1.73 4.88 100.56
C LYS H 288 -2.61 3.80 101.25
N SER H 289 -3.33 2.99 100.46
CA SER H 289 -4.48 2.23 101.00
C SER H 289 -4.16 1.09 101.95
N CYS H 290 -3.19 0.26 101.60
CA CYS H 290 -2.67 -0.76 102.53
C CYS H 290 -3.68 -1.74 103.20
N ALA H 291 -3.49 -1.97 104.47
CA ALA H 291 -4.46 -2.83 105.10
C ALA H 291 -5.85 -2.23 104.96
N VAL H 292 -5.91 -0.95 105.30
CA VAL H 292 -7.14 -0.38 105.83
C VAL H 292 -8.15 0.06 104.78
N ALA H 293 -7.72 0.27 103.54
CA ALA H 293 -8.56 0.95 102.56
C ALA H 293 -8.74 0.10 101.31
N GLU H 294 -9.99 -0.27 101.05
CA GLU H 294 -10.27 -1.36 100.10
C GLU H 294 -9.74 -1.28 98.63
N TYR H 295 -9.38 -0.11 98.10
CA TYR H 295 -8.90 -0.07 96.70
C TYR H 295 -7.70 0.82 96.41
N GLY H 296 -6.62 0.26 95.88
CA GLY H 296 -5.57 1.08 95.34
C GLY H 296 -6.13 1.53 94.02
N VAL H 297 -5.65 2.66 93.51
CA VAL H 297 -6.28 3.24 92.33
C VAL H 297 -5.25 3.66 91.26
N TYR H 298 -5.53 3.33 90.00
CA TYR H 298 -4.58 3.49 88.92
C TYR H 298 -5.17 4.41 87.87
N VAL H 299 -4.30 5.17 87.18
CA VAL H 299 -4.68 5.92 85.96
C VAL H 299 -4.47 5.08 84.69
N LYS H 300 -5.56 4.91 83.95
CA LYS H 300 -5.56 4.11 82.75
C LYS H 300 -4.48 4.63 81.81
N VAL H 301 -3.70 3.72 81.21
CA VAL H 301 -2.59 4.16 80.39
C VAL H 301 -3.12 4.56 79.03
N THR H 302 -4.16 3.87 78.56
CA THR H 302 -4.82 4.22 77.31
C THR H 302 -5.25 5.70 77.26
N SER H 303 -5.57 6.27 78.41
CA SER H 303 -5.98 7.67 78.47
C SER H 303 -4.82 8.67 78.40
N ILE H 304 -3.62 8.29 78.81
CA ILE H 304 -2.42 9.12 78.60
C ILE H 304 -1.65 8.80 77.33
N GLN H 305 -2.24 7.99 76.45
CA GLN H 305 -1.61 7.57 75.20
C GLN H 305 -1.06 8.69 74.33
N ASP H 306 -1.97 9.49 73.78
CA ASP H 306 -1.57 10.48 72.80
C ASP H 306 -0.64 11.53 73.39
N TRP H 307 -0.60 11.62 74.73
CA TRP H 307 0.32 12.53 75.36
C TRP H 307 1.74 11.96 75.44
N VAL H 308 1.85 10.65 75.70
CA VAL H 308 3.17 10.07 75.94
C VAL H 308 3.86 9.98 74.61
N GLN H 309 3.10 9.59 73.59
CA GLN H 309 3.63 9.56 72.23
C GLN H 309 4.16 10.92 71.83
N LYS H 310 3.35 11.95 72.08
CA LYS H 310 3.69 13.35 71.81
C LYS H 310 4.98 13.80 72.50
N THR H 311 5.16 13.42 73.76
CA THR H 311 6.31 13.88 74.51
C THR H 311 7.60 13.21 74.02
N ILE H 312 7.49 11.92 73.69
CA ILE H 312 8.61 11.09 73.24
C ILE H 312 9.36 11.72 72.08
N ALA H 313 8.59 12.40 71.24
CA ALA H 313 9.07 13.16 70.09
C ALA H 313 10.10 14.24 70.45
N GLU H 314 10.17 14.64 71.71
CA GLU H 314 11.20 15.59 72.13
C GLU H 314 12.15 15.00 73.19
N ALA I 3 -38.64 -6.89 117.63
CA ALA I 3 -37.61 -5.88 117.38
C ALA I 3 -36.40 -6.07 118.30
N ASP I 4 -36.66 -6.21 119.60
CA ASP I 4 -35.59 -6.30 120.60
C ASP I 4 -35.24 -7.76 120.98
N GLU I 5 -35.88 -8.71 120.30
CA GLU I 5 -35.53 -10.11 120.45
C GLU I 5 -34.24 -10.37 119.66
N SER I 6 -34.18 -9.91 118.42
CA SER I 6 -32.91 -9.94 117.68
C SER I 6 -32.69 -8.64 116.89
N LEU I 7 -31.64 -7.91 117.27
CA LEU I 7 -31.35 -6.60 116.68
C LEU I 7 -30.64 -6.71 115.35
N LYS I 8 -29.79 -7.73 115.20
CA LYS I 8 -29.05 -7.90 113.95
C LYS I 8 -29.92 -8.50 112.84
N ASP I 9 -31.03 -9.14 113.22
CA ASP I 9 -32.04 -9.53 112.26
C ASP I 9 -32.89 -8.31 111.91
N ALA I 10 -33.07 -7.44 112.90
CA ALA I 10 -33.90 -6.26 112.72
C ALA I 10 -33.34 -5.33 111.66
N ILE I 11 -32.01 -5.15 111.63
CA ILE I 11 -31.44 -4.18 110.70
C ILE I 11 -31.50 -4.67 109.24
N LYS I 12 -31.94 -5.92 109.05
CA LYS I 12 -32.05 -6.51 107.71
C LYS I 12 -33.22 -5.96 106.88
N ASP I 13 -34.20 -5.35 107.53
CA ASP I 13 -35.30 -4.71 106.83
C ASP I 13 -34.74 -3.55 105.99
N PRO I 14 -34.91 -3.64 104.67
CA PRO I 14 -34.36 -2.66 103.72
C PRO I 14 -35.04 -1.29 103.82
N ALA I 15 -36.22 -1.24 104.43
CA ALA I 15 -36.98 0.01 104.47
C ALA I 15 -36.33 1.00 105.42
N LEU I 16 -35.39 0.53 106.22
CA LEU I 16 -34.85 1.34 107.29
C LEU I 16 -33.50 2.01 106.98
N GLU I 17 -32.96 1.82 105.78
CA GLU I 17 -31.58 2.24 105.56
C GLU I 17 -31.45 3.71 105.17
N ASN I 18 -30.70 4.43 105.99
CA ASN I 18 -30.45 5.85 105.81
C ASN I 18 -31.76 6.63 105.79
N LYS I 19 -32.75 6.08 106.49
CA LYS I 19 -34.02 6.73 106.70
C LYS I 19 -33.79 7.88 107.69
N GLU I 20 -34.64 8.90 107.63
CA GLU I 20 -34.47 10.06 108.51
C GLU I 20 -35.09 9.83 109.87
N HIS I 21 -34.27 9.88 110.91
CA HIS I 21 -34.75 9.91 112.28
C HIS I 21 -34.65 11.30 112.97
N ASP I 22 -34.17 12.32 112.25
CA ASP I 22 -33.79 13.59 112.90
C ASP I 22 -34.85 14.71 112.90
N ILE I 23 -36.02 14.42 112.35
CA ILE I 23 -37.09 15.42 112.28
C ILE I 23 -37.69 15.73 113.64
N GLY I 24 -37.80 17.01 113.97
CA GLY I 24 -38.47 17.43 115.18
C GLY I 24 -37.59 17.98 116.29
N PRO I 25 -38.22 18.42 117.39
CA PRO I 25 -37.57 18.98 118.59
C PRO I 25 -36.93 17.90 119.44
N ARG I 26 -35.78 18.21 120.05
CA ARG I 26 -34.98 17.19 120.71
C ARG I 26 -34.13 17.81 121.82
N GLU I 27 -33.80 17.01 122.82
CA GLU I 27 -32.89 17.44 123.87
C GLU I 27 -31.66 16.55 123.79
N GLN I 28 -30.51 17.06 124.22
CA GLN I 28 -29.32 16.21 124.27
C GLN I 28 -28.89 15.92 125.69
N VAL I 29 -29.06 14.68 126.13
CA VAL I 29 -28.74 14.32 127.51
C VAL I 29 -27.56 13.34 127.61
N ASN I 30 -26.43 13.78 128.17
CA ASN I 30 -25.36 12.83 128.38
C ASN I 30 -25.81 11.81 129.41
N PHE I 31 -25.25 10.61 129.31
CA PHE I 31 -25.55 9.53 130.22
C PHE I 31 -24.28 8.78 130.56
N GLN I 32 -24.36 7.94 131.58
CA GLN I 32 -23.30 6.97 131.85
C GLN I 32 -23.90 5.57 131.67
N LEU I 33 -23.03 4.64 131.27
CA LEU I 33 -23.35 3.22 131.12
C LEU I 33 -22.50 2.45 132.11
N LEU I 34 -23.14 1.84 133.11
CA LEU I 34 -22.42 1.11 134.17
C LEU I 34 -22.89 -0.36 134.36
N ASP I 35 -22.00 -1.22 134.88
CA ASP I 35 -22.36 -2.59 135.20
C ASP I 35 -22.89 -2.71 136.64
N LYS I 36 -23.04 -3.93 137.15
CA LYS I 36 -23.72 -4.11 138.44
C LYS I 36 -22.86 -3.75 139.64
N ASN I 37 -21.58 -3.47 139.41
CA ASN I 37 -20.73 -2.90 140.46
C ASN I 37 -20.56 -1.38 140.36
N ASN I 38 -21.29 -0.76 139.44
CA ASN I 38 -21.24 0.69 139.15
C ASN I 38 -19.89 1.20 138.66
N GLU I 39 -19.23 0.36 137.85
CA GLU I 39 -18.10 0.79 137.01
C GLU I 39 -18.55 0.67 135.56
N THR I 40 -17.93 1.47 134.70
CA THR I 40 -18.41 1.67 133.35
C THR I 40 -18.50 0.34 132.63
N GLN I 41 -19.56 0.15 131.85
CA GLN I 41 -19.65 -1.05 131.08
C GLN I 41 -18.93 -0.74 129.80
N TYR I 42 -17.69 -1.19 129.70
CA TYR I 42 -16.84 -0.68 128.62
C TYR I 42 -17.28 -1.11 127.22
N TYR I 43 -17.88 -2.28 127.07
CA TYR I 43 -18.34 -2.63 125.75
C TYR I 43 -19.50 -1.76 125.33
N HIS I 44 -20.47 -1.56 126.22
CA HIS I 44 -21.59 -0.69 125.90
C HIS I 44 -21.14 0.77 125.81
N PHE I 45 -20.17 1.12 126.65
CA PHE I 45 -19.65 2.48 126.68
C PHE I 45 -19.22 2.90 125.32
N PHE I 46 -18.53 1.95 124.67
CA PHE I 46 -17.87 2.06 123.38
C PHE I 46 -18.84 1.95 122.24
N SER I 47 -19.93 1.24 122.45
CA SER I 47 -20.87 0.99 121.39
C SER I 47 -21.99 2.00 121.26
N ILE I 48 -22.21 2.84 122.26
CA ILE I 48 -23.35 3.79 122.23
C ILE I 48 -22.98 5.25 122.38
N LYS I 49 -23.41 6.06 121.41
CA LYS I 49 -23.06 7.48 121.32
C LYS I 49 -23.56 8.32 122.48
N ASP I 50 -22.62 9.06 123.07
CA ASP I 50 -22.88 9.96 124.19
C ASP I 50 -22.55 11.41 123.84
N PRO I 51 -23.54 12.34 123.90
CA PRO I 51 -24.89 12.35 124.46
C PRO I 51 -25.98 11.71 123.64
N ALA I 52 -27.19 11.64 124.19
CA ALA I 52 -28.28 10.91 123.57
C ALA I 52 -29.39 11.83 123.14
N ASP I 53 -29.80 11.73 121.89
CA ASP I 53 -30.87 12.56 121.39
C ASP I 53 -32.16 12.07 122.03
N VAL I 54 -32.90 12.97 122.66
CA VAL I 54 -34.22 12.65 123.22
C VAL I 54 -35.30 13.44 122.52
N TYR I 55 -36.19 12.74 121.83
CA TYR I 55 -37.16 13.41 120.98
C TYR I 55 -38.47 13.61 121.69
N TYR I 56 -39.06 14.79 121.50
CA TYR I 56 -40.29 15.17 122.17
C TYR I 56 -41.51 14.69 121.41
N THR I 57 -42.54 14.24 122.14
CA THR I 57 -43.77 13.79 121.52
C THR I 57 -45.01 14.33 122.24
N LYS I 58 -46.18 13.83 121.82
CA LYS I 58 -47.43 14.15 122.48
C LYS I 58 -47.49 13.52 123.87
N LYS I 59 -47.07 12.27 123.98
CA LYS I 59 -47.29 11.52 125.21
C LYS I 59 -46.05 11.40 126.12
N LYS I 60 -45.07 10.57 125.75
CA LYS I 60 -43.82 10.54 126.50
C LYS I 60 -42.62 10.81 125.57
N ALA I 61 -41.54 11.35 126.14
CA ALA I 61 -40.33 11.63 125.38
C ALA I 61 -39.71 10.34 124.93
N GLU I 62 -39.24 10.28 123.69
CA GLU I 62 -38.64 9.05 123.18
C GLU I 62 -37.14 9.20 123.04
N VAL I 63 -36.40 8.42 123.82
CA VAL I 63 -34.94 8.45 123.72
C VAL I 63 -34.47 7.73 122.46
N GLU I 64 -33.45 8.27 121.79
CA GLU I 64 -32.88 7.60 120.62
C GLU I 64 -31.42 7.22 120.87
N LEU I 65 -31.11 5.93 120.68
CA LEU I 65 -29.79 5.40 120.95
C LEU I 65 -28.99 5.08 119.67
N ASP I 66 -27.73 5.47 119.67
CA ASP I 66 -26.86 5.33 118.51
C ASP I 66 -25.87 4.18 118.74
N ILE I 67 -26.08 3.05 118.10
CA ILE I 67 -25.25 1.89 118.44
C ILE I 67 -24.45 1.37 117.24
N ASN I 68 -23.12 1.30 117.35
CA ASN I 68 -22.34 0.75 116.26
C ASN I 68 -22.32 -0.78 116.34
N THR I 69 -21.70 -1.41 115.35
CA THR I 69 -21.66 -2.86 115.16
C THR I 69 -23.01 -3.51 115.37
N ALA I 70 -24.07 -2.87 114.88
CA ALA I 70 -25.41 -3.38 115.05
C ALA I 70 -25.56 -4.80 114.55
N SER I 71 -24.78 -5.16 113.54
CA SER I 71 -24.85 -6.52 112.97
C SER I 71 -24.37 -7.58 113.95
N THR I 72 -23.50 -7.22 114.90
CA THR I 72 -23.09 -8.18 115.93
C THR I 72 -23.90 -8.05 117.24
N TRP I 73 -24.80 -7.08 117.34
CA TRP I 73 -25.72 -6.99 118.47
C TRP I 73 -26.91 -7.96 118.31
N LYS I 74 -27.32 -8.63 119.39
CA LYS I 74 -28.46 -9.54 119.27
C LYS I 74 -29.65 -9.14 120.12
N LYS I 75 -29.54 -9.32 121.43
CA LYS I 75 -30.64 -9.01 122.32
C LYS I 75 -30.42 -7.61 122.85
N PHE I 76 -31.33 -6.70 122.63
CA PHE I 76 -31.21 -5.41 123.28
C PHE I 76 -32.54 -5.04 123.88
N GLU I 77 -32.64 -5.17 125.20
CA GLU I 77 -33.90 -4.94 125.90
C GLU I 77 -33.67 -3.77 126.83
N VAL I 78 -34.61 -2.82 126.85
CA VAL I 78 -34.49 -1.71 127.78
C VAL I 78 -35.67 -1.61 128.75
N TYR I 79 -35.34 -1.55 130.04
CA TYR I 79 -36.32 -1.63 131.11
C TYR I 79 -36.40 -0.34 131.95
N GLU I 80 -37.63 0.08 132.25
CA GLU I 80 -37.87 1.21 133.12
C GLU I 80 -38.70 0.76 134.32
N ASN I 81 -38.13 0.89 135.52
CA ASN I 81 -38.70 0.35 136.74
C ASN I 81 -39.00 -1.16 136.64
N ASN I 82 -38.05 -1.89 136.06
CA ASN I 82 -38.17 -3.33 135.84
C ASN I 82 -39.40 -3.75 135.07
N GLN I 83 -39.83 -2.96 134.09
CA GLN I 83 -40.80 -3.46 133.13
C GLN I 83 -40.41 -3.08 131.69
N LYS I 84 -40.82 -3.90 130.74
CA LYS I 84 -40.28 -3.85 129.39
C LYS I 84 -40.76 -2.63 128.63
N LEU I 85 -39.83 -1.86 128.07
CA LEU I 85 -40.19 -0.79 127.14
C LEU I 85 -40.28 -1.36 125.73
N PRO I 86 -41.25 -0.88 124.94
CA PRO I 86 -41.45 -1.31 123.55
C PRO I 86 -40.39 -0.71 122.61
N VAL I 87 -39.23 -1.35 122.52
CA VAL I 87 -38.14 -0.82 121.70
C VAL I 87 -38.37 -1.07 120.22
N ARG I 88 -38.09 -0.06 119.39
CA ARG I 88 -38.20 -0.25 117.94
C ARG I 88 -37.05 0.43 117.18
N LEU I 89 -36.74 -0.12 116.00
CA LEU I 89 -35.66 0.38 115.18
C LEU I 89 -36.19 1.41 114.19
N VAL I 90 -35.56 2.57 114.14
CA VAL I 90 -36.01 3.60 113.21
C VAL I 90 -35.08 3.69 111.98
N SER I 91 -33.79 3.98 112.15
CA SER I 91 -32.91 3.92 110.97
C SER I 91 -31.75 2.97 111.16
N TYR I 92 -31.17 2.51 110.04
CA TYR I 92 -29.93 1.76 110.08
C TYR I 92 -28.94 2.30 109.06
N SER I 93 -27.64 2.31 109.39
CA SER I 93 -26.62 2.78 108.46
C SER I 93 -25.68 1.65 108.05
N PRO I 94 -25.69 1.27 106.76
CA PRO I 94 -25.05 0.06 106.23
C PRO I 94 -23.54 -0.01 106.40
N VAL I 95 -22.97 -1.12 105.94
CA VAL I 95 -21.89 -1.83 106.68
C VAL I 95 -20.52 -1.17 107.00
N PRO I 96 -20.00 -0.26 106.14
CA PRO I 96 -18.86 0.49 106.68
C PRO I 96 -19.26 1.31 107.94
N GLU I 97 -20.56 1.60 108.06
CA GLU I 97 -21.11 2.34 109.18
C GLU I 97 -21.66 1.39 110.28
N ASP I 98 -22.65 0.57 109.93
CA ASP I 98 -23.13 -0.48 110.81
C ASP I 98 -23.62 0.11 112.11
N HIS I 99 -24.35 1.24 112.04
CA HIS I 99 -25.01 1.86 113.21
C HIS I 99 -26.51 1.63 113.19
N ALA I 100 -27.07 1.15 114.28
CA ALA I 100 -28.53 1.05 114.36
C ALA I 100 -29.09 2.15 115.24
N TYR I 101 -30.27 2.63 114.86
CA TYR I 101 -30.93 3.70 115.58
C TYR I 101 -32.27 3.24 116.15
N ILE I 102 -32.37 3.25 117.48
CA ILE I 102 -33.58 2.77 118.15
C ILE I 102 -34.20 3.82 119.06
N ARG I 103 -35.53 3.73 119.19
CA ARG I 103 -36.30 4.62 120.05
C ARG I 103 -37.26 3.87 120.97
N PHE I 104 -37.42 4.39 122.18
CA PHE I 104 -38.38 3.87 123.13
C PHE I 104 -38.91 5.01 124.01
N PRO I 105 -40.18 4.92 124.45
CA PRO I 105 -40.75 5.95 125.34
C PRO I 105 -40.21 5.85 126.74
N VAL I 106 -39.97 6.97 127.41
CA VAL I 106 -39.64 6.92 128.84
C VAL I 106 -40.58 7.83 129.63
N SER I 107 -41.01 7.36 130.80
CA SER I 107 -41.94 8.09 131.63
C SER I 107 -41.22 9.29 132.22
N ASP I 108 -41.92 10.44 132.22
CA ASP I 108 -41.41 11.71 132.77
C ASP I 108 -40.88 11.45 134.18
N GLY I 109 -39.64 11.86 134.43
CA GLY I 109 -39.04 11.64 135.74
C GLY I 109 -37.99 10.53 135.80
N THR I 110 -37.98 9.65 134.81
CA THR I 110 -36.97 8.59 134.71
C THR I 110 -35.55 9.12 134.63
N GLN I 111 -34.63 8.46 135.32
CA GLN I 111 -33.21 8.74 135.17
C GLN I 111 -32.44 7.46 134.88
N GLU I 112 -32.53 6.49 135.78
CA GLU I 112 -31.88 5.18 135.57
C GLU I 112 -32.60 4.31 134.53
N LEU I 113 -31.85 3.53 133.79
CA LEU I 113 -32.44 2.56 132.88
C LEU I 113 -31.70 1.22 132.87
N LYS I 114 -32.45 0.13 132.77
CA LYS I 114 -31.88 -1.22 132.77
C LYS I 114 -31.71 -1.80 131.35
N ILE I 115 -30.50 -2.24 130.98
CA ILE I 115 -30.33 -2.84 129.66
C ILE I 115 -29.87 -4.29 129.73
N VAL I 116 -30.74 -5.19 129.29
CA VAL I 116 -30.37 -6.60 129.11
C VAL I 116 -29.98 -6.83 127.65
N SER I 117 -28.70 -7.08 127.40
CA SER I 117 -28.22 -7.19 126.03
C SER I 117 -27.35 -8.43 125.75
N SER I 118 -27.11 -8.73 124.47
CA SER I 118 -26.14 -9.75 124.08
C SER I 118 -25.48 -9.51 122.72
N THR I 119 -24.22 -9.90 122.59
CA THR I 119 -23.48 -9.78 121.33
C THR I 119 -22.97 -11.13 120.81
N GLN I 120 -23.32 -11.47 119.56
CA GLN I 120 -22.88 -12.70 118.89
C GLN I 120 -22.38 -12.46 117.46
N ILE I 121 -21.15 -12.88 117.16
CA ILE I 121 -20.62 -12.72 115.80
C ILE I 121 -21.01 -13.90 114.92
N ASP I 122 -21.78 -13.64 113.86
CA ASP I 122 -22.29 -14.69 112.99
C ASP I 122 -23.02 -15.81 113.77
N ASP I 123 -22.52 -17.03 113.69
CA ASP I 123 -23.13 -18.16 114.41
C ASP I 123 -22.45 -18.50 115.72
N GLY I 124 -21.42 -17.73 116.07
CA GLY I 124 -20.52 -18.11 117.14
C GLY I 124 -21.07 -17.96 118.54
N GLU I 125 -20.15 -17.90 119.50
CA GLU I 125 -20.49 -17.72 120.90
C GLU I 125 -21.31 -16.44 121.15
N GLU I 126 -22.46 -16.62 121.80
CA GLU I 126 -23.29 -15.48 122.21
C GLU I 126 -22.79 -14.95 123.55
N THR I 127 -22.46 -13.66 123.61
CA THR I 127 -22.01 -13.10 124.87
C THR I 127 -23.14 -12.32 125.54
N ASN I 128 -23.66 -12.86 126.63
CA ASN I 128 -24.77 -12.22 127.31
C ASN I 128 -24.25 -11.18 128.26
N TYR I 129 -24.86 -9.99 128.21
CA TYR I 129 -24.58 -8.91 129.13
C TYR I 129 -25.79 -8.73 130.01
N ASP I 130 -25.67 -9.15 131.26
CA ASP I 130 -26.82 -9.43 132.10
C ASP I 130 -27.61 -8.21 132.46
N TYR I 131 -26.88 -7.26 133.00
CA TYR I 131 -27.44 -6.07 133.54
C TYR I 131 -26.54 -4.94 133.11
N THR I 132 -27.12 -3.92 132.51
CA THR I 132 -26.38 -2.70 132.21
C THR I 132 -27.24 -1.54 132.66
N LYS I 133 -26.70 -0.69 133.53
CA LYS I 133 -27.48 0.44 134.07
C LYS I 133 -27.15 1.66 133.27
N LEU I 134 -28.18 2.27 132.64
CA LEU I 134 -28.00 3.53 131.94
C LEU I 134 -28.46 4.68 132.82
N VAL I 135 -27.54 5.59 133.12
CA VAL I 135 -27.82 6.73 133.97
C VAL I 135 -27.74 8.08 133.26
N PHE I 136 -28.87 8.70 132.98
CA PHE I 136 -28.85 10.02 132.36
C PHE I 136 -28.27 11.02 133.34
N ALA I 137 -27.43 11.93 132.85
CA ALA I 137 -26.83 12.93 133.73
C ALA I 137 -27.87 13.89 134.33
N LYS I 138 -29.07 13.92 133.75
CA LYS I 138 -30.20 14.62 134.33
C LYS I 138 -31.50 13.88 133.98
N PRO I 139 -32.55 14.03 134.81
CA PRO I 139 -33.82 13.35 134.52
C PRO I 139 -34.40 13.66 133.13
N ILE I 140 -35.26 12.81 132.60
CA ILE I 140 -35.90 13.07 131.31
C ILE I 140 -37.32 13.57 131.49
N TYR I 141 -37.65 14.72 130.90
CA TYR I 141 -39.00 15.27 130.94
C TYR I 141 -39.50 15.68 129.55
N ASN I 142 -40.64 15.13 129.16
CA ASN I 142 -41.27 15.49 127.89
C ASN I 142 -41.66 16.96 127.87
N ASP I 143 -41.65 17.56 126.68
CA ASP I 143 -42.04 18.96 126.50
C ASP I 143 -42.93 19.12 125.26
N PRO I 144 -44.19 18.68 125.36
CA PRO I 144 -45.11 18.72 124.21
C PRO I 144 -45.32 20.15 123.65
N SER I 145 -44.90 21.16 124.42
CA SER I 145 -45.08 22.56 124.06
C SER I 145 -44.31 22.99 122.79
N LEU I 146 -43.45 22.11 122.27
CA LEU I 146 -42.63 22.44 121.09
C LEU I 146 -43.15 21.79 119.80
N ALA J 1 14.88 -56.26 107.02
CA ALA J 1 15.33 -55.10 106.24
C ALA J 1 16.77 -54.74 106.58
N GLU J 2 17.69 -54.76 105.60
CA GLU J 2 19.06 -54.30 105.85
C GLU J 2 19.64 -53.43 104.73
N GLY J 3 19.89 -52.15 105.02
CA GLY J 3 20.65 -51.26 104.13
C GLY J 3 22.18 -51.24 104.07
N LEU J 4 22.76 -51.45 102.87
CA LEU J 4 24.03 -50.85 102.43
C LEU J 4 24.54 -51.54 101.16
N LYS J 5 25.63 -51.04 100.61
CA LYS J 5 26.31 -51.67 99.47
C LYS J 5 27.63 -50.93 99.21
N THR J 6 28.13 -51.07 97.98
CA THR J 6 29.29 -50.30 97.55
C THR J 6 28.98 -48.80 97.52
N LYS J 7 30.02 -47.98 97.30
CA LYS J 7 29.94 -46.51 97.30
C LYS J 7 29.06 -46.00 96.16
N ASP J 8 28.63 -46.91 95.30
CA ASP J 8 27.62 -46.57 94.32
C ASP J 8 26.24 -46.56 94.98
N GLU J 9 25.80 -47.70 95.49
CA GLU J 9 24.44 -47.84 96.00
C GLU J 9 24.10 -46.88 97.18
N VAL J 10 25.11 -46.27 97.80
CA VAL J 10 24.83 -45.22 98.78
C VAL J 10 24.28 -43.99 98.08
N GLU J 11 24.88 -43.61 96.95
CA GLU J 11 24.44 -42.42 96.24
C GLU J 11 23.33 -42.72 95.23
N LYS J 12 23.10 -43.98 94.90
CA LYS J 12 21.91 -44.32 94.11
C LYS J 12 20.71 -44.06 95.00
N ALA J 13 20.91 -44.28 96.28
CA ALA J 13 19.90 -43.97 97.30
C ALA J 13 19.87 -42.50 97.65
N CYS J 14 21.05 -41.89 97.81
CA CYS J 14 21.15 -40.46 98.13
C CYS J 14 20.35 -39.62 97.16
N HIS J 15 20.45 -39.98 95.89
CA HIS J 15 19.69 -39.31 94.87
C HIS J 15 18.21 -39.60 95.06
N LEU J 16 17.88 -40.75 95.65
CA LEU J 16 16.48 -41.07 95.82
C LEU J 16 15.89 -40.15 96.89
N ALA J 17 16.58 -40.12 98.03
CA ALA J 17 16.17 -39.30 99.14
C ALA J 17 15.97 -37.88 98.69
N GLN J 18 16.87 -37.44 97.84
CA GLN J 18 16.85 -36.07 97.41
C GLN J 18 15.66 -35.87 96.51
N GLN J 19 15.40 -36.79 95.59
CA GLN J 19 14.23 -36.60 94.74
C GLN J 19 13.00 -36.82 95.61
N LEU J 20 13.01 -37.90 96.38
CA LEU J 20 11.89 -38.18 97.25
C LEU J 20 11.56 -37.00 98.17
N LYS J 21 12.57 -36.25 98.62
CA LYS J 21 12.26 -35.10 99.47
C LYS J 21 11.70 -33.95 98.64
N GLU J 22 12.35 -33.73 97.50
CA GLU J 22 12.01 -32.65 96.62
C GLU J 22 10.65 -32.79 95.93
N VAL J 23 9.92 -33.89 96.09
CA VAL J 23 8.59 -33.95 95.46
C VAL J 23 7.62 -33.09 96.24
N SER J 24 7.84 -32.99 97.54
CA SER J 24 6.95 -32.19 98.37
C SER J 24 7.18 -30.70 98.17
N ILE J 25 8.33 -30.35 97.60
CA ILE J 25 8.68 -28.98 97.32
C ILE J 25 8.14 -28.59 95.96
N THR J 26 8.66 -29.26 94.93
CA THR J 26 8.30 -28.99 93.54
C THR J 26 6.80 -28.89 93.33
N LEU J 27 6.07 -29.90 93.81
CA LEU J 27 4.62 -29.94 93.69
C LEU J 27 3.96 -28.72 94.31
N GLY J 28 4.62 -28.13 95.30
CA GLY J 28 4.16 -26.90 95.91
C GLY J 28 4.20 -25.68 94.99
N VAL J 29 5.39 -25.43 94.43
CA VAL J 29 5.60 -24.39 93.44
C VAL J 29 4.62 -24.53 92.32
N ILE J 30 4.25 -25.76 92.01
CA ILE J 30 3.37 -25.95 90.90
C ILE J 30 1.95 -25.57 91.28
N TYR J 31 1.53 -25.81 92.53
CA TYR J 31 0.15 -25.51 92.88
C TYR J 31 -0.02 -23.99 92.74
N ARG J 32 1.00 -23.27 93.19
CA ARG J 32 1.00 -21.82 93.24
C ARG J 32 1.11 -21.23 91.84
N THR J 33 1.76 -21.99 90.97
CA THR J 33 1.75 -21.71 89.56
C THR J 33 0.33 -21.52 89.04
N THR J 34 -0.64 -22.16 89.69
CA THR J 34 -2.05 -22.02 89.33
C THR J 34 -2.92 -21.05 90.15
N GLU J 35 -2.35 -20.26 91.04
CA GLU J 35 -3.21 -19.30 91.73
C GLU J 35 -3.82 -18.34 90.73
N ARG J 36 -3.02 -17.99 89.73
CA ARG J 36 -3.43 -17.11 88.65
C ARG J 36 -4.78 -17.49 88.09
N HIS J 37 -4.95 -18.75 87.75
CA HIS J 37 -6.19 -19.21 87.13
C HIS J 37 -7.35 -19.14 88.10
N SER J 38 -7.05 -19.36 89.38
CA SER J 38 -8.08 -19.36 90.41
C SER J 38 -8.68 -17.99 90.57
N VAL J 39 -7.83 -16.99 90.76
CA VAL J 39 -8.25 -15.60 90.91
C VAL J 39 -8.84 -15.07 89.59
N GLN J 40 -8.40 -15.63 88.47
CA GLN J 40 -8.88 -15.15 87.17
C GLN J 40 -10.29 -15.61 86.95
N VAL J 41 -10.54 -16.85 87.29
CA VAL J 41 -11.87 -17.38 87.08
C VAL J 41 -12.81 -16.68 88.07
N GLU J 42 -12.28 -16.18 89.18
CA GLU J 42 -13.09 -15.48 90.15
C GLU J 42 -13.55 -14.14 89.60
N ALA J 43 -12.64 -13.41 88.96
CA ALA J 43 -13.01 -12.12 88.41
C ALA J 43 -13.98 -12.31 87.26
N HIS J 44 -13.96 -13.49 86.63
CA HIS J 44 -14.92 -13.79 85.56
C HIS J 44 -16.31 -13.78 86.14
N LYS J 45 -16.43 -14.35 87.33
CA LYS J 45 -17.68 -14.35 88.05
C LYS J 45 -18.12 -12.93 88.33
N THR J 46 -17.19 -12.09 88.79
CA THR J 46 -17.51 -10.70 89.12
C THR J 46 -18.12 -10.01 87.91
N ALA J 47 -17.46 -10.14 86.77
CA ALA J 47 -17.87 -9.49 85.53
C ALA J 47 -19.17 -10.07 84.99
N ILE J 48 -19.33 -11.39 85.04
CA ILE J 48 -20.56 -12.03 84.62
C ILE J 48 -21.74 -11.48 85.44
N ASP J 49 -21.52 -11.24 86.72
CA ASP J 49 -22.55 -10.58 87.52
C ASP J 49 -22.86 -9.23 86.91
N LYS J 50 -21.82 -8.42 86.76
CA LYS J 50 -21.95 -7.04 86.28
C LYS J 50 -22.73 -6.94 84.97
N HIS J 51 -22.47 -7.89 84.06
CA HIS J 51 -23.14 -7.95 82.76
C HIS J 51 -24.63 -8.21 82.89
N ALA J 52 -25.00 -9.09 83.83
CA ALA J 52 -26.39 -9.45 84.02
C ALA J 52 -27.23 -8.22 84.35
N ASP J 53 -26.63 -7.30 85.12
CA ASP J 53 -27.27 -6.03 85.45
C ASP J 53 -27.16 -5.03 84.32
N ALA J 54 -26.06 -5.10 83.58
CA ALA J 54 -25.83 -4.20 82.45
C ALA J 54 -26.92 -4.36 81.40
N VAL J 55 -27.29 -5.60 81.11
CA VAL J 55 -28.29 -5.90 80.09
C VAL J 55 -29.69 -6.08 80.67
N SER J 56 -29.82 -5.87 81.97
CA SER J 56 -31.08 -6.10 82.66
C SER J 56 -32.24 -5.38 81.98
N ARG J 57 -32.02 -4.10 81.66
CA ARG J 57 -33.03 -3.27 81.04
C ARG J 57 -33.47 -3.83 79.68
N ALA J 58 -32.51 -4.41 78.94
CA ALA J 58 -32.78 -4.93 77.61
C ALA J 58 -33.46 -6.30 77.62
N VAL J 59 -33.23 -7.07 78.68
CA VAL J 59 -33.90 -8.36 78.81
C VAL J 59 -35.33 -8.15 79.32
N GLU J 60 -35.47 -7.25 80.30
CA GLU J 60 -36.79 -6.90 80.84
C GLU J 60 -37.71 -6.40 79.73
N ALA J 61 -37.12 -5.71 78.77
CA ALA J 61 -37.85 -5.22 77.60
C ALA J 61 -38.23 -6.38 76.69
N LEU J 62 -37.27 -7.25 76.40
CA LEU J 62 -37.51 -8.37 75.51
C LEU J 62 -38.43 -9.40 76.17
N THR J 63 -38.51 -9.35 77.49
CA THR J 63 -39.47 -10.17 78.20
C THR J 63 -40.88 -9.64 77.94
N ARG J 64 -41.03 -8.32 77.97
CA ARG J 64 -42.33 -7.68 77.76
C ARG J 64 -42.95 -8.07 76.43
N VAL J 65 -42.13 -8.29 75.41
CA VAL J 65 -42.62 -8.65 74.09
C VAL J 65 -42.93 -10.14 74.03
N ASP J 66 -42.41 -10.89 74.99
CA ASP J 66 -42.77 -12.30 75.13
C ASP J 66 -44.13 -12.43 75.80
N VAL J 67 -44.35 -11.61 76.84
CA VAL J 67 -45.57 -11.68 77.64
C VAL J 67 -46.72 -10.94 76.95
N ALA J 68 -46.39 -10.10 75.97
CA ALA J 68 -47.42 -9.45 75.17
C ALA J 68 -47.66 -10.22 73.87
N LEU J 69 -46.88 -11.28 73.65
CA LEU J 69 -47.11 -12.19 72.55
C LEU J 69 -47.92 -13.40 73.05
N GLN J 70 -48.29 -13.33 74.32
CA GLN J 70 -49.12 -14.36 74.97
C GLN J 70 -50.61 -14.03 74.90
N ARG J 71 -51.01 -12.88 75.46
CA ARG J 71 -52.38 -12.39 75.25
C ARG J 71 -52.64 -12.16 73.76
N LEU J 72 -51.55 -12.12 72.98
CA LEU J 72 -51.60 -12.09 71.53
C LEU J 72 -51.69 -13.49 70.92
N LYS J 73 -51.82 -14.50 71.76
CA LYS J 73 -51.95 -15.88 71.27
C LYS J 73 -53.42 -16.14 70.97
N GLU J 74 -54.21 -15.07 71.02
CA GLU J 74 -55.59 -15.10 70.59
C GLU J 74 -55.76 -14.50 69.17
N LEU J 75 -55.71 -13.17 69.02
CA LEU J 75 -55.83 -12.57 67.67
C LEU J 75 -54.49 -12.18 67.03
N GLY J 76 -53.38 -12.32 67.77
CA GLY J 76 -52.11 -11.77 67.32
C GLY J 76 -51.15 -12.71 66.62
N LYS J 77 -51.36 -14.02 66.76
CA LYS J 77 -50.44 -14.99 66.15
C LYS J 77 -50.47 -14.94 64.62
N ALA J 78 -51.48 -14.29 64.05
CA ALA J 78 -51.61 -14.23 62.61
C ALA J 78 -51.41 -12.83 62.06
N ASN J 79 -50.27 -12.62 61.42
CA ASN J 79 -49.98 -11.50 60.50
C ASN J 79 -50.61 -10.17 60.91
N ASP J 80 -50.17 -9.62 62.03
CA ASP J 80 -50.79 -8.42 62.59
C ASP J 80 -50.16 -7.16 62.00
N THR J 81 -49.34 -7.33 60.96
CA THR J 81 -48.56 -6.22 60.39
C THR J 81 -47.60 -5.72 61.47
N LYS J 82 -47.91 -4.56 62.06
CA LYS J 82 -47.04 -3.87 63.02
C LYS J 82 -46.56 -4.74 64.20
N ALA J 83 -47.15 -5.92 64.37
CA ALA J 83 -46.66 -6.90 65.35
C ALA J 83 -45.66 -7.90 64.73
N VAL J 84 -46.10 -8.67 63.73
CA VAL J 84 -45.24 -9.70 63.11
C VAL J 84 -43.98 -9.13 62.46
N LYS J 85 -43.95 -7.81 62.25
CA LYS J 85 -42.76 -7.14 61.74
C LYS J 85 -41.84 -6.68 62.88
N ILE J 86 -42.30 -6.86 64.12
CA ILE J 86 -41.45 -6.59 65.28
C ILE J 86 -40.42 -7.70 65.44
N ILE J 87 -40.86 -8.96 65.35
CA ILE J 87 -39.96 -10.11 65.43
C ILE J 87 -38.90 -10.05 64.33
N GLU J 88 -39.17 -9.24 63.32
CA GLU J 88 -38.22 -8.99 62.24
C GLU J 88 -37.11 -8.02 62.67
N ASN J 89 -37.43 -7.09 63.57
CA ASN J 89 -36.43 -6.14 64.09
C ASN J 89 -35.78 -6.64 65.39
N ILE J 90 -36.35 -7.70 65.96
CA ILE J 90 -35.82 -8.36 67.15
C ILE J 90 -34.97 -9.52 66.68
N THR J 91 -34.76 -9.61 65.36
CA THR J 91 -34.02 -10.72 64.77
C THR J 91 -32.69 -10.93 65.47
N SER J 92 -31.84 -9.91 65.52
CA SER J 92 -30.50 -10.03 66.10
C SER J 92 -30.54 -9.93 67.62
N ALA J 93 -31.54 -9.23 68.15
CA ALA J 93 -31.68 -9.09 69.60
C ALA J 93 -31.76 -10.45 70.28
N ARG J 94 -32.66 -11.31 69.79
CA ARG J 94 -32.82 -12.64 70.36
C ARG J 94 -31.67 -13.57 69.97
N GLU J 95 -30.94 -13.20 68.91
CA GLU J 95 -29.75 -13.96 68.56
C GLU J 95 -28.74 -13.83 69.70
N ASN J 96 -28.38 -12.60 70.02
CA ASN J 96 -27.38 -12.32 71.05
C ASN J 96 -27.77 -12.86 72.42
N LEU J 97 -29.04 -12.65 72.78
CA LEU J 97 -29.57 -13.13 74.06
C LEU J 97 -29.42 -14.64 74.13
N ALA J 98 -29.56 -15.30 72.99
CA ALA J 98 -29.34 -16.73 72.93
C ALA J 98 -27.87 -17.03 73.20
N LEU J 99 -26.98 -16.27 72.56
CA LEU J 99 -25.54 -16.44 72.75
C LEU J 99 -25.11 -16.10 74.16
N PHE J 100 -25.77 -15.11 74.75
CA PHE J 100 -25.44 -14.65 76.10
C PHE J 100 -25.65 -15.75 77.14
N ASN J 101 -26.88 -16.24 77.26
CA ASN J 101 -27.19 -17.28 78.24
C ASN J 101 -26.51 -18.60 77.87
N ASN J 102 -25.94 -18.66 76.67
CA ASN J 102 -25.11 -19.78 76.27
C ASN J 102 -23.68 -19.62 76.77
N GLU J 103 -23.02 -18.57 76.30
CA GLU J 103 -21.62 -18.31 76.62
C GLU J 103 -21.35 -17.99 78.10
N THR J 104 -22.25 -17.26 78.75
CA THR J 104 -22.10 -16.99 80.18
C THR J 104 -22.05 -18.30 80.97
N GLN J 105 -22.97 -19.21 80.64
CA GLN J 105 -23.03 -20.51 81.28
C GLN J 105 -21.74 -21.31 81.09
N ALA J 106 -21.08 -21.08 79.95
CA ALA J 106 -19.85 -21.78 79.63
C ALA J 106 -18.70 -21.36 80.53
N VAL J 107 -18.58 -20.05 80.77
CA VAL J 107 -17.54 -19.55 81.65
C VAL J 107 -17.87 -19.91 83.08
N LEU J 108 -19.15 -20.17 83.35
CA LEU J 108 -19.58 -20.66 84.66
C LEU J 108 -19.17 -22.10 84.85
N THR J 109 -19.38 -22.93 83.83
CA THR J 109 -18.97 -24.31 83.91
C THR J 109 -17.43 -24.41 83.90
N ALA J 110 -16.79 -23.67 82.99
CA ALA J 110 -15.32 -23.55 82.97
C ALA J 110 -14.80 -23.20 84.36
N ARG J 111 -15.50 -22.27 84.99
CA ARG J 111 -15.22 -21.85 86.36
C ARG J 111 -15.28 -23.03 87.32
N ASP J 112 -16.43 -23.68 87.36
CA ASP J 112 -16.62 -24.76 88.30
C ASP J 112 -15.52 -25.80 88.12
N HIS J 113 -15.20 -26.12 86.86
CA HIS J 113 -14.20 -27.14 86.55
C HIS J 113 -12.81 -26.73 87.05
N VAL J 114 -12.49 -25.44 86.95
CA VAL J 114 -11.12 -25.03 87.25
C VAL J 114 -10.87 -25.20 88.76
N HIS J 115 -11.90 -24.95 89.58
CA HIS J 115 -11.75 -25.16 91.02
C HIS J 115 -11.56 -26.62 91.35
N LYS J 116 -12.46 -27.46 90.85
CA LYS J 116 -12.39 -28.90 91.11
C LYS J 116 -11.01 -29.46 90.79
N HIS J 117 -10.53 -29.15 89.59
CA HIS J 117 -9.21 -29.60 89.18
C HIS J 117 -8.15 -29.05 90.12
N ARG J 118 -8.25 -27.76 90.42
CA ARG J 118 -7.32 -27.13 91.37
C ARG J 118 -7.43 -27.78 92.76
N ALA J 119 -8.60 -28.34 93.07
CA ALA J 119 -8.78 -29.11 94.31
C ALA J 119 -8.09 -30.47 94.20
N ALA J 120 -8.35 -31.17 93.10
CA ALA J 120 -7.68 -32.44 92.82
C ALA J 120 -6.17 -32.21 92.74
N ALA J 121 -5.78 -31.06 92.18
CA ALA J 121 -4.39 -30.65 92.24
C ALA J 121 -3.93 -30.64 93.68
N LEU J 122 -4.71 -29.95 94.50
CA LEU J 122 -4.39 -29.68 95.90
C LEU J 122 -4.33 -30.99 96.65
N GLN J 123 -5.35 -31.81 96.48
CA GLN J 123 -5.41 -33.08 97.18
C GLN J 123 -4.15 -33.87 96.88
N GLY J 124 -3.89 -34.05 95.59
CA GLY J 124 -2.72 -34.76 95.12
C GLY J 124 -1.43 -34.26 95.75
N TRP J 125 -1.27 -32.95 95.83
CA TRP J 125 -0.10 -32.38 96.47
C TRP J 125 0.01 -32.94 97.90
N SER J 126 -1.03 -32.76 98.73
CA SER J 126 -0.95 -33.11 100.16
C SER J 126 -0.58 -34.56 100.39
N ASP J 127 -1.15 -35.45 99.59
CA ASP J 127 -0.83 -36.87 99.65
C ASP J 127 0.65 -37.06 99.40
N ALA J 128 1.11 -36.65 98.22
CA ALA J 128 2.48 -36.90 97.80
C ALA J 128 3.49 -36.19 98.73
N LYS J 129 3.04 -35.24 99.53
CA LYS J 129 3.93 -34.74 100.56
C LYS J 129 4.11 -35.85 101.61
N GLU J 130 3.03 -36.46 102.07
CA GLU J 130 3.11 -37.55 103.05
C GLU J 130 3.97 -38.69 102.57
N LYS J 131 3.49 -39.32 101.50
CA LYS J 131 4.12 -40.45 100.87
C LYS J 131 5.58 -40.17 100.61
N GLY J 132 5.87 -39.05 99.93
CA GLY J 132 7.24 -38.65 99.68
C GLY J 132 8.08 -38.37 100.93
N ASP J 133 7.56 -37.55 101.85
CA ASP J 133 8.31 -37.24 103.07
C ASP J 133 8.54 -38.50 103.89
N ALA J 134 7.51 -39.35 103.94
CA ALA J 134 7.62 -40.63 104.58
C ALA J 134 8.81 -41.34 103.97
N ALA J 135 8.65 -41.69 102.69
CA ALA J 135 9.63 -42.46 101.93
C ALA J 135 11.04 -41.90 102.02
N ALA J 136 11.19 -40.60 101.79
CA ALA J 136 12.51 -39.97 101.87
C ALA J 136 13.13 -40.20 103.23
N GLU J 137 12.27 -40.25 104.25
CA GLU J 137 12.71 -40.40 105.62
C GLU J 137 13.26 -41.79 105.87
N ASP J 138 12.59 -42.78 105.29
CA ASP J 138 13.01 -44.17 105.41
C ASP J 138 14.38 -44.34 104.78
N VAL J 139 14.56 -43.84 103.56
CA VAL J 139 15.79 -44.13 102.86
C VAL J 139 16.87 -43.21 103.44
N TRP J 140 16.50 -42.41 104.44
CA TRP J 140 17.49 -41.68 105.18
C TRP J 140 17.95 -42.37 106.45
N VAL J 141 17.24 -43.43 106.86
CA VAL J 141 17.71 -44.18 108.03
C VAL J 141 18.79 -45.17 107.59
N LEU J 142 18.78 -45.53 106.30
CA LEU J 142 19.85 -46.32 105.69
C LEU J 142 21.00 -45.39 105.37
N LEU J 143 20.66 -44.15 105.03
CA LEU J 143 21.67 -43.17 104.66
C LEU J 143 22.43 -42.71 105.90
N ASN J 144 21.72 -42.59 107.02
CA ASN J 144 22.36 -42.23 108.27
C ASN J 144 23.04 -43.44 108.92
N ALA J 145 22.52 -44.64 108.64
CA ALA J 145 23.12 -45.87 109.14
C ALA J 145 24.48 -46.06 108.50
N ALA J 146 24.60 -45.63 107.24
CA ALA J 146 25.85 -45.73 106.50
C ALA J 146 26.88 -44.77 107.07
N LYS J 147 26.41 -43.72 107.72
CA LYS J 147 27.30 -42.96 108.57
C LYS J 147 27.60 -43.88 109.76
N LYS J 148 28.87 -44.17 110.00
CA LYS J 148 29.36 -45.14 111.01
C LYS J 148 28.63 -46.52 111.00
N GLY J 149 28.50 -47.12 109.83
CA GLY J 149 27.84 -48.40 109.65
C GLY J 149 28.78 -49.58 109.46
N ASN J 150 30.00 -49.47 110.03
CA ASN J 150 31.10 -50.43 109.91
C ASN J 150 31.78 -50.31 108.52
N GLY J 151 31.06 -49.70 107.59
CA GLY J 151 31.64 -49.02 106.45
C GLY J 151 32.29 -49.86 105.37
N SER J 152 32.38 -49.27 104.18
CA SER J 152 33.40 -49.65 103.21
C SER J 152 34.49 -48.58 103.33
N ALA J 153 34.20 -47.61 104.20
CA ALA J 153 35.04 -46.45 104.52
C ALA J 153 35.19 -45.48 103.32
N ASP J 154 34.90 -45.96 102.10
CA ASP J 154 34.61 -45.03 101.01
C ASP J 154 33.10 -44.90 100.93
N VAL J 155 32.40 -45.77 101.64
CA VAL J 155 30.95 -45.65 101.81
C VAL J 155 30.65 -44.64 102.91
N LYS J 156 31.52 -44.63 103.92
CA LYS J 156 31.44 -43.67 104.99
C LYS J 156 31.55 -42.27 104.40
N ALA J 157 32.58 -42.06 103.60
CA ALA J 157 32.79 -40.77 102.97
C ALA J 157 31.60 -40.38 102.11
N ALA J 158 30.93 -41.39 101.53
CA ALA J 158 29.87 -41.18 100.57
C ALA J 158 28.53 -40.85 101.22
N ALA J 159 28.52 -40.81 102.55
CA ALA J 159 27.35 -40.31 103.23
C ALA J 159 27.57 -38.85 103.53
N GLU J 160 28.61 -38.54 104.30
CA GLU J 160 28.80 -37.17 104.80
C GLU J 160 28.90 -36.12 103.69
N LYS J 161 29.24 -36.57 102.47
CA LYS J 161 29.21 -35.70 101.29
C LYS J 161 27.77 -35.38 100.87
N CYS J 162 26.82 -36.19 101.31
CA CYS J 162 25.43 -36.09 100.86
C CYS J 162 24.69 -34.97 101.58
N SER J 163 23.81 -34.25 100.87
CA SER J 163 23.03 -33.17 101.49
C SER J 163 21.52 -33.35 101.33
N ARG J 164 20.75 -32.77 102.26
CA ARG J 164 19.34 -33.11 102.42
C ARG J 164 18.47 -32.85 101.20
N TYR J 165 18.67 -31.72 100.53
CA TYR J 165 17.81 -31.31 99.41
C TYR J 165 18.52 -31.48 98.08
N SER J 166 17.75 -31.82 97.04
CA SER J 166 18.28 -31.84 95.68
C SER J 166 18.66 -30.43 95.27
N SER J 167 19.47 -30.29 94.23
CA SER J 167 19.85 -28.96 93.79
C SER J 167 18.80 -28.38 92.88
N SER J 168 17.87 -29.22 92.43
CA SER J 168 16.93 -28.84 91.38
C SER J 168 15.52 -29.40 91.57
N SER J 169 14.62 -29.07 90.66
CA SER J 169 13.23 -29.53 90.76
C SER J 169 13.11 -30.98 90.34
N THR J 170 11.89 -31.51 90.27
CA THR J 170 11.73 -32.90 89.77
C THR J 170 10.64 -33.11 88.74
N SER J 171 11.02 -33.68 87.60
CA SER J 171 10.02 -34.10 86.64
C SER J 171 9.35 -35.36 87.19
N GLU J 172 8.34 -35.85 86.47
CA GLU J 172 7.94 -37.23 86.65
C GLU J 172 9.15 -38.04 86.21
N THR J 173 9.84 -37.53 85.20
CA THR J 173 10.98 -38.19 84.59
C THR J 173 12.08 -38.46 85.59
N GLU J 174 12.66 -37.40 86.12
CA GLU J 174 13.71 -37.51 87.11
C GLU J 174 13.40 -38.48 88.24
N LEU J 175 12.15 -38.44 88.70
CA LEU J 175 11.65 -39.27 89.81
C LEU J 175 11.74 -40.78 89.49
N GLN J 176 11.12 -41.20 88.39
CA GLN J 176 11.18 -42.59 87.93
C GLN J 176 12.62 -43.02 87.69
N LYS J 177 13.42 -42.10 87.17
CA LYS J 177 14.83 -42.30 86.95
C LYS J 177 15.59 -42.41 88.27
N ALA J 178 15.00 -41.90 89.34
CA ALA J 178 15.57 -42.10 90.66
C ALA J 178 15.14 -43.46 91.26
N ILE J 179 13.90 -43.84 90.99
CA ILE J 179 13.36 -45.14 91.37
C ILE J 179 14.06 -46.22 90.54
N ASP J 180 14.28 -45.94 89.26
CA ASP J 180 14.99 -46.82 88.35
C ASP J 180 16.35 -47.22 88.88
N ALA J 181 17.25 -46.27 89.01
CA ALA J 181 18.59 -46.57 89.55
C ALA J 181 18.51 -47.28 90.91
N ALA J 182 17.39 -47.09 91.61
CA ALA J 182 17.16 -47.64 92.95
C ALA J 182 16.66 -49.09 92.99
N ALA J 183 15.81 -49.44 92.04
CA ALA J 183 15.22 -50.78 92.00
C ALA J 183 16.27 -51.87 91.88
N ASN J 184 16.92 -51.91 90.71
CA ASN J 184 17.79 -53.03 90.30
C ASN J 184 18.93 -53.39 91.27
N VAL J 185 19.94 -52.52 91.32
CA VAL J 185 20.99 -52.61 92.33
C VAL J 185 20.33 -52.23 93.63
N GLY J 186 20.78 -52.84 94.72
CA GLY J 186 20.25 -52.47 96.02
C GLY J 186 18.75 -52.58 96.12
N GLY J 187 18.23 -53.79 95.85
CA GLY J 187 16.85 -54.16 96.14
C GLY J 187 16.72 -54.16 97.65
N LEU J 188 17.83 -53.76 98.25
CA LEU J 188 18.00 -53.36 99.61
C LEU J 188 16.82 -52.54 100.07
N SER J 189 16.33 -51.70 99.18
CA SER J 189 15.10 -50.98 99.43
C SER J 189 13.91 -51.95 99.35
N ALA J 190 13.59 -52.43 98.14
CA ALA J 190 12.41 -53.30 97.95
C ALA J 190 11.16 -52.69 98.57
N HIS J 191 11.14 -51.35 98.59
CA HIS J 191 9.99 -50.57 99.00
C HIS J 191 9.19 -50.11 97.79
N LYS J 192 9.63 -50.54 96.60
CA LYS J 192 9.23 -49.89 95.34
C LYS J 192 7.72 -49.74 95.14
N SER J 193 6.92 -50.51 95.85
CA SER J 193 5.47 -50.34 95.76
C SER J 193 5.00 -49.03 96.41
N LYS J 194 5.78 -48.52 97.37
CA LYS J 194 5.44 -47.24 97.97
C LYS J 194 5.94 -46.07 97.12
N TYR J 195 7.14 -46.19 96.54
CA TYR J 195 7.61 -45.19 95.60
C TYR J 195 6.61 -45.06 94.49
N GLY J 196 5.91 -46.16 94.21
CA GLY J 196 4.88 -46.17 93.19
C GLY J 196 3.79 -45.17 93.53
N ASP J 197 3.43 -45.11 94.82
CA ASP J 197 2.46 -44.13 95.27
C ASP J 197 2.90 -42.69 95.02
N VAL J 198 4.07 -42.33 95.55
CA VAL J 198 4.51 -40.92 95.52
C VAL J 198 4.58 -40.44 94.09
N LEU J 199 4.87 -41.34 93.17
CA LEU J 199 4.90 -41.00 91.77
C LEU J 199 3.47 -40.92 91.26
N ASN J 200 2.62 -41.86 91.65
CA ASN J 200 1.26 -41.85 91.16
C ASN J 200 0.44 -40.68 91.71
N LYS J 201 0.78 -40.20 92.89
CA LYS J 201 0.07 -39.05 93.41
C LYS J 201 0.67 -37.82 92.71
N PHE J 202 1.98 -37.87 92.48
CA PHE J 202 2.65 -36.85 91.71
C PHE J 202 1.94 -36.74 90.38
N LYS J 203 2.00 -37.80 89.57
CA LYS J 203 1.39 -37.78 88.24
C LYS J 203 -0.03 -37.22 88.31
N LEU J 204 -0.81 -37.79 89.21
CA LEU J 204 -2.19 -37.39 89.41
C LEU J 204 -2.35 -35.90 89.69
N SER J 205 -1.39 -35.34 90.43
CA SER J 205 -1.41 -33.92 90.82
C SER J 205 -1.13 -32.93 89.68
N ASN J 206 0.02 -33.13 89.01
CA ASN J 206 0.41 -32.46 87.77
C ASN J 206 -0.68 -32.59 86.74
N ALA J 207 -1.31 -33.76 86.71
CA ALA J 207 -2.40 -34.02 85.79
C ALA J 207 -3.45 -32.94 85.91
N SER J 208 -3.74 -32.57 87.15
CA SER J 208 -4.79 -31.63 87.45
C SER J 208 -4.34 -30.17 87.26
N VAL J 209 -3.08 -29.88 87.54
CA VAL J 209 -2.50 -28.57 87.23
C VAL J 209 -2.67 -28.25 85.74
N GLY J 210 -2.15 -29.13 84.89
CA GLY J 210 -2.37 -29.06 83.47
C GLY J 210 -3.85 -28.93 83.17
N ALA J 211 -4.68 -29.65 83.91
CA ALA J 211 -6.11 -29.57 83.66
C ALA J 211 -6.64 -28.15 83.84
N VAL J 212 -6.10 -27.38 84.78
CA VAL J 212 -6.67 -26.06 85.00
C VAL J 212 -6.17 -25.09 83.93
N ARG J 213 -4.87 -25.12 83.56
CA ARG J 213 -4.38 -24.25 82.49
C ARG J 213 -5.23 -24.49 81.26
N ASP J 214 -5.40 -25.76 80.91
CA ASP J 214 -6.26 -26.11 79.79
C ASP J 214 -7.69 -25.60 80.00
N THR J 215 -8.26 -25.86 81.17
CA THR J 215 -9.68 -25.59 81.36
C THR J 215 -9.94 -24.11 81.63
N SER J 216 -8.95 -23.38 82.15
CA SER J 216 -9.09 -21.93 82.39
C SER J 216 -8.88 -21.16 81.10
N GLY J 217 -8.07 -21.73 80.21
CA GLY J 217 -7.82 -21.11 78.93
C GLY J 217 -9.09 -20.99 78.12
N ARG J 218 -9.87 -22.07 78.07
CA ARG J 218 -11.07 -22.09 77.26
C ARG J 218 -12.14 -21.25 77.95
N GLY J 219 -11.91 -20.98 79.23
CA GLY J 219 -12.75 -20.06 79.98
C GLY J 219 -12.60 -18.63 79.48
N GLY J 220 -11.37 -18.15 79.45
CA GLY J 220 -11.07 -16.82 78.95
C GLY J 220 -11.50 -16.62 77.51
N LYS J 221 -11.47 -17.69 76.71
CA LYS J 221 -12.04 -17.65 75.36
C LYS J 221 -13.51 -17.32 75.43
N HIS J 222 -14.22 -18.08 76.26
CA HIS J 222 -15.64 -17.89 76.41
C HIS J 222 -15.97 -16.53 76.98
N MET J 223 -15.18 -16.07 77.95
CA MET J 223 -15.43 -14.77 78.59
C MET J 223 -15.35 -13.66 77.56
N GLU J 224 -14.35 -13.72 76.68
CA GLU J 224 -14.22 -12.71 75.65
C GLU J 224 -15.48 -12.66 74.81
N LYS J 225 -16.00 -13.84 74.45
CA LYS J 225 -17.25 -13.93 73.70
C LYS J 225 -18.41 -13.37 74.50
N VAL J 226 -18.29 -13.42 75.82
CA VAL J 226 -19.34 -12.87 76.68
C VAL J 226 -19.36 -11.33 76.59
N ASN J 227 -18.20 -10.70 76.81
CA ASN J 227 -18.10 -9.24 76.84
C ASN J 227 -18.65 -8.60 75.57
N ASN J 228 -18.33 -9.19 74.42
CA ASN J 228 -18.73 -8.65 73.13
C ASN J 228 -20.24 -8.59 72.95
N VAL J 229 -20.88 -9.76 72.99
CA VAL J 229 -22.31 -9.85 72.71
C VAL J 229 -23.15 -9.11 73.74
N ALA J 230 -22.54 -8.82 74.89
CA ALA J 230 -23.23 -8.08 75.94
C ALA J 230 -23.31 -6.60 75.57
N LYS J 231 -22.34 -6.14 74.79
CA LYS J 231 -22.35 -4.77 74.29
C LYS J 231 -23.45 -4.56 73.26
N LEU J 232 -23.70 -5.58 72.44
CA LEU J 232 -24.74 -5.52 71.42
C LEU J 232 -26.10 -5.35 72.08
N LEU J 233 -26.27 -5.91 73.28
CA LEU J 233 -27.53 -5.81 74.02
C LEU J 233 -27.69 -4.46 74.73
N LYS J 234 -26.60 -3.95 75.28
CA LYS J 234 -26.64 -2.70 76.05
C LYS J 234 -26.87 -1.50 75.14
N ASP J 235 -26.31 -1.56 73.94
CA ASP J 235 -26.47 -0.48 72.97
C ASP J 235 -27.79 -0.60 72.18
N ALA J 236 -28.37 -1.80 72.15
CA ALA J 236 -29.66 -2.00 71.51
C ALA J 236 -30.78 -1.87 72.56
N GLU J 237 -30.39 -1.48 73.76
CA GLU J 237 -31.32 -1.31 74.87
C GLU J 237 -32.42 -0.29 74.56
N VAL J 238 -32.02 0.85 73.99
CA VAL J 238 -32.97 1.87 73.57
C VAL J 238 -33.90 1.35 72.49
N SER J 239 -33.34 0.68 71.49
CA SER J 239 -34.09 0.00 70.44
C SER J 239 -35.19 -0.88 71.03
N LEU J 240 -34.77 -1.90 71.78
CA LEU J 240 -35.69 -2.83 72.44
C LEU J 240 -36.69 -2.14 73.35
N ALA J 241 -36.28 -1.02 73.95
CA ALA J 241 -37.13 -0.28 74.89
C ALA J 241 -38.44 0.16 74.22
N ALA J 242 -38.32 0.73 73.02
CA ALA J 242 -39.48 1.19 72.29
C ALA J 242 -40.07 0.06 71.46
N ALA J 243 -39.39 -1.08 71.42
CA ALA J 243 -39.87 -2.23 70.66
C ALA J 243 -40.98 -2.97 71.38
N ALA J 244 -40.85 -3.08 72.69
CA ALA J 244 -41.87 -3.72 73.53
C ALA J 244 -43.04 -2.78 73.73
N ALA J 245 -42.74 -1.48 73.78
CA ALA J 245 -43.75 -0.46 73.98
C ALA J 245 -44.46 -0.12 72.67
N GLU J 246 -43.99 -0.73 71.58
CA GLU J 246 -44.64 -0.58 70.29
C GLU J 246 -45.68 -1.68 70.09
N ILE J 247 -45.77 -2.55 71.09
CA ILE J 247 -46.80 -3.59 71.11
C ILE J 247 -48.02 -2.96 71.82
N GLU J 248 -47.91 -1.65 72.06
CA GLU J 248 -48.96 -0.81 72.65
C GLU J 248 -50.36 -1.01 72.05
N GLU J 249 -50.45 -0.95 70.72
CA GLU J 249 -51.73 -1.02 70.04
C GLU J 249 -52.16 -2.47 69.89
N VAL J 250 -51.21 -3.36 70.10
CA VAL J 250 -51.50 -4.79 70.18
C VAL J 250 -52.28 -5.07 71.47
N LYS J 251 -52.04 -4.24 72.48
CA LYS J 251 -52.81 -4.29 73.73
C LYS J 251 -54.19 -3.66 73.56
N ASN J 252 -54.36 -2.88 72.49
CA ASN J 252 -55.68 -2.36 72.14
C ASN J 252 -56.49 -3.43 71.41
N ALA J 253 -55.79 -4.42 70.87
CA ALA J 253 -56.45 -5.60 70.31
C ALA J 253 -56.99 -6.46 71.47
N HIS J 254 -56.60 -6.10 72.69
CA HIS J 254 -57.14 -6.71 73.91
C HIS J 254 -58.20 -5.79 74.54
N GLU J 255 -57.77 -4.58 74.92
CA GLU J 255 -58.64 -3.60 75.57
C GLU J 255 -59.94 -3.30 74.81
N THR J 256 -59.82 -3.02 73.52
CA THR J 256 -61.00 -2.70 72.70
C THR J 256 -61.87 -3.94 72.48
N LYS J 257 -61.32 -5.11 72.79
CA LYS J 257 -62.02 -6.38 72.65
C LYS J 257 -62.60 -6.90 73.97
N ALA J 258 -61.74 -7.13 74.97
CA ALA J 258 -62.09 -7.84 76.21
C ALA J 258 -63.29 -7.28 76.99
N GLN J 259 -63.68 -6.03 76.69
CA GLN J 259 -64.84 -5.42 77.34
C GLN J 259 -66.20 -5.90 76.79
N GLU J 260 -66.32 -5.94 75.46
CA GLU J 260 -67.61 -6.17 74.80
C GLU J 260 -68.13 -7.62 74.89
N GLU J 261 -67.21 -8.58 74.86
CA GLU J 261 -67.55 -10.02 74.89
C GLU J 261 -68.50 -10.40 73.75
N VAL K 1 79.16 -70.13 -57.86
CA VAL K 1 80.30 -69.42 -58.40
C VAL K 1 81.56 -70.30 -58.41
N LEU K 2 81.51 -71.43 -57.69
CA LEU K 2 82.45 -72.54 -57.85
C LEU K 2 83.91 -72.17 -57.65
N SER K 3 84.30 -72.00 -56.41
CA SER K 3 85.67 -71.79 -56.00
C SER K 3 86.49 -73.01 -56.25
N PRO K 4 87.80 -72.92 -56.03
CA PRO K 4 88.57 -74.17 -56.03
C PRO K 4 87.96 -75.22 -55.06
N ALA K 5 87.59 -74.78 -53.86
CA ALA K 5 87.00 -75.66 -52.86
C ALA K 5 85.80 -76.37 -53.44
N ASP K 6 84.82 -75.62 -53.91
CA ASP K 6 83.66 -76.24 -54.52
C ASP K 6 84.08 -77.26 -55.55
N LYS K 7 84.95 -76.85 -56.47
CA LYS K 7 85.28 -77.65 -57.65
C LYS K 7 85.77 -79.02 -57.17
N THR K 8 86.69 -78.99 -56.20
CA THR K 8 87.21 -80.20 -55.56
C THR K 8 86.07 -81.08 -55.03
N ASN K 9 85.21 -80.51 -54.22
CA ASN K 9 84.10 -81.27 -53.68
C ASN K 9 83.26 -81.97 -54.73
N VAL K 10 82.88 -81.25 -55.78
CA VAL K 10 82.01 -81.83 -56.81
C VAL K 10 82.67 -83.00 -57.49
N LYS K 11 83.97 -82.88 -57.77
CA LYS K 11 84.70 -83.98 -58.41
C LYS K 11 84.75 -85.17 -57.46
N ALA K 12 85.16 -84.91 -56.22
CA ALA K 12 85.36 -85.95 -55.24
C ALA K 12 84.03 -86.65 -54.99
N ALA K 13 82.94 -85.90 -55.02
CA ALA K 13 81.66 -86.50 -54.71
C ALA K 13 81.10 -87.27 -55.88
N TRP K 14 81.35 -86.77 -57.08
CA TRP K 14 80.74 -87.33 -58.30
C TRP K 14 81.56 -88.56 -58.71
N GLY K 15 82.79 -88.61 -58.24
CA GLY K 15 83.64 -89.78 -58.38
C GLY K 15 83.03 -90.91 -57.57
N LYS K 16 82.84 -90.67 -56.27
CA LYS K 16 82.22 -91.65 -55.37
C LYS K 16 80.84 -92.11 -55.91
N VAL K 17 80.33 -91.44 -56.92
CA VAL K 17 79.10 -91.85 -57.57
C VAL K 17 79.45 -92.94 -58.59
N GLY K 18 80.55 -92.74 -59.31
CA GLY K 18 81.04 -93.75 -60.24
C GLY K 18 80.06 -94.29 -61.27
N ALA K 19 80.14 -95.60 -61.57
CA ALA K 19 79.30 -96.21 -62.60
C ALA K 19 77.80 -96.06 -62.31
N HIS K 20 77.48 -95.67 -61.10
CA HIS K 20 76.07 -95.55 -60.73
C HIS K 20 75.54 -94.23 -61.28
N ALA K 21 76.44 -93.37 -61.75
CA ALA K 21 76.05 -92.10 -62.34
C ALA K 21 74.89 -92.30 -63.29
N GLY K 22 74.92 -93.34 -64.09
CA GLY K 22 73.78 -93.59 -64.94
C GLY K 22 72.49 -93.87 -64.19
N GLU K 23 72.59 -94.77 -63.23
CA GLU K 23 71.43 -95.31 -62.54
C GLU K 23 70.81 -94.26 -61.60
N TYR K 24 71.62 -93.35 -61.09
CA TYR K 24 71.10 -92.23 -60.30
C TYR K 24 70.31 -91.29 -61.20
N GLY K 25 70.86 -90.98 -62.37
CA GLY K 25 70.23 -90.09 -63.31
C GLY K 25 68.77 -90.48 -63.53
N ALA K 26 68.51 -91.79 -63.56
CA ALA K 26 67.17 -92.27 -63.80
C ALA K 26 66.37 -92.18 -62.54
N GLU K 27 66.98 -92.56 -61.42
CA GLU K 27 66.27 -92.51 -60.13
C GLU K 27 65.85 -91.07 -59.87
N ALA K 28 66.76 -90.14 -60.16
CA ALA K 28 66.50 -88.71 -60.03
C ALA K 28 65.28 -88.29 -60.86
N LEU K 29 65.28 -88.58 -62.15
CA LEU K 29 64.14 -88.25 -63.01
C LEU K 29 62.87 -88.84 -62.46
N GLU K 30 62.94 -90.07 -61.97
CA GLU K 30 61.73 -90.74 -61.55
C GLU K 30 61.06 -89.96 -60.45
N ARG K 31 61.86 -89.56 -59.46
CA ARG K 31 61.40 -88.74 -58.35
C ARG K 31 60.68 -87.51 -58.87
N MET K 32 61.28 -86.89 -59.89
CA MET K 32 60.76 -85.63 -60.44
C MET K 32 59.37 -85.80 -61.02
N PHE K 33 59.17 -86.87 -61.77
CA PHE K 33 57.86 -87.11 -62.36
C PHE K 33 56.83 -87.49 -61.28
N LEU K 34 57.31 -88.11 -60.21
CA LEU K 34 56.44 -88.52 -59.11
C LEU K 34 56.15 -87.36 -58.15
N SER K 35 57.20 -86.59 -57.85
CA SER K 35 57.05 -85.46 -56.96
C SER K 35 56.33 -84.31 -57.67
N PHE K 36 56.77 -83.96 -58.87
CA PHE K 36 56.24 -82.79 -59.58
C PHE K 36 55.68 -83.13 -60.94
N PRO K 37 54.44 -83.66 -60.97
CA PRO K 37 53.80 -84.25 -62.15
C PRO K 37 53.76 -83.33 -63.36
N THR K 38 54.00 -82.05 -63.14
CA THR K 38 53.93 -81.09 -64.23
C THR K 38 55.12 -81.27 -65.17
N THR K 39 56.21 -81.83 -64.66
CA THR K 39 57.40 -81.99 -65.49
C THR K 39 57.18 -83.04 -66.56
N LYS K 40 56.13 -83.85 -66.41
CA LYS K 40 55.82 -84.90 -67.37
C LYS K 40 55.39 -84.34 -68.75
N THR K 41 54.91 -83.08 -68.77
CA THR K 41 54.39 -82.50 -70.01
C THR K 41 55.48 -82.16 -71.01
N TYR K 42 56.73 -82.35 -70.61
CA TYR K 42 57.84 -82.20 -71.54
C TYR K 42 58.22 -83.54 -72.20
N PHE K 43 57.68 -84.64 -71.67
CA PHE K 43 58.02 -85.99 -72.12
C PHE K 43 56.79 -86.79 -72.52
N PRO K 44 56.06 -86.30 -73.53
CA PRO K 44 54.75 -86.89 -73.82
C PRO K 44 54.84 -88.37 -74.16
N HIS K 45 55.74 -88.73 -75.07
CA HIS K 45 55.71 -90.05 -75.71
C HIS K 45 56.50 -91.09 -74.93
N PHE K 46 57.20 -90.62 -73.90
CA PHE K 46 57.96 -91.52 -73.04
C PHE K 46 57.01 -92.35 -72.21
N ASP K 47 57.37 -93.61 -72.01
CA ASP K 47 56.74 -94.40 -70.99
C ASP K 47 57.35 -93.93 -69.69
N LEU K 48 56.52 -93.36 -68.81
CA LEU K 48 57.03 -92.73 -67.61
C LEU K 48 56.96 -93.62 -66.37
N SER K 49 56.52 -94.86 -66.57
CA SER K 49 56.27 -95.77 -65.45
C SER K 49 57.55 -96.20 -64.75
N HIS K 50 57.42 -97.11 -63.79
CA HIS K 50 58.57 -97.47 -62.97
C HIS K 50 59.61 -98.24 -63.77
N GLY K 51 60.85 -97.77 -63.68
CA GLY K 51 62.00 -98.43 -64.27
C GLY K 51 61.92 -98.57 -65.78
N SER K 52 61.06 -97.76 -66.39
CA SER K 52 60.87 -97.79 -67.85
C SER K 52 62.22 -97.70 -68.55
N ALA K 53 62.45 -98.56 -69.54
CA ALA K 53 63.68 -98.52 -70.32
C ALA K 53 63.92 -97.13 -70.89
N GLN K 54 62.84 -96.48 -71.32
CA GLN K 54 62.93 -95.14 -71.88
C GLN K 54 63.44 -94.11 -70.87
N VAL K 55 62.83 -94.11 -69.68
CA VAL K 55 63.31 -93.31 -68.55
C VAL K 55 64.76 -93.65 -68.19
N LYS K 56 65.04 -94.95 -68.09
CA LYS K 56 66.30 -95.48 -67.59
C LYS K 56 67.45 -95.05 -68.50
N GLY K 57 67.20 -95.07 -69.81
CA GLY K 57 68.20 -94.72 -70.79
C GLY K 57 68.41 -93.22 -70.83
N HIS K 58 67.31 -92.49 -70.87
CA HIS K 58 67.35 -91.04 -70.83
C HIS K 58 68.19 -90.53 -69.66
N GLY K 59 68.04 -91.18 -68.51
CA GLY K 59 68.88 -90.89 -67.35
C GLY K 59 70.37 -91.07 -67.63
N LYS K 60 70.72 -92.01 -68.50
CA LYS K 60 72.11 -92.22 -68.83
C LYS K 60 72.60 -91.02 -69.60
N LYS K 61 71.71 -90.35 -70.35
CA LYS K 61 72.13 -89.18 -71.13
C LYS K 61 72.42 -88.04 -70.16
N VAL K 62 71.43 -87.79 -69.30
CA VAL K 62 71.49 -86.72 -68.30
C VAL K 62 72.65 -86.91 -67.35
N ALA K 63 72.91 -88.16 -67.02
CA ALA K 63 74.05 -88.52 -66.21
C ALA K 63 75.32 -88.05 -66.90
N ASP K 64 75.36 -88.26 -68.19
CA ASP K 64 76.59 -88.09 -68.93
C ASP K 64 76.86 -86.62 -69.14
N ALA K 65 75.79 -85.90 -69.45
CA ALA K 65 75.82 -84.42 -69.49
C ALA K 65 76.53 -83.88 -68.23
N LEU K 66 76.07 -84.36 -67.08
CA LEU K 66 76.63 -83.96 -65.81
C LEU K 66 78.10 -84.33 -65.65
N THR K 67 78.43 -85.56 -66.03
CA THR K 67 79.82 -86.03 -65.89
C THR K 67 80.73 -85.17 -66.76
N ASN K 68 80.18 -84.80 -67.92
CA ASN K 68 80.89 -83.98 -68.86
C ASN K 68 81.20 -82.69 -68.16
N ALA K 69 80.15 -82.14 -67.52
CA ALA K 69 80.27 -80.88 -66.82
C ALA K 69 81.38 -80.93 -65.79
N VAL K 70 81.49 -81.99 -65.02
CA VAL K 70 82.54 -81.99 -64.01
C VAL K 70 83.89 -82.30 -64.69
N ALA K 71 83.81 -82.99 -65.83
CA ALA K 71 85.00 -83.30 -66.61
C ALA K 71 85.71 -82.01 -67.04
N HIS K 72 84.98 -81.10 -67.67
CA HIS K 72 85.54 -79.77 -67.73
C HIS K 72 84.62 -78.86 -66.96
N VAL K 73 84.93 -78.66 -65.68
CA VAL K 73 84.03 -77.86 -64.88
C VAL K 73 84.51 -76.42 -64.97
N ASP K 74 85.77 -76.28 -65.41
CA ASP K 74 86.36 -74.95 -65.44
C ASP K 74 85.88 -74.17 -66.63
N ASP K 75 85.33 -74.84 -67.62
CA ASP K 75 84.50 -74.17 -68.60
C ASP K 75 83.23 -74.97 -68.78
N MET K 76 82.16 -74.60 -68.12
CA MET K 76 80.90 -75.28 -68.41
C MET K 76 80.17 -74.85 -69.66
N PRO K 77 80.10 -73.54 -69.97
CA PRO K 77 79.21 -73.18 -71.09
C PRO K 77 79.71 -73.69 -72.44
N ASN K 78 81.01 -73.73 -72.68
CA ASN K 78 81.48 -74.40 -73.89
C ASN K 78 81.05 -75.87 -73.91
N ALA K 79 81.34 -76.59 -72.83
CA ALA K 79 80.96 -77.99 -72.72
C ALA K 79 79.46 -78.19 -72.91
N LEU K 80 78.66 -77.36 -72.28
CA LEU K 80 77.21 -77.54 -72.30
C LEU K 80 76.51 -76.77 -73.40
N SER K 81 77.31 -76.11 -74.24
CA SER K 81 76.84 -75.23 -75.30
C SER K 81 75.76 -75.85 -76.17
N ALA K 82 76.00 -77.05 -76.68
CA ALA K 82 75.00 -77.68 -77.54
C ALA K 82 73.74 -77.98 -76.73
N LEU K 83 73.88 -78.15 -75.43
CA LEU K 83 72.73 -78.30 -74.55
C LEU K 83 72.09 -76.95 -74.15
N SER K 84 72.86 -75.86 -74.17
CA SER K 84 72.30 -74.52 -73.92
C SER K 84 71.11 -74.36 -74.84
N ASP K 85 71.38 -74.57 -76.12
CA ASP K 85 70.47 -74.27 -77.19
C ASP K 85 69.33 -75.25 -77.22
N LEU K 86 69.59 -76.46 -76.76
CA LEU K 86 68.62 -77.51 -76.96
C LEU K 86 67.42 -77.25 -76.07
N HIS K 87 67.70 -76.93 -74.81
CA HIS K 87 66.62 -76.68 -73.86
C HIS K 87 66.08 -75.28 -74.01
N ALA K 88 66.97 -74.31 -74.17
CA ALA K 88 66.54 -72.95 -74.27
C ALA K 88 65.58 -72.80 -75.45
N HIS K 89 66.07 -73.11 -76.66
CA HIS K 89 65.37 -72.74 -77.90
C HIS K 89 64.42 -73.82 -78.42
N LYS K 90 64.98 -74.97 -78.79
CA LYS K 90 64.21 -76.03 -79.43
C LYS K 90 63.10 -76.54 -78.51
N LEU K 91 63.52 -77.00 -77.33
CA LEU K 91 62.61 -77.62 -76.36
C LEU K 91 61.83 -76.62 -75.49
N ARG K 92 62.34 -75.39 -75.36
CA ARG K 92 61.77 -74.35 -74.49
C ARG K 92 61.33 -74.88 -73.10
N VAL K 93 62.29 -75.22 -72.26
CA VAL K 93 61.98 -75.72 -70.93
C VAL K 93 61.93 -74.60 -69.90
N ASP K 94 60.80 -74.45 -69.20
CA ASP K 94 60.65 -73.36 -68.24
C ASP K 94 61.66 -73.47 -67.09
N PRO K 95 62.54 -72.47 -66.95
CA PRO K 95 63.68 -72.50 -66.02
C PRO K 95 63.35 -72.95 -64.60
N VAL K 96 62.07 -72.89 -64.22
CA VAL K 96 61.65 -73.41 -62.92
C VAL K 96 61.85 -74.92 -62.84
N ASN K 97 61.84 -75.59 -64.02
CA ASN K 97 61.81 -77.04 -64.01
C ASN K 97 63.18 -77.61 -63.65
N PHE K 98 64.24 -76.91 -64.05
CA PHE K 98 65.60 -77.31 -63.73
C PHE K 98 65.83 -77.33 -62.22
N LYS K 99 65.17 -76.44 -61.49
CA LYS K 99 65.38 -76.35 -60.06
C LYS K 99 64.69 -77.52 -59.32
N LEU K 100 63.62 -78.04 -59.91
CA LEU K 100 63.06 -79.29 -59.43
C LEU K 100 64.07 -80.44 -59.56
N LEU K 101 64.47 -80.72 -60.80
CA LEU K 101 65.38 -81.80 -61.04
C LEU K 101 66.68 -81.57 -60.27
N SER K 102 67.08 -80.30 -60.13
CA SER K 102 68.28 -79.97 -59.35
C SER K 102 68.15 -80.60 -57.99
N HIS K 103 66.97 -80.45 -57.41
CA HIS K 103 66.67 -80.88 -56.05
C HIS K 103 66.47 -82.37 -56.03
N CYS K 104 65.68 -82.92 -56.94
CA CYS K 104 65.63 -84.38 -57.07
C CYS K 104 67.05 -85.00 -57.20
N LEU K 105 67.93 -84.38 -57.97
CA LEU K 105 69.32 -84.84 -58.02
C LEU K 105 70.05 -84.70 -56.71
N LEU K 106 69.57 -83.80 -55.86
CA LEU K 106 70.13 -83.67 -54.51
C LEU K 106 69.54 -84.68 -53.53
N VAL K 107 68.23 -84.92 -53.65
CA VAL K 107 67.58 -85.94 -52.86
C VAL K 107 68.22 -87.30 -53.16
N THR K 108 68.33 -87.61 -54.46
CA THR K 108 68.90 -88.85 -54.96
C THR K 108 70.32 -89.11 -54.47
N LEU K 109 71.20 -88.13 -54.64
CA LEU K 109 72.56 -88.28 -54.16
C LEU K 109 72.61 -88.45 -52.66
N ALA K 110 71.68 -87.82 -51.96
CA ALA K 110 71.65 -87.94 -50.51
C ALA K 110 71.43 -89.40 -50.13
N ALA K 111 70.33 -89.96 -50.64
CA ALA K 111 69.94 -91.32 -50.35
C ALA K 111 71.10 -92.32 -50.56
N HIS K 112 71.77 -92.25 -51.71
CA HIS K 112 72.78 -93.27 -52.05
C HIS K 112 74.14 -93.00 -51.42
N LEU K 113 74.38 -91.78 -50.94
CA LEU K 113 75.74 -91.46 -50.49
C LEU K 113 75.86 -90.77 -49.15
N PRO K 114 75.28 -91.35 -48.09
CA PRO K 114 75.26 -90.67 -46.81
C PRO K 114 76.61 -90.07 -46.38
N ALA K 115 77.72 -90.76 -46.58
CA ALA K 115 78.97 -90.30 -45.99
C ALA K 115 79.56 -89.03 -46.59
N GLU K 116 79.31 -88.76 -47.88
CA GLU K 116 79.94 -87.61 -48.55
C GLU K 116 79.07 -86.36 -48.54
N PHE K 117 77.85 -86.48 -48.07
CA PHE K 117 76.82 -85.47 -48.19
C PHE K 117 76.91 -84.45 -47.06
N THR K 118 78.10 -84.38 -46.45
CA THR K 118 78.40 -83.38 -45.42
C THR K 118 77.98 -82.01 -45.90
N PRO K 119 77.59 -81.11 -44.97
CA PRO K 119 77.05 -79.81 -45.39
C PRO K 119 77.93 -79.12 -46.42
N ALA K 120 79.26 -79.06 -46.21
CA ALA K 120 80.19 -78.48 -47.20
C ALA K 120 79.95 -78.99 -48.61
N VAL K 121 79.67 -80.27 -48.77
CA VAL K 121 79.45 -80.81 -50.11
C VAL K 121 78.07 -80.42 -50.61
N HIS K 122 77.11 -80.44 -49.70
CA HIS K 122 75.74 -80.09 -50.03
C HIS K 122 75.71 -78.70 -50.67
N ALA K 123 76.55 -77.82 -50.15
CA ALA K 123 76.76 -76.48 -50.69
C ALA K 123 77.22 -76.58 -52.14
N SER K 124 78.46 -77.05 -52.33
CA SER K 124 79.07 -77.06 -53.65
C SER K 124 78.35 -77.98 -54.61
N LEU K 125 77.62 -78.97 -54.13
CA LEU K 125 76.87 -79.78 -55.09
C LEU K 125 75.73 -78.93 -55.67
N ASP K 126 75.16 -78.09 -54.82
CA ASP K 126 73.99 -77.29 -55.16
C ASP K 126 74.37 -76.14 -56.06
N LYS K 127 75.53 -75.54 -55.74
CA LYS K 127 76.11 -74.51 -56.57
C LYS K 127 76.34 -75.11 -57.96
N PHE K 128 76.99 -76.28 -57.99
CA PHE K 128 77.27 -76.97 -59.24
C PHE K 128 76.00 -77.18 -60.05
N LEU K 129 74.93 -77.76 -59.51
CA LEU K 129 73.71 -77.85 -60.29
C LEU K 129 73.07 -76.48 -60.53
N ALA K 130 73.31 -75.54 -59.62
CA ALA K 130 72.89 -74.17 -59.94
C ALA K 130 73.60 -73.77 -61.24
N SER K 131 74.93 -73.68 -61.15
CA SER K 131 75.77 -73.27 -62.24
C SER K 131 75.38 -73.98 -63.52
N VAL K 132 75.13 -75.27 -63.45
CA VAL K 132 74.68 -75.94 -64.65
C VAL K 132 73.26 -75.51 -65.03
N SER K 133 72.34 -75.54 -64.05
CA SER K 133 70.94 -75.34 -64.39
C SER K 133 70.74 -73.94 -64.95
N THR K 134 71.64 -73.04 -64.57
CA THR K 134 71.66 -71.69 -65.12
C THR K 134 71.99 -71.71 -66.61
N VAL K 135 73.13 -72.33 -66.95
CA VAL K 135 73.72 -72.30 -68.31
C VAL K 135 72.77 -72.81 -69.38
N LEU K 136 71.93 -73.78 -69.04
CA LEU K 136 70.90 -74.25 -69.95
C LEU K 136 69.83 -73.22 -70.13
N THR K 137 69.48 -72.55 -69.05
CA THR K 137 68.40 -71.58 -69.06
C THR K 137 68.74 -70.15 -69.60
N SER K 138 69.98 -69.72 -69.50
CA SER K 138 70.27 -68.32 -69.73
C SER K 138 70.03 -67.90 -71.16
N LYS K 139 69.82 -68.85 -72.06
CA LYS K 139 69.46 -68.50 -73.44
C LYS K 139 67.94 -68.56 -73.64
N TYR K 140 67.20 -68.71 -72.56
CA TYR K 140 65.74 -68.63 -72.61
C TYR K 140 65.38 -67.23 -73.14
N ARG K 141 64.21 -67.11 -73.78
CA ARG K 141 63.70 -65.81 -74.24
C ARG K 141 62.23 -65.98 -74.62
N VAL L 1 46.63 -80.38 -48.44
CA VAL L 1 46.12 -81.04 -49.65
C VAL L 1 45.71 -82.47 -49.28
N HIS L 2 44.99 -83.14 -50.19
CA HIS L 2 44.59 -84.53 -50.01
C HIS L 2 45.80 -85.46 -50.00
N LEU L 3 45.71 -86.52 -49.22
CA LEU L 3 46.77 -87.51 -49.18
C LEU L 3 46.16 -88.91 -49.12
N THR L 4 46.58 -89.77 -50.04
CA THR L 4 46.15 -91.18 -50.03
C THR L 4 46.55 -91.81 -48.69
N PRO L 5 45.69 -92.67 -48.15
CA PRO L 5 45.96 -93.34 -46.86
C PRO L 5 47.35 -94.00 -46.78
N GLU L 6 47.80 -94.65 -47.84
CA GLU L 6 49.11 -95.30 -47.83
C GLU L 6 50.24 -94.27 -48.00
N GLU L 7 49.88 -93.08 -48.47
CA GLU L 7 50.83 -91.98 -48.44
C GLU L 7 51.04 -91.55 -47.00
N LYS L 8 49.94 -91.21 -46.34
CA LYS L 8 49.98 -90.76 -44.94
C LYS L 8 50.58 -91.84 -44.05
N SER L 9 50.33 -93.10 -44.40
CA SER L 9 50.83 -94.20 -43.60
C SER L 9 52.34 -94.33 -43.77
N ALA L 10 52.80 -94.25 -45.01
CA ALA L 10 54.23 -94.29 -45.31
C ALA L 10 54.93 -93.07 -44.71
N VAL L 11 54.23 -91.94 -44.72
CA VAL L 11 54.74 -90.69 -44.16
C VAL L 11 54.88 -90.76 -42.64
N THR L 12 53.78 -91.08 -41.95
CA THR L 12 53.80 -91.05 -40.49
C THR L 12 54.76 -92.10 -39.96
N ALA L 13 54.73 -93.29 -40.57
CA ALA L 13 55.56 -94.40 -40.11
C ALA L 13 57.03 -94.04 -40.22
N LEU L 14 57.35 -93.27 -41.25
CA LEU L 14 58.74 -92.85 -41.42
C LEU L 14 59.04 -91.77 -40.39
N TRP L 15 58.11 -90.84 -40.21
CA TRP L 15 58.31 -89.72 -39.30
C TRP L 15 58.55 -90.25 -37.88
N GLY L 16 58.00 -91.42 -37.58
CA GLY L 16 58.28 -92.10 -36.34
C GLY L 16 59.76 -92.33 -36.12
N LYS L 17 60.47 -92.75 -37.17
CA LYS L 17 61.87 -93.10 -37.00
C LYS L 17 62.76 -91.85 -36.98
N VAL L 18 62.18 -90.68 -37.19
CA VAL L 18 62.96 -89.46 -37.25
C VAL L 18 63.44 -88.98 -35.88
N ASN L 19 64.76 -88.80 -35.73
CA ASN L 19 65.28 -88.32 -34.46
C ASN L 19 64.88 -86.87 -34.18
N VAL L 20 64.13 -86.63 -33.11
CA VAL L 20 63.57 -85.31 -32.88
C VAL L 20 64.51 -84.42 -32.11
N ASP L 21 65.65 -84.93 -31.70
CA ASP L 21 66.63 -84.10 -31.03
C ASP L 21 67.71 -83.66 -31.99
N GLU L 22 67.67 -84.19 -33.23
CA GLU L 22 68.72 -83.86 -34.21
C GLU L 22 68.30 -83.33 -35.60
N VAL L 23 67.46 -84.10 -36.30
CA VAL L 23 67.06 -83.83 -37.67
C VAL L 23 66.68 -82.40 -37.94
N GLY L 24 65.76 -81.86 -37.14
CA GLY L 24 65.31 -80.49 -37.38
C GLY L 24 66.44 -79.50 -37.39
N GLY L 25 67.39 -79.68 -36.48
CA GLY L 25 68.47 -78.74 -36.33
C GLY L 25 69.43 -78.91 -37.45
N GLU L 26 69.51 -80.12 -37.97
CA GLU L 26 70.42 -80.36 -39.09
C GLU L 26 69.87 -79.75 -40.35
N ALA L 27 68.53 -79.82 -40.52
CA ALA L 27 67.86 -79.19 -41.65
C ALA L 27 68.08 -77.70 -41.59
N LEU L 28 68.03 -77.13 -40.39
CA LEU L 28 68.16 -75.69 -40.27
C LEU L 28 69.55 -75.24 -40.68
N GLY L 29 70.56 -75.83 -40.05
CA GLY L 29 71.91 -75.40 -40.28
C GLY L 29 72.39 -75.63 -41.72
N ARG L 30 71.70 -76.50 -42.46
CA ARG L 30 72.13 -76.69 -43.83
C ARG L 30 71.62 -75.50 -44.62
N LEU L 31 70.37 -75.17 -44.39
CA LEU L 31 69.81 -73.92 -44.93
C LEU L 31 70.69 -72.69 -44.72
N LEU L 32 71.16 -72.51 -43.50
CA LEU L 32 72.10 -71.42 -43.25
C LEU L 32 73.32 -71.49 -44.17
N VAL L 33 73.79 -72.71 -44.45
CA VAL L 33 75.02 -72.93 -45.20
C VAL L 33 74.85 -72.85 -46.72
N VAL L 34 73.77 -73.48 -47.19
CA VAL L 34 73.46 -73.59 -48.61
C VAL L 34 72.91 -72.29 -49.22
N TYR L 35 72.06 -71.60 -48.46
CA TYR L 35 71.49 -70.34 -48.89
C TYR L 35 71.87 -69.26 -47.92
N PRO L 36 73.12 -68.80 -47.94
CA PRO L 36 73.65 -68.00 -46.83
C PRO L 36 72.87 -66.75 -46.44
N TRP L 37 71.92 -66.29 -47.23
CA TRP L 37 71.26 -65.04 -46.88
C TRP L 37 70.26 -65.19 -45.73
N THR L 38 69.90 -66.42 -45.38
CA THR L 38 68.99 -66.59 -44.27
C THR L 38 69.74 -66.36 -42.99
N GLN L 39 71.07 -66.43 -43.07
CA GLN L 39 71.88 -66.21 -41.87
C GLN L 39 71.54 -64.89 -41.20
N ARG L 40 71.05 -63.97 -42.02
CA ARG L 40 70.70 -62.62 -41.61
C ARG L 40 69.71 -62.55 -40.44
N PHE L 41 68.77 -63.50 -40.43
CA PHE L 41 67.75 -63.58 -39.41
C PHE L 41 68.24 -64.23 -38.10
N PHE L 42 69.22 -65.13 -38.22
CA PHE L 42 69.76 -65.92 -37.12
C PHE L 42 71.12 -65.51 -36.54
N GLU L 43 71.77 -64.45 -36.99
CA GLU L 43 73.17 -64.24 -36.56
C GLU L 43 73.34 -64.01 -35.06
N SER L 44 72.22 -63.87 -34.36
CA SER L 44 72.16 -63.84 -32.90
C SER L 44 72.64 -65.15 -32.27
N PHE L 45 72.75 -66.20 -33.09
CA PHE L 45 73.15 -67.52 -32.62
C PHE L 45 74.59 -67.54 -32.15
N GLY L 46 75.48 -66.97 -32.93
CA GLY L 46 76.89 -67.05 -32.63
C GLY L 46 77.54 -67.03 -33.98
N ASP L 47 78.73 -67.62 -34.12
CA ASP L 47 79.38 -67.68 -35.43
C ASP L 47 78.59 -68.58 -36.37
N LEU L 48 78.12 -68.00 -37.46
CA LEU L 48 77.50 -68.74 -38.54
C LEU L 48 78.35 -68.90 -39.84
N SER L 49 79.64 -68.56 -39.79
CA SER L 49 80.45 -68.43 -41.01
C SER L 49 80.82 -69.75 -41.72
N THR L 50 81.54 -70.60 -41.01
CA THR L 50 81.90 -71.94 -41.48
C THR L 50 80.71 -72.89 -41.37
N PRO L 51 80.72 -74.01 -42.11
CA PRO L 51 79.65 -75.01 -41.94
C PRO L 51 79.75 -75.78 -40.59
N ASP L 52 80.97 -75.92 -40.08
CA ASP L 52 81.15 -76.63 -38.82
C ASP L 52 80.60 -75.83 -37.67
N ALA L 53 80.87 -74.52 -37.68
CA ALA L 53 80.35 -73.64 -36.66
C ALA L 53 78.85 -73.73 -36.66
N VAL L 54 78.25 -73.54 -37.83
CA VAL L 54 76.79 -73.61 -37.94
C VAL L 54 76.27 -74.92 -37.41
N MET L 55 76.82 -76.02 -37.94
CA MET L 55 76.34 -77.34 -37.54
C MET L 55 76.59 -77.62 -36.04
N GLY L 56 77.71 -77.11 -35.53
CA GLY L 56 78.04 -77.24 -34.13
C GLY L 56 77.30 -76.32 -33.18
N ASN L 57 77.00 -75.08 -33.61
CA ASN L 57 76.50 -74.04 -32.70
C ASN L 57 75.25 -74.53 -31.98
N PRO L 58 75.32 -74.61 -30.62
CA PRO L 58 74.26 -75.24 -29.81
C PRO L 58 72.92 -74.54 -29.92
N LYS L 59 72.89 -73.27 -30.34
CA LYS L 59 71.61 -72.59 -30.44
C LYS L 59 70.91 -72.98 -31.72
N VAL L 60 71.69 -73.52 -32.66
CA VAL L 60 71.12 -73.93 -33.94
C VAL L 60 70.26 -75.18 -33.83
N LYS L 61 70.78 -76.25 -33.21
CA LYS L 61 69.97 -77.47 -33.12
C LYS L 61 68.87 -77.23 -32.12
N ALA L 62 69.18 -76.39 -31.13
CA ALA L 62 68.23 -75.99 -30.11
C ALA L 62 67.05 -75.37 -30.82
N HIS L 63 67.37 -74.53 -31.80
CA HIS L 63 66.36 -73.89 -32.60
C HIS L 63 65.67 -74.89 -33.53
N GLY L 64 66.47 -75.66 -34.27
CA GLY L 64 65.91 -76.61 -35.20
C GLY L 64 64.83 -77.47 -34.59
N LYS L 65 65.03 -77.87 -33.33
CA LYS L 65 64.09 -78.74 -32.64
C LYS L 65 62.70 -78.13 -32.67
N LYS L 66 62.62 -76.87 -32.24
CA LYS L 66 61.37 -76.12 -32.21
C LYS L 66 60.74 -76.06 -33.59
N VAL L 67 61.60 -75.94 -34.62
CA VAL L 67 61.16 -75.92 -36.01
C VAL L 67 60.67 -77.27 -36.44
N LEU L 68 61.46 -78.28 -36.11
CA LEU L 68 61.12 -79.66 -36.39
C LEU L 68 59.81 -80.00 -35.73
N GLY L 69 59.67 -79.56 -34.49
CA GLY L 69 58.43 -79.72 -33.79
C GLY L 69 57.36 -79.09 -34.63
N ALA L 70 57.55 -77.82 -34.97
CA ALA L 70 56.57 -77.09 -35.75
C ALA L 70 56.12 -77.91 -36.97
N PHE L 71 57.06 -78.61 -37.62
CA PHE L 71 56.71 -79.54 -38.71
C PHE L 71 55.94 -80.77 -38.18
N SER L 72 56.26 -81.27 -36.99
CA SER L 72 55.54 -82.45 -36.48
C SER L 72 54.04 -82.12 -36.37
N ASP L 73 53.74 -80.87 -36.02
CA ASP L 73 52.37 -80.43 -35.78
C ASP L 73 51.60 -80.48 -37.09
N GLY L 74 52.34 -80.31 -38.19
CA GLY L 74 51.77 -80.35 -39.51
C GLY L 74 51.25 -81.74 -39.83
N LEU L 75 52.13 -82.73 -39.70
CA LEU L 75 51.77 -84.12 -39.92
C LEU L 75 50.65 -84.55 -39.00
N ALA L 76 50.58 -83.92 -37.83
CA ALA L 76 49.51 -84.21 -36.89
C ALA L 76 48.17 -83.82 -37.50
N HIS L 77 48.00 -82.54 -37.83
CA HIS L 77 46.76 -82.15 -38.47
C HIS L 77 47.03 -81.57 -39.86
N LEU L 78 46.81 -82.39 -40.89
CA LEU L 78 47.11 -82.03 -42.28
C LEU L 78 45.92 -81.43 -43.00
N ASP L 79 44.75 -81.54 -42.39
CA ASP L 79 43.55 -80.94 -42.92
C ASP L 79 43.41 -79.47 -42.53
N ASN L 80 43.71 -79.14 -41.27
CA ASN L 80 43.85 -77.72 -40.96
C ASN L 80 45.33 -77.37 -40.84
N LEU L 81 45.95 -77.08 -41.98
CA LEU L 81 47.34 -76.66 -42.04
C LEU L 81 47.39 -75.17 -41.82
N LYS L 82 46.43 -74.48 -42.45
CA LYS L 82 46.31 -73.03 -42.36
C LYS L 82 46.27 -72.66 -40.91
N GLY L 83 45.34 -73.27 -40.19
CA GLY L 83 45.07 -72.94 -38.80
C GLY L 83 46.21 -73.26 -37.85
N THR L 84 46.83 -74.42 -38.05
CA THR L 84 47.88 -74.85 -37.17
C THR L 84 49.03 -73.85 -37.20
N PHE L 85 49.33 -73.37 -38.38
CA PHE L 85 50.41 -72.41 -38.58
C PHE L 85 49.92 -70.96 -38.61
N ALA L 86 48.63 -70.77 -38.39
CA ALA L 86 48.02 -69.44 -38.51
C ALA L 86 48.79 -68.43 -37.68
N THR L 87 49.11 -68.77 -36.43
CA THR L 87 49.90 -67.87 -35.62
C THR L 87 51.36 -67.82 -36.12
N LEU L 88 51.97 -68.98 -36.35
CA LEU L 88 53.34 -68.98 -36.86
C LEU L 88 53.44 -68.09 -38.11
N SER L 89 52.40 -68.11 -38.94
CA SER L 89 52.34 -67.31 -40.14
C SER L 89 52.46 -65.83 -39.79
N GLU L 90 51.92 -65.48 -38.63
CA GLU L 90 51.96 -64.10 -38.19
C GLU L 90 53.38 -63.73 -37.78
N LEU L 91 54.08 -64.65 -37.13
CA LEU L 91 55.42 -64.35 -36.67
C LEU L 91 56.32 -63.99 -37.86
N HIS L 92 56.29 -64.82 -38.90
CA HIS L 92 57.19 -64.63 -40.05
C HIS L 92 56.72 -63.54 -41.02
N CYS L 93 55.44 -63.53 -41.37
CA CYS L 93 54.96 -62.60 -42.37
C CYS L 93 54.71 -61.18 -41.84
N ASP L 94 53.98 -61.06 -40.72
CA ASP L 94 53.58 -59.77 -40.19
C ASP L 94 54.65 -59.11 -39.35
N LYS L 95 55.30 -59.86 -38.46
CA LYS L 95 56.35 -59.27 -37.63
C LYS L 95 57.74 -59.24 -38.26
N LEU L 96 58.11 -60.38 -38.84
CA LEU L 96 59.45 -60.64 -39.41
C LEU L 96 59.69 -60.25 -40.87
N HIS L 97 58.68 -60.47 -41.71
CA HIS L 97 58.76 -60.26 -43.17
C HIS L 97 59.78 -61.17 -43.84
N VAL L 98 59.79 -62.44 -43.46
CA VAL L 98 60.50 -63.47 -44.16
C VAL L 98 59.84 -63.62 -45.52
N ASP L 99 60.66 -63.68 -46.59
CA ASP L 99 60.15 -63.93 -47.94
C ASP L 99 59.73 -65.37 -48.05
N PRO L 100 58.47 -65.65 -48.43
CA PRO L 100 57.81 -66.97 -48.37
C PRO L 100 58.55 -68.04 -49.13
N GLU L 101 59.50 -67.62 -49.94
CA GLU L 101 60.29 -68.55 -50.71
C GLU L 101 61.25 -69.29 -49.83
N ASN L 102 61.65 -68.69 -48.72
CA ASN L 102 62.58 -69.41 -47.85
C ASN L 102 61.92 -70.52 -46.98
N PHE L 103 60.59 -70.54 -46.95
CA PHE L 103 59.88 -71.64 -46.31
C PHE L 103 60.07 -72.88 -47.10
N ARG L 104 59.93 -72.77 -48.41
CA ARG L 104 60.01 -73.93 -49.25
C ARG L 104 61.45 -74.35 -49.39
N LEU L 105 62.32 -73.35 -49.57
CA LEU L 105 63.74 -73.58 -49.54
C LEU L 105 64.10 -74.40 -48.31
N LEU L 106 63.56 -74.07 -47.15
CA LEU L 106 63.83 -74.85 -45.94
C LEU L 106 63.16 -76.23 -45.90
N GLY L 107 61.90 -76.29 -46.35
CA GLY L 107 61.13 -77.53 -46.39
C GLY L 107 61.84 -78.52 -47.27
N ASN L 108 62.47 -78.03 -48.33
CA ASN L 108 63.28 -78.86 -49.22
C ASN L 108 64.58 -79.35 -48.61
N VAL L 109 65.33 -78.47 -47.92
CA VAL L 109 66.56 -78.90 -47.28
C VAL L 109 66.17 -79.92 -46.24
N LEU L 110 64.98 -79.77 -45.66
CA LEU L 110 64.51 -80.81 -44.74
C LEU L 110 64.41 -82.15 -45.51
N VAL L 111 63.66 -82.18 -46.60
CA VAL L 111 63.51 -83.39 -47.44
C VAL L 111 64.87 -83.98 -47.86
N CYS L 112 65.84 -83.13 -48.13
CA CYS L 112 67.20 -83.60 -48.33
C CYS L 112 67.78 -84.33 -47.13
N VAL L 113 67.66 -83.73 -45.96
CA VAL L 113 68.16 -84.34 -44.72
C VAL L 113 67.42 -85.63 -44.37
N LEU L 114 66.09 -85.63 -44.57
CA LEU L 114 65.30 -86.85 -44.51
C LEU L 114 65.89 -87.98 -45.37
N ALA L 115 66.12 -87.68 -46.64
CA ALA L 115 66.68 -88.62 -47.55
C ALA L 115 68.08 -89.01 -47.07
N HIS L 116 68.81 -88.09 -46.46
CA HIS L 116 70.15 -88.41 -45.98
C HIS L 116 70.15 -89.49 -44.91
N HIS L 117 69.28 -89.35 -43.92
CA HIS L 117 69.26 -90.34 -42.84
C HIS L 117 68.68 -91.67 -43.31
N PHE L 118 67.60 -91.63 -44.09
CA PHE L 118 66.86 -92.85 -44.42
C PHE L 118 67.23 -93.58 -45.70
N GLY L 119 68.26 -93.13 -46.44
CA GLY L 119 68.77 -93.87 -47.57
C GLY L 119 67.70 -94.38 -48.52
N LYS L 120 67.90 -95.59 -49.03
CA LYS L 120 67.03 -96.22 -50.02
C LYS L 120 65.59 -96.32 -49.56
N GLU L 121 65.42 -96.22 -48.25
CA GLU L 121 64.14 -96.38 -47.58
C GLU L 121 63.29 -95.12 -47.77
N PHE L 122 63.94 -94.02 -48.17
CA PHE L 122 63.21 -92.81 -48.53
C PHE L 122 62.96 -92.93 -50.03
N THR L 123 61.78 -93.43 -50.37
CA THR L 123 61.48 -93.89 -51.72
C THR L 123 60.81 -92.81 -52.52
N PRO L 124 60.91 -92.88 -53.86
CA PRO L 124 60.27 -91.88 -54.70
C PRO L 124 58.79 -91.61 -54.34
N PRO L 125 57.99 -92.66 -54.04
CA PRO L 125 56.63 -92.34 -53.59
C PRO L 125 56.57 -91.60 -52.25
N VAL L 126 57.48 -91.93 -51.34
CA VAL L 126 57.49 -91.31 -50.02
C VAL L 126 57.92 -89.83 -50.10
N GLN L 127 58.96 -89.53 -50.87
CA GLN L 127 59.31 -88.13 -51.13
C GLN L 127 58.10 -87.40 -51.72
N ALA L 128 57.55 -87.97 -52.79
CA ALA L 128 56.38 -87.39 -53.46
C ALA L 128 55.25 -87.11 -52.48
N ALA L 129 55.11 -87.95 -51.47
CA ALA L 129 54.15 -87.65 -50.41
C ALA L 129 54.67 -86.51 -49.51
N TYR L 130 55.95 -86.53 -49.17
CA TYR L 130 56.50 -85.50 -48.29
C TYR L 130 56.56 -84.18 -49.01
N GLN L 131 56.76 -84.23 -50.34
CA GLN L 131 56.74 -82.99 -51.10
C GLN L 131 55.41 -82.29 -50.89
N LYS L 132 54.32 -83.02 -50.92
CA LYS L 132 53.02 -82.43 -50.67
C LYS L 132 53.01 -81.76 -49.31
N VAL L 133 53.71 -82.37 -48.36
CA VAL L 133 53.75 -81.87 -46.99
C VAL L 133 54.56 -80.61 -46.81
N VAL L 134 55.81 -80.57 -47.28
CA VAL L 134 56.61 -79.38 -47.01
C VAL L 134 56.11 -78.20 -47.82
N ALA L 135 55.28 -78.52 -48.82
CA ALA L 135 54.58 -77.48 -49.55
C ALA L 135 53.49 -76.93 -48.67
N GLY L 136 52.52 -77.79 -48.35
CA GLY L 136 51.35 -77.40 -47.58
C GLY L 136 51.75 -76.57 -46.38
N VAL L 137 52.82 -76.98 -45.72
CA VAL L 137 53.39 -76.21 -44.62
C VAL L 137 53.87 -74.83 -45.08
N ALA L 138 54.73 -74.80 -46.10
CA ALA L 138 55.30 -73.54 -46.61
C ALA L 138 54.18 -72.54 -46.98
N ASN L 139 53.14 -73.03 -47.64
CA ASN L 139 51.99 -72.21 -47.98
C ASN L 139 51.24 -71.70 -46.77
N ALA L 140 50.79 -72.62 -45.91
CA ALA L 140 50.06 -72.26 -44.71
C ALA L 140 50.87 -71.27 -43.90
N LEU L 141 52.17 -71.51 -43.84
CA LEU L 141 53.03 -70.61 -43.11
C LEU L 141 53.04 -69.23 -43.77
N ALA L 142 52.74 -69.19 -45.07
CA ALA L 142 52.75 -67.94 -45.86
C ALA L 142 51.34 -67.29 -46.03
N HIS L 143 50.34 -67.86 -45.36
CA HIS L 143 48.94 -67.47 -45.61
C HIS L 143 48.59 -66.05 -45.17
N LYS L 144 49.25 -65.55 -44.12
CA LYS L 144 48.95 -64.22 -43.60
C LYS L 144 49.63 -63.14 -44.46
N TYR L 145 50.31 -63.58 -45.52
CA TYR L 145 50.90 -62.67 -46.51
C TYR L 145 49.85 -62.10 -47.46
N HIS L 146 48.68 -62.75 -47.50
CA HIS L 146 47.51 -62.24 -48.18
C HIS L 146 46.27 -62.34 -47.25
N CYS M 1 35.13 -20.26 -49.81
CA CYS M 1 34.85 -19.49 -48.61
C CYS M 1 33.55 -19.88 -47.95
N PRO M 2 33.64 -20.56 -46.79
CA PRO M 2 32.58 -20.58 -45.76
C PRO M 2 32.43 -19.16 -45.21
N LYS M 3 31.64 -18.32 -45.90
CA LYS M 3 31.75 -16.85 -45.91
C LYS M 3 32.03 -16.22 -44.56
N PRO M 4 33.00 -15.30 -44.51
CA PRO M 4 33.39 -14.65 -43.27
C PRO M 4 32.24 -13.78 -42.77
N PRO M 5 32.14 -13.58 -41.46
CA PRO M 5 31.08 -12.70 -40.96
C PRO M 5 31.39 -11.25 -41.33
N GLU M 6 30.34 -10.42 -41.45
CA GLU M 6 30.50 -8.99 -41.69
C GLU M 6 30.85 -8.27 -40.40
N ILE M 7 31.57 -7.17 -40.55
CA ILE M 7 31.66 -6.22 -39.44
C ILE M 7 31.01 -4.89 -39.85
N ALA M 8 30.53 -4.16 -38.85
CA ALA M 8 29.89 -2.86 -39.05
C ALA M 8 30.79 -1.88 -39.78
N HIS M 9 30.27 -1.34 -40.89
CA HIS M 9 31.00 -0.37 -41.73
C HIS M 9 32.34 -0.88 -42.26
N GLY M 10 32.42 -2.15 -42.63
CA GLY M 10 33.69 -2.67 -43.04
C GLY M 10 33.62 -3.76 -44.08
N TYR M 11 34.73 -3.94 -44.80
CA TYR M 11 34.74 -4.88 -45.90
C TYR M 11 35.94 -5.78 -45.84
N VAL M 12 35.85 -6.80 -46.67
CA VAL M 12 36.75 -7.92 -46.71
C VAL M 12 37.60 -7.92 -47.97
N GLU M 13 38.90 -8.20 -47.84
CA GLU M 13 39.73 -8.43 -49.01
C GLU M 13 40.22 -9.88 -49.13
N HIS M 14 39.73 -10.61 -50.12
CA HIS M 14 40.03 -12.04 -50.19
C HIS M 14 41.43 -12.44 -50.71
N SER M 15 42.05 -13.40 -50.05
CA SER M 15 43.28 -14.00 -50.58
C SER M 15 43.11 -15.51 -50.58
N VAL M 16 43.82 -16.18 -51.46
CA VAL M 16 43.98 -17.61 -51.36
C VAL M 16 45.46 -17.88 -51.47
N ARG M 17 45.92 -18.93 -50.76
CA ARG M 17 47.28 -19.42 -50.88
C ARG M 17 47.19 -20.83 -51.43
N TYR M 18 47.83 -21.08 -52.55
CA TYR M 18 47.79 -22.38 -53.20
C TYR M 18 48.81 -23.28 -52.54
N GLN M 19 48.44 -24.53 -52.32
CA GLN M 19 49.38 -25.50 -51.76
C GLN M 19 49.10 -26.81 -52.44
N CYS M 20 50.17 -27.58 -52.66
CA CYS M 20 50.09 -28.83 -53.39
C CYS M 20 49.91 -29.96 -52.39
N LYS M 21 49.08 -30.94 -52.74
CA LYS M 21 48.77 -32.01 -51.79
C LYS M 21 49.95 -32.94 -51.57
N ASN M 22 49.71 -33.97 -50.77
CA ASN M 22 50.73 -34.93 -50.39
C ASN M 22 51.44 -35.56 -51.58
N TYR M 23 52.76 -35.68 -51.41
CA TYR M 23 53.71 -36.17 -52.43
C TYR M 23 53.81 -35.30 -53.69
N TYR M 24 53.35 -34.05 -53.61
CA TYR M 24 53.47 -33.08 -54.73
C TYR M 24 54.17 -31.77 -54.31
N LYS M 25 54.31 -30.86 -55.27
CA LYS M 25 55.12 -29.68 -55.00
C LYS M 25 54.69 -28.46 -55.82
N LEU M 26 54.81 -27.25 -55.27
CA LEU M 26 54.46 -26.04 -56.01
C LEU M 26 55.48 -25.76 -57.12
N ARG M 27 55.00 -25.52 -58.34
CA ARG M 27 55.85 -24.93 -59.37
C ARG M 27 55.34 -23.56 -59.85
N THR M 28 56.04 -22.48 -59.45
CA THR M 28 55.85 -21.12 -59.96
C THR M 28 56.65 -20.08 -59.16
N GLU M 29 56.84 -18.89 -59.75
CA GLU M 29 57.71 -17.84 -59.19
C GLU M 29 57.16 -16.63 -58.36
N GLY M 30 55.85 -16.49 -58.14
CA GLY M 30 54.95 -17.57 -57.84
C GLY M 30 55.09 -17.91 -56.37
N ASP M 31 54.98 -16.90 -55.50
CA ASP M 31 55.05 -17.09 -54.05
C ASP M 31 53.77 -17.78 -53.58
N GLY M 32 52.83 -17.96 -54.51
CA GLY M 32 51.67 -18.78 -54.26
C GLY M 32 50.37 -18.09 -53.88
N VAL M 33 50.45 -16.86 -53.36
CA VAL M 33 49.23 -16.19 -52.86
C VAL M 33 48.53 -15.49 -54.01
N TYR M 34 47.20 -15.42 -53.94
CA TYR M 34 46.44 -14.72 -54.98
C TYR M 34 45.31 -13.89 -54.39
N THR M 35 45.34 -12.55 -54.58
CA THR M 35 44.36 -11.63 -53.99
C THR M 35 43.21 -11.25 -54.94
N LEU M 36 41.99 -11.17 -54.44
CA LEU M 36 40.85 -10.85 -55.30
C LEU M 36 40.83 -9.38 -55.62
N ASN M 37 40.33 -9.03 -56.81
CA ASN M 37 40.36 -7.66 -57.37
C ASN M 37 39.09 -6.86 -57.14
N ASN M 38 39.12 -5.58 -57.50
CA ASN M 38 37.85 -4.88 -57.67
C ASN M 38 37.31 -5.27 -59.04
N GLU M 39 38.26 -5.78 -59.84
CA GLU M 39 38.02 -6.39 -61.14
C GLU M 39 37.62 -7.84 -60.96
N LYS M 40 37.53 -8.26 -59.69
CA LYS M 40 37.15 -9.62 -59.31
C LYS M 40 37.99 -10.68 -60.09
N GLN M 41 39.26 -10.33 -60.22
CA GLN M 41 40.27 -11.18 -60.79
C GLN M 41 41.16 -11.75 -59.68
N TRP M 42 41.71 -12.95 -59.88
CA TRP M 42 42.59 -13.56 -58.88
C TRP M 42 44.03 -13.33 -59.23
N ILE M 43 44.71 -12.48 -58.45
CA ILE M 43 46.00 -11.93 -58.91
C ILE M 43 47.21 -12.05 -57.98
N ASN M 44 48.22 -12.80 -58.42
CA ASN M 44 49.50 -12.80 -57.71
C ASN M 44 50.43 -11.70 -58.19
N LYS M 45 50.86 -10.86 -57.25
CA LYS M 45 51.62 -9.66 -57.60
C LYS M 45 52.95 -9.95 -58.29
N ALA M 46 53.33 -11.21 -58.39
CA ALA M 46 54.55 -11.59 -59.10
C ALA M 46 54.28 -12.11 -60.53
N VAL M 47 53.47 -13.15 -60.61
CA VAL M 47 53.08 -13.76 -61.88
C VAL M 47 51.70 -13.33 -62.39
N GLY M 48 51.00 -12.48 -61.65
CA GLY M 48 49.69 -12.05 -62.13
C GLY M 48 48.56 -13.06 -62.17
N ASP M 49 48.12 -13.30 -63.40
CA ASP M 49 46.97 -14.13 -63.73
C ASP M 49 47.31 -15.64 -63.75
N LYS M 50 48.60 -15.96 -63.72
CA LYS M 50 48.99 -17.34 -63.95
C LYS M 50 48.98 -18.17 -62.69
N LEU M 51 48.27 -19.28 -62.73
CA LEU M 51 48.19 -20.15 -61.57
C LEU M 51 49.48 -20.95 -61.42
N PRO M 52 49.67 -21.61 -60.26
CA PRO M 52 50.73 -22.62 -60.20
C PRO M 52 50.22 -23.99 -60.61
N GLU M 53 51.13 -24.97 -60.72
CA GLU M 53 50.76 -26.34 -61.03
C GLU M 53 51.45 -27.23 -60.01
N CYS M 54 50.89 -28.40 -59.74
CA CYS M 54 51.53 -29.24 -58.75
C CYS M 54 52.31 -30.40 -59.38
N GLU M 55 53.62 -30.42 -59.13
CA GLU M 55 54.55 -31.35 -59.75
C GLU M 55 55.06 -32.41 -58.75
N ALA M 56 55.01 -33.68 -59.15
CA ALA M 56 55.38 -34.77 -58.26
C ALA M 56 56.82 -34.70 -57.75
N VAL M 57 57.01 -35.09 -56.50
CA VAL M 57 58.35 -35.15 -55.92
C VAL M 57 58.92 -36.46 -56.37
N CYS M 58 60.25 -36.57 -56.36
CA CYS M 58 60.91 -37.84 -56.68
C CYS M 58 62.03 -38.14 -55.68
N GLY M 59 62.19 -39.40 -55.29
CA GLY M 59 63.31 -39.78 -54.43
C GLY M 59 62.99 -39.54 -52.97
N LYS M 60 61.70 -39.59 -52.68
CA LYS M 60 61.17 -39.38 -51.32
C LYS M 60 60.10 -40.43 -51.11
N PRO M 61 60.49 -41.69 -50.84
CA PRO M 61 59.40 -42.62 -50.59
C PRO M 61 58.88 -42.40 -49.17
N LYS M 62 57.56 -42.55 -49.03
CA LYS M 62 56.89 -42.37 -47.77
C LYS M 62 57.45 -43.30 -46.68
N ASN M 63 57.67 -44.57 -47.00
CA ASN M 63 58.33 -45.46 -46.06
C ASN M 63 59.52 -46.12 -46.71
N PRO M 64 60.71 -45.55 -46.49
CA PRO M 64 62.00 -46.04 -47.02
C PRO M 64 62.42 -47.33 -46.32
N ALA M 65 63.41 -48.03 -46.84
CA ALA M 65 63.75 -49.27 -46.20
C ALA M 65 64.94 -49.00 -45.25
N ASN M 66 64.65 -48.92 -43.92
CA ASN M 66 65.61 -48.61 -42.81
C ASN M 66 64.99 -47.81 -41.64
N ILE M 71 65.79 -61.86 -58.28
CA ILE M 71 66.64 -61.76 -57.10
C ILE M 71 66.65 -63.10 -56.37
N LEU M 72 67.83 -63.67 -56.16
CA LEU M 72 67.92 -64.96 -55.49
C LEU M 72 67.81 -64.85 -53.97
N GLY M 73 68.54 -63.89 -53.41
CA GLY M 73 68.44 -63.61 -51.98
C GLY M 73 67.23 -62.79 -51.58
N GLY M 74 67.43 -62.07 -50.46
CA GLY M 74 66.37 -61.63 -49.53
C GLY M 74 65.80 -60.22 -49.64
N HIS M 75 65.48 -59.66 -48.46
CA HIS M 75 64.81 -58.36 -48.27
C HIS M 75 63.41 -58.32 -48.91
N LEU M 76 62.45 -58.98 -48.26
CA LEU M 76 61.03 -58.94 -48.63
C LEU M 76 60.57 -57.51 -48.53
N ASP M 77 59.68 -57.08 -49.42
CA ASP M 77 59.30 -55.68 -49.40
C ASP M 77 58.06 -55.55 -48.55
N ALA M 78 58.27 -55.11 -47.31
CA ALA M 78 57.22 -55.17 -46.33
C ALA M 78 56.33 -53.97 -46.49
N LYS M 79 57.03 -52.85 -46.59
CA LYS M 79 56.48 -51.51 -46.60
C LYS M 79 56.01 -50.96 -47.95
N GLY M 80 56.60 -51.45 -49.04
CA GLY M 80 56.54 -50.76 -50.33
C GLY M 80 57.55 -49.62 -50.39
N SER M 81 58.79 -49.90 -50.01
CA SER M 81 59.89 -48.93 -49.99
C SER M 81 60.42 -48.54 -51.37
N PHE M 82 59.84 -49.12 -52.41
CA PHE M 82 60.33 -48.94 -53.77
C PHE M 82 59.18 -48.60 -54.70
N PRO M 83 58.62 -47.40 -54.53
CA PRO M 83 57.39 -46.98 -55.22
C PRO M 83 57.62 -46.73 -56.71
N TRP M 84 58.87 -46.57 -57.12
CA TRP M 84 59.23 -46.39 -58.52
C TRP M 84 59.45 -47.70 -59.30
N GLN M 85 59.21 -48.84 -58.66
CA GLN M 85 59.40 -50.14 -59.28
C GLN M 85 58.17 -50.62 -60.08
N ALA M 86 58.38 -50.90 -61.37
CA ALA M 86 57.31 -51.45 -62.21
C ALA M 86 57.59 -52.87 -62.73
N LYS M 87 56.54 -53.67 -62.73
CA LYS M 87 56.60 -55.06 -63.17
C LYS M 87 55.87 -55.13 -64.46
N MET M 88 56.63 -55.37 -65.54
CA MET M 88 56.08 -55.47 -66.88
C MET M 88 56.10 -56.90 -67.37
N VAL M 89 54.96 -57.38 -67.88
CA VAL M 89 54.93 -58.74 -68.41
C VAL M 89 54.77 -58.72 -69.93
N SER M 90 55.63 -59.46 -70.62
CA SER M 90 55.55 -59.53 -72.09
C SER M 90 54.35 -60.35 -72.54
N HIS M 91 54.19 -60.54 -73.85
CA HIS M 91 52.96 -61.14 -74.32
C HIS M 91 52.83 -62.55 -73.81
N HIS M 92 53.95 -63.28 -73.76
CA HIS M 92 53.88 -64.62 -73.23
C HIS M 92 54.40 -64.71 -71.78
N ASN M 93 53.63 -64.17 -70.85
CA ASN M 93 53.82 -64.35 -69.41
C ASN M 93 55.27 -64.29 -68.90
N LEU M 94 56.11 -63.48 -69.55
CA LEU M 94 57.50 -63.31 -69.09
C LEU M 94 57.67 -62.00 -68.33
N THR M 95 58.03 -62.13 -67.05
CA THR M 95 58.03 -60.99 -66.15
C THR M 95 59.35 -60.20 -66.20
N THR M 96 59.25 -58.88 -66.28
CA THR M 96 60.43 -58.04 -66.56
C THR M 96 60.31 -56.67 -65.91
N GLY M 97 61.46 -56.08 -65.56
CA GLY M 97 61.47 -54.82 -64.83
C GLY M 97 61.50 -53.49 -65.59
N ALA M 98 60.93 -52.46 -64.98
CA ALA M 98 60.97 -51.09 -65.49
C ALA M 98 60.83 -50.09 -64.32
N THR M 99 61.45 -48.93 -64.43
CA THR M 99 61.38 -48.01 -63.31
C THR M 99 60.83 -46.65 -63.72
N LEU M 100 60.09 -46.03 -62.81
CA LEU M 100 59.31 -44.83 -63.12
C LEU M 100 60.11 -43.57 -62.86
N ILE M 101 60.45 -42.92 -63.97
CA ILE M 101 61.31 -41.76 -63.96
C ILE M 101 60.57 -40.38 -63.82
N ASN M 102 59.27 -40.36 -64.15
CA ASN M 102 58.39 -39.22 -63.80
C ASN M 102 56.91 -39.61 -63.94
N GLU M 103 56.01 -38.63 -63.86
CA GLU M 103 54.60 -38.97 -63.80
C GLU M 103 54.10 -39.75 -65.02
N GLN M 104 54.72 -39.54 -66.18
CA GLN M 104 54.27 -40.23 -67.40
C GLN M 104 55.17 -41.33 -68.00
N TRP M 105 56.38 -41.49 -67.47
CA TRP M 105 57.38 -42.30 -68.16
C TRP M 105 58.12 -43.25 -67.24
N LEU M 106 58.54 -44.36 -67.83
CA LEU M 106 59.37 -45.35 -67.18
C LEU M 106 60.55 -45.77 -68.06
N LEU M 107 61.75 -45.80 -67.49
CA LEU M 107 62.86 -46.47 -68.15
C LEU M 107 62.66 -47.99 -68.17
N THR M 108 63.34 -48.64 -69.12
CA THR M 108 63.42 -50.10 -69.21
C THR M 108 64.60 -50.40 -70.12
N THR M 109 64.74 -51.66 -70.51
CA THR M 109 65.81 -52.08 -71.38
C THR M 109 65.25 -52.32 -72.75
N ALA M 110 66.08 -52.13 -73.77
CA ALA M 110 65.72 -52.53 -75.13
C ALA M 110 65.40 -54.02 -75.18
N LYS M 111 66.24 -54.80 -74.53
CA LYS M 111 66.03 -56.23 -74.42
C LYS M 111 64.63 -56.64 -73.91
N ASN M 112 64.21 -56.16 -72.72
CA ASN M 112 62.92 -56.57 -72.12
C ASN M 112 61.76 -56.36 -73.08
N LEU M 113 61.87 -55.22 -73.76
CA LEU M 113 60.94 -54.72 -74.77
C LEU M 113 60.82 -55.67 -75.96
N PHE M 114 61.96 -56.19 -76.37
CA PHE M 114 62.04 -57.05 -77.55
C PHE M 114 61.65 -58.51 -77.31
N LEU M 115 61.28 -58.87 -76.08
CA LEU M 115 60.88 -60.23 -75.85
C LEU M 115 59.65 -60.57 -76.69
N ASN M 116 59.61 -61.82 -77.17
CA ASN M 116 58.53 -62.31 -78.03
C ASN M 116 58.33 -61.43 -79.26
N HIS M 117 59.42 -60.88 -79.79
CA HIS M 117 59.38 -60.04 -80.98
C HIS M 117 60.63 -60.19 -81.84
N SER M 118 60.50 -60.00 -83.15
CA SER M 118 61.63 -60.10 -84.07
C SER M 118 62.50 -58.85 -84.05
N GLU M 119 63.77 -59.01 -84.41
CA GLU M 119 64.68 -57.88 -84.53
C GLU M 119 64.11 -56.87 -85.49
N ASN M 120 63.30 -57.39 -86.42
CA ASN M 120 62.53 -56.59 -87.38
C ASN M 120 61.61 -55.58 -86.71
N ALA M 121 61.01 -56.00 -85.59
CA ALA M 121 59.93 -55.25 -84.93
C ALA M 121 60.33 -53.84 -84.57
N THR M 122 59.41 -52.91 -84.79
CA THR M 122 59.61 -51.53 -84.39
C THR M 122 58.75 -51.20 -83.17
N ALA M 123 58.92 -49.97 -82.68
CA ALA M 123 58.27 -49.55 -81.45
C ALA M 123 56.75 -49.73 -81.52
N LYS M 124 56.17 -49.28 -82.63
CA LYS M 124 54.73 -49.35 -82.84
C LYS M 124 54.20 -50.78 -82.70
N ASP M 125 55.02 -51.75 -83.12
CA ASP M 125 54.67 -53.15 -82.99
C ASP M 125 54.62 -53.59 -81.54
N ILE M 126 55.60 -53.13 -80.76
CA ILE M 126 55.82 -53.66 -79.41
C ILE M 126 54.86 -53.07 -78.36
N ALA M 127 54.53 -51.78 -78.48
CA ALA M 127 53.76 -51.10 -77.45
C ALA M 127 52.42 -51.78 -77.09
N PRO M 128 51.62 -52.21 -78.09
CA PRO M 128 50.35 -52.83 -77.68
C PRO M 128 50.50 -54.20 -77.02
N THR M 129 51.66 -54.83 -77.24
CA THR M 129 51.93 -56.17 -76.75
C THR M 129 52.03 -56.21 -75.24
N LEU M 130 52.61 -55.16 -74.67
CA LEU M 130 52.98 -55.19 -73.27
C LEU M 130 51.79 -54.99 -72.32
N THR M 131 51.96 -55.51 -71.12
CA THR M 131 51.12 -55.22 -69.96
C THR M 131 52.06 -54.59 -68.92
N LEU M 132 51.62 -53.51 -68.26
CA LEU M 132 52.50 -52.80 -67.31
C LEU M 132 51.85 -52.60 -65.95
N TYR M 133 52.67 -52.66 -64.90
CA TYR M 133 52.21 -52.55 -63.51
C TYR M 133 53.05 -51.66 -62.61
N VAL M 134 52.34 -50.79 -61.88
CA VAL M 134 52.91 -50.01 -60.79
C VAL M 134 52.27 -50.34 -59.45
N GLY M 135 52.98 -50.01 -58.38
CA GLY M 135 52.40 -50.08 -57.07
C GLY M 135 51.99 -51.49 -56.73
N LYS M 136 50.70 -51.71 -56.47
CA LYS M 136 50.29 -53.05 -56.06
C LYS M 136 49.89 -53.95 -57.22
N LYS M 137 48.64 -53.81 -57.65
CA LYS M 137 48.21 -54.43 -58.89
C LYS M 137 48.13 -53.38 -59.98
N GLN M 138 48.49 -52.14 -59.67
CA GLN M 138 47.95 -51.02 -60.41
C GLN M 138 48.34 -51.12 -61.87
N LEU M 139 47.31 -51.19 -62.70
CA LEU M 139 47.48 -51.40 -64.12
C LEU M 139 47.52 -50.03 -64.78
N VAL M 140 48.69 -49.67 -65.29
CA VAL M 140 48.80 -48.45 -66.06
C VAL M 140 48.79 -48.80 -67.52
N GLU M 141 47.97 -48.11 -68.30
CA GLU M 141 47.93 -48.38 -69.73
C GLU M 141 49.11 -47.69 -70.40
N ILE M 142 49.31 -47.98 -71.67
CA ILE M 142 50.60 -47.72 -72.26
C ILE M 142 50.41 -47.15 -73.67
N GLU M 143 50.88 -45.91 -73.88
CA GLU M 143 50.60 -45.17 -75.13
C GLU M 143 51.61 -45.49 -76.23
N LYS M 144 52.84 -45.05 -76.06
CA LYS M 144 53.90 -45.42 -77.00
C LYS M 144 55.13 -45.97 -76.27
N VAL M 145 56.12 -46.29 -77.07
CA VAL M 145 57.35 -46.92 -76.64
C VAL M 145 58.46 -46.36 -77.52
N VAL M 146 59.61 -46.00 -76.97
CA VAL M 146 60.66 -45.48 -77.82
C VAL M 146 62.01 -46.04 -77.41
N LEU M 147 62.84 -46.40 -78.40
CA LEU M 147 64.09 -47.14 -78.17
C LEU M 147 65.31 -46.29 -78.38
N HIS M 148 66.35 -46.49 -77.60
CA HIS M 148 67.57 -45.71 -77.77
C HIS M 148 68.19 -46.04 -79.13
N PRO M 149 68.59 -45.00 -79.88
CA PRO M 149 69.18 -45.14 -81.21
C PRO M 149 70.35 -46.11 -81.26
N ASN M 150 71.03 -46.26 -80.13
CA ASN M 150 72.09 -47.23 -79.93
C ASN M 150 71.67 -48.53 -79.20
N TYR M 151 70.39 -48.89 -79.28
CA TYR M 151 69.80 -50.04 -78.54
C TYR M 151 70.75 -51.23 -78.37
N SER M 152 71.50 -51.59 -79.41
CA SER M 152 72.42 -52.72 -79.34
C SER M 152 73.69 -52.46 -78.51
N GLN M 153 73.91 -51.19 -78.17
CA GLN M 153 75.07 -50.79 -77.39
C GLN M 153 74.61 -50.23 -76.04
N VAL M 154 73.76 -49.23 -76.11
CA VAL M 154 73.09 -48.77 -74.91
C VAL M 154 71.74 -49.50 -74.81
N ASP M 155 71.63 -50.40 -73.83
CA ASP M 155 70.44 -51.26 -73.75
C ASP M 155 69.38 -50.57 -72.89
N ILE M 156 68.50 -49.85 -73.58
CA ILE M 156 67.58 -48.90 -72.93
C ILE M 156 66.29 -48.64 -73.72
N GLY M 157 65.13 -48.73 -73.08
CA GLY M 157 63.90 -48.23 -73.67
C GLY M 157 63.32 -47.02 -72.96
N LEU M 158 62.24 -46.47 -73.51
CA LEU M 158 61.42 -45.50 -72.78
C LEU M 158 59.96 -45.87 -72.96
N ILE M 159 59.22 -45.89 -71.86
CA ILE M 159 57.79 -46.10 -71.96
C ILE M 159 57.03 -44.83 -71.65
N LYS M 160 56.07 -44.45 -72.52
CA LYS M 160 55.18 -43.34 -72.25
C LYS M 160 53.82 -43.90 -71.85
N LEU M 161 53.35 -43.49 -70.67
CA LEU M 161 52.03 -43.84 -70.15
C LEU M 161 50.92 -42.95 -70.71
N LYS M 162 49.81 -43.56 -71.10
CA LYS M 162 48.72 -42.90 -71.82
C LYS M 162 48.30 -41.60 -71.14
N GLN M 163 48.36 -41.61 -69.83
CA GLN M 163 48.13 -40.42 -69.04
C GLN M 163 49.17 -40.38 -67.91
N LYS M 164 49.10 -39.36 -67.06
CA LYS M 164 50.01 -39.33 -65.93
C LYS M 164 49.44 -40.29 -64.90
N VAL M 165 50.30 -40.86 -64.04
CA VAL M 165 49.84 -41.69 -62.92
C VAL M 165 49.85 -40.91 -61.58
N SER M 166 48.83 -41.11 -60.75
CA SER M 166 48.77 -40.36 -59.49
C SER M 166 49.85 -40.84 -58.54
N VAL M 167 50.70 -39.92 -58.10
CA VAL M 167 51.76 -40.26 -57.16
C VAL M 167 51.23 -40.45 -55.73
N ASN M 168 51.71 -41.48 -55.04
CA ASN M 168 51.46 -41.64 -53.60
C ASN M 168 52.52 -42.51 -52.91
N GLU M 169 52.25 -43.00 -51.71
CA GLU M 169 53.29 -43.67 -50.97
C GLU M 169 53.79 -44.91 -51.72
N ARG M 170 52.91 -45.60 -52.45
CA ARG M 170 53.34 -46.84 -53.12
C ARG M 170 53.73 -46.67 -54.60
N VAL M 171 53.38 -45.54 -55.21
CA VAL M 171 53.63 -45.29 -56.63
C VAL M 171 54.23 -43.91 -56.81
N MET M 172 55.46 -43.82 -57.26
CA MET M 172 56.12 -42.52 -57.27
C MET M 172 57.50 -42.54 -57.91
N PRO M 173 57.82 -41.53 -58.73
CA PRO M 173 59.02 -41.61 -59.56
C PRO M 173 60.32 -41.46 -58.81
N ILE M 174 61.40 -41.87 -59.44
CA ILE M 174 62.73 -41.82 -58.83
C ILE M 174 63.49 -40.65 -59.43
N CYS M 175 64.43 -40.08 -58.70
CA CYS M 175 65.20 -38.94 -59.21
C CYS M 175 66.31 -39.30 -60.18
N LEU M 176 66.43 -38.61 -61.31
CA LEU M 176 67.61 -38.77 -62.17
C LEU M 176 68.73 -37.95 -61.59
N PRO M 177 69.92 -38.52 -61.49
CA PRO M 177 71.04 -37.89 -60.80
C PRO M 177 71.70 -36.77 -61.58
N SER M 178 72.04 -35.69 -60.90
CA SER M 178 72.96 -34.72 -61.47
C SER M 178 74.34 -35.34 -61.37
N LYS M 179 74.71 -35.71 -60.15
CA LYS M 179 75.97 -36.37 -59.88
C LYS M 179 75.92 -37.76 -60.49
N ASP M 180 77.08 -38.38 -60.64
CA ASP M 180 77.08 -39.76 -61.10
C ASP M 180 77.64 -40.67 -60.01
N TYR M 181 76.80 -41.48 -59.36
CA TYR M 181 77.41 -42.45 -58.47
C TYR M 181 77.44 -43.79 -59.15
N ALA M 182 78.44 -43.99 -60.01
CA ALA M 182 78.75 -45.25 -60.64
C ALA M 182 80.09 -45.73 -60.12
N GLU M 183 80.69 -44.97 -59.21
CA GLU M 183 82.04 -45.29 -58.80
C GLU M 183 82.09 -46.40 -57.74
N VAL M 184 83.21 -47.11 -57.65
CA VAL M 184 83.34 -48.10 -56.60
C VAL M 184 83.56 -47.34 -55.29
N GLY M 185 82.99 -47.92 -54.24
CA GLY M 185 82.82 -47.27 -52.96
C GLY M 185 81.36 -46.87 -52.75
N ARG M 186 80.61 -46.63 -53.82
CA ARG M 186 79.18 -46.42 -53.66
C ARG M 186 78.46 -47.75 -53.48
N VAL M 187 77.27 -47.68 -52.89
CA VAL M 187 76.42 -48.87 -52.69
C VAL M 187 75.06 -48.55 -53.27
N GLY M 188 74.40 -49.53 -53.86
CA GLY M 188 73.10 -49.32 -54.48
C GLY M 188 72.00 -50.18 -53.91
N TYR M 189 70.79 -49.98 -54.37
CA TYR M 189 69.68 -50.82 -53.97
C TYR M 189 69.00 -51.31 -55.23
N VAL M 190 68.90 -52.61 -55.44
CA VAL M 190 68.13 -53.03 -56.60
C VAL M 190 66.85 -53.70 -56.18
N SER M 191 65.72 -53.21 -56.65
CA SER M 191 64.46 -53.93 -56.41
C SER M 191 64.38 -54.93 -57.52
N GLY M 192 63.43 -55.86 -57.48
CA GLY M 192 63.13 -56.68 -58.65
C GLY M 192 61.91 -57.58 -58.63
N TRP M 193 61.33 -57.81 -59.79
CA TRP M 193 60.26 -58.79 -59.95
C TRP M 193 60.76 -60.11 -60.54
N GLY M 194 62.08 -60.22 -60.71
CA GLY M 194 62.64 -61.39 -61.35
C GLY M 194 62.59 -62.67 -60.52
N ARG M 195 63.12 -63.75 -61.10
CA ARG M 195 63.11 -65.11 -60.54
C ARG M 195 63.91 -65.26 -59.25
N ASN M 196 63.67 -66.33 -58.51
CA ASN M 196 64.47 -66.63 -57.31
C ASN M 196 65.13 -68.02 -57.38
N ALA M 197 65.64 -68.50 -56.25
CA ALA M 197 66.40 -69.74 -56.21
C ALA M 197 65.58 -70.99 -56.49
N ASN M 198 64.26 -70.89 -56.57
CA ASN M 198 63.47 -71.96 -57.20
C ASN M 198 63.25 -71.65 -58.68
N PHE M 199 63.91 -70.58 -59.18
CA PHE M 199 63.76 -70.11 -60.56
C PHE M 199 62.30 -69.85 -60.89
N LYS M 200 61.53 -69.55 -59.83
CA LYS M 200 60.17 -69.04 -59.92
C LYS M 200 60.21 -67.52 -59.97
N PHE M 201 59.38 -66.96 -60.84
CA PHE M 201 59.16 -65.51 -60.80
C PHE M 201 58.63 -65.17 -59.43
N THR M 202 59.20 -64.16 -58.80
CA THR M 202 58.93 -63.93 -57.38
C THR M 202 57.52 -63.48 -57.04
N ASP M 203 57.03 -63.96 -55.90
CA ASP M 203 55.70 -63.61 -55.40
C ASP M 203 55.57 -62.24 -54.72
N HIS M 204 56.70 -61.70 -54.33
CA HIS M 204 56.78 -60.43 -53.65
C HIS M 204 57.99 -59.66 -54.14
N LEU M 205 57.81 -58.39 -54.40
CA LEU M 205 58.93 -57.55 -54.77
C LEU M 205 60.04 -57.77 -53.77
N LYS M 206 61.28 -57.89 -54.21
CA LYS M 206 62.36 -57.98 -53.24
C LYS M 206 63.42 -56.96 -53.59
N TYR M 207 64.49 -56.92 -52.80
CA TYR M 207 65.53 -55.93 -53.06
C TYR M 207 66.82 -56.40 -52.45
N VAL M 208 67.94 -55.90 -52.91
CA VAL M 208 69.22 -56.36 -52.40
C VAL M 208 70.14 -55.18 -52.51
N MET M 209 71.05 -55.03 -51.57
CA MET M 209 72.13 -54.06 -51.67
C MET M 209 73.29 -54.71 -52.41
N LEU M 210 73.94 -54.00 -53.32
CA LEU M 210 75.12 -54.52 -54.03
C LEU M 210 76.16 -53.44 -54.14
N PRO M 211 77.45 -53.75 -53.98
CA PRO M 211 78.42 -52.67 -54.21
C PRO M 211 78.55 -52.41 -55.73
N VAL M 212 79.09 -51.26 -56.14
CA VAL M 212 79.39 -51.16 -57.57
C VAL M 212 80.83 -51.64 -57.71
N ALA M 213 81.11 -52.29 -58.84
CA ALA M 213 82.36 -53.03 -59.01
C ALA M 213 83.34 -52.36 -59.95
N ASP M 214 84.63 -52.61 -59.70
CA ASP M 214 85.69 -52.08 -60.54
C ASP M 214 85.48 -52.49 -61.98
N GLN M 215 85.48 -51.53 -62.90
CA GLN M 215 85.12 -51.80 -64.29
C GLN M 215 86.10 -52.75 -65.01
N ASP M 216 87.39 -52.68 -64.69
CA ASP M 216 88.34 -53.60 -65.32
C ASP M 216 88.20 -55.07 -64.86
N GLN M 217 88.15 -55.28 -63.53
CA GLN M 217 87.88 -56.61 -62.95
C GLN M 217 86.65 -57.26 -63.59
N CYS M 218 85.65 -56.44 -63.85
CA CYS M 218 84.40 -56.90 -64.41
C CYS M 218 84.59 -57.29 -65.85
N ILE M 219 85.41 -56.49 -66.55
CA ILE M 219 85.66 -56.73 -67.96
C ILE M 219 86.45 -58.04 -68.09
N ARG M 220 87.59 -58.08 -67.43
CA ARG M 220 88.41 -59.26 -67.40
C ARG M 220 87.60 -60.49 -67.02
N HIS M 221 86.54 -60.31 -66.26
CA HIS M 221 85.71 -61.43 -65.90
C HIS M 221 84.93 -61.95 -67.10
N TYR M 222 84.21 -61.07 -67.78
CA TYR M 222 83.27 -61.49 -68.82
C TYR M 222 83.82 -61.77 -70.23
N GLU M 223 84.73 -60.92 -70.63
CA GLU M 223 85.60 -61.11 -71.77
C GLU M 223 86.94 -61.39 -71.11
N GLY M 224 88.04 -61.49 -71.82
CA GLY M 224 89.20 -61.90 -71.04
C GLY M 224 90.10 -60.75 -70.69
N SER M 225 89.70 -59.60 -71.21
CA SER M 225 90.66 -58.68 -71.82
C SER M 225 91.16 -57.42 -71.10
N THR M 226 90.29 -56.41 -70.98
CA THR M 226 90.65 -55.02 -71.32
C THR M 226 90.85 -55.07 -72.83
N VAL M 227 92.11 -55.04 -73.31
CA VAL M 227 92.44 -54.95 -74.77
C VAL M 227 91.67 -55.89 -75.73
N PRO M 228 91.07 -55.32 -76.79
CA PRO M 228 90.03 -56.00 -77.59
C PRO M 228 90.55 -57.18 -78.43
N GLU M 229 91.85 -57.30 -78.59
CA GLU M 229 92.38 -58.37 -79.44
C GLU M 229 92.50 -59.66 -78.62
N LYS M 230 92.50 -59.51 -77.30
CA LYS M 230 92.57 -60.63 -76.38
C LYS M 230 91.19 -61.01 -75.83
N LYS M 231 90.17 -60.33 -76.34
CA LYS M 231 88.79 -60.61 -75.98
C LYS M 231 88.32 -61.99 -76.43
N THR M 232 87.76 -62.75 -75.49
CA THR M 232 87.12 -64.05 -75.75
C THR M 232 85.90 -64.18 -74.84
N PRO M 233 84.89 -64.97 -75.23
CA PRO M 233 83.71 -65.11 -74.37
C PRO M 233 83.91 -65.97 -73.11
N LYS M 234 84.38 -65.35 -72.04
CA LYS M 234 84.65 -66.02 -70.76
C LYS M 234 83.43 -66.13 -69.82
N SER M 235 82.27 -65.68 -70.27
CA SER M 235 81.10 -65.58 -69.40
C SER M 235 80.59 -66.89 -68.84
N PRO M 236 80.60 -67.04 -67.49
CA PRO M 236 80.08 -68.17 -66.72
C PRO M 236 78.69 -68.75 -67.08
N VAL M 237 77.70 -67.91 -67.39
CA VAL M 237 76.48 -68.44 -68.01
C VAL M 237 76.70 -68.46 -69.53
N GLY M 238 75.69 -68.90 -70.28
CA GLY M 238 75.88 -68.97 -71.73
C GLY M 238 76.10 -67.66 -72.53
N VAL M 239 75.51 -66.56 -72.05
CA VAL M 239 75.38 -65.37 -72.86
C VAL M 239 76.24 -64.22 -72.35
N GLN M 240 76.64 -63.35 -73.28
CA GLN M 240 77.53 -62.22 -72.95
C GLN M 240 76.79 -60.91 -72.63
N PRO M 241 77.27 -60.22 -71.60
CA PRO M 241 76.69 -58.91 -71.27
C PRO M 241 77.23 -57.86 -72.23
N ILE M 242 76.52 -56.75 -72.38
CA ILE M 242 77.01 -55.63 -73.17
C ILE M 242 77.93 -54.79 -72.33
N LEU M 243 79.17 -54.61 -72.74
CA LEU M 243 80.11 -53.87 -71.90
C LEU M 243 80.90 -52.77 -72.62
N ASN M 244 80.63 -51.52 -72.28
CA ASN M 244 81.26 -50.37 -72.91
C ASN M 244 81.45 -49.30 -71.86
N GLU M 245 81.69 -48.07 -72.30
CA GLU M 245 81.82 -46.92 -71.37
C GLU M 245 80.47 -46.37 -70.88
N HIS M 246 79.38 -46.83 -71.47
CA HIS M 246 78.05 -46.47 -70.99
C HIS M 246 77.49 -47.46 -69.96
N THR M 247 78.28 -48.46 -69.55
CA THR M 247 77.84 -49.45 -68.58
C THR M 247 78.69 -49.42 -67.33
N PHE M 248 78.15 -49.99 -66.24
CA PHE M 248 78.95 -50.30 -65.05
C PHE M 248 78.48 -51.61 -64.43
N CYS M 249 79.34 -52.23 -63.62
CA CYS M 249 79.00 -53.52 -63.03
C CYS M 249 78.84 -53.44 -61.50
N ALA M 250 77.81 -54.11 -61.00
CA ALA M 250 77.61 -54.24 -59.57
C ALA M 250 77.97 -55.64 -59.07
N GLY M 251 78.71 -55.70 -57.96
CA GLY M 251 79.19 -56.94 -57.41
C GLY M 251 78.09 -57.87 -56.91
N MET M 252 78.46 -58.93 -56.23
CA MET M 252 77.46 -59.77 -55.58
C MET M 252 77.18 -59.26 -54.15
N SER M 253 76.16 -59.82 -53.53
CA SER M 253 75.72 -59.37 -52.22
C SER M 253 76.73 -59.73 -51.14
N LYS M 254 76.46 -59.34 -49.91
CA LYS M 254 77.31 -59.72 -48.78
C LYS M 254 77.13 -61.20 -48.53
N TYR M 255 75.88 -61.64 -48.68
CA TYR M 255 75.41 -63.02 -48.50
C TYR M 255 75.25 -63.82 -49.79
N GLN M 256 75.86 -63.36 -50.89
CA GLN M 256 75.80 -64.03 -52.20
C GLN M 256 74.42 -63.99 -52.84
N GLU M 257 73.65 -62.98 -52.48
CA GLU M 257 72.38 -62.77 -53.15
C GLU M 257 72.74 -62.20 -54.51
N ASP M 258 71.92 -62.46 -55.51
CA ASP M 258 72.17 -61.79 -56.77
C ASP M 258 70.87 -61.70 -57.53
N THR M 259 71.01 -61.17 -58.74
CA THR M 259 69.94 -60.65 -59.52
C THR M 259 69.86 -61.51 -60.77
N CYS M 260 68.69 -62.06 -61.03
CA CYS M 260 68.50 -63.10 -62.04
C CYS M 260 67.41 -62.66 -63.03
N TYR M 261 66.93 -63.60 -63.84
CA TYR M 261 66.03 -63.35 -64.96
C TYR M 261 64.78 -62.55 -64.57
N GLY M 262 64.56 -61.42 -65.21
CA GLY M 262 63.40 -60.59 -64.88
C GLY M 262 63.82 -59.30 -64.21
N ASP M 263 65.07 -59.26 -63.79
CA ASP M 263 65.55 -58.13 -63.00
C ASP M 263 66.11 -57.03 -63.84
N ALA M 264 66.16 -57.19 -65.15
CA ALA M 264 66.57 -56.06 -65.99
C ALA M 264 65.47 -55.01 -65.97
N GLY M 265 65.87 -53.75 -66.12
CA GLY M 265 64.93 -52.64 -66.13
C GLY M 265 64.61 -52.16 -64.72
N SER M 266 64.92 -52.98 -63.73
CA SER M 266 64.91 -52.55 -62.34
C SER M 266 66.10 -51.59 -62.10
N ALA M 267 65.92 -50.57 -61.26
CA ALA M 267 66.91 -49.51 -61.17
C ALA M 267 67.94 -49.79 -60.12
N PHE M 268 69.19 -49.46 -60.38
CA PHE M 268 70.17 -49.61 -59.35
C PHE M 268 70.11 -48.30 -58.67
N ALA M 269 69.47 -48.24 -57.49
CA ALA M 269 69.01 -46.98 -56.87
C ALA M 269 69.89 -46.58 -55.73
N VAL M 270 70.63 -45.48 -55.86
CA VAL M 270 71.54 -45.08 -54.79
C VAL M 270 70.95 -43.95 -53.96
N HIS M 271 70.87 -44.19 -52.67
CA HIS M 271 70.30 -43.28 -51.70
C HIS M 271 71.40 -42.33 -51.25
N ASP M 272 71.13 -41.03 -51.40
CA ASP M 272 72.08 -39.96 -51.10
C ASP M 272 71.76 -39.48 -49.72
N LEU M 273 72.64 -39.70 -48.75
CA LEU M 273 72.23 -39.46 -47.37
C LEU M 273 72.18 -37.95 -47.01
N GLU M 274 73.01 -37.13 -47.65
CA GLU M 274 73.04 -35.70 -47.36
C GLU M 274 71.74 -35.01 -47.76
N GLU M 275 71.29 -35.25 -48.98
CA GLU M 275 70.04 -34.66 -49.43
C GLU M 275 68.83 -35.58 -49.28
N ASP M 276 69.05 -36.74 -48.65
CA ASP M 276 67.99 -37.73 -48.41
C ASP M 276 67.09 -38.00 -49.63
N THR M 277 67.70 -38.18 -50.79
CA THR M 277 66.95 -38.46 -52.00
C THR M 277 67.45 -39.72 -52.70
N TRP M 278 66.52 -40.41 -53.38
CA TRP M 278 66.81 -41.63 -54.10
C TRP M 278 67.03 -41.42 -55.59
N TYR M 279 68.25 -41.59 -56.04
CA TYR M 279 68.56 -41.42 -57.45
C TYR M 279 68.61 -42.75 -58.20
N ALA M 280 68.22 -42.77 -59.47
CA ALA M 280 68.51 -43.95 -60.25
C ALA M 280 69.87 -43.77 -60.90
N THR M 281 70.87 -44.45 -60.39
CA THR M 281 72.19 -44.33 -60.95
C THR M 281 72.28 -45.19 -62.21
N GLY M 282 71.64 -46.36 -62.20
CA GLY M 282 71.65 -47.23 -63.36
C GLY M 282 70.38 -48.03 -63.62
N ILE M 283 70.27 -48.57 -64.82
CA ILE M 283 69.24 -49.55 -65.14
C ILE M 283 69.86 -50.93 -65.46
N LEU M 284 69.28 -51.99 -64.94
CA LEU M 284 69.86 -53.32 -65.13
C LEU M 284 69.74 -53.80 -66.57
N SER M 285 70.86 -54.11 -67.21
CA SER M 285 70.82 -54.73 -68.53
C SER M 285 70.88 -56.22 -68.43
N PHE M 286 71.98 -56.71 -67.86
CA PHE M 286 72.23 -58.15 -67.82
C PHE M 286 71.74 -58.80 -66.52
N ASP M 287 70.59 -59.45 -66.60
CA ASP M 287 69.98 -60.10 -65.48
C ASP M 287 70.23 -61.60 -65.49
N LYS M 288 71.12 -62.05 -66.36
CA LYS M 288 71.39 -63.47 -66.53
C LYS M 288 72.33 -64.10 -65.48
N SER M 289 73.09 -63.29 -64.73
CA SER M 289 74.26 -63.80 -63.94
C SER M 289 73.98 -64.73 -62.75
N CYS M 290 73.00 -64.38 -61.92
CA CYS M 290 72.55 -65.27 -60.86
C CYS M 290 73.58 -65.90 -59.84
N ALA M 291 73.45 -67.19 -59.62
CA ALA M 291 74.43 -67.78 -58.77
C ALA M 291 75.82 -67.61 -59.44
N VAL M 292 75.85 -67.97 -60.72
CA VAL M 292 77.07 -68.50 -61.30
C VAL M 292 78.04 -67.44 -61.79
N ALA M 293 77.57 -66.21 -62.00
CA ALA M 293 78.36 -65.21 -62.72
C ALA M 293 78.55 -63.93 -61.94
N GLU M 294 79.80 -63.61 -61.66
CA GLU M 294 80.12 -62.67 -60.59
C GLU M 294 79.56 -61.23 -60.66
N TYR M 295 79.11 -60.73 -61.82
CA TYR M 295 78.61 -59.36 -61.86
C TYR M 295 77.40 -59.15 -62.71
N GLY M 296 76.33 -58.62 -62.14
CA GLY M 296 75.23 -58.05 -62.91
C GLY M 296 75.75 -56.72 -63.43
N VAL M 297 75.19 -56.24 -64.53
CA VAL M 297 75.81 -55.10 -65.20
C VAL M 297 74.77 -54.07 -65.62
N TYR M 298 75.06 -52.80 -65.32
CA TYR M 298 74.06 -51.74 -65.48
C TYR M 298 74.59 -50.71 -66.45
N VAL M 299 73.68 -50.05 -67.18
CA VAL M 299 74.02 -48.86 -67.98
C VAL M 299 73.81 -47.56 -67.18
N LYS M 300 74.89 -46.77 -67.06
CA LYS M 300 74.89 -45.56 -66.27
C LYS M 300 73.75 -44.71 -66.76
N VAL M 301 72.99 -44.10 -65.85
CA VAL M 301 71.86 -43.28 -66.27
C VAL M 301 72.36 -41.91 -66.74
N THR M 302 73.37 -41.37 -66.06
CA THR M 302 74.02 -40.14 -66.49
C THR M 302 74.41 -40.14 -67.96
N SER M 303 74.75 -41.30 -68.51
CA SER M 303 75.10 -41.39 -69.92
C SER M 303 73.91 -41.36 -70.89
N ILE M 304 72.73 -41.79 -70.47
CA ILE M 304 71.51 -41.63 -71.28
C ILE M 304 70.72 -40.36 -70.96
N GLN M 305 71.31 -39.47 -70.17
CA GLN M 305 70.66 -38.20 -69.77
C GLN M 305 70.06 -37.35 -70.90
N ASP M 306 70.93 -36.83 -71.77
CA ASP M 306 70.50 -35.87 -72.75
C ASP M 306 69.55 -36.52 -73.73
N TRP M 307 69.52 -37.84 -73.76
CA TRP M 307 68.58 -38.51 -74.66
C TRP M 307 67.18 -38.61 -74.06
N VAL M 308 67.11 -38.83 -72.74
CA VAL M 308 65.82 -39.08 -72.09
C VAL M 308 65.12 -37.75 -72.02
N GLN M 309 65.87 -36.70 -71.68
CA GLN M 309 65.31 -35.37 -71.64
C GLN M 309 64.72 -35.02 -73.00
N LYS M 310 65.51 -35.24 -74.05
CA LYS M 310 65.12 -35.01 -75.43
C LYS M 310 63.83 -35.75 -75.81
N THR M 311 63.70 -37.00 -75.39
CA THR M 311 62.53 -37.79 -75.80
C THR M 311 61.26 -37.30 -75.11
N ILE M 312 61.41 -36.95 -73.83
CA ILE M 312 60.31 -36.51 -72.97
C ILE M 312 59.51 -35.38 -73.60
N ALA M 313 60.24 -34.54 -74.34
CA ALA M 313 59.69 -33.41 -75.10
C ALA M 313 58.65 -33.82 -76.15
N GLU M 314 58.59 -35.09 -76.52
CA GLU M 314 57.53 -35.55 -77.42
C GLU M 314 56.62 -36.58 -76.77
N ALA N 3 109.13 -79.05 -55.00
CA ALA N 3 108.09 -78.89 -56.00
C ALA N 3 106.91 -79.83 -55.76
N ASP N 4 107.21 -81.13 -55.60
CA ASP N 4 106.19 -82.17 -55.48
C ASP N 4 105.87 -82.52 -54.03
N GLU N 5 106.51 -81.80 -53.10
CA GLU N 5 106.17 -81.92 -51.70
C GLU N 5 104.85 -81.16 -51.43
N SER N 6 104.75 -79.93 -51.92
CA SER N 6 103.45 -79.24 -51.89
C SER N 6 103.18 -78.49 -53.20
N LEU N 7 102.15 -78.93 -53.92
CA LEU N 7 101.84 -78.38 -55.24
C LEU N 7 101.09 -77.06 -55.15
N LYS N 8 100.25 -76.90 -54.12
CA LYS N 8 99.45 -75.68 -53.99
C LYS N 8 100.30 -74.54 -53.43
N ASP N 9 101.43 -74.87 -52.80
CA ASP N 9 102.41 -73.85 -52.43
C ASP N 9 103.23 -73.51 -53.66
N ALA N 10 103.44 -74.52 -54.52
CA ALA N 10 104.25 -74.35 -55.71
C ALA N 10 103.65 -73.32 -56.67
N ILE N 11 102.33 -73.35 -56.87
CA ILE N 11 101.71 -72.45 -57.83
C ILE N 11 101.75 -70.98 -57.36
N LYS N 12 102.18 -70.74 -56.14
CA LYS N 12 102.23 -69.39 -55.58
C LYS N 12 103.36 -68.55 -56.15
N ASP N 13 104.34 -69.19 -56.77
CA ASP N 13 105.43 -68.46 -57.44
C ASP N 13 104.85 -67.67 -58.60
N PRO N 14 104.97 -66.33 -58.54
CA PRO N 14 104.38 -65.44 -59.55
C PRO N 14 105.05 -65.55 -60.92
N ALA N 15 106.26 -66.09 -60.95
CA ALA N 15 107.00 -66.16 -62.20
C ALA N 15 106.37 -67.15 -63.18
N LEU N 16 105.46 -67.98 -62.67
CA LEU N 16 104.94 -69.10 -63.45
C LEU N 16 103.58 -68.85 -64.09
N GLU N 17 102.99 -67.66 -63.92
CA GLU N 17 101.60 -67.49 -64.35
C GLU N 17 101.43 -67.13 -65.81
N ASN N 18 100.69 -67.99 -66.51
CA ASN N 18 100.43 -67.87 -67.93
C ASN N 18 101.73 -67.82 -68.72
N LYS N 19 102.75 -68.48 -68.16
CA LYS N 19 104.02 -68.68 -68.83
C LYS N 19 103.81 -69.67 -69.97
N GLU N 20 104.63 -69.60 -71.02
CA GLU N 20 104.49 -70.54 -72.14
C GLU N 20 105.17 -71.88 -71.86
N HIS N 21 104.38 -72.95 -71.89
CA HIS N 21 104.89 -74.30 -71.89
C HIS N 21 104.79 -75.02 -73.26
N ASP N 22 104.28 -74.34 -74.29
CA ASP N 22 103.91 -75.05 -75.54
C ASP N 22 104.95 -75.04 -76.67
N ILE N 23 106.11 -74.44 -76.41
CA ILE N 23 107.15 -74.36 -77.43
C ILE N 23 107.81 -75.70 -77.71
N GLY N 24 107.91 -76.07 -78.98
CA GLY N 24 108.61 -77.28 -79.38
C GLY N 24 107.76 -78.42 -79.87
N PRO N 25 108.42 -79.51 -80.29
CA PRO N 25 107.81 -80.73 -80.82
C PRO N 25 107.21 -81.59 -79.71
N ARG N 26 106.08 -82.25 -79.99
CA ARG N 26 105.31 -82.92 -78.95
C ARG N 26 104.48 -84.05 -79.53
N GLU N 27 104.20 -85.06 -78.70
CA GLU N 27 103.31 -86.13 -79.10
C GLU N 27 102.10 -86.08 -78.22
N GLN N 28 100.95 -86.53 -78.70
CA GLN N 28 99.78 -86.61 -77.83
C GLN N 28 99.39 -88.05 -77.48
N VAL N 29 99.60 -88.45 -76.24
CA VAL N 29 99.32 -89.81 -75.85
C VAL N 29 98.15 -89.92 -74.86
N ASN N 30 97.05 -90.53 -75.28
CA ASN N 30 96.00 -90.90 -74.34
C ASN N 30 96.51 -91.81 -73.24
N PHE N 31 95.94 -91.66 -72.06
CA PHE N 31 96.28 -92.52 -70.95
C PHE N 31 95.02 -92.87 -70.19
N GLN N 32 95.14 -93.85 -69.29
CA GLN N 32 94.13 -94.12 -68.30
C GLN N 32 94.71 -93.86 -66.92
N LEU N 33 93.85 -93.47 -65.99
CA LEU N 33 94.18 -93.30 -64.59
C LEU N 33 93.36 -94.31 -63.80
N LEU N 34 94.04 -95.26 -63.14
CA LEU N 34 93.37 -96.33 -62.38
C LEU N 34 93.86 -96.46 -60.93
N ASP N 35 93.00 -96.99 -60.04
CA ASP N 35 93.37 -97.26 -58.65
C ASP N 35 93.95 -98.68 -58.50
N LYS N 36 94.11 -99.18 -57.27
CA LYS N 36 94.86 -100.42 -57.06
C LYS N 36 94.05 -101.67 -57.42
N ASN N 37 92.76 -101.49 -57.68
CA ASN N 37 91.94 -102.58 -58.20
C ASN N 37 91.75 -102.51 -59.71
N ASN N 38 92.44 -101.58 -60.37
CA ASN N 38 92.36 -101.34 -61.81
C ASN N 38 90.97 -100.90 -62.32
N GLU N 39 90.30 -100.08 -61.49
CA GLU N 39 89.16 -99.31 -61.94
C GLU N 39 89.55 -97.84 -61.86
N THR N 40 88.87 -97.01 -62.66
CA THR N 40 89.32 -95.65 -62.90
C THR N 40 89.40 -94.90 -61.59
N GLN N 41 90.43 -94.09 -61.44
CA GLN N 41 90.54 -93.27 -60.27
C GLN N 41 89.76 -92.04 -60.61
N TYR N 42 88.54 -91.94 -60.11
CA TYR N 42 87.63 -90.92 -60.66
C TYR N 42 88.02 -89.49 -60.27
N TYR N 43 88.63 -89.30 -59.11
CA TYR N 43 89.05 -87.94 -58.81
C TYR N 43 90.21 -87.51 -59.70
N HIS N 44 91.20 -88.37 -59.88
CA HIS N 44 92.29 -88.03 -60.79
C HIS N 44 91.81 -87.98 -62.23
N PHE N 45 90.88 -88.87 -62.55
CA PHE N 45 90.33 -88.96 -63.90
C PHE N 45 89.87 -87.61 -64.33
N PHE N 46 89.16 -86.98 -63.40
CA PHE N 46 88.47 -85.70 -63.53
C PHE N 46 89.40 -84.54 -63.44
N SER N 47 90.53 -84.71 -62.77
CA SER N 47 91.42 -83.60 -62.55
C SER N 47 92.52 -83.49 -63.57
N ILE N 48 92.75 -84.51 -64.40
CA ILE N 48 93.87 -84.45 -65.37
C ILE N 48 93.50 -84.64 -66.84
N LYS N 49 93.90 -83.69 -67.67
CA LYS N 49 93.54 -83.64 -69.08
C LYS N 49 94.04 -84.82 -69.88
N ASP N 50 93.11 -85.46 -70.58
CA ASP N 50 93.39 -86.58 -71.48
C ASP N 50 93.06 -86.24 -72.95
N PRO N 51 94.04 -86.31 -73.87
CA PRO N 51 95.40 -86.83 -73.89
C PRO N 51 96.46 -85.96 -73.26
N ALA N 52 97.69 -86.46 -73.21
CA ALA N 52 98.78 -85.79 -72.50
C ALA N 52 99.86 -85.36 -73.47
N ASP N 53 100.23 -84.10 -73.41
CA ASP N 53 101.29 -83.60 -74.28
C ASP N 53 102.60 -84.18 -73.76
N VAL N 54 103.35 -84.82 -74.65
CA VAL N 54 104.67 -85.31 -74.33
C VAL N 54 105.74 -84.61 -75.16
N TYR N 55 106.60 -83.86 -74.50
CA TYR N 55 107.53 -82.99 -75.20
C TYR N 55 108.86 -83.66 -75.39
N TYR N 56 109.44 -83.49 -76.59
CA TYR N 56 110.69 -84.15 -76.98
C TYR N 56 111.90 -83.33 -76.53
N THR N 57 112.95 -84.01 -76.09
CA THR N 57 114.17 -83.33 -75.65
C THR N 57 115.42 -84.02 -76.17
N LYS N 58 116.57 -83.57 -75.70
CA LYS N 58 117.85 -84.21 -76.02
C LYS N 58 117.96 -85.58 -75.37
N LYS N 59 117.54 -85.67 -74.11
CA LYS N 59 117.82 -86.87 -73.33
C LYS N 59 116.61 -87.81 -73.18
N LYS N 60 115.63 -87.46 -72.35
CA LYS N 60 114.40 -88.24 -72.29
C LYS N 60 113.18 -87.37 -72.57
N ALA N 61 112.11 -87.98 -73.08
CA ALA N 61 110.88 -87.26 -73.35
C ALA N 61 110.24 -86.79 -72.06
N GLU N 62 109.72 -85.57 -72.03
CA GLU N 62 109.13 -85.03 -70.82
C GLU N 62 107.63 -84.94 -70.93
N VAL N 63 106.91 -85.72 -70.13
CA VAL N 63 105.46 -85.69 -70.15
C VAL N 63 104.97 -84.40 -69.48
N GLU N 64 103.91 -83.79 -70.01
CA GLU N 64 103.33 -82.63 -69.35
C GLU N 64 101.87 -82.91 -68.95
N LEU N 65 101.57 -82.69 -67.68
CA LEU N 65 100.26 -83.00 -67.11
C LEU N 65 99.43 -81.73 -66.82
N ASP N 66 98.16 -81.79 -67.21
CA ASP N 66 97.25 -80.66 -67.07
C ASP N 66 96.29 -80.88 -65.86
N ILE N 67 96.51 -80.21 -64.76
CA ILE N 67 95.70 -80.52 -63.60
C ILE N 67 94.87 -79.33 -63.11
N ASN N 68 93.55 -79.49 -63.02
CA ASN N 68 92.73 -78.41 -62.49
C ASN N 68 92.74 -78.44 -60.95
N THR N 69 92.08 -77.43 -60.35
CA THR N 69 92.06 -77.22 -58.90
C THR N 69 93.41 -77.38 -58.26
N ALA N 70 94.45 -76.91 -58.92
CA ALA N 70 95.81 -77.03 -58.42
C ALA N 70 95.95 -76.47 -57.02
N SER N 71 95.15 -75.46 -56.69
CA SER N 71 95.20 -74.87 -55.36
C SER N 71 94.75 -75.82 -54.24
N THR N 72 93.93 -76.82 -54.56
CA THR N 72 93.57 -77.85 -53.59
C THR N 72 94.42 -79.14 -53.70
N TRP N 73 95.33 -79.22 -54.68
CA TRP N 73 96.27 -80.34 -54.74
C TRP N 73 97.45 -80.11 -53.79
N LYS N 74 97.90 -81.15 -53.09
CA LYS N 74 99.04 -80.96 -52.19
C LYS N 74 100.26 -81.80 -52.58
N LYS N 75 100.20 -83.10 -52.34
CA LYS N 75 101.33 -83.97 -52.66
C LYS N 75 101.11 -84.55 -54.02
N PHE N 76 102.00 -84.31 -54.98
CA PHE N 76 101.87 -85.00 -56.26
C PHE N 76 103.23 -85.57 -56.63
N GLU N 77 103.38 -86.88 -56.47
CA GLU N 77 104.65 -87.52 -56.69
C GLU N 77 104.45 -88.49 -57.82
N VAL N 78 105.39 -88.54 -58.78
CA VAL N 78 105.28 -89.50 -59.87
C VAL N 78 106.48 -90.43 -59.97
N TYR N 79 106.18 -91.73 -59.99
CA TYR N 79 107.20 -92.77 -59.89
C TYR N 79 107.30 -93.62 -61.18
N GLU N 80 108.52 -93.91 -61.60
CA GLU N 80 108.77 -94.81 -62.72
C GLU N 80 109.65 -95.96 -62.25
N ASN N 81 109.12 -97.18 -62.34
CA ASN N 81 109.75 -98.38 -61.77
C ASN N 81 110.06 -98.23 -60.28
N ASN N 82 109.09 -97.67 -59.55
CA ASN N 82 109.22 -97.41 -58.12
C ASN N 82 110.42 -96.57 -57.72
N GLN N 83 110.81 -95.61 -58.55
CA GLN N 83 111.76 -94.60 -58.08
C GLN N 83 111.32 -93.18 -58.50
N LYS N 84 111.71 -92.20 -57.70
CA LYS N 84 111.11 -90.87 -57.77
C LYS N 84 111.55 -90.12 -59.02
N LEU N 85 110.59 -89.61 -59.79
CA LEU N 85 110.91 -88.69 -60.88
C LEU N 85 110.97 -87.27 -60.36
N PRO N 86 111.91 -86.46 -60.89
CA PRO N 86 112.06 -85.06 -60.48
C PRO N 86 110.97 -84.16 -61.07
N VAL N 87 109.82 -84.10 -60.42
CA VAL N 87 108.71 -83.33 -60.97
C VAL N 87 108.91 -81.83 -60.75
N ARG N 88 108.58 -81.03 -61.76
CA ARG N 88 108.65 -79.58 -61.63
C ARG N 88 107.47 -78.87 -62.30
N LEU N 89 107.15 -77.69 -61.79
CA LEU N 89 106.02 -76.92 -62.30
C LEU N 89 106.49 -75.94 -63.36
N VAL N 90 105.84 -75.94 -64.51
CA VAL N 90 106.25 -75.02 -65.57
C VAL N 90 105.29 -73.83 -65.67
N SER N 91 104.00 -74.03 -65.94
CA SER N 91 103.08 -72.88 -65.92
C SER N 91 101.94 -73.09 -64.95
N TYR N 92 101.34 -71.99 -64.50
CA TYR N 92 100.10 -72.03 -63.72
C TYR N 92 99.06 -71.04 -64.27
N SER N 93 97.80 -71.44 -64.29
CA SER N 93 96.73 -70.56 -64.75
C SER N 93 95.79 -70.14 -63.61
N PRO N 94 95.76 -68.84 -63.27
CA PRO N 94 95.13 -68.30 -62.06
C PRO N 94 93.63 -68.52 -61.96
N VAL N 95 93.06 -68.07 -60.86
CA VAL N 95 92.01 -68.80 -60.14
C VAL N 95 90.64 -69.16 -60.78
N PRO N 96 90.10 -68.36 -61.72
CA PRO N 96 88.96 -68.96 -62.43
C PRO N 96 89.38 -70.23 -63.21
N GLU N 97 90.68 -70.31 -63.50
CA GLU N 97 91.26 -71.43 -64.23
C GLU N 97 91.83 -72.49 -63.26
N ASP N 98 92.84 -72.10 -62.47
CA ASP N 98 93.35 -72.92 -61.39
C ASP N 98 93.87 -74.24 -61.96
N HIS N 99 94.59 -74.18 -63.08
CA HIS N 99 95.27 -75.35 -63.68
C HIS N 99 96.77 -75.27 -63.47
N ALA N 100 97.39 -76.34 -62.98
CA ALA N 100 98.84 -76.35 -62.89
C ALA N 100 99.42 -77.23 -63.97
N TYR N 101 100.58 -76.83 -64.51
CA TYR N 101 101.24 -77.56 -65.58
C TYR N 101 102.60 -78.07 -65.11
N ILE N 102 102.75 -79.38 -65.07
CA ILE N 102 103.98 -80.02 -64.59
C ILE N 102 104.64 -80.95 -65.61
N ARG N 103 105.96 -81.03 -65.53
CA ARG N 103 106.75 -81.87 -66.42
C ARG N 103 107.75 -82.74 -65.65
N PHE N 104 107.94 -83.95 -66.15
CA PHE N 104 108.94 -84.87 -65.62
C PHE N 104 109.48 -85.76 -66.75
N PRO N 105 110.76 -86.15 -66.67
CA PRO N 105 111.35 -87.06 -67.67
C PRO N 105 110.87 -88.49 -67.52
N VAL N 106 110.62 -89.19 -68.62
CA VAL N 106 110.33 -90.62 -68.53
C VAL N 106 111.29 -91.38 -69.44
N SER N 107 111.77 -92.54 -68.95
CA SER N 107 112.72 -93.35 -69.68
C SER N 107 112.02 -93.99 -70.86
N ASP N 108 112.70 -94.00 -72.01
CA ASP N 108 112.18 -94.60 -73.25
C ASP N 108 111.71 -96.01 -72.94
N GLY N 109 110.46 -96.32 -73.32
CA GLY N 109 109.90 -97.63 -73.07
C GLY N 109 108.85 -97.71 -71.97
N THR N 110 108.81 -96.70 -71.11
CA THR N 110 107.84 -96.59 -70.04
C THR N 110 106.40 -96.57 -70.53
N GLN N 111 105.52 -97.29 -69.84
CA GLN N 111 104.10 -97.19 -70.13
C GLN N 111 103.32 -96.90 -68.85
N GLU N 112 103.44 -97.76 -67.85
CA GLU N 112 102.81 -97.54 -66.55
C GLU N 112 103.52 -96.46 -65.73
N LEU N 113 102.75 -95.72 -64.94
CA LEU N 113 103.33 -94.76 -64.00
C LEU N 113 102.60 -94.75 -62.64
N LYS N 114 103.36 -94.60 -61.57
CA LYS N 114 102.82 -94.57 -60.20
C LYS N 114 102.61 -93.15 -59.68
N ILE N 115 101.40 -92.80 -59.23
CA ILE N 115 101.17 -91.47 -58.66
C ILE N 115 100.72 -91.52 -57.20
N VAL N 116 101.58 -91.01 -56.32
CA VAL N 116 101.24 -90.82 -54.91
C VAL N 116 100.81 -89.38 -54.71
N SER N 117 99.53 -89.17 -54.45
CA SER N 117 99.01 -87.80 -54.37
C SER N 117 98.16 -87.50 -53.12
N SER N 118 97.87 -86.23 -52.84
CA SER N 118 96.89 -85.85 -51.82
C SER N 118 96.20 -84.53 -52.11
N THR N 119 94.93 -84.41 -51.72
CA THR N 119 94.17 -83.17 -51.87
C THR N 119 93.65 -82.64 -50.52
N GLN N 120 93.96 -81.38 -50.21
CA GLN N 120 93.51 -80.69 -49.00
C GLN N 120 92.96 -79.29 -49.27
N ILE N 121 91.73 -79.02 -48.82
CA ILE N 121 91.15 -77.66 -49.01
C ILE N 121 91.50 -76.73 -47.86
N ASP N 122 92.24 -75.69 -48.14
CA ASP N 122 92.75 -74.76 -47.12
C ASP N 122 93.51 -75.51 -46.01
N ASP N 123 93.03 -75.40 -44.78
CA ASP N 123 93.67 -76.06 -43.63
C ASP N 123 93.05 -77.39 -43.26
N GLY N 124 92.02 -77.79 -44.00
CA GLY N 124 91.15 -78.88 -43.58
C GLY N 124 91.76 -80.27 -43.71
N GLU N 125 90.87 -81.25 -43.71
CA GLU N 125 91.24 -82.65 -43.88
C GLU N 125 92.06 -82.89 -45.17
N GLU N 126 93.22 -83.48 -45.01
CA GLU N 126 94.05 -83.91 -46.13
C GLU N 126 93.59 -85.27 -46.61
N THR N 127 93.24 -85.39 -47.89
CA THR N 127 92.83 -86.69 -48.41
C THR N 127 93.97 -87.34 -49.17
N ASN N 128 94.52 -88.41 -48.62
CA ASN N 128 95.65 -89.07 -49.25
C ASN N 128 95.15 -90.07 -50.27
N TYR N 129 95.75 -90.02 -51.46
CA TYR N 129 95.49 -90.97 -52.53
C TYR N 129 96.73 -91.81 -52.72
N ASP N 130 96.65 -93.05 -52.28
CA ASP N 130 97.83 -93.86 -51.95
C ASP N 130 98.63 -94.23 -53.14
N TYR N 131 97.90 -94.80 -54.09
CA TYR N 131 98.44 -95.36 -55.29
C TYR N 131 97.50 -94.97 -56.41
N THR N 132 98.04 -94.37 -57.46
CA THR N 132 97.30 -94.14 -58.66
C THR N 132 98.17 -94.61 -59.83
N LYS N 133 97.65 -95.53 -60.65
CA LYS N 133 98.43 -96.07 -61.76
C LYS N 133 98.07 -95.31 -63.02
N LEU N 134 99.07 -94.66 -63.64
CA LEU N 134 98.83 -94.01 -64.91
C LEU N 134 99.32 -94.89 -66.04
N VAL N 135 98.39 -95.24 -66.93
CA VAL N 135 98.69 -96.11 -68.07
C VAL N 135 98.55 -95.43 -69.43
N PHE N 136 99.67 -95.12 -70.08
CA PHE N 136 99.63 -94.55 -71.43
C PHE N 136 99.09 -95.57 -72.41
N ALA N 137 98.20 -95.16 -73.29
CA ALA N 137 97.63 -96.09 -74.27
C ALA N 137 98.68 -96.67 -75.23
N LYS N 138 99.86 -96.05 -75.28
CA LYS N 138 100.99 -96.60 -75.98
C LYS N 138 102.30 -96.19 -75.28
N PRO N 139 103.36 -96.99 -75.42
CA PRO N 139 104.63 -96.64 -74.74
C PRO N 139 105.17 -95.26 -75.11
N ILE N 140 106.03 -94.68 -74.27
CA ILE N 140 106.62 -93.38 -74.57
C ILE N 140 108.04 -93.53 -75.10
N TYR N 141 108.32 -92.95 -76.27
CA TYR N 141 109.68 -92.95 -76.82
C TYR N 141 110.12 -91.56 -77.28
N ASN N 142 111.26 -91.12 -76.76
CA ASN N 142 111.83 -89.84 -77.16
C ASN N 142 112.23 -89.84 -78.63
N ASP N 143 112.16 -88.67 -79.26
CA ASP N 143 112.51 -88.52 -80.67
C ASP N 143 113.36 -87.27 -80.87
N PRO N 144 114.63 -87.31 -80.46
CA PRO N 144 115.52 -86.13 -80.54
C PRO N 144 115.68 -85.61 -81.97
N SER N 145 115.26 -86.42 -82.95
CA SER N 145 115.42 -86.08 -84.36
C SER N 145 114.60 -84.85 -84.81
N LEU N 146 113.74 -84.34 -83.94
CA LEU N 146 112.91 -83.18 -84.28
C LEU N 146 113.40 -81.86 -83.68
N ALA O 1 56.79 -69.05 -4.88
CA ALA O 1 56.31 -68.31 -6.05
C ALA O 1 54.86 -68.68 -6.37
N GLU O 2 53.93 -67.72 -6.32
CA GLU O 2 52.55 -68.02 -6.70
C GLU O 2 51.93 -66.93 -7.58
N GLY O 3 51.61 -67.25 -8.82
CA GLY O 3 50.82 -66.36 -9.68
C GLY O 3 49.30 -66.31 -9.65
N LEU O 4 48.71 -65.13 -9.46
CA LEU O 4 47.42 -64.70 -10.02
C LEU O 4 46.92 -63.42 -9.32
N LYS O 5 45.80 -62.88 -9.79
CA LYS O 5 45.13 -61.75 -9.14
C LYS O 5 43.79 -61.52 -9.84
N THR O 6 43.26 -60.31 -9.68
CA THR O 6 42.11 -59.85 -10.45
C THR O 6 42.38 -59.82 -11.96
N LYS O 7 41.30 -59.73 -12.75
CA LYS O 7 41.34 -59.70 -14.21
C LYS O 7 42.18 -58.54 -14.76
N ASP O 8 42.62 -57.66 -13.87
CA ASP O 8 43.60 -56.66 -14.26
C ASP O 8 44.99 -57.31 -14.32
N GLU O 9 45.46 -57.82 -13.18
CA GLU O 9 46.84 -58.31 -13.07
C GLU O 9 47.16 -59.50 -14.02
N VAL O 10 46.14 -60.14 -14.59
CA VAL O 10 46.40 -61.11 -15.65
C VAL O 10 46.89 -60.40 -16.90
N GLU O 11 46.26 -59.29 -17.26
CA GLU O 11 46.65 -58.59 -18.47
C GLU O 11 47.77 -57.57 -18.22
N LYS O 12 48.05 -57.25 -16.97
CA LYS O 12 49.23 -56.43 -16.68
C LYS O 12 50.43 -57.30 -16.97
N ALA O 13 50.25 -58.59 -16.76
CA ALA O 13 51.26 -59.61 -17.08
C ALA O 13 51.25 -59.98 -18.56
N CYS O 14 50.06 -60.18 -19.12
CA CYS O 14 49.90 -60.49 -20.54
C CYS O 14 50.67 -59.52 -21.41
N HIS O 15 50.57 -58.25 -21.05
CA HIS O 15 51.28 -57.23 -21.75
C HIS O 15 52.76 -57.41 -21.52
N LEU O 16 53.14 -58.00 -20.40
CA LEU O 16 54.55 -58.11 -20.13
C LEU O 16 55.12 -59.19 -21.03
N ALA O 17 54.45 -60.32 -21.06
CA ALA O 17 54.87 -61.44 -21.87
C ALA O 17 55.02 -61.01 -23.32
N GLN O 18 54.07 -60.18 -23.73
CA GLN O 18 54.04 -59.77 -25.11
C GLN O 18 55.21 -58.86 -25.33
N GLN O 19 55.50 -57.95 -24.41
CA GLN O 19 56.64 -57.07 -24.65
C GLN O 19 57.89 -57.90 -24.48
N LEU O 20 57.91 -58.70 -23.42
CA LEU O 20 59.07 -59.54 -23.14
C LEU O 20 59.38 -60.47 -24.32
N LYS O 21 58.36 -60.97 -25.01
CA LYS O 21 58.66 -61.79 -26.17
C LYS O 21 59.18 -60.93 -27.31
N GLU O 22 58.47 -59.85 -27.57
CA GLU O 22 58.75 -58.97 -28.66
C GLU O 22 60.11 -58.26 -28.58
N VAL O 23 60.88 -58.40 -27.50
CA VAL O 23 62.19 -57.73 -27.51
C VAL O 23 63.14 -58.52 -28.42
N SER O 24 62.95 -59.83 -28.47
CA SER O 24 63.83 -60.65 -29.29
C SER O 24 63.53 -60.46 -30.77
N ILE O 25 62.36 -59.94 -31.08
CA ILE O 25 61.97 -59.69 -32.46
C ILE O 25 62.46 -58.30 -32.89
N THR O 26 61.96 -57.28 -32.20
CA THR O 26 62.29 -55.90 -32.50
C THR O 26 63.80 -55.69 -32.68
N LEU O 27 64.56 -56.14 -31.68
CA LEU O 27 66.01 -55.97 -31.67
C LEU O 27 66.65 -56.62 -32.90
N GLY O 28 65.96 -57.61 -33.45
CA GLY O 28 66.38 -58.23 -34.70
C GLY O 28 66.29 -57.33 -35.91
N VAL O 29 65.08 -56.81 -36.16
CA VAL O 29 64.83 -55.82 -37.20
C VAL O 29 65.80 -54.66 -37.09
N ILE O 30 66.22 -54.35 -35.90
CA ILE O 30 67.10 -53.21 -35.74
C ILE O 30 68.49 -53.59 -36.18
N TYR O 31 68.92 -54.83 -35.94
CA TYR O 31 70.31 -55.18 -36.28
C TYR O 31 70.43 -55.08 -37.82
N ARG O 32 69.39 -55.53 -38.49
CA ARG O 32 69.34 -55.60 -39.91
C ARG O 32 69.21 -54.20 -40.52
N THR O 33 68.57 -53.33 -39.77
CA THR O 33 68.55 -51.91 -40.08
C THR O 33 69.96 -51.39 -40.32
N THR O 34 70.95 -52.01 -39.68
CA THR O 34 72.36 -51.64 -39.87
C THR O 34 73.21 -52.47 -40.86
N GLU O 35 72.62 -53.37 -41.62
CA GLU O 35 73.46 -54.06 -42.60
C GLU O 35 74.02 -53.06 -43.60
N ARG O 36 73.20 -52.09 -43.95
CA ARG O 36 73.57 -51.02 -44.85
C ARG O 36 74.91 -50.41 -44.50
N HIS O 37 75.12 -50.06 -43.25
CA HIS O 37 76.36 -49.42 -42.86
C HIS O 37 77.54 -50.40 -42.92
N SER O 38 77.25 -51.68 -42.70
CA SER O 38 78.29 -52.69 -42.72
C SER O 38 78.86 -52.85 -44.13
N VAL O 39 77.96 -53.08 -45.08
CA VAL O 39 78.34 -53.23 -46.48
C VAL O 39 78.90 -51.92 -47.05
N GLN O 40 78.49 -50.78 -46.48
CA GLN O 40 78.93 -49.50 -47.00
C GLN O 40 80.36 -49.29 -46.59
N VAL O 41 80.65 -49.63 -45.36
CA VAL O 41 81.99 -49.38 -44.87
C VAL O 41 82.92 -50.34 -45.58
N GLU O 42 82.37 -51.46 -46.06
CA GLU O 42 83.18 -52.42 -46.78
C GLU O 42 83.58 -51.86 -48.14
N ALA O 43 82.62 -51.26 -48.84
CA ALA O 43 82.93 -50.71 -50.14
C ALA O 43 83.89 -49.52 -49.99
N HIS O 44 83.91 -48.87 -48.82
CA HIS O 44 84.88 -47.80 -48.58
C HIS O 44 86.28 -48.37 -48.64
N LYS O 45 86.42 -49.57 -48.07
CA LYS O 45 87.69 -50.29 -48.09
C LYS O 45 88.09 -50.57 -49.53
N THR O 46 87.12 -51.05 -50.33
CA THR O 46 87.41 -51.40 -51.72
C THR O 46 88.00 -50.19 -52.43
N ALA O 47 87.33 -49.05 -52.27
CA ALA O 47 87.70 -47.82 -52.98
C ALA O 47 89.01 -47.25 -52.47
N ILE O 48 89.20 -47.29 -51.15
CA ILE O 48 90.46 -46.85 -50.56
C ILE O 48 91.62 -47.66 -51.12
N ASP O 49 91.40 -48.95 -51.34
CA ASP O 49 92.43 -49.74 -52.01
C ASP O 49 92.68 -49.14 -53.39
N LYS O 50 91.62 -49.03 -54.18
CA LYS O 50 91.69 -48.55 -55.57
C LYS O 50 92.44 -47.22 -55.69
N HIS O 51 92.21 -46.32 -54.74
CA HIS O 51 92.86 -45.02 -54.72
C HIS O 51 94.36 -45.14 -54.51
N ALA O 52 94.76 -46.07 -53.65
CA ALA O 52 96.18 -46.22 -53.33
C ALA O 52 96.97 -46.54 -54.58
N ASP O 53 96.37 -47.33 -55.47
CA ASP O 53 96.97 -47.68 -56.76
C ASP O 53 96.80 -46.55 -57.76
N ALA O 54 95.69 -45.82 -57.66
CA ALA O 54 95.43 -44.72 -58.57
C ALA O 54 96.51 -43.63 -58.46
N VAL O 55 96.92 -43.34 -57.25
CA VAL O 55 97.91 -42.30 -57.00
C VAL O 55 99.33 -42.86 -56.88
N SER O 56 99.47 -44.17 -57.07
CA SER O 56 100.75 -44.84 -56.85
C SER O 56 101.87 -44.15 -57.62
N ARG O 57 101.61 -43.86 -58.90
CA ARG O 57 102.59 -43.23 -59.77
C ARG O 57 103.02 -41.87 -59.23
N ALA O 58 102.07 -41.14 -58.63
CA ALA O 58 102.34 -39.79 -58.14
C ALA O 58 103.06 -39.79 -56.79
N VAL O 59 102.86 -40.82 -56.00
CA VAL O 59 103.60 -40.95 -54.75
C VAL O 59 105.02 -41.43 -55.02
N GLU O 60 105.15 -42.42 -55.90
CA GLU O 60 106.45 -42.96 -56.29
C GLU O 60 107.34 -41.84 -56.81
N ALA O 61 106.71 -40.89 -57.48
CA ALA O 61 107.41 -39.72 -58.02
C ALA O 61 107.84 -38.78 -56.90
N LEU O 62 106.90 -38.51 -55.99
CA LEU O 62 107.17 -37.59 -54.89
C LEU O 62 108.13 -38.23 -53.90
N THR O 63 108.22 -39.56 -53.94
CA THR O 63 109.22 -40.25 -53.13
C THR O 63 110.60 -39.98 -53.72
N ARG O 64 110.70 -40.02 -55.04
CA ARG O 64 111.97 -39.82 -55.71
C ARG O 64 112.60 -38.47 -55.36
N VAL O 65 111.76 -37.46 -55.12
CA VAL O 65 112.25 -36.12 -54.80
C VAL O 65 112.62 -36.04 -53.32
N ASP O 66 112.14 -37.02 -52.55
CA ASP O 66 112.54 -37.12 -51.15
C ASP O 66 113.92 -37.76 -51.07
N VAL O 67 114.12 -38.80 -51.87
CA VAL O 67 115.35 -39.59 -51.83
C VAL O 67 116.47 -38.90 -52.60
N ALA O 68 116.12 -37.94 -53.44
CA ALA O 68 117.12 -37.15 -54.14
C ALA O 68 117.37 -35.84 -53.39
N LEU O 69 116.61 -35.61 -52.33
CA LEU O 69 116.86 -34.48 -51.44
C LEU O 69 117.72 -34.95 -50.27
N GLN O 70 118.11 -36.23 -50.33
CA GLN O 70 118.97 -36.85 -49.31
C GLN O 70 120.45 -36.78 -49.68
N ARG O 71 120.81 -37.33 -50.85
CA ARG O 71 122.16 -37.12 -51.37
C ARG O 71 122.40 -35.63 -51.62
N LEU O 72 121.30 -34.87 -51.64
CA LEU O 72 121.34 -33.42 -51.70
C LEU O 72 121.48 -32.80 -50.32
N LYS O 73 121.64 -33.63 -49.30
CA LYS O 73 121.81 -33.13 -47.94
C LYS O 73 123.28 -32.81 -47.74
N GLU O 74 124.03 -32.87 -48.83
CA GLU O 74 125.42 -32.40 -48.85
C GLU O 74 125.53 -31.00 -49.46
N LEU O 75 125.44 -30.85 -50.79
CA LEU O 75 125.51 -29.52 -51.40
C LEU O 75 124.16 -28.89 -51.76
N GLY O 76 123.07 -29.63 -51.57
CA GLY O 76 121.79 -29.20 -52.08
C GLY O 76 120.84 -28.50 -51.13
N LYS O 77 121.08 -28.62 -49.82
CA LYS O 77 120.20 -28.02 -48.83
C LYS O 77 120.20 -26.49 -48.90
N ALA O 78 121.19 -25.92 -49.60
CA ALA O 78 121.30 -24.48 -49.66
C ALA O 78 121.05 -23.96 -51.07
N ASN O 79 119.89 -23.32 -51.25
CA ASN O 79 119.56 -22.43 -52.38
C ASN O 79 120.14 -22.84 -53.73
N ASP O 80 119.69 -23.98 -54.24
CA ASP O 80 120.27 -24.56 -55.43
C ASP O 80 119.60 -23.98 -56.69
N THR O 81 118.78 -22.94 -56.49
CA THR O 81 117.95 -22.39 -57.58
C THR O 81 117.01 -23.50 -58.03
N LYS O 82 117.28 -24.09 -59.19
CA LYS O 82 116.39 -25.05 -59.84
C LYS O 82 115.97 -26.23 -58.95
N ALA O 83 116.59 -26.37 -57.77
CA ALA O 83 116.16 -27.35 -56.77
C ALA O 83 115.19 -26.74 -55.76
N VAL O 84 115.63 -25.73 -55.01
CA VAL O 84 114.80 -25.11 -53.97
C VAL O 84 113.51 -24.48 -54.51
N LYS O 85 113.43 -24.29 -55.82
CA LYS O 85 112.22 -23.80 -56.45
C LYS O 85 111.30 -24.95 -56.86
N ILE O 86 111.78 -26.18 -56.68
CA ILE O 86 110.94 -27.36 -56.91
C ILE O 86 109.95 -27.50 -55.77
N ILE O 87 110.43 -27.41 -54.54
CA ILE O 87 109.56 -27.48 -53.34
C ILE O 87 108.49 -26.39 -53.38
N GLU O 88 108.71 -25.37 -54.21
CA GLU O 88 107.74 -24.32 -54.44
C GLU O 88 106.61 -24.78 -55.37
N ASN O 89 106.91 -25.68 -56.31
CA ASN O 89 105.89 -26.23 -57.20
C ASN O 89 105.28 -27.52 -56.68
N ILE O 90 105.89 -28.08 -55.64
CA ILE O 90 105.38 -29.26 -54.94
C ILE O 90 104.56 -28.78 -53.74
N THR O 91 104.35 -27.47 -53.66
CA THR O 91 103.64 -26.87 -52.54
C THR O 91 102.31 -27.59 -52.27
N SER O 92 101.44 -27.66 -53.27
CA SER O 92 100.12 -28.24 -53.10
C SER O 92 100.16 -29.77 -53.19
N ALA O 93 101.14 -30.30 -53.91
CA ALA O 93 101.29 -31.74 -54.04
C ALA O 93 101.43 -32.40 -52.67
N ARG O 94 102.35 -31.90 -51.86
CA ARG O 94 102.56 -32.44 -50.52
C ARG O 94 101.44 -32.05 -49.57
N GLU O 95 100.69 -31.02 -49.92
CA GLU O 95 99.52 -30.67 -49.12
C GLU O 95 98.53 -31.82 -49.19
N ASN O 96 98.13 -32.16 -50.42
CA ASN O 96 97.14 -33.20 -50.65
C ASN O 96 97.56 -34.56 -50.11
N LEU O 97 98.82 -34.92 -50.36
CA LEU O 97 99.36 -36.18 -49.88
C LEU O 97 99.27 -36.24 -48.36
N ALA O 98 99.43 -35.09 -47.73
CA ALA O 98 99.25 -35.03 -46.28
C ALA O 98 97.80 -35.31 -45.95
N LEU O 99 96.88 -34.67 -46.67
CA LEU O 99 95.45 -34.87 -46.45
C LEU O 99 95.04 -36.30 -46.75
N PHE O 100 95.64 -36.87 -47.78
CA PHE O 100 95.34 -38.23 -48.19
C PHE O 100 95.57 -39.26 -47.07
N ASN O 101 96.82 -39.38 -46.65
CA ASN O 101 97.18 -40.34 -45.60
C ASN O 101 96.54 -39.98 -44.27
N ASN O 102 95.96 -38.78 -44.21
CA ASN O 102 95.19 -38.37 -43.05
C ASN O 102 93.75 -38.89 -43.16
N GLU O 103 93.05 -38.44 -44.19
CA GLU O 103 91.64 -38.77 -44.41
C GLU O 103 91.38 -40.25 -44.70
N THR O 104 92.26 -40.90 -45.45
CA THR O 104 92.10 -42.33 -45.69
C THR O 104 92.10 -43.07 -44.37
N GLN O 105 93.06 -42.74 -43.52
CA GLN O 105 93.19 -43.36 -42.20
C GLN O 105 91.92 -43.19 -41.36
N ALA O 106 91.25 -42.07 -41.57
CA ALA O 106 90.03 -41.75 -40.84
C ALA O 106 88.88 -42.68 -41.21
N VAL O 107 88.72 -42.95 -42.51
CA VAL O 107 87.66 -43.83 -42.97
C VAL O 107 88.02 -45.26 -42.61
N LEU O 108 89.30 -45.51 -42.40
CA LEU O 108 89.77 -46.80 -41.90
C LEU O 108 89.41 -46.98 -40.43
N THR O 109 89.64 -45.94 -39.63
CA THR O 109 89.27 -46.00 -38.22
C THR O 109 87.74 -46.01 -38.09
N ALA O 110 87.07 -45.12 -38.82
CA ALA O 110 85.61 -45.12 -38.88
C ALA O 110 85.08 -46.51 -39.18
N ARG O 111 85.76 -47.15 -40.13
CA ARG O 111 85.47 -48.52 -40.54
C ARG O 111 85.58 -49.46 -39.35
N ASP O 112 86.75 -49.49 -38.74
CA ASP O 112 86.99 -50.41 -37.66
C ASP O 112 85.91 -50.23 -36.58
N HIS O 113 85.60 -48.97 -36.27
CA HIS O 113 84.61 -48.66 -35.21
C HIS O 113 83.22 -49.18 -35.57
N VAL O 114 82.85 -49.10 -36.84
CA VAL O 114 81.49 -49.42 -37.20
C VAL O 114 81.27 -50.93 -37.02
N HIS O 115 82.30 -51.73 -37.26
CA HIS O 115 82.18 -53.18 -37.04
C HIS O 115 82.02 -53.49 -35.56
N LYS O 116 82.95 -52.98 -34.76
CA LYS O 116 82.94 -53.23 -33.33
C LYS O 116 81.58 -52.90 -32.73
N HIS O 117 81.07 -51.71 -33.02
CA HIS O 117 79.76 -51.31 -32.54
C HIS O 117 78.68 -52.28 -33.04
N ARG O 118 78.77 -52.61 -34.32
CA ARG O 118 77.83 -53.56 -34.92
C ARG O 118 77.95 -54.93 -34.23
N ALA O 119 79.14 -55.21 -33.70
CA ALA O 119 79.38 -56.44 -32.95
C ALA O 119 78.73 -56.32 -31.58
N ALA O 120 79.00 -55.22 -30.89
CA ALA O 120 78.37 -54.94 -29.61
C ALA O 120 76.87 -54.88 -29.80
N ALA O 121 76.43 -54.30 -30.91
CA ALA O 121 75.03 -54.39 -31.30
C ALA O 121 74.57 -55.85 -31.29
N LEU O 122 75.33 -56.68 -32.01
CA LEU O 122 75.03 -58.10 -32.22
C LEU O 122 75.00 -58.82 -30.88
N GLN O 123 76.03 -58.61 -30.09
CA GLN O 123 76.16 -59.30 -28.82
C GLN O 123 74.93 -59.00 -27.98
N GLY O 124 74.65 -57.71 -27.82
CA GLY O 124 73.51 -57.22 -27.09
C GLY O 124 72.21 -57.88 -27.54
N TRP O 125 72.02 -57.98 -28.85
CA TRP O 125 70.84 -58.67 -29.36
C TRP O 125 70.78 -60.10 -28.78
N SER O 126 71.82 -60.91 -29.00
CA SER O 126 71.76 -62.32 -28.63
C SER O 126 71.43 -62.54 -27.17
N ASP O 127 72.02 -61.72 -26.30
CA ASP O 127 71.75 -61.77 -24.86
C ASP O 127 70.28 -61.54 -24.59
N ALA O 128 69.79 -60.38 -24.98
CA ALA O 128 68.42 -59.98 -24.71
C ALA O 128 67.41 -60.94 -25.36
N LYS O 129 67.83 -61.74 -26.34
CA LYS O 129 66.94 -62.78 -26.83
C LYS O 129 66.80 -63.82 -25.71
N GLU O 130 67.91 -64.24 -25.09
CA GLU O 130 67.88 -65.22 -24.00
C GLU O 130 67.04 -64.74 -22.85
N LYS O 131 67.55 -63.67 -22.23
CA LYS O 131 66.94 -63.03 -21.08
C LYS O 131 65.46 -62.80 -21.34
N GLY O 132 65.14 -62.12 -22.44
CA GLY O 132 63.75 -61.91 -22.82
C GLY O 132 62.92 -63.16 -23.04
N ASP O 133 63.42 -64.09 -23.84
CA ASP O 133 62.69 -65.32 -24.13
C ASP O 133 62.50 -66.12 -22.86
N ALA O 134 63.56 -66.16 -22.05
CA ALA O 134 63.49 -66.79 -20.75
C ALA O 134 62.32 -66.19 -19.99
N ALA O 135 62.48 -64.91 -19.66
CA ALA O 135 61.52 -64.14 -18.88
C ALA O 135 60.09 -64.24 -19.40
N ALA O 136 59.90 -64.03 -20.69
CA ALA O 136 58.56 -64.13 -21.25
C ALA O 136 57.96 -65.50 -21.00
N GLU O 137 58.83 -66.50 -20.96
CA GLU O 137 58.42 -67.89 -20.79
C GLU O 137 57.91 -68.13 -19.38
N ASP O 138 58.61 -67.55 -18.41
CA ASP O 138 58.24 -67.64 -17.01
C ASP O 138 56.87 -67.04 -16.82
N VAL O 139 56.67 -65.82 -17.33
CA VAL O 139 55.42 -65.12 -17.02
C VAL O 139 54.32 -65.72 -17.89
N TRP O 140 54.69 -66.73 -18.68
CA TRP O 140 53.69 -67.51 -19.40
C TRP O 140 53.28 -68.76 -18.66
N VAL O 141 54.01 -69.13 -17.60
CA VAL O 141 53.58 -70.29 -16.81
C VAL O 141 52.52 -69.84 -15.81
N LEU O 142 52.54 -68.56 -15.45
CA LEU O 142 51.49 -67.97 -14.63
C LEU O 142 50.30 -67.67 -15.52
N LEU O 143 50.60 -67.32 -16.76
CA LEU O 143 49.56 -66.97 -17.72
C LEU O 143 48.78 -68.23 -18.14
N ASN O 144 49.51 -69.34 -18.26
CA ASN O 144 48.87 -70.61 -18.60
C ASN O 144 48.25 -71.25 -17.37
N ALA O 145 48.82 -70.98 -16.21
CA ALA O 145 48.25 -71.45 -14.95
C ALA O 145 46.89 -70.83 -14.72
N ALA O 146 46.74 -69.56 -15.14
CA ALA O 146 45.48 -68.84 -15.01
C ALA O 146 44.42 -69.43 -15.93
N LYS O 147 44.86 -70.09 -16.98
CA LYS O 147 43.96 -70.97 -17.71
C LYS O 147 43.71 -72.14 -16.77
N LYS O 148 42.44 -72.39 -16.44
CA LYS O 148 42.00 -73.39 -15.44
C LYS O 148 42.77 -73.36 -14.09
N GLY O 149 42.90 -72.16 -13.51
CA GLY O 149 43.60 -71.96 -12.25
C GLY O 149 42.70 -71.79 -11.04
N ASN O 150 41.50 -72.37 -11.11
CA ASN O 150 40.43 -72.25 -10.11
C ASN O 150 39.74 -70.88 -10.24
N GLY O 151 40.43 -69.93 -10.87
CA GLY O 151 39.80 -68.80 -11.53
C GLY O 151 39.18 -67.71 -10.68
N SER O 152 39.05 -66.54 -11.27
CA SER O 152 38.03 -65.58 -10.88
C SER O 152 36.92 -65.71 -11.91
N ALA O 153 37.18 -66.60 -12.89
CA ALA O 153 36.30 -66.94 -14.02
C ALA O 153 36.11 -65.75 -14.99
N ASP O 154 36.39 -64.54 -14.55
CA ASP O 154 36.64 -63.45 -15.48
C ASP O 154 38.14 -63.33 -15.65
N VAL O 155 38.88 -64.05 -14.80
CA VAL O 155 40.32 -64.21 -14.96
C VAL O 155 40.59 -65.31 -15.97
N LYS O 156 39.72 -66.31 -15.94
CA LYS O 156 39.80 -67.42 -16.90
C LYS O 156 39.64 -66.85 -18.30
N ALA O 157 38.59 -66.06 -18.50
CA ALA O 157 38.34 -65.45 -19.79
C ALA O 157 39.51 -64.58 -20.23
N ALA O 158 40.20 -63.99 -19.25
CA ALA O 158 41.25 -63.01 -19.50
C ALA O 158 42.57 -63.64 -19.87
N ALA O 159 42.62 -64.97 -19.91
CA ALA O 159 43.78 -65.64 -20.44
C ALA O 159 43.50 -65.98 -21.89
N GLU O 160 42.49 -66.79 -22.16
CA GLU O 160 42.25 -67.28 -23.52
C GLU O 160 42.09 -66.16 -24.57
N LYS O 161 41.74 -64.96 -24.11
CA LYS O 161 41.72 -63.79 -24.99
C LYS O 161 43.15 -63.36 -25.35
N CYS O 162 44.13 -63.80 -24.56
CA CYS O 162 45.50 -63.33 -24.71
C CYS O 162 46.22 -64.07 -25.86
N SER O 163 47.07 -63.36 -26.60
CA SER O 163 47.81 -63.99 -27.71
C SER O 163 49.34 -63.81 -27.55
N ARG O 164 50.08 -64.74 -28.15
CA ARG O 164 51.51 -64.86 -27.88
C ARG O 164 52.35 -63.63 -28.17
N TYR O 165 52.10 -62.98 -29.30
CA TYR O 165 52.93 -61.85 -29.75
C TYR O 165 52.22 -60.50 -29.56
N SER O 166 52.99 -59.45 -29.27
CA SER O 166 52.45 -58.10 -29.28
C SER O 166 52.03 -57.70 -30.68
N SER O 167 51.20 -56.67 -30.80
CA SER O 167 50.77 -56.25 -32.12
C SER O 167 51.81 -55.35 -32.77
N SER O 168 52.77 -54.90 -31.98
CA SER O 168 53.68 -53.84 -32.41
C SER O 168 55.09 -54.01 -31.90
N SER O 169 55.98 -53.10 -32.27
CA SER O 169 57.37 -53.16 -31.84
C SER O 169 57.53 -52.69 -30.41
N THR O 170 58.76 -52.61 -29.90
CA THR O 170 58.97 -52.11 -28.53
C THR O 170 60.06 -51.07 -28.37
N SER O 171 59.69 -49.91 -27.83
CA SER O 171 60.66 -48.92 -27.39
C SER O 171 61.36 -49.45 -26.15
N GLU O 172 62.45 -48.80 -25.75
CA GLU O 172 62.86 -48.89 -24.35
C GLU O 172 61.66 -48.45 -23.51
N THR O 173 60.96 -47.45 -24.00
CA THR O 173 59.83 -46.86 -23.31
C THR O 173 58.77 -47.88 -23.00
N GLU O 174 58.14 -48.42 -24.03
CA GLU O 174 57.11 -49.42 -23.87
C GLU O 174 57.46 -50.53 -22.88
N LEU O 175 58.73 -50.99 -22.96
CA LEU O 175 59.27 -52.07 -22.14
C LEU O 175 59.20 -51.72 -20.65
N GLN O 176 59.83 -50.61 -20.26
CA GLN O 176 59.82 -50.15 -18.86
C GLN O 176 58.40 -49.93 -18.38
N LYS O 177 57.56 -49.44 -19.28
CA LYS O 177 56.15 -49.20 -19.02
C LYS O 177 55.41 -50.53 -18.89
N ALA O 178 55.99 -51.59 -19.40
CA ALA O 178 55.44 -52.93 -19.18
C ALA O 178 55.91 -53.50 -17.83
N ILE O 179 57.17 -53.24 -17.49
CA ILE O 179 57.77 -53.57 -16.19
C ILE O 179 57.08 -52.74 -15.10
N ASP O 180 56.88 -51.46 -15.38
CA ASP O 180 56.17 -50.56 -14.50
C ASP O 180 54.84 -51.12 -14.05
N ALA O 181 53.89 -51.27 -14.98
CA ALA O 181 52.58 -51.78 -14.63
C ALA O 181 52.69 -53.14 -13.89
N ALA O 182 53.80 -53.84 -14.13
CA ALA O 182 54.06 -55.15 -13.56
C ALA O 182 54.61 -55.15 -12.13
N ALA O 183 55.48 -54.21 -11.82
CA ALA O 183 56.12 -54.16 -10.50
C ALA O 183 55.10 -54.04 -9.37
N ASN O 184 54.43 -52.89 -9.33
CA ASN O 184 53.60 -52.46 -8.18
C ASN O 184 52.48 -53.42 -7.75
N VAL O 185 51.45 -53.50 -8.59
CA VAL O 185 50.42 -54.52 -8.46
C VAL O 185 51.08 -55.83 -8.85
N GLY O 186 50.67 -56.91 -8.20
CA GLY O 186 51.19 -58.21 -8.58
C GLY O 186 52.70 -58.28 -8.52
N GLY O 187 53.25 -57.99 -7.33
CA GLY O 187 54.65 -58.28 -7.01
C GLY O 187 54.81 -59.79 -7.00
N LEU O 188 53.68 -60.41 -7.35
CA LEU O 188 53.51 -61.77 -7.73
C LEU O 188 54.67 -62.23 -8.60
N SER O 189 55.12 -61.33 -9.46
CA SER O 189 56.33 -61.58 -10.23
C SER O 189 57.54 -61.47 -9.29
N ALA O 190 57.87 -60.27 -8.83
CA ALA O 190 59.07 -60.04 -8.00
C ALA O 190 60.31 -60.64 -8.66
N HIS O 191 60.29 -60.69 -9.99
CA HIS O 191 61.41 -61.10 -10.80
C HIS O 191 62.18 -59.88 -11.30
N LYS O 192 61.76 -58.70 -10.88
CA LYS O 192 62.09 -57.45 -11.55
C LYS O 192 63.60 -57.24 -11.77
N SER O 193 64.44 -57.93 -11.01
CA SER O 193 65.88 -57.81 -11.24
C SER O 193 66.31 -58.45 -12.56
N LYS O 194 65.53 -59.44 -13.03
CA LYS O 194 65.83 -60.06 -14.32
C LYS O 194 65.27 -59.23 -15.46
N TYR O 195 64.08 -58.66 -15.31
CA TYR O 195 63.57 -57.73 -16.32
C TYR O 195 64.54 -56.57 -16.48
N GLY O 196 65.27 -56.28 -15.42
CA GLY O 196 66.29 -55.26 -15.45
C GLY O 196 67.35 -55.60 -16.48
N ASP O 197 67.74 -56.87 -16.54
CA ASP O 197 68.69 -57.34 -17.55
C ASP O 197 68.18 -57.12 -18.97
N VAL O 198 67.00 -57.67 -19.29
CA VAL O 198 66.52 -57.68 -20.66
C VAL O 198 66.41 -56.25 -21.18
N LEU O 199 66.12 -55.32 -20.28
CA LEU O 199 66.08 -53.94 -20.66
C LEU O 199 67.51 -53.45 -20.82
N ASN O 200 68.38 -53.79 -19.88
CA ASN O 200 69.73 -53.25 -19.93
C ASN O 200 70.51 -53.80 -21.11
N LYS O 201 70.16 -54.99 -21.58
CA LYS O 201 70.85 -55.53 -22.74
C LYS O 201 70.22 -54.85 -23.92
N PHE O 202 68.89 -54.68 -23.86
CA PHE O 202 68.19 -53.89 -24.86
C PHE O 202 68.88 -52.54 -25.01
N LYS O 203 68.82 -51.72 -23.97
CA LYS O 203 69.43 -50.39 -24.02
C LYS O 203 70.83 -50.44 -24.62
N LEU O 204 71.65 -51.32 -24.06
CA LEU O 204 73.02 -51.55 -24.50
C LEU O 204 73.12 -51.84 -26.01
N SER O 205 72.15 -52.59 -26.52
CA SER O 205 72.12 -53.00 -27.94
C SER O 205 71.81 -51.87 -28.94
N ASN O 206 70.66 -51.22 -28.73
CA ASN O 206 70.24 -49.97 -29.40
C ASN O 206 71.31 -48.91 -29.30
N ALA O 207 71.96 -48.85 -28.15
CA ALA O 207 73.06 -47.93 -27.92
C ALA O 207 74.06 -48.05 -29.04
N SER O 208 74.37 -49.29 -29.40
CA SER O 208 75.38 -49.59 -30.38
C SER O 208 74.87 -49.43 -31.81
N VAL O 209 73.61 -49.75 -32.07
CA VAL O 209 73.00 -49.46 -33.37
C VAL O 209 73.13 -47.97 -33.74
N GLY O 210 72.62 -47.11 -32.86
CA GLY O 210 72.84 -45.69 -32.94
C GLY O 210 74.31 -45.37 -33.09
N ALA O 211 75.18 -46.09 -32.39
CA ALA O 211 76.61 -45.83 -32.53
C ALA O 211 77.11 -46.01 -33.97
N VAL O 212 76.54 -46.97 -34.71
CA VAL O 212 77.07 -47.21 -36.04
C VAL O 212 76.51 -46.14 -37.00
N ARG O 213 75.21 -45.81 -36.94
CA ARG O 213 74.67 -44.75 -37.81
C ARG O 213 75.52 -43.51 -37.60
N ASP O 214 75.74 -43.15 -36.34
CA ASP O 214 76.60 -42.00 -36.04
C ASP O 214 78.00 -42.20 -36.61
N THR O 215 78.61 -43.36 -36.37
CA THR O 215 80.02 -43.53 -36.66
C THR O 215 80.22 -43.82 -38.15
N SER O 216 79.21 -44.37 -38.83
CA SER O 216 79.30 -44.63 -40.26
C SER O 216 79.07 -43.35 -41.05
N GLY O 217 78.28 -42.45 -40.46
CA GLY O 217 77.97 -41.18 -41.08
C GLY O 217 79.24 -40.36 -41.26
N ARG O 218 80.04 -40.30 -40.21
CA ARG O 218 81.24 -39.47 -40.25
C ARG O 218 82.29 -40.15 -41.10
N GLY O 219 82.07 -41.44 -41.35
CA GLY O 219 82.88 -42.19 -42.30
C GLY O 219 82.68 -41.72 -43.72
N GLY O 220 81.41 -41.72 -44.17
CA GLY O 220 81.06 -41.21 -45.49
C GLY O 220 81.49 -39.77 -45.72
N LYS O 221 81.50 -38.97 -44.65
CA LYS O 221 82.04 -37.62 -44.69
C LYS O 221 83.47 -37.67 -45.10
N HIS O 222 84.22 -38.49 -44.38
CA HIS O 222 85.66 -38.62 -44.63
C HIS O 222 85.94 -39.21 -45.99
N MET O 223 85.13 -40.19 -46.42
CA MET O 223 85.35 -40.84 -47.71
C MET O 223 85.22 -39.81 -48.82
N GLU O 224 84.22 -38.95 -48.73
CA GLU O 224 84.04 -37.93 -49.76
C GLU O 224 85.28 -37.06 -49.85
N LYS O 225 85.83 -36.67 -48.70
CA LYS O 225 87.07 -35.91 -48.66
C LYS O 225 88.23 -36.73 -49.25
N VAL O 226 88.13 -38.06 -49.17
CA VAL O 226 89.15 -38.90 -49.75
C VAL O 226 89.11 -38.83 -51.28
N ASN O 227 87.94 -39.06 -51.87
CA ASN O 227 87.80 -39.12 -53.32
C ASN O 227 88.32 -37.86 -54.01
N ASN O 228 88.02 -36.71 -53.41
CA ASN O 228 88.38 -35.42 -53.98
C ASN O 228 89.88 -35.22 -54.09
N VAL O 229 90.56 -35.24 -52.95
CA VAL O 229 91.99 -34.94 -52.89
C VAL O 229 92.80 -35.96 -53.67
N ALA O 230 92.20 -37.13 -53.94
CA ALA O 230 92.88 -38.18 -54.69
C ALA O 230 92.93 -37.81 -56.15
N LYS O 231 91.93 -37.05 -56.59
CA LYS O 231 91.87 -36.57 -57.97
C LYS O 231 92.96 -35.54 -58.22
N LEU O 232 93.22 -34.71 -57.22
CA LEU O 232 94.26 -33.68 -57.32
C LEU O 232 95.62 -34.34 -57.55
N LEU O 233 95.81 -35.52 -56.98
CA LEU O 233 97.07 -36.24 -57.12
C LEU O 233 97.20 -36.96 -58.46
N LYS O 234 96.10 -37.53 -58.93
CA LYS O 234 96.10 -38.31 -60.17
C LYS O 234 96.28 -37.42 -61.38
N ASP O 235 95.72 -36.21 -61.31
CA ASP O 235 95.84 -35.25 -62.40
C ASP O 235 97.15 -34.45 -62.34
N ALA O 236 97.75 -34.38 -61.17
CA ALA O 236 99.06 -33.75 -61.03
C ALA O 236 100.17 -34.79 -61.18
N GLU O 237 99.79 -36.01 -61.55
CA GLU O 237 100.73 -37.11 -61.75
C GLU O 237 101.80 -36.79 -62.80
N VAL O 238 101.36 -36.25 -63.92
CA VAL O 238 102.26 -35.82 -64.99
C VAL O 238 103.20 -34.72 -64.53
N SER O 239 102.63 -33.72 -63.85
CA SER O 239 103.40 -32.65 -63.21
C SER O 239 104.54 -33.23 -62.36
N LEU O 240 104.17 -33.97 -61.32
CA LEU O 240 105.12 -34.60 -60.40
C LEU O 240 106.12 -35.52 -61.12
N ALA O 241 105.68 -36.14 -62.21
CA ALA O 241 106.51 -37.07 -62.96
C ALA O 241 107.79 -36.41 -63.44
N ALA O 242 107.64 -35.23 -64.03
CA ALA O 242 108.77 -34.48 -64.54
C ALA O 242 109.39 -33.62 -63.45
N ALA O 243 108.75 -33.58 -62.28
CA ALA O 243 109.25 -32.79 -61.16
C ALA O 243 110.41 -33.50 -60.46
N ALA O 244 110.29 -34.82 -60.34
CA ALA O 244 111.35 -35.62 -59.71
C ALA O 244 112.49 -35.83 -60.69
N ALA O 245 112.13 -35.90 -61.96
CA ALA O 245 113.11 -36.11 -63.01
C ALA O 245 113.81 -34.80 -63.38
N GLU O 246 113.34 -33.70 -62.78
CA GLU O 246 113.96 -32.39 -62.98
C GLU O 246 115.04 -32.18 -61.92
N ILE O 247 115.18 -33.15 -61.04
CA ILE O 247 116.24 -33.16 -60.04
C ILE O 247 117.44 -33.85 -60.70
N GLU O 248 117.29 -34.12 -62.00
CA GLU O 248 118.32 -34.71 -62.86
C GLU O 248 119.71 -34.09 -62.72
N GLU O 249 119.78 -32.76 -62.80
CA GLU O 249 121.06 -32.06 -62.79
C GLU O 249 121.53 -31.90 -61.35
N VAL O 250 120.61 -32.11 -60.42
CA VAL O 250 120.95 -32.16 -59.02
C VAL O 250 121.76 -33.44 -58.76
N LYS O 251 121.52 -34.46 -59.57
CA LYS O 251 122.29 -35.70 -59.53
C LYS O 251 123.65 -35.51 -60.18
N ASN O 252 123.78 -34.45 -60.98
CA ASN O 252 125.07 -34.10 -61.55
C ASN O 252 125.91 -33.34 -60.53
N ALA O 253 125.24 -32.80 -59.52
CA ALA O 253 125.93 -32.23 -58.38
C ALA O 253 126.51 -33.37 -57.53
N HIS O 254 126.13 -34.60 -57.86
CA HIS O 254 126.71 -35.80 -57.25
C HIS O 254 127.74 -36.42 -58.20
N GLU O 255 127.27 -36.82 -59.37
CA GLU O 255 128.12 -37.48 -60.37
C GLU O 255 129.39 -36.71 -60.73
N THR O 256 129.25 -35.42 -61.02
CA THR O 256 130.41 -34.60 -61.38
C THR O 256 131.32 -34.34 -60.18
N LYS O 257 130.81 -34.67 -58.98
CA LYS O 257 131.56 -34.49 -57.74
C LYS O 257 132.18 -35.81 -57.24
N ALA O 258 131.33 -36.80 -56.98
CA ALA O 258 131.71 -38.03 -56.26
C ALA O 258 132.90 -38.80 -56.85
N GLN O 259 133.25 -38.51 -58.10
CA GLN O 259 134.39 -39.16 -58.74
C GLN O 259 135.75 -38.58 -58.30
N GLU O 260 135.87 -37.25 -58.28
CA GLU O 260 137.16 -36.57 -58.12
C GLU O 260 137.72 -36.64 -56.68
N GLU O 261 136.83 -36.62 -55.70
CA GLU O 261 137.23 -36.63 -54.28
C GLU O 261 138.16 -35.48 -53.95
N VAL P 1 30.75 48.86 -31.35
CA VAL P 1 31.58 48.84 -30.15
C VAL P 1 31.87 50.28 -29.64
N LEU P 2 31.57 51.26 -30.49
CA LEU P 2 31.46 52.67 -30.09
C LEU P 2 32.70 53.27 -29.42
N SER P 3 33.69 53.57 -30.26
CA SER P 3 34.90 54.24 -29.85
C SER P 3 34.58 55.66 -29.43
N PRO P 4 35.59 56.38 -28.90
CA PRO P 4 35.37 57.81 -28.75
C PRO P 4 34.90 58.44 -30.06
N ALA P 5 35.52 58.07 -31.17
CA ALA P 5 35.15 58.65 -32.47
C ALA P 5 33.67 58.45 -32.76
N ASP P 6 33.23 57.21 -32.73
CA ASP P 6 31.82 56.93 -32.91
C ASP P 6 30.96 57.80 -32.02
N LYS P 7 31.29 57.79 -30.72
CA LYS P 7 30.45 58.42 -29.72
C LYS P 7 30.24 59.89 -30.12
N THR P 8 31.33 60.59 -30.43
CA THR P 8 31.29 61.97 -30.92
C THR P 8 30.34 62.14 -32.10
N ASN P 9 30.54 61.36 -33.15
CA ASN P 9 29.67 61.40 -34.32
C ASN P 9 28.19 61.26 -34.02
N VAL P 10 27.83 60.30 -33.16
CA VAL P 10 26.44 60.06 -32.85
C VAL P 10 25.84 61.26 -32.13
N LYS P 11 26.60 61.83 -31.21
CA LYS P 11 26.09 63.03 -30.52
C LYS P 11 25.94 64.19 -31.51
N ALA P 12 27.01 64.46 -32.26
CA ALA P 12 27.03 65.57 -33.17
C ALA P 12 25.91 65.40 -34.21
N ALA P 13 25.64 64.18 -34.61
CA ALA P 13 24.62 63.98 -35.63
C ALA P 13 23.21 64.07 -35.07
N TRP P 14 23.03 63.57 -33.85
CA TRP P 14 21.70 63.49 -33.25
C TRP P 14 21.31 64.84 -32.70
N GLY P 15 22.32 65.68 -32.47
CA GLY P 15 22.13 67.08 -32.15
C GLY P 15 21.53 67.76 -33.35
N LYS P 16 22.20 67.66 -34.49
CA LYS P 16 21.71 68.26 -35.72
C LYS P 16 20.30 67.76 -36.06
N VAL P 17 19.83 66.76 -35.34
CA VAL P 17 18.46 66.29 -35.49
C VAL P 17 17.53 67.19 -34.67
N GLY P 18 17.95 67.52 -33.46
CA GLY P 18 17.24 68.47 -32.60
C GLY P 18 15.77 68.16 -32.32
N ALA P 19 14.94 69.20 -32.26
CA ALA P 19 13.51 69.04 -31.96
C ALA P 19 12.77 68.13 -32.95
N HIS P 20 13.41 67.85 -34.08
CA HIS P 20 12.80 66.98 -35.07
C HIS P 20 12.93 65.51 -34.64
N ALA P 21 13.74 65.26 -33.62
CA ALA P 21 13.91 63.93 -33.12
C ALA P 21 12.56 63.23 -32.97
N GLY P 22 11.56 63.95 -32.46
CA GLY P 22 10.25 63.35 -32.34
C GLY P 22 9.70 62.96 -33.71
N GLU P 23 9.74 63.92 -34.61
CA GLU P 23 9.02 63.82 -35.86
C GLU P 23 9.69 62.79 -36.77
N TYR P 24 11.00 62.60 -36.60
CA TYR P 24 11.71 61.56 -37.37
C TYR P 24 11.28 60.20 -36.87
N GLY P 25 11.19 60.05 -35.55
CA GLY P 25 10.80 58.80 -34.93
C GLY P 25 9.53 58.24 -35.53
N ALA P 26 8.60 59.14 -35.85
CA ALA P 26 7.35 58.74 -36.45
C ALA P 26 7.51 58.44 -37.93
N GLU P 27 8.27 59.28 -38.61
CA GLU P 27 8.52 59.06 -40.04
C GLU P 27 9.20 57.71 -40.20
N ALA P 28 10.16 57.42 -39.33
CA ALA P 28 10.88 56.16 -39.33
C ALA P 28 9.91 54.98 -39.17
N LEU P 29 9.09 54.98 -38.14
CA LEU P 29 8.10 53.91 -37.94
C LEU P 29 7.22 53.74 -39.16
N GLU P 30 6.80 54.85 -39.74
CA GLU P 30 5.87 54.77 -40.85
C GLU P 30 6.46 53.96 -41.98
N ARG P 31 7.70 54.30 -42.35
CA ARG P 31 8.46 53.57 -43.35
C ARG P 31 8.45 52.07 -43.06
N MET P 32 8.68 51.72 -41.79
CA MET P 32 8.77 50.33 -41.38
C MET P 32 7.47 49.58 -41.64
N PHE P 33 6.35 50.20 -41.30
CA PHE P 33 5.06 49.54 -41.50
C PHE P 33 4.73 49.46 -43.00
N LEU P 34 5.25 50.41 -43.77
CA LEU P 34 5.03 50.45 -45.21
C LEU P 34 5.98 49.53 -45.94
N SER P 35 7.23 49.54 -45.52
CA SER P 35 8.23 48.70 -46.15
C SER P 35 8.09 47.24 -45.72
N PHE P 36 7.95 47.00 -44.42
CA PHE P 36 7.91 45.63 -43.90
C PHE P 36 6.64 45.37 -43.10
N PRO P 37 5.53 45.07 -43.81
CA PRO P 37 4.17 44.96 -43.25
C PRO P 37 4.05 43.98 -42.09
N THR P 38 5.04 43.11 -41.93
CA THR P 38 4.98 42.11 -40.86
C THR P 38 5.18 42.77 -39.49
N THR P 39 5.84 43.92 -39.45
CA THR P 39 6.07 44.59 -38.18
C THR P 39 4.78 45.14 -37.58
N LYS P 40 3.72 45.21 -38.39
CA LYS P 40 2.44 45.72 -37.92
C LYS P 40 1.77 44.77 -36.89
N THR P 41 2.16 43.51 -36.91
CA THR P 41 1.54 42.50 -36.05
C THR P 41 1.90 42.69 -34.58
N TYR P 42 2.80 43.63 -34.31
CA TYR P 42 3.13 43.97 -32.94
C TYR P 42 2.26 45.13 -32.42
N PHE P 43 1.58 45.81 -33.34
CA PHE P 43 0.78 47.00 -33.01
C PHE P 43 -0.67 46.86 -33.47
N PRO P 44 -1.39 45.89 -32.90
CA PRO P 44 -2.71 45.57 -33.43
C PRO P 44 -3.67 46.75 -33.37
N HIS P 45 -3.76 47.38 -32.20
CA HIS P 45 -4.85 48.32 -31.93
C HIS P 45 -4.53 49.74 -32.36
N PHE P 46 -3.29 49.94 -32.78
CA PHE P 46 -2.89 51.25 -33.27
C PHE P 46 -3.53 51.52 -34.61
N ASP P 47 -3.92 52.76 -34.81
CA ASP P 47 -4.25 53.22 -36.14
C ASP P 47 -2.91 53.40 -36.84
N LEU P 48 -2.68 52.64 -37.90
CA LEU P 48 -1.36 52.64 -38.53
C LEU P 48 -1.28 53.54 -39.76
N SER P 49 -2.36 54.25 -40.04
CA SER P 49 -2.47 55.03 -41.27
C SER P 49 -1.52 56.22 -41.28
N HIS P 50 -1.60 57.02 -42.33
CA HIS P 50 -0.67 58.11 -42.49
C HIS P 50 -0.87 59.20 -41.44
N GLY P 51 0.23 59.53 -40.75
CA GLY P 51 0.27 60.64 -39.82
C GLY P 51 -0.64 60.46 -38.62
N SER P 52 -1.04 59.20 -38.38
CA SER P 52 -1.93 58.86 -37.27
C SER P 52 -1.36 59.42 -35.98
N ALA P 53 -2.20 60.06 -35.18
CA ALA P 53 -1.78 60.59 -33.89
C ALA P 53 -1.12 59.51 -33.03
N GLN P 54 -1.65 58.30 -33.13
CA GLN P 54 -1.15 57.18 -32.35
C GLN P 54 0.27 56.82 -32.77
N VAL P 55 0.50 56.71 -34.09
CA VAL P 55 1.84 56.52 -34.63
C VAL P 55 2.75 57.68 -34.27
N LYS P 56 2.24 58.89 -34.42
CA LYS P 56 3.02 60.13 -34.28
C LYS P 56 3.53 60.31 -32.83
N GLY P 57 2.68 59.94 -31.88
CA GLY P 57 3.03 60.04 -30.48
C GLY P 57 3.99 58.95 -30.08
N HIS P 58 3.67 57.72 -30.48
CA HIS P 58 4.55 56.60 -30.23
C HIS P 58 5.98 56.89 -30.69
N GLY P 59 6.10 57.53 -31.85
CA GLY P 59 7.40 57.97 -32.35
C GLY P 59 8.12 58.91 -31.40
N LYS P 60 7.37 59.72 -30.66
CA LYS P 60 7.98 60.62 -29.69
C LYS P 60 8.57 59.79 -28.56
N LYS P 61 7.99 58.62 -28.28
CA LYS P 61 8.52 57.78 -27.21
C LYS P 61 9.84 57.19 -27.68
N VAL P 62 9.80 56.54 -28.83
CA VAL P 62 10.97 55.94 -29.47
C VAL P 62 12.10 56.93 -29.70
N ALA P 63 11.74 58.13 -30.09
CA ALA P 63 12.70 59.20 -30.24
C ALA P 63 13.43 59.44 -28.93
N ASP P 64 12.66 59.43 -27.85
CA ASP P 64 13.16 59.87 -26.56
C ASP P 64 14.04 58.79 -25.99
N ALA P 65 13.61 57.54 -26.18
CA ALA P 65 14.44 56.39 -25.84
C ALA P 65 15.83 56.59 -26.43
N LEU P 66 15.86 56.93 -27.72
CA LEU P 66 17.11 57.08 -28.41
C LEU P 66 17.93 58.25 -27.87
N THR P 67 17.27 59.37 -27.60
CA THR P 67 17.96 60.55 -27.10
C THR P 67 18.59 60.22 -25.77
N ASN P 68 17.86 59.42 -25.01
CA ASN P 68 18.30 59.01 -23.70
C ASN P 68 19.61 58.28 -23.90
N ALA P 69 19.59 57.40 -24.89
CA ALA P 69 20.72 56.54 -25.15
C ALA P 69 21.95 57.38 -25.44
N VAL P 70 21.80 58.44 -26.23
CA VAL P 70 22.98 59.24 -26.55
C VAL P 70 23.32 60.15 -25.37
N ALA P 71 22.29 60.43 -24.56
CA ALA P 71 22.46 61.23 -23.34
C ALA P 71 23.42 60.54 -22.36
N HIS P 72 23.20 59.26 -22.08
CA HIS P 72 24.27 58.50 -21.50
C HIS P 72 24.56 57.41 -22.45
N VAL P 73 25.54 57.63 -23.32
CA VAL P 73 25.82 56.59 -24.29
C VAL P 73 26.92 55.71 -23.73
N ASP P 74 27.57 56.20 -22.69
CA ASP P 74 28.70 55.48 -22.15
C ASP P 74 28.24 54.37 -21.25
N ASP P 75 26.99 54.43 -20.82
CA ASP P 75 26.33 53.26 -20.29
C ASP P 75 24.96 53.18 -20.94
N MET P 76 24.81 52.38 -21.97
CA MET P 76 23.48 52.13 -22.51
C MET P 76 22.59 51.14 -21.73
N PRO P 77 23.15 50.00 -21.26
CA PRO P 77 22.22 48.99 -20.70
C PRO P 77 21.55 49.41 -19.40
N ASN P 78 22.22 50.17 -18.54
CA ASN P 78 21.51 50.76 -17.41
C ASN P 78 20.39 51.70 -17.88
N ALA P 79 20.75 52.66 -18.74
CA ALA P 79 19.77 53.56 -19.30
C ALA P 79 18.58 52.82 -19.95
N LEU P 80 18.88 51.84 -20.79
CA LEU P 80 17.83 51.17 -21.53
C LEU P 80 17.24 49.97 -20.82
N SER P 81 17.68 49.76 -19.58
CA SER P 81 17.35 48.57 -18.79
C SER P 81 15.86 48.27 -18.71
N ALA P 82 15.05 49.26 -18.35
CA ALA P 82 13.62 49.04 -18.26
C ALA P 82 13.04 48.72 -19.64
N LEU P 83 13.73 49.17 -20.69
CA LEU P 83 13.36 48.81 -22.05
C LEU P 83 13.90 47.44 -22.48
N SER P 84 15.00 47.00 -21.85
CA SER P 84 15.53 45.67 -22.12
C SER P 84 14.40 44.69 -21.93
N ASP P 85 13.81 44.78 -20.74
CA ASP P 85 12.86 43.82 -20.25
C ASP P 85 11.52 43.95 -20.94
N LEU P 86 11.21 45.15 -21.40
CA LEU P 86 9.90 45.40 -21.98
C LEU P 86 9.77 44.66 -23.31
N HIS P 87 10.78 44.78 -24.17
CA HIS P 87 10.72 44.16 -25.47
C HIS P 87 11.06 42.69 -25.35
N ALA P 88 12.10 42.40 -24.58
CA ALA P 88 12.57 41.03 -24.49
C ALA P 88 11.45 40.12 -23.95
N HIS P 89 10.96 40.44 -22.77
CA HIS P 89 10.08 39.55 -22.03
C HIS P 89 8.60 39.79 -22.27
N LYS P 90 8.12 40.96 -21.88
CA LYS P 90 6.69 41.25 -21.93
C LYS P 90 6.19 41.16 -23.36
N LEU P 91 6.79 41.97 -24.23
CA LEU P 91 6.34 42.15 -25.62
C LEU P 91 6.85 41.07 -26.57
N ARG P 92 7.92 40.38 -26.19
CA ARG P 92 8.61 39.38 -27.03
C ARG P 92 8.75 39.81 -28.51
N VAL P 93 9.61 40.78 -28.78
CA VAL P 93 9.81 41.26 -30.14
C VAL P 93 10.94 40.49 -30.83
N ASP P 94 10.64 39.85 -31.97
CA ASP P 94 11.65 39.06 -32.65
C ASP P 94 12.83 39.92 -33.11
N PRO P 95 14.04 39.64 -32.60
CA PRO P 95 15.25 40.45 -32.83
C PRO P 95 15.50 40.86 -34.28
N VAL P 96 14.92 40.17 -35.24
CA VAL P 96 15.01 40.60 -36.63
C VAL P 96 14.33 41.96 -36.85
N ASN P 97 13.34 42.27 -36.02
CA ASN P 97 12.50 43.41 -36.30
C ASN P 97 13.24 44.71 -36.01
N PHE P 98 14.11 44.67 -35.00
CA PHE P 98 14.90 45.84 -34.63
C PHE P 98 15.81 46.29 -35.79
N LYS P 99 16.28 45.32 -36.57
CA LYS P 99 17.19 45.62 -37.64
C LYS P 99 16.48 46.29 -38.82
N LEU P 100 15.20 46.01 -38.97
CA LEU P 100 14.36 46.75 -39.89
C LEU P 100 14.29 48.22 -39.47
N LEU P 101 13.78 48.44 -38.26
CA LEU P 101 13.60 49.79 -37.79
C LEU P 101 14.95 50.49 -37.73
N SER P 102 16.00 49.73 -37.40
CA SER P 102 17.35 50.29 -37.41
C SER P 102 17.58 50.96 -38.74
N HIS P 103 17.21 50.25 -39.80
CA HIS P 103 17.49 50.67 -41.17
C HIS P 103 16.53 51.79 -41.58
N CYS P 104 15.24 51.61 -41.30
CA CYS P 104 14.31 52.72 -41.48
C CYS P 104 14.80 54.01 -40.78
N LEU P 105 15.31 53.90 -39.55
CA LEU P 105 15.89 55.06 -38.87
C LEU P 105 17.11 55.59 -39.60
N LEU P 106 17.76 54.72 -40.38
CA LEU P 106 18.92 55.15 -41.18
C LEU P 106 18.46 55.80 -42.47
N VAL P 107 17.43 55.21 -43.10
CA VAL P 107 16.86 55.82 -44.31
C VAL P 107 16.34 57.20 -43.96
N THR P 108 15.59 57.29 -42.86
CA THR P 108 14.98 58.53 -42.38
C THR P 108 15.99 59.64 -42.12
N LEU P 109 17.03 59.33 -41.35
CA LEU P 109 18.06 60.31 -41.07
C LEU P 109 18.75 60.75 -42.34
N ALA P 110 18.90 59.83 -43.28
CA ALA P 110 19.55 60.15 -44.54
C ALA P 110 18.75 61.24 -45.24
N ALA P 111 17.46 60.98 -45.45
CA ALA P 111 16.60 61.92 -46.16
C ALA P 111 16.65 63.34 -45.56
N HIS P 112 16.52 63.47 -44.25
CA HIS P 112 16.41 64.79 -43.62
C HIS P 112 17.77 65.46 -43.41
N LEU P 113 18.87 64.71 -43.46
CA LEU P 113 20.15 65.30 -43.09
C LEU P 113 21.30 65.06 -44.03
N PRO P 114 21.15 65.43 -45.30
CA PRO P 114 22.18 65.10 -46.29
C PRO P 114 23.62 65.44 -45.88
N ALA P 115 23.84 66.58 -45.25
CA ALA P 115 25.20 67.03 -45.03
C ALA P 115 26.00 66.25 -43.98
N GLU P 116 25.33 65.67 -42.97
CA GLU P 116 26.05 64.97 -41.86
C GLU P 116 26.21 63.47 -42.10
N PHE P 117 25.58 62.97 -43.15
CA PHE P 117 25.46 61.54 -43.42
C PHE P 117 26.68 60.99 -44.16
N THR P 118 27.79 61.71 -44.05
CA THR P 118 29.07 61.25 -44.55
C THR P 118 29.33 59.82 -44.11
N PRO P 119 30.07 59.03 -44.91
CA PRO P 119 30.25 57.62 -44.61
C PRO P 119 30.67 57.37 -43.17
N ALA P 120 31.64 58.14 -42.67
CA ALA P 120 32.09 58.03 -41.27
C ALA P 120 30.92 58.05 -40.30
N VAL P 121 29.93 58.90 -40.54
CA VAL P 121 28.81 58.98 -39.60
C VAL P 121 27.88 57.78 -39.81
N HIS P 122 27.73 57.40 -41.08
CA HIS P 122 26.87 56.29 -41.43
C HIS P 122 27.32 55.02 -40.67
N ALA P 123 28.64 54.89 -40.51
CA ALA P 123 29.25 53.84 -39.71
C ALA P 123 28.73 53.91 -38.27
N SER P 124 29.11 54.98 -37.57
CA SER P 124 28.85 55.07 -36.14
C SER P 124 27.38 55.26 -35.87
N LEU P 125 26.60 55.71 -36.84
CA LEU P 125 25.17 55.78 -36.58
C LEU P 125 24.60 54.37 -36.56
N ASP P 126 25.16 53.51 -37.41
CA ASP P 126 24.71 52.12 -37.53
C ASP P 126 25.17 51.29 -36.35
N LYS P 127 26.39 51.53 -35.91
CA LYS P 127 26.93 50.87 -34.74
C LYS P 127 26.03 51.24 -33.57
N PHE P 128 25.73 52.53 -33.46
CA PHE P 128 24.86 53.02 -32.38
C PHE P 128 23.52 52.31 -32.38
N LEU P 129 22.77 52.30 -33.47
CA LEU P 129 21.54 51.50 -33.46
C LEU P 129 21.80 50.01 -33.30
N ALA P 130 22.94 49.52 -33.77
CA ALA P 130 23.32 48.15 -33.50
C ALA P 130 23.37 48.00 -31.99
N SER P 131 24.30 48.73 -31.39
CA SER P 131 24.52 48.71 -29.96
C SER P 131 23.20 48.81 -29.19
N VAL P 132 22.31 49.70 -29.61
CA VAL P 132 21.03 49.76 -28.94
C VAL P 132 20.18 48.56 -29.29
N SER P 133 20.05 48.24 -30.57
CA SER P 133 19.11 47.20 -30.97
C SER P 133 19.50 45.87 -30.39
N THR P 134 20.79 45.70 -30.11
CA THR P 134 21.26 44.54 -29.35
C THR P 134 20.71 44.49 -27.91
N VAL P 135 20.93 45.59 -27.15
CA VAL P 135 20.62 45.66 -25.71
C VAL P 135 19.19 45.28 -25.40
N LEU P 136 18.27 45.67 -26.29
CA LEU P 136 16.86 45.31 -26.14
C LEU P 136 16.67 43.82 -26.37
N THR P 137 17.38 43.30 -27.36
CA THR P 137 17.23 41.89 -27.70
C THR P 137 17.98 40.84 -26.82
N SER P 138 19.10 41.22 -26.21
CA SER P 138 19.94 40.22 -25.57
C SER P 138 19.27 39.51 -24.42
N LYS P 139 18.14 39.99 -23.96
CA LYS P 139 17.40 39.28 -22.90
C LYS P 139 16.30 38.42 -23.50
N TYR P 140 16.30 38.31 -24.83
CA TYR P 140 15.36 37.42 -25.49
C TYR P 140 15.65 35.99 -24.99
N ARG P 141 14.65 35.11 -25.03
CA ARG P 141 14.83 33.71 -24.69
C ARG P 141 13.63 32.92 -25.16
N VAL Q 1 8.79 40.18 -57.70
CA VAL Q 1 7.47 40.21 -57.09
C VAL Q 1 6.58 41.20 -57.87
N HIS Q 2 5.28 41.17 -57.58
CA HIS Q 2 4.32 42.11 -58.17
C HIS Q 2 4.56 43.54 -57.72
N LEU Q 3 4.32 44.48 -58.63
CA LEU Q 3 4.45 45.90 -58.31
C LEU Q 3 3.30 46.67 -58.91
N THR Q 4 2.61 47.46 -58.07
CA THR Q 4 1.55 48.33 -58.56
C THR Q 4 2.13 49.30 -59.58
N PRO Q 5 1.36 49.60 -60.65
CA PRO Q 5 1.83 50.50 -61.70
C PRO Q 5 2.39 51.85 -61.20
N GLU Q 6 1.77 52.44 -60.18
CA GLU Q 6 2.25 53.70 -59.64
C GLU Q 6 3.46 53.49 -58.73
N GLU Q 7 3.67 52.23 -58.31
CA GLU Q 7 4.93 51.91 -57.65
C GLU Q 7 6.04 51.93 -58.68
N LYS Q 8 5.87 51.14 -59.74
CA LYS Q 8 6.87 51.04 -60.81
C LYS Q 8 7.09 52.41 -61.43
N SER Q 9 6.04 53.20 -61.50
CA SER Q 9 6.15 54.52 -62.13
C SER Q 9 6.97 55.45 -61.24
N ALA Q 10 6.68 55.43 -59.95
CA ALA Q 10 7.43 56.25 -58.99
C ALA Q 10 8.87 55.77 -58.90
N VAL Q 11 9.05 54.46 -59.04
CA VAL Q 11 10.36 53.83 -59.05
C VAL Q 11 11.19 54.24 -60.27
N THR Q 12 10.65 53.99 -61.46
CA THR Q 12 11.43 54.22 -62.66
C THR Q 12 11.73 55.71 -62.80
N ALA Q 13 10.73 56.54 -62.53
CA ALA Q 13 10.87 57.99 -62.68
C ALA Q 13 11.97 58.51 -61.76
N LEU Q 14 12.10 57.89 -60.60
CA LEU Q 14 13.12 58.30 -59.68
C LEU Q 14 14.47 57.80 -60.18
N TRP Q 15 14.47 56.57 -60.67
CA TRP Q 15 15.70 55.94 -61.13
C TRP Q 15 16.30 56.74 -62.29
N GLY Q 16 15.43 57.41 -63.03
CA GLY Q 16 15.86 58.34 -64.06
C GLY Q 16 16.78 59.41 -63.51
N LYS Q 17 16.47 59.96 -62.34
CA LYS Q 17 17.26 61.07 -61.82
C LYS Q 17 18.56 60.59 -61.17
N VAL Q 18 18.74 59.28 -61.13
CA VAL Q 18 19.90 58.72 -60.43
C VAL Q 18 21.19 58.84 -61.25
N ASN Q 19 22.22 59.47 -60.68
CA ASN Q 19 23.50 59.62 -61.39
C ASN Q 19 24.20 58.27 -61.55
N VAL Q 20 24.41 57.86 -62.80
CA VAL Q 20 24.89 56.51 -63.04
C VAL Q 20 26.41 56.44 -63.05
N ASP Q 21 27.07 57.57 -62.92
CA ASP Q 21 28.53 57.56 -62.83
C ASP Q 21 28.97 57.66 -61.37
N GLU Q 22 28.01 57.85 -60.46
CA GLU Q 22 28.37 58.02 -59.04
C GLU Q 22 27.67 57.11 -58.02
N VAL Q 23 26.35 57.13 -58.01
CA VAL Q 23 25.56 56.45 -56.97
C VAL Q 23 25.98 55.04 -56.68
N GLY Q 24 26.08 54.21 -57.71
CA GLY Q 24 26.45 52.82 -57.51
C GLY Q 24 27.74 52.65 -56.76
N GLY Q 25 28.73 53.48 -57.08
CA GLY Q 25 30.03 53.42 -56.46
C GLY Q 25 29.97 53.91 -55.04
N GLU Q 26 29.06 54.85 -54.80
CA GLU Q 26 28.93 55.33 -53.43
C GLU Q 26 28.29 54.27 -52.56
N ALA Q 27 27.29 53.55 -53.11
CA ALA Q 27 26.63 52.48 -52.37
C ALA Q 27 27.65 51.43 -52.04
N LEU Q 28 28.55 51.15 -52.96
CA LEU Q 28 29.51 50.08 -52.75
C LEU Q 28 30.50 50.43 -51.65
N GLY Q 29 31.09 51.61 -51.76
CA GLY Q 29 32.07 52.06 -50.79
C GLY Q 29 31.52 52.27 -49.37
N ARG Q 30 30.22 52.44 -49.23
CA ARG Q 30 29.69 52.56 -47.88
C ARG Q 30 29.61 51.17 -47.25
N LEU Q 31 29.08 50.22 -48.00
CA LEU Q 31 29.16 48.81 -47.60
C LEU Q 31 30.55 48.38 -47.13
N LEU Q 32 31.58 48.69 -47.90
CA LEU Q 32 32.94 48.40 -47.46
C LEU Q 32 33.22 49.00 -46.09
N VAL Q 33 32.69 50.19 -45.84
CA VAL Q 33 32.98 50.93 -44.63
C VAL Q 33 32.13 50.52 -43.43
N VAL Q 34 30.83 50.35 -43.68
CA VAL Q 34 29.86 50.00 -42.63
C VAL Q 34 29.93 48.53 -42.15
N TYR Q 35 30.16 47.61 -43.10
CA TYR Q 35 30.28 46.19 -42.83
C TYR Q 35 31.63 45.72 -43.27
N PRO Q 36 32.69 46.07 -42.55
CA PRO Q 36 34.07 45.92 -43.06
C PRO Q 36 34.47 44.52 -43.54
N TRP Q 37 33.74 43.47 -43.20
CA TRP Q 37 34.18 42.15 -43.65
C TRP Q 37 34.03 41.92 -45.16
N THR Q 38 33.23 42.73 -45.84
CA THR Q 38 33.13 42.58 -47.28
C THR Q 38 34.42 43.04 -47.99
N GLN Q 39 35.22 43.84 -47.28
CA GLN Q 39 36.47 44.33 -47.83
C GLN Q 39 37.33 43.18 -48.31
N ARG Q 40 37.13 42.03 -47.68
CA ARG Q 40 37.88 40.81 -47.97
C ARG Q 40 37.88 40.40 -49.44
N PHE Q 41 36.76 40.62 -50.10
CA PHE Q 41 36.58 40.29 -51.51
C PHE Q 41 37.19 41.33 -52.45
N PHE Q 42 37.24 42.57 -52.00
CA PHE Q 42 37.70 43.69 -52.80
C PHE Q 42 39.11 44.25 -52.51
N GLU Q 43 39.89 43.69 -51.58
CA GLU Q 43 41.15 44.37 -51.21
C GLU Q 43 42.14 44.55 -52.36
N SER Q 44 41.86 43.90 -53.50
CA SER Q 44 42.58 44.11 -54.75
C SER Q 44 42.52 45.54 -55.23
N PHE Q 45 41.57 46.31 -54.67
CA PHE Q 45 41.32 47.68 -55.12
C PHE Q 45 42.47 48.60 -54.81
N GLY Q 46 42.98 48.51 -53.59
CA GLY Q 46 43.97 49.45 -53.14
C GLY Q 46 43.75 49.57 -51.67
N ASP Q 47 44.08 50.72 -51.07
CA ASP Q 47 43.79 50.91 -49.65
C ASP Q 47 42.29 51.02 -49.42
N LEU Q 48 41.74 50.10 -48.64
CA LEU Q 48 40.37 50.16 -48.18
C LEU Q 48 40.16 50.54 -46.69
N SER Q 49 41.20 51.00 -46.00
CA SER Q 49 41.18 51.12 -44.53
C SER Q 49 40.30 52.26 -44.00
N THR Q 50 40.64 53.49 -44.39
CA THR Q 50 39.87 54.68 -44.03
C THR Q 50 38.62 54.80 -44.91
N PRO Q 51 37.60 55.56 -44.46
CA PRO Q 51 36.45 55.78 -45.35
C PRO Q 51 36.78 56.68 -46.56
N ASP Q 52 37.71 57.62 -46.40
CA ASP Q 52 38.09 58.49 -47.50
C ASP Q 52 38.81 57.75 -48.60
N ALA Q 53 39.73 56.86 -48.23
CA ALA Q 53 40.41 56.00 -49.19
C ALA Q 53 39.38 55.21 -49.97
N VAL Q 54 38.48 54.53 -49.27
CA VAL Q 54 37.46 53.74 -49.93
C VAL Q 54 36.64 54.57 -50.88
N MET Q 55 36.12 55.69 -50.37
CA MET Q 55 35.26 56.54 -51.16
C MET Q 55 36.02 57.15 -52.34
N GLY Q 56 37.30 57.45 -52.11
CA GLY Q 56 38.16 57.99 -53.13
C GLY Q 56 38.66 56.99 -54.16
N ASN Q 57 38.98 55.77 -53.71
CA ASN Q 57 39.70 54.83 -54.53
C ASN Q 57 39.00 54.63 -55.88
N PRO Q 58 39.69 54.98 -56.99
CA PRO Q 58 39.08 55.00 -58.33
C PRO Q 58 38.56 53.67 -58.80
N LYS Q 59 39.03 52.58 -58.22
CA LYS Q 59 38.55 51.29 -58.68
C LYS Q 59 37.21 51.00 -58.05
N VAL Q 60 36.90 51.73 -56.98
CA VAL Q 60 35.66 51.49 -56.25
C VAL Q 60 34.46 52.01 -57.01
N LYS Q 61 34.51 53.27 -57.45
CA LYS Q 61 33.36 53.79 -58.15
C LYS Q 61 33.27 53.14 -59.49
N ALA Q 62 34.46 52.80 -60.02
CA ALA Q 62 34.60 52.13 -61.30
C ALA Q 62 33.84 50.84 -61.21
N HIS Q 63 34.02 50.16 -60.07
CA HIS Q 63 33.30 48.94 -59.76
C HIS Q 63 31.82 49.17 -59.50
N GLY Q 64 31.51 50.10 -58.61
CA GLY Q 64 30.12 50.42 -58.30
C GLY Q 64 29.24 50.61 -59.53
N LYS Q 65 29.81 51.25 -60.56
CA LYS Q 65 29.10 51.55 -61.79
C LYS Q 65 28.52 50.28 -62.36
N LYS Q 66 29.41 49.28 -62.56
CA LYS Q 66 29.05 47.97 -63.08
C LYS Q 66 27.97 47.31 -62.23
N VAL Q 67 28.05 47.54 -60.91
CA VAL Q 67 27.08 47.03 -59.96
C VAL Q 67 25.78 47.75 -60.09
N LEU Q 68 25.90 49.08 -60.20
CA LEU Q 68 24.75 49.94 -60.32
C LEU Q 68 24.02 49.59 -61.60
N GLY Q 69 24.82 49.38 -62.64
CA GLY Q 69 24.29 48.91 -63.90
C GLY Q 69 23.53 47.64 -63.65
N ALA Q 70 24.19 46.66 -63.04
CA ALA Q 70 23.56 45.39 -62.71
C ALA Q 70 22.19 45.58 -62.04
N PHE Q 71 22.07 46.57 -61.16
CA PHE Q 71 20.76 46.94 -60.59
C PHE Q 71 19.82 47.57 -61.65
N SER Q 72 20.37 48.35 -62.60
CA SER Q 72 19.52 48.97 -63.62
C SER Q 72 18.80 47.89 -64.41
N ASP Q 73 19.50 46.78 -64.65
CA ASP Q 73 18.97 45.67 -65.43
C ASP Q 73 17.77 45.07 -64.73
N GLY Q 74 17.77 45.18 -63.41
CA GLY Q 74 16.69 44.65 -62.60
C GLY Q 74 15.42 45.42 -62.86
N LEU Q 75 15.49 46.73 -62.68
CA LEU Q 75 14.36 47.61 -62.93
C LEU Q 75 13.85 47.47 -64.36
N ALA Q 76 14.77 47.15 -65.27
CA ALA Q 76 14.41 46.91 -66.67
C ALA Q 76 13.46 45.71 -66.77
N HIS Q 77 13.90 44.54 -66.34
CA HIS Q 77 13.00 43.41 -66.35
C HIS Q 77 12.76 42.85 -64.94
N LEU Q 78 11.63 43.21 -64.34
CA LEU Q 78 11.33 42.86 -62.95
C LEU Q 78 10.53 41.59 -62.85
N ASP Q 79 10.03 41.12 -63.99
CA ASP Q 79 9.32 39.85 -64.03
C ASP Q 79 10.28 38.67 -64.15
N ASN Q 80 11.30 38.79 -64.99
CA ASN Q 80 12.34 37.78 -64.93
C ASN Q 80 13.55 38.36 -64.21
N LEU Q 81 13.52 38.27 -62.89
CA LEU Q 81 14.63 38.71 -62.06
C LEU Q 81 15.62 37.58 -61.93
N LYS Q 82 15.08 36.38 -61.77
CA LYS Q 82 15.88 35.17 -61.66
C LYS Q 82 16.80 35.10 -62.85
N GLY Q 83 16.22 35.17 -64.04
CA GLY Q 83 16.97 34.98 -65.26
C GLY Q 83 18.00 36.05 -65.54
N THR Q 84 17.64 37.29 -65.27
CA THR Q 84 18.52 38.41 -65.57
C THR Q 84 19.81 38.26 -64.78
N PHE Q 85 19.67 37.84 -63.53
CA PHE Q 85 20.81 37.64 -62.62
C PHE Q 85 21.29 36.19 -62.58
N ALA Q 86 20.68 35.33 -63.40
CA ALA Q 86 20.99 33.90 -63.36
C ALA Q 86 22.50 33.66 -63.49
N THR Q 87 23.13 34.35 -64.43
CA THR Q 87 24.57 34.23 -64.56
C THR Q 87 25.27 34.91 -63.39
N LEU Q 88 24.88 36.15 -63.08
CA LEU Q 88 25.49 36.85 -61.95
C LEU Q 88 25.39 36.01 -60.68
N SER Q 89 24.30 35.26 -60.55
CA SER Q 89 24.12 34.38 -59.40
C SER Q 89 25.24 33.32 -59.36
N GLU Q 90 25.69 32.91 -60.53
CA GLU Q 90 26.73 31.90 -60.64
C GLU Q 90 28.06 32.47 -60.20
N LEU Q 91 28.31 33.72 -60.55
CA LEU Q 91 29.60 34.33 -60.21
C LEU Q 91 29.76 34.36 -58.70
N HIS Q 92 28.74 34.85 -57.99
CA HIS Q 92 28.83 35.02 -56.55
C HIS Q 92 28.68 33.71 -55.76
N CYS Q 93 27.68 32.89 -56.13
CA CYS Q 93 27.39 31.68 -55.37
C CYS Q 93 28.30 30.48 -55.67
N ASP Q 94 28.46 30.18 -56.95
CA ASP Q 94 29.21 29.00 -57.37
C ASP Q 94 30.72 29.22 -57.42
N LYS Q 95 31.17 30.36 -57.97
CA LYS Q 95 32.60 30.65 -58.03
C LYS Q 95 33.18 31.31 -56.79
N LEU Q 96 32.48 32.32 -56.29
CA LEU Q 96 32.90 33.20 -55.18
C LEU Q 96 32.53 32.76 -53.76
N HIS Q 97 31.33 32.22 -53.62
CA HIS Q 97 30.74 31.85 -52.33
C HIS Q 97 30.52 33.06 -51.42
N VAL Q 98 29.97 34.12 -51.99
CA VAL Q 98 29.50 35.24 -51.19
C VAL Q 98 28.32 34.76 -50.38
N ASP Q 99 28.24 35.13 -49.09
CA ASP Q 99 27.09 34.79 -48.27
C ASP Q 99 25.93 35.68 -48.65
N PRO Q 100 24.78 35.09 -49.03
CA PRO Q 100 23.64 35.79 -49.65
C PRO Q 100 23.14 36.95 -48.80
N GLU Q 101 23.57 36.99 -47.56
CA GLU Q 101 23.16 38.06 -46.68
C GLU Q 101 23.80 39.35 -47.05
N ASN Q 102 24.94 39.29 -47.73
CA ASN Q 102 25.60 40.53 -48.09
C ASN Q 102 25.00 41.20 -49.33
N PHE Q 103 24.15 40.48 -50.05
CA PHE Q 103 23.39 41.07 -51.14
C PHE Q 103 22.39 42.06 -50.59
N ARG Q 104 21.67 41.66 -49.56
CA ARG Q 104 20.64 42.51 -49.02
C ARG Q 104 21.27 43.64 -48.24
N LEU Q 105 22.31 43.30 -47.50
CA LEU Q 105 23.10 44.31 -46.82
C LEU Q 105 23.49 45.41 -47.81
N LEU Q 106 23.89 45.02 -49.01
CA LEU Q 106 24.28 45.98 -50.04
C LEU Q 106 23.09 46.67 -50.69
N GLY Q 107 22.03 45.92 -50.95
CA GLY Q 107 20.81 46.51 -51.50
C GLY Q 107 20.26 47.60 -50.59
N ASN Q 108 20.35 47.35 -49.28
CA ASN Q 108 19.96 48.34 -48.28
C ASN Q 108 20.85 49.57 -48.23
N VAL Q 109 22.17 49.40 -48.31
CA VAL Q 109 23.07 50.54 -48.27
C VAL Q 109 22.79 51.32 -49.51
N LEU Q 110 22.35 50.63 -50.57
CA LEU Q 110 21.96 51.36 -51.76
C LEU Q 110 20.75 52.25 -51.47
N VAL Q 111 19.68 51.67 -50.92
CA VAL Q 111 18.48 52.42 -50.50
C VAL Q 111 18.81 53.57 -49.56
N CYS Q 112 19.78 53.40 -48.68
CA CYS Q 112 20.29 54.51 -47.88
C CYS Q 112 20.86 55.64 -48.72
N VAL Q 113 21.72 55.28 -49.67
CA VAL Q 113 22.34 56.25 -50.57
C VAL Q 113 21.32 56.94 -51.49
N LEU Q 114 20.33 56.17 -51.98
CA LEU Q 114 19.16 56.73 -52.64
C LEU Q 114 18.48 57.81 -51.79
N ALA Q 115 18.19 57.44 -50.55
CA ALA Q 115 17.52 58.36 -49.68
C ALA Q 115 18.44 59.57 -49.42
N HIS Q 116 19.75 59.36 -49.47
CA HIS Q 116 20.67 60.45 -49.24
C HIS Q 116 20.64 61.49 -50.33
N HIS Q 117 20.61 61.07 -51.59
CA HIS Q 117 20.60 62.05 -52.67
C HIS Q 117 19.22 62.70 -52.81
N PHE Q 118 18.16 61.91 -52.68
CA PHE Q 118 16.83 62.42 -53.01
C PHE Q 118 15.98 63.02 -51.88
N GLY Q 119 16.52 63.13 -50.67
CA GLY Q 119 15.85 63.85 -49.59
C GLY Q 119 14.40 63.46 -49.41
N LYS Q 120 13.57 64.46 -49.10
CA LYS Q 120 12.14 64.27 -48.82
C LYS Q 120 11.40 63.61 -49.96
N GLU Q 121 12.01 63.67 -51.13
CA GLU Q 121 11.43 63.17 -52.37
C GLU Q 121 11.52 61.63 -52.41
N PHE Q 122 12.35 61.05 -51.53
CA PHE Q 122 12.38 59.60 -51.41
C PHE Q 122 11.39 59.28 -50.31
N THR Q 123 10.17 58.96 -50.73
CA THR Q 123 9.03 58.94 -49.82
C THR Q 123 8.82 57.54 -49.27
N PRO Q 124 8.16 57.44 -48.12
CA PRO Q 124 7.87 56.11 -47.57
C PRO Q 124 7.24 55.12 -48.57
N PRO Q 125 6.28 55.56 -49.42
CA PRO Q 125 5.82 54.61 -50.44
C PRO Q 125 6.89 54.22 -51.47
N VAL Q 126 7.76 55.17 -51.83
CA VAL Q 126 8.80 54.90 -52.81
C VAL Q 126 9.86 53.94 -52.26
N GLN Q 127 10.31 54.17 -51.03
CA GLN Q 127 11.18 53.20 -50.37
C GLN Q 127 10.52 51.82 -50.34
N ALA Q 128 9.29 51.78 -49.83
CA ALA Q 128 8.52 50.54 -49.76
C ALA Q 128 8.46 49.82 -51.11
N ALA Q 129 8.41 50.59 -52.19
CA ALA Q 129 8.51 49.98 -53.51
C ALA Q 129 9.95 49.51 -53.79
N TYR Q 130 10.93 50.33 -53.47
CA TYR Q 130 12.32 49.94 -53.73
C TYR Q 130 12.74 48.79 -52.85
N GLN Q 131 12.15 48.70 -51.66
CA GLN Q 131 12.45 47.59 -50.78
C GLN Q 131 12.10 46.28 -51.48
N LYS Q 132 10.98 46.26 -52.18
CA LYS Q 132 10.61 45.08 -52.94
C LYS Q 132 11.70 44.75 -53.96
N VAL Q 133 12.28 45.82 -54.53
CA VAL Q 133 13.27 45.69 -55.57
C VAL Q 133 14.60 45.17 -55.08
N VAL Q 134 15.20 45.77 -54.05
CA VAL Q 134 16.52 45.32 -53.63
C VAL Q 134 16.44 43.93 -52.99
N ALA Q 135 15.22 43.54 -52.61
CA ALA Q 135 14.98 42.18 -52.16
C ALA Q 135 15.04 41.25 -53.36
N GLY Q 136 14.10 41.44 -54.27
CA GLY Q 136 13.96 40.62 -55.47
C GLY Q 136 15.30 40.41 -56.13
N VAL Q 137 16.10 41.48 -56.20
CA VAL Q 137 17.46 41.38 -56.70
C VAL Q 137 18.32 40.45 -55.84
N ALA Q 138 18.36 40.72 -54.53
CA ALA Q 138 19.19 39.95 -53.60
C ALA Q 138 18.85 38.45 -53.65
N ASN Q 139 17.56 38.15 -53.72
CA ASN Q 139 17.12 36.77 -53.88
C ASN Q 139 17.52 36.15 -55.20
N ALA Q 140 17.14 36.78 -56.30
CA ALA Q 140 17.49 36.27 -57.61
C ALA Q 140 19.00 36.08 -57.71
N LEU Q 141 19.75 36.99 -57.11
CA LEU Q 141 21.19 36.89 -57.15
C LEU Q 141 21.65 35.68 -56.34
N ALA Q 142 20.80 35.25 -55.41
CA ALA Q 142 21.09 34.12 -54.52
C ALA Q 142 20.48 32.78 -54.96
N HIS Q 143 19.85 32.76 -56.15
CA HIS Q 143 19.05 31.63 -56.57
C HIS Q 143 19.85 30.35 -56.85
N LYS Q 144 21.09 30.50 -57.32
CA LYS Q 144 21.92 29.35 -57.68
C LYS Q 144 22.54 28.70 -56.42
N TYR Q 145 22.18 29.25 -55.26
CA TYR Q 145 22.57 28.70 -53.95
C TYR Q 145 21.70 27.51 -53.54
N HIS Q 146 20.59 27.35 -54.25
CA HIS Q 146 19.77 26.15 -54.19
C HIS Q 146 19.37 25.72 -55.63
N CYS R 1 34.28 -14.86 -51.77
CA CYS R 1 35.15 -15.45 -52.74
C CYS R 1 34.40 -15.77 -54.03
N PRO R 2 34.69 -14.97 -55.08
CA PRO R 2 34.50 -15.38 -56.50
C PRO R 2 35.49 -16.51 -56.80
N LYS R 3 35.09 -17.76 -56.50
CA LYS R 3 35.98 -18.88 -56.18
C LYS R 3 37.21 -19.02 -57.05
N PRO R 4 38.39 -19.20 -56.42
CA PRO R 4 39.63 -19.29 -57.17
C PRO R 4 39.61 -20.54 -58.02
N PRO R 5 40.33 -20.53 -59.13
CA PRO R 5 40.39 -21.75 -59.92
C PRO R 5 41.22 -22.84 -59.24
N GLU R 6 40.93 -24.11 -59.51
CA GLU R 6 41.72 -25.22 -58.99
C GLU R 6 43.02 -25.45 -59.77
N ILE R 7 44.03 -25.96 -59.09
CA ILE R 7 45.19 -26.44 -59.80
C ILE R 7 45.32 -27.93 -59.54
N ALA R 8 45.91 -28.63 -60.50
CA ALA R 8 46.12 -30.08 -60.44
C ALA R 8 46.87 -30.46 -59.19
N HIS R 9 46.29 -31.37 -58.42
CA HIS R 9 46.87 -31.90 -57.17
C HIS R 9 47.19 -30.83 -56.15
N GLY R 10 46.35 -29.82 -56.06
CA GLY R 10 46.67 -28.76 -55.12
C GLY R 10 45.48 -28.08 -54.48
N TYR R 11 45.73 -27.44 -53.34
CA TYR R 11 44.64 -26.88 -52.57
C TYR R 11 44.96 -25.48 -52.19
N VAL R 12 43.91 -24.84 -51.69
CA VAL R 12 43.85 -23.43 -51.39
C VAL R 12 43.73 -23.17 -49.87
N GLU R 13 44.51 -22.21 -49.36
CA GLU R 13 44.33 -21.76 -47.98
C GLU R 13 43.79 -20.33 -47.93
N HIS R 14 42.56 -20.18 -47.46
CA HIS R 14 41.92 -18.86 -47.50
C HIS R 14 42.36 -17.84 -46.44
N SER R 15 42.55 -16.60 -46.85
CA SER R 15 42.74 -15.52 -45.91
C SER R 15 41.77 -14.42 -46.25
N VAL R 16 41.37 -13.63 -45.24
CA VAL R 16 40.75 -12.32 -45.47
C VAL R 16 41.53 -11.29 -44.69
N ARG R 17 41.60 -10.08 -45.24
CA ARG R 17 42.15 -8.93 -44.54
C ARG R 17 41.00 -7.94 -44.38
N TYR R 18 40.72 -7.57 -43.14
CA TYR R 18 39.63 -6.64 -42.85
C TYR R 18 40.15 -5.24 -43.06
N GLN R 19 39.31 -4.41 -43.68
CA GLN R 19 39.61 -3.00 -43.79
C GLN R 19 38.36 -2.19 -43.57
N CYS R 20 38.53 -1.02 -42.95
CA CYS R 20 37.41 -0.16 -42.61
C CYS R 20 37.16 0.86 -43.74
N LYS R 21 35.90 1.09 -44.06
CA LYS R 21 35.57 1.94 -45.19
C LYS R 21 35.92 3.40 -44.94
N ASN R 22 35.60 4.23 -45.92
CA ASN R 22 35.92 5.64 -45.88
C ASN R 22 35.43 6.33 -44.60
N TYR R 23 36.30 7.20 -44.08
CA TYR R 23 36.12 7.97 -42.85
C TYR R 23 36.03 7.09 -41.57
N TYR R 24 36.48 5.83 -41.66
CA TYR R 24 36.53 4.93 -40.49
C TYR R 24 37.92 4.36 -40.26
N LYS R 25 38.06 3.53 -39.24
CA LYS R 25 39.38 3.08 -38.85
C LYS R 25 39.38 1.69 -38.17
N LEU R 26 40.42 0.88 -38.36
CA LEU R 26 40.51 -0.43 -37.69
C LEU R 26 40.80 -0.32 -36.20
N ARG R 27 39.99 -0.97 -35.36
CA ARG R 27 40.33 -1.11 -33.96
C ARG R 27 40.52 -2.58 -33.61
N THR R 28 41.78 -2.99 -33.43
CA THR R 28 42.15 -4.28 -32.82
C THR R 28 43.68 -4.55 -32.90
N GLU R 29 44.16 -5.50 -32.10
CA GLU R 29 45.61 -5.75 -31.92
C GLU R 29 46.35 -6.90 -32.67
N GLY R 30 45.71 -7.71 -33.51
CA GLY R 30 44.67 -7.30 -34.41
C GLY R 30 45.29 -6.66 -35.65
N ASP R 31 46.24 -7.39 -36.27
CA ASP R 31 46.90 -6.98 -37.51
C ASP R 31 45.93 -7.11 -38.67
N GLY R 32 44.76 -7.66 -38.39
CA GLY R 32 43.65 -7.57 -39.33
C GLY R 32 43.40 -8.78 -40.20
N VAL R 33 44.42 -9.62 -40.41
CA VAL R 33 44.25 -10.77 -41.29
C VAL R 33 43.60 -11.93 -40.56
N TYR R 34 42.81 -12.73 -41.29
CA TYR R 34 42.17 -13.89 -40.68
C TYR R 34 42.19 -15.10 -41.63
N THR R 35 42.81 -16.21 -41.19
CA THR R 35 43.02 -17.39 -42.03
C THR R 35 42.02 -18.51 -41.75
N LEU R 36 41.53 -19.16 -42.79
CA LEU R 36 40.53 -20.21 -42.58
C LEU R 36 41.18 -21.53 -42.06
N ASN R 37 40.44 -22.27 -41.24
CA ASN R 37 40.95 -23.44 -40.52
C ASN R 37 40.71 -24.76 -41.22
N ASN R 38 41.24 -25.85 -40.69
CA ASN R 38 40.71 -27.14 -41.08
C ASN R 38 39.44 -27.34 -40.27
N GLU R 39 39.37 -26.57 -39.18
CA GLU R 39 38.21 -26.44 -38.30
C GLU R 39 37.23 -25.44 -38.91
N LYS R 40 37.59 -24.93 -40.08
CA LYS R 40 36.77 -23.98 -40.84
C LYS R 40 36.33 -22.82 -39.95
N GLN R 41 37.28 -22.40 -39.14
CA GLN R 41 37.18 -21.23 -38.28
C GLN R 41 38.00 -20.06 -38.86
N TRP R 42 37.58 -18.83 -38.61
CA TRP R 42 38.30 -17.66 -39.13
C TRP R 42 39.21 -17.10 -38.09
N ILE R 43 40.53 -17.28 -38.25
CA ILE R 43 41.44 -17.08 -37.12
C ILE R 43 42.65 -16.14 -37.29
N ASN R 44 42.65 -15.03 -36.54
CA ASN R 44 43.84 -14.18 -36.49
C ASN R 44 44.82 -14.64 -35.43
N LYS R 45 46.06 -14.89 -35.84
CA LYS R 45 47.05 -15.50 -34.96
C LYS R 45 47.41 -14.63 -33.73
N ALA R 46 46.90 -13.42 -33.68
CA ALA R 46 47.12 -12.56 -32.52
C ALA R 46 45.91 -12.58 -31.57
N VAL R 47 44.75 -12.20 -32.09
CA VAL R 47 43.52 -12.15 -31.32
C VAL R 47 42.61 -13.36 -31.51
N GLY R 48 43.01 -14.32 -32.33
CA GLY R 48 42.17 -15.49 -32.51
C GLY R 48 40.82 -15.32 -33.22
N ASP R 49 39.78 -15.58 -32.44
CA ASP R 49 38.39 -15.60 -32.89
C ASP R 49 37.76 -14.19 -32.97
N LYS R 50 38.43 -13.20 -32.41
CA LYS R 50 37.79 -11.89 -32.26
C LYS R 50 37.97 -11.04 -33.51
N LEU R 51 36.85 -10.53 -34.02
CA LEU R 51 36.89 -9.66 -35.17
C LEU R 51 37.35 -8.26 -34.77
N PRO R 52 37.71 -7.41 -35.78
CA PRO R 52 37.84 -5.98 -35.48
C PRO R 52 36.54 -5.23 -35.66
N GLU R 53 36.53 -3.98 -35.26
CA GLU R 53 35.36 -3.13 -35.39
C GLU R 53 35.83 -1.84 -36.05
N CYS R 54 34.94 -1.16 -36.75
CA CYS R 54 35.34 0.05 -37.42
C CYS R 54 34.90 1.33 -36.65
N GLU R 55 35.89 2.13 -36.26
CA GLU R 55 35.67 3.30 -35.42
C GLU R 55 35.91 4.60 -36.19
N ALA R 56 34.96 5.54 -36.10
CA ALA R 56 35.03 6.77 -36.87
C ALA R 56 36.26 7.59 -36.53
N VAL R 57 36.82 8.22 -37.54
CA VAL R 57 37.93 9.15 -37.37
C VAL R 57 37.33 10.47 -36.92
N CYS R 58 38.14 11.30 -36.27
CA CYS R 58 37.71 12.65 -35.88
C CYS R 58 38.78 13.69 -36.20
N GLY R 59 38.37 14.88 -36.65
CA GLY R 59 39.33 15.94 -36.92
C GLY R 59 39.99 15.86 -38.29
N LYS R 60 39.29 15.20 -39.20
CA LYS R 60 39.73 14.97 -40.56
C LYS R 60 38.53 15.24 -41.43
N PRO R 61 38.22 16.52 -41.69
CA PRO R 61 37.13 16.71 -42.62
C PRO R 61 37.62 16.52 -44.07
N LYS R 62 36.75 15.93 -44.89
CA LYS R 62 37.08 15.60 -46.24
C LYS R 62 37.47 16.82 -47.06
N ASN R 63 36.75 17.92 -46.88
CA ASN R 63 37.13 19.20 -47.50
C ASN R 63 37.21 20.26 -46.43
N PRO R 64 38.42 20.53 -45.91
CA PRO R 64 38.72 21.58 -44.92
C PRO R 64 38.74 23.01 -45.51
N ALA R 65 39.13 24.02 -44.73
CA ALA R 65 39.07 25.42 -45.16
C ALA R 65 40.01 25.87 -46.32
N ASN R 66 41.13 25.15 -46.49
CA ASN R 66 42.30 25.65 -47.24
C ASN R 66 42.62 24.84 -48.52
N ILE R 71 26.57 34.49 -36.28
CA ILE R 71 27.76 35.12 -36.84
C ILE R 71 27.38 36.33 -37.69
N LEU R 72 27.94 37.49 -37.37
CA LEU R 72 27.60 38.71 -38.11
C LEU R 72 28.36 38.80 -39.43
N GLY R 73 29.65 38.54 -39.34
CA GLY R 73 30.47 38.54 -40.55
C GLY R 73 30.38 37.24 -41.37
N GLY R 74 31.48 36.95 -42.06
CA GLY R 74 31.49 36.16 -43.29
C GLY R 74 31.90 34.69 -43.26
N HIS R 75 32.58 34.28 -44.32
CA HIS R 75 32.97 32.89 -44.63
C HIS R 75 31.77 31.96 -44.80
N LEU R 76 31.12 32.07 -45.95
CA LEU R 76 30.03 31.17 -46.33
C LEU R 76 30.58 29.75 -46.42
N ASP R 77 29.79 28.77 -46.01
CA ASP R 77 30.34 27.42 -45.98
C ASP R 77 30.05 26.73 -47.30
N ALA R 78 31.05 26.72 -48.16
CA ALA R 78 30.82 26.34 -49.52
C ALA R 78 30.80 24.85 -49.61
N LYS R 79 31.85 24.30 -48.99
CA LYS R 79 32.24 22.89 -49.04
C LYS R 79 31.56 21.96 -48.03
N GLY R 80 31.11 22.52 -46.91
CA GLY R 80 30.82 21.71 -45.74
C GLY R 80 32.09 21.35 -44.98
N SER R 81 32.94 22.35 -44.73
CA SER R 81 34.21 22.19 -44.00
C SER R 81 34.06 21.95 -42.48
N PHE R 82 32.82 21.92 -42.01
CA PHE R 82 32.56 21.80 -40.58
C PHE R 82 31.53 20.71 -40.30
N PRO R 83 31.92 19.44 -40.52
CA PRO R 83 31.01 18.29 -40.48
C PRO R 83 30.52 17.96 -39.12
N TRP R 84 31.21 18.48 -38.10
CA TRP R 84 30.85 18.28 -36.70
C TRP R 84 29.87 19.32 -36.17
N GLN R 85 29.38 20.21 -37.03
CA GLN R 85 28.46 21.28 -36.61
C GLN R 85 26.99 20.86 -36.63
N ALA R 86 26.32 20.98 -35.49
CA ALA R 86 24.89 20.67 -35.43
C ALA R 86 24.03 21.89 -35.12
N LYS R 87 22.88 21.94 -35.79
CA LYS R 87 21.91 22.99 -35.64
C LYS R 87 20.73 22.42 -34.91
N MET R 88 20.53 22.87 -33.68
CA MET R 88 19.42 22.41 -32.84
C MET R 88 18.38 23.50 -32.65
N VAL R 89 17.12 23.16 -32.90
CA VAL R 89 16.06 24.15 -32.69
C VAL R 89 15.19 23.75 -31.48
N SER R 90 14.98 24.71 -30.59
CA SER R 90 14.17 24.47 -29.40
C SER R 90 12.69 24.38 -29.79
N HIS R 91 11.81 24.23 -28.81
CA HIS R 91 10.44 23.92 -29.16
C HIS R 91 9.80 25.06 -29.94
N HIS R 92 10.14 26.28 -29.55
CA HIS R 92 9.62 27.52 -30.15
C HIS R 92 10.48 28.14 -31.26
N ASN R 93 11.12 27.32 -32.11
CA ASN R 93 11.72 27.82 -33.36
C ASN R 93 12.95 28.70 -33.09
N LEU R 94 13.60 28.45 -31.96
CA LEU R 94 14.83 29.15 -31.61
C LEU R 94 16.05 28.30 -31.96
N THR R 95 16.87 28.82 -32.87
CA THR R 95 17.97 28.04 -33.44
C THR R 95 19.22 28.15 -32.57
N THR R 96 19.87 27.02 -32.31
CA THR R 96 20.96 26.97 -31.36
C THR R 96 22.00 25.90 -31.74
N GLY R 97 23.25 26.12 -31.35
CA GLY R 97 24.35 25.24 -31.73
C GLY R 97 24.72 24.08 -30.83
N ALA R 98 25.26 23.03 -31.44
CA ALA R 98 25.79 21.84 -30.74
C ALA R 98 26.86 21.17 -31.62
N THR R 99 27.87 20.58 -31.01
CA THR R 99 28.90 19.98 -31.83
C THR R 99 29.08 18.49 -31.52
N LEU R 100 29.43 17.74 -32.55
CA LEU R 100 29.45 16.27 -32.50
C LEU R 100 30.80 15.76 -32.08
N ILE R 101 30.82 15.22 -30.87
CA ILE R 101 32.04 14.77 -30.22
C ILE R 101 32.40 13.27 -30.47
N ASN R 102 31.43 12.45 -30.85
CA ASN R 102 31.67 11.10 -31.38
C ASN R 102 30.42 10.55 -32.06
N GLU R 103 30.40 9.27 -32.41
CA GLU R 103 29.35 8.76 -33.27
C GLU R 103 27.96 8.88 -32.64
N GLN R 104 27.90 8.84 -31.32
CA GLN R 104 26.60 8.96 -30.63
C GLN R 104 26.26 10.25 -29.87
N TRP R 105 27.22 11.16 -29.73
CA TRP R 105 27.05 12.27 -28.80
C TRP R 105 27.45 13.62 -29.35
N LEU R 106 26.81 14.66 -28.80
CA LEU R 106 27.14 16.04 -29.11
C LEU R 106 27.21 16.88 -27.85
N LEU R 107 28.25 17.70 -27.73
CA LEU R 107 28.27 18.75 -26.74
C LEU R 107 27.28 19.88 -27.08
N THR R 108 26.85 20.60 -26.05
CA THR R 108 26.05 21.80 -26.18
C THR R 108 26.18 22.56 -24.87
N THR R 109 25.37 23.59 -24.69
CA THR R 109 25.38 24.38 -23.48
C THR R 109 24.18 24.02 -22.66
N ALA R 110 24.31 24.12 -21.34
CA ALA R 110 23.16 24.03 -20.44
C ALA R 110 22.09 25.03 -20.84
N LYS R 111 22.52 26.27 -21.08
CA LYS R 111 21.64 27.32 -21.55
C LYS R 111 20.76 26.97 -22.77
N ASN R 112 21.38 26.56 -23.90
CA ASN R 112 20.62 26.25 -25.12
C ASN R 112 19.52 25.26 -24.86
N LEU R 113 19.88 24.28 -24.03
CA LEU R 113 19.03 23.19 -23.58
C LEU R 113 17.81 23.69 -22.83
N PHE R 114 18.04 24.69 -21.99
CA PHE R 114 17.02 25.20 -21.08
C PHE R 114 16.06 26.18 -21.74
N LEU R 115 16.24 26.47 -23.02
CA LEU R 115 15.31 27.39 -23.67
C LEU R 115 13.89 26.84 -23.64
N ASN R 116 12.93 27.74 -23.46
CA ASN R 116 11.53 27.39 -23.39
C ASN R 116 11.25 26.34 -22.30
N HIS R 117 11.99 26.45 -21.18
CA HIS R 117 11.84 25.54 -20.04
C HIS R 117 12.12 26.24 -18.71
N SER R 118 11.49 25.76 -17.65
CA SER R 118 11.71 26.33 -16.33
C SER R 118 12.99 25.81 -15.70
N GLU R 119 13.55 26.59 -14.78
CA GLU R 119 14.70 26.15 -14.00
C GLU R 119 14.38 24.84 -13.29
N ASN R 120 13.09 24.63 -13.00
CA ASN R 120 12.59 23.37 -12.46
C ASN R 120 12.89 22.18 -13.33
N ALA R 121 12.84 22.39 -14.64
CA ALA R 121 12.89 21.29 -15.61
C ALA R 121 14.15 20.44 -15.47
N THR R 122 13.97 19.13 -15.59
CA THR R 122 15.08 18.21 -15.58
C THR R 122 15.33 17.65 -16.98
N ALA R 123 16.37 16.84 -17.10
CA ALA R 123 16.81 16.34 -18.38
C ALA R 123 15.68 15.61 -19.13
N LYS R 124 14.98 14.74 -18.40
CA LYS R 124 13.88 13.97 -18.96
C LYS R 124 12.80 14.84 -19.60
N ASP R 125 12.57 16.01 -19.01
CA ASP R 125 11.64 16.97 -19.55
C ASP R 125 12.09 17.53 -20.87
N ILE R 126 13.37 17.87 -20.94
CA ILE R 126 13.91 18.63 -22.08
C ILE R 126 14.17 17.80 -23.35
N ALA R 127 14.61 16.55 -23.19
CA ALA R 127 15.02 15.73 -24.34
C ALA R 127 13.96 15.59 -25.44
N PRO R 128 12.69 15.30 -25.10
CA PRO R 128 11.70 15.17 -26.18
C PRO R 128 11.36 16.47 -26.89
N THR R 129 11.66 17.59 -26.24
CA THR R 129 11.31 18.93 -26.74
C THR R 129 12.14 19.28 -27.97
N LEU R 130 13.38 18.86 -27.96
CA LEU R 130 14.33 19.31 -28.97
C LEU R 130 14.18 18.64 -30.34
N THR R 131 14.59 19.37 -31.36
CA THR R 131 14.80 18.86 -32.70
C THR R 131 16.28 19.06 -32.96
N LEU R 132 16.95 18.06 -33.57
CA LEU R 132 18.40 18.15 -33.80
C LEU R 132 18.77 17.87 -35.25
N TYR R 133 19.81 18.55 -35.73
CA TYR R 133 20.26 18.43 -37.12
C TYR R 133 21.77 18.33 -37.28
N VAL R 134 22.18 17.36 -38.10
CA VAL R 134 23.56 17.24 -38.59
C VAL R 134 23.64 17.37 -40.11
N GLY R 135 24.84 17.67 -40.59
CA GLY R 135 25.07 17.65 -42.02
C GLY R 135 24.20 18.63 -42.77
N LYS R 136 23.39 18.14 -43.71
CA LYS R 136 22.56 19.04 -44.48
C LYS R 136 21.19 19.34 -43.86
N LYS R 137 20.26 18.44 -44.11
CA LYS R 137 18.98 18.49 -43.40
C LYS R 137 18.94 17.41 -42.33
N GLN R 138 20.02 16.66 -42.20
CA GLN R 138 19.94 15.32 -41.63
C GLN R 138 19.39 15.38 -40.22
N LEU R 139 18.25 14.72 -40.05
CA LEU R 139 17.52 14.76 -38.81
C LEU R 139 17.98 13.56 -38.00
N VAL R 140 18.69 13.83 -36.90
CA VAL R 140 19.06 12.77 -35.99
C VAL R 140 18.11 12.81 -34.83
N GLU R 141 17.58 11.65 -34.46
CA GLU R 141 16.68 11.60 -33.33
C GLU R 141 17.49 11.58 -32.04
N ILE R 142 16.80 11.71 -30.92
CA ILE R 142 17.47 12.13 -29.71
C ILE R 142 16.96 11.32 -28.51
N GLU R 143 17.86 10.56 -27.88
CA GLU R 143 17.48 9.56 -26.86
C GLU R 143 17.40 10.19 -25.48
N LYS R 144 18.55 10.54 -24.92
CA LYS R 144 18.54 11.30 -23.66
C LYS R 144 19.39 12.58 -23.75
N VAL R 145 19.42 13.29 -22.62
CA VAL R 145 20.09 14.55 -22.48
C VAL R 145 20.71 14.56 -21.09
N VAL R 146 21.96 14.98 -20.92
CA VAL R 146 22.50 15.02 -19.56
C VAL R 146 23.26 16.32 -19.31
N LEU R 147 23.07 16.90 -18.12
CA LEU R 147 23.59 18.25 -17.79
C LEU R 147 24.76 18.19 -16.83
N HIS R 148 25.69 19.11 -16.97
CA HIS R 148 26.84 19.15 -16.08
C HIS R 148 26.39 19.53 -14.67
N PRO R 149 26.84 18.78 -13.65
CA PRO R 149 26.49 18.98 -12.24
C PRO R 149 26.68 20.42 -11.80
N ASN R 150 27.61 21.12 -12.45
CA ASN R 150 27.85 22.55 -12.24
C ASN R 150 27.22 23.49 -13.30
N TYR R 151 26.15 23.04 -13.96
CA TYR R 151 25.50 23.75 -15.08
C TYR R 151 25.53 25.28 -14.95
N SER R 152 25.32 25.82 -13.75
CA SER R 152 25.30 27.27 -13.55
C SER R 152 26.69 27.91 -13.54
N GLN R 153 27.72 27.08 -13.47
CA GLN R 153 29.11 27.53 -13.47
C GLN R 153 29.80 27.07 -14.76
N VAL R 154 29.80 25.75 -14.97
CA VAL R 154 30.21 25.21 -16.24
C VAL R 154 28.99 25.06 -17.14
N ASP R 155 28.90 25.90 -18.17
CA ASP R 155 27.68 25.93 -18.99
C ASP R 155 27.80 24.94 -20.15
N ILE R 156 27.30 23.72 -19.89
CA ILE R 156 27.57 22.55 -20.73
C ILE R 156 26.47 21.46 -20.67
N GLY R 157 26.00 20.97 -21.81
CA GLY R 157 25.18 19.78 -21.83
C GLY R 157 25.83 18.59 -22.51
N LEU R 158 25.18 17.43 -22.48
CA LEU R 158 25.54 16.33 -23.37
C LEU R 158 24.31 15.75 -24.02
N ILE R 159 24.35 15.58 -25.33
CA ILE R 159 23.25 14.92 -26.01
C ILE R 159 23.63 13.50 -26.41
N LYS R 160 22.77 12.52 -26.07
CA LYS R 160 22.94 11.17 -26.61
C LYS R 160 21.95 10.94 -27.76
N LEU R 161 22.49 10.58 -28.93
CA LEU R 161 21.69 10.17 -30.10
C LEU R 161 21.20 8.71 -30.00
N LYS R 162 19.93 8.51 -30.36
CA LYS R 162 19.22 7.24 -30.19
C LYS R 162 20.03 6.08 -30.74
N GLN R 163 20.73 6.35 -31.82
CA GLN R 163 21.65 5.38 -32.39
C GLN R 163 22.91 6.15 -32.81
N LYS R 164 23.90 5.44 -33.36
CA LYS R 164 25.07 6.12 -33.88
C LYS R 164 24.72 6.73 -35.23
N VAL R 165 25.38 7.82 -35.61
CA VAL R 165 25.16 8.44 -36.93
C VAL R 165 26.28 8.05 -37.91
N SER R 166 25.93 7.76 -39.16
CA SER R 166 26.96 7.32 -40.11
C SER R 166 27.87 8.49 -40.46
N VAL R 167 29.16 8.31 -40.26
CA VAL R 167 30.15 9.35 -40.57
C VAL R 167 30.43 9.45 -42.09
N ASN R 168 30.53 10.67 -42.61
CA ASN R 168 31.00 10.90 -43.98
C ASN R 168 31.55 12.30 -44.15
N GLU R 169 31.73 12.76 -45.39
CA GLU R 169 32.38 14.05 -45.61
C GLU R 169 31.61 15.20 -44.94
N ARG R 170 30.28 15.14 -44.91
CA ARG R 170 29.52 16.26 -44.33
C ARG R 170 29.12 16.07 -42.85
N VAL R 171 29.23 14.86 -42.34
CA VAL R 171 28.81 14.56 -40.97
C VAL R 171 29.89 13.77 -40.28
N MET R 172 30.50 14.33 -39.24
CA MET R 172 31.64 13.65 -38.66
C MET R 172 32.17 14.33 -37.39
N PRO R 173 32.57 13.54 -36.39
CA PRO R 173 32.90 14.11 -35.09
C PRO R 173 34.22 14.87 -35.06
N ILE R 174 34.38 15.71 -34.04
CA ILE R 174 35.57 16.53 -33.88
C ILE R 174 36.41 15.90 -32.79
N CYS R 175 37.73 16.10 -32.81
CA CYS R 175 38.59 15.52 -31.79
C CYS R 175 38.61 16.29 -30.46
N LEU R 176 38.52 15.59 -29.32
CA LEU R 176 38.75 16.24 -28.02
C LEU R 176 40.23 16.29 -27.78
N PRO R 177 40.74 17.44 -27.35
CA PRO R 177 42.16 17.70 -27.28
C PRO R 177 42.83 17.05 -26.09
N SER R 178 44.01 16.48 -26.30
CA SER R 178 44.87 16.10 -25.19
C SER R 178 45.48 17.39 -24.70
N LYS R 179 46.10 18.13 -25.62
CA LYS R 179 46.72 19.39 -25.25
C LYS R 179 45.60 20.38 -24.97
N ASP R 180 45.93 21.56 -24.46
CA ASP R 180 44.92 22.58 -24.30
C ASP R 180 45.29 23.84 -25.07
N TYR R 181 44.61 24.11 -26.18
CA TYR R 181 44.94 25.38 -26.79
C TYR R 181 43.84 26.34 -26.43
N ALA R 182 43.94 26.91 -25.22
CA ALA R 182 43.13 28.02 -24.77
C ALA R 182 43.98 29.27 -24.62
N GLU R 183 45.27 29.17 -24.94
CA GLU R 183 46.19 30.25 -24.64
C GLU R 183 46.14 31.33 -25.71
N VAL R 184 46.51 32.56 -25.35
CA VAL R 184 46.56 33.62 -26.36
C VAL R 184 47.77 33.34 -27.24
N GLY R 185 47.61 33.68 -28.51
CA GLY R 185 48.53 33.32 -29.56
C GLY R 185 47.93 32.20 -30.39
N ARG R 186 47.04 31.38 -29.83
CA ARG R 186 46.31 30.42 -30.65
C ARG R 186 45.16 31.13 -31.38
N VAL R 187 44.71 30.51 -32.47
CA VAL R 187 43.62 31.02 -33.29
C VAL R 187 42.62 29.89 -33.42
N GLY R 188 41.35 30.19 -33.67
CA GLY R 188 40.36 29.15 -33.65
C GLY R 188 39.36 29.39 -34.73
N TYR R 189 38.50 28.42 -34.96
CA TYR R 189 37.49 28.51 -35.99
C TYR R 189 36.12 28.27 -35.38
N VAL R 190 35.23 29.25 -35.45
CA VAL R 190 33.89 28.99 -34.93
C VAL R 190 32.89 28.88 -36.08
N SER R 191 32.16 27.79 -36.13
CA SER R 191 31.10 27.69 -37.11
C SER R 191 29.91 28.24 -36.41
N GLY R 192 28.79 28.44 -37.10
CA GLY R 192 27.54 28.78 -36.42
C GLY R 192 26.26 28.83 -37.22
N TRP R 193 25.15 28.52 -36.55
CA TRP R 193 23.81 28.65 -37.13
C TRP R 193 23.11 29.89 -36.63
N GLY R 194 23.80 30.69 -35.83
CA GLY R 194 23.18 31.84 -35.20
C GLY R 194 22.87 32.99 -36.12
N ARG R 195 22.35 34.07 -35.54
CA ARG R 195 21.85 35.26 -36.23
C ARG R 195 22.93 36.05 -36.96
N ASN R 196 22.54 36.90 -37.89
CA ASN R 196 23.49 37.78 -38.56
C ASN R 196 23.11 39.27 -38.41
N ALA R 197 23.74 40.14 -39.21
CA ALA R 197 23.56 41.59 -39.10
C ALA R 197 22.18 42.10 -39.50
N ASN R 198 21.32 41.26 -40.06
CA ASN R 198 19.88 41.57 -40.11
C ASN R 198 19.16 40.97 -38.91
N PHE R 199 19.94 40.38 -37.98
CA PHE R 199 19.40 39.67 -36.81
C PHE R 199 18.45 38.53 -37.24
N LYS R 200 18.65 38.08 -38.48
CA LYS R 200 18.03 36.88 -39.02
C LYS R 200 18.87 35.65 -38.69
N PHE R 201 18.20 34.58 -38.29
CA PHE R 201 18.87 33.29 -38.14
C PHE R 201 19.43 32.96 -39.52
N THR R 202 20.70 32.55 -39.59
CA THR R 202 21.38 32.47 -40.88
C THR R 202 20.89 31.38 -41.81
N ASP R 203 20.89 31.68 -43.10
CA ASP R 203 20.45 30.73 -44.11
C ASP R 203 21.46 29.68 -44.47
N HIS R 204 22.72 29.96 -44.16
CA HIS R 204 23.83 29.07 -44.49
C HIS R 204 24.80 29.06 -43.36
N LEU R 205 25.31 27.88 -43.04
CA LEU R 205 26.31 27.77 -41.99
C LEU R 205 27.44 28.75 -42.32
N LYS R 206 27.96 29.45 -41.32
CA LYS R 206 29.09 30.32 -41.61
C LYS R 206 30.14 30.06 -40.56
N TYR R 207 31.27 30.74 -40.68
CA TYR R 207 32.35 30.50 -39.77
C TYR R 207 33.24 31.72 -39.69
N VAL R 208 33.99 31.86 -38.62
CA VAL R 208 34.84 33.03 -38.48
C VAL R 208 36.06 32.59 -37.69
N MET R 209 37.21 33.16 -38.02
CA MET R 209 38.41 32.95 -37.24
C MET R 209 38.45 34.02 -36.15
N LEU R 210 38.83 33.65 -34.94
CA LEU R 210 38.94 34.62 -33.84
C LEU R 210 40.15 34.27 -33.00
N PRO R 211 40.88 35.27 -32.51
CA PRO R 211 42.01 34.93 -31.64
C PRO R 211 41.48 34.57 -30.26
N VAL R 212 42.24 33.84 -29.44
CA VAL R 212 41.79 33.69 -28.06
C VAL R 212 42.38 34.84 -27.28
N ALA R 213 41.62 35.34 -26.31
CA ALA R 213 41.93 36.62 -25.68
C ALA R 213 42.44 36.48 -24.26
N ASP R 214 43.24 37.46 -23.86
CA ASP R 214 43.83 37.50 -22.53
C ASP R 214 42.73 37.45 -21.49
N GLN R 215 42.81 36.49 -20.56
CA GLN R 215 41.73 36.27 -19.61
C GLN R 215 41.45 37.47 -18.68
N ASP R 216 42.49 38.22 -18.30
CA ASP R 216 42.29 39.37 -17.42
C ASP R 216 41.62 40.55 -18.16
N GLN R 217 42.13 40.91 -19.33
CA GLN R 217 41.50 41.94 -20.17
C GLN R 217 40.02 41.66 -20.35
N CYS R 218 39.69 40.39 -20.54
CA CYS R 218 38.32 39.98 -20.77
C CYS R 218 37.51 40.15 -19.51
N ILE R 219 38.12 39.80 -18.38
CA ILE R 219 37.46 39.90 -17.09
C ILE R 219 37.16 41.35 -16.82
N ARG R 220 38.22 42.16 -16.81
CA ARG R 220 38.08 43.60 -16.60
C ARG R 220 37.05 44.22 -17.55
N HIS R 221 36.84 43.62 -18.71
CA HIS R 221 35.85 44.13 -19.64
C HIS R 221 34.44 43.88 -19.10
N TYR R 222 34.13 42.66 -18.73
CA TYR R 222 32.75 42.27 -18.43
C TYR R 222 32.22 42.58 -17.01
N GLU R 223 33.12 42.41 -16.06
CA GLU R 223 32.97 42.80 -14.68
C GLU R 223 34.02 43.88 -14.60
N GLY R 224 34.32 44.46 -13.47
CA GLY R 224 35.24 45.58 -13.59
C GLY R 224 36.65 45.21 -13.24
N SER R 225 36.79 43.97 -12.79
CA SER R 225 37.64 43.66 -11.65
C SER R 225 39.04 43.04 -11.82
N THR R 226 39.11 41.74 -12.18
CA THR R 226 39.95 40.79 -11.44
C THR R 226 39.28 40.68 -10.07
N VAL R 227 39.87 41.28 -9.03
CA VAL R 227 39.40 41.15 -7.62
C VAL R 227 37.87 41.30 -7.37
N PRO R 228 37.27 40.30 -6.68
CA PRO R 228 35.81 40.13 -6.62
C PRO R 228 35.05 41.22 -5.87
N GLU R 229 35.75 42.02 -5.07
CA GLU R 229 35.07 43.05 -4.29
C GLU R 229 34.82 44.31 -5.14
N LYS R 230 35.59 44.44 -6.22
CA LYS R 230 35.44 45.55 -7.16
C LYS R 230 34.59 45.16 -8.39
N LYS R 231 34.05 43.94 -8.34
CA LYS R 231 33.20 43.43 -9.41
C LYS R 231 31.90 44.22 -9.52
N THR R 232 31.59 44.66 -10.74
CA THR R 232 30.32 45.29 -11.08
C THR R 232 29.89 44.84 -12.49
N PRO R 233 28.59 44.90 -12.80
CA PRO R 233 28.17 44.48 -14.15
C PRO R 233 28.47 45.51 -15.24
N LYS R 234 29.67 45.45 -15.83
CA LYS R 234 30.08 46.40 -16.87
C LYS R 234 29.70 45.97 -18.28
N SER R 235 28.98 44.86 -18.40
CA SER R 235 28.73 44.24 -19.71
C SER R 235 27.98 45.12 -20.71
N PRO R 236 28.59 45.44 -21.85
CA PRO R 236 27.99 46.21 -22.96
C PRO R 236 26.59 45.82 -23.46
N VAL R 237 26.25 44.54 -23.57
CA VAL R 237 24.84 44.20 -23.77
C VAL R 237 24.17 44.11 -22.39
N GLY R 238 22.88 43.78 -22.31
CA GLY R 238 22.23 43.66 -21.01
C GLY R 238 22.74 42.58 -20.03
N VAL R 239 23.23 41.45 -20.54
CA VAL R 239 23.42 40.27 -19.72
C VAL R 239 24.87 39.87 -19.52
N GLN R 240 25.14 39.21 -18.39
CA GLN R 240 26.52 38.89 -17.99
C GLN R 240 26.94 37.48 -18.39
N PRO R 241 28.16 37.36 -18.93
CA PRO R 241 28.68 36.04 -19.28
C PRO R 241 29.14 35.36 -18.01
N ILE R 242 29.25 34.04 -18.04
CA ILE R 242 29.77 33.27 -16.93
C ILE R 242 31.28 33.26 -17.03
N LEU R 243 31.98 33.74 -16.00
CA LEU R 243 33.43 33.79 -16.10
C LEU R 243 34.18 33.22 -14.90
N ASN R 244 34.88 32.10 -15.12
CA ASN R 244 35.64 31.43 -14.08
C ASN R 244 36.91 30.85 -14.68
N GLU R 245 37.54 29.95 -13.94
CA GLU R 245 38.74 29.25 -14.45
C GLU R 245 38.43 28.15 -15.46
N HIS R 246 37.15 27.79 -15.62
CA HIS R 246 36.72 26.83 -16.62
C HIS R 246 36.30 27.51 -17.95
N THR R 247 36.48 28.83 -18.05
CA THR R 247 36.13 29.54 -19.28
C THR R 247 37.34 30.22 -19.91
N PHE R 248 37.23 30.55 -21.19
CA PHE R 248 38.19 31.44 -21.84
C PHE R 248 37.49 32.37 -22.84
N CYS R 249 38.11 33.48 -23.19
CA CYS R 249 37.47 34.43 -24.09
C CYS R 249 38.16 34.53 -25.45
N ALA R 250 37.36 34.56 -26.51
CA ALA R 250 37.89 34.81 -27.84
C ALA R 250 37.56 36.23 -28.29
N GLY R 251 38.56 36.88 -28.87
CA GLY R 251 38.45 38.28 -29.31
C GLY R 251 37.50 38.47 -30.48
N MET R 252 37.49 39.68 -31.04
CA MET R 252 36.68 39.90 -32.24
C MET R 252 37.50 39.59 -33.51
N SER R 253 36.84 39.59 -34.66
CA SER R 253 37.47 39.17 -35.91
C SER R 253 38.49 40.21 -36.36
N LYS R 254 39.13 39.96 -37.50
CA LYS R 254 40.07 40.91 -38.07
C LYS R 254 39.24 42.05 -38.64
N TYR R 255 38.12 41.65 -39.22
CA TYR R 255 37.14 42.55 -39.85
C TYR R 255 35.92 42.95 -38.98
N GLN R 256 36.02 42.72 -37.67
CA GLN R 256 34.93 42.99 -36.70
C GLN R 256 33.74 42.07 -36.87
N GLU R 257 33.97 40.87 -37.39
CA GLU R 257 32.92 39.88 -37.41
C GLU R 257 32.80 39.40 -35.97
N ASP R 258 31.62 38.96 -35.57
CA ASP R 258 31.52 38.34 -34.27
C ASP R 258 30.35 37.41 -34.26
N THR R 259 30.08 36.89 -33.08
CA THR R 259 29.30 35.71 -32.89
C THR R 259 28.11 36.14 -32.04
N CYS R 260 26.90 35.87 -32.53
CA CYS R 260 25.69 36.42 -31.95
C CYS R 260 24.72 35.29 -31.57
N TYR R 261 23.47 35.64 -31.27
CA TYR R 261 22.46 34.72 -30.78
C TYR R 261 22.32 33.43 -31.62
N GLY R 262 22.47 32.28 -31.00
CA GLY R 262 22.33 31.00 -31.67
C GLY R 262 23.66 30.31 -31.77
N ASP R 263 24.72 31.08 -31.53
CA ASP R 263 26.08 30.58 -31.76
C ASP R 263 26.64 29.85 -30.55
N ALA R 264 25.90 29.76 -29.46
CA ALA R 264 26.37 28.94 -28.35
C ALA R 264 26.28 27.47 -28.72
N GLY R 265 27.18 26.66 -28.18
CA GLY R 265 27.19 25.23 -28.48
C GLY R 265 27.99 24.90 -29.73
N SER R 266 28.23 25.91 -30.56
CA SER R 266 29.16 25.78 -31.66
C SER R 266 30.57 25.76 -31.08
N ALA R 267 31.47 25.00 -31.70
CA ALA R 267 32.77 24.69 -31.09
C ALA R 267 33.81 25.69 -31.53
N PHE R 268 34.67 26.08 -30.62
CA PHE R 268 35.78 26.93 -31.01
C PHE R 268 36.82 25.91 -31.37
N ALA R 269 37.02 25.72 -32.67
CA ALA R 269 37.75 24.55 -33.18
C ALA R 269 39.12 24.95 -33.67
N VAL R 270 40.16 24.48 -32.98
CA VAL R 270 41.53 24.84 -33.36
C VAL R 270 42.19 23.73 -34.16
N HIS R 271 42.68 24.12 -35.33
CA HIS R 271 43.31 23.22 -36.28
C HIS R 271 44.79 23.14 -35.92
N ASP R 272 45.25 21.91 -35.66
CA ASP R 272 46.63 21.65 -35.28
C ASP R 272 47.39 21.30 -36.52
N LEU R 273 48.32 22.13 -36.95
CA LEU R 273 48.90 21.94 -38.29
C LEU R 273 49.89 20.78 -38.35
N GLU R 274 50.58 20.48 -37.26
CA GLU R 274 51.54 19.38 -37.22
C GLU R 274 50.89 18.01 -37.41
N GLU R 275 49.83 17.74 -36.65
CA GLU R 275 49.11 16.47 -36.80
C GLU R 275 47.89 16.56 -37.71
N ASP R 276 47.70 17.73 -38.33
CA ASP R 276 46.59 17.98 -39.26
C ASP R 276 45.22 17.50 -38.73
N THR R 277 44.92 17.79 -37.46
CA THR R 277 43.66 17.35 -36.89
C THR R 277 42.90 18.50 -36.26
N TRP R 278 41.58 18.42 -36.27
CA TRP R 278 40.72 19.47 -35.74
C TRP R 278 40.20 19.17 -34.33
N TYR R 279 40.67 19.92 -33.35
CA TYR R 279 40.27 19.70 -31.97
C TYR R 279 39.19 20.67 -31.53
N ALA R 280 38.28 20.26 -30.67
CA ALA R 280 37.39 21.24 -30.07
C ALA R 280 38.05 21.72 -28.80
N THR R 281 38.59 22.93 -28.85
CA THR R 281 39.22 23.50 -27.68
C THR R 281 38.14 24.02 -26.72
N GLY R 282 37.09 24.61 -27.27
CA GLY R 282 36.01 25.09 -26.43
C GLY R 282 34.62 25.01 -27.02
N ILE R 283 33.62 25.14 -26.14
CA ILE R 283 32.23 25.32 -26.56
C ILE R 283 31.71 26.72 -26.21
N LEU R 284 31.00 27.37 -27.14
CA LEU R 284 30.52 28.73 -26.92
C LEU R 284 29.43 28.79 -25.85
N SER R 285 29.64 29.59 -24.81
CA SER R 285 28.61 29.81 -23.81
C SER R 285 27.86 31.10 -24.12
N PHE R 286 28.59 32.21 -24.11
CA PHE R 286 27.98 33.51 -24.28
C PHE R 286 27.98 33.98 -25.75
N ASP R 287 26.81 33.85 -26.37
CA ASP R 287 26.60 34.24 -27.75
C ASP R 287 25.91 35.56 -27.85
N LYS R 288 25.79 36.30 -26.74
CA LYS R 288 25.09 37.58 -26.76
C LYS R 288 25.88 38.80 -27.26
N SER R 289 27.20 38.69 -27.42
CA SER R 289 28.08 39.88 -27.54
C SER R 289 27.98 40.69 -28.83
N CYS R 290 27.98 40.02 -29.97
CA CYS R 290 27.70 40.66 -31.26
C CYS R 290 28.52 41.90 -31.65
N ALA R 291 27.85 42.90 -32.17
CA ALA R 291 28.59 44.10 -32.48
C ALA R 291 29.22 44.65 -31.19
N VAL R 292 28.37 44.74 -30.18
CA VAL R 292 28.59 45.73 -29.15
C VAL R 292 29.58 45.34 -28.07
N ALA R 293 29.85 44.04 -27.90
CA ALA R 293 30.54 43.57 -26.72
C ALA R 293 31.80 42.79 -27.06
N GLU R 294 32.94 43.33 -26.64
CA GLU R 294 34.23 42.88 -27.20
C GLU R 294 34.63 41.38 -27.14
N TYR R 295 34.04 40.55 -26.29
CA TYR R 295 34.46 39.14 -26.27
C TYR R 295 33.36 38.08 -26.12
N GLY R 296 33.27 37.16 -27.08
CA GLY R 296 32.46 35.98 -26.89
C GLY R 296 33.27 35.15 -25.94
N VAL R 297 32.62 34.28 -25.17
CA VAL R 297 33.33 33.54 -24.13
C VAL R 297 33.03 32.02 -24.16
N TYR R 298 34.08 31.20 -24.06
CA TYR R 298 33.96 29.78 -24.23
C TYR R 298 34.39 29.07 -22.96
N VAL R 299 33.79 27.91 -22.68
CA VAL R 299 34.28 26.99 -21.63
C VAL R 299 35.29 25.98 -22.21
N LYS R 300 36.49 25.98 -21.62
CA LYS R 300 37.57 25.12 -22.06
C LYS R 300 37.10 23.67 -22.04
N VAL R 301 37.41 22.92 -23.11
CA VAL R 301 36.90 21.56 -23.18
C VAL R 301 37.75 20.67 -22.31
N THR R 302 39.04 20.97 -22.24
CA THR R 302 39.96 20.25 -21.36
C THR R 302 39.47 20.18 -19.91
N SER R 303 38.72 21.19 -19.48
CA SER R 303 38.20 21.22 -18.12
C SER R 303 36.96 20.36 -17.89
N ILE R 304 36.15 20.11 -18.93
CA ILE R 304 35.05 19.15 -18.85
C ILE R 304 35.42 17.73 -19.30
N GLN R 305 36.71 17.47 -19.49
CA GLN R 305 37.21 16.18 -19.95
C GLN R 305 36.72 14.98 -19.16
N ASP R 306 37.14 14.90 -17.91
CA ASP R 306 36.88 13.69 -17.13
C ASP R 306 35.40 13.49 -16.89
N TRP R 307 34.61 14.55 -17.10
CA TRP R 307 33.17 14.41 -16.95
C TRP R 307 32.52 13.83 -18.21
N VAL R 308 33.02 14.21 -19.39
CA VAL R 308 32.35 13.78 -20.61
C VAL R 308 32.68 12.31 -20.81
N GLN R 309 33.93 11.95 -20.53
CA GLN R 309 34.34 10.55 -20.59
C GLN R 309 33.47 9.70 -19.69
N LYS R 310 33.30 10.18 -18.45
CA LYS R 310 32.47 9.52 -17.44
C LYS R 310 31.03 9.31 -17.88
N THR R 311 30.43 10.31 -18.50
CA THR R 311 29.03 10.23 -18.91
C THR R 311 28.84 9.24 -20.03
N ILE R 312 29.78 9.26 -21.01
CA ILE R 312 29.76 8.42 -22.22
C ILE R 312 29.55 6.96 -21.89
N ALA R 313 30.12 6.57 -20.74
CA ALA R 313 30.03 5.23 -20.21
C ALA R 313 28.59 4.78 -19.92
N GLU R 314 27.64 5.70 -19.88
CA GLU R 314 26.25 5.31 -19.72
C GLU R 314 25.38 5.77 -20.89
N ALA S 3 46.08 73.70 -19.70
CA ALA S 3 45.00 72.78 -19.36
C ALA S 3 43.82 72.90 -20.34
N ASP S 4 43.36 74.14 -20.55
CA ASP S 4 42.19 74.40 -21.40
C ASP S 4 42.55 74.78 -22.85
N GLU S 5 43.84 74.72 -23.17
CA GLU S 5 44.30 74.91 -24.53
C GLU S 5 44.04 73.61 -25.30
N SER S 6 44.40 72.47 -24.71
CA SER S 6 44.02 71.19 -25.28
C SER S 6 43.60 70.22 -24.19
N LEU S 7 42.32 69.81 -24.23
CA LEU S 7 41.76 68.95 -23.19
C LEU S 7 42.09 67.48 -23.41
N LYS S 8 42.18 67.06 -24.67
CA LYS S 8 42.46 65.65 -25.01
C LYS S 8 43.94 65.34 -24.82
N ASP S 9 44.78 66.37 -24.82
CA ASP S 9 46.17 66.19 -24.41
C ASP S 9 46.24 66.17 -22.89
N ALA S 10 45.34 66.92 -22.26
CA ALA S 10 45.33 67.02 -20.81
C ALA S 10 45.05 65.67 -20.17
N ILE S 11 44.10 64.91 -20.71
CA ILE S 11 43.72 63.67 -20.06
C ILE S 11 44.83 62.59 -20.15
N LYS S 12 45.88 62.88 -20.91
CA LYS S 12 46.98 61.95 -21.09
C LYS S 12 47.88 61.81 -19.85
N ASP S 13 47.82 62.77 -18.95
CA ASP S 13 48.56 62.68 -17.69
C ASP S 13 48.04 61.48 -16.88
N PRO S 14 48.91 60.50 -16.63
CA PRO S 14 48.53 59.26 -15.93
C PRO S 14 48.17 59.48 -14.46
N ALA S 15 48.59 60.61 -13.90
CA ALA S 15 48.38 60.85 -12.47
C ALA S 15 46.90 61.09 -12.18
N LEU S 16 46.12 61.32 -13.23
CA LEU S 16 44.74 61.77 -13.05
C LEU S 16 43.69 60.67 -13.18
N GLU S 17 44.10 59.42 -13.41
CA GLU S 17 43.10 58.41 -13.77
C GLU S 17 42.44 57.77 -12.55
N ASN S 18 41.11 57.91 -12.52
CA ASN S 18 40.27 57.38 -11.45
C ASN S 18 40.70 57.95 -10.10
N LYS S 19 41.26 59.15 -10.15
CA LYS S 19 41.61 59.91 -8.97
C LYS S 19 40.30 60.38 -8.33
N GLU S 20 40.30 60.62 -7.02
CA GLU S 20 39.09 61.06 -6.33
C GLU S 20 38.89 62.56 -6.45
N HIS S 21 37.76 62.95 -7.03
CA HIS S 21 37.31 64.33 -7.00
C HIS S 21 36.12 64.61 -6.03
N ASP S 22 35.64 63.59 -5.32
CA ASP S 22 34.36 63.69 -4.60
C ASP S 22 34.44 64.06 -3.12
N ILE S 23 35.65 64.31 -2.62
CA ILE S 23 35.82 64.65 -1.22
C ILE S 23 35.32 66.06 -0.88
N GLY S 24 34.51 66.17 0.16
CA GLY S 24 34.05 67.46 0.64
C GLY S 24 32.59 67.79 0.41
N PRO S 25 32.16 68.96 0.91
CA PRO S 25 30.79 69.48 0.80
C PRO S 25 30.51 70.03 -0.60
N ARG S 26 29.27 69.85 -1.07
CA ARG S 26 28.95 70.13 -2.46
C ARG S 26 27.48 70.48 -2.63
N GLU S 27 27.15 71.26 -3.64
CA GLU S 27 25.77 71.54 -3.97
C GLU S 27 25.49 70.97 -5.34
N GLN S 28 24.26 70.58 -5.62
CA GLN S 28 23.92 70.14 -6.98
C GLN S 28 23.04 71.14 -7.72
N VAL S 29 23.59 71.79 -8.73
CA VAL S 29 22.83 72.80 -9.45
C VAL S 29 22.55 72.40 -10.90
N ASN S 30 21.29 72.15 -11.24
CA ASN S 30 20.96 71.92 -12.64
C ASN S 30 21.34 73.16 -13.42
N PHE S 31 21.67 73.00 -14.70
CA PHE S 31 21.93 74.10 -15.59
C PHE S 31 21.32 73.82 -16.95
N GLN S 32 21.27 74.85 -17.80
CA GLN S 32 21.01 74.67 -19.21
C GLN S 32 22.24 75.09 -20.01
N LEU S 33 22.41 74.44 -21.18
CA LEU S 33 23.47 74.73 -22.13
C LEU S 33 22.82 75.20 -23.43
N LEU S 34 23.01 76.48 -23.79
CA LEU S 34 22.36 77.08 -24.96
C LEU S 34 23.35 77.74 -25.93
N ASP S 35 22.97 77.85 -27.20
CA ASP S 35 23.78 78.54 -28.21
C ASP S 35 23.40 80.03 -28.30
N LYS S 36 23.88 80.75 -29.31
CA LYS S 36 23.73 82.21 -29.34
C LYS S 36 22.32 82.66 -29.72
N ASN S 37 21.48 81.74 -30.15
CA ASN S 37 20.06 82.03 -30.31
C ASN S 37 19.19 81.58 -29.13
N ASN S 38 19.83 81.11 -28.06
CA ASN S 38 19.16 80.62 -26.85
C ASN S 38 18.28 79.37 -27.07
N GLU S 39 18.73 78.51 -27.97
CA GLU S 39 18.24 77.13 -28.07
C GLU S 39 19.36 76.19 -27.65
N THR S 40 18.97 75.03 -27.15
CA THR S 40 19.93 74.15 -26.49
C THR S 40 21.11 73.84 -27.41
N GLN S 41 22.30 73.79 -26.84
CA GLN S 41 23.44 73.40 -27.63
C GLN S 41 23.49 71.90 -27.52
N TYR S 42 23.00 71.23 -28.52
CA TYR S 42 22.76 69.79 -28.38
C TYR S 42 24.02 68.97 -28.27
N TYR S 43 25.13 69.38 -28.89
CA TYR S 43 26.34 68.61 -28.66
C TYR S 43 26.84 68.72 -27.24
N HIS S 44 26.88 69.95 -26.72
CA HIS S 44 27.28 70.17 -25.33
C HIS S 44 26.25 69.61 -24.37
N PHE S 45 24.99 69.71 -24.76
CA PHE S 45 23.89 69.21 -23.93
C PHE S 45 24.14 67.78 -23.58
N PHE S 46 24.54 67.04 -24.60
CA PHE S 46 24.75 65.60 -24.61
C PHE S 46 26.05 65.21 -23.95
N SER S 47 27.03 66.11 -23.98
CA SER S 47 28.35 65.78 -23.49
C SER S 47 28.61 66.11 -22.05
N ILE S 48 27.74 66.90 -21.40
CA ILE S 48 27.97 67.33 -20.02
C ILE S 48 26.85 66.99 -19.05
N LYS S 49 27.20 66.27 -17.99
CA LYS S 49 26.26 65.79 -16.99
C LYS S 49 25.49 66.88 -16.23
N ASP S 50 24.17 66.73 -16.23
CA ASP S 50 23.23 67.64 -15.57
C ASP S 50 22.44 66.93 -14.49
N PRO S 51 22.52 67.37 -13.22
CA PRO S 51 23.07 68.56 -12.59
C PRO S 51 24.58 68.60 -12.40
N ALA S 52 25.09 69.71 -11.89
CA ALA S 52 26.52 69.92 -11.77
C ALA S 52 26.95 70.02 -10.32
N ASP S 53 27.93 69.21 -9.94
CA ASP S 53 28.45 69.26 -8.59
C ASP S 53 29.23 70.56 -8.42
N VAL S 54 28.87 71.33 -7.40
CA VAL S 54 29.58 72.56 -7.08
C VAL S 54 30.24 72.45 -5.72
N TYR S 55 31.55 72.47 -5.68
CA TYR S 55 32.26 72.19 -4.44
C TYR S 55 32.61 73.46 -3.70
N TYR S 56 32.45 73.42 -2.38
CA TYR S 56 32.65 74.57 -1.53
C TYR S 56 34.12 74.69 -1.13
N THR S 57 34.62 75.92 -1.06
CA THR S 57 36.01 76.17 -0.65
C THR S 57 36.13 77.34 0.31
N LYS S 58 37.37 77.72 0.61
CA LYS S 58 37.63 78.89 1.44
C LYS S 58 37.25 80.17 0.71
N LYS S 59 37.61 80.25 -0.58
CA LYS S 59 37.51 81.51 -1.29
C LYS S 59 36.28 81.58 -2.24
N LYS S 60 36.31 80.89 -3.38
CA LYS S 60 35.11 80.84 -4.23
C LYS S 60 34.70 79.38 -4.48
N ALA S 61 33.41 79.17 -4.74
CA ALA S 61 32.88 77.83 -5.01
C ALA S 61 33.44 77.35 -6.32
N GLU S 62 33.84 76.08 -6.38
CA GLU S 62 34.40 75.55 -7.62
C GLU S 62 33.44 74.59 -8.30
N VAL S 63 32.97 74.95 -9.47
CA VAL S 63 32.07 74.09 -10.22
C VAL S 63 32.84 72.89 -10.82
N GLU S 64 32.24 71.71 -10.82
CA GLU S 64 32.87 70.57 -11.46
C GLU S 64 32.00 70.07 -12.60
N LEU S 65 32.61 69.93 -13.78
CA LEU S 65 31.91 69.53 -14.97
C LEU S 65 32.25 68.09 -15.41
N ASP S 66 31.22 67.33 -15.77
CA ASP S 66 31.37 65.94 -16.16
C ASP S 66 31.25 65.79 -17.69
N ILE S 67 32.35 65.57 -18.39
CA ILE S 67 32.27 65.59 -19.84
C ILE S 67 32.67 64.27 -20.48
N ASN S 68 31.79 63.66 -21.29
CA ASN S 68 32.19 62.42 -21.95
C ASN S 68 32.97 62.74 -23.23
N THR S 69 33.44 61.69 -23.90
CA THR S 69 34.31 61.76 -25.09
C THR S 69 35.41 62.79 -24.93
N ALA S 70 35.98 62.89 -23.74
CA ALA S 70 37.05 63.83 -23.47
C ALA S 70 38.20 63.73 -24.47
N SER S 71 38.45 62.52 -24.95
CA SER S 71 39.52 62.32 -25.93
C SER S 71 39.26 63.05 -27.24
N THR S 72 38.00 63.32 -27.57
CA THR S 72 37.69 64.10 -28.79
C THR S 72 37.45 65.57 -28.50
N TRP S 73 37.46 65.98 -27.23
CA TRP S 73 37.39 67.41 -26.89
C TRP S 73 38.75 68.09 -27.01
N LYS S 74 38.80 69.31 -27.54
CA LYS S 74 40.08 69.99 -27.66
C LYS S 74 40.17 71.28 -26.83
N LYS S 75 39.50 72.32 -27.30
CA LYS S 75 39.55 73.59 -26.61
C LYS S 75 38.36 73.66 -25.70
N PHE S 76 38.57 73.83 -24.40
CA PHE S 76 37.44 74.06 -23.53
C PHE S 76 37.78 75.21 -22.62
N GLU S 77 37.22 76.39 -22.91
CA GLU S 77 37.51 77.60 -22.17
C GLU S 77 36.24 78.05 -21.51
N VAL S 78 36.30 78.42 -20.22
CA VAL S 78 35.11 78.92 -19.56
C VAL S 78 35.29 80.35 -19.01
N TYR S 79 34.34 81.21 -19.37
CA TYR S 79 34.43 82.64 -19.12
C TYR S 79 33.33 83.15 -18.17
N GLU S 80 33.72 84.00 -17.23
CA GLU S 80 32.79 84.63 -16.32
C GLU S 80 32.92 86.15 -16.46
N ASN S 81 31.83 86.79 -16.89
CA ASN S 81 31.85 88.21 -17.26
C ASN S 81 32.89 88.55 -18.32
N ASN S 82 32.98 87.69 -19.34
CA ASN S 82 33.98 87.82 -20.40
C ASN S 82 35.42 87.93 -19.93
N GLN S 83 35.79 87.22 -18.86
CA GLN S 83 37.21 87.04 -18.57
C GLN S 83 37.53 85.59 -18.21
N LYS S 84 38.77 85.18 -18.48
CA LYS S 84 39.10 83.76 -18.49
C LYS S 84 39.18 83.19 -17.10
N LEU S 85 38.46 82.08 -16.87
CA LEU S 85 38.61 81.34 -15.62
C LEU S 85 39.73 80.33 -15.78
N PRO S 86 40.53 80.12 -14.71
CA PRO S 86 41.64 79.17 -14.69
C PRO S 86 41.15 77.72 -14.60
N VAL S 87 40.81 77.11 -15.74
CA VAL S 87 40.25 75.76 -15.74
C VAL S 87 41.34 74.71 -15.54
N ARG S 88 41.06 73.69 -14.74
CA ARG S 88 42.01 72.60 -14.54
C ARG S 88 41.31 71.23 -14.46
N LEU S 89 42.05 70.20 -14.84
CA LEU S 89 41.51 68.85 -14.87
C LEU S 89 41.84 68.15 -13.57
N VAL S 90 40.82 67.56 -12.94
CA VAL S 90 41.05 66.87 -11.67
C VAL S 90 41.09 65.33 -11.85
N SER S 91 40.02 64.70 -12.34
CA SER S 91 40.11 63.27 -12.65
C SER S 91 39.77 62.96 -14.10
N TYR S 92 40.28 61.83 -14.60
CA TYR S 92 39.86 61.30 -15.88
C TYR S 92 39.48 59.82 -15.79
N SER S 93 38.46 59.40 -16.53
CA SER S 93 38.04 58.00 -16.52
C SER S 93 38.28 57.35 -17.88
N PRO S 94 39.18 56.34 -17.95
CA PRO S 94 39.73 55.77 -19.19
C PRO S 94 38.69 55.12 -20.11
N VAL S 95 39.19 54.61 -21.23
CA VAL S 95 38.49 54.75 -22.53
C VAL S 95 37.07 54.16 -22.79
N PRO S 96 36.70 53.02 -22.14
CA PRO S 96 35.26 52.72 -22.25
C PRO S 96 34.41 53.83 -21.60
N GLU S 97 35.03 54.59 -20.70
CA GLU S 97 34.37 55.68 -20.00
C GLU S 97 34.63 57.02 -20.69
N ASP S 98 35.89 57.43 -20.76
CA ASP S 98 36.30 58.59 -21.53
C ASP S 98 35.60 59.83 -21.02
N HIS S 99 35.49 59.98 -19.70
CA HIS S 99 34.94 61.20 -19.05
C HIS S 99 36.03 62.06 -18.41
N ALA S 100 36.08 63.33 -18.74
CA ALA S 100 37.03 64.20 -18.05
C ALA S 100 36.31 65.04 -16.99
N TYR S 101 37.00 65.26 -15.87
CA TYR S 101 36.46 66.03 -14.77
C TYR S 101 37.28 67.30 -14.55
N ILE S 102 36.62 68.44 -14.72
CA ILE S 102 37.30 69.73 -14.58
C ILE S 102 36.64 70.63 -13.55
N ARG S 103 37.47 71.48 -12.94
CA ARG S 103 37.01 72.46 -11.95
C ARG S 103 37.53 73.87 -12.21
N PHE S 104 36.68 74.85 -11.92
CA PHE S 104 37.07 76.25 -12.00
C PHE S 104 36.32 77.07 -10.94
N PRO S 105 36.95 78.14 -10.41
CA PRO S 105 36.27 79.00 -9.43
C PRO S 105 35.21 79.89 -10.06
N VAL S 106 34.08 80.09 -9.42
CA VAL S 106 33.14 81.09 -9.89
C VAL S 106 32.81 82.12 -8.78
N SER S 107 32.73 83.38 -9.15
CA SER S 107 32.48 84.45 -8.19
C SER S 107 31.06 84.33 -7.69
N ASP S 108 30.87 84.52 -6.38
CA ASP S 108 29.56 84.47 -5.74
C ASP S 108 28.59 85.38 -6.49
N GLY S 109 27.44 84.85 -6.88
CA GLY S 109 26.46 85.63 -7.62
C GLY S 109 26.34 85.30 -9.11
N THR S 110 27.35 84.63 -9.66
CA THR S 110 27.35 84.18 -11.05
C THR S 110 26.19 83.25 -11.38
N GLN S 111 25.58 83.43 -12.54
CA GLN S 111 24.60 82.48 -13.04
C GLN S 111 24.95 82.04 -14.46
N GLU S 112 25.07 83.00 -15.36
CA GLU S 112 25.48 82.72 -16.74
C GLU S 112 26.98 82.40 -16.88
N LEU S 113 27.32 81.50 -17.79
CA LEU S 113 28.72 81.25 -18.11
C LEU S 113 28.96 81.08 -19.61
N LYS S 114 30.08 81.58 -20.08
CA LYS S 114 30.48 81.51 -21.50
C LYS S 114 31.44 80.34 -21.80
N ILE S 115 31.11 79.47 -22.75
CA ILE S 115 32.04 78.39 -23.08
C ILE S 115 32.48 78.46 -24.53
N VAL S 116 33.78 78.69 -24.72
CA VAL S 116 34.41 78.60 -26.04
C VAL S 116 35.07 77.21 -26.16
N SER S 117 34.51 76.36 -27.02
CA SER S 117 34.99 74.99 -27.10
C SER S 117 35.27 74.51 -28.54
N SER S 118 35.97 73.37 -28.68
CA SER S 118 36.11 72.71 -29.97
C SER S 118 36.31 71.19 -29.87
N THR S 119 35.79 70.46 -30.86
CA THR S 119 35.93 69.00 -30.91
C THR S 119 36.60 68.52 -32.22
N GLN S 120 37.66 67.74 -32.07
CA GLN S 120 38.44 67.18 -33.19
C GLN S 120 38.76 65.68 -33.00
N ILE S 121 38.37 64.85 -33.95
CA ILE S 121 38.66 63.41 -33.85
C ILE S 121 40.03 63.09 -34.46
N ASP S 122 40.96 62.61 -33.63
CA ASP S 122 42.33 62.35 -34.05
C ASP S 122 42.97 63.59 -34.72
N ASP S 123 43.37 63.47 -35.98
CA ASP S 123 43.99 64.56 -36.71
C ASP S 123 43.01 65.33 -37.59
N GLY S 124 41.76 64.90 -37.58
CA GLY S 124 40.81 65.37 -38.58
C GLY S 124 40.31 66.80 -38.42
N GLU S 125 39.18 67.09 -39.05
CA GLU S 125 38.55 68.39 -38.98
C GLU S 125 38.25 68.83 -37.54
N GLU S 126 38.72 70.01 -37.18
CA GLU S 126 38.42 70.60 -35.87
C GLU S 126 37.09 71.33 -35.95
N THR S 127 36.14 70.98 -35.08
CA THR S 127 34.86 71.68 -35.09
C THR S 127 34.80 72.73 -33.99
N ASN S 128 34.84 74.00 -34.36
CA ASN S 128 34.83 75.05 -33.37
C ASN S 128 33.42 75.37 -32.94
N TYR S 129 33.22 75.47 -31.62
CA TYR S 129 31.94 75.87 -31.05
C TYR S 129 32.13 77.22 -30.41
N ASP S 130 31.60 78.24 -31.06
CA ASP S 130 32.04 79.62 -30.84
C ASP S 130 31.71 80.13 -29.49
N TYR S 131 30.43 80.02 -29.20
CA TYR S 131 29.84 80.57 -28.00
C TYR S 131 28.88 79.51 -27.49
N THR S 132 29.01 79.17 -26.21
CA THR S 132 28.03 78.31 -25.58
C THR S 132 27.70 78.97 -24.24
N LYS S 133 26.43 79.24 -24.00
CA LYS S 133 26.03 79.89 -22.75
C LYS S 133 25.61 78.82 -21.76
N LEU S 134 26.27 78.77 -20.61
CA LEU S 134 25.83 77.88 -19.54
C LEU S 134 25.04 78.65 -18.48
N VAL S 135 23.78 78.23 -18.29
CA VAL S 135 22.88 78.91 -17.37
C VAL S 135 22.47 78.04 -16.18
N PHE S 136 23.02 78.33 -15.00
CA PHE S 136 22.62 77.57 -13.81
C PHE S 136 21.18 77.89 -13.47
N ALA S 137 20.41 76.87 -13.12
CA ALA S 137 18.99 77.09 -12.78
C ALA S 137 18.82 78.03 -11.56
N LYS S 138 19.88 78.20 -10.79
CA LYS S 138 19.92 79.16 -9.69
C LYS S 138 21.34 79.71 -9.54
N PRO S 139 21.50 80.93 -8.99
CA PRO S 139 22.85 81.50 -8.82
C PRO S 139 23.79 80.62 -7.98
N ILE S 140 25.10 80.81 -8.12
CA ILE S 140 26.06 80.05 -7.31
C ILE S 140 26.59 80.89 -6.16
N TYR S 141 26.48 80.38 -4.93
CA TYR S 141 27.06 81.05 -3.77
C TYR S 141 27.91 80.11 -2.92
N ASN S 142 29.15 80.51 -2.66
CA ASN S 142 30.03 79.74 -1.80
C ASN S 142 29.50 79.69 -0.36
N ASP S 143 29.81 78.59 0.33
CA ASP S 143 29.40 78.40 1.72
C ASP S 143 30.55 77.84 2.55
N PRO S 144 31.54 78.69 2.87
CA PRO S 144 32.72 78.25 3.62
C PRO S 144 32.38 77.66 4.99
N SER S 145 31.15 77.89 5.45
CA SER S 145 30.70 77.47 6.78
C SER S 145 30.66 75.93 6.93
N LEU S 146 30.87 75.18 5.85
CA LEU S 146 30.81 73.71 5.89
C LEU S 146 32.20 73.03 5.89
N ALA T 1 44.24 44.38 -87.15
CA ALA T 1 43.74 43.29 -86.29
C ALA T 1 42.41 42.73 -86.83
N GLU T 2 42.38 41.44 -87.18
CA GLU T 2 41.10 40.81 -87.59
C GLU T 2 40.87 39.41 -86.97
N GLY T 3 39.86 39.30 -86.12
CA GLY T 3 39.35 38.01 -85.64
C GLY T 3 38.39 37.13 -86.43
N LEU T 4 38.77 35.87 -86.69
CA LEU T 4 37.86 34.71 -86.81
C LEU T 4 38.60 33.51 -87.41
N LYS T 5 37.92 32.38 -87.48
CA LYS T 5 38.42 31.19 -88.17
C LYS T 5 37.32 30.13 -88.22
N THR T 6 37.72 28.88 -88.42
CA THR T 6 36.82 27.73 -88.28
C THR T 6 36.24 27.62 -86.88
N LYS T 7 35.18 26.80 -86.76
CA LYS T 7 34.45 26.56 -85.49
C LYS T 7 35.36 26.00 -84.39
N ASP T 8 36.59 25.68 -84.74
CA ASP T 8 37.58 25.37 -83.74
C ASP T 8 38.11 26.65 -83.10
N GLU T 9 38.74 27.51 -83.90
CA GLU T 9 39.42 28.70 -83.38
C GLU T 9 38.48 29.69 -82.64
N VAL T 10 37.17 29.54 -82.79
CA VAL T 10 36.24 30.31 -81.95
C VAL T 10 36.32 29.81 -80.51
N GLU T 11 36.32 28.50 -80.32
CA GLU T 11 36.34 27.96 -78.98
C GLU T 11 37.76 27.78 -78.45
N LYS T 12 38.77 27.85 -79.31
CA LYS T 12 40.14 27.91 -78.80
C LYS T 12 40.30 29.24 -78.09
N ALA T 13 39.59 30.23 -78.61
CA ALA T 13 39.54 31.55 -78.00
C ALA T 13 38.56 31.61 -76.81
N CYS T 14 37.39 31.00 -76.99
CA CYS T 14 36.37 30.96 -75.94
C CYS T 14 36.96 30.45 -74.65
N HIS T 15 37.77 29.42 -74.78
CA HIS T 15 38.44 28.87 -73.62
C HIS T 15 39.43 29.88 -73.08
N LEU T 16 39.97 30.73 -73.95
CA LEU T 16 40.95 31.70 -73.48
C LEU T 16 40.25 32.73 -72.61
N ALA T 17 39.19 33.31 -73.16
CA ALA T 17 38.39 34.30 -72.46
C ALA T 17 37.98 33.79 -71.11
N GLN T 18 37.62 32.52 -71.09
CA GLN T 18 37.13 31.94 -69.87
C GLN T 18 38.28 31.81 -68.90
N GLN T 19 39.43 31.37 -69.36
CA GLN T 19 40.54 31.26 -68.41
C GLN T 19 40.98 32.67 -68.07
N LEU T 20 41.16 33.47 -69.11
CA LEU T 20 41.56 34.86 -68.91
C LEU T 20 40.64 35.59 -67.94
N LYS T 21 39.34 35.29 -67.93
CA LYS T 21 38.46 35.95 -66.95
C LYS T 21 38.64 35.37 -65.57
N GLU T 22 38.70 34.04 -65.54
CA GLU T 22 38.81 33.31 -64.31
C GLU T 22 40.13 33.51 -63.55
N VAL T 23 41.12 34.24 -64.09
CA VAL T 23 42.34 34.44 -63.31
C VAL T 23 42.07 35.44 -62.21
N SER T 24 41.18 36.38 -62.48
CA SER T 24 40.88 37.42 -61.50
C SER T 24 40.02 36.89 -60.37
N ILE T 25 39.39 35.74 -60.61
CA ILE T 25 38.57 35.07 -59.61
C ILE T 25 39.45 34.16 -58.75
N THR T 26 40.02 33.16 -59.41
CA THR T 26 40.86 32.16 -58.73
C THR T 26 41.88 32.81 -57.80
N LEU T 27 42.63 33.78 -58.31
CA LEU T 27 43.67 34.43 -57.55
C LEU T 27 43.11 35.08 -56.31
N GLY T 28 41.82 35.42 -56.36
CA GLY T 28 41.13 35.98 -55.20
C GLY T 28 40.92 35.00 -54.05
N VAL T 29 40.31 33.86 -54.38
CA VAL T 29 40.14 32.75 -53.48
C VAL T 29 41.46 32.39 -52.86
N ILE T 30 42.52 32.53 -53.61
CA ILE T 30 43.81 32.14 -53.07
C ILE T 30 44.29 33.17 -52.05
N TYR T 31 44.01 34.45 -52.24
CA TYR T 31 44.56 35.42 -51.32
C TYR T 31 43.92 35.14 -49.96
N ARG T 32 42.64 34.80 -50.02
CA ARG T 32 41.83 34.64 -48.84
C ARG T 32 42.19 33.34 -48.16
N THR T 33 42.63 32.39 -48.97
CA THR T 33 43.24 31.18 -48.46
C THR T 33 44.33 31.48 -47.43
N THR T 34 44.97 32.65 -47.55
CA THR T 34 45.99 33.10 -46.62
C THR T 34 45.59 34.10 -45.52
N GLU T 35 44.31 34.41 -45.35
CA GLU T 35 43.95 35.27 -44.21
C GLU T 35 44.37 34.60 -42.91
N ARG T 36 44.20 33.28 -42.86
CA ARG T 36 44.57 32.46 -41.72
C ARG T 36 45.96 32.77 -41.19
N HIS T 37 46.94 32.80 -42.07
CA HIS T 37 48.31 33.04 -41.66
C HIS T 37 48.49 34.47 -41.16
N SER T 38 47.72 35.40 -41.74
CA SER T 38 47.84 36.80 -41.39
C SER T 38 47.41 37.01 -39.95
N VAL T 39 46.21 36.53 -39.64
CA VAL T 39 45.64 36.65 -38.30
C VAL T 39 46.43 35.81 -37.30
N GLN T 40 47.05 34.73 -37.77
CA GLN T 40 47.80 33.85 -36.88
C GLN T 40 49.07 34.51 -36.45
N VAL T 41 49.72 35.14 -37.41
CA VAL T 41 50.98 35.78 -37.10
C VAL T 41 50.69 36.99 -36.20
N GLU T 42 49.48 37.53 -36.30
CA GLU T 42 49.09 38.64 -35.45
C GLU T 42 48.96 38.19 -34.00
N ALA T 43 48.33 37.06 -33.77
CA ALA T 43 48.14 36.58 -32.42
C ALA T 43 49.50 36.20 -31.83
N HIS T 44 50.47 35.88 -32.69
CA HIS T 44 51.82 35.55 -32.21
C HIS T 44 52.40 36.79 -31.57
N LYS T 45 52.15 37.93 -32.20
CA LYS T 45 52.57 39.20 -31.65
C LYS T 45 51.93 39.42 -30.29
N THR T 46 50.63 39.14 -30.19
CA THR T 46 49.89 39.36 -28.94
C THR T 46 50.56 38.58 -27.81
N ALA T 47 50.81 37.31 -28.08
CA ALA T 47 51.39 36.39 -27.09
C ALA T 47 52.83 36.75 -26.74
N ILE T 48 53.62 37.09 -27.76
CA ILE T 48 55.00 37.53 -27.54
C ILE T 48 55.02 38.74 -26.60
N ASP T 49 54.05 39.65 -26.76
CA ASP T 49 53.93 40.75 -25.82
C ASP T 49 53.73 40.19 -24.44
N LYS T 50 52.70 39.35 -24.30
CA LYS T 50 52.28 38.80 -23.01
C LYS T 50 53.43 38.12 -22.28
N HIS T 51 54.27 37.40 -23.03
CA HIS T 51 55.43 36.70 -22.46
C HIS T 51 56.47 37.66 -21.90
N ALA T 52 56.67 38.78 -22.60
CA ALA T 52 57.66 39.77 -22.17
C ALA T 52 57.36 40.28 -20.78
N ASP T 53 56.06 40.43 -20.48
CA ASP T 53 55.61 40.83 -19.17
C ASP T 53 55.60 39.66 -18.19
N ALA T 54 55.32 38.46 -18.70
CA ALA T 54 55.29 37.25 -17.87
C ALA T 54 56.64 37.00 -17.22
N VAL T 55 57.71 37.19 -17.99
CA VAL T 55 59.06 36.93 -17.51
C VAL T 55 59.75 38.19 -17.00
N SER T 56 59.02 39.31 -17.01
CA SER T 56 59.59 40.59 -16.64
C SER T 56 60.31 40.54 -15.29
N ARG T 57 59.64 39.94 -14.30
CA ARG T 57 60.18 39.82 -12.95
C ARG T 57 61.49 39.03 -12.93
N ALA T 58 61.59 38.01 -13.78
CA ALA T 58 62.76 37.15 -13.83
C ALA T 58 63.94 37.77 -14.58
N VAL T 59 63.64 38.65 -15.54
CA VAL T 59 64.71 39.35 -16.24
C VAL T 59 65.24 40.50 -15.40
N GLU T 60 64.32 41.23 -14.77
CA GLU T 60 64.68 42.32 -13.87
C GLU T 60 65.60 41.82 -12.77
N ALA T 61 65.35 40.58 -12.34
CA ALA T 61 66.19 39.94 -11.33
C ALA T 61 67.56 39.60 -11.90
N LEU T 62 67.57 39.00 -13.08
CA LEU T 62 68.82 38.58 -13.71
C LEU T 62 69.60 39.79 -14.18
N THR T 63 68.93 40.91 -14.33
CA THR T 63 69.61 42.17 -14.62
C THR T 63 70.36 42.62 -13.38
N ARG T 64 69.73 42.49 -12.22
CA ARG T 64 70.33 42.92 -10.95
C ARG T 64 71.67 42.23 -10.67
N VAL T 65 71.79 40.98 -11.12
CA VAL T 65 73.02 40.22 -10.90
C VAL T 65 74.07 40.59 -11.96
N ASP T 66 73.62 41.24 -13.02
CA ASP T 66 74.53 41.79 -14.02
C ASP T 66 75.12 43.10 -13.51
N VAL T 67 74.27 43.92 -12.91
CA VAL T 67 74.67 45.25 -12.46
C VAL T 67 75.37 45.20 -11.11
N ALA T 68 75.24 44.07 -10.42
CA ALA T 68 75.96 43.85 -9.17
C ALA T 68 77.24 43.04 -9.43
N LEU T 69 77.42 42.62 -10.67
CA LEU T 69 78.67 41.98 -11.11
C LEU T 69 79.57 43.04 -11.75
N GLN T 70 79.10 44.28 -11.73
CA GLN T 70 79.84 45.44 -12.25
C GLN T 70 80.66 46.14 -11.16
N ARG T 71 80.00 46.61 -10.10
CA ARG T 71 80.72 47.10 -8.92
C ARG T 71 81.56 45.97 -8.31
N LEU T 72 81.25 44.74 -8.72
CA LEU T 72 82.05 43.56 -8.40
C LEU T 72 83.20 43.35 -9.38
N LYS T 73 83.38 44.29 -10.32
CA LYS T 73 84.47 44.19 -11.28
C LYS T 73 85.74 44.78 -10.65
N GLU T 74 85.62 45.06 -9.35
CA GLU T 74 86.76 45.47 -8.54
C GLU T 74 87.30 44.28 -7.71
N LEU T 75 86.63 43.90 -6.61
CA LEU T 75 87.09 42.76 -5.81
C LEU T 75 86.36 41.44 -6.09
N GLY T 76 85.35 41.46 -6.94
CA GLY T 76 84.47 40.32 -7.09
C GLY T 76 84.73 39.39 -8.25
N LYS T 77 85.51 39.82 -9.24
CA LYS T 77 85.77 39.00 -10.43
C LYS T 77 86.58 37.75 -10.09
N ALA T 78 87.18 37.71 -8.90
CA ALA T 78 88.02 36.59 -8.52
C ALA T 78 87.41 35.78 -7.37
N ASN T 79 86.90 34.59 -7.70
CA ASN T 79 86.60 33.50 -6.76
C ASN T 79 86.06 33.95 -5.40
N ASP T 80 84.87 34.54 -5.41
CA ASP T 80 84.31 35.14 -4.19
C ASP T 80 83.54 34.10 -3.39
N THR T 81 83.67 32.82 -3.77
CA THR T 81 82.87 31.74 -3.19
C THR T 81 81.40 32.03 -3.48
N LYS T 82 80.65 32.48 -2.48
CA LYS T 82 79.21 32.67 -2.56
C LYS T 82 78.74 33.54 -3.74
N ALA T 83 79.67 34.20 -4.43
CA ALA T 83 79.37 34.92 -5.68
C ALA T 83 79.60 34.04 -6.92
N VAL T 84 80.83 33.59 -7.14
CA VAL T 84 81.17 32.78 -8.33
C VAL T 84 80.40 31.46 -8.43
N LYS T 85 79.77 31.05 -7.32
CA LYS T 85 78.92 29.87 -7.32
C LYS T 85 77.46 30.24 -7.65
N ILE T 86 77.18 31.53 -7.77
CA ILE T 86 75.87 31.99 -8.23
C ILE T 86 75.72 31.74 -9.73
N ILE T 87 76.74 32.12 -10.51
CA ILE T 87 76.74 31.92 -11.96
C ILE T 87 76.62 30.42 -12.27
N GLU T 88 76.89 29.59 -11.27
CA GLU T 88 76.72 28.15 -11.38
C GLU T 88 75.25 27.74 -11.27
N ASN T 89 74.47 28.49 -10.49
CA ASN T 89 73.04 28.21 -10.36
C ASN T 89 72.19 29.01 -11.35
N ILE T 90 72.83 29.98 -12.01
CA ILE T 90 72.21 30.78 -13.06
C ILE T 90 72.55 30.13 -14.40
N THR T 91 73.17 28.96 -14.33
CA THR T 91 73.61 28.25 -15.53
C THR T 91 72.49 28.14 -16.57
N SER T 92 71.36 27.54 -16.20
CA SER T 92 70.26 27.33 -17.11
C SER T 92 69.40 28.58 -17.30
N ALA T 93 69.39 29.44 -16.29
CA ALA T 93 68.61 30.68 -16.36
C ALA T 93 69.05 31.51 -17.56
N ARG T 94 70.36 31.74 -17.68
CA ARG T 94 70.88 32.53 -18.79
C ARG T 94 70.85 31.74 -20.09
N GLU T 95 70.75 30.42 -20.00
CA GLU T 95 70.58 29.61 -21.20
C GLU T 95 69.26 29.99 -21.85
N ASN T 96 68.17 29.86 -21.09
CA ASN T 96 66.84 30.10 -21.60
C ASN T 96 66.65 31.53 -22.08
N LEU T 97 67.16 32.48 -21.30
CA LEU T 97 67.06 33.89 -21.64
C LEU T 97 67.75 34.14 -22.97
N ALA T 98 68.82 33.40 -23.23
CA ALA T 98 69.48 33.48 -24.51
C ALA T 98 68.56 32.94 -25.60
N LEU T 99 67.92 31.81 -25.35
CA LEU T 99 66.98 31.21 -26.29
C LEU T 99 65.77 32.09 -26.50
N PHE T 100 65.32 32.76 -25.44
CA PHE T 100 64.15 33.61 -25.49
C PHE T 100 64.31 34.77 -26.47
N ASN T 101 65.31 35.61 -26.24
CA ASN T 101 65.56 36.76 -27.10
C ASN T 101 66.03 36.33 -28.48
N ASN T 102 66.34 35.04 -28.62
CA ASN T 102 66.64 34.46 -29.91
C ASN T 102 65.36 34.06 -30.64
N GLU T 103 64.61 33.13 -30.06
CA GLU T 103 63.40 32.59 -30.66
C GLU T 103 62.25 33.61 -30.83
N THR T 104 62.08 34.51 -29.85
CA THR T 104 61.07 35.56 -29.97
C THR T 104 61.33 36.40 -31.22
N GLN T 105 62.58 36.80 -31.40
CA GLN T 105 62.99 37.58 -32.56
C GLN T 105 62.69 36.87 -33.87
N ALA T 106 62.76 35.53 -33.84
CA ALA T 106 62.53 34.71 -35.01
C ALA T 106 61.07 34.75 -35.45
N VAL T 107 60.15 34.67 -34.49
CA VAL T 107 58.73 34.74 -34.81
C VAL T 107 58.38 36.16 -35.19
N LEU T 108 59.21 37.12 -34.77
CA LEU T 108 59.05 38.51 -35.16
C LEU T 108 59.47 38.69 -36.61
N THR T 109 60.59 38.09 -36.99
CA THR T 109 61.04 38.19 -38.36
C THR T 109 60.11 37.36 -39.27
N ALA T 110 59.77 36.15 -38.84
CA ALA T 110 58.78 35.33 -39.53
C ALA T 110 57.51 36.12 -39.78
N ARG T 111 57.13 36.87 -38.76
CA ARG T 111 55.98 37.76 -38.82
C ARG T 111 56.13 38.78 -39.94
N ASP T 112 57.21 39.56 -39.87
CA ASP T 112 57.42 40.61 -40.82
C ASP T 112 57.38 40.05 -42.23
N HIS T 113 58.01 38.89 -42.43
CA HIS T 113 58.09 38.27 -43.76
C HIS T 113 56.71 37.87 -44.28
N VAL T 114 55.85 37.39 -43.36
CA VAL T 114 54.59 36.82 -43.82
C VAL T 114 53.71 37.94 -44.37
N HIS T 115 53.79 39.13 -43.77
CA HIS T 115 53.03 40.28 -44.27
C HIS T 115 53.53 40.70 -45.64
N LYS T 116 54.84 40.94 -45.76
CA LYS T 116 55.43 41.36 -47.01
C LYS T 116 55.02 40.44 -48.15
N HIS T 117 55.18 39.13 -47.94
CA HIS T 117 54.81 38.15 -48.95
C HIS T 117 53.31 38.26 -49.24
N ARG T 118 52.52 38.35 -48.18
CA ARG T 118 51.08 38.51 -48.35
C ARG T 118 50.77 39.81 -49.10
N ALA T 119 51.65 40.81 -48.98
CA ALA T 119 51.51 42.06 -49.72
C ALA T 119 51.87 41.82 -51.19
N ALA T 120 53.01 41.18 -51.42
CA ALA T 120 53.41 40.82 -52.78
C ALA T 120 52.36 39.90 -53.38
N ALA T 121 51.79 39.04 -52.56
CA ALA T 121 50.64 38.25 -52.97
C ALA T 121 49.56 39.19 -53.48
N LEU T 122 49.22 40.15 -52.61
CA LEU T 122 48.15 41.10 -52.86
C LEU T 122 48.41 41.90 -54.12
N GLN T 123 49.60 42.44 -54.21
CA GLN T 123 49.96 43.27 -55.34
C GLN T 123 49.75 42.49 -56.62
N GLY T 124 50.37 41.32 -56.67
CA GLY T 124 50.25 40.42 -57.80
C GLY T 124 48.82 40.14 -58.20
N TRP T 125 47.96 39.91 -57.21
CA TRP T 125 46.54 39.71 -57.50
C TRP T 125 46.02 40.92 -58.30
N SER T 126 46.16 42.13 -57.75
CA SER T 126 45.52 43.32 -58.33
C SER T 126 45.93 43.59 -59.76
N ASP T 127 47.22 43.38 -60.04
CA ASP T 127 47.75 43.50 -61.39
C ASP T 127 47.04 42.53 -62.30
N ALA T 128 47.13 41.25 -61.98
CA ALA T 128 46.62 40.19 -62.85
C ALA T 128 45.10 40.27 -62.98
N LYS T 129 44.44 41.03 -62.11
CA LYS T 129 43.04 41.30 -62.37
C LYS T 129 42.95 42.26 -63.56
N GLU T 130 43.75 43.32 -63.57
CA GLU T 130 43.77 44.28 -64.70
C GLU T 130 44.09 43.59 -66.00
N LYS T 131 45.31 43.09 -66.07
CA LYS T 131 45.86 42.43 -67.22
C LYS T 131 44.90 41.36 -67.73
N GLY T 132 44.49 40.45 -66.86
CA GLY T 132 43.51 39.44 -67.20
C GLY T 132 42.14 39.96 -67.66
N ASP T 133 41.54 40.89 -66.90
CA ASP T 133 40.23 41.44 -67.26
C ASP T 133 40.32 42.20 -68.56
N ALA T 134 41.41 42.94 -68.72
CA ALA T 134 41.69 43.61 -69.96
C ALA T 134 41.66 42.57 -71.06
N ALA T 135 42.63 41.68 -71.02
CA ALA T 135 42.84 40.66 -72.03
C ALA T 135 41.58 39.87 -72.35
N ALA T 136 40.88 39.40 -71.33
CA ALA T 136 39.67 38.63 -71.56
C ALA T 136 38.65 39.46 -72.32
N GLU T 137 38.71 40.77 -72.10
CA GLU T 137 37.76 41.70 -72.71
C GLU T 137 38.03 41.83 -74.19
N ASP T 138 39.31 41.88 -74.53
CA ASP T 138 39.74 41.98 -75.91
C ASP T 138 39.29 40.76 -76.69
N VAL T 139 39.54 39.58 -76.15
CA VAL T 139 39.28 38.37 -76.92
C VAL T 139 37.77 38.11 -76.86
N TRP T 140 37.06 38.99 -76.18
CA TRP T 140 35.61 38.95 -76.25
C TRP T 140 35.00 39.87 -77.29
N VAL T 141 35.81 40.77 -77.87
CA VAL T 141 35.30 41.60 -78.97
C VAL T 141 35.38 40.83 -80.27
N LEU T 142 36.29 39.86 -80.33
CA LEU T 142 36.34 38.90 -81.43
C LEU T 142 35.26 37.86 -81.23
N LEU T 143 35.00 37.53 -79.97
CA LEU T 143 34.02 36.50 -79.65
C LEU T 143 32.62 37.03 -79.92
N ASN T 144 32.40 38.31 -79.63
CA ASN T 144 31.12 38.94 -79.91
C ASN T 144 31.00 39.32 -81.39
N ALA T 145 32.13 39.60 -82.03
CA ALA T 145 32.15 39.87 -83.45
C ALA T 145 31.72 38.65 -84.24
N ALA T 146 32.08 37.47 -83.72
CA ALA T 146 31.73 36.20 -84.35
C ALA T 146 30.23 35.95 -84.23
N LYS T 147 29.62 36.56 -83.23
CA LYS T 147 28.17 36.67 -83.24
C LYS T 147 27.84 37.65 -84.37
N LYS T 148 27.04 37.20 -85.34
CA LYS T 148 26.73 37.92 -86.60
C LYS T 148 27.95 38.55 -87.32
N GLY T 149 28.98 37.74 -87.53
CA GLY T 149 30.21 38.16 -88.18
C GLY T 149 30.34 37.72 -89.63
N ASN T 150 29.20 37.51 -90.29
CA ASN T 150 29.07 36.97 -91.67
C ASN T 150 29.31 35.45 -91.66
N GLY T 151 29.94 34.97 -90.60
CA GLY T 151 29.80 33.59 -90.15
C GLY T 151 30.43 32.50 -91.00
N SER T 152 30.69 31.37 -90.35
CA SER T 152 30.76 30.09 -91.03
C SER T 152 29.42 29.41 -90.76
N ALA T 153 28.60 30.11 -89.97
CA ALA T 153 27.27 29.71 -89.53
C ALA T 153 27.29 28.47 -88.61
N ASP T 154 28.38 27.72 -88.61
CA ASP T 154 28.65 26.82 -87.50
C ASP T 154 29.62 27.53 -86.56
N VAL T 155 30.15 28.66 -87.02
CA VAL T 155 30.92 29.57 -86.17
C VAL T 155 29.96 30.46 -85.39
N LYS T 156 28.85 30.81 -86.04
CA LYS T 156 27.80 31.58 -85.40
C LYS T 156 27.29 30.80 -84.20
N ALA T 157 26.95 29.54 -84.44
CA ALA T 157 26.45 28.69 -83.37
C ALA T 157 27.46 28.56 -82.24
N ALA T 158 28.74 28.62 -82.62
CA ALA T 158 29.85 28.38 -81.69
C ALA T 158 30.17 29.57 -80.82
N ALA T 159 29.45 30.67 -81.02
CA ALA T 159 29.56 31.78 -80.10
C ALA T 159 28.45 31.65 -79.08
N GLU T 160 27.21 31.68 -79.53
CA GLU T 160 26.07 31.74 -78.59
C GLU T 160 26.04 30.58 -77.59
N LYS T 161 26.72 29.48 -77.92
CA LYS T 161 26.89 28.39 -76.96
C LYS T 161 27.86 28.76 -75.85
N CYS T 162 28.69 29.77 -76.10
CA CYS T 162 29.77 30.15 -75.16
C CYS T 162 29.24 30.95 -73.97
N SER T 163 29.80 30.71 -72.78
CA SER T 163 29.38 31.46 -71.59
C SER T 163 30.54 32.18 -70.89
N ARG T 164 30.22 33.24 -70.15
CA ARG T 164 31.23 34.21 -69.71
C ARG T 164 32.31 33.64 -68.79
N TYR T 165 31.92 32.79 -67.86
CA TYR T 165 32.85 32.26 -66.86
C TYR T 165 33.22 30.81 -67.15
N SER T 166 34.44 30.43 -66.81
CA SER T 166 34.84 29.01 -66.85
C SER T 166 34.04 28.22 -65.83
N SER T 167 34.01 26.90 -65.96
CA SER T 167 33.28 26.10 -65.00
C SER T 167 34.12 25.83 -63.78
N SER T 168 35.43 26.09 -63.89
CA SER T 168 36.39 25.69 -62.87
C SER T 168 37.48 26.72 -62.58
N SER T 169 38.37 26.42 -61.65
CA SER T 169 39.47 27.33 -61.31
C SER T 169 40.56 27.27 -62.36
N THR T 170 41.68 27.97 -62.14
CA THR T 170 42.81 27.88 -63.08
C THR T 170 44.18 27.64 -62.49
N SER T 171 44.86 26.60 -62.95
CA SER T 171 46.25 26.42 -62.59
C SER T 171 47.06 27.45 -63.35
N GLU T 172 48.36 27.49 -63.08
CA GLU T 172 49.28 28.10 -64.02
C GLU T 172 49.19 27.22 -65.26
N THR T 173 49.01 25.92 -65.02
CA THR T 173 48.96 24.92 -66.08
C THR T 173 47.86 25.20 -67.08
N GLU T 174 46.63 25.15 -66.61
CA GLU T 174 45.47 25.41 -67.47
C GLU T 174 45.61 26.68 -68.30
N LEU T 175 46.15 27.73 -67.67
CA LEU T 175 46.31 29.04 -68.29
C LEU T 175 47.25 28.98 -69.52
N GLN T 176 48.46 28.48 -69.33
CA GLN T 176 49.43 28.32 -70.41
C GLN T 176 48.87 27.42 -71.51
N LYS T 177 48.16 26.39 -71.10
CA LYS T 177 47.46 25.48 -71.99
C LYS T 177 46.31 26.18 -72.71
N ALA T 178 45.84 27.28 -72.17
CA ALA T 178 44.86 28.10 -72.89
C ALA T 178 45.56 29.05 -73.87
N ILE T 179 46.72 29.57 -73.47
CA ILE T 179 47.57 30.39 -74.32
C ILE T 179 48.16 29.54 -75.43
N ASP T 180 48.53 28.30 -75.08
CA ASP T 180 49.06 27.32 -76.03
C ASP T 180 48.13 27.07 -77.18
N ALA T 181 46.94 26.54 -76.91
CA ALA T 181 45.97 26.31 -77.97
C ALA T 181 45.67 27.61 -78.78
N ALA T 182 45.90 28.76 -78.14
CA ALA T 182 45.63 30.08 -78.72
C ALA T 182 46.72 30.63 -79.64
N ALA T 183 47.97 30.38 -79.30
CA ALA T 183 49.11 30.89 -80.05
C ALA T 183 49.09 30.41 -81.50
N ASN T 184 49.32 29.10 -81.68
CA ASN T 184 49.59 28.48 -82.98
C ASN T 184 48.55 28.68 -84.11
N VAL T 185 47.38 28.08 -83.92
CA VAL T 185 46.22 28.35 -84.75
C VAL T 185 45.73 29.72 -84.33
N GLY T 186 45.20 30.48 -85.27
CA GLY T 186 44.64 31.76 -84.91
C GLY T 186 45.63 32.67 -84.21
N GLY T 187 46.75 32.95 -84.88
CA GLY T 187 47.69 34.00 -84.48
C GLY T 187 46.97 35.31 -84.69
N LEU T 188 45.71 35.13 -85.08
CA LEU T 188 44.64 36.09 -85.09
C LEU T 188 44.70 36.98 -83.86
N SER T 189 45.05 36.36 -82.75
CA SER T 189 45.31 37.12 -81.54
C SER T 189 46.65 37.85 -81.68
N ALA T 190 47.77 37.11 -81.68
CA ALA T 190 49.09 37.73 -81.72
C ALA T 190 49.23 38.81 -80.65
N HIS T 191 48.52 38.60 -79.55
CA HIS T 191 48.60 39.44 -78.35
C HIS T 191 49.52 38.79 -77.33
N LYS T 192 50.11 37.65 -77.68
CA LYS T 192 50.70 36.72 -76.72
C LYS T 192 51.69 37.34 -75.73
N SER T 193 52.25 38.50 -76.06
CA SER T 193 53.12 39.17 -75.11
C SER T 193 52.35 39.74 -73.92
N LYS T 194 51.07 40.02 -74.10
CA LYS T 194 50.27 40.47 -72.96
C LYS T 194 49.77 39.30 -72.13
N TYR T 195 49.38 38.20 -72.78
CA TYR T 195 49.03 37.01 -72.03
C TYR T 195 50.21 36.58 -71.17
N GLY T 196 51.40 36.91 -71.64
CA GLY T 196 52.61 36.64 -70.89
C GLY T 196 52.59 37.35 -69.57
N ASP T 197 52.09 38.58 -69.55
CA ASP T 197 51.95 39.34 -68.31
C ASP T 197 51.01 38.66 -67.34
N VAL T 198 49.77 38.40 -67.76
CA VAL T 198 48.75 37.90 -66.83
C VAL T 198 49.20 36.59 -66.20
N LEU T 199 49.98 35.82 -66.93
CA LEU T 199 50.54 34.61 -66.39
C LEU T 199 51.68 34.95 -65.46
N ASN T 200 52.53 35.89 -65.85
CA ASN T 200 53.68 36.21 -65.03
C ASN T 200 53.28 36.92 -63.73
N LYS T 201 52.16 37.61 -63.74
CA LYS T 201 51.71 38.22 -62.51
C LYS T 201 51.05 37.10 -61.70
N PHE T 202 50.36 36.21 -62.40
CA PHE T 202 49.77 35.05 -61.77
C PHE T 202 50.89 34.31 -61.06
N LYS T 203 51.85 33.81 -61.81
CA LYS T 203 52.95 33.04 -61.23
C LYS T 203 53.52 33.76 -60.02
N LEU T 204 53.85 35.03 -60.22
CA LEU T 204 54.39 35.90 -59.18
C LEU T 204 53.53 35.94 -57.92
N SER T 205 52.22 35.93 -58.11
CA SER T 205 51.25 36.02 -57.02
C SER T 205 51.15 34.76 -56.15
N ASN T 206 50.87 33.63 -56.81
CA ASN T 206 50.92 32.29 -56.23
C ASN T 206 52.25 32.08 -55.55
N ALA T 207 53.31 32.60 -56.17
CA ALA T 207 54.65 32.47 -55.63
C ALA T 207 54.66 32.93 -54.20
N SER T 208 53.99 34.04 -53.96
CA SER T 208 54.00 34.68 -52.67
C SER T 208 53.02 34.03 -51.69
N VAL T 209 51.89 33.53 -52.20
CA VAL T 209 50.97 32.74 -51.37
C VAL T 209 51.72 31.55 -50.73
N GLY T 210 52.30 30.73 -51.59
CA GLY T 210 53.18 29.67 -51.15
C GLY T 210 54.22 30.19 -50.19
N ALA T 211 54.75 31.38 -50.46
CA ALA T 211 55.76 31.94 -49.60
C ALA T 211 55.25 32.12 -48.18
N VAL T 212 53.97 32.48 -48.00
CA VAL T 212 53.49 32.73 -46.64
C VAL T 212 53.21 31.40 -45.92
N ARG T 213 52.58 30.42 -46.58
CA ARG T 213 52.37 29.12 -45.94
C ARG T 213 53.72 28.60 -45.46
N ASP T 214 54.71 28.64 -46.34
CA ASP T 214 56.06 28.24 -45.96
C ASP T 214 56.59 29.08 -44.80
N THR T 215 56.46 30.40 -44.91
CA THR T 215 57.13 31.28 -43.96
C THR T 215 56.35 31.39 -42.65
N SER T 216 55.03 31.16 -42.70
CA SER T 216 54.21 31.19 -41.47
C SER T 216 54.35 29.88 -40.70
N GLY T 217 54.61 28.81 -41.43
CA GLY T 217 54.79 27.51 -40.82
C GLY T 217 55.99 27.51 -39.89
N ARG T 218 57.09 28.07 -40.36
CA ARG T 218 58.31 28.07 -39.57
C ARG T 218 58.19 29.06 -38.44
N GLY T 219 57.21 29.96 -38.58
CA GLY T 219 56.84 30.88 -37.50
C GLY T 219 56.22 30.15 -36.31
N GLY T 220 55.19 29.37 -36.58
CA GLY T 220 54.54 28.55 -35.57
C GLY T 220 55.49 27.58 -34.92
N LYS T 221 56.47 27.09 -35.67
CA LYS T 221 57.54 26.27 -35.11
C LYS T 221 58.24 27.06 -34.03
N HIS T 222 58.68 28.25 -34.41
CA HIS T 222 59.43 29.11 -33.50
C HIS T 222 58.58 29.54 -32.32
N MET T 223 57.30 29.83 -32.54
CA MET T 223 56.43 30.26 -31.46
C MET T 223 56.32 29.18 -30.41
N GLU T 224 56.18 27.93 -30.84
CA GLU T 224 56.11 26.84 -29.88
C GLU T 224 57.36 26.80 -29.01
N LYS T 225 58.52 26.98 -29.63
CA LYS T 225 59.76 27.06 -28.88
C LYS T 225 59.77 28.27 -27.95
N VAL T 226 59.01 29.29 -28.29
CA VAL T 226 58.92 30.47 -27.44
C VAL T 226 58.16 30.14 -26.16
N ASN T 227 56.95 29.59 -26.30
CA ASN T 227 56.07 29.32 -25.15
C ASN T 227 56.75 28.46 -24.09
N ASN T 228 57.50 27.45 -24.55
CA ASN T 228 58.16 26.50 -23.66
C ASN T 228 59.19 27.15 -22.75
N VAL T 229 60.21 27.74 -23.36
CA VAL T 229 61.34 28.30 -22.62
C VAL T 229 60.90 29.47 -21.74
N ALA T 230 59.75 30.04 -22.05
CA ALA T 230 59.22 31.15 -21.26
C ALA T 230 58.68 30.64 -19.94
N LYS T 231 58.22 29.39 -19.94
CA LYS T 231 57.74 28.76 -18.72
C LYS T 231 58.89 28.47 -17.77
N LEU T 232 60.05 28.10 -18.33
CA LEU T 232 61.23 27.82 -17.52
C LEU T 232 61.66 29.07 -16.76
N LEU T 233 61.43 30.23 -17.35
CA LEU T 233 61.79 31.51 -16.73
C LEU T 233 60.78 31.95 -15.67
N LYS T 234 59.49 31.74 -15.94
CA LYS T 234 58.43 32.18 -15.03
C LYS T 234 58.42 31.34 -13.75
N ASP T 235 58.74 30.06 -13.88
CA ASP T 235 58.78 29.17 -12.74
C ASP T 235 60.11 29.24 -11.97
N ALA T 236 61.15 29.74 -12.64
CA ALA T 236 62.43 29.96 -11.99
C ALA T 236 62.52 31.39 -11.47
N GLU T 237 61.41 32.11 -11.59
CA GLU T 237 61.32 33.50 -11.13
C GLU T 237 61.64 33.67 -9.65
N VAL T 238 61.07 32.79 -8.83
CA VAL T 238 61.34 32.77 -7.39
C VAL T 238 62.82 32.47 -7.11
N SER T 239 63.35 31.46 -7.79
CA SER T 239 64.77 31.13 -7.75
C SER T 239 65.64 32.35 -7.99
N LEU T 240 65.52 32.92 -9.18
CA LEU T 240 66.27 34.11 -9.58
C LEU T 240 66.05 35.29 -8.63
N ALA T 241 64.85 35.37 -8.04
CA ALA T 241 64.49 36.47 -7.15
C ALA T 241 65.44 36.56 -5.96
N ALA T 242 65.69 35.41 -5.34
CA ALA T 242 66.60 35.35 -4.21
C ALA T 242 68.05 35.18 -4.66
N ALA T 243 68.25 34.98 -5.95
CA ALA T 243 69.59 34.80 -6.50
C ALA T 243 70.32 36.14 -6.63
N ALA T 244 69.59 37.17 -7.03
CA ALA T 244 70.16 38.50 -7.16
C ALA T 244 70.28 39.14 -5.80
N ALA T 245 69.35 38.80 -4.91
CA ALA T 245 69.34 39.35 -3.56
C ALA T 245 70.32 38.59 -2.66
N GLU T 246 70.94 37.55 -3.21
CA GLU T 246 71.97 36.80 -2.48
C GLU T 246 73.34 37.39 -2.78
N ILE T 247 73.34 38.41 -3.64
CA ILE T 247 74.55 39.16 -3.94
C ILE T 247 74.62 40.29 -2.90
N GLU T 248 73.71 40.21 -1.93
CA GLU T 248 73.60 41.12 -0.79
C GLU T 248 74.93 41.41 -0.09
N GLU T 249 75.67 40.36 0.27
CA GLU T 249 76.90 40.51 1.03
C GLU T 249 78.05 40.87 0.10
N VAL T 250 77.81 40.68 -1.19
CA VAL T 250 78.73 41.15 -2.22
C VAL T 250 78.69 42.67 -2.27
N LYS T 251 77.54 43.24 -1.90
CA LYS T 251 77.39 44.68 -1.75
C LYS T 251 78.04 45.19 -0.47
N ASN T 252 78.30 44.28 0.46
CA ASN T 252 79.05 44.60 1.66
C ASN T 252 80.53 44.62 1.38
N ALA T 253 80.92 43.97 0.28
CA ALA T 253 82.28 44.08 -0.23
C ALA T 253 82.48 45.45 -0.86
N HIS T 254 81.37 46.20 -0.99
CA HIS T 254 81.40 47.60 -1.43
C HIS T 254 81.25 48.53 -0.23
N GLU T 255 80.12 48.41 0.45
CA GLU T 255 79.78 49.25 1.62
C GLU T 255 80.86 49.28 2.71
N THR T 256 81.33 48.10 3.12
CA THR T 256 82.36 48.01 4.16
C THR T 256 83.71 48.51 3.66
N LYS T 257 83.83 48.67 2.34
CA LYS T 257 85.06 49.14 1.70
C LYS T 257 85.00 50.64 1.35
N ALA T 258 84.03 51.02 0.51
CA ALA T 258 83.97 52.35 -0.11
C ALA T 258 84.02 53.55 0.86
N GLN T 259 83.76 53.31 2.14
CA GLN T 259 83.83 54.37 3.15
C GLN T 259 85.26 54.73 3.59
N GLU T 260 86.07 53.71 3.88
CA GLU T 260 87.40 53.90 4.50
C GLU T 260 88.47 54.50 3.58
N GLU T 261 88.41 54.16 2.30
CA GLU T 261 89.38 54.61 1.30
C GLU T 261 90.82 54.25 1.72
N VAL U 1 -44.42 -30.75 -16.34
CA VAL U 1 -43.29 -30.04 -16.94
C VAL U 1 -42.03 -30.93 -16.98
N LEU U 2 -42.08 -32.06 -16.27
CA LEU U 2 -41.14 -33.19 -16.42
C LEU U 2 -39.66 -32.85 -16.23
N SER U 3 -39.30 -32.68 -14.95
CA SER U 3 -37.93 -32.48 -14.50
C SER U 3 -37.12 -33.71 -14.74
N PRO U 4 -35.80 -33.62 -14.59
CA PRO U 4 -35.04 -34.87 -14.56
C PRO U 4 -35.64 -35.91 -13.59
N ALA U 5 -36.05 -35.45 -12.39
CA ALA U 5 -36.62 -36.35 -11.42
C ALA U 5 -37.82 -37.05 -11.99
N ASP U 6 -38.78 -36.29 -12.49
CA ASP U 6 -39.95 -36.91 -13.11
C ASP U 6 -39.54 -37.95 -14.13
N LYS U 7 -38.69 -37.52 -15.05
CA LYS U 7 -38.32 -38.32 -16.21
C LYS U 7 -37.82 -39.67 -15.71
N THR U 8 -36.94 -39.64 -14.71
CA THR U 8 -36.42 -40.87 -14.09
C THR U 8 -37.53 -41.78 -13.58
N ASN U 9 -38.41 -41.22 -12.76
CA ASN U 9 -39.53 -41.97 -12.20
C ASN U 9 -40.39 -42.64 -13.24
N VAL U 10 -40.76 -41.91 -14.30
CA VAL U 10 -41.60 -42.48 -15.35
C VAL U 10 -40.93 -43.68 -16.04
N LYS U 11 -39.65 -43.54 -16.37
CA LYS U 11 -38.93 -44.63 -16.99
C LYS U 11 -38.87 -45.84 -16.04
N ALA U 12 -38.45 -45.58 -14.80
CA ALA U 12 -38.27 -46.63 -13.83
C ALA U 12 -39.60 -47.32 -13.55
N ALA U 13 -40.68 -46.57 -13.59
CA ALA U 13 -41.97 -47.17 -13.29
C ALA U 13 -42.53 -47.94 -14.49
N TRP U 14 -42.30 -47.41 -15.69
CA TRP U 14 -42.87 -47.99 -16.90
C TRP U 14 -42.05 -49.20 -17.32
N GLY U 15 -40.83 -49.24 -16.82
CA GLY U 15 -39.99 -50.42 -16.94
C GLY U 15 -40.61 -51.55 -16.14
N LYS U 16 -40.82 -51.30 -14.85
CA LYS U 16 -41.43 -52.31 -13.97
C LYS U 16 -42.78 -52.78 -14.52
N VAL U 17 -43.29 -52.09 -15.52
CA VAL U 17 -44.53 -52.48 -16.19
C VAL U 17 -44.19 -53.58 -17.19
N GLY U 18 -43.11 -53.38 -17.95
CA GLY U 18 -42.57 -54.40 -18.85
C GLY U 18 -43.54 -54.93 -19.91
N ALA U 19 -43.45 -56.23 -20.21
CA ALA U 19 -44.29 -56.84 -21.24
C ALA U 19 -45.80 -56.73 -20.94
N HIS U 20 -46.14 -56.38 -19.71
CA HIS U 20 -47.53 -56.21 -19.37
C HIS U 20 -48.07 -54.87 -19.90
N ALA U 21 -47.17 -54.02 -20.39
CA ALA U 21 -47.56 -52.74 -20.95
C ALA U 21 -48.74 -52.91 -21.91
N GLY U 22 -48.71 -53.96 -22.71
CA GLY U 22 -49.83 -54.23 -23.60
C GLY U 22 -51.11 -54.49 -22.83
N GLU U 23 -51.00 -55.39 -21.88
CA GLU U 23 -52.17 -55.93 -21.20
C GLU U 23 -52.80 -54.88 -20.28
N TYR U 24 -51.97 -53.96 -19.79
CA TYR U 24 -52.49 -52.85 -18.98
C TYR U 24 -53.28 -51.92 -19.85
N GLY U 25 -52.74 -51.61 -21.02
CA GLY U 25 -53.37 -50.72 -21.98
C GLY U 25 -54.82 -51.09 -22.23
N ALA U 26 -55.08 -52.39 -22.31
CA ALA U 26 -56.42 -52.89 -22.50
C ALA U 26 -57.25 -52.83 -21.23
N GLU U 27 -56.64 -53.22 -20.10
CA GLU U 27 -57.34 -53.15 -18.81
C GLU U 27 -57.76 -51.71 -18.56
N ALA U 28 -56.84 -50.78 -18.84
CA ALA U 28 -57.12 -49.34 -18.70
C ALA U 28 -58.33 -48.92 -19.53
N LEU U 29 -58.31 -49.20 -20.84
CA LEU U 29 -59.45 -48.86 -21.71
C LEU U 29 -60.74 -49.44 -21.18
N GLU U 30 -60.69 -50.68 -20.72
CA GLU U 30 -61.90 -51.36 -20.28
C GLU U 30 -62.55 -50.56 -19.18
N ARG U 31 -61.74 -50.17 -18.19
CA ARG U 31 -62.21 -49.35 -17.07
C ARG U 31 -62.92 -48.11 -17.57
N MET U 32 -62.33 -47.47 -18.59
CA MET U 32 -62.85 -46.23 -19.14
C MET U 32 -64.24 -46.40 -19.73
N PHE U 33 -64.44 -47.47 -20.49
CA PHE U 33 -65.74 -47.72 -21.09
C PHE U 33 -66.76 -48.11 -20.03
N LEU U 34 -66.29 -48.73 -18.95
CA LEU U 34 -67.16 -49.14 -17.85
C LEU U 34 -67.46 -47.99 -16.90
N SER U 35 -66.43 -47.20 -16.61
CA SER U 35 -66.60 -46.07 -15.69
C SER U 35 -67.29 -44.91 -16.40
N PHE U 36 -66.84 -44.55 -17.59
CA PHE U 36 -67.37 -43.39 -18.30
C PHE U 36 -67.92 -43.74 -19.69
N PRO U 37 -69.15 -44.26 -19.73
CA PRO U 37 -69.80 -44.85 -20.90
C PRO U 37 -69.83 -43.93 -22.11
N THR U 38 -69.61 -42.64 -21.89
CA THR U 38 -69.64 -41.68 -22.98
C THR U 38 -68.44 -41.86 -23.90
N THR U 39 -67.36 -42.42 -23.39
CA THR U 39 -66.17 -42.58 -24.21
C THR U 39 -66.37 -43.63 -25.28
N LYS U 40 -67.43 -44.43 -25.15
CA LYS U 40 -67.72 -45.49 -26.12
C LYS U 40 -68.15 -44.92 -27.48
N THR U 41 -68.63 -43.67 -27.49
CA THR U 41 -69.16 -43.07 -28.73
C THR U 41 -68.06 -42.74 -29.73
N TYR U 42 -66.81 -42.94 -29.33
CA TYR U 42 -65.69 -42.78 -30.25
C TYR U 42 -65.31 -44.12 -30.92
N PHE U 43 -65.85 -45.22 -30.39
CA PHE U 43 -65.51 -46.57 -30.84
C PHE U 43 -66.76 -47.35 -31.24
N PRO U 44 -67.47 -46.86 -32.26
CA PRO U 44 -68.78 -47.47 -32.57
C PRO U 44 -68.69 -48.95 -32.92
N HIS U 45 -67.79 -49.31 -33.83
CA HIS U 45 -67.81 -50.63 -34.45
C HIS U 45 -67.04 -51.66 -33.67
N PHE U 46 -66.34 -51.20 -32.64
CA PHE U 46 -65.59 -52.10 -31.78
C PHE U 46 -66.54 -52.93 -30.95
N ASP U 47 -66.16 -54.19 -30.75
CA ASP U 47 -66.82 -54.99 -29.73
C ASP U 47 -66.23 -54.51 -28.42
N LEU U 48 -67.05 -53.94 -27.56
CA LEU U 48 -66.55 -53.31 -26.34
C LEU U 48 -66.62 -54.21 -25.11
N SER U 49 -67.06 -55.45 -25.31
CA SER U 49 -67.32 -56.37 -24.20
C SER U 49 -66.04 -56.79 -23.50
N HIS U 50 -66.17 -57.68 -22.52
CA HIS U 50 -65.03 -58.05 -21.70
C HIS U 50 -64.00 -58.85 -22.51
N GLY U 51 -62.74 -58.42 -22.44
CA GLY U 51 -61.62 -59.12 -23.03
C GLY U 51 -61.75 -59.27 -24.54
N SER U 52 -62.53 -58.38 -25.15
CA SER U 52 -62.71 -58.40 -26.60
C SER U 52 -61.36 -58.31 -27.27
N ALA U 53 -61.12 -59.17 -28.26
CA ALA U 53 -59.89 -59.13 -29.06
C ALA U 53 -59.62 -57.74 -29.63
N GLN U 54 -60.70 -57.06 -30.04
CA GLN U 54 -60.62 -55.73 -30.61
C GLN U 54 -60.15 -54.69 -29.58
N VAL U 55 -60.73 -54.72 -28.37
CA VAL U 55 -60.26 -53.92 -27.24
C VAL U 55 -58.83 -54.26 -26.86
N LYS U 56 -58.55 -55.56 -26.80
CA LYS U 56 -57.27 -56.08 -26.30
C LYS U 56 -56.12 -55.65 -27.21
N GLY U 57 -56.39 -55.65 -28.52
CA GLY U 57 -55.38 -55.29 -29.50
C GLY U 57 -55.15 -53.80 -29.55
N HIS U 58 -56.25 -53.07 -29.59
CA HIS U 58 -56.19 -51.62 -29.52
C HIS U 58 -55.38 -51.10 -28.33
N GLY U 59 -55.51 -51.80 -27.19
CA GLY U 59 -54.70 -51.53 -26.01
C GLY U 59 -53.21 -51.70 -26.27
N LYS U 60 -52.86 -52.63 -27.14
CA LYS U 60 -51.45 -52.82 -27.51
C LYS U 60 -50.93 -51.65 -28.32
N LYS U 61 -51.81 -51.00 -29.07
CA LYS U 61 -51.41 -49.80 -29.79
C LYS U 61 -51.15 -48.66 -28.81
N VAL U 62 -52.15 -48.39 -27.96
CA VAL U 62 -52.08 -47.33 -26.94
C VAL U 62 -50.91 -47.53 -25.99
N ALA U 63 -50.69 -48.77 -25.62
CA ALA U 63 -49.51 -49.11 -24.82
C ALA U 63 -48.23 -48.66 -25.51
N ASP U 64 -48.16 -48.92 -26.82
CA ASP U 64 -46.93 -48.72 -27.57
C ASP U 64 -46.68 -47.24 -27.78
N ALA U 65 -47.76 -46.51 -28.05
CA ALA U 65 -47.71 -45.06 -28.09
C ALA U 65 -47.04 -44.51 -26.84
N LEU U 66 -47.52 -44.97 -25.69
CA LEU U 66 -46.95 -44.57 -24.40
C LEU U 66 -45.48 -44.95 -24.25
N THR U 67 -45.14 -46.19 -24.61
CA THR U 67 -43.77 -46.66 -24.50
C THR U 67 -42.86 -45.80 -25.32
N ASN U 68 -43.38 -45.44 -26.49
CA ASN U 68 -42.66 -44.59 -27.43
C ASN U 68 -42.35 -43.30 -26.75
N ALA U 69 -43.37 -42.76 -26.08
CA ALA U 69 -43.30 -41.49 -25.41
C ALA U 69 -42.19 -41.51 -24.36
N VAL U 70 -42.09 -42.57 -23.58
CA VAL U 70 -41.03 -42.63 -22.57
C VAL U 70 -39.69 -42.99 -23.23
N ALA U 71 -39.76 -43.66 -24.39
CA ALA U 71 -38.56 -43.95 -25.18
C ALA U 71 -37.84 -42.67 -25.63
N HIS U 72 -38.57 -41.74 -26.23
CA HIS U 72 -38.03 -40.39 -26.28
C HIS U 72 -38.96 -39.50 -25.50
N VAL U 73 -38.65 -39.29 -24.23
CA VAL U 73 -39.55 -38.47 -23.44
C VAL U 73 -39.04 -37.04 -23.50
N ASP U 74 -37.81 -36.88 -23.94
CA ASP U 74 -37.22 -35.56 -23.95
C ASP U 74 -37.66 -34.79 -25.14
N ASP U 75 -38.17 -35.49 -26.15
CA ASP U 75 -39.00 -34.82 -27.14
C ASP U 75 -40.27 -35.64 -27.32
N MET U 76 -41.35 -35.27 -26.67
CA MET U 76 -42.64 -35.90 -26.95
C MET U 76 -43.38 -35.47 -28.23
N PRO U 77 -43.43 -34.15 -28.53
CA PRO U 77 -44.29 -33.77 -29.67
C PRO U 77 -43.82 -34.27 -31.04
N ASN U 78 -42.50 -34.37 -31.27
CA ASN U 78 -42.03 -35.02 -32.48
C ASN U 78 -42.46 -36.49 -32.51
N ALA U 79 -42.20 -37.19 -31.41
CA ALA U 79 -42.57 -38.60 -31.30
C ALA U 79 -44.06 -38.81 -31.51
N LEU U 80 -44.86 -37.97 -30.86
CA LEU U 80 -46.30 -38.17 -30.89
C LEU U 80 -46.98 -37.40 -32.01
N SER U 81 -46.17 -36.74 -32.84
CA SER U 81 -46.65 -35.86 -33.91
C SER U 81 -47.73 -36.46 -34.80
N ALA U 82 -47.50 -37.67 -35.31
CA ALA U 82 -48.48 -38.29 -36.17
C ALA U 82 -49.75 -38.58 -35.38
N LEU U 83 -49.62 -38.76 -34.07
CA LEU U 83 -50.78 -38.92 -33.20
C LEU U 83 -51.44 -37.58 -32.81
N SER U 84 -50.66 -36.50 -32.80
CA SER U 84 -51.20 -35.17 -32.56
C SER U 84 -52.38 -34.99 -33.48
N ASP U 85 -52.09 -35.17 -34.76
CA ASP U 85 -53.01 -34.86 -35.85
C ASP U 85 -54.13 -35.86 -35.93
N LEU U 86 -53.89 -37.08 -35.49
CA LEU U 86 -54.89 -38.11 -35.62
C LEU U 86 -56.09 -37.86 -34.71
N HIS U 87 -55.81 -37.54 -33.45
CA HIS U 87 -56.87 -37.30 -32.50
C HIS U 87 -57.42 -35.89 -32.65
N ALA U 88 -56.53 -34.93 -32.84
CA ALA U 88 -56.97 -33.55 -32.94
C ALA U 88 -57.92 -33.37 -34.12
N HIS U 89 -57.43 -33.67 -35.31
CA HIS U 89 -58.12 -33.32 -36.56
C HIS U 89 -59.06 -34.39 -37.09
N LYS U 90 -58.50 -35.54 -37.46
CA LYS U 90 -59.27 -36.60 -38.09
C LYS U 90 -60.38 -37.11 -37.17
N LEU U 91 -59.98 -37.58 -36.00
CA LEU U 91 -60.89 -38.21 -35.05
C LEU U 91 -61.68 -37.23 -34.17
N ARG U 92 -61.19 -35.98 -34.06
CA ARG U 92 -61.75 -34.93 -33.18
C ARG U 92 -62.19 -35.46 -31.79
N VAL U 93 -61.22 -35.81 -30.95
CA VAL U 93 -61.54 -36.32 -29.62
C VAL U 93 -61.59 -35.19 -28.60
N ASP U 94 -62.72 -35.05 -27.89
CA ASP U 94 -62.88 -33.96 -26.92
C ASP U 94 -61.89 -34.08 -25.77
N PRO U 95 -60.99 -33.08 -25.62
CA PRO U 95 -59.87 -33.11 -24.69
C PRO U 95 -60.20 -33.57 -23.27
N VAL U 96 -61.48 -33.53 -22.88
CA VAL U 96 -61.91 -34.04 -21.58
C VAL U 96 -61.71 -35.55 -21.49
N ASN U 97 -61.72 -36.20 -22.65
CA ASN U 97 -61.76 -37.66 -22.68
C ASN U 97 -60.41 -38.21 -22.30
N PHE U 98 -59.36 -37.51 -22.72
CA PHE U 98 -57.98 -37.92 -22.40
C PHE U 98 -57.75 -37.97 -20.90
N LYS U 99 -58.42 -37.10 -20.16
CA LYS U 99 -58.21 -37.01 -18.73
C LYS U 99 -58.89 -38.17 -17.99
N LEU U 100 -59.95 -38.68 -18.58
CA LEU U 100 -60.54 -39.91 -18.11
C LEU U 100 -59.54 -41.05 -18.23
N LEU U 101 -59.11 -41.33 -19.46
CA LEU U 101 -58.21 -42.43 -19.70
C LEU U 101 -56.91 -42.20 -18.94
N SER U 102 -56.48 -40.95 -18.82
CA SER U 102 -55.30 -40.64 -18.01
C SER U 102 -55.46 -41.28 -16.64
N HIS U 103 -56.65 -41.12 -16.09
CA HIS U 103 -56.96 -41.53 -14.72
C HIS U 103 -57.16 -43.03 -14.68
N CYS U 104 -57.93 -43.57 -15.60
CA CYS U 104 -57.98 -45.02 -15.75
C CYS U 104 -56.57 -45.66 -15.88
N LEU U 105 -55.68 -45.03 -16.64
CA LEU U 105 -54.29 -45.51 -16.70
C LEU U 105 -53.58 -45.39 -15.36
N LEU U 106 -54.03 -44.46 -14.53
CA LEU U 106 -53.48 -44.31 -13.19
C LEU U 106 -54.10 -45.35 -12.24
N VAL U 107 -55.41 -45.57 -12.37
CA VAL U 107 -56.05 -46.59 -11.54
C VAL U 107 -55.43 -47.93 -11.84
N THR U 108 -55.28 -48.23 -13.13
CA THR U 108 -54.70 -49.47 -13.62
C THR U 108 -53.29 -49.74 -13.13
N LEU U 109 -52.42 -48.75 -13.29
CA LEU U 109 -51.06 -48.88 -12.81
C LEU U 109 -51.04 -49.11 -11.31
N ALA U 110 -51.97 -48.48 -10.61
CA ALA U 110 -52.01 -48.59 -9.16
C ALA U 110 -52.25 -50.03 -8.80
N ALA U 111 -53.32 -50.60 -9.32
CA ALA U 111 -53.72 -51.96 -9.02
C ALA U 111 -52.57 -52.97 -9.24
N HIS U 112 -51.90 -52.91 -10.39
CA HIS U 112 -50.90 -53.92 -10.71
C HIS U 112 -49.54 -53.69 -10.05
N LEU U 113 -49.28 -52.46 -9.59
CA LEU U 113 -47.93 -52.13 -9.14
C LEU U 113 -47.82 -51.44 -7.81
N PRO U 114 -48.36 -52.06 -6.75
CA PRO U 114 -48.42 -51.35 -5.45
C PRO U 114 -47.09 -50.76 -4.98
N ALA U 115 -45.96 -51.45 -5.18
CA ALA U 115 -44.72 -50.99 -4.59
C ALA U 115 -44.10 -49.74 -5.21
N GLU U 116 -44.34 -49.45 -6.49
CA GLU U 116 -43.72 -48.28 -7.16
C GLU U 116 -44.59 -47.04 -7.14
N PHE U 117 -45.81 -47.17 -6.64
CA PHE U 117 -46.85 -46.16 -6.76
C PHE U 117 -46.75 -45.16 -5.62
N THR U 118 -45.57 -45.09 -5.00
CA THR U 118 -45.28 -44.07 -4.01
C THR U 118 -45.70 -42.70 -4.49
N PRO U 119 -46.09 -41.79 -3.59
CA PRO U 119 -46.62 -40.48 -4.00
C PRO U 119 -45.75 -39.77 -5.01
N ALA U 120 -44.43 -39.76 -4.79
CA ALA U 120 -43.48 -39.17 -5.74
C ALA U 120 -43.74 -39.65 -7.18
N VAL U 121 -43.95 -40.95 -7.36
CA VAL U 121 -44.19 -41.48 -8.69
C VAL U 121 -45.56 -41.09 -9.20
N HIS U 122 -46.54 -41.12 -8.31
CA HIS U 122 -47.91 -40.76 -8.66
C HIS U 122 -47.95 -39.37 -9.27
N ALA U 123 -47.10 -38.49 -8.75
CA ALA U 123 -46.88 -37.15 -9.28
C ALA U 123 -46.41 -37.21 -10.73
N SER U 124 -45.20 -37.71 -10.94
CA SER U 124 -44.58 -37.73 -12.26
C SER U 124 -45.28 -38.65 -13.22
N LEU U 125 -46.02 -39.66 -12.74
CA LEU U 125 -46.77 -40.46 -13.68
C LEU U 125 -47.91 -39.64 -14.26
N ASP U 126 -48.51 -38.78 -13.41
CA ASP U 126 -49.64 -37.93 -13.77
C ASP U 126 -49.23 -36.78 -14.65
N LYS U 127 -48.08 -36.20 -14.32
CA LYS U 127 -47.49 -35.17 -15.16
C LYS U 127 -47.26 -35.76 -16.53
N PHE U 128 -46.66 -36.96 -16.57
CA PHE U 128 -46.36 -37.63 -17.84
C PHE U 128 -47.61 -37.82 -18.69
N LEU U 129 -48.67 -38.41 -18.14
CA LEU U 129 -49.90 -38.49 -18.92
C LEU U 129 -50.54 -37.12 -19.17
N ALA U 130 -50.32 -36.16 -18.27
CA ALA U 130 -50.71 -34.79 -18.56
C ALA U 130 -49.97 -34.37 -19.81
N SER U 131 -48.64 -34.34 -19.70
CA SER U 131 -47.77 -33.95 -20.80
C SER U 131 -48.16 -34.64 -22.10
N VAL U 132 -48.44 -35.93 -22.04
CA VAL U 132 -48.86 -36.60 -23.25
C VAL U 132 -50.28 -36.16 -23.65
N SER U 133 -51.23 -36.23 -22.71
CA SER U 133 -52.62 -35.96 -23.04
C SER U 133 -52.82 -34.56 -23.58
N THR U 134 -51.96 -33.64 -23.16
CA THR U 134 -51.91 -32.31 -23.75
C THR U 134 -51.54 -32.33 -25.24
N VAL U 135 -50.39 -32.94 -25.56
CA VAL U 135 -49.80 -32.90 -26.92
C VAL U 135 -50.77 -33.37 -28.01
N LEU U 136 -51.60 -34.36 -27.66
CA LEU U 136 -52.60 -34.85 -28.58
C LEU U 136 -53.69 -33.81 -28.77
N THR U 137 -54.06 -33.16 -27.68
CA THR U 137 -55.14 -32.18 -27.69
C THR U 137 -54.81 -30.77 -28.20
N SER U 138 -53.57 -30.32 -28.05
CA SER U 138 -53.26 -28.94 -28.34
C SER U 138 -53.46 -28.53 -29.78
N LYS U 139 -53.69 -29.47 -30.69
CA LYS U 139 -54.04 -29.11 -32.07
C LYS U 139 -55.54 -29.15 -32.30
N TYR U 140 -56.30 -29.33 -31.23
CA TYR U 140 -57.76 -29.23 -31.29
C TYR U 140 -58.12 -27.83 -31.80
N ARG U 141 -59.27 -27.71 -32.45
CA ARG U 141 -59.78 -26.41 -32.90
C ARG U 141 -61.25 -26.55 -33.29
N VAL V 1 -77.01 -40.98 -7.20
CA VAL V 1 -77.52 -41.66 -8.41
C VAL V 1 -77.92 -43.10 -8.04
N HIS V 2 -78.63 -43.76 -8.96
CA HIS V 2 -79.03 -45.15 -8.77
C HIS V 2 -77.82 -46.08 -8.77
N LEU V 3 -77.91 -47.14 -7.99
CA LEU V 3 -76.86 -48.15 -7.93
C LEU V 3 -77.47 -49.54 -7.88
N THR V 4 -77.03 -50.40 -8.79
CA THR V 4 -77.47 -51.80 -8.79
C THR V 4 -77.07 -52.43 -7.46
N PRO V 5 -77.94 -53.29 -6.91
CA PRO V 5 -77.67 -53.96 -5.62
C PRO V 5 -76.29 -54.63 -5.51
N GLU V 6 -75.84 -55.28 -6.58
CA GLU V 6 -74.52 -55.92 -6.57
C GLU V 6 -73.40 -54.89 -6.75
N GLU V 7 -73.75 -53.70 -7.21
CA GLU V 7 -72.79 -52.60 -7.17
C GLU V 7 -72.60 -52.18 -5.74
N LYS V 8 -73.70 -51.82 -5.07
CA LYS V 8 -73.67 -51.37 -3.68
C LYS V 8 -73.07 -52.45 -2.79
N SER V 9 -73.33 -53.71 -3.13
CA SER V 9 -72.83 -54.82 -2.33
C SER V 9 -71.32 -54.96 -2.49
N ALA V 10 -70.84 -54.86 -3.73
CA ALA V 10 -69.41 -54.92 -3.99
C ALA V 10 -68.71 -53.70 -3.40
N VAL V 11 -69.41 -52.56 -3.43
CA VAL V 11 -68.91 -51.31 -2.86
C VAL V 11 -68.79 -51.37 -1.34
N THR V 12 -69.88 -51.69 -0.66
CA THR V 12 -69.88 -51.66 0.80
C THR V 12 -68.93 -52.73 1.34
N ALA V 13 -68.97 -53.92 0.74
CA ALA V 13 -68.12 -55.03 1.20
C ALA V 13 -66.65 -54.66 1.08
N LEU V 14 -66.31 -53.90 0.06
CA LEU V 14 -64.94 -53.46 -0.11
C LEU V 14 -64.63 -52.38 0.92
N TRP V 15 -65.58 -51.47 1.11
CA TRP V 15 -65.39 -50.35 2.03
C TRP V 15 -65.15 -50.86 3.44
N GLY V 16 -65.70 -52.03 3.73
CA GLY V 16 -65.42 -52.71 4.98
C GLY V 16 -63.93 -52.95 5.21
N LYS V 17 -63.24 -53.39 4.18
CA LYS V 17 -61.83 -53.73 4.33
C LYS V 17 -60.93 -52.48 4.37
N VAL V 18 -61.52 -51.31 4.16
CA VAL V 18 -60.73 -50.07 4.09
C VAL V 18 -60.26 -49.58 5.46
N ASN V 19 -58.95 -49.41 5.62
CA ASN V 19 -58.43 -48.95 6.91
C ASN V 19 -58.81 -47.50 7.17
N VAL V 20 -59.56 -47.26 8.24
CA VAL V 20 -60.15 -45.95 8.47
C VAL V 20 -59.22 -45.04 9.25
N ASP V 21 -58.08 -45.57 9.68
CA ASP V 21 -57.11 -44.71 10.34
C ASP V 21 -56.02 -44.26 9.37
N GLU V 22 -56.06 -44.77 8.13
CA GLU V 22 -54.99 -44.46 7.16
C GLU V 22 -55.43 -43.94 5.80
N VAL V 23 -56.26 -44.71 5.09
CA VAL V 23 -56.62 -44.44 3.70
C VAL V 23 -57.02 -43.00 3.41
N GLY V 24 -57.93 -42.45 4.18
CA GLY V 24 -58.38 -41.09 3.94
C GLY V 24 -57.27 -40.08 3.98
N GLY V 25 -56.32 -40.28 4.89
CA GLY V 25 -55.23 -39.35 5.05
C GLY V 25 -54.26 -39.52 3.92
N GLU V 26 -54.18 -40.73 3.37
CA GLU V 26 -53.28 -40.96 2.26
C GLU V 26 -53.83 -40.35 1.00
N ALA V 27 -55.15 -40.43 0.81
CA ALA V 27 -55.81 -39.79 -0.33
C ALA V 27 -55.58 -38.29 -0.25
N LEU V 28 -55.69 -37.73 0.94
CA LEU V 28 -55.54 -36.29 1.08
C LEU V 28 -54.13 -35.86 0.69
N GLY V 29 -53.13 -36.48 1.29
CA GLY V 29 -51.76 -36.06 1.08
C GLY V 29 -51.27 -36.29 -0.34
N ARG V 30 -51.97 -37.14 -1.07
CA ARG V 30 -51.53 -37.31 -2.42
C ARG V 30 -52.03 -36.11 -3.21
N LEU V 31 -53.29 -35.75 -3.01
CA LEU V 31 -53.85 -34.54 -3.58
C LEU V 31 -52.97 -33.33 -3.34
N LEU V 32 -52.48 -33.17 -2.14
CA LEU V 32 -51.58 -32.08 -1.86
C LEU V 32 -50.36 -32.13 -2.75
N VAL V 33 -49.88 -33.35 -3.01
CA VAL V 33 -48.65 -33.54 -3.77
C VAL V 33 -48.84 -33.47 -5.28
N VAL V 34 -49.88 -34.12 -5.78
CA VAL V 34 -50.16 -34.22 -7.22
C VAL V 34 -50.71 -32.91 -7.83
N TYR V 35 -51.56 -32.23 -7.08
CA TYR V 35 -52.15 -30.98 -7.49
C TYR V 35 -51.79 -29.91 -6.50
N PRO V 36 -50.54 -29.44 -6.52
CA PRO V 36 -50.00 -28.63 -5.41
C PRO V 36 -50.79 -27.36 -5.02
N TRP V 37 -51.72 -26.90 -5.84
CA TRP V 37 -52.39 -25.66 -5.49
C TRP V 37 -53.37 -25.81 -4.35
N THR V 38 -53.76 -27.03 -4.03
CA THR V 38 -54.67 -27.20 -2.91
C THR V 38 -53.94 -26.96 -1.60
N GLN V 39 -52.62 -27.03 -1.63
CA GLN V 39 -51.81 -26.82 -0.44
C GLN V 39 -52.16 -25.50 0.21
N ARG V 40 -52.61 -24.59 -0.63
CA ARG V 40 -52.99 -23.24 -0.23
C ARG V 40 -53.97 -23.18 0.93
N PHE V 41 -54.89 -24.13 0.96
CA PHE V 41 -55.91 -24.21 1.97
C PHE V 41 -55.42 -24.87 3.25
N PHE V 42 -54.43 -25.75 3.11
CA PHE V 42 -53.92 -26.54 4.23
C PHE V 42 -52.57 -26.14 4.84
N GLU V 43 -51.93 -25.06 4.39
CA GLU V 43 -50.55 -24.84 4.82
C GLU V 43 -50.39 -24.64 6.33
N SER V 44 -51.53 -24.49 7.02
CA SER V 44 -51.60 -24.47 8.47
C SER V 44 -51.10 -25.76 9.10
N PHE V 45 -50.96 -26.80 8.28
CA PHE V 45 -50.57 -28.11 8.77
C PHE V 45 -49.15 -28.15 9.26
N GLY V 46 -48.25 -27.57 8.47
CA GLY V 46 -46.83 -27.70 8.77
C GLY V 46 -46.16 -27.63 7.44
N ASP V 47 -44.98 -28.25 7.32
CA ASP V 47 -44.31 -28.31 6.02
C ASP V 47 -45.11 -29.20 5.09
N LEU V 48 -45.57 -28.60 3.98
CA LEU V 48 -46.19 -29.33 2.88
C LEU V 48 -45.34 -29.49 1.58
N SER V 49 -44.06 -29.16 1.62
CA SER V 49 -43.23 -29.02 0.41
C SER V 49 -42.85 -30.34 -0.30
N THR V 50 -42.15 -31.22 0.42
CA THR V 50 -41.78 -32.55 -0.03
C THR V 50 -42.97 -33.50 0.07
N PRO V 51 -42.95 -34.64 -0.68
CA PRO V 51 -44.02 -35.63 -0.51
C PRO V 51 -43.92 -36.36 0.83
N ASP V 52 -42.71 -36.53 1.34
CA ASP V 52 -42.54 -37.24 2.60
C ASP V 52 -43.09 -36.46 3.77
N ALA V 53 -42.82 -35.15 3.77
CA ALA V 53 -43.35 -34.27 4.80
C ALA V 53 -44.86 -34.37 4.78
N VAL V 54 -45.45 -34.17 3.60
CA VAL V 54 -46.90 -34.23 3.48
C VAL V 54 -47.44 -35.55 3.99
N MET V 55 -46.87 -36.64 3.49
CA MET V 55 -47.35 -37.96 3.87
C MET V 55 -47.11 -38.23 5.35
N GLY V 56 -45.99 -37.72 5.88
CA GLY V 56 -45.68 -37.85 7.28
C GLY V 56 -46.42 -36.92 8.23
N ASN V 57 -46.70 -35.68 7.79
CA ASN V 57 -47.22 -34.66 8.70
C ASN V 57 -48.48 -35.13 9.44
N PRO V 58 -48.42 -35.21 10.78
CA PRO V 58 -49.47 -35.84 11.58
C PRO V 58 -50.80 -35.14 11.49
N LYS V 59 -50.83 -33.89 11.03
CA LYS V 59 -52.11 -33.20 10.95
C LYS V 59 -52.81 -33.60 9.67
N VAL V 60 -52.04 -34.16 8.73
CA VAL V 60 -52.62 -34.55 7.45
C VAL V 60 -53.47 -35.81 7.56
N LYS V 61 -52.94 -36.88 8.17
CA LYS V 61 -53.73 -38.09 8.24
C LYS V 61 -54.84 -37.86 9.22
N ALA V 62 -54.54 -37.02 10.22
CA ALA V 62 -55.50 -36.61 11.24
C ALA V 62 -56.67 -35.99 10.53
N HIS V 63 -56.35 -35.17 9.54
CA HIS V 63 -57.37 -34.52 8.73
C HIS V 63 -58.05 -35.47 7.78
N GLY V 64 -57.26 -36.24 7.05
CA GLY V 64 -57.83 -37.21 6.13
C GLY V 64 -58.90 -38.09 6.76
N LYS V 65 -58.70 -38.47 8.02
CA LYS V 65 -59.62 -39.34 8.72
C LYS V 65 -61.02 -38.74 8.68
N LYS V 66 -61.10 -37.49 9.12
CA LYS V 66 -62.36 -36.75 9.13
C LYS V 66 -62.98 -36.70 7.73
N VAL V 67 -62.13 -36.54 6.71
CA VAL V 67 -62.56 -36.51 5.32
C VAL V 67 -63.04 -37.85 4.86
N LEU V 68 -62.26 -38.87 5.23
CA LEU V 68 -62.58 -40.26 4.94
C LEU V 68 -63.88 -40.64 5.59
N GLY V 69 -64.04 -40.21 6.84
CA GLY V 69 -65.29 -40.33 7.55
C GLY V 69 -66.38 -39.69 6.75
N ALA V 70 -66.19 -38.42 6.38
CA ALA V 70 -67.15 -37.70 5.54
C ALA V 70 -67.57 -38.52 4.31
N PHE V 71 -66.63 -39.22 3.69
CA PHE V 71 -66.97 -40.16 2.61
C PHE V 71 -67.74 -41.40 3.11
N SER V 72 -67.44 -41.89 4.31
CA SER V 72 -68.16 -43.05 4.84
C SER V 72 -69.66 -42.74 4.96
N ASP V 73 -69.96 -41.49 5.34
CA ASP V 73 -71.34 -41.03 5.51
C ASP V 73 -72.09 -41.10 4.19
N GLY V 74 -71.37 -40.89 3.10
CA GLY V 74 -71.95 -40.96 1.77
C GLY V 74 -72.44 -42.36 1.45
N LEU V 75 -71.55 -43.34 1.57
CA LEU V 75 -71.90 -44.74 1.35
C LEU V 75 -73.04 -45.17 2.25
N ALA V 76 -73.12 -44.55 3.44
CA ALA V 76 -74.19 -44.83 4.37
C ALA V 76 -75.52 -44.43 3.75
N HIS V 77 -75.68 -43.16 3.42
CA HIS V 77 -76.91 -42.76 2.78
C HIS V 77 -76.67 -42.19 1.38
N LEU V 78 -76.89 -43.01 0.36
CA LEU V 78 -76.57 -42.65 -1.02
C LEU V 78 -77.75 -42.06 -1.74
N ASP V 79 -78.92 -42.17 -1.12
CA ASP V 79 -80.12 -41.57 -1.67
C ASP V 79 -80.25 -40.09 -1.29
N ASN V 80 -79.94 -39.77 -0.03
CA ASN V 80 -79.82 -38.35 0.27
C ASN V 80 -78.35 -37.99 0.41
N LEU V 81 -77.74 -37.69 -0.73
CA LEU V 81 -76.35 -37.27 -0.80
C LEU V 81 -76.29 -35.78 -0.59
N LYS V 82 -77.25 -35.10 -1.22
CA LYS V 82 -77.37 -33.67 -1.11
C LYS V 82 -77.41 -33.29 0.35
N GLY V 83 -78.36 -33.89 1.06
CA GLY V 83 -78.61 -33.53 2.44
C GLY V 83 -77.48 -33.87 3.40
N THR V 84 -76.85 -35.02 3.20
CA THR V 84 -75.81 -35.49 4.11
C THR V 84 -74.66 -34.48 4.10
N PHE V 85 -74.35 -33.99 2.90
CA PHE V 85 -73.27 -33.03 2.68
C PHE V 85 -73.77 -31.59 2.61
N ALA V 86 -75.07 -31.38 2.85
CA ALA V 86 -75.66 -30.05 2.74
C ALA V 86 -74.90 -29.04 3.59
N THR V 87 -74.57 -29.40 4.82
CA THR V 87 -73.80 -28.51 5.67
C THR V 87 -72.35 -28.45 5.18
N LEU V 88 -71.73 -29.60 4.96
CA LEU V 88 -70.38 -29.59 4.42
C LEU V 88 -70.28 -28.71 3.17
N SER V 89 -71.33 -28.71 2.36
CA SER V 89 -71.36 -27.92 1.14
C SER V 89 -71.26 -26.44 1.48
N GLU V 90 -71.80 -26.08 2.64
CA GLU V 90 -71.75 -24.70 3.09
C GLU V 90 -70.33 -24.33 3.49
N LEU V 91 -69.61 -25.24 4.16
CA LEU V 91 -68.27 -24.92 4.62
C LEU V 91 -67.38 -24.58 3.43
N HIS V 92 -67.40 -25.43 2.40
CA HIS V 92 -66.50 -25.26 1.27
C HIS V 92 -66.96 -24.15 0.29
N CYS V 93 -68.24 -24.14 -0.06
CA CYS V 93 -68.72 -23.20 -1.06
C CYS V 93 -68.96 -21.78 -0.52
N ASP V 94 -69.70 -21.69 0.57
CA ASP V 94 -70.10 -20.38 1.11
C ASP V 94 -69.03 -19.70 1.96
N LYS V 95 -68.40 -20.44 2.87
CA LYS V 95 -67.34 -19.87 3.70
C LYS V 95 -65.94 -19.89 3.07
N LEU V 96 -65.58 -21.03 2.49
CA LEU V 96 -64.23 -21.26 1.92
C LEU V 96 -63.99 -20.85 0.45
N HIS V 97 -64.99 -21.08 -0.39
CA HIS V 97 -64.90 -20.88 -1.85
C HIS V 97 -63.88 -21.81 -2.53
N VAL V 98 -63.91 -23.08 -2.13
CA VAL V 98 -63.19 -24.12 -2.84
C VAL V 98 -63.82 -24.26 -4.22
N ASP V 99 -62.99 -24.32 -5.26
CA ASP V 99 -63.50 -24.57 -6.60
C ASP V 99 -63.93 -26.02 -6.68
N PRO V 100 -65.18 -26.26 -7.08
CA PRO V 100 -65.83 -27.58 -7.03
C PRO V 100 -65.07 -28.65 -7.79
N GLU V 101 -64.14 -28.22 -8.62
CA GLU V 101 -63.34 -29.15 -9.39
C GLU V 101 -62.35 -29.91 -8.54
N ASN V 102 -62.02 -29.36 -7.38
CA ASN V 102 -61.06 -30.04 -6.51
C ASN V 102 -61.71 -31.14 -5.67
N PHE V 103 -63.04 -31.16 -5.64
CA PHE V 103 -63.76 -32.23 -4.98
C PHE V 103 -63.55 -33.49 -5.78
N ARG V 104 -63.71 -33.39 -7.08
CA ARG V 104 -63.62 -34.56 -7.92
C ARG V 104 -62.16 -34.99 -8.09
N LEU V 105 -61.28 -34.01 -8.26
CA LEU V 105 -59.85 -34.25 -8.22
C LEU V 105 -59.49 -35.07 -6.98
N LEU V 106 -60.08 -34.73 -5.83
CA LEU V 106 -59.82 -35.48 -4.59
C LEU V 106 -60.50 -36.83 -4.55
N GLY V 107 -61.74 -36.91 -5.00
CA GLY V 107 -62.46 -38.17 -5.05
C GLY V 107 -61.76 -39.16 -5.97
N ASN V 108 -61.16 -38.64 -7.02
CA ASN V 108 -60.37 -39.48 -7.91
C ASN V 108 -59.08 -39.98 -7.27
N VAL V 109 -58.37 -39.10 -6.55
CA VAL V 109 -57.13 -39.51 -5.92
C VAL V 109 -57.50 -40.55 -4.90
N LEU V 110 -58.71 -40.45 -4.36
CA LEU V 110 -59.17 -41.44 -3.41
C LEU V 110 -59.27 -42.79 -4.11
N VAL V 111 -59.99 -42.82 -5.25
CA VAL V 111 -60.13 -44.04 -6.06
C VAL V 111 -58.77 -44.63 -6.48
N CYS V 112 -57.78 -43.78 -6.75
CA CYS V 112 -56.43 -44.25 -6.96
C CYS V 112 -55.87 -44.96 -5.77
N VAL V 113 -55.98 -44.35 -4.60
CA VAL V 113 -55.48 -44.95 -3.36
C VAL V 113 -56.21 -46.27 -3.02
N LEU V 114 -57.52 -46.30 -3.27
CA LEU V 114 -58.32 -47.52 -3.18
C LEU V 114 -57.72 -48.62 -4.04
N ALA V 115 -57.50 -48.28 -5.30
CA ALA V 115 -56.93 -49.24 -6.23
C ALA V 115 -55.52 -49.64 -5.77
N HIS V 116 -54.82 -48.74 -5.11
CA HIS V 116 -53.48 -49.05 -4.61
C HIS V 116 -53.49 -50.10 -3.52
N HIS V 117 -54.39 -49.98 -2.55
CA HIS V 117 -54.40 -50.96 -1.46
C HIS V 117 -55.00 -52.28 -1.92
N PHE V 118 -56.06 -52.24 -2.71
CA PHE V 118 -56.79 -53.47 -3.05
C PHE V 118 -56.42 -54.22 -4.33
N GLY V 119 -55.39 -53.77 -5.05
CA GLY V 119 -54.87 -54.51 -6.19
C GLY V 119 -55.92 -54.99 -7.17
N LYS V 120 -55.70 -56.21 -7.68
CA LYS V 120 -56.58 -56.84 -8.68
C LYS V 120 -58.02 -56.95 -8.21
N GLU V 121 -58.21 -56.87 -6.90
CA GLU V 121 -59.51 -57.00 -6.25
C GLU V 121 -60.35 -55.72 -6.43
N PHE V 122 -59.70 -54.63 -6.84
CA PHE V 122 -60.44 -53.43 -7.19
C PHE V 122 -60.67 -53.54 -8.68
N THR V 123 -61.85 -54.05 -9.02
CA THR V 123 -62.12 -54.52 -10.38
C THR V 123 -62.78 -53.41 -11.19
N PRO V 124 -62.67 -53.49 -12.53
CA PRO V 124 -63.32 -52.48 -13.38
C PRO V 124 -64.80 -52.23 -13.04
N PRO V 125 -65.62 -53.28 -12.75
CA PRO V 125 -66.99 -52.95 -12.29
C PRO V 125 -67.03 -52.22 -10.95
N VAL V 126 -66.11 -52.54 -10.04
CA VAL V 126 -66.13 -51.91 -8.71
C VAL V 126 -65.70 -50.45 -8.80
N GLN V 127 -64.65 -50.16 -9.58
CA GLN V 127 -64.30 -48.76 -9.82
C GLN V 127 -65.50 -48.03 -10.43
N ALA V 128 -66.04 -48.59 -11.51
CA ALA V 128 -67.21 -48.01 -12.17
C ALA V 128 -68.35 -47.70 -11.18
N ALA V 129 -68.50 -48.54 -10.16
CA ALA V 129 -69.46 -48.26 -9.10
C ALA V 129 -68.95 -47.14 -8.21
N TYR V 130 -67.68 -47.18 -7.85
CA TYR V 130 -67.13 -46.14 -6.99
C TYR V 130 -67.07 -44.80 -7.71
N GLN V 131 -66.89 -44.84 -9.03
CA GLN V 131 -66.89 -43.61 -9.81
C GLN V 131 -68.21 -42.88 -9.61
N LYS V 132 -69.32 -43.64 -9.63
CA LYS V 132 -70.62 -43.05 -9.38
C LYS V 132 -70.63 -42.36 -8.02
N VAL V 133 -69.93 -42.98 -7.07
CA VAL V 133 -69.90 -42.50 -5.71
C VAL V 133 -69.10 -41.22 -5.51
N VAL V 134 -67.85 -41.18 -5.97
CA VAL V 134 -67.04 -39.98 -5.70
C VAL V 134 -67.53 -38.80 -6.54
N ALA V 135 -68.33 -39.10 -7.56
CA ALA V 135 -69.04 -38.06 -8.30
C ALA V 135 -70.15 -37.52 -7.42
N GLY V 136 -71.12 -38.38 -7.12
CA GLY V 136 -72.29 -38.00 -6.32
C GLY V 136 -71.89 -37.21 -5.11
N VAL V 137 -70.81 -37.61 -4.46
CA VAL V 137 -70.25 -36.84 -3.35
C VAL V 137 -69.77 -35.46 -3.79
N ALA V 138 -68.92 -35.43 -4.82
CA ALA V 138 -68.34 -34.17 -5.31
C ALA V 138 -69.44 -33.19 -5.68
N ASN V 139 -70.48 -33.68 -6.36
CA ASN V 139 -71.63 -32.85 -6.70
C ASN V 139 -72.41 -32.34 -5.48
N ALA V 140 -72.85 -33.28 -4.64
CA ALA V 140 -73.61 -32.90 -3.45
C ALA V 140 -72.79 -31.91 -2.65
N LEU V 141 -71.49 -32.12 -2.61
CA LEU V 141 -70.63 -31.22 -1.85
C LEU V 141 -70.62 -29.83 -2.51
N ALA V 142 -70.91 -29.81 -3.80
CA ALA V 142 -70.92 -28.58 -4.59
C ALA V 142 -72.31 -27.92 -4.77
N HIS V 143 -73.32 -28.46 -4.10
CA HIS V 143 -74.71 -28.09 -4.35
C HIS V 143 -75.07 -26.66 -3.92
N LYS V 144 -74.44 -26.17 -2.87
CA LYS V 144 -74.74 -24.84 -2.34
C LYS V 144 -74.06 -23.75 -3.19
N TYR V 145 -73.38 -24.18 -4.26
CA TYR V 145 -72.77 -23.27 -5.23
C TYR V 145 -73.79 -22.73 -6.22
N HIS V 146 -74.95 -23.39 -6.26
CA HIS V 146 -76.13 -22.87 -6.93
C HIS V 146 -77.37 -22.98 -6.00
N CYS W 1 -88.53 19.07 -8.69
CA CYS W 1 -88.80 19.85 -7.49
C CYS W 1 -90.11 19.46 -6.84
N PRO W 2 -90.02 18.80 -5.67
CA PRO W 2 -91.08 18.76 -4.67
C PRO W 2 -91.23 20.18 -4.10
N LYS W 3 -92.03 21.02 -4.79
CA LYS W 3 -91.93 22.48 -4.80
C LYS W 3 -91.65 23.13 -3.46
N PRO W 4 -90.68 24.06 -3.41
CA PRO W 4 -90.31 24.71 -2.16
C PRO W 4 -91.47 25.56 -1.67
N PRO W 5 -91.57 25.76 -0.36
CA PRO W 5 -92.63 26.65 0.13
C PRO W 5 -92.33 28.10 -0.22
N GLU W 6 -93.39 28.92 -0.34
CA GLU W 6 -93.22 30.35 -0.59
C GLU W 6 -92.89 31.09 0.68
N ILE W 7 -92.17 32.19 0.55
CA ILE W 7 -92.08 33.12 1.66
C ILE W 7 -92.71 34.46 1.27
N ALA W 8 -93.19 35.19 2.28
CA ALA W 8 -93.83 36.48 2.08
C ALA W 8 -92.92 37.47 1.34
N HIS W 9 -93.43 38.01 0.23
CA HIS W 9 -92.73 38.97 -0.63
C HIS W 9 -91.38 38.49 -1.16
N GLY W 10 -91.29 37.21 -1.52
CA GLY W 10 -90.02 36.67 -1.91
C GLY W 10 -90.09 35.58 -2.95
N TYR W 11 -88.98 35.40 -3.66
CA TYR W 11 -88.96 34.47 -4.76
C TYR W 11 -87.77 33.56 -4.69
N VAL W 12 -87.85 32.54 -5.53
CA VAL W 12 -86.93 31.43 -5.56
C VAL W 12 -86.09 31.44 -6.84
N GLU W 13 -84.79 31.17 -6.71
CA GLU W 13 -83.94 30.93 -7.87
C GLU W 13 -83.45 29.48 -7.94
N HIS W 14 -83.93 28.73 -8.93
CA HIS W 14 -83.62 27.30 -9.00
C HIS W 14 -82.22 26.91 -9.51
N SER W 15 -81.60 25.96 -8.85
CA SER W 15 -80.38 25.35 -9.37
C SER W 15 -80.55 23.85 -9.37
N VAL W 16 -79.85 23.18 -10.28
CA VAL W 16 -79.65 21.75 -10.17
C VAL W 16 -78.16 21.46 -10.27
N ARG W 17 -77.71 20.43 -9.56
CA ARG W 17 -76.35 19.94 -9.68
C ARG W 17 -76.45 18.53 -10.22
N TYR W 18 -75.79 18.28 -11.35
CA TYR W 18 -75.82 16.97 -11.98
C TYR W 18 -74.79 16.10 -11.33
N GLN W 19 -75.18 14.86 -11.07
CA GLN W 19 -74.26 13.87 -10.53
C GLN W 19 -74.51 12.54 -11.22
N CYS W 20 -73.45 11.78 -11.43
CA CYS W 20 -73.53 10.52 -12.15
C CYS W 20 -73.69 9.39 -11.16
N LYS W 21 -74.52 8.41 -11.52
CA LYS W 21 -74.85 7.34 -10.59
C LYS W 21 -73.66 6.42 -10.34
N ASN W 22 -73.92 5.39 -9.54
CA ASN W 22 -72.90 4.42 -9.14
C ASN W 22 -72.17 3.79 -10.33
N TYR W 23 -70.86 3.67 -10.17
CA TYR W 23 -69.90 3.18 -11.17
C TYR W 23 -69.79 4.07 -12.43
N TYR W 24 -70.25 5.32 -12.36
CA TYR W 24 -70.14 6.28 -13.46
C TYR W 24 -69.45 7.58 -13.02
N LYS W 25 -69.29 8.49 -13.98
CA LYS W 25 -68.47 9.68 -13.73
C LYS W 25 -68.91 10.91 -14.56
N LEU W 26 -68.79 12.11 -14.00
CA LEU W 26 -69.13 13.33 -14.74
C LEU W 26 -68.11 13.66 -15.82
N ARG W 27 -68.57 13.87 -17.06
CA ARG W 27 -67.70 14.44 -18.07
C ARG W 27 -68.20 15.79 -18.57
N THR W 28 -67.52 16.88 -18.16
CA THR W 28 -67.71 18.24 -18.68
C THR W 28 -66.92 19.29 -17.87
N GLU W 29 -66.74 20.48 -18.46
CA GLU W 29 -65.86 21.53 -17.89
C GLU W 29 -66.41 22.76 -17.07
N GLY W 30 -67.72 22.90 -16.84
CA GLY W 30 -68.62 21.82 -16.55
C GLY W 30 -68.48 21.45 -15.09
N ASP W 31 -68.61 22.45 -14.21
CA ASP W 31 -68.57 22.26 -12.76
C ASP W 31 -69.85 21.57 -12.31
N GLY W 32 -70.79 21.41 -13.23
CA GLY W 32 -71.96 20.58 -13.01
C GLY W 32 -73.26 21.27 -12.61
N VAL W 33 -73.17 22.48 -12.06
CA VAL W 33 -74.37 23.18 -11.62
C VAL W 33 -75.08 23.88 -12.78
N TYR W 34 -76.40 23.95 -12.72
CA TYR W 34 -77.17 24.64 -13.75
C TYR W 34 -78.32 25.47 -13.14
N THR W 35 -78.28 26.79 -13.37
CA THR W 35 -79.27 27.73 -12.80
C THR W 35 -80.40 28.11 -13.75
N LEU W 36 -81.63 28.17 -13.25
CA LEU W 36 -82.77 28.50 -14.10
C LEU W 36 -82.80 30.00 -14.45
N ASN W 37 -83.28 30.33 -15.64
CA ASN W 37 -83.24 31.69 -16.19
C ASN W 37 -84.52 32.50 -15.96
N ASN W 38 -84.49 33.78 -16.32
CA ASN W 38 -85.76 34.47 -16.49
C ASN W 38 -86.27 34.06 -17.87
N GLU W 39 -85.33 33.57 -18.67
CA GLU W 39 -85.57 32.98 -19.98
C GLU W 39 -85.98 31.53 -19.80
N LYS W 40 -86.06 31.11 -18.55
CA LYS W 40 -86.43 29.74 -18.15
C LYS W 40 -85.61 28.70 -18.90
N GLN W 41 -84.33 29.02 -19.01
CA GLN W 41 -83.31 28.17 -19.60
C GLN W 41 -82.41 27.59 -18.48
N TRP W 42 -81.86 26.41 -18.69
CA TRP W 42 -80.99 25.78 -17.69
C TRP W 42 -79.53 26.00 -18.02
N ILE W 43 -78.85 26.85 -17.25
CA ILE W 43 -77.57 27.41 -17.71
C ILE W 43 -76.38 27.30 -16.77
N ASN W 44 -75.35 26.55 -17.19
CA ASN W 44 -74.08 26.56 -16.46
C ASN W 44 -73.15 27.66 -16.93
N LYS W 45 -72.70 28.48 -15.99
CA LYS W 45 -71.97 29.70 -16.34
C LYS W 45 -70.62 29.42 -17.03
N ALA W 46 -70.24 28.16 -17.12
CA ALA W 46 -69.02 27.77 -17.84
C ALA W 46 -69.31 27.24 -19.25
N VAL W 47 -70.12 26.20 -19.32
CA VAL W 47 -70.49 25.60 -20.59
C VAL W 47 -71.86 26.04 -21.13
N GLY W 48 -72.58 26.89 -20.41
CA GLY W 48 -73.87 27.34 -20.90
C GLY W 48 -75.00 26.33 -20.96
N ASP W 49 -75.44 26.10 -22.17
CA ASP W 49 -76.58 25.26 -22.50
C ASP W 49 -76.25 23.77 -22.52
N LYS W 50 -74.96 23.43 -22.53
CA LYS W 50 -74.54 22.05 -22.74
C LYS W 50 -74.57 21.22 -21.48
N LEU W 51 -75.27 20.09 -21.52
CA LEU W 51 -75.35 19.22 -20.36
C LEU W 51 -74.06 18.40 -20.19
N PRO W 52 -73.90 17.74 -19.00
CA PRO W 52 -72.85 16.73 -18.93
C PRO W 52 -73.36 15.36 -19.34
N GLU W 53 -72.45 14.39 -19.43
CA GLU W 53 -72.80 13.04 -19.77
C GLU W 53 -72.11 12.16 -18.77
N CYS W 54 -72.66 10.98 -18.50
CA CYS W 54 -72.03 10.11 -17.53
C CYS W 54 -71.24 8.96 -18.17
N GLU W 55 -69.94 8.94 -17.88
CA GLU W 55 -69.00 8.01 -18.48
C GLU W 55 -68.50 6.96 -17.49
N ALA W 56 -68.55 5.69 -17.87
CA ALA W 56 -68.20 4.59 -16.98
C ALA W 56 -66.77 4.69 -16.47
N VAL W 57 -66.57 4.30 -15.21
CA VAL W 57 -65.25 4.21 -14.62
C VAL W 57 -64.66 2.90 -15.07
N CYS W 58 -63.34 2.79 -15.06
CA CYS W 58 -62.66 1.54 -15.38
C CYS W 58 -61.54 1.23 -14.38
N GLY W 59 -61.39 -0.03 -13.98
CA GLY W 59 -60.30 -0.42 -13.10
C GLY W 59 -60.61 -0.21 -11.63
N LYS W 60 -61.90 -0.22 -11.35
CA LYS W 60 -62.46 -0.02 -10.01
C LYS W 60 -63.54 -1.08 -9.82
N PRO W 61 -63.15 -2.33 -9.54
CA PRO W 61 -64.23 -3.27 -9.29
C PRO W 61 -64.75 -3.09 -7.88
N LYS W 62 -66.05 -3.25 -7.72
CA LYS W 62 -66.74 -3.03 -6.47
C LYS W 62 -66.21 -3.92 -5.37
N ASN W 63 -65.99 -5.20 -5.69
CA ASN W 63 -65.33 -6.13 -4.76
C ASN W 63 -64.12 -6.76 -5.44
N PRO W 64 -62.92 -6.19 -5.20
CA PRO W 64 -61.64 -6.68 -5.73
C PRO W 64 -61.18 -7.97 -5.03
N ALA W 65 -60.20 -8.66 -5.59
CA ALA W 65 -59.72 -9.87 -4.94
C ALA W 65 -58.55 -9.52 -4.03
N ASN W 66 -58.79 -9.63 -2.71
CA ASN W 66 -57.87 -9.23 -1.64
C ASN W 66 -58.64 -9.04 -0.31
N ILE W 71 -57.80 -22.44 -16.93
CA ILE W 71 -56.94 -22.38 -15.75
C ILE W 71 -56.93 -23.74 -15.05
N LEU W 72 -55.75 -24.31 -14.82
CA LEU W 72 -55.67 -25.61 -14.16
C LEU W 72 -55.82 -25.48 -12.64
N GLY W 73 -55.11 -24.51 -12.08
CA GLY W 73 -55.18 -24.25 -10.66
C GLY W 73 -56.38 -23.41 -10.24
N GLY W 74 -56.19 -22.68 -9.15
CA GLY W 74 -57.26 -22.25 -8.24
C GLY W 74 -57.83 -20.85 -8.32
N HIS W 75 -58.16 -20.33 -7.14
CA HIS W 75 -58.85 -19.05 -6.94
C HIS W 75 -60.24 -19.00 -7.58
N LEU W 76 -61.17 -19.71 -6.96
CA LEU W 76 -62.58 -19.61 -7.31
C LEU W 76 -63.06 -18.15 -7.19
N ASP W 77 -63.93 -17.74 -8.10
CA ASP W 77 -64.31 -16.33 -8.08
C ASP W 77 -65.57 -16.15 -7.25
N ALA W 78 -65.38 -15.72 -6.02
CA ALA W 78 -66.45 -15.81 -5.06
C ALA W 78 -67.33 -14.61 -5.24
N LYS W 79 -66.65 -13.47 -5.31
CA LYS W 79 -67.22 -12.13 -5.33
C LYS W 79 -67.65 -11.60 -6.69
N GLY W 80 -67.04 -12.08 -7.76
CA GLY W 80 -67.07 -11.40 -9.05
C GLY W 80 -66.06 -10.27 -9.09
N SER W 81 -64.83 -10.56 -8.70
CA SER W 81 -63.74 -9.58 -8.69
C SER W 81 -63.21 -9.19 -10.08
N PHE W 82 -63.77 -9.78 -11.13
CA PHE W 82 -63.26 -9.58 -12.48
C PHE W 82 -64.37 -9.23 -13.46
N PRO W 83 -64.96 -8.02 -13.29
CA PRO W 83 -66.19 -7.60 -13.97
C PRO W 83 -65.98 -7.39 -15.44
N TRP W 84 -64.73 -7.24 -15.84
CA TRP W 84 -64.36 -7.01 -17.22
C TRP W 84 -64.15 -8.31 -18.00
N GLN W 85 -64.41 -9.45 -17.37
CA GLN W 85 -64.19 -10.76 -18.00
C GLN W 85 -65.37 -11.26 -18.81
N ALA W 86 -65.15 -11.55 -20.09
CA ALA W 86 -66.21 -12.08 -20.92
C ALA W 86 -65.94 -13.51 -21.43
N LYS W 87 -66.99 -14.31 -21.40
CA LYS W 87 -66.95 -15.68 -21.88
C LYS W 87 -67.66 -15.76 -23.21
N MET W 88 -66.90 -15.98 -24.27
CA MET W 88 -67.45 -16.09 -25.62
C MET W 88 -67.42 -17.53 -26.12
N VAL W 89 -68.54 -18.00 -26.64
CA VAL W 89 -68.56 -19.37 -27.18
C VAL W 89 -68.72 -19.33 -28.70
N SER W 90 -67.86 -20.07 -29.39
CA SER W 90 -67.91 -20.12 -30.85
C SER W 90 -69.10 -20.97 -31.30
N HIS W 91 -69.26 -21.16 -32.60
CA HIS W 91 -70.49 -21.77 -33.09
C HIS W 91 -70.61 -23.18 -32.57
N HIS W 92 -69.49 -23.90 -32.52
CA HIS W 92 -69.55 -25.25 -31.98
C HIS W 92 -69.05 -25.36 -30.53
N ASN W 93 -69.83 -24.83 -29.61
CA ASN W 93 -69.65 -25.02 -28.17
C ASN W 93 -68.20 -24.93 -27.66
N LEU W 94 -67.35 -24.15 -28.31
CA LEU W 94 -65.99 -23.95 -27.83
C LEU W 94 -65.84 -22.63 -27.06
N THR W 95 -65.50 -22.75 -25.78
CA THR W 95 -65.52 -21.60 -24.88
C THR W 95 -64.19 -20.83 -24.94
N THR W 96 -64.29 -19.50 -25.02
CA THR W 96 -63.11 -18.67 -25.28
C THR W 96 -63.21 -17.31 -24.61
N GLY W 97 -62.08 -16.70 -24.28
CA GLY W 97 -62.07 -15.45 -23.53
C GLY W 97 -62.03 -14.12 -24.29
N ALA W 98 -62.60 -13.08 -23.68
CA ALA W 98 -62.55 -11.71 -24.19
C ALA W 98 -62.70 -10.72 -23.02
N THR W 99 -62.06 -9.56 -23.11
CA THR W 99 -62.15 -8.64 -22.00
C THR W 99 -62.71 -7.29 -22.42
N LEU W 100 -63.45 -6.67 -21.51
CA LEU W 100 -64.22 -5.47 -21.81
C LEU W 100 -63.42 -4.22 -21.58
N ILE W 101 -63.08 -3.55 -22.68
CA ILE W 101 -62.22 -2.40 -22.67
C ILE W 101 -62.96 -1.02 -22.54
N ASN W 102 -64.25 -0.97 -22.89
CA ASN W 102 -65.14 0.16 -22.53
C ASN W 102 -66.60 -0.24 -22.68
N GLU W 103 -67.51 0.72 -22.60
CA GLU W 103 -68.93 0.39 -22.53
C GLU W 103 -69.43 -0.37 -23.76
N GLN W 104 -68.81 -0.13 -24.92
CA GLN W 104 -69.24 -0.84 -26.13
C GLN W 104 -68.33 -1.92 -26.71
N TRP W 105 -67.13 -2.09 -26.17
CA TRP W 105 -66.13 -2.93 -26.86
C TRP W 105 -65.40 -3.88 -25.96
N LEU W 106 -64.93 -4.98 -26.57
CA LEU W 106 -64.11 -5.96 -25.90
C LEU W 106 -62.94 -6.39 -26.77
N LEU W 107 -61.76 -6.45 -26.17
CA LEU W 107 -60.64 -7.13 -26.82
C LEU W 107 -60.81 -8.65 -26.84
N THR W 108 -60.16 -9.27 -27.81
CA THR W 108 -60.06 -10.72 -27.90
C THR W 108 -58.89 -11.02 -28.82
N THR W 109 -58.76 -12.29 -29.20
CA THR W 109 -57.68 -12.71 -30.07
C THR W 109 -58.23 -12.95 -31.45
N ALA W 110 -57.39 -12.74 -32.47
CA ALA W 110 -57.73 -13.14 -33.82
C ALA W 110 -58.07 -14.62 -33.85
N LYS W 111 -57.23 -15.41 -33.18
CA LYS W 111 -57.44 -16.85 -33.09
C LYS W 111 -58.84 -17.27 -32.58
N ASN W 112 -59.24 -16.80 -31.40
CA ASN W 112 -60.54 -17.21 -30.82
C ASN W 112 -61.67 -16.98 -31.80
N LEU W 113 -61.57 -15.83 -32.47
CA LEU W 113 -62.50 -15.34 -33.46
C LEU W 113 -62.63 -16.29 -34.64
N PHE W 114 -61.49 -16.81 -35.07
CA PHE W 114 -61.40 -17.65 -36.26
C PHE W 114 -61.78 -19.11 -36.02
N LEU W 115 -62.17 -19.46 -34.80
CA LEU W 115 -62.58 -20.83 -34.55
C LEU W 115 -63.80 -21.17 -35.40
N ASN W 116 -63.83 -22.41 -35.88
CA ASN W 116 -64.89 -22.93 -36.74
C ASN W 116 -65.09 -22.05 -37.99
N HIS W 117 -63.99 -21.52 -38.51
CA HIS W 117 -64.01 -20.67 -39.71
C HIS W 117 -62.74 -20.82 -40.55
N SER W 118 -62.87 -20.61 -41.86
CA SER W 118 -61.74 -20.72 -42.75
C SER W 118 -60.87 -19.46 -42.73
N GLU W 119 -59.60 -19.63 -43.07
CA GLU W 119 -58.70 -18.49 -43.19
C GLU W 119 -59.26 -17.50 -44.17
N ASN W 120 -60.05 -18.00 -45.14
CA ASN W 120 -60.83 -17.19 -46.08
C ASN W 120 -61.75 -16.18 -45.40
N ALA W 121 -62.36 -16.60 -44.28
CA ALA W 121 -63.44 -15.86 -43.65
C ALA W 121 -63.02 -14.45 -43.27
N THR W 122 -63.94 -13.51 -43.49
CA THR W 122 -63.74 -12.13 -43.08
C THR W 122 -64.62 -11.80 -41.89
N ALA W 123 -64.47 -10.58 -41.40
CA ALA W 123 -65.13 -10.14 -40.17
C ALA W 123 -66.65 -10.31 -40.25
N LYS W 124 -67.22 -9.88 -41.37
CA LYS W 124 -68.65 -9.96 -41.61
C LYS W 124 -69.19 -11.40 -41.45
N ASP W 125 -68.37 -12.37 -41.87
CA ASP W 125 -68.72 -13.77 -41.73
C ASP W 125 -68.77 -14.21 -40.28
N ILE W 126 -67.81 -13.77 -39.50
CA ILE W 126 -67.61 -14.28 -38.14
C ILE W 126 -68.56 -13.69 -37.10
N ALA W 127 -68.88 -12.40 -37.22
CA ALA W 127 -69.68 -11.72 -36.19
C ALA W 127 -71.02 -12.40 -35.85
N PRO W 128 -71.80 -12.82 -36.84
CA PRO W 128 -73.08 -13.45 -36.46
C PRO W 128 -72.93 -14.82 -35.81
N THR W 129 -71.77 -15.44 -36.02
CA THR W 129 -71.50 -16.79 -35.52
C THR W 129 -71.41 -16.85 -34.01
N LEU W 130 -70.86 -15.79 -33.43
CA LEU W 130 -70.49 -15.80 -32.04
C LEU W 130 -71.68 -15.60 -31.10
N THR W 131 -71.52 -16.12 -29.90
CA THR W 131 -72.37 -15.83 -28.75
C THR W 131 -71.42 -15.19 -27.72
N LEU W 132 -71.86 -14.12 -27.03
CA LEU W 132 -70.98 -13.44 -26.08
C LEU W 132 -71.65 -13.25 -24.74
N TYR W 133 -70.84 -13.31 -23.67
CA TYR W 133 -71.33 -13.20 -22.29
C TYR W 133 -70.49 -12.29 -21.38
N VAL W 134 -71.19 -11.42 -20.66
CA VAL W 134 -70.61 -10.63 -19.56
C VAL W 134 -71.25 -10.97 -18.24
N GLY W 135 -70.55 -10.64 -17.15
CA GLY W 135 -71.17 -10.71 -15.85
C GLY W 135 -71.56 -12.12 -15.50
N LYS W 136 -72.85 -12.34 -15.24
CA LYS W 136 -73.28 -13.68 -14.85
C LYS W 136 -73.68 -14.57 -16.01
N LYS W 137 -74.92 -14.43 -16.45
CA LYS W 137 -75.37 -15.05 -17.69
C LYS W 137 -75.45 -14.00 -18.78
N GLN W 138 -75.11 -12.77 -18.44
CA GLN W 138 -75.62 -11.64 -19.21
C GLN W 138 -75.22 -11.76 -20.66
N LEU W 139 -76.22 -11.83 -21.51
CA LEU W 139 -76.04 -12.05 -22.93
C LEU W 139 -76.00 -10.68 -23.59
N VAL W 140 -74.82 -10.32 -24.10
CA VAL W 140 -74.71 -9.08 -24.85
C VAL W 140 -74.71 -9.43 -26.32
N GLU W 141 -75.53 -8.73 -27.09
CA GLU W 141 -75.55 -9.02 -28.51
C GLU W 141 -74.38 -8.34 -29.17
N ILE W 142 -74.17 -8.62 -30.45
CA ILE W 142 -72.88 -8.35 -31.06
C ILE W 142 -73.05 -7.77 -32.47
N GLU W 143 -72.58 -6.54 -32.67
CA GLU W 143 -72.85 -5.79 -33.90
C GLU W 143 -71.84 -6.10 -34.99
N LYS W 144 -70.60 -5.63 -34.82
CA LYS W 144 -69.54 -6.01 -35.74
C LYS W 144 -68.32 -6.59 -35.01
N VAL W 145 -67.33 -6.94 -35.82
CA VAL W 145 -66.08 -7.56 -35.39
C VAL W 145 -64.97 -6.99 -36.25
N VAL W 146 -63.83 -6.62 -35.67
CA VAL W 146 -62.76 -6.08 -36.50
C VAL W 146 -61.41 -6.66 -36.08
N LEU W 147 -60.60 -7.01 -37.07
CA LEU W 147 -59.34 -7.74 -36.84
C LEU W 147 -58.13 -6.87 -37.05
N HIS W 148 -57.09 -7.09 -36.26
CA HIS W 148 -55.85 -6.34 -36.41
C HIS W 148 -55.22 -6.66 -37.77
N PRO W 149 -54.81 -5.61 -38.52
CA PRO W 149 -54.21 -5.75 -39.86
C PRO W 149 -53.03 -6.74 -39.89
N ASN W 150 -52.36 -6.88 -38.76
CA ASN W 150 -51.30 -7.87 -38.54
C ASN W 150 -51.72 -9.16 -37.82
N TYR W 151 -53.01 -9.52 -37.89
CA TYR W 151 -53.60 -10.67 -37.17
C TYR W 151 -52.66 -11.87 -37.00
N SER W 152 -51.89 -12.20 -38.03
CA SER W 152 -50.98 -13.35 -37.95
C SER W 152 -49.73 -13.08 -37.09
N GLN W 153 -49.50 -11.82 -36.78
CA GLN W 153 -48.35 -11.40 -36.00
C GLN W 153 -48.81 -10.86 -34.65
N VAL W 154 -49.66 -9.84 -34.70
CA VAL W 154 -50.35 -9.38 -33.52
C VAL W 154 -51.69 -10.09 -33.42
N ASP W 155 -51.82 -11.00 -32.45
CA ASP W 155 -52.99 -11.87 -32.39
C ASP W 155 -54.07 -11.19 -31.55
N ILE W 156 -54.95 -10.46 -32.23
CA ILE W 156 -55.87 -9.53 -31.58
C ILE W 156 -57.15 -9.26 -32.37
N GLY W 157 -58.32 -9.34 -31.74
CA GLY W 157 -59.54 -8.83 -32.32
C GLY W 157 -60.16 -7.63 -31.61
N LEU W 158 -61.20 -7.06 -32.19
CA LEU W 158 -62.03 -6.10 -31.48
C LEU W 158 -63.49 -6.44 -31.68
N ILE W 159 -64.24 -6.51 -30.58
CA ILE W 159 -65.66 -6.72 -30.70
C ILE W 159 -66.44 -5.43 -30.41
N LYS W 160 -67.37 -5.07 -31.28
CA LYS W 160 -68.30 -3.97 -30.99
C LYS W 160 -69.66 -4.52 -30.58
N LEU W 161 -70.14 -4.10 -29.41
CA LEU W 161 -71.46 -4.47 -28.90
C LEU W 161 -72.55 -3.57 -29.47
N LYS W 162 -73.68 -4.19 -29.85
CA LYS W 162 -74.75 -3.52 -30.59
C LYS W 162 -75.16 -2.21 -29.93
N GLN W 163 -75.11 -2.21 -28.61
CA GLN W 163 -75.36 -1.03 -27.84
C GLN W 163 -74.33 -0.99 -26.71
N LYS W 164 -74.38 0.02 -25.86
CA LYS W 164 -73.50 0.05 -24.70
C LYS W 164 -74.08 -0.89 -23.65
N VAL W 165 -73.23 -1.47 -22.81
CA VAL W 165 -73.70 -2.33 -21.70
C VAL W 165 -73.70 -1.54 -20.37
N SER W 166 -74.72 -1.74 -19.54
CA SER W 166 -74.79 -0.99 -18.29
C SER W 166 -73.73 -1.49 -17.31
N VAL W 167 -72.90 -0.56 -16.83
CA VAL W 167 -71.83 -0.89 -15.90
C VAL W 167 -72.36 -1.08 -14.48
N ASN W 168 -71.88 -2.09 -13.77
CA ASN W 168 -72.16 -2.25 -12.33
C ASN W 168 -71.10 -3.11 -11.64
N GLU W 169 -71.38 -3.58 -10.44
CA GLU W 169 -70.35 -4.31 -9.71
C GLU W 169 -69.85 -5.58 -10.44
N ARG W 170 -70.72 -6.27 -11.18
CA ARG W 170 -70.28 -7.49 -11.87
C ARG W 170 -69.89 -7.30 -13.34
N VAL W 171 -70.23 -6.16 -13.93
CA VAL W 171 -69.95 -5.91 -15.35
C VAL W 171 -69.35 -4.55 -15.53
N MET W 172 -68.10 -4.48 -15.98
CA MET W 172 -67.45 -3.18 -16.00
C MET W 172 -66.07 -3.21 -16.65
N PRO W 173 -65.74 -2.17 -17.43
CA PRO W 173 -64.54 -2.23 -18.26
C PRO W 173 -63.25 -2.10 -17.47
N ILE W 174 -62.15 -2.50 -18.10
CA ILE W 174 -60.84 -2.46 -17.48
C ILE W 174 -60.09 -1.27 -18.07
N CYS W 175 -59.14 -0.71 -17.34
CA CYS W 175 -58.37 0.42 -17.87
C CYS W 175 -57.25 0.05 -18.84
N LEU W 176 -57.12 0.80 -19.95
CA LEU W 176 -55.93 0.64 -20.81
C LEU W 176 -54.82 1.46 -20.22
N PRO W 177 -53.63 0.86 -20.13
CA PRO W 177 -52.52 1.48 -19.41
C PRO W 177 -51.84 2.58 -20.19
N SER W 178 -51.51 3.69 -19.50
CA SER W 178 -50.59 4.65 -20.07
C SER W 178 -49.21 4.05 -19.96
N LYS W 179 -48.85 3.67 -18.74
CA LYS W 179 -47.59 3.02 -18.46
C LYS W 179 -47.61 1.62 -19.08
N ASP W 180 -46.46 0.99 -19.23
CA ASP W 180 -46.46 -0.39 -19.67
C ASP W 180 -45.91 -1.30 -18.59
N TYR W 181 -46.76 -2.10 -17.94
CA TYR W 181 -46.15 -3.06 -17.05
C TYR W 181 -46.13 -4.41 -17.75
N ALA W 182 -45.11 -4.59 -18.60
CA ALA W 182 -44.77 -5.86 -19.22
C ALA W 182 -43.45 -6.37 -18.68
N GLU W 183 -42.83 -5.62 -17.78
CA GLU W 183 -41.48 -5.91 -17.34
C GLU W 183 -41.46 -6.99 -16.29
N VAL W 184 -40.35 -7.71 -16.17
CA VAL W 184 -40.24 -8.73 -15.13
C VAL W 184 -40.05 -7.99 -13.82
N GLY W 185 -40.61 -8.58 -12.77
CA GLY W 185 -40.78 -7.95 -11.48
C GLY W 185 -42.23 -7.53 -11.27
N ARG W 186 -42.97 -7.28 -12.33
CA ARG W 186 -44.41 -7.06 -12.21
C ARG W 186 -45.13 -8.40 -12.05
N VAL W 187 -46.33 -8.34 -11.49
CA VAL W 187 -47.16 -9.52 -11.30
C VAL W 187 -48.50 -9.18 -11.92
N GLY W 188 -49.28 -10.17 -12.32
CA GLY W 188 -50.52 -9.88 -13.01
C GLY W 188 -51.59 -10.85 -12.58
N TYR W 189 -52.81 -10.59 -13.01
CA TYR W 189 -53.94 -11.42 -12.63
C TYR W 189 -54.63 -11.89 -13.90
N VAL W 190 -54.72 -13.19 -14.11
CA VAL W 190 -55.45 -13.67 -15.28
C VAL W 190 -56.73 -14.35 -14.85
N SER W 191 -57.87 -13.85 -15.29
CA SER W 191 -59.12 -14.56 -15.08
C SER W 191 -59.20 -15.56 -16.21
N GLY W 192 -60.17 -16.48 -16.17
CA GLY W 192 -60.45 -17.32 -17.32
C GLY W 192 -61.66 -18.24 -17.31
N TRP W 193 -62.21 -18.48 -18.48
CA TRP W 193 -63.30 -19.43 -18.66
C TRP W 193 -62.81 -20.74 -19.25
N GLY W 194 -61.50 -20.85 -19.46
CA GLY W 194 -60.94 -22.03 -20.09
C GLY W 194 -60.95 -23.29 -19.25
N ARG W 195 -60.38 -24.37 -19.82
CA ARG W 195 -60.39 -25.72 -19.26
C ARG W 195 -59.60 -25.88 -17.93
N ASN W 196 -59.85 -26.97 -17.20
CA ASN W 196 -59.10 -27.25 -15.99
C ASN W 196 -58.42 -28.63 -16.05
N ALA W 197 -57.93 -29.11 -14.91
CA ALA W 197 -57.16 -30.37 -14.88
C ALA W 197 -57.97 -31.64 -15.18
N ASN W 198 -59.28 -31.54 -15.29
CA ASN W 198 -60.08 -32.61 -15.91
C ASN W 198 -60.29 -32.30 -17.39
N PHE W 199 -59.62 -31.25 -17.87
CA PHE W 199 -59.78 -30.77 -19.25
C PHE W 199 -61.23 -30.46 -19.59
N LYS W 200 -62.01 -30.18 -18.55
CA LYS W 200 -63.37 -29.70 -18.65
C LYS W 200 -63.35 -28.17 -18.71
N PHE W 201 -64.14 -27.60 -19.60
CA PHE W 201 -64.39 -26.15 -19.54
C PHE W 201 -64.93 -25.81 -18.15
N THR W 202 -64.37 -24.78 -17.52
CA THR W 202 -64.62 -24.56 -16.10
C THR W 202 -66.04 -24.11 -15.76
N ASP W 203 -66.54 -24.58 -14.62
CA ASP W 203 -67.88 -24.25 -14.17
C ASP W 203 -68.01 -22.86 -13.52
N HIS W 204 -66.87 -22.33 -13.10
CA HIS W 204 -66.82 -21.07 -12.40
C HIS W 204 -65.62 -20.31 -12.86
N LEU W 205 -65.79 -19.01 -13.08
CA LEU W 205 -64.68 -18.16 -13.45
C LEU W 205 -63.57 -18.39 -12.41
N LYS W 206 -62.33 -18.52 -12.85
CA LYS W 206 -61.24 -18.63 -11.89
C LYS W 206 -60.17 -17.64 -12.29
N TYR W 207 -59.12 -17.56 -11.48
CA TYR W 207 -58.08 -16.59 -11.74
C TYR W 207 -56.79 -17.07 -11.13
N VAL W 208 -55.67 -16.58 -11.62
CA VAL W 208 -54.39 -17.00 -11.09
C VAL W 208 -53.45 -15.81 -11.19
N MET W 209 -52.56 -15.68 -10.23
CA MET W 209 -51.48 -14.69 -10.30
C MET W 209 -50.28 -15.35 -11.00
N LEU W 210 -49.63 -14.63 -11.91
CA LEU W 210 -48.46 -15.17 -12.60
C LEU W 210 -47.44 -14.05 -12.75
N PRO W 211 -46.14 -14.38 -12.61
CA PRO W 211 -45.16 -13.32 -12.82
C PRO W 211 -44.99 -13.08 -14.31
N VAL W 212 -44.50 -11.92 -14.73
CA VAL W 212 -44.17 -11.80 -16.15
C VAL W 212 -42.73 -12.27 -16.29
N ALA W 213 -42.44 -12.92 -17.40
CA ALA W 213 -41.19 -13.66 -17.55
C ALA W 213 -40.21 -12.99 -18.49
N ASP W 214 -38.93 -13.24 -18.23
CA ASP W 214 -37.85 -12.71 -19.06
C ASP W 214 -38.06 -13.12 -20.50
N GLN W 215 -38.07 -12.15 -21.41
CA GLN W 215 -38.40 -12.42 -22.81
C GLN W 215 -37.42 -13.37 -23.52
N ASP W 216 -36.15 -13.32 -23.17
CA ASP W 216 -35.17 -14.20 -23.82
C ASP W 216 -35.32 -15.67 -23.35
N GLN W 217 -35.40 -15.89 -22.02
CA GLN W 217 -35.65 -17.22 -21.45
C GLN W 217 -36.87 -17.88 -22.10
N CYS W 218 -37.90 -17.08 -22.32
CA CYS W 218 -39.13 -17.56 -22.94
C CYS W 218 -38.92 -17.92 -24.40
N ILE W 219 -38.15 -17.09 -25.11
CA ILE W 219 -37.84 -17.34 -26.51
C ILE W 219 -37.06 -18.61 -26.63
N ARG W 220 -35.92 -18.67 -25.95
CA ARG W 220 -35.10 -19.87 -25.90
C ARG W 220 -35.90 -21.11 -25.52
N HIS W 221 -36.98 -20.93 -24.78
CA HIS W 221 -37.81 -22.06 -24.42
C HIS W 221 -38.60 -22.58 -25.63
N TYR W 222 -39.30 -21.70 -26.32
CA TYR W 222 -40.24 -22.11 -27.37
C TYR W 222 -39.67 -22.39 -28.76
N GLU W 223 -38.70 -21.58 -29.11
CA GLU W 223 -37.87 -21.74 -30.27
C GLU W 223 -36.53 -22.01 -29.61
N GLY W 224 -35.43 -22.12 -30.30
CA GLY W 224 -34.26 -22.54 -29.53
C GLY W 224 -33.37 -21.38 -29.19
N SER W 225 -33.75 -20.23 -29.71
CA SER W 225 -32.79 -19.30 -30.29
C SER W 225 -32.32 -18.05 -29.55
N THR W 226 -33.19 -17.03 -29.44
CA THR W 226 -32.81 -15.63 -29.79
C THR W 226 -32.60 -15.69 -31.30
N VAL W 227 -31.35 -15.65 -31.78
CA VAL W 227 -31.01 -15.56 -33.22
C VAL W 227 -31.77 -16.50 -34.19
N PRO W 228 -32.37 -15.92 -35.25
CA PRO W 228 -33.39 -16.60 -36.08
C PRO W 228 -32.88 -17.77 -36.93
N GLU W 229 -31.57 -17.90 -37.09
CA GLU W 229 -31.02 -18.97 -37.91
C GLU W 229 -30.91 -20.27 -37.10
N LYS W 230 -30.92 -20.13 -35.78
CA LYS W 230 -30.86 -21.26 -34.87
C LYS W 230 -32.25 -21.63 -34.33
N LYS W 231 -33.27 -20.96 -34.87
CA LYS W 231 -34.65 -21.22 -34.50
C LYS W 231 -35.11 -22.62 -34.94
N THR W 232 -35.68 -23.35 -34.00
CA THR W 232 -36.33 -24.65 -34.27
C THR W 232 -37.55 -24.78 -33.36
N PRO W 233 -38.55 -25.59 -33.77
CA PRO W 233 -39.74 -25.73 -32.93
C PRO W 233 -39.54 -26.57 -31.67
N LYS W 234 -39.08 -25.95 -30.58
CA LYS W 234 -38.82 -26.66 -29.32
C LYS W 234 -40.04 -26.77 -28.38
N SER W 235 -41.20 -26.27 -28.83
CA SER W 235 -42.39 -26.17 -27.99
C SER W 235 -42.89 -27.50 -27.40
N PRO W 236 -42.89 -27.61 -26.07
CA PRO W 236 -43.40 -28.78 -25.34
C PRO W 236 -44.79 -29.34 -25.72
N VAL W 237 -45.77 -28.51 -26.06
CA VAL W 237 -47.00 -29.06 -26.63
C VAL W 237 -46.78 -29.10 -28.13
N GLY W 238 -47.76 -29.55 -28.91
CA GLY W 238 -47.60 -29.61 -30.36
C GLY W 238 -47.36 -28.30 -31.11
N VAL W 239 -47.96 -27.20 -30.64
CA VAL W 239 -48.07 -25.99 -31.43
C VAL W 239 -47.24 -24.81 -30.92
N GLN W 240 -46.85 -23.93 -31.84
CA GLN W 240 -45.94 -22.83 -31.55
C GLN W 240 -46.66 -21.51 -31.22
N PRO W 241 -46.20 -20.84 -30.18
CA PRO W 241 -46.78 -19.54 -29.86
C PRO W 241 -46.24 -18.50 -30.81
N ILE W 242 -46.93 -17.37 -30.92
CA ILE W 242 -46.46 -16.24 -31.72
C ILE W 242 -45.54 -15.40 -30.88
N LEU W 243 -44.29 -15.24 -31.30
CA LEU W 243 -43.35 -14.48 -30.47
C LEU W 243 -42.57 -13.38 -31.22
N ASN W 244 -42.85 -12.14 -30.86
CA ASN W 244 -42.22 -10.99 -31.46
C ASN W 244 -42.04 -9.91 -30.41
N GLU W 245 -41.77 -8.68 -30.85
CA GLU W 245 -41.64 -7.56 -29.93
C GLU W 245 -42.99 -7.00 -29.42
N HIS W 246 -44.09 -7.47 -30.01
CA HIS W 246 -45.43 -7.09 -29.55
C HIS W 246 -45.99 -8.11 -28.54
N THR W 247 -45.19 -9.09 -28.13
CA THR W 247 -45.64 -10.08 -27.15
C THR W 247 -44.81 -10.06 -25.87
N PHE W 248 -45.35 -10.66 -24.81
CA PHE W 248 -44.57 -10.94 -23.61
C PHE W 248 -45.03 -12.24 -22.97
N CYS W 249 -44.17 -12.85 -22.17
CA CYS W 249 -44.51 -14.14 -21.58
C CYS W 249 -44.70 -14.06 -20.07
N ALA W 250 -45.74 -14.73 -19.57
CA ALA W 250 -45.96 -14.87 -18.13
C ALA W 250 -45.62 -16.27 -17.64
N GLY W 251 -44.89 -16.33 -16.53
CA GLY W 251 -44.41 -17.59 -15.98
C GLY W 251 -45.53 -18.46 -15.46
N MET W 252 -45.15 -19.52 -14.77
CA MET W 252 -46.15 -20.39 -14.17
C MET W 252 -46.42 -19.89 -12.75
N SER W 253 -47.44 -20.46 -12.12
CA SER W 253 -47.89 -19.98 -10.83
C SER W 253 -46.90 -20.35 -9.74
N LYS W 254 -47.18 -19.95 -8.50
CA LYS W 254 -46.36 -20.33 -7.36
C LYS W 254 -46.55 -21.81 -7.11
N TYR W 255 -47.80 -22.24 -7.29
CA TYR W 255 -48.25 -23.63 -7.10
C TYR W 255 -48.38 -24.48 -8.38
N GLN W 256 -47.78 -24.01 -9.48
CA GLN W 256 -47.81 -24.68 -10.80
C GLN W 256 -49.19 -24.62 -11.45
N GLU W 257 -49.97 -23.64 -11.09
CA GLU W 257 -51.22 -23.41 -11.77
C GLU W 257 -50.86 -22.80 -13.11
N ASP W 258 -51.67 -23.06 -14.12
CA ASP W 258 -51.41 -22.41 -15.38
C ASP W 258 -52.69 -22.31 -16.16
N THR W 259 -52.54 -21.78 -17.35
CA THR W 259 -53.62 -21.27 -18.14
C THR W 259 -53.70 -22.15 -19.40
N CYS W 260 -54.87 -22.71 -19.65
CA CYS W 260 -55.06 -23.75 -20.66
C CYS W 260 -56.12 -23.33 -21.66
N TYR W 261 -56.57 -24.26 -22.50
CA TYR W 261 -57.47 -23.98 -23.61
C TYR W 261 -58.73 -23.16 -23.24
N GLY W 262 -58.94 -22.04 -23.90
CA GLY W 262 -60.09 -21.20 -23.63
C GLY W 262 -59.70 -19.91 -22.93
N ASP W 263 -58.46 -19.88 -22.45
CA ASP W 263 -58.00 -18.75 -21.65
C ASP W 263 -57.43 -17.64 -22.48
N ALA W 264 -57.38 -17.79 -23.81
CA ALA W 264 -56.96 -16.70 -24.68
C ALA W 264 -58.03 -15.62 -24.69
N GLY W 265 -57.62 -14.36 -24.78
CA GLY W 265 -58.56 -13.27 -24.78
C GLY W 265 -58.87 -12.76 -23.38
N SER W 266 -58.59 -13.59 -22.38
CA SER W 266 -58.63 -13.14 -21.00
C SER W 266 -57.44 -12.23 -20.77
N ALA W 267 -57.61 -11.22 -19.93
CA ALA W 267 -56.63 -10.14 -19.81
C ALA W 267 -55.64 -10.43 -18.73
N PHE W 268 -54.38 -10.10 -18.98
CA PHE W 268 -53.38 -10.24 -17.95
C PHE W 268 -53.45 -8.89 -17.30
N ALA W 269 -54.08 -8.86 -16.13
CA ALA W 269 -54.54 -7.61 -15.55
C ALA W 269 -53.68 -7.23 -14.37
N VAL W 270 -52.93 -6.14 -14.50
CA VAL W 270 -52.06 -5.69 -13.41
C VAL W 270 -52.67 -4.56 -12.57
N HIS W 271 -52.74 -4.81 -11.28
CA HIS W 271 -53.31 -3.91 -10.31
C HIS W 271 -52.21 -2.96 -9.86
N ASP W 272 -52.47 -1.67 -10.04
CA ASP W 272 -51.52 -0.61 -9.71
C ASP W 272 -51.88 -0.12 -8.35
N LEU W 273 -51.02 -0.35 -7.36
CA LEU W 273 -51.44 -0.09 -5.97
C LEU W 273 -51.49 1.41 -5.60
N GLU W 274 -50.65 2.22 -6.25
CA GLU W 274 -50.61 3.66 -5.96
C GLU W 274 -51.91 4.37 -6.36
N GLU W 275 -52.36 4.13 -7.59
CA GLU W 275 -53.62 4.73 -8.08
C GLU W 275 -54.83 3.80 -7.92
N ASP W 276 -54.61 2.65 -7.29
CA ASP W 276 -55.67 1.66 -7.05
C ASP W 276 -56.55 1.39 -8.29
N THR W 277 -55.92 1.17 -9.45
CA THR W 277 -56.67 0.92 -10.67
C THR W 277 -56.20 -0.35 -11.33
N TRP W 278 -57.11 -1.03 -12.01
CA TRP W 278 -56.80 -2.25 -12.74
C TRP W 278 -56.58 -2.03 -14.22
N TYR W 279 -55.36 -2.22 -14.67
CA TYR W 279 -55.04 -2.05 -16.10
C TYR W 279 -54.94 -3.38 -16.85
N ALA W 280 -55.33 -3.40 -18.12
CA ALA W 280 -55.03 -4.58 -18.91
C ALA W 280 -53.68 -4.37 -19.57
N THR W 281 -52.68 -5.05 -19.03
CA THR W 281 -51.35 -4.95 -19.58
C THR W 281 -51.25 -5.82 -20.85
N GLY W 282 -51.89 -6.97 -20.84
CA GLY W 282 -51.91 -7.82 -22.01
C GLY W 282 -53.16 -8.63 -22.23
N ILE W 283 -53.26 -9.20 -23.43
CA ILE W 283 -54.28 -10.18 -23.77
C ILE W 283 -53.65 -11.52 -24.09
N LEU W 284 -54.25 -12.61 -23.62
CA LEU W 284 -53.67 -13.93 -23.79
C LEU W 284 -53.78 -14.44 -25.22
N SER W 285 -52.65 -14.76 -25.84
CA SER W 285 -52.68 -15.35 -27.18
C SER W 285 -52.60 -16.87 -27.07
N PHE W 286 -51.51 -17.36 -26.51
CA PHE W 286 -51.26 -18.78 -26.48
C PHE W 286 -51.74 -19.44 -25.18
N ASP W 287 -52.90 -20.08 -25.26
CA ASP W 287 -53.51 -20.73 -24.12
C ASP W 287 -53.27 -22.21 -24.14
N LYS W 288 -52.37 -22.67 -25.00
CA LYS W 288 -52.09 -24.10 -25.15
C LYS W 288 -51.16 -24.74 -24.11
N SER W 289 -50.43 -23.93 -23.34
CA SER W 289 -49.27 -24.41 -22.55
C SER W 289 -49.54 -25.36 -21.36
N CYS W 290 -50.53 -25.03 -20.54
CA CYS W 290 -51.01 -25.92 -19.49
C CYS W 290 -49.97 -26.50 -18.51
N ALA W 291 -50.09 -27.79 -18.22
CA ALA W 291 -49.09 -28.41 -17.37
C ALA W 291 -47.72 -28.29 -18.03
N VAL W 292 -47.69 -28.66 -19.30
CA VAL W 292 -46.46 -29.15 -19.88
C VAL W 292 -45.50 -28.08 -20.37
N ALA W 293 -45.96 -26.85 -20.59
CA ALA W 293 -45.17 -25.85 -21.31
C ALA W 293 -44.99 -24.58 -20.50
N GLU W 294 -43.74 -24.25 -20.18
CA GLU W 294 -43.45 -23.30 -19.11
C GLU W 294 -44.01 -21.86 -19.21
N TYR W 295 -44.41 -21.37 -20.38
CA TYR W 295 -44.93 -19.98 -20.42
C TYR W 295 -46.16 -19.73 -21.29
N GLY W 296 -47.22 -19.21 -20.70
CA GLY W 296 -48.31 -18.69 -21.49
C GLY W 296 -47.78 -17.38 -22.01
N VAL W 297 -48.29 -16.88 -23.14
CA VAL W 297 -47.71 -15.72 -23.79
C VAL W 297 -48.79 -14.69 -24.16
N TYR W 298 -48.48 -13.43 -23.90
CA TYR W 298 -49.46 -12.37 -24.06
C TYR W 298 -48.92 -11.33 -25.04
N VAL W 299 -49.83 -10.66 -25.75
CA VAL W 299 -49.49 -9.48 -26.56
C VAL W 299 -49.70 -8.20 -25.76
N LYS W 300 -48.62 -7.43 -25.62
CA LYS W 300 -48.64 -6.19 -24.86
C LYS W 300 -49.74 -5.29 -25.36
N VAL W 301 -50.52 -4.71 -24.44
CA VAL W 301 -51.65 -3.90 -24.86
C VAL W 301 -51.14 -2.55 -25.32
N THR W 302 -50.09 -2.05 -24.67
CA THR W 302 -49.46 -0.78 -25.07
C THR W 302 -49.08 -0.74 -26.56
N SER W 303 -48.77 -1.90 -27.14
CA SER W 303 -48.39 -1.99 -28.55
C SER W 303 -49.56 -1.94 -29.52
N ILE W 304 -50.75 -2.38 -29.11
CA ILE W 304 -51.97 -2.22 -29.92
C ILE W 304 -52.77 -0.96 -29.59
N GLN W 305 -52.18 -0.07 -28.79
CA GLN W 305 -52.82 1.18 -28.39
C GLN W 305 -53.40 2.03 -29.51
N ASP W 306 -52.53 2.57 -30.36
CA ASP W 306 -52.98 3.52 -31.37
C ASP W 306 -53.92 2.88 -32.37
N TRP W 307 -53.94 1.55 -32.40
CA TRP W 307 -54.87 0.86 -33.28
C TRP W 307 -56.26 0.75 -32.67
N VAL W 308 -56.34 0.50 -31.36
CA VAL W 308 -57.65 0.27 -30.75
C VAL W 308 -58.35 1.62 -30.69
N GLN W 309 -57.60 2.66 -30.34
CA GLN W 309 -58.15 4.00 -30.32
C GLN W 309 -58.71 4.36 -31.69
N LYS W 310 -57.94 4.08 -32.72
CA LYS W 310 -58.32 4.34 -34.10
C LYS W 310 -59.61 3.63 -34.50
N THR W 311 -59.75 2.38 -34.10
CA THR W 311 -60.91 1.58 -34.48
C THR W 311 -62.19 2.05 -33.80
N ILE W 312 -62.06 2.40 -32.52
CA ILE W 312 -63.18 2.87 -31.68
C ILE W 312 -63.96 4.00 -32.33
N ALA W 313 -63.22 4.84 -33.06
CA ALA W 313 -63.76 5.96 -33.80
C ALA W 313 -64.82 5.56 -34.84
N GLU W 314 -64.87 4.29 -35.22
CA GLU W 314 -65.90 3.84 -36.14
C GLU W 314 -66.82 2.78 -35.53
N ALA X 3 -14.44 -39.88 -13.76
CA ALA X 3 -15.50 -39.70 -14.76
C ALA X 3 -16.68 -40.64 -14.53
N ASP X 4 -16.38 -41.93 -14.37
CA ASP X 4 -17.41 -42.96 -14.22
C ASP X 4 -17.72 -43.32 -12.75
N GLU X 5 -17.07 -42.60 -11.84
CA GLU X 5 -17.40 -42.74 -10.42
C GLU X 5 -18.71 -41.97 -10.15
N SER X 6 -18.80 -40.74 -10.64
CA SER X 6 -20.09 -40.04 -10.60
C SER X 6 -20.36 -39.30 -11.92
N LEU X 7 -21.41 -39.71 -12.61
CA LEU X 7 -21.72 -39.16 -13.93
C LEU X 7 -22.48 -37.84 -13.83
N LYS X 8 -23.30 -37.69 -12.79
CA LYS X 8 -24.08 -36.45 -12.63
C LYS X 8 -23.23 -35.32 -12.07
N ASP X 9 -22.11 -35.66 -11.45
CA ASP X 9 -21.11 -34.65 -11.10
C ASP X 9 -20.29 -34.31 -12.34
N ALA X 10 -20.11 -35.32 -13.20
CA ALA X 10 -19.31 -35.15 -14.40
C ALA X 10 -19.90 -34.11 -15.34
N ILE X 11 -21.22 -34.14 -15.53
CA ILE X 11 -21.85 -33.23 -16.48
C ILE X 11 -21.81 -31.76 -16.02
N LYS X 12 -21.36 -31.52 -14.79
CA LYS X 12 -21.30 -30.18 -14.23
C LYS X 12 -20.17 -29.32 -14.81
N ASP X 13 -19.18 -29.97 -15.43
CA ASP X 13 -18.11 -29.24 -16.11
C ASP X 13 -18.69 -28.45 -17.27
N PRO X 14 -18.58 -27.11 -17.20
CA PRO X 14 -19.16 -26.21 -18.21
C PRO X 14 -18.49 -26.32 -19.58
N ALA X 15 -17.30 -26.88 -19.64
CA ALA X 15 -16.57 -26.96 -20.89
C ALA X 15 -17.21 -27.94 -21.87
N LEU X 16 -18.11 -28.76 -21.35
CA LEU X 16 -18.64 -29.87 -22.14
C LEU X 16 -20.02 -29.61 -22.77
N GLU X 17 -20.59 -28.41 -22.58
CA GLU X 17 -21.99 -28.24 -22.98
C GLU X 17 -22.15 -27.88 -24.45
N ASN X 18 -22.91 -28.72 -25.14
CA ASN X 18 -23.18 -28.59 -26.57
C ASN X 18 -21.88 -28.54 -27.36
N LYS X 19 -20.86 -29.21 -26.82
CA LYS X 19 -19.60 -29.41 -27.50
C LYS X 19 -19.81 -30.43 -28.62
N GLU X 20 -19.03 -30.35 -29.70
CA GLU X 20 -19.18 -31.27 -30.82
C GLU X 20 -18.53 -32.61 -30.56
N HIS X 21 -19.32 -33.67 -30.57
CA HIS X 21 -18.81 -35.04 -30.59
C HIS X 21 -18.92 -35.76 -31.96
N ASP X 22 -19.44 -35.08 -32.98
CA ASP X 22 -19.83 -35.76 -34.23
C ASP X 22 -18.79 -35.74 -35.37
N ILE X 23 -17.62 -35.17 -35.12
CA ILE X 23 -16.58 -35.09 -36.15
C ILE X 23 -15.93 -36.43 -36.43
N GLY X 24 -15.84 -36.80 -37.71
CA GLY X 24 -15.15 -38.00 -38.12
C GLY X 24 -16.01 -39.15 -38.62
N PRO X 25 -15.36 -40.24 -39.04
CA PRO X 25 -16.00 -41.46 -39.58
C PRO X 25 -16.60 -42.29 -38.45
N ARG X 26 -17.73 -42.93 -38.73
CA ARG X 26 -18.50 -43.62 -37.69
C ARG X 26 -19.33 -44.75 -38.25
N GLU X 27 -19.61 -45.75 -37.43
CA GLU X 27 -20.49 -46.82 -37.84
C GLU X 27 -21.70 -46.77 -36.94
N GLN X 28 -22.85 -47.23 -37.40
CA GLN X 28 -24.02 -47.29 -36.52
C GLN X 28 -24.42 -48.70 -36.17
N VAL X 29 -24.22 -49.11 -34.92
CA VAL X 29 -24.49 -50.49 -34.54
C VAL X 29 -25.64 -50.62 -33.54
N ASN X 30 -26.74 -51.21 -33.97
CA ASN X 30 -27.81 -51.58 -33.04
C ASN X 30 -27.28 -52.45 -31.93
N PHE X 31 -27.84 -52.31 -30.73
CA PHE X 31 -27.50 -53.19 -29.63
C PHE X 31 -28.75 -53.55 -28.86
N GLN X 32 -28.63 -54.54 -27.99
CA GLN X 32 -29.65 -54.80 -27.00
C GLN X 32 -29.07 -54.57 -25.60
N LEU X 33 -29.94 -54.19 -24.67
CA LEU X 33 -29.56 -54.02 -23.28
C LEU X 33 -30.38 -55.02 -22.44
N LEU X 34 -29.71 -55.97 -21.79
CA LEU X 34 -30.39 -57.04 -21.05
C LEU X 34 -29.87 -57.20 -19.62
N ASP X 35 -30.72 -57.71 -18.73
CA ASP X 35 -30.33 -57.97 -17.33
C ASP X 35 -29.77 -59.40 -17.20
N LYS X 36 -29.58 -59.89 -15.98
CA LYS X 36 -28.86 -61.15 -15.78
C LYS X 36 -29.68 -62.39 -16.13
N ASN X 37 -30.97 -62.20 -16.37
CA ASN X 37 -31.82 -63.29 -16.90
C ASN X 37 -32.03 -63.22 -18.42
N ASN X 38 -31.33 -62.30 -19.06
CA ASN X 38 -31.41 -62.06 -20.52
C ASN X 38 -32.79 -61.59 -21.02
N GLU X 39 -33.44 -60.77 -20.20
CA GLU X 39 -34.60 -59.98 -20.61
C GLU X 39 -34.19 -58.52 -20.55
N THR X 40 -34.86 -57.69 -21.33
CA THR X 40 -34.41 -56.31 -21.56
C THR X 40 -34.31 -55.57 -20.26
N GLN X 41 -33.27 -54.75 -20.13
CA GLN X 41 -33.17 -53.95 -18.92
C GLN X 41 -33.93 -52.72 -19.26
N TYR X 42 -35.15 -52.62 -18.74
CA TYR X 42 -36.06 -51.60 -19.25
C TYR X 42 -35.66 -50.19 -18.84
N TYR X 43 -35.02 -50.01 -17.69
CA TYR X 43 -34.59 -48.67 -17.39
C TYR X 43 -33.47 -48.22 -18.31
N HIS X 44 -32.47 -49.08 -18.50
CA HIS X 44 -31.38 -48.76 -19.41
C HIS X 44 -31.88 -48.71 -20.84
N PHE X 45 -32.82 -49.60 -21.18
CA PHE X 45 -33.37 -49.67 -22.52
C PHE X 45 -33.85 -48.31 -22.95
N PHE X 46 -34.53 -47.66 -22.01
CA PHE X 46 -35.21 -46.39 -22.16
C PHE X 46 -34.25 -45.23 -22.12
N SER X 47 -33.14 -45.42 -21.42
CA SER X 47 -32.22 -44.31 -21.20
C SER X 47 -31.12 -44.17 -22.23
N ILE X 48 -30.91 -45.18 -23.06
CA ILE X 48 -29.79 -45.13 -24.01
C ILE X 48 -30.19 -45.32 -25.47
N LYS X 49 -29.80 -44.36 -26.31
CA LYS X 49 -30.19 -44.32 -27.72
C LYS X 49 -29.67 -45.48 -28.56
N ASP X 50 -30.62 -46.11 -29.25
CA ASP X 50 -30.37 -47.23 -30.13
C ASP X 50 -30.73 -46.89 -31.57
N PRO X 51 -29.75 -46.96 -32.52
CA PRO X 51 -28.39 -47.50 -32.55
C PRO X 51 -27.30 -46.64 -31.95
N ALA X 52 -26.08 -47.17 -31.89
CA ALA X 52 -24.99 -46.52 -31.20
C ALA X 52 -23.90 -46.07 -32.17
N ASP X 53 -23.55 -44.80 -32.15
CA ASP X 53 -22.48 -44.30 -32.99
C ASP X 53 -21.17 -44.88 -32.49
N VAL X 54 -20.43 -45.53 -33.38
CA VAL X 54 -19.11 -46.04 -33.07
C VAL X 54 -18.04 -45.34 -33.91
N TYR X 55 -17.17 -44.59 -33.26
CA TYR X 55 -16.24 -43.74 -33.97
C TYR X 55 -14.91 -44.42 -34.17
N TYR X 56 -14.35 -44.24 -35.36
CA TYR X 56 -13.11 -44.90 -35.76
C TYR X 56 -11.89 -44.09 -35.32
N THR X 57 -10.84 -44.77 -34.87
CA THR X 57 -9.61 -44.11 -34.46
C THR X 57 -8.36 -44.80 -34.99
N LYS X 58 -7.21 -44.35 -34.53
CA LYS X 58 -5.93 -44.99 -34.87
C LYS X 58 -5.82 -46.37 -34.22
N LYS X 59 -6.23 -46.46 -32.96
CA LYS X 59 -5.95 -47.66 -32.18
C LYS X 59 -7.18 -48.59 -32.02
N LYS X 60 -8.14 -48.23 -31.17
CA LYS X 60 -9.37 -49.03 -31.10
C LYS X 60 -10.59 -48.15 -31.36
N ALA X 61 -11.66 -48.76 -31.85
CA ALA X 61 -12.90 -48.04 -32.12
C ALA X 61 -13.53 -47.58 -30.83
N GLU X 62 -14.02 -46.33 -30.79
CA GLU X 62 -14.60 -45.80 -29.57
C GLU X 62 -16.12 -45.68 -29.68
N VAL X 63 -16.82 -46.45 -28.85
CA VAL X 63 -18.27 -46.43 -28.86
C VAL X 63 -18.77 -45.14 -28.18
N GLU X 64 -19.81 -44.53 -28.72
CA GLU X 64 -20.40 -43.38 -28.06
C GLU X 64 -21.83 -43.68 -27.64
N LEU X 65 -22.12 -43.44 -26.36
CA LEU X 65 -23.42 -43.74 -25.80
C LEU X 65 -24.25 -42.47 -25.50
N ASP X 66 -25.52 -42.51 -25.86
CA ASP X 66 -26.40 -41.36 -25.73
C ASP X 66 -27.35 -41.59 -24.55
N ILE X 67 -27.13 -40.92 -23.42
CA ILE X 67 -27.94 -41.24 -22.25
C ILE X 67 -28.76 -40.07 -21.73
N ASN X 68 -30.09 -40.22 -21.63
CA ASN X 68 -30.89 -39.13 -21.08
C ASN X 68 -30.87 -39.18 -19.55
N THR X 69 -31.53 -38.19 -18.94
CA THR X 69 -31.56 -37.94 -17.49
C THR X 69 -30.20 -38.10 -16.85
N ALA X 70 -29.15 -37.65 -17.54
CA ALA X 70 -27.78 -37.75 -17.05
C ALA X 70 -27.63 -37.22 -15.63
N SER X 71 -28.42 -36.20 -15.29
CA SER X 71 -28.35 -35.60 -13.97
C SER X 71 -28.80 -36.57 -12.86
N THR X 72 -29.61 -37.57 -13.19
CA THR X 72 -29.97 -38.61 -12.21
C THR X 72 -29.15 -39.91 -12.33
N TRP X 73 -28.24 -39.97 -13.30
CA TRP X 73 -27.31 -41.10 -13.39
C TRP X 73 -26.11 -40.87 -12.47
N LYS X 74 -25.66 -41.91 -11.78
CA LYS X 74 -24.51 -41.74 -10.88
C LYS X 74 -23.30 -42.58 -11.29
N LYS X 75 -23.37 -43.88 -11.05
CA LYS X 75 -22.25 -44.76 -11.37
C LYS X 75 -22.50 -45.33 -12.74
N PHE X 76 -21.60 -45.10 -13.69
CA PHE X 76 -21.74 -45.78 -14.97
C PHE X 76 -20.39 -46.36 -15.36
N GLU X 77 -20.25 -47.67 -15.21
CA GLU X 77 -18.97 -48.34 -15.44
C GLU X 77 -19.18 -49.32 -16.57
N VAL X 78 -18.27 -49.33 -17.54
CA VAL X 78 -18.39 -50.28 -18.64
C VAL X 78 -17.19 -51.22 -18.76
N TYR X 79 -17.50 -52.51 -18.78
CA TYR X 79 -16.49 -53.56 -18.68
C TYR X 79 -16.41 -54.43 -19.94
N GLU X 80 -15.19 -54.70 -20.39
CA GLU X 80 -14.95 -55.60 -21.51
C GLU X 80 -14.09 -56.77 -21.06
N ASN X 81 -14.63 -57.97 -21.15
CA ASN X 81 -14.00 -59.18 -20.58
C ASN X 81 -13.69 -59.04 -19.09
N ASN X 82 -14.63 -58.47 -18.35
CA ASN X 82 -14.49 -58.21 -16.92
C ASN X 82 -13.29 -57.38 -16.53
N GLN X 83 -12.91 -56.41 -17.36
CA GLN X 83 -11.94 -55.42 -16.90
C GLN X 83 -12.36 -54.00 -17.31
N LYS X 84 -11.96 -53.02 -16.51
CA LYS X 84 -12.55 -51.68 -16.59
C LYS X 84 -12.11 -50.92 -17.83
N LEU X 85 -13.07 -50.41 -18.58
CA LEU X 85 -12.76 -49.50 -19.68
C LEU X 85 -12.69 -48.08 -19.16
N PRO X 86 -11.75 -47.27 -19.69
CA PRO X 86 -11.58 -45.89 -19.28
C PRO X 86 -12.66 -44.97 -19.86
N VAL X 87 -13.83 -44.90 -19.19
CA VAL X 87 -14.95 -44.13 -19.72
C VAL X 87 -14.73 -42.64 -19.52
N ARG X 88 -15.07 -41.84 -20.52
CA ARG X 88 -14.99 -40.38 -20.38
C ARG X 88 -16.18 -39.67 -21.03
N LEU X 89 -16.51 -38.49 -20.51
CA LEU X 89 -17.61 -37.70 -21.00
C LEU X 89 -17.14 -36.71 -22.07
N VAL X 90 -17.80 -36.71 -23.22
CA VAL X 90 -17.39 -35.79 -24.29
C VAL X 90 -18.34 -34.58 -24.39
N SER X 91 -19.63 -34.77 -24.64
CA SER X 91 -20.54 -33.62 -24.60
C SER X 91 -21.69 -33.83 -23.62
N TYR X 92 -22.29 -32.72 -23.17
CA TYR X 92 -23.52 -32.77 -22.38
C TYR X 92 -24.54 -31.76 -22.92
N SER X 93 -25.82 -32.14 -22.91
CA SER X 93 -26.88 -31.26 -23.39
C SER X 93 -27.81 -30.85 -22.26
N PRO X 94 -27.85 -29.54 -21.91
CA PRO X 94 -28.45 -29.02 -20.69
C PRO X 94 -29.95 -29.23 -20.55
N VAL X 95 -30.50 -28.78 -19.44
CA VAL X 95 -31.54 -29.53 -18.71
C VAL X 95 -32.89 -29.89 -19.37
N PRO X 96 -33.44 -29.08 -20.30
CA PRO X 96 -34.60 -29.66 -20.98
C PRO X 96 -34.21 -30.93 -21.76
N GLU X 97 -32.92 -31.02 -22.07
CA GLU X 97 -32.34 -32.13 -22.81
C GLU X 97 -31.75 -33.19 -21.87
N ASP X 98 -30.74 -32.80 -21.08
CA ASP X 98 -30.23 -33.63 -20.00
C ASP X 98 -29.72 -34.94 -20.56
N HIS X 99 -29.02 -34.88 -21.70
CA HIS X 99 -28.34 -36.06 -22.30
C HIS X 99 -26.83 -35.99 -22.12
N ALA X 100 -26.23 -37.07 -21.64
CA ALA X 100 -24.78 -37.10 -21.56
C ALA X 100 -24.21 -37.99 -22.65
N TYR X 101 -23.07 -37.57 -23.18
CA TYR X 101 -22.41 -38.29 -24.26
C TYR X 101 -21.05 -38.81 -23.79
N ILE X 102 -20.90 -40.13 -23.78
CA ILE X 102 -19.67 -40.76 -23.30
C ILE X 102 -19.03 -41.66 -24.33
N ARG X 103 -17.72 -41.77 -24.26
CA ARG X 103 -16.94 -42.63 -25.16
C ARG X 103 -15.94 -43.51 -24.40
N PHE X 104 -15.76 -44.72 -24.91
CA PHE X 104 -14.77 -45.65 -24.40
C PHE X 104 -14.24 -46.54 -25.54
N PRO X 105 -12.96 -46.95 -25.47
CA PRO X 105 -12.38 -47.84 -26.49
C PRO X 105 -12.88 -49.26 -26.34
N VAL X 106 -13.14 -49.96 -27.44
CA VAL X 106 -13.42 -51.38 -27.33
C VAL X 106 -12.47 -52.16 -28.26
N SER X 107 -12.00 -53.30 -27.76
CA SER X 107 -11.06 -54.13 -28.50
C SER X 107 -11.78 -54.76 -29.69
N ASP X 108 -11.11 -54.77 -30.85
CA ASP X 108 -11.63 -55.37 -32.08
C ASP X 108 -12.12 -56.80 -31.77
N GLY X 109 -13.36 -57.09 -32.15
CA GLY X 109 -13.94 -58.41 -31.90
C GLY X 109 -14.97 -58.48 -30.79
N THR X 110 -14.98 -57.47 -29.93
CA THR X 110 -15.95 -57.36 -28.85
C THR X 110 -17.39 -57.34 -29.34
N GLN X 111 -18.27 -58.05 -28.64
CA GLN X 111 -19.70 -57.93 -28.90
C GLN X 111 -20.46 -57.61 -27.61
N GLU X 112 -20.33 -58.48 -26.62
CA GLU X 112 -20.95 -58.28 -25.30
C GLU X 112 -20.24 -57.21 -24.48
N LEU X 113 -21.00 -56.47 -23.68
CA LEU X 113 -20.41 -55.52 -22.75
C LEU X 113 -21.14 -55.50 -21.41
N LYS X 114 -20.36 -55.35 -20.34
CA LYS X 114 -20.89 -55.33 -18.96
C LYS X 114 -21.08 -53.89 -18.45
N ILE X 115 -22.28 -53.56 -17.97
CA ILE X 115 -22.50 -52.22 -17.37
C ILE X 115 -22.94 -52.28 -15.92
N VAL X 116 -22.07 -51.80 -15.03
CA VAL X 116 -22.40 -51.60 -13.62
C VAL X 116 -22.84 -50.15 -13.42
N SER X 117 -24.11 -49.93 -13.14
CA SER X 117 -24.63 -48.56 -13.07
C SER X 117 -25.47 -48.27 -11.83
N SER X 118 -25.73 -46.99 -11.56
CA SER X 118 -26.69 -46.62 -10.52
C SER X 118 -27.38 -45.26 -10.78
N THR X 119 -28.64 -45.15 -10.36
CA THR X 119 -29.41 -43.91 -10.49
C THR X 119 -29.94 -43.38 -9.14
N GLN X 120 -29.59 -42.13 -8.83
CA GLN X 120 -30.02 -41.43 -7.61
C GLN X 120 -30.57 -40.02 -7.88
N ILE X 121 -31.79 -39.74 -7.43
CA ILE X 121 -32.37 -38.40 -7.60
C ILE X 121 -31.99 -37.48 -6.44
N ASP X 122 -31.24 -36.44 -6.73
CA ASP X 122 -30.72 -35.52 -5.72
C ASP X 122 -29.96 -36.27 -4.60
N ASP X 123 -30.45 -36.16 -3.36
CA ASP X 123 -29.81 -36.83 -2.22
C ASP X 123 -30.45 -38.16 -1.84
N GLY X 124 -31.49 -38.54 -2.56
CA GLY X 124 -32.34 -39.63 -2.15
C GLY X 124 -31.75 -41.03 -2.31
N GLU X 125 -32.64 -42.01 -2.33
CA GLU X 125 -32.26 -43.41 -2.49
C GLU X 125 -31.46 -43.65 -3.78
N GLU X 126 -30.30 -44.26 -3.63
CA GLU X 126 -29.48 -44.68 -4.77
C GLU X 126 -29.95 -46.04 -5.25
N THR X 127 -30.31 -46.16 -6.52
CA THR X 127 -30.73 -47.44 -7.05
C THR X 127 -29.60 -48.10 -7.83
N ASN X 128 -29.04 -49.16 -7.27
CA ASN X 128 -27.93 -49.84 -7.92
C ASN X 128 -28.42 -50.83 -8.95
N TYR X 129 -27.83 -50.77 -10.14
CA TYR X 129 -28.12 -51.71 -11.21
C TYR X 129 -26.89 -52.56 -11.40
N ASP X 130 -26.98 -53.81 -10.96
CA ASP X 130 -25.80 -54.63 -10.66
C ASP X 130 -25.02 -55.00 -11.86
N TYR X 131 -25.75 -55.57 -12.80
CA TYR X 131 -25.22 -56.13 -14.01
C TYR X 131 -26.17 -55.74 -15.14
N THR X 132 -25.62 -55.14 -16.18
CA THR X 132 -26.39 -54.89 -17.38
C THR X 132 -25.54 -55.35 -18.56
N LYS X 133 -26.08 -56.24 -19.39
CA LYS X 133 -25.33 -56.79 -20.51
C LYS X 133 -25.68 -56.01 -21.77
N LEU X 134 -24.70 -55.38 -22.39
CA LEU X 134 -24.92 -54.71 -23.65
C LEU X 134 -24.45 -55.58 -24.78
N VAL X 135 -25.37 -55.94 -25.67
CA VAL X 135 -25.08 -56.82 -26.80
C VAL X 135 -25.22 -56.15 -28.16
N PHE X 136 -24.10 -55.86 -28.83
CA PHE X 136 -24.16 -55.26 -30.16
C PHE X 136 -24.71 -56.27 -31.13
N ALA X 137 -25.59 -55.82 -32.03
CA ALA X 137 -26.20 -56.76 -32.99
C ALA X 137 -25.16 -57.37 -33.95
N LYS X 138 -23.98 -56.76 -34.02
CA LYS X 138 -22.84 -57.32 -34.74
C LYS X 138 -21.54 -56.91 -34.03
N PRO X 139 -20.47 -57.69 -34.17
CA PRO X 139 -19.20 -57.36 -33.52
C PRO X 139 -18.66 -55.98 -33.88
N ILE X 140 -17.80 -55.39 -33.06
CA ILE X 140 -17.20 -54.09 -33.36
C ILE X 140 -15.79 -54.25 -33.88
N TYR X 141 -15.52 -53.69 -35.07
CA TYR X 141 -14.16 -53.68 -35.64
C TYR X 141 -13.73 -52.29 -36.08
N ASN X 142 -12.57 -51.87 -35.59
CA ASN X 142 -11.99 -50.58 -35.96
C ASN X 142 -11.60 -50.58 -37.44
N ASP X 143 -11.68 -49.41 -38.07
CA ASP X 143 -11.32 -49.25 -39.47
C ASP X 143 -10.48 -48.00 -39.68
N PRO X 144 -9.19 -48.04 -39.26
CA PRO X 144 -8.30 -46.88 -39.36
C PRO X 144 -8.14 -46.35 -40.80
N SER X 145 -8.57 -47.15 -41.78
CA SER X 145 -8.42 -46.82 -43.19
C SER X 145 -9.23 -45.58 -43.63
N LEU X 146 -10.09 -45.06 -42.74
CA LEU X 146 -10.93 -43.90 -43.08
C LEU X 146 -10.43 -42.58 -42.47
N ALA Y 1 -67.03 -29.53 36.49
CA ALA Y 1 -67.51 -28.80 35.31
C ALA Y 1 -68.96 -29.20 34.98
N GLU Y 2 -69.90 -28.24 35.03
CA GLU Y 2 -71.27 -28.56 34.62
C GLU Y 2 -71.89 -27.47 33.73
N GLY Y 3 -72.17 -27.80 32.47
CA GLY Y 3 -72.97 -26.95 31.59
C GLY Y 3 -74.51 -26.93 31.61
N LEU Y 4 -75.12 -25.75 31.81
CA LEU Y 4 -76.41 -25.34 31.24
C LEU Y 4 -76.94 -24.07 31.92
N LYS Y 5 -78.06 -23.56 31.43
CA LYS Y 5 -78.75 -22.43 32.06
C LYS Y 5 -80.09 -22.22 31.34
N THR Y 6 -80.64 -21.02 31.49
CA THR Y 6 -81.80 -20.57 30.71
C THR Y 6 -81.51 -20.56 29.21
N LYS Y 7 -82.59 -20.48 28.42
CA LYS Y 7 -82.53 -20.46 26.94
C LYS Y 7 -81.70 -19.31 26.40
N ASP Y 8 -81.29 -18.40 27.27
CA ASP Y 8 -80.30 -17.40 26.87
C ASP Y 8 -78.90 -18.04 26.83
N GLU Y 9 -78.42 -18.53 27.97
CA GLU Y 9 -77.04 -19.00 28.08
C GLU Y 9 -76.71 -20.17 27.15
N VAL Y 10 -77.71 -20.83 26.58
CA VAL Y 10 -77.43 -21.83 25.54
C VAL Y 10 -76.93 -21.13 24.28
N GLU Y 11 -77.58 -20.03 23.90
CA GLU Y 11 -77.18 -19.33 22.69
C GLU Y 11 -76.09 -18.29 22.94
N LYS Y 12 -75.84 -17.92 24.19
CA LYS Y 12 -74.67 -17.11 24.49
C LYS Y 12 -73.44 -17.95 24.21
N ALA Y 13 -73.60 -19.26 24.45
CA ALA Y 13 -72.56 -20.25 24.13
C ALA Y 13 -72.56 -20.64 22.66
N CYS Y 14 -73.75 -20.84 22.09
CA CYS Y 14 -73.88 -21.20 20.69
C CYS Y 14 -73.14 -20.21 19.82
N HIS Y 15 -73.26 -18.95 20.18
CA HIS Y 15 -72.56 -17.91 19.46
C HIS Y 15 -71.07 -18.05 19.69
N LEU Y 16 -70.68 -18.59 20.85
CA LEU Y 16 -69.27 -18.74 21.13
C LEU Y 16 -68.68 -19.81 20.24
N ALA Y 17 -69.33 -20.97 20.24
CA ALA Y 17 -68.91 -22.10 19.44
C ALA Y 17 -68.76 -21.69 17.98
N GLN Y 18 -69.69 -20.86 17.56
CA GLN Y 18 -69.72 -20.45 16.18
C GLN Y 18 -68.57 -19.51 15.93
N GLN Y 19 -68.29 -18.59 16.85
CA GLN Y 19 -67.16 -17.70 16.62
C GLN Y 19 -65.90 -18.51 16.80
N LEU Y 20 -65.86 -19.28 17.88
CA LEU Y 20 -64.70 -20.13 18.15
C LEU Y 20 -64.39 -21.07 16.97
N LYS Y 21 -65.39 -21.57 16.26
CA LYS Y 21 -65.08 -22.42 15.12
C LYS Y 21 -64.55 -21.57 13.98
N GLU Y 22 -65.26 -20.48 13.73
CA GLU Y 22 -64.97 -19.59 12.63
C GLU Y 22 -63.64 -18.85 12.72
N VAL Y 23 -62.87 -18.99 13.79
CA VAL Y 23 -61.58 -18.31 13.81
C VAL Y 23 -60.60 -19.10 12.93
N SER Y 24 -60.79 -20.40 12.86
CA SER Y 24 -59.91 -21.24 12.05
C SER Y 24 -60.19 -21.07 10.57
N ILE Y 25 -61.37 -20.56 10.24
CA ILE Y 25 -61.76 -20.31 8.87
C ILE Y 25 -61.27 -18.94 8.46
N THR Y 26 -61.80 -17.91 9.11
CA THR Y 26 -61.46 -16.52 8.80
C THR Y 26 -59.96 -16.27 8.67
N LEU Y 27 -59.20 -16.73 9.65
CA LEU Y 27 -57.75 -16.54 9.65
C LEU Y 27 -57.10 -17.17 8.45
N GLY Y 28 -57.76 -18.19 7.91
CA GLY Y 28 -57.33 -18.83 6.67
C GLY Y 28 -57.43 -17.90 5.48
N VAL Y 29 -58.63 -17.39 5.24
CA VAL Y 29 -58.89 -16.44 4.16
C VAL Y 29 -57.93 -15.29 4.23
N ILE Y 30 -57.53 -14.94 5.44
CA ILE Y 30 -56.67 -13.80 5.60
C ILE Y 30 -55.24 -14.16 5.18
N TYR Y 31 -54.78 -15.37 5.45
CA TYR Y 31 -53.40 -15.71 5.09
C TYR Y 31 -53.27 -15.64 3.56
N ARG Y 32 -54.31 -16.11 2.89
CA ARG Y 32 -54.34 -16.18 1.44
C ARG Y 32 -54.50 -14.81 0.83
N THR Y 33 -55.15 -13.93 1.58
CA THR Y 33 -55.20 -12.52 1.25
C THR Y 33 -53.79 -11.95 1.01
N THR Y 34 -52.79 -12.56 1.65
CA THR Y 34 -51.38 -12.18 1.47
C THR Y 34 -50.52 -13.02 0.50
N GLU Y 35 -51.08 -13.95 -0.24
CA GLU Y 35 -50.24 -14.64 -1.21
C GLU Y 35 -49.70 -13.64 -2.21
N ARG Y 36 -50.54 -12.66 -2.56
CA ARG Y 36 -50.16 -11.59 -3.47
C ARG Y 36 -48.81 -10.99 -3.14
N HIS Y 37 -48.61 -10.60 -1.89
CA HIS Y 37 -47.39 -9.94 -1.49
C HIS Y 37 -46.20 -10.90 -1.54
N SER Y 38 -46.46 -12.17 -1.32
CA SER Y 38 -45.42 -13.19 -1.31
C SER Y 38 -44.83 -13.36 -2.71
N VAL Y 39 -45.72 -13.58 -3.68
CA VAL Y 39 -45.33 -13.74 -5.06
C VAL Y 39 -44.79 -12.43 -5.65
N GLN Y 40 -45.24 -11.30 -5.11
CA GLN Y 40 -44.80 -10.01 -5.64
C GLN Y 40 -43.37 -9.76 -5.23
N VAL Y 41 -43.08 -10.04 -3.98
CA VAL Y 41 -41.76 -9.79 -3.47
C VAL Y 41 -40.80 -10.76 -4.16
N GLU Y 42 -41.32 -11.90 -4.61
CA GLU Y 42 -40.50 -12.87 -5.33
C GLU Y 42 -40.09 -12.33 -6.69
N ALA Y 43 -41.04 -11.72 -7.39
CA ALA Y 43 -40.73 -11.20 -8.71
C ALA Y 43 -39.78 -10.02 -8.58
N HIS Y 44 -39.79 -9.36 -7.41
CA HIS Y 44 -38.84 -8.26 -7.17
C HIS Y 44 -37.44 -8.81 -7.20
N LYS Y 45 -37.26 -9.98 -6.59
CA LYS Y 45 -35.99 -10.68 -6.61
C LYS Y 45 -35.57 -10.96 -8.05
N THR Y 46 -36.52 -11.44 -8.86
CA THR Y 46 -36.23 -11.81 -10.24
C THR Y 46 -35.66 -10.61 -10.98
N ALA Y 47 -36.35 -9.48 -10.84
CA ALA Y 47 -35.99 -8.24 -11.53
C ALA Y 47 -34.70 -7.65 -11.00
N ILE Y 48 -34.52 -7.66 -9.68
CA ILE Y 48 -33.26 -7.21 -9.09
C ILE Y 48 -32.08 -8.01 -9.64
N ASP Y 49 -32.27 -9.31 -9.85
CA ASP Y 49 -31.24 -10.10 -10.50
C ASP Y 49 -30.98 -9.52 -11.89
N LYS Y 50 -32.03 -9.41 -12.68
CA LYS Y 50 -31.94 -8.95 -14.07
C LYS Y 50 -31.23 -7.61 -14.21
N HIS Y 51 -31.48 -6.71 -13.28
CA HIS Y 51 -30.85 -5.39 -13.26
C HIS Y 51 -29.34 -5.48 -13.03
N ALA Y 52 -28.93 -6.38 -12.15
CA ALA Y 52 -27.52 -6.55 -11.82
C ALA Y 52 -26.71 -6.88 -13.07
N ASP Y 53 -27.30 -7.68 -13.94
CA ASP Y 53 -26.68 -8.02 -15.22
C ASP Y 53 -26.85 -6.89 -16.23
N ALA Y 54 -27.98 -6.18 -16.16
CA ALA Y 54 -28.25 -5.09 -17.08
C ALA Y 54 -27.20 -4.00 -16.97
N VAL Y 55 -26.80 -3.68 -15.74
CA VAL Y 55 -25.83 -2.62 -15.49
C VAL Y 55 -24.41 -3.16 -15.34
N SER Y 56 -24.24 -4.47 -15.52
CA SER Y 56 -22.95 -5.13 -15.31
C SER Y 56 -21.83 -4.42 -16.08
N ARG Y 57 -22.09 -4.15 -17.36
CA ARG Y 57 -21.11 -3.50 -18.22
C ARG Y 57 -20.70 -2.12 -17.70
N ALA Y 58 -21.66 -1.40 -17.13
CA ALA Y 58 -21.42 -0.04 -16.63
C ALA Y 58 -20.71 -0.01 -15.27
N VAL Y 59 -20.88 -1.06 -14.47
CA VAL Y 59 -20.17 -1.16 -13.20
C VAL Y 59 -18.74 -1.63 -13.43
N GLU Y 60 -18.60 -2.63 -14.31
CA GLU Y 60 -17.28 -3.14 -14.69
C GLU Y 60 -16.41 -2.02 -15.23
N ALA Y 61 -17.04 -1.08 -15.93
CA ALA Y 61 -16.35 0.09 -16.47
C ALA Y 61 -15.96 1.04 -15.34
N LEU Y 62 -16.91 1.31 -14.44
CA LEU Y 62 -16.67 2.24 -13.34
C LEU Y 62 -15.71 1.63 -12.33
N THR Y 63 -15.59 0.30 -12.36
CA THR Y 63 -14.59 -0.37 -11.54
C THR Y 63 -13.19 -0.09 -12.10
N ARG Y 64 -13.08 -0.14 -13.44
CA ARG Y 64 -11.80 0.09 -14.11
C ARG Y 64 -11.20 1.45 -13.77
N VAL Y 65 -12.05 2.46 -13.56
CA VAL Y 65 -11.58 3.79 -13.23
C VAL Y 65 -11.24 3.90 -11.75
N ASP Y 66 -11.71 2.93 -10.96
CA ASP Y 66 -11.32 2.83 -9.57
C ASP Y 66 -9.94 2.19 -9.45
N VAL Y 67 -9.71 1.15 -10.26
CA VAL Y 67 -8.47 0.38 -10.20
C VAL Y 67 -7.35 1.08 -10.98
N ALA Y 68 -7.72 2.04 -11.83
CA ALA Y 68 -6.73 2.85 -12.52
C ALA Y 68 -6.51 4.17 -11.80
N LEU Y 69 -7.26 4.39 -10.72
CA LEU Y 69 -7.05 5.53 -9.83
C LEU Y 69 -6.19 5.07 -8.64
N GLN Y 70 -5.79 3.81 -8.68
CA GLN Y 70 -4.92 3.20 -7.67
C GLN Y 70 -3.44 3.29 -8.04
N ARG Y 71 -3.05 2.73 -9.18
CA ARG Y 71 -1.70 2.96 -9.71
C ARG Y 71 -1.48 4.45 -9.99
N LEU Y 72 -2.59 5.20 -10.02
CA LEU Y 72 -2.58 6.66 -10.07
C LEU Y 72 -2.48 7.30 -8.69
N LYS Y 73 -2.30 6.49 -7.66
CA LYS Y 73 -2.16 7.00 -6.30
C LYS Y 73 -0.69 7.35 -6.08
N GLU Y 74 0.07 7.29 -7.17
CA GLU Y 74 1.46 7.75 -7.19
C GLU Y 74 1.56 9.16 -7.82
N LEU Y 75 1.47 9.29 -9.15
CA LEU Y 75 1.53 10.62 -9.78
C LEU Y 75 0.18 11.22 -10.16
N GLY Y 76 -0.90 10.45 -9.96
CA GLY Y 76 -2.19 10.87 -10.49
C GLY Y 76 -3.15 11.56 -9.54
N LYS Y 77 -2.92 11.46 -8.24
CA LYS Y 77 -3.82 12.06 -7.25
C LYS Y 77 -3.83 13.59 -7.33
N ALA Y 78 -2.86 14.17 -8.03
CA ALA Y 78 -2.76 15.62 -8.12
C ALA Y 78 -3.01 16.13 -9.53
N ASN Y 79 -4.18 16.75 -9.72
CA ASN Y 79 -4.51 17.63 -10.85
C ASN Y 79 -3.90 17.20 -12.20
N ASP Y 80 -4.34 16.06 -12.70
CA ASP Y 80 -3.73 15.48 -13.89
C ASP Y 80 -4.41 16.03 -15.16
N THR Y 81 -5.24 17.06 -14.99
CA THR Y 81 -6.07 17.59 -16.09
C THR Y 81 -7.00 16.47 -16.55
N LYS Y 82 -6.71 15.87 -17.69
CA LYS Y 82 -7.57 14.87 -18.34
C LYS Y 82 -7.99 13.69 -17.44
N ALA Y 83 -7.37 13.56 -16.26
CA ALA Y 83 -7.80 12.59 -15.26
C ALA Y 83 -8.80 13.21 -14.24
N VAL Y 84 -8.38 14.23 -13.50
CA VAL Y 84 -9.22 14.85 -12.48
C VAL Y 84 -10.51 15.46 -13.03
N LYS Y 85 -10.58 15.64 -14.34
CA LYS Y 85 -11.80 16.10 -14.99
C LYS Y 85 -12.70 14.93 -15.40
N ILE Y 86 -12.21 13.70 -15.21
CA ILE Y 86 -13.03 12.51 -15.43
C ILE Y 86 -14.03 12.36 -14.30
N ILE Y 87 -13.56 12.48 -13.06
CA ILE Y 87 -14.43 12.40 -11.87
C ILE Y 87 -15.52 13.47 -11.94
N GLU Y 88 -15.30 14.48 -12.77
CA GLU Y 88 -16.28 15.53 -13.03
C GLU Y 88 -17.40 15.04 -13.95
N ASN Y 89 -17.08 14.15 -14.88
CA ASN Y 89 -18.09 13.57 -15.78
C ASN Y 89 -18.69 12.27 -15.24
N ILE Y 90 -18.08 11.73 -14.19
CA ILE Y 90 -18.55 10.55 -13.49
C ILE Y 90 -19.40 11.02 -12.30
N THR Y 91 -19.63 12.33 -12.25
CA THR Y 91 -20.37 12.93 -11.13
C THR Y 91 -21.68 12.20 -10.87
N SER Y 92 -22.55 12.12 -11.87
CA SER Y 92 -23.85 11.50 -11.71
C SER Y 92 -23.80 9.97 -11.78
N ALA Y 93 -22.79 9.45 -12.48
CA ALA Y 93 -22.62 8.01 -12.61
C ALA Y 93 -22.48 7.36 -11.23
N ARG Y 94 -21.58 7.89 -10.41
CA ARG Y 94 -21.38 7.35 -9.07
C ARG Y 94 -22.50 7.73 -8.13
N GLU Y 95 -23.27 8.77 -8.49
CA GLU Y 95 -24.46 9.11 -7.71
C GLU Y 95 -25.43 7.94 -7.79
N ASN Y 96 -25.81 7.57 -9.01
CA ASN Y 96 -26.79 6.52 -9.24
C ASN Y 96 -26.34 5.17 -8.68
N LEU Y 97 -25.08 4.83 -8.92
CA LEU Y 97 -24.52 3.58 -8.43
C LEU Y 97 -24.62 3.53 -6.91
N ALA Y 98 -24.49 4.69 -6.27
CA ALA Y 98 -24.68 4.77 -4.83
C ALA Y 98 -26.14 4.48 -4.48
N LEU Y 99 -27.06 5.08 -5.23
CA LEU Y 99 -28.49 4.86 -5.02
C LEU Y 99 -28.88 3.42 -5.32
N PHE Y 100 -28.26 2.85 -6.35
CA PHE Y 100 -28.54 1.48 -6.75
C PHE Y 100 -28.30 0.47 -5.63
N ASN Y 101 -27.04 0.37 -5.19
CA ASN Y 101 -26.68 -0.56 -4.13
C ASN Y 101 -27.33 -0.20 -2.80
N ASN Y 102 -27.94 0.99 -2.75
CA ASN Y 102 -28.74 1.40 -1.61
C ASN Y 102 -30.17 0.87 -1.72
N GLU Y 103 -30.87 1.30 -2.77
CA GLU Y 103 -32.27 0.94 -2.99
C GLU Y 103 -32.50 -0.56 -3.26
N THR Y 104 -31.61 -1.21 -4.01
CA THR Y 104 -31.73 -2.64 -4.25
C THR Y 104 -31.72 -3.39 -2.91
N GLN Y 105 -30.78 -3.03 -2.05
CA GLN Y 105 -30.67 -3.64 -0.72
C GLN Y 105 -31.94 -3.46 0.09
N ALA Y 106 -32.64 -2.35 -0.14
CA ALA Y 106 -33.87 -2.04 0.58
C ALA Y 106 -34.99 -3.00 0.21
N VAL Y 107 -35.15 -3.26 -1.09
CA VAL Y 107 -36.19 -4.18 -1.54
C VAL Y 107 -35.81 -5.60 -1.16
N LEU Y 108 -34.52 -5.82 -0.92
CA LEU Y 108 -34.04 -7.11 -0.43
C LEU Y 108 -34.41 -7.28 1.03
N THR Y 109 -34.22 -6.23 1.82
CA THR Y 109 -34.57 -6.29 3.23
C THR Y 109 -36.11 -6.32 3.37
N ALA Y 110 -36.80 -5.44 2.62
CA ALA Y 110 -38.26 -5.46 2.54
C ALA Y 110 -38.75 -6.87 2.23
N ARG Y 111 -38.05 -7.51 1.30
CA ARG Y 111 -38.32 -8.88 0.91
C ARG Y 111 -38.21 -9.81 2.10
N ASP Y 112 -37.05 -9.81 2.73
CA ASP Y 112 -36.81 -10.72 3.84
C ASP Y 112 -37.89 -10.56 4.90
N HIS Y 113 -38.22 -9.30 5.18
CA HIS Y 113 -39.20 -9.00 6.23
C HIS Y 113 -40.59 -9.55 5.87
N VAL Y 114 -40.95 -9.47 4.59
CA VAL Y 114 -42.31 -9.82 4.22
C VAL Y 114 -42.51 -11.33 4.42
N HIS Y 115 -41.47 -12.13 4.18
CA HIS Y 115 -41.58 -13.56 4.39
C HIS Y 115 -41.74 -13.87 5.88
N LYS Y 116 -40.82 -13.35 6.68
CA LYS Y 116 -40.85 -13.57 8.13
C LYS Y 116 -42.21 -13.26 8.71
N HIS Y 117 -42.74 -12.09 8.39
CA HIS Y 117 -44.06 -11.70 8.86
C HIS Y 117 -45.10 -12.68 8.36
N ARG Y 118 -45.00 -13.03 7.08
CA ARG Y 118 -45.94 -13.99 6.49
C ARG Y 118 -45.79 -15.35 7.18
N ALA Y 119 -44.60 -15.62 7.71
CA ALA Y 119 -44.37 -16.83 8.49
C ALA Y 119 -45.03 -16.72 9.86
N ALA Y 120 -44.77 -15.60 10.55
CA ALA Y 120 -45.42 -15.33 11.83
C ALA Y 120 -46.94 -15.29 11.63
N ALA Y 121 -47.37 -14.74 10.50
CA ALA Y 121 -48.77 -14.84 10.12
C ALA Y 121 -49.21 -16.30 10.12
N LEU Y 122 -48.43 -17.11 9.41
CA LEU Y 122 -48.71 -18.53 9.20
C LEU Y 122 -48.72 -19.26 10.53
N GLN Y 123 -47.68 -19.04 11.32
CA GLN Y 123 -47.57 -19.71 12.61
C GLN Y 123 -48.82 -19.41 13.43
N GLY Y 124 -49.10 -18.11 13.59
CA GLY Y 124 -50.27 -17.66 14.31
C GLY Y 124 -51.56 -18.31 13.86
N TRP Y 125 -51.74 -18.44 12.54
CA TRP Y 125 -52.90 -19.17 12.02
C TRP Y 125 -52.96 -20.59 12.62
N SER Y 126 -51.90 -21.38 12.44
CA SER Y 126 -51.94 -22.79 12.82
C SER Y 126 -52.26 -23.01 14.30
N ASP Y 127 -51.69 -22.15 15.15
CA ASP Y 127 -51.99 -22.20 16.59
C ASP Y 127 -53.46 -21.99 16.83
N ALA Y 128 -53.96 -20.83 16.40
CA ALA Y 128 -55.35 -20.47 16.66
C ALA Y 128 -56.35 -21.43 16.00
N LYS Y 129 -55.89 -22.24 15.05
CA LYS Y 129 -56.76 -23.29 14.58
C LYS Y 129 -56.88 -24.35 15.68
N GLU Y 130 -55.77 -24.76 16.28
CA GLU Y 130 -55.80 -25.71 17.40
C GLU Y 130 -56.66 -25.22 18.56
N LYS Y 131 -56.19 -24.12 19.17
CA LYS Y 131 -56.81 -23.48 20.30
C LYS Y 131 -58.30 -23.24 20.04
N GLY Y 132 -58.62 -22.60 18.92
CA GLY Y 132 -60.00 -22.41 18.52
C GLY Y 132 -60.82 -23.67 18.30
N ASP Y 133 -60.28 -24.62 17.53
CA ASP Y 133 -61.00 -25.87 17.25
C ASP Y 133 -61.18 -26.67 18.51
N ALA Y 134 -60.14 -26.68 19.34
CA ALA Y 134 -60.21 -27.30 20.65
C ALA Y 134 -61.38 -26.71 21.40
N ALA Y 135 -61.25 -25.42 21.72
CA ALA Y 135 -62.23 -24.66 22.48
C ALA Y 135 -63.66 -24.80 21.96
N ALA Y 136 -63.85 -24.58 20.67
CA ALA Y 136 -65.19 -24.71 20.09
C ALA Y 136 -65.76 -26.10 20.35
N GLU Y 137 -64.87 -27.09 20.38
CA GLU Y 137 -65.26 -28.48 20.57
C GLU Y 137 -65.77 -28.70 22.00
N ASP Y 138 -65.10 -28.07 22.96
CA ASP Y 138 -65.47 -28.17 24.35
C ASP Y 138 -66.84 -27.58 24.56
N VAL Y 139 -67.08 -26.39 24.02
CA VAL Y 139 -68.34 -25.70 24.32
C VAL Y 139 -69.42 -26.32 23.43
N TRP Y 140 -69.03 -27.32 22.64
CA TRP Y 140 -70.01 -28.11 21.93
C TRP Y 140 -70.41 -29.38 22.68
N VAL Y 141 -69.68 -29.75 23.73
CA VAL Y 141 -70.11 -30.92 24.52
C VAL Y 141 -71.18 -30.48 25.51
N LEU Y 142 -71.17 -29.20 25.86
CA LEU Y 142 -72.24 -28.59 26.66
C LEU Y 142 -73.43 -28.30 25.76
N LEU Y 143 -73.13 -27.98 24.50
CA LEU Y 143 -74.17 -27.65 23.53
C LEU Y 143 -74.92 -28.93 23.13
N ASN Y 144 -74.19 -30.02 23.01
CA ASN Y 144 -74.81 -31.31 22.68
C ASN Y 144 -75.43 -31.95 23.93
N ALA Y 145 -74.87 -31.66 25.10
CA ALA Y 145 -75.44 -32.13 26.35
C ALA Y 145 -76.81 -31.52 26.56
N ALA Y 146 -76.98 -30.27 26.11
CA ALA Y 146 -78.24 -29.56 26.24
C ALA Y 146 -79.29 -30.17 25.32
N LYS Y 147 -78.82 -30.84 24.26
CA LYS Y 147 -79.70 -31.73 23.55
C LYS Y 147 -79.94 -32.90 24.51
N LYS Y 148 -81.20 -33.17 24.82
CA LYS Y 148 -81.65 -34.17 25.83
C LYS Y 148 -80.88 -34.11 27.18
N GLY Y 149 -80.78 -32.91 27.75
CA GLY Y 149 -80.09 -32.68 29.01
C GLY Y 149 -81.00 -32.51 30.22
N ASN Y 150 -82.18 -33.12 30.15
CA ASN Y 150 -83.29 -33.00 31.14
C ASN Y 150 -83.99 -31.65 30.99
N GLY Y 151 -83.31 -30.69 30.36
CA GLY Y 151 -83.95 -29.58 29.68
C GLY Y 151 -84.60 -28.50 30.51
N SER Y 152 -84.74 -27.33 29.91
CA SER Y 152 -85.77 -26.37 30.28
C SER Y 152 -86.88 -26.53 29.24
N ALA Y 153 -86.60 -27.42 28.28
CA ALA Y 153 -87.46 -27.78 27.14
C ALA Y 153 -87.67 -26.61 26.16
N ASP Y 154 -87.40 -25.39 26.60
CA ASP Y 154 -87.16 -24.31 25.65
C ASP Y 154 -85.65 -24.17 25.48
N VAL Y 155 -84.90 -24.86 26.34
CA VAL Y 155 -83.47 -25.00 26.20
C VAL Y 155 -83.17 -26.12 25.21
N LYS Y 156 -84.01 -27.14 25.25
CA LYS Y 156 -83.93 -28.24 24.30
C LYS Y 156 -84.08 -27.69 22.88
N ALA Y 157 -85.14 -26.91 22.67
CA ALA Y 157 -85.39 -26.30 21.37
C ALA Y 157 -84.22 -25.41 20.93
N ALA Y 158 -83.56 -24.81 21.90
CA ALA Y 158 -82.52 -23.81 21.65
C ALA Y 158 -81.18 -24.44 21.30
N ALA Y 159 -81.12 -25.77 21.29
CA ALA Y 159 -79.94 -26.44 20.77
C ALA Y 159 -80.18 -26.80 19.31
N GLU Y 160 -81.20 -27.62 19.05
CA GLU Y 160 -81.43 -28.12 17.69
C GLU Y 160 -81.60 -27.02 16.64
N LYS Y 161 -81.95 -25.81 17.08
CA LYS Y 161 -81.98 -24.65 16.19
C LYS Y 161 -80.57 -24.19 15.83
N CYS Y 162 -79.58 -24.62 16.63
CA CYS Y 162 -78.21 -24.12 16.48
C CYS Y 162 -77.47 -24.86 15.35
N SER Y 163 -76.64 -24.14 14.60
CA SER Y 163 -75.88 -24.75 13.51
C SER Y 163 -74.36 -24.56 13.67
N ARG Y 164 -73.58 -25.48 13.10
CA ARG Y 164 -72.15 -25.60 13.40
C ARG Y 164 -71.32 -24.36 13.08
N TYR Y 165 -71.58 -23.72 11.95
CA TYR Y 165 -70.78 -22.59 11.49
C TYR Y 165 -71.52 -21.27 11.68
N SER Y 166 -70.77 -20.20 11.96
CA SER Y 166 -71.31 -18.85 11.94
C SER Y 166 -71.73 -18.48 10.53
N SER Y 167 -72.55 -17.46 10.38
CA SER Y 167 -72.99 -17.06 9.06
C SER Y 167 -71.98 -16.13 8.42
N SER Y 168 -71.04 -15.66 9.22
CA SER Y 168 -70.13 -14.59 8.81
C SER Y 168 -68.70 -14.76 9.32
N SER Y 169 -67.82 -13.84 8.94
CA SER Y 169 -66.43 -13.88 9.39
C SER Y 169 -66.29 -13.40 10.83
N THR Y 170 -65.06 -13.30 11.34
CA THR Y 170 -64.88 -12.78 12.71
C THR Y 170 -63.82 -11.71 12.87
N SER Y 171 -64.21 -10.57 13.44
CA SER Y 171 -63.23 -9.56 13.82
C SER Y 171 -62.53 -10.04 15.07
N GLU Y 172 -61.52 -9.31 15.51
CA GLU Y 172 -61.08 -9.43 16.88
C GLU Y 172 -62.26 -8.99 17.72
N THR Y 173 -62.98 -8.00 17.21
CA THR Y 173 -64.14 -7.42 17.88
C THR Y 173 -65.20 -8.46 18.21
N GLU Y 174 -65.79 -9.04 17.17
CA GLU Y 174 -66.81 -10.07 17.32
C GLU Y 174 -66.44 -11.17 18.31
N LEU Y 175 -65.17 -11.58 18.26
CA LEU Y 175 -64.64 -12.66 19.10
C LEU Y 175 -64.71 -12.31 20.58
N GLN Y 176 -64.11 -11.17 20.95
CA GLN Y 176 -64.14 -10.69 22.34
C GLN Y 176 -65.58 -10.46 22.83
N LYS Y 177 -66.42 -9.98 21.93
CA LYS Y 177 -67.83 -9.79 22.16
C LYS Y 177 -68.55 -11.14 22.31
N ALA Y 178 -67.96 -12.20 21.80
CA ALA Y 178 -68.49 -13.54 22.02
C ALA Y 178 -68.01 -14.09 23.37
N ILE Y 179 -66.75 -13.79 23.71
CA ILE Y 179 -66.18 -14.12 25.02
C ILE Y 179 -66.88 -13.31 26.09
N ASP Y 180 -67.13 -12.03 25.78
CA ASP Y 180 -67.83 -11.12 26.68
C ASP Y 180 -69.15 -11.67 27.12
N ALA Y 181 -70.08 -11.87 26.19
CA ALA Y 181 -71.39 -12.42 26.54
C ALA Y 181 -71.27 -13.76 27.28
N ALA Y 182 -70.13 -14.43 27.06
CA ALA Y 182 -69.86 -15.76 27.64
C ALA Y 182 -69.34 -15.73 29.08
N ALA Y 183 -68.49 -14.76 29.40
CA ALA Y 183 -67.87 -14.68 30.72
C ALA Y 183 -68.89 -14.56 31.83
N ASN Y 184 -69.58 -13.41 31.86
CA ASN Y 184 -70.43 -12.99 32.98
C ASN Y 184 -71.56 -13.93 33.44
N VAL Y 185 -72.56 -14.08 32.56
CA VAL Y 185 -73.58 -15.11 32.70
C VAL Y 185 -72.90 -16.42 32.34
N GLY Y 186 -73.30 -17.51 32.98
CA GLY Y 186 -72.75 -18.80 32.63
C GLY Y 186 -71.24 -18.85 32.71
N GLY Y 187 -70.70 -18.54 33.89
CA GLY Y 187 -69.31 -18.80 34.23
C GLY Y 187 -69.13 -20.30 34.26
N LEU Y 188 -70.23 -20.94 33.91
CA LEU Y 188 -70.38 -22.32 33.53
C LEU Y 188 -69.21 -22.77 32.67
N SER Y 189 -68.76 -21.87 31.80
CA SER Y 189 -67.55 -22.12 31.06
C SER Y 189 -66.35 -21.98 32.02
N ALA Y 190 -66.04 -20.76 32.47
CA ALA Y 190 -64.86 -20.51 33.30
C ALA Y 190 -63.61 -21.11 32.65
N HIS Y 191 -63.61 -21.14 31.32
CA HIS Y 191 -62.47 -21.56 30.52
C HIS Y 191 -61.71 -20.34 30.02
N LYS Y 192 -62.16 -19.16 30.43
CA LYS Y 192 -61.82 -17.90 29.75
C LYS Y 192 -60.32 -17.67 29.54
N SER Y 193 -59.47 -18.34 30.30
CA SER Y 193 -58.04 -18.20 30.09
C SER Y 193 -57.59 -18.87 28.79
N LYS Y 194 -58.33 -19.86 28.31
CA LYS Y 194 -58.02 -20.48 27.03
C LYS Y 194 -58.57 -19.68 25.86
N TYR Y 195 -59.77 -19.12 26.01
CA TYR Y 195 -60.30 -18.22 25.00
C TYR Y 195 -59.33 -17.07 24.81
N GLY Y 196 -58.63 -16.74 25.88
CA GLY Y 196 -57.62 -15.69 25.84
C GLY Y 196 -56.56 -16.04 24.83
N ASP Y 197 -56.19 -17.32 24.77
CA ASP Y 197 -55.20 -17.77 23.81
C ASP Y 197 -55.68 -17.57 22.39
N VAL Y 198 -56.84 -18.15 22.05
CA VAL Y 198 -57.31 -18.15 20.66
C VAL Y 198 -57.43 -16.72 20.16
N LEU Y 199 -57.73 -15.80 21.05
CA LEU Y 199 -57.80 -14.42 20.66
C LEU Y 199 -56.38 -13.88 20.51
N ASN Y 200 -55.50 -14.23 21.43
CA ASN Y 200 -54.15 -13.68 21.41
C ASN Y 200 -53.34 -14.24 20.25
N LYS Y 201 -53.67 -15.44 19.80
CA LYS Y 201 -52.98 -15.94 18.63
C LYS Y 201 -53.62 -15.28 17.43
N PHE Y 202 -54.94 -15.10 17.50
CA PHE Y 202 -55.66 -14.36 16.48
C PHE Y 202 -55.00 -13.01 16.32
N LYS Y 203 -55.06 -12.19 17.36
CA LYS Y 203 -54.48 -10.85 17.30
C LYS Y 203 -53.07 -10.90 16.70
N LEU Y 204 -52.26 -11.78 17.27
CA LEU Y 204 -50.87 -11.98 16.84
C LEU Y 204 -50.75 -12.26 15.34
N SER Y 205 -51.70 -13.04 14.82
CA SER Y 205 -51.71 -13.46 13.41
C SER Y 205 -52.04 -12.33 12.41
N ASN Y 206 -53.20 -11.70 12.63
CA ASN Y 206 -53.63 -10.49 11.93
C ASN Y 206 -52.57 -9.42 12.02
N ALA Y 207 -51.90 -9.37 13.18
CA ALA Y 207 -50.83 -8.41 13.40
C ALA Y 207 -49.82 -8.51 12.29
N SER Y 208 -49.49 -9.74 11.93
CA SER Y 208 -48.46 -10.02 10.96
C SER Y 208 -48.96 -9.87 9.53
N VAL Y 209 -50.23 -10.19 9.28
CA VAL Y 209 -50.84 -9.93 7.97
C VAL Y 209 -50.71 -8.46 7.61
N GLY Y 210 -51.25 -7.60 8.49
CA GLY Y 210 -51.07 -6.18 8.40
C GLY Y 210 -49.61 -5.82 8.23
N ALA Y 211 -48.72 -6.54 8.91
CA ALA Y 211 -47.31 -6.26 8.80
C ALA Y 211 -46.79 -6.44 7.38
N VAL Y 212 -47.33 -7.42 6.64
CA VAL Y 212 -46.79 -7.65 5.31
C VAL Y 212 -47.35 -6.62 4.33
N ARG Y 213 -48.65 -6.30 4.40
CA ARG Y 213 -49.19 -5.28 3.51
C ARG Y 213 -48.36 -4.01 3.71
N ASP Y 214 -48.15 -3.64 4.97
CA ASP Y 214 -47.33 -2.47 5.28
C ASP Y 214 -45.91 -2.64 4.73
N THR Y 215 -45.29 -3.78 5.00
CA THR Y 215 -43.88 -3.94 4.70
C THR Y 215 -43.65 -4.24 3.21
N SER Y 216 -44.65 -4.80 2.52
CA SER Y 216 -44.55 -5.07 1.08
C SER Y 216 -44.80 -3.81 0.29
N GLY Y 217 -45.61 -2.92 0.86
CA GLY Y 217 -45.92 -1.67 0.20
C GLY Y 217 -44.68 -0.83 0.04
N ARG Y 218 -43.88 -0.75 1.10
CA ARG Y 218 -42.70 0.10 1.07
C ARG Y 218 -41.62 -0.58 0.24
N GLY Y 219 -41.81 -1.87 -0.01
CA GLY Y 219 -40.98 -2.62 -0.95
C GLY Y 219 -41.17 -2.18 -2.39
N GLY Y 220 -42.43 -2.19 -2.85
CA GLY Y 220 -42.78 -1.70 -4.16
C GLY Y 220 -42.38 -0.24 -4.41
N LYS Y 221 -42.41 0.58 -3.36
CA LYS Y 221 -41.90 1.96 -3.46
C LYS Y 221 -40.42 1.94 -3.77
N HIS Y 222 -39.67 1.11 -3.04
CA HIS Y 222 -38.24 0.99 -3.27
C HIS Y 222 -37.94 0.38 -4.63
N MET Y 223 -38.71 -0.63 -5.04
CA MET Y 223 -38.48 -1.26 -6.33
C MET Y 223 -38.63 -0.26 -7.46
N GLU Y 224 -39.64 0.60 -7.37
CA GLU Y 224 -39.82 1.61 -8.41
C GLU Y 224 -38.59 2.50 -8.51
N LYS Y 225 -38.06 2.91 -7.34
CA LYS Y 225 -36.82 3.68 -7.32
C LYS Y 225 -35.66 2.87 -7.88
N VAL Y 226 -35.73 1.55 -7.81
CA VAL Y 226 -34.68 0.71 -8.37
C VAL Y 226 -34.70 0.76 -9.90
N ASN Y 227 -35.86 0.49 -10.50
CA ASN Y 227 -36.00 0.44 -11.96
C ASN Y 227 -35.50 1.70 -12.64
N ASN Y 228 -35.83 2.85 -12.05
CA ASN Y 228 -35.48 4.14 -12.63
C ASN Y 228 -33.98 4.38 -12.74
N VAL Y 229 -33.30 4.36 -11.60
CA VAL Y 229 -31.88 4.68 -11.54
C VAL Y 229 -31.05 3.65 -12.29
N ALA Y 230 -31.62 2.48 -12.52
CA ALA Y 230 -30.93 1.44 -13.27
C ALA Y 230 -30.89 1.78 -14.75
N LYS Y 231 -31.88 2.54 -15.20
CA LYS Y 231 -31.93 2.99 -16.58
C LYS Y 231 -30.87 4.05 -16.83
N LEU Y 232 -30.62 4.89 -15.84
CA LEU Y 232 -29.61 5.93 -15.94
C LEU Y 232 -28.22 5.30 -16.15
N LEU Y 233 -28.01 4.12 -15.57
CA LEU Y 233 -26.74 3.42 -15.68
C LEU Y 233 -26.59 2.68 -17.01
N LYS Y 234 -27.67 2.09 -17.50
CA LYS Y 234 -27.65 1.30 -18.72
C LYS Y 234 -27.47 2.19 -19.95
N ASP Y 235 -28.06 3.38 -19.90
CA ASP Y 235 -27.94 4.33 -21.00
C ASP Y 235 -26.66 5.16 -20.94
N ALA Y 236 -26.05 5.24 -19.75
CA ALA Y 236 -24.76 5.89 -19.59
C ALA Y 236 -23.63 4.88 -19.72
N GLU Y 237 -23.99 3.65 -20.08
CA GLU Y 237 -23.03 2.57 -20.26
C GLU Y 237 -21.97 2.89 -21.31
N VAL Y 238 -22.41 3.43 -22.44
CA VAL Y 238 -21.51 3.85 -23.52
C VAL Y 238 -20.58 4.97 -23.04
N SER Y 239 -21.17 5.96 -22.38
CA SER Y 239 -20.42 7.04 -21.73
C SER Y 239 -19.28 6.49 -20.86
N LEU Y 240 -19.66 5.76 -19.83
CA LEU Y 240 -18.69 5.15 -18.90
C LEU Y 240 -17.69 4.23 -19.60
N ALA Y 241 -18.11 3.61 -20.69
CA ALA Y 241 -17.26 2.68 -21.43
C ALA Y 241 -15.98 3.36 -21.92
N ALA Y 242 -16.15 4.54 -22.51
CA ALA Y 242 -15.02 5.31 -23.01
C ALA Y 242 -14.41 6.17 -21.92
N ALA Y 243 -15.07 6.21 -20.76
CA ALA Y 243 -14.59 7.03 -19.64
C ALA Y 243 -13.44 6.34 -18.92
N ALA Y 244 -13.53 5.02 -18.78
CA ALA Y 244 -12.47 4.23 -18.14
C ALA Y 244 -11.31 4.04 -19.11
N ALA Y 245 -11.65 3.95 -20.39
CA ALA Y 245 -10.66 3.76 -21.44
C ALA Y 245 -10.00 5.07 -21.83
N GLU Y 246 -10.46 6.17 -21.22
CA GLU Y 246 -9.86 7.48 -21.43
C GLU Y 246 -8.79 7.73 -20.37
N ILE Y 247 -8.65 6.76 -19.47
CA ILE Y 247 -7.61 6.77 -18.46
C ILE Y 247 -6.39 6.09 -19.10
N GLU Y 248 -6.52 5.82 -20.40
CA GLU Y 248 -5.48 5.23 -21.25
C GLU Y 248 -4.10 5.87 -21.11
N GLU Y 249 -4.04 7.20 -21.20
CA GLU Y 249 -2.77 7.92 -21.17
C GLU Y 249 -2.31 8.11 -19.74
N VAL Y 250 -3.24 7.90 -18.81
CA VAL Y 250 -2.90 7.84 -17.39
C VAL Y 250 -2.09 6.58 -17.11
N LYS Y 251 -2.32 5.54 -17.91
CA LYS Y 251 -1.52 4.32 -17.86
C LYS Y 251 -0.16 4.52 -18.51
N ASN Y 252 -0.03 5.58 -19.32
CA ASN Y 252 1.26 5.95 -19.89
C ASN Y 252 2.07 6.72 -18.86
N ALA Y 253 1.39 7.26 -17.86
CA ALA Y 253 2.06 7.85 -16.70
C ALA Y 253 2.65 6.74 -15.84
N HIS Y 254 2.29 5.49 -16.16
CA HIS Y 254 2.88 4.29 -15.54
C HIS Y 254 3.92 3.68 -16.47
N GLU Y 255 3.48 3.26 -17.66
CA GLU Y 255 4.34 2.61 -18.64
C GLU Y 255 5.61 3.40 -19.00
N THR Y 256 5.45 4.68 -19.31
CA THR Y 256 6.60 5.52 -19.67
C THR Y 256 7.49 5.79 -18.45
N LYS Y 257 6.98 5.49 -17.27
CA LYS Y 257 7.70 5.69 -16.01
C LYS Y 257 8.34 4.38 -15.48
N ALA Y 258 7.50 3.37 -15.22
CA ALA Y 258 7.91 2.15 -14.49
C ALA Y 258 9.11 1.40 -15.07
N GLN Y 259 9.47 1.68 -16.32
CA GLN Y 259 10.63 1.05 -16.95
C GLN Y 259 11.98 1.64 -16.51
N GLU Y 260 12.08 2.97 -16.51
CA GLU Y 260 13.35 3.67 -16.32
C GLU Y 260 13.91 3.64 -14.89
N GLU Y 261 13.01 3.65 -13.90
CA GLU Y 261 13.39 3.66 -12.48
C GLU Y 261 14.32 4.82 -12.15
N VAL Z 1 -93.11 88.10 9.95
CA VAL Z 1 -92.28 88.05 11.15
C VAL Z 1 -92.01 89.47 11.68
N LEU Z 2 -92.31 90.47 10.86
CA LEU Z 2 -92.40 91.89 11.27
C LEU Z 2 -91.17 92.48 11.93
N SER Z 3 -90.18 92.79 11.09
CA SER Z 3 -88.96 93.45 11.49
C SER Z 3 -89.25 94.85 11.91
N PRO Z 4 -88.24 95.58 12.42
CA PRO Z 4 -88.48 97.01 12.59
C PRO Z 4 -88.93 97.69 11.27
N ALA Z 5 -88.32 97.30 10.16
CA ALA Z 5 -88.66 97.85 8.86
C ALA Z 5 -90.13 97.65 8.57
N ASP Z 6 -90.59 96.40 8.61
CA ASP Z 6 -92.01 96.13 8.43
C ASP Z 6 -92.86 97.02 9.32
N LYS Z 7 -92.56 97.00 10.62
CA LYS Z 7 -93.39 97.65 11.63
C LYS Z 7 -93.58 99.12 11.23
N THR Z 8 -92.46 99.78 10.88
CA THR Z 8 -92.50 101.17 10.41
C THR Z 8 -93.45 101.34 9.23
N ASN Z 9 -93.27 100.52 8.21
CA ASN Z 9 -94.11 100.60 7.01
C ASN Z 9 -95.59 100.49 7.30
N VAL Z 10 -95.98 99.51 8.12
CA VAL Z 10 -97.38 99.32 8.45
C VAL Z 10 -97.99 100.51 9.17
N LYS Z 11 -97.25 101.07 10.11
CA LYS Z 11 -97.72 102.26 10.81
C LYS Z 11 -97.87 103.43 9.83
N ALA Z 12 -96.81 103.68 9.06
CA ALA Z 12 -96.78 104.81 8.17
C ALA Z 12 -97.88 104.65 7.12
N ALA Z 13 -98.17 103.42 6.74
CA ALA Z 13 -99.18 103.23 5.70
C ALA Z 13 -100.59 103.34 6.26
N TRP Z 14 -100.78 102.84 7.47
CA TRP Z 14 -102.11 102.76 8.08
C TRP Z 14 -102.47 104.12 8.63
N GLY Z 15 -101.44 104.94 8.84
CA GLY Z 15 -101.64 106.32 9.20
C GLY Z 15 -102.26 107.03 8.02
N LYS Z 16 -101.60 106.94 6.86
CA LYS Z 16 -102.08 107.55 5.61
C LYS Z 16 -103.47 107.07 5.25
N VAL Z 17 -103.94 106.03 5.92
CA VAL Z 17 -105.31 105.57 5.79
C VAL Z 17 -106.23 106.47 6.63
N GLY Z 18 -105.84 106.75 7.88
CA GLY Z 18 -106.55 107.72 8.72
C GLY Z 18 -108.02 107.42 9.00
N ALA Z 19 -108.84 108.47 9.06
CA ALA Z 19 -110.27 108.32 9.35
C ALA Z 19 -111.00 107.42 8.36
N HIS Z 20 -110.38 107.17 7.22
CA HIS Z 20 -110.99 106.31 6.22
C HIS Z 20 -110.88 104.84 6.63
N ALA Z 21 -110.07 104.57 7.67
CA ALA Z 21 -109.89 103.22 8.16
C ALA Z 21 -111.23 102.51 8.31
N GLY Z 22 -112.24 103.23 8.81
CA GLY Z 22 -113.56 102.63 8.90
C GLY Z 22 -114.13 102.27 7.55
N GLU Z 23 -114.07 103.24 6.65
CA GLU Z 23 -114.77 103.13 5.37
C GLU Z 23 -114.10 102.10 4.46
N TYR Z 24 -112.80 101.91 4.64
CA TYR Z 24 -112.08 100.87 3.90
C TYR Z 24 -112.52 99.51 4.39
N GLY Z 25 -112.59 99.36 5.72
CA GLY Z 25 -113.01 98.12 6.33
C GLY Z 25 -114.28 97.56 5.72
N ALA Z 26 -115.21 98.45 5.40
CA ALA Z 26 -116.46 98.05 4.78
C ALA Z 26 -116.28 97.77 3.31
N GLU Z 27 -115.52 98.62 2.61
CA GLU Z 27 -115.27 98.40 1.20
C GLU Z 27 -114.60 97.05 1.03
N ALA Z 28 -113.64 96.77 1.91
CA ALA Z 28 -112.93 95.50 1.92
C ALA Z 28 -113.89 94.33 2.07
N LEU Z 29 -114.73 94.34 3.10
CA LEU Z 29 -115.72 93.29 3.29
C LEU Z 29 -116.61 93.10 2.08
N GLU Z 30 -117.03 94.21 1.50
CA GLU Z 30 -117.94 94.14 0.37
C GLU Z 30 -117.35 93.33 -0.76
N ARG Z 31 -116.09 93.64 -1.09
CA ARG Z 31 -115.35 92.92 -2.11
C ARG Z 31 -115.36 91.42 -1.82
N MET Z 32 -115.15 91.08 -0.55
CA MET Z 32 -115.06 89.68 -0.15
C MET Z 32 -116.36 88.93 -0.41
N PHE Z 33 -117.48 89.56 -0.07
CA PHE Z 33 -118.77 88.91 -0.30
C PHE Z 33 -119.09 88.83 -1.79
N LEU Z 34 -118.57 89.79 -2.56
CA LEU Z 34 -118.77 89.81 -4.00
C LEU Z 34 -117.82 88.87 -4.75
N SER Z 35 -116.57 88.86 -4.31
CA SER Z 35 -115.57 88.03 -4.95
C SER Z 35 -115.75 86.59 -4.52
N PHE Z 36 -115.89 86.35 -3.22
CA PHE Z 36 -115.92 84.97 -2.69
C PHE Z 36 -117.19 84.70 -1.89
N PRO Z 37 -118.30 84.41 -2.60
CA PRO Z 37 -119.65 84.32 -2.05
C PRO Z 37 -119.79 83.35 -0.90
N THR Z 38 -118.81 82.48 -0.72
CA THR Z 38 -118.87 81.48 0.34
C THR Z 38 -118.69 82.13 1.71
N THR Z 39 -118.02 83.28 1.75
CA THR Z 39 -117.79 83.94 3.02
C THR Z 39 -119.08 84.49 3.60
N LYS Z 40 -120.13 84.56 2.79
CA LYS Z 40 -121.42 85.07 3.24
C LYS Z 40 -122.09 84.13 4.25
N THR Z 41 -121.71 82.85 4.25
CA THR Z 41 -122.34 81.86 5.12
C THR Z 41 -121.98 82.04 6.60
N TYR Z 42 -121.07 82.97 6.87
CA TYR Z 42 -120.76 83.31 8.24
C TYR Z 42 -121.62 84.47 8.77
N PHE Z 43 -122.30 85.16 7.84
CA PHE Z 43 -123.09 86.35 8.16
C PHE Z 43 -124.52 86.21 7.70
N PRO Z 44 -125.25 85.25 8.26
CA PRO Z 44 -126.58 84.94 7.73
C PRO Z 44 -127.55 86.12 7.80
N HIS Z 45 -127.64 86.76 8.96
CA HIS Z 45 -128.74 87.71 9.22
C HIS Z 45 -128.40 89.11 8.78
N PHE Z 46 -127.15 89.32 8.37
CA PHE Z 46 -126.73 90.62 7.90
C PHE Z 46 -127.37 90.89 6.55
N ASP Z 47 -127.76 92.14 6.35
CA ASP Z 47 -128.09 92.60 5.01
C ASP Z 47 -126.74 92.78 4.34
N LEU Z 48 -126.50 92.03 3.27
CA LEU Z 48 -125.19 92.02 2.64
C LEU Z 48 -125.08 92.92 1.42
N SER Z 49 -126.16 93.64 1.12
CA SER Z 49 -126.27 94.42 -0.10
C SER Z 49 -125.32 95.61 -0.10
N HIS Z 50 -125.40 96.42 -1.15
CA HIS Z 50 -124.47 97.52 -1.30
C HIS Z 50 -124.68 98.61 -0.23
N GLY Z 51 -123.59 98.98 0.43
CA GLY Z 51 -123.58 100.08 1.37
C GLY Z 51 -124.43 99.85 2.61
N SER Z 52 -124.85 98.61 2.81
CA SER Z 52 -125.73 98.25 3.93
C SER Z 52 -125.16 98.78 5.23
N ALA Z 53 -126.01 99.45 6.02
CA ALA Z 53 -125.61 99.97 7.31
C ALA Z 53 -124.96 98.91 8.18
N GLN Z 54 -125.50 97.69 8.08
CA GLN Z 54 -124.99 96.55 8.85
C GLN Z 54 -123.57 96.18 8.45
N VAL Z 55 -123.33 96.09 7.13
CA VAL Z 55 -121.99 95.91 6.57
C VAL Z 55 -121.08 97.08 6.92
N LYS Z 56 -121.60 98.29 6.76
CA LYS Z 56 -120.81 99.50 6.94
C LYS Z 56 -120.30 99.65 8.36
N GLY Z 57 -121.14 99.26 9.32
CA GLY Z 57 -120.80 99.38 10.73
C GLY Z 57 -119.83 98.29 11.14
N HIS Z 58 -120.15 97.07 10.72
CA HIS Z 58 -119.28 95.93 10.98
C HIS Z 58 -117.85 96.19 10.50
N GLY Z 59 -117.71 96.88 9.37
CA GLY Z 59 -116.42 97.32 8.87
C GLY Z 59 -115.70 98.25 9.84
N LYS Z 60 -116.45 99.06 10.57
CA LYS Z 60 -115.87 99.94 11.58
C LYS Z 60 -115.31 99.14 12.73
N LYS Z 61 -115.90 97.97 13.00
CA LYS Z 61 -115.35 97.12 14.04
C LYS Z 61 -114.03 96.53 13.56
N VAL Z 62 -114.05 95.90 12.38
CA VAL Z 62 -112.88 95.26 11.77
C VAL Z 62 -111.74 96.23 11.54
N ALA Z 63 -112.09 97.44 11.12
CA ALA Z 63 -111.13 98.52 11.01
C ALA Z 63 -110.43 98.77 12.33
N ASP Z 64 -111.20 98.78 13.40
CA ASP Z 64 -110.69 99.18 14.71
C ASP Z 64 -109.82 98.09 15.30
N ALA Z 65 -110.22 96.84 15.11
CA ALA Z 65 -109.40 95.68 15.44
C ALA Z 65 -108.01 95.85 14.84
N LEU Z 66 -107.97 96.16 13.55
CA LEU Z 66 -106.71 96.35 12.85
C LEU Z 66 -105.89 97.50 13.40
N THR Z 67 -106.55 98.65 13.63
CA THR Z 67 -105.88 99.83 14.16
C THR Z 67 -105.26 99.52 15.51
N ASN Z 68 -106.00 98.73 16.28
CA ASN Z 68 -105.56 98.27 17.59
C ASN Z 68 -104.28 97.53 17.40
N ALA Z 69 -104.29 96.63 16.42
CA ALA Z 69 -103.15 95.78 16.11
C ALA Z 69 -101.92 96.60 15.82
N VAL Z 70 -102.04 97.63 15.00
CA VAL Z 70 -100.87 98.45 14.73
C VAL Z 70 -100.55 99.38 15.94
N ALA Z 71 -101.58 99.67 16.74
CA ALA Z 71 -101.40 100.46 17.97
C ALA Z 71 -100.45 99.76 18.95
N HIS Z 72 -100.71 98.48 19.24
CA HIS Z 72 -99.63 97.70 19.81
C HIS Z 72 -99.33 96.60 18.84
N VAL Z 73 -98.35 96.81 17.97
CA VAL Z 73 -98.04 95.80 16.98
C VAL Z 73 -96.94 94.92 17.56
N ASP Z 74 -96.31 95.42 18.62
CA ASP Z 74 -95.19 94.70 19.18
C ASP Z 74 -95.65 93.59 20.10
N ASP Z 75 -96.90 93.68 20.54
CA ASP Z 75 -97.59 92.50 21.04
C ASP Z 75 -98.95 92.42 20.39
N MET Z 76 -99.09 91.60 19.34
CA MET Z 76 -100.42 91.35 18.78
C MET Z 76 -101.30 90.35 19.54
N PRO Z 77 -100.75 89.21 20.00
CA PRO Z 77 -101.68 88.22 20.56
C PRO Z 77 -102.36 88.66 21.87
N ASN Z 78 -101.70 89.43 22.72
CA ASN Z 78 -102.40 90.01 23.86
C ASN Z 78 -103.52 90.95 23.39
N ALA Z 79 -103.17 91.88 22.49
CA ALA Z 79 -104.16 92.81 21.95
C ALA Z 79 -105.33 92.07 21.31
N LEU Z 80 -105.05 91.07 20.50
CA LEU Z 80 -106.09 90.41 19.74
C LEU Z 80 -106.66 89.21 20.44
N SER Z 81 -106.22 88.98 21.68
CA SER Z 81 -106.59 87.81 22.49
C SER Z 81 -108.09 87.53 22.56
N ALA Z 82 -108.87 88.54 22.91
CA ALA Z 82 -110.30 88.33 22.98
C ALA Z 82 -110.87 87.99 21.61
N LEU Z 83 -110.20 88.46 20.56
CA LEU Z 83 -110.56 88.10 19.18
C LEU Z 83 -110.01 86.73 18.74
N SER Z 84 -108.91 86.29 19.34
CA SER Z 84 -108.41 84.94 19.12
C SER Z 84 -109.54 83.96 19.32
N ASP Z 85 -110.13 84.06 20.50
CA ASP Z 85 -111.11 83.10 20.97
C ASP Z 85 -112.44 83.25 20.27
N LEU Z 86 -112.73 84.44 19.81
CA LEU Z 86 -114.03 84.68 19.22
C LEU Z 86 -114.19 83.95 17.89
N HIS Z 87 -113.19 84.09 17.02
CA HIS Z 87 -113.22 83.46 15.71
C HIS Z 87 -112.85 81.98 15.84
N ALA Z 88 -111.81 81.69 16.60
CA ALA Z 88 -111.36 80.31 16.71
C ALA Z 88 -112.51 79.46 17.22
N HIS Z 89 -112.98 79.75 18.43
CA HIS Z 89 -113.87 78.86 19.17
C HIS Z 89 -115.36 79.11 18.92
N LYS Z 90 -115.84 80.27 19.33
CA LYS Z 90 -117.26 80.57 19.28
C LYS Z 90 -117.77 80.50 17.83
N LEU Z 91 -117.17 81.32 16.97
CA LEU Z 91 -117.61 81.49 15.60
C LEU Z 91 -117.10 80.39 14.65
N ARG Z 92 -116.02 79.70 15.02
CA ARG Z 92 -115.34 78.69 14.18
C ARG Z 92 -115.21 79.11 12.70
N VAL Z 93 -114.33 80.08 12.43
CA VAL Z 93 -114.12 80.55 11.07
C VAL Z 93 -112.99 79.78 10.40
N ASP Z 94 -113.25 79.15 9.26
CA ASP Z 94 -112.23 78.35 8.55
C ASP Z 94 -111.07 79.22 8.07
N PRO Z 95 -109.86 78.95 8.60
CA PRO Z 95 -108.67 79.80 8.41
C PRO Z 95 -108.40 80.24 6.97
N VAL Z 96 -108.99 79.54 6.00
CA VAL Z 96 -108.86 79.94 4.60
C VAL Z 96 -109.54 81.28 4.35
N ASN Z 97 -110.52 81.61 5.19
CA ASN Z 97 -111.38 82.76 4.93
C ASN Z 97 -110.64 84.04 5.21
N PHE Z 98 -109.80 84.01 6.24
CA PHE Z 98 -108.98 85.16 6.60
C PHE Z 98 -108.05 85.58 5.48
N LYS Z 99 -107.63 84.63 4.65
CA LYS Z 99 -106.69 84.91 3.59
C LYS Z 99 -107.39 85.60 2.42
N LEU Z 100 -108.68 85.32 2.27
CA LEU Z 100 -109.50 86.06 1.35
C LEU Z 100 -109.55 87.53 1.74
N LEU Z 101 -110.08 87.78 2.94
CA LEU Z 101 -110.25 89.13 3.43
C LEU Z 101 -108.91 89.83 3.52
N SER Z 102 -107.87 89.08 3.88
CA SER Z 102 -106.51 89.63 3.86
C SER Z 102 -106.24 90.29 2.51
N HIS Z 103 -106.60 89.57 1.45
CA HIS Z 103 -106.33 89.98 0.08
C HIS Z 103 -107.28 91.10 -0.32
N CYS Z 104 -108.57 90.93 -0.06
CA CYS Z 104 -109.49 92.03 -0.23
C CYS Z 104 -108.99 93.30 0.50
N LEU Z 105 -108.47 93.16 1.71
CA LEU Z 105 -107.90 94.32 2.41
C LEU Z 105 -106.67 94.87 1.69
N LEU Z 106 -106.00 94.02 0.91
CA LEU Z 106 -104.87 94.46 0.11
C LEU Z 106 -105.33 95.09 -1.20
N VAL Z 107 -106.35 94.52 -1.83
CA VAL Z 107 -106.94 95.13 -3.01
C VAL Z 107 -107.46 96.53 -2.69
N THR Z 108 -108.20 96.61 -1.59
CA THR Z 108 -108.80 97.85 -1.10
C THR Z 108 -107.77 98.93 -0.84
N LEU Z 109 -106.74 98.59 -0.07
CA LEU Z 109 -105.70 99.57 0.23
C LEU Z 109 -105.02 100.04 -1.03
N ALA Z 110 -104.89 99.13 -2.00
CA ALA Z 110 -104.23 99.46 -3.26
C ALA Z 110 -105.01 100.57 -3.94
N ALA Z 111 -106.30 100.32 -4.17
CA ALA Z 111 -107.15 101.25 -4.86
C ALA Z 111 -107.09 102.65 -4.28
N HIS Z 112 -107.22 102.76 -2.96
CA HIS Z 112 -107.34 104.11 -2.35
C HIS Z 112 -105.98 104.79 -2.13
N LEU Z 113 -104.89 104.02 -2.17
CA LEU Z 113 -103.61 104.60 -1.78
C LEU Z 113 -102.46 104.37 -2.71
N PRO Z 114 -102.60 104.73 -3.99
CA PRO Z 114 -101.56 104.37 -4.97
C PRO Z 114 -100.12 104.72 -4.55
N ALA Z 115 -99.89 105.86 -3.91
CA ALA Z 115 -98.53 106.31 -3.69
C ALA Z 115 -97.74 105.52 -2.62
N GLU Z 116 -98.41 104.95 -1.62
CA GLU Z 116 -97.72 104.24 -0.54
C GLU Z 116 -97.56 102.74 -0.78
N PHE Z 117 -98.16 102.25 -1.85
CA PHE Z 117 -98.31 100.82 -2.11
C PHE Z 117 -97.08 100.27 -2.84
N THR Z 118 -95.97 100.99 -2.75
CA THR Z 118 -94.67 100.51 -3.23
C THR Z 118 -94.44 99.10 -2.76
N PRO Z 119 -93.72 98.28 -3.57
CA PRO Z 119 -93.53 96.85 -3.27
C PRO Z 119 -93.08 96.59 -1.83
N ALA Z 120 -92.09 97.32 -1.34
CA ALA Z 120 -91.68 97.23 0.06
C ALA Z 120 -92.87 97.25 1.03
N VAL Z 121 -93.83 98.12 0.81
CA VAL Z 121 -94.98 98.20 1.72
C VAL Z 121 -95.91 97.04 1.50
N HIS Z 122 -96.08 96.65 0.24
CA HIS Z 122 -96.93 95.52 -0.11
C HIS Z 122 -96.48 94.27 0.63
N ALA Z 123 -95.17 94.15 0.78
CA ALA Z 123 -94.56 93.11 1.59
C ALA Z 123 -95.06 93.16 3.04
N SER Z 124 -94.67 94.21 3.75
CA SER Z 124 -94.98 94.34 5.17
C SER Z 124 -96.47 94.50 5.45
N LEU Z 125 -97.25 94.96 4.49
CA LEU Z 125 -98.68 95.04 4.76
C LEU Z 125 -99.23 93.62 4.78
N ASP Z 126 -98.72 92.79 3.88
CA ASP Z 126 -99.13 91.38 3.76
C ASP Z 126 -98.67 90.54 4.93
N LYS Z 127 -97.43 90.78 5.36
CA LYS Z 127 -96.92 90.14 6.56
C LYS Z 127 -97.83 90.49 7.72
N PHE Z 128 -98.14 91.79 7.85
CA PHE Z 128 -98.99 92.28 8.95
C PHE Z 128 -100.36 91.57 8.94
N LEU Z 129 -101.05 91.52 7.81
CA LEU Z 129 -102.30 90.77 7.81
C LEU Z 129 -102.07 89.26 7.95
N ALA Z 130 -100.93 88.77 7.47
CA ALA Z 130 -100.55 87.39 7.77
C ALA Z 130 -100.49 87.24 9.28
N SER Z 131 -99.55 87.94 9.90
CA SER Z 131 -99.37 87.92 11.35
C SER Z 131 -100.69 88.07 12.11
N VAL Z 132 -101.55 88.97 11.68
CA VAL Z 132 -102.85 89.05 12.34
C VAL Z 132 -103.71 87.84 12.00
N SER Z 133 -103.84 87.51 10.70
CA SER Z 133 -104.78 86.47 10.30
C SER Z 133 -104.39 85.13 10.90
N THR Z 134 -103.10 84.95 11.16
CA THR Z 134 -102.64 83.81 11.92
C THR Z 134 -103.21 83.76 13.35
N VAL Z 135 -102.98 84.83 14.12
CA VAL Z 135 -103.28 84.89 15.56
C VAL Z 135 -104.73 84.55 15.87
N LEU Z 136 -105.63 84.94 14.98
CA LEU Z 136 -107.03 84.61 15.12
C LEU Z 136 -107.25 83.13 14.91
N THR Z 137 -106.55 82.59 13.92
CA THR Z 137 -106.70 81.18 13.55
C THR Z 137 -105.95 80.15 14.41
N SER Z 138 -104.83 80.50 15.01
CA SER Z 138 -104.00 79.51 15.65
C SER Z 138 -104.66 78.80 16.82
N LYS Z 139 -105.80 79.28 17.30
CA LYS Z 139 -106.55 78.55 18.32
C LYS Z 139 -107.66 77.70 17.71
N TYR Z 140 -107.66 77.59 16.39
CA TYR Z 140 -108.58 76.69 15.70
C TYR Z 140 -108.30 75.26 16.19
N ARG Z 141 -109.30 74.38 16.16
CA ARG Z 141 -109.13 72.97 16.52
C ARG Z 141 -110.35 72.20 16.04
N VAL AA 1 -114.99 79.55 -16.54
CA VAL AA 1 -116.31 79.58 -15.92
C VAL AA 1 -117.18 80.58 -16.69
N HIS AA 2 -118.50 80.55 -16.42
CA HIS AA 2 -119.45 81.48 -17.03
C HIS AA 2 -119.20 82.92 -16.56
N LEU AA 3 -119.45 83.86 -17.46
CA LEU AA 3 -119.32 85.27 -17.12
C LEU AA 3 -120.47 86.06 -17.73
N THR AA 4 -121.16 86.84 -16.90
CA THR AA 4 -122.23 87.73 -17.38
C THR AA 4 -121.64 88.69 -18.40
N PRO AA 5 -122.40 88.99 -19.46
CA PRO AA 5 -121.93 89.90 -20.52
C PRO AA 5 -121.37 91.24 -20.01
N GLU AA 6 -122.00 91.82 -18.99
CA GLU AA 6 -121.52 93.09 -18.42
C GLU AA 6 -120.31 92.86 -17.52
N GLU AA 7 -120.10 91.61 -17.09
CA GLU AA 7 -118.85 91.29 -16.44
C GLU AA 7 -117.73 91.30 -17.46
N LYS AA 8 -117.90 90.53 -18.53
CA LYS AA 8 -116.89 90.43 -19.60
C LYS AA 8 -116.65 91.79 -20.23
N SER AA 9 -117.71 92.60 -20.30
CA SER AA 9 -117.60 93.92 -20.90
C SER AA 9 -116.79 94.86 -20.00
N ALA AA 10 -117.08 94.82 -18.70
CA ALA AA 10 -116.34 95.64 -17.74
C ALA AA 10 -114.89 95.17 -17.66
N VAL AA 11 -114.71 93.86 -17.80
CA VAL AA 11 -113.39 93.23 -17.78
C VAL AA 11 -112.55 93.63 -19.00
N THR AA 12 -113.09 93.40 -20.19
CA THR AA 12 -112.31 93.62 -21.41
C THR AA 12 -112.01 95.11 -21.55
N ALA AA 13 -113.01 95.94 -21.28
CA ALA AA 13 -112.87 97.39 -21.40
C ALA AA 13 -111.79 97.91 -20.48
N LEU AA 14 -111.68 97.31 -19.30
CA LEU AA 14 -110.64 97.70 -18.39
C LEU AA 14 -109.29 97.19 -18.87
N TRP AA 15 -109.28 95.94 -19.36
CA TRP AA 15 -108.04 95.32 -19.84
C TRP AA 15 -107.44 96.13 -21.00
N GLY AA 16 -108.31 96.83 -21.73
CA GLY AA 16 -107.87 97.75 -22.76
C GLY AA 16 -106.94 98.83 -22.22
N LYS AA 17 -107.27 99.38 -21.06
CA LYS AA 17 -106.49 100.48 -20.51
C LYS AA 17 -105.18 99.99 -19.85
N VAL AA 18 -105.00 98.68 -19.78
CA VAL AA 18 -103.85 98.11 -19.08
C VAL AA 18 -102.56 98.23 -19.87
N ASN AA 19 -101.53 98.85 -19.29
CA ASN AA 19 -100.27 99.01 -20.01
C ASN AA 19 -99.57 97.67 -20.18
N VAL AA 20 -99.34 97.26 -21.42
CA VAL AA 20 -98.85 95.90 -21.69
C VAL AA 20 -97.35 95.83 -21.66
N ASP AA 21 -96.68 96.97 -21.54
CA ASP AA 21 -95.23 96.96 -21.45
C ASP AA 21 -94.79 97.04 -19.99
N GLU AA 22 -95.75 97.21 -19.08
CA GLU AA 22 -95.40 97.40 -17.66
C GLU AA 22 -96.10 96.48 -16.65
N VAL AA 23 -97.43 96.51 -16.64
CA VAL AA 23 -98.23 95.83 -15.61
C VAL AA 23 -97.80 94.41 -15.33
N GLY AA 24 -97.69 93.60 -16.37
CA GLY AA 24 -97.32 92.21 -16.19
C GLY AA 24 -96.02 92.02 -15.42
N GLY AA 25 -95.05 92.86 -15.74
CA GLY AA 25 -93.75 92.77 -15.10
C GLY AA 25 -93.83 93.24 -13.67
N GLU AA 26 -94.75 94.15 -13.41
CA GLU AA 26 -94.87 94.67 -12.06
C GLU AA 26 -95.53 93.61 -11.18
N ALA AA 27 -96.50 92.89 -11.75
CA ALA AA 27 -97.18 91.83 -11.02
C ALA AA 27 -96.16 90.78 -10.67
N LEU AA 28 -95.27 90.48 -11.60
CA LEU AA 28 -94.30 89.42 -11.38
C LEU AA 28 -93.33 89.79 -10.26
N GLY AA 29 -92.75 90.97 -10.36
CA GLY AA 29 -91.75 91.41 -9.41
C GLY AA 29 -92.28 91.60 -8.01
N ARG AA 30 -93.59 91.77 -7.88
CA ARG AA 30 -94.13 91.88 -6.55
C ARG AA 30 -94.20 90.48 -5.95
N LEU AA 31 -94.69 89.54 -6.73
CA LEU AA 31 -94.65 88.13 -6.35
C LEU AA 31 -93.28 87.69 -5.85
N LEU AA 32 -92.23 88.03 -6.60
CA LEU AA 32 -90.89 87.73 -6.13
C LEU AA 32 -90.62 88.31 -4.74
N VAL AA 33 -91.16 89.50 -4.49
CA VAL AA 33 -90.88 90.22 -3.27
C VAL AA 33 -91.72 89.78 -2.09
N VAL AA 34 -93.02 89.61 -2.33
CA VAL AA 34 -94.01 89.29 -1.30
C VAL AA 34 -93.95 87.82 -0.81
N TYR AA 35 -93.70 86.92 -1.77
CA TYR AA 35 -93.57 85.49 -1.51
C TYR AA 35 -92.21 85.02 -1.96
N PRO AA 36 -91.16 85.32 -1.18
CA PRO AA 36 -89.80 85.19 -1.68
C PRO AA 36 -89.38 83.80 -2.22
N TRP AA 37 -90.12 82.75 -1.92
CA TRP AA 37 -89.67 81.42 -2.35
C TRP AA 37 -89.80 81.20 -3.86
N THR AA 38 -90.54 82.06 -4.56
CA THR AA 38 -90.66 81.89 -6.00
C THR AA 38 -89.39 82.35 -6.67
N GLN AA 39 -88.61 83.15 -5.94
CA GLN AA 39 -87.34 83.64 -6.48
C GLN AA 39 -86.47 82.50 -6.99
N ARG AA 40 -86.69 81.34 -6.38
CA ARG AA 40 -85.94 80.11 -6.65
C ARG AA 40 -85.93 79.72 -8.12
N PHE AA 41 -87.06 80.01 -8.79
CA PHE AA 41 -87.25 79.66 -10.17
C PHE AA 41 -86.65 80.70 -11.11
N PHE AA 42 -86.58 81.94 -10.63
CA PHE AA 42 -86.11 83.06 -11.43
C PHE AA 42 -84.70 83.62 -11.17
N GLU AA 43 -83.93 83.05 -10.25
CA GLU AA 43 -82.66 83.71 -9.86
C GLU AA 43 -81.66 83.89 -11.01
N SER AA 44 -81.95 83.27 -12.15
CA SER AA 44 -81.23 83.47 -13.40
C SER AA 44 -81.31 84.90 -13.89
N PHE AA 45 -82.25 85.67 -13.32
CA PHE AA 45 -82.49 87.04 -13.74
C PHE AA 45 -81.36 87.98 -13.42
N GLY AA 46 -80.84 87.89 -12.21
CA GLY AA 46 -79.85 88.83 -11.75
C GLY AA 46 -80.08 88.90 -10.27
N ASP AA 47 -79.74 90.04 -9.66
CA ASP AA 47 -80.03 90.23 -8.24
C ASP AA 47 -81.53 90.34 -8.02
N LEU AA 48 -82.06 89.41 -7.24
CA LEU AA 48 -83.46 89.45 -6.77
C LEU AA 48 -83.67 89.82 -5.28
N SER AA 49 -82.63 90.26 -4.59
CA SER AA 49 -82.67 90.41 -3.12
C SER AA 49 -83.55 91.56 -2.57
N THR AA 50 -83.20 92.79 -2.96
CA THR AA 50 -83.97 93.99 -2.63
C THR AA 50 -85.22 94.11 -3.52
N PRO AA 51 -86.24 94.88 -3.08
CA PRO AA 51 -87.39 95.11 -3.96
C PRO AA 51 -87.04 96.00 -5.17
N ASP AA 52 -86.07 96.90 -5.00
CA ASP AA 52 -85.72 97.80 -6.07
C ASP AA 52 -85.02 97.06 -7.18
N ALA AA 53 -84.11 96.16 -6.80
CA ALA AA 53 -83.42 95.33 -7.79
C ALA AA 53 -84.44 94.54 -8.57
N VAL AA 54 -85.32 93.84 -7.87
CA VAL AA 54 -86.36 93.06 -8.54
C VAL AA 54 -87.16 93.94 -9.48
N MET AA 55 -87.69 95.04 -8.97
CA MET AA 55 -88.56 95.88 -9.76
C MET AA 55 -87.79 96.51 -10.92
N GLY AA 56 -86.52 96.83 -10.69
CA GLY AA 56 -85.65 97.36 -11.72
C GLY AA 56 -85.13 96.36 -12.73
N ASN AA 57 -84.80 95.14 -12.29
CA ASN AA 57 -84.06 94.20 -13.13
C ASN AA 57 -84.74 93.99 -14.49
N PRO AA 58 -84.05 94.31 -15.58
CA PRO AA 58 -84.69 94.39 -16.90
C PRO AA 58 -85.20 93.04 -17.38
N LYS AA 59 -84.74 91.93 -16.82
CA LYS AA 59 -85.22 90.66 -17.31
C LYS AA 59 -86.56 90.37 -16.69
N VAL AA 60 -86.87 91.07 -15.61
CA VAL AA 60 -88.12 90.83 -14.89
C VAL AA 60 -89.32 91.36 -15.67
N LYS AA 61 -89.27 92.62 -16.10
CA LYS AA 61 -90.42 93.17 -16.79
C LYS AA 61 -90.49 92.56 -18.14
N ALA AA 62 -89.31 92.22 -18.65
CA ALA AA 62 -89.16 91.54 -19.93
C ALA AA 62 -89.95 90.25 -19.83
N HIS AA 63 -89.80 89.59 -18.69
CA HIS AA 63 -90.49 88.33 -18.44
C HIS AA 63 -91.96 88.57 -18.18
N GLY AA 64 -92.25 89.51 -17.31
CA GLY AA 64 -93.62 89.81 -16.98
C GLY AA 64 -94.50 90.00 -18.21
N LYS AA 65 -93.92 90.60 -19.26
CA LYS AA 65 -94.65 90.92 -20.46
C LYS AA 65 -95.22 89.66 -21.03
N LYS AA 66 -94.35 88.66 -21.17
CA LYS AA 66 -94.70 87.36 -21.73
C LYS AA 66 -95.79 86.71 -20.88
N VAL AA 67 -95.70 86.92 -19.57
CA VAL AA 67 -96.69 86.39 -18.64
C VAL AA 67 -98.00 87.12 -18.79
N LEU AA 68 -97.89 88.44 -18.85
CA LEU AA 68 -99.03 89.32 -19.02
C LEU AA 68 -99.74 89.01 -20.31
N GLY AA 69 -98.94 88.80 -21.35
CA GLY AA 69 -99.45 88.32 -22.61
C GLY AA 69 -100.22 87.04 -22.37
N ALA AA 70 -99.56 86.06 -21.74
CA ALA AA 70 -100.20 84.79 -21.43
C ALA AA 70 -101.57 84.99 -20.77
N PHE AA 71 -101.68 85.98 -19.88
CA PHE AA 71 -102.99 86.32 -19.33
C PHE AA 71 -103.92 86.97 -20.37
N SER AA 72 -103.39 87.76 -21.30
CA SER AA 72 -104.24 88.39 -22.33
C SER AA 72 -104.95 87.32 -23.15
N ASP AA 73 -104.25 86.20 -23.40
CA ASP AA 73 -104.76 85.10 -24.20
C ASP AA 73 -105.97 84.47 -23.49
N GLY AA 74 -105.95 84.55 -22.15
CA GLY AA 74 -107.05 84.04 -21.35
C GLY AA 74 -108.32 84.83 -21.60
N LEU AA 75 -108.27 86.15 -21.40
CA LEU AA 75 -109.40 87.02 -21.67
C LEU AA 75 -109.89 86.89 -23.11
N ALA AA 76 -108.98 86.55 -24.02
CA ALA AA 76 -109.33 86.32 -25.41
C ALA AA 76 -110.28 85.15 -25.53
N HIS AA 77 -109.84 83.97 -25.11
CA HIS AA 77 -110.74 82.82 -25.14
C HIS AA 77 -110.98 82.25 -23.74
N LEU AA 78 -112.11 82.61 -23.15
CA LEU AA 78 -112.41 82.26 -21.76
C LEU AA 78 -113.21 80.98 -21.68
N ASP AA 79 -113.70 80.52 -22.82
CA ASP AA 79 -114.42 79.25 -22.88
C ASP AA 79 -113.47 78.08 -23.00
N ASN AA 80 -112.43 78.22 -23.83
CA ASN AA 80 -111.41 77.19 -23.77
C ASN AA 80 -110.19 77.75 -23.03
N LEU AA 81 -110.22 77.66 -21.71
CA LEU AA 81 -109.13 78.09 -20.86
C LEU AA 81 -108.13 76.98 -20.74
N LYS AA 82 -108.68 75.77 -20.59
CA LYS AA 82 -107.89 74.56 -20.48
C LYS AA 82 -106.94 74.48 -21.65
N GLY AA 83 -107.51 74.58 -22.84
CA GLY AA 83 -106.76 74.40 -24.08
C GLY AA 83 -105.73 75.48 -24.35
N THR AA 84 -106.10 76.73 -24.09
CA THR AA 84 -105.21 77.85 -24.37
C THR AA 84 -103.92 77.69 -23.58
N PHE AA 85 -104.06 77.27 -22.32
CA PHE AA 85 -102.94 77.05 -21.41
C PHE AA 85 -102.47 75.59 -21.36
N ALA AA 86 -103.06 74.74 -22.19
CA ALA AA 86 -102.75 73.30 -22.17
C ALA AA 86 -101.25 73.06 -22.30
N THR AA 87 -100.61 73.75 -23.23
CA THR AA 87 -99.16 73.63 -23.35
C THR AA 87 -98.46 74.33 -22.18
N LEU AA 88 -98.83 75.57 -21.89
CA LEU AA 88 -98.25 76.26 -20.72
C LEU AA 88 -98.35 75.39 -19.46
N SER AA 89 -99.44 74.63 -19.34
CA SER AA 89 -99.65 73.74 -18.21
C SER AA 89 -98.56 72.67 -18.17
N GLU AA 90 -98.10 72.29 -19.35
CA GLU AA 90 -97.04 71.30 -19.46
C GLU AA 90 -95.71 71.88 -19.00
N LEU AA 91 -95.44 73.13 -19.35
CA LEU AA 91 -94.16 73.72 -18.98
C LEU AA 91 -94.01 73.72 -17.44
N HIS AA 92 -95.03 74.20 -16.74
CA HIS AA 92 -94.95 74.37 -15.30
C HIS AA 92 -95.12 73.05 -14.55
N CYS AA 93 -96.12 72.25 -14.92
CA CYS AA 93 -96.41 71.05 -14.15
C CYS AA 93 -95.49 69.87 -14.47
N ASP AA 94 -95.33 69.57 -15.75
CA ASP AA 94 -94.57 68.39 -16.16
C ASP AA 94 -93.06 68.59 -16.20
N LYS AA 95 -92.61 69.73 -16.75
CA LYS AA 95 -91.18 70.01 -16.80
C LYS AA 95 -90.62 70.69 -15.55
N LEU AA 96 -91.34 71.71 -15.09
CA LEU AA 96 -90.90 72.56 -13.95
C LEU AA 96 -91.28 72.11 -12.53
N HIS AA 97 -92.49 71.58 -12.38
CA HIS AA 97 -93.08 71.19 -11.09
C HIS AA 97 -93.30 72.38 -10.15
N VAL AA 98 -93.82 73.48 -10.71
CA VAL AA 98 -94.32 74.59 -9.93
C VAL AA 98 -95.51 74.11 -9.15
N ASP AA 99 -95.58 74.42 -7.86
CA ASP AA 99 -96.74 74.09 -7.04
C ASP AA 99 -97.88 75.00 -7.44
N PRO AA 100 -99.03 74.41 -7.81
CA PRO AA 100 -100.16 75.11 -8.43
C PRO AA 100 -100.68 76.26 -7.60
N GLU AA 101 -100.27 76.31 -6.35
CA GLU AA 101 -100.70 77.38 -5.46
C GLU AA 101 -100.04 78.68 -5.83
N ASN AA 102 -98.90 78.63 -6.49
CA ASN AA 102 -98.22 79.87 -6.84
C ASN AA 102 -98.84 80.57 -8.08
N PHE AA 103 -99.65 79.83 -8.81
CA PHE AA 103 -100.41 80.41 -9.91
C PHE AA 103 -101.40 81.41 -9.36
N ARG AA 104 -102.13 80.99 -8.35
CA ARG AA 104 -103.16 81.83 -7.79
C ARG AA 104 -102.56 82.96 -6.98
N LEU AA 105 -101.51 82.63 -6.23
CA LEU AA 105 -100.72 83.63 -5.54
C LEU AA 105 -100.32 84.72 -6.53
N LEU AA 106 -99.91 84.34 -7.74
CA LEU AA 106 -99.51 85.32 -8.75
C LEU AA 106 -100.70 86.07 -9.37
N GLY AA 107 -101.77 85.33 -9.66
CA GLY AA 107 -102.96 85.92 -10.22
C GLY AA 107 -103.54 86.96 -9.29
N ASN AA 108 -103.44 86.68 -7.99
CA ASN AA 108 -103.88 87.65 -6.98
C ASN AA 108 -102.99 88.89 -6.93
N VAL AA 109 -101.67 88.70 -6.97
CA VAL AA 109 -100.76 89.84 -6.95
C VAL AA 109 -101.05 90.66 -8.20
N LEU AA 110 -101.47 89.98 -9.26
CA LEU AA 110 -101.85 90.71 -10.47
C LEU AA 110 -103.07 91.60 -10.17
N VAL AA 111 -104.12 91.01 -9.61
CA VAL AA 111 -105.33 91.75 -9.21
C VAL AA 111 -105.00 92.91 -8.27
N CYS AA 112 -104.03 92.74 -7.38
CA CYS AA 112 -103.55 93.85 -6.57
C CYS AA 112 -102.98 94.98 -7.40
N VAL AA 113 -102.12 94.64 -8.34
CA VAL AA 113 -101.48 95.62 -9.22
C VAL AA 113 -102.51 96.32 -10.12
N LEU AA 114 -103.50 95.55 -10.56
CA LEU AA 114 -104.64 96.08 -11.31
C LEU AA 114 -105.34 97.15 -10.48
N ALA AA 115 -105.66 96.79 -9.25
CA ALA AA 115 -106.32 97.71 -8.35
C ALA AA 115 -105.42 98.92 -8.09
N HIS AA 116 -104.11 98.71 -8.05
CA HIS AA 116 -103.17 99.81 -7.86
C HIS AA 116 -103.21 100.87 -8.96
N HIS AA 117 -103.19 100.44 -10.23
CA HIS AA 117 -103.19 101.40 -11.33
C HIS AA 117 -104.55 102.03 -11.51
N PHE AA 118 -105.63 101.24 -11.38
CA PHE AA 118 -106.95 101.77 -11.69
C PHE AA 118 -107.81 102.35 -10.54
N GLY AA 119 -107.29 102.42 -9.32
CA GLY AA 119 -107.95 103.11 -8.24
C GLY AA 119 -109.42 102.75 -8.07
N LYS AA 120 -110.24 103.76 -7.75
CA LYS AA 120 -111.68 103.60 -7.49
C LYS AA 120 -112.41 102.95 -8.65
N GLU AA 121 -111.79 103.01 -9.83
CA GLU AA 121 -112.36 102.51 -11.09
C GLU AA 121 -112.28 100.99 -11.14
N PHE AA 122 -111.45 100.40 -10.27
CA PHE AA 122 -111.43 98.96 -10.12
C PHE AA 122 -112.42 98.65 -9.01
N THR AA 123 -113.64 98.33 -9.43
CA THR AA 123 -114.79 98.30 -8.53
C THR AA 123 -115.02 96.90 -8.01
N PRO AA 124 -115.69 96.78 -6.86
CA PRO AA 124 -115.97 95.45 -6.31
C PRO AA 124 -116.59 94.46 -7.33
N PRO AA 125 -117.55 94.89 -8.18
CA PRO AA 125 -118.00 93.95 -9.21
C PRO AA 125 -116.92 93.56 -10.22
N VAL AA 126 -116.05 94.51 -10.58
CA VAL AA 126 -115.01 94.25 -11.56
C VAL AA 126 -113.94 93.28 -11.01
N GLN AA 127 -113.50 93.50 -9.77
CA GLN AA 127 -112.64 92.53 -9.12
C GLN AA 127 -113.30 91.15 -9.11
N ALA AA 128 -114.53 91.10 -8.61
CA ALA AA 128 -115.28 89.85 -8.55
C ALA AA 128 -115.33 89.15 -9.92
N ALA AA 129 -115.36 89.92 -10.99
CA ALA AA 129 -115.28 89.34 -12.30
C ALA AA 129 -113.84 88.88 -12.57
N TYR AA 130 -112.87 89.71 -12.22
CA TYR AA 130 -111.48 89.35 -12.46
C TYR AA 130 -111.06 88.17 -11.61
N GLN AA 131 -111.66 88.05 -10.42
CA GLN AA 131 -111.36 86.91 -9.55
C GLN AA 131 -111.70 85.62 -10.27
N LYS AA 132 -112.84 85.60 -10.96
CA LYS AA 132 -113.21 84.43 -11.73
C LYS AA 132 -112.11 84.12 -12.75
N VAL AA 133 -111.53 85.18 -13.31
CA VAL AA 133 -110.52 85.06 -14.35
C VAL AA 133 -109.18 84.52 -13.87
N VAL AA 134 -108.60 85.11 -12.82
CA VAL AA 134 -107.27 84.65 -12.40
C VAL AA 134 -107.36 83.27 -11.75
N ALA AA 135 -108.57 82.87 -11.38
CA ALA AA 135 -108.81 81.52 -10.94
C ALA AA 135 -108.75 80.61 -12.16
N GLY AA 136 -109.68 80.84 -13.09
CA GLY AA 136 -109.82 80.03 -14.29
C GLY AA 136 -108.49 79.81 -14.94
N VAL AA 137 -107.68 80.87 -15.01
CA VAL AA 137 -106.32 80.75 -15.50
C VAL AA 137 -105.45 79.81 -14.62
N ALA AA 138 -105.40 80.08 -13.31
CA ALA AA 138 -104.59 79.30 -12.39
C ALA AA 138 -104.95 77.81 -12.47
N ASN AA 139 -106.24 77.51 -12.55
CA ASN AA 139 -106.68 76.13 -12.69
C ASN AA 139 -106.26 75.52 -14.02
N ALA AA 140 -106.63 76.17 -15.12
CA ALA AA 140 -106.29 75.66 -16.42
C ALA AA 140 -104.78 75.46 -16.50
N LEU AA 141 -104.04 76.36 -15.88
CA LEU AA 141 -102.59 76.26 -15.91
C LEU AA 141 -102.15 75.04 -15.13
N ALA AA 142 -102.98 74.61 -14.19
CA ALA AA 142 -102.70 73.46 -13.31
C ALA AA 142 -103.33 72.15 -13.77
N HIS AA 143 -103.94 72.14 -14.95
CA HIS AA 143 -104.74 71.01 -15.41
C HIS AA 143 -103.93 69.72 -15.69
N LYS AA 144 -102.70 69.87 -16.16
CA LYS AA 144 -101.85 68.72 -16.51
C LYS AA 144 -101.26 68.10 -15.24
N TYR AA 145 -101.62 68.64 -14.08
CA TYR AA 145 -101.23 68.07 -12.78
C TYR AA 145 -102.09 66.86 -12.40
N HIS AA 146 -103.22 66.72 -13.10
CA HIS AA 146 -104.03 65.52 -13.05
C HIS AA 146 -104.40 65.08 -14.49
N CYS BA 1 -89.53 24.47 -10.68
CA CYS BA 1 -88.65 23.89 -11.66
C CYS BA 1 -89.38 23.59 -12.95
N PRO BA 2 -89.09 24.38 -14.00
CA PRO BA 2 -89.26 23.97 -15.42
C PRO BA 2 -88.26 22.84 -15.74
N LYS BA 3 -88.67 21.59 -15.42
CA LYS BA 3 -87.77 20.47 -15.10
C LYS BA 3 -86.54 20.34 -15.97
N PRO BA 4 -85.37 20.15 -15.33
CA PRO BA 4 -84.11 20.04 -16.07
C PRO BA 4 -84.13 18.80 -16.91
N PRO BA 5 -83.40 18.81 -18.03
CA PRO BA 5 -83.34 17.59 -18.85
C PRO BA 5 -82.52 16.51 -18.15
N GLU BA 6 -82.80 15.25 -18.45
CA GLU BA 6 -82.02 14.14 -17.92
C GLU BA 6 -80.72 13.95 -18.68
N ILE BA 7 -79.70 13.43 -18.00
CA ILE BA 7 -78.54 12.94 -18.70
C ILE BA 7 -78.42 11.44 -18.46
N ALA BA 8 -77.81 10.75 -19.41
CA ALA BA 8 -77.61 9.30 -19.35
C ALA BA 8 -76.87 8.88 -18.08
N HIS BA 9 -77.46 7.97 -17.31
CA HIS BA 9 -76.90 7.42 -16.06
C HIS BA 9 -76.58 8.49 -15.01
N GLY BA 10 -77.42 9.49 -14.89
CA GLY BA 10 -77.09 10.56 -13.99
C GLY BA 10 -78.29 11.22 -13.34
N TYR BA 11 -78.05 11.85 -12.20
CA TYR BA 11 -79.14 12.43 -11.45
C TYR BA 11 -78.85 13.85 -11.05
N VAL BA 12 -79.90 14.49 -10.59
CA VAL BA 12 -79.96 15.90 -10.27
C VAL BA 12 -80.07 16.15 -8.75
N GLU BA 13 -79.31 17.10 -8.25
CA GLU BA 13 -79.49 17.56 -6.87
C GLU BA 13 -80.04 19.00 -6.81
N HIS BA 14 -81.28 19.16 -6.37
CA HIS BA 14 -81.93 20.47 -6.38
C HIS BA 14 -81.52 21.48 -5.30
N SER BA 15 -81.33 22.73 -5.71
CA SER BA 15 -81.12 23.81 -4.75
C SER BA 15 -82.07 24.93 -5.10
N VAL BA 16 -82.46 25.72 -4.10
CA VAL BA 16 -83.09 26.99 -4.34
C VAL BA 16 -82.32 28.02 -3.55
N ARG BA 17 -82.26 29.24 -4.07
CA ARG BA 17 -81.70 30.38 -3.35
C ARG BA 17 -82.84 31.36 -3.18
N TYR BA 18 -83.14 31.71 -1.95
CA TYR BA 18 -84.23 32.65 -1.68
C TYR BA 18 -83.71 34.06 -1.87
N GLN BA 19 -84.53 34.87 -2.49
CA GLN BA 19 -84.22 36.29 -2.61
C GLN BA 19 -85.48 37.08 -2.37
N CYS BA 20 -85.33 38.26 -1.77
CA CYS BA 20 -86.45 39.12 -1.46
C CYS BA 20 -86.68 40.12 -2.58
N LYS BA 21 -87.94 40.40 -2.88
CA LYS BA 21 -88.27 41.25 -4.02
C LYS BA 21 -87.90 42.69 -3.77
N ASN BA 22 -88.22 43.53 -4.75
CA ASN BA 22 -87.89 44.96 -4.70
C ASN BA 22 -88.39 45.66 -3.45
N TYR BA 23 -87.52 46.52 -2.93
CA TYR BA 23 -87.71 47.27 -1.68
C TYR BA 23 -87.81 46.39 -0.42
N TYR BA 24 -87.35 45.13 -0.51
CA TYR BA 24 -87.32 44.22 0.65
C TYR BA 24 -85.93 43.61 0.87
N LYS BA 25 -85.80 42.80 1.91
CA LYS BA 25 -84.48 42.35 2.33
C LYS BA 25 -84.50 40.96 3.02
N LEU BA 26 -83.46 40.16 2.83
CA LEU BA 26 -83.39 38.86 3.50
C LEU BA 26 -83.13 38.97 5.00
N ARG BA 27 -83.95 38.30 5.80
CA ARG BA 27 -83.59 38.15 7.21
C ARG BA 27 -83.42 36.68 7.60
N THR BA 28 -82.16 36.26 7.81
CA THR BA 28 -81.79 34.96 8.39
C THR BA 28 -80.27 34.72 8.31
N GLU BA 29 -79.78 33.74 9.09
CA GLU BA 29 -78.33 33.51 9.26
C GLU BA 29 -77.57 32.36 8.48
N GLY BA 30 -78.21 31.54 7.65
CA GLY BA 30 -79.25 31.95 6.75
C GLY BA 30 -78.61 32.58 5.54
N ASP BA 31 -77.68 31.84 4.93
CA ASP BA 31 -77.01 32.28 3.69
C ASP BA 31 -77.96 32.19 2.52
N GLY BA 32 -79.14 31.63 2.77
CA GLY BA 32 -80.24 31.72 1.84
C GLY BA 32 -80.49 30.51 0.97
N VAL BA 33 -79.48 29.66 0.77
CA VAL BA 33 -79.64 28.51 -0.12
C VAL BA 33 -80.29 27.34 0.60
N TYR BA 34 -81.08 26.54 -0.12
CA TYR BA 34 -81.72 25.39 0.48
C TYR BA 34 -81.70 24.18 -0.46
N THR BA 35 -81.06 23.08 -0.04
CA THR BA 35 -80.86 21.88 -0.88
C THR BA 35 -81.86 20.77 -0.60
N LEU BA 36 -82.35 20.11 -1.64
CA LEU BA 36 -83.35 19.07 -1.47
C LEU BA 36 -82.71 17.79 -0.95
N ASN BA 37 -83.45 17.02 -0.16
CA ASN BA 37 -82.95 15.84 0.57
C ASN BA 37 -83.20 14.53 -0.15
N ASN BA 38 -82.66 13.44 0.39
CA ASN BA 38 -83.18 12.13 0.01
C ASN BA 38 -84.44 11.92 0.83
N GLU BA 39 -84.52 12.70 1.90
CA GLU BA 39 -85.69 12.84 2.77
C GLU BA 39 -86.68 13.82 2.14
N LYS BA 40 -86.31 14.34 0.97
CA LYS BA 40 -87.11 15.30 0.21
C LYS BA 40 -87.57 16.46 1.10
N GLN BA 41 -86.62 16.89 1.92
CA GLN BA 41 -86.73 18.03 2.78
C GLN BA 41 -85.90 19.19 2.21
N TRP BA 42 -86.32 20.44 2.46
CA TRP BA 42 -85.59 21.61 1.97
C TRP BA 42 -84.71 22.18 3.04
N ILE BA 43 -83.38 21.99 2.90
CA ILE BA 43 -82.48 22.19 4.04
C ILE BA 43 -81.26 23.11 3.86
N ASN BA 44 -81.25 24.23 4.58
CA ASN BA 44 -80.06 25.08 4.66
C ASN BA 44 -79.09 24.61 5.74
N LYS BA 45 -77.85 24.34 5.34
CA LYS BA 45 -76.88 23.74 6.23
C LYS BA 45 -76.52 24.60 7.45
N ALA BA 46 -77.04 25.81 7.51
CA ALA BA 46 -76.84 26.68 8.67
C ALA BA 46 -78.07 26.70 9.60
N VAL BA 47 -79.21 27.08 9.06
CA VAL BA 47 -80.45 27.12 9.81
C VAL BA 47 -81.36 25.92 9.62
N GLY BA 48 -80.96 24.95 8.81
CA GLY BA 48 -81.80 23.77 8.62
C GLY BA 48 -83.13 23.93 7.89
N ASP BA 49 -84.18 23.64 8.64
CA ASP BA 49 -85.56 23.65 8.18
C ASP BA 49 -86.19 25.06 8.10
N LYS BA 50 -85.53 26.05 8.70
CA LYS BA 50 -86.16 27.36 8.87
C LYS BA 50 -85.99 28.23 7.65
N LEU BA 51 -87.10 28.74 7.13
CA LEU BA 51 -87.04 29.60 5.97
C LEU BA 51 -86.57 31.01 6.36
N PRO BA 52 -86.22 31.85 5.36
CA PRO BA 52 -86.07 33.28 5.66
C PRO BA 52 -87.38 34.02 5.50
N GLU BA 53 -87.38 35.30 5.89
CA GLU BA 53 -88.55 36.14 5.72
C GLU BA 53 -88.07 37.41 5.07
N CYS BA 54 -88.95 38.10 4.36
CA CYS BA 54 -88.53 39.32 3.71
C CYS BA 54 -88.98 40.60 4.45
N GLU BA 55 -88.00 41.40 4.88
CA GLU BA 55 -88.23 42.56 5.73
C GLU BA 55 -88.00 43.88 4.99
N ALA BA 56 -88.96 44.80 5.07
CA ALA BA 56 -88.87 46.04 4.32
C ALA BA 56 -87.61 46.85 4.65
N VAL BA 57 -87.04 47.48 3.63
CA VAL BA 57 -85.94 48.41 3.82
C VAL BA 57 -86.53 49.72 4.28
N CYS BA 58 -85.73 50.57 4.91
CA CYS BA 58 -86.17 51.91 5.31
C CYS BA 58 -85.11 52.96 5.00
N GLY BA 59 -85.52 54.14 4.54
CA GLY BA 59 -84.56 55.21 4.32
C GLY BA 59 -83.88 55.10 2.97
N LYS BA 60 -84.58 54.44 2.05
CA LYS BA 60 -84.12 54.24 0.68
C LYS BA 60 -85.29 54.52 -0.25
N PRO BA 61 -85.59 55.81 -0.50
CA PRO BA 61 -86.70 56.01 -1.43
C PRO BA 61 -86.20 55.83 -2.84
N LYS BA 62 -87.06 55.25 -3.67
CA LYS BA 62 -86.71 54.91 -5.04
C LYS BA 62 -86.30 56.14 -5.84
N ASN BA 63 -87.05 57.24 -5.68
CA ASN BA 63 -86.66 58.51 -6.29
C ASN BA 63 -86.58 59.58 -5.20
N PRO BA 64 -85.36 59.82 -4.69
CA PRO BA 64 -85.09 60.84 -3.67
C PRO BA 64 -85.15 62.25 -4.26
N ALA BA 65 -85.21 63.26 -3.43
CA ALA BA 65 -85.20 64.58 -3.98
C ALA BA 65 -83.77 65.09 -3.89
N ASN BA 66 -83.14 65.22 -5.05
CA ASN BA 66 -81.83 65.86 -5.27
C ASN BA 66 -81.29 65.50 -6.67
N ILE BA 71 -97.28 73.78 4.96
CA ILE BA 71 -96.09 74.41 4.42
C ILE BA 71 -96.47 75.64 3.58
N LEU BA 72 -95.90 76.80 3.88
CA LEU BA 72 -96.26 78.00 3.13
C LEU BA 72 -95.48 78.10 1.81
N GLY BA 73 -94.19 77.80 1.89
CA GLY BA 73 -93.33 77.79 0.72
C GLY BA 73 -93.45 76.55 -0.12
N GLY BA 74 -92.34 76.26 -0.83
CA GLY BA 74 -92.32 75.49 -2.06
C GLY BA 74 -91.93 74.03 -2.03
N HIS BA 75 -91.23 73.60 -3.08
CA HIS BA 75 -90.85 72.19 -3.35
C HIS BA 75 -92.06 71.26 -3.51
N LEU BA 76 -92.71 71.38 -4.67
CA LEU BA 76 -93.76 70.48 -5.09
C LEU BA 76 -93.21 69.07 -5.20
N ASP BA 77 -94.01 68.08 -4.81
CA ASP BA 77 -93.45 66.73 -4.77
C ASP BA 77 -93.74 66.03 -6.09
N ALA BA 78 -92.74 66.02 -6.96
CA ALA BA 78 -92.97 65.66 -8.33
C ALA BA 78 -92.93 64.16 -8.45
N LYS BA 79 -91.90 63.62 -7.82
CA LYS BA 79 -91.52 62.22 -7.85
C LYS BA 79 -92.22 61.31 -6.86
N GLY BA 80 -92.65 61.84 -5.72
CA GLY BA 80 -92.96 61.02 -4.57
C GLY BA 80 -91.70 60.65 -3.80
N SER BA 81 -90.86 61.65 -3.52
CA SER BA 81 -89.60 61.48 -2.78
C SER BA 81 -89.76 61.22 -1.28
N PHE BA 82 -91.01 61.22 -0.81
CA PHE BA 82 -91.28 61.08 0.63
C PHE BA 82 -92.32 60.03 0.91
N PRO BA 83 -91.94 58.74 0.67
CA PRO BA 83 -92.85 57.59 0.69
C PRO BA 83 -93.34 57.25 2.07
N TRP BA 84 -92.64 57.76 3.08
CA TRP BA 84 -93.01 57.55 4.47
C TRP BA 84 -94.00 58.60 5.01
N GLN BA 85 -94.49 59.48 4.14
CA GLN BA 85 -95.41 60.56 4.54
C GLN BA 85 -96.88 60.15 4.51
N ALA BA 86 -97.57 60.28 5.63
CA ALA BA 86 -98.98 59.96 5.66
C ALA BA 86 -99.86 61.17 5.99
N LYS BA 87 -100.98 61.23 5.28
CA LYS BA 87 -101.97 62.28 5.46
C LYS BA 87 -103.17 61.70 6.20
N MET BA 88 -103.35 62.13 7.44
CA MET BA 88 -104.46 61.67 8.26
C MET BA 88 -105.51 62.75 8.46
N VAL BA 89 -106.77 62.43 8.21
CA VAL BA 89 -107.83 63.42 8.40
C VAL BA 89 -108.71 63.02 9.60
N SER BA 90 -108.92 63.97 10.49
CA SER BA 90 -109.75 63.73 11.66
C SER BA 90 -111.21 63.65 11.26
N HIS BA 91 -112.11 63.47 12.24
CA HIS BA 91 -113.49 63.21 11.89
C HIS BA 91 -114.10 64.38 11.14
N HIS BA 92 -113.75 65.61 11.56
CA HIS BA 92 -114.27 66.75 10.84
C HIS BA 92 -113.25 67.38 9.90
N ASN BA 93 -112.98 66.67 8.81
CA ASN BA 93 -112.23 67.18 7.67
C ASN BA 93 -110.98 68.02 8.00
N LEU BA 94 -110.31 67.71 9.12
CA LEU BA 94 -109.08 68.42 9.48
C LEU BA 94 -107.85 67.59 9.14
N THR BA 95 -107.02 68.10 8.24
CA THR BA 95 -105.91 67.33 7.68
C THR BA 95 -104.67 67.44 8.57
N THR BA 96 -104.02 66.31 8.82
CA THR BA 96 -102.94 66.26 9.79
C THR BA 96 -101.89 65.22 9.41
N GLY BA 97 -100.64 65.44 9.81
CA GLY BA 97 -99.55 64.54 9.42
C GLY BA 97 -99.18 63.34 10.31
N ALA BA 98 -98.66 62.30 9.68
CA ALA BA 98 -98.12 61.13 10.39
C ALA BA 98 -97.05 60.45 9.53
N THR BA 99 -96.04 59.84 10.15
CA THR BA 99 -95.01 59.24 9.34
C THR BA 99 -94.82 57.77 9.63
N LEU BA 100 -94.46 57.00 8.59
CA LEU BA 100 -94.45 55.54 8.64
C LEU BA 100 -93.11 55.03 9.08
N ILE BA 101 -93.10 54.48 10.29
CA ILE BA 101 -91.89 54.03 10.94
C ILE BA 101 -91.52 52.54 10.67
N ASN BA 102 -92.50 51.73 10.28
CA ASN BA 102 -92.25 50.36 9.74
C ASN BA 102 -93.49 49.83 9.03
N GLU BA 103 -93.50 48.54 8.68
CA GLU BA 103 -94.56 48.05 7.82
C GLU BA 103 -95.95 48.17 8.45
N GLN BA 104 -96.04 48.11 9.78
CA GLN BA 104 -97.34 48.23 10.46
C GLN BA 104 -97.67 49.53 11.22
N TRP BA 105 -96.71 50.43 11.37
CA TRP BA 105 -96.89 51.52 12.33
C TRP BA 105 -96.49 52.87 11.79
N LEU BA 106 -97.11 53.90 12.34
CA LEU BA 106 -96.78 55.28 12.03
C LEU BA 106 -96.74 56.11 13.30
N LEU BA 107 -95.71 56.95 13.42
CA LEU BA 107 -95.70 58.00 14.44
C LEU BA 107 -96.66 59.13 14.09
N THR BA 108 -97.10 59.83 15.12
CA THR BA 108 -97.89 61.05 14.97
C THR BA 108 -97.79 61.80 16.31
N THR BA 109 -98.60 62.83 16.45
CA THR BA 109 -98.59 63.63 17.66
C THR BA 109 -99.81 63.27 18.47
N ALA BA 110 -99.68 63.39 19.79
CA ALA BA 110 -100.83 63.26 20.67
C ALA BA 110 -101.90 64.27 20.28
N LYS BA 111 -101.46 65.50 20.04
CA LYS BA 111 -102.34 66.55 19.58
C LYS BA 111 -103.21 66.21 18.35
N ASN BA 112 -102.59 65.82 17.22
CA ASN BA 112 -103.34 65.51 15.99
C ASN BA 112 -104.46 64.51 16.26
N LEU BA 113 -104.10 63.52 17.07
CA LEU BA 113 -104.96 62.42 17.50
C LEU BA 113 -106.19 62.92 18.26
N PHE BA 114 -105.97 63.89 19.13
CA PHE BA 114 -107.00 64.42 20.03
C PHE BA 114 -107.94 65.43 19.37
N LEU BA 115 -107.75 65.71 18.08
CA LEU BA 115 -108.65 66.64 17.41
C LEU BA 115 -110.06 66.09 17.42
N ASN BA 116 -111.03 66.99 17.59
CA ASN BA 116 -112.45 66.64 17.68
C ASN BA 116 -112.72 65.58 18.75
N HIS BA 117 -111.99 65.68 19.87
CA HIS BA 117 -112.16 64.77 21.00
C HIS BA 117 -111.87 65.46 22.34
N SER BA 118 -112.51 64.98 23.39
CA SER BA 118 -112.31 65.55 24.72
C SER BA 118 -111.03 65.02 25.35
N GLU BA 119 -110.49 65.80 26.29
CA GLU BA 119 -109.34 65.37 27.07
C GLU BA 119 -109.66 64.06 27.76
N ASN BA 120 -110.95 63.86 28.04
CA ASN BA 120 -111.48 62.62 28.58
C ASN BA 120 -111.15 61.40 27.70
N ALA BA 121 -111.20 61.61 26.38
CA ALA BA 121 -111.15 60.52 25.42
C ALA BA 121 -109.91 59.67 25.59
N THR BA 122 -110.08 58.36 25.45
CA THR BA 122 -108.98 57.42 25.47
C THR BA 122 -108.71 56.88 24.05
N ALA BA 123 -107.68 56.06 23.94
CA ALA BA 123 -107.23 55.56 22.65
C ALA BA 123 -108.33 54.84 21.90
N LYS BA 124 -109.05 53.98 22.62
CA LYS BA 124 -110.14 53.19 22.05
C LYS BA 124 -111.21 54.08 21.41
N ASP BA 125 -111.44 55.25 22.01
CA ASP BA 125 -112.38 56.21 21.47
C ASP BA 125 -111.91 56.80 20.15
N ILE BA 126 -110.62 57.11 20.08
CA ILE BA 126 -110.08 57.87 18.96
C ILE BA 126 -109.81 57.06 17.69
N ALA BA 127 -109.37 55.81 17.84
CA ALA BA 127 -108.97 55.00 16.70
C ALA BA 127 -110.02 54.85 15.59
N PRO BA 128 -111.30 54.59 15.94
CA PRO BA 128 -112.27 54.44 14.83
C PRO BA 128 -112.57 55.76 14.10
N THR BA 129 -112.29 56.87 14.78
CA THR BA 129 -112.63 58.20 14.28
C THR BA 129 -111.82 58.56 13.06
N LEU BA 130 -110.56 58.13 13.07
CA LEU BA 130 -109.60 58.59 12.07
C LEU BA 130 -109.76 57.91 10.71
N THR BA 131 -109.34 58.66 9.70
CA THR BA 131 -109.12 58.16 8.35
C THR BA 131 -107.63 58.37 8.08
N LEU BA 132 -106.95 57.37 7.48
CA LEU BA 132 -105.51 57.46 7.25
C LEU BA 132 -105.11 57.17 5.81
N TYR BA 133 -104.08 57.87 5.34
CA TYR BA 133 -103.60 57.74 3.96
C TYR BA 133 -102.09 57.65 3.79
N VAL BA 134 -101.68 56.67 2.98
CA VAL BA 134 -100.30 56.55 2.51
C VAL BA 134 -100.21 56.69 1.01
N GLY BA 135 -99.02 57.00 0.52
CA GLY BA 135 -98.77 56.97 -0.90
C GLY BA 135 -99.64 57.96 -1.64
N LYS BA 136 -100.43 57.47 -2.58
CA LYS BA 136 -101.26 58.37 -3.36
C LYS BA 136 -102.63 58.67 -2.74
N LYS BA 137 -103.57 57.78 -3.00
CA LYS BA 137 -104.85 57.81 -2.31
C LYS BA 137 -104.90 56.71 -1.25
N GLN BA 138 -103.80 55.96 -1.14
CA GLN BA 138 -103.91 54.64 -0.58
C GLN BA 138 -104.46 54.69 0.83
N LEU BA 139 -105.60 54.02 0.99
CA LEU BA 139 -106.33 54.05 2.24
C LEU BA 139 -105.86 52.86 3.04
N VAL BA 140 -105.18 53.14 4.15
CA VAL BA 140 -104.82 52.06 5.07
C VAL BA 140 -105.79 52.11 6.22
N GLU BA 141 -106.35 50.95 6.55
CA GLU BA 141 -107.23 50.84 7.69
C GLU BA 141 -106.43 50.83 8.99
N ILE BA 142 -107.12 51.03 10.10
CA ILE BA 142 -106.45 51.42 11.33
C ILE BA 142 -106.98 50.59 12.51
N GLU BA 143 -106.09 49.80 13.14
CA GLU BA 143 -106.49 48.83 14.17
C GLU BA 143 -106.57 49.46 15.55
N LYS BA 144 -105.42 49.79 16.13
CA LYS BA 144 -105.44 50.53 17.38
C LYS BA 144 -104.59 51.81 17.31
N VAL BA 145 -104.55 52.50 18.44
CA VAL BA 145 -103.88 53.78 18.61
C VAL BA 145 -103.30 53.77 20.02
N VAL BA 146 -102.06 54.21 20.19
CA VAL BA 146 -101.51 54.25 21.55
C VAL BA 146 -100.75 55.56 21.80
N LEU BA 147 -100.94 56.13 22.99
CA LEU BA 147 -100.42 57.46 23.33
C LEU BA 147 -99.27 57.41 24.30
N HIS BA 148 -98.32 58.32 24.16
CA HIS BA 148 -97.18 58.34 25.05
C HIS BA 148 -97.65 58.72 26.45
N PRO BA 149 -97.21 57.96 27.46
CA PRO BA 149 -97.58 58.16 28.88
C PRO BA 149 -97.39 59.61 29.35
N ASN BA 150 -96.45 60.30 28.71
CA ASN BA 150 -96.19 61.73 28.91
C ASN BA 150 -96.82 62.68 27.87
N TYR BA 151 -97.90 62.23 27.20
CA TYR BA 151 -98.55 62.95 26.09
C TYR BA 151 -98.52 64.47 26.22
N SER BA 152 -98.74 65.00 27.42
CA SER BA 152 -98.76 66.45 27.62
C SER BA 152 -97.36 67.10 27.63
N GLN BA 153 -96.33 66.27 27.72
CA GLN BA 153 -94.93 66.72 27.72
C GLN BA 153 -94.24 66.26 26.45
N VAL BA 154 -94.24 64.95 26.22
CA VAL BA 154 -93.82 64.40 24.95
C VAL BA 154 -95.03 64.26 24.05
N ASP BA 155 -95.10 65.09 23.00
CA ASP BA 155 -96.31 65.14 22.19
C ASP BA 155 -96.18 64.14 21.04
N ILE BA 156 -96.70 62.93 21.28
CA ILE BA 156 -96.43 61.76 20.42
C ILE BA 156 -97.52 60.68 20.49
N GLY BA 157 -97.99 60.21 19.34
CA GLY BA 157 -98.81 59.00 19.30
C GLY BA 157 -98.16 57.82 18.60
N LEU BA 158 -98.82 56.66 18.63
CA LEU BA 158 -98.43 55.58 17.74
C LEU BA 158 -99.66 55.01 17.09
N ILE BA 159 -99.61 54.85 15.77
CA ILE BA 159 -100.71 54.17 15.08
C ILE BA 159 -100.33 52.75 14.66
N LYS BA 160 -101.19 51.78 14.97
CA LYS BA 160 -101.00 50.43 14.44
C LYS BA 160 -101.98 50.17 13.29
N LEU BA 161 -101.44 49.78 12.14
CA LEU BA 161 -102.26 49.43 10.97
C LEU BA 161 -102.76 47.98 11.06
N LYS BA 162 -104.02 47.79 10.70
CA LYS BA 162 -104.73 46.51 10.84
C LYS BA 162 -103.92 45.35 10.28
N GLN BA 163 -103.20 45.63 9.21
CA GLN BA 163 -102.28 44.67 8.62
C GLN BA 163 -101.01 45.42 8.22
N LYS BA 164 -100.03 44.71 7.67
CA LYS BA 164 -98.84 45.39 7.19
C LYS BA 164 -99.19 46.00 5.83
N VAL BA 165 -98.52 47.11 5.46
CA VAL BA 165 -98.72 47.73 4.14
C VAL BA 165 -97.59 47.33 3.19
N SER BA 166 -97.93 47.05 1.94
CA SER BA 166 -96.89 46.63 0.98
C SER BA 166 -96.00 47.80 0.64
N VAL BA 167 -94.69 47.61 0.85
CA VAL BA 167 -93.71 48.64 0.55
C VAL BA 167 -93.40 48.75 -0.95
N ASN BA 168 -93.31 49.97 -1.47
CA ASN BA 168 -92.82 50.19 -2.85
C ASN BA 168 -92.26 51.59 -3.01
N GLU BA 169 -92.07 52.04 -4.25
CA GLU BA 169 -91.44 53.34 -4.45
C GLU BA 169 -92.21 54.50 -3.77
N ARG BA 170 -93.54 54.46 -3.74
CA ARG BA 170 -94.30 55.57 -3.19
C ARG BA 170 -94.71 55.39 -1.71
N VAL BA 171 -94.61 54.16 -1.19
CA VAL BA 171 -95.03 53.87 0.18
C VAL BA 171 -93.96 53.07 0.88
N MET BA 172 -93.34 53.62 1.90
CA MET BA 172 -92.22 52.92 2.51
C MET BA 172 -91.67 53.60 3.75
N PRO BA 173 -91.30 52.82 4.76
CA PRO BA 173 -90.98 53.39 6.07
C PRO BA 173 -89.67 54.13 6.13
N ILE BA 174 -89.50 54.95 7.16
CA ILE BA 174 -88.33 55.78 7.34
C ILE BA 174 -87.49 55.13 8.41
N CYS BA 175 -86.18 55.33 8.40
CA CYS BA 175 -85.33 54.76 9.45
C CYS BA 175 -85.32 55.53 10.78
N LEU BA 176 -85.41 54.81 11.90
CA LEU BA 176 -85.18 55.45 13.20
C LEU BA 176 -83.70 55.51 13.44
N PRO BA 177 -83.22 56.67 13.88
CA PRO BA 177 -81.79 56.92 13.97
C PRO BA 177 -81.14 56.25 15.17
N SER BA 178 -79.95 55.66 14.97
CA SER BA 178 -79.10 55.29 16.07
C SER BA 178 -78.49 56.58 16.60
N LYS BA 179 -77.84 57.31 15.70
CA LYS BA 179 -77.24 58.60 16.03
C LYS BA 179 -78.37 59.60 16.28
N ASP BA 180 -78.05 60.74 16.90
CA ASP BA 180 -79.06 61.77 17.02
C ASP BA 180 -78.67 63.01 16.25
N TYR BA 181 -79.33 63.30 15.12
CA TYR BA 181 -79.00 64.58 14.52
C TYR BA 181 -80.09 65.55 14.89
N ALA BA 182 -79.98 66.10 16.10
CA ALA BA 182 -80.80 67.20 16.56
C ALA BA 182 -79.96 68.46 16.71
N GLU BA 183 -78.68 68.36 16.40
CA GLU BA 183 -77.75 69.45 16.70
C GLU BA 183 -77.80 70.54 15.64
N VAL BA 184 -77.42 71.76 16.00
CA VAL BA 184 -77.37 72.81 15.00
C VAL BA 184 -76.14 72.57 14.14
N GLY BA 185 -76.31 72.90 12.87
CA GLY BA 185 -75.39 72.53 11.81
C GLY BA 185 -75.97 71.42 10.95
N ARG BA 186 -76.86 70.60 11.51
CA ARG BA 186 -77.60 69.64 10.68
C ARG BA 186 -78.72 70.36 9.94
N VAL BA 187 -79.18 69.74 8.85
CA VAL BA 187 -80.28 70.27 8.05
C VAL BA 187 -81.27 69.13 7.93
N GLY BA 188 -82.55 69.43 7.69
CA GLY BA 188 -83.54 68.39 7.68
C GLY BA 188 -84.55 68.66 6.60
N TYR BA 189 -85.42 67.70 6.34
CA TYR BA 189 -86.40 67.80 5.28
C TYR BA 189 -87.77 67.57 5.90
N VAL BA 190 -88.67 68.52 5.80
CA VAL BA 190 -89.99 68.26 6.32
C VAL BA 190 -90.97 68.18 5.17
N SER BA 191 -91.67 67.05 5.06
CA SER BA 191 -92.75 66.96 4.09
C SER BA 191 -93.96 67.50 4.82
N GLY BA 192 -95.08 67.73 4.13
CA GLY BA 192 -96.33 68.03 4.79
C GLY BA 192 -97.60 68.13 3.96
N TRP BA 193 -98.72 67.80 4.61
CA TRP BA 193 -100.05 67.94 4.03
C TRP BA 193 -100.76 69.16 4.54
N GLY BA 194 -100.08 69.95 5.36
CA GLY BA 194 -100.70 71.11 5.97
C GLY BA 194 -100.99 72.28 5.05
N ARG BA 195 -101.54 73.35 5.63
CA ARG BA 195 -102.02 74.55 4.93
C ARG BA 195 -100.92 75.35 4.21
N ASN BA 196 -101.30 76.22 3.28
CA ASN BA 196 -100.34 77.10 2.61
C ASN BA 196 -100.72 78.58 2.77
N ALA BA 197 -100.08 79.45 1.99
CA ALA BA 197 -100.25 80.89 2.11
C ALA BA 197 -101.63 81.40 1.71
N ASN BA 198 -102.48 80.55 1.14
CA ASN BA 198 -103.90 80.87 1.07
C ASN BA 198 -104.62 80.23 2.25
N PHE BA 199 -103.87 79.65 3.18
CA PHE BA 199 -104.42 78.95 4.36
C PHE BA 199 -105.37 77.84 3.94
N LYS BA 200 -105.17 77.37 2.71
CA LYS BA 200 -105.81 76.19 2.15
C LYS BA 200 -104.99 74.96 2.49
N PHE BA 201 -105.65 73.89 2.89
CA PHE BA 201 -104.97 72.60 3.00
C PHE BA 201 -104.40 72.27 1.61
N THR BA 202 -103.13 71.87 1.56
CA THR BA 202 -102.44 71.79 0.29
C THR BA 202 -102.93 70.70 -0.64
N ASP BA 203 -102.91 71.00 -1.94
CA ASP BA 203 -103.35 70.07 -2.98
C ASP BA 203 -102.32 68.99 -3.34
N HIS BA 204 -101.06 69.28 -3.01
CA HIS BA 204 -99.96 68.41 -3.34
C HIS BA 204 -99.00 68.39 -2.19
N LEU BA 205 -98.48 67.20 -1.90
CA LEU BA 205 -97.47 67.06 -0.86
C LEU BA 205 -96.36 68.05 -1.18
N LYS BA 206 -95.87 68.76 -0.17
CA LYS BA 206 -94.73 69.65 -0.40
C LYS BA 206 -93.69 69.38 0.67
N TYR BA 207 -92.55 70.03 0.54
CA TYR BA 207 -91.47 69.78 1.48
C TYR BA 207 -90.60 71.00 1.55
N VAL BA 208 -89.87 71.17 2.64
CA VAL BA 208 -89.01 72.33 2.80
C VAL BA 208 -87.79 71.88 3.58
N MET BA 209 -86.63 72.41 3.24
CA MET BA 209 -85.44 72.24 4.05
C MET BA 209 -85.42 73.30 5.17
N LEU BA 210 -85.04 72.92 6.38
CA LEU BA 210 -84.96 73.87 7.49
C LEU BA 210 -83.73 73.52 8.33
N PRO BA 211 -83.03 74.53 8.84
CA PRO BA 211 -81.89 74.18 9.70
C PRO BA 211 -82.42 73.83 11.06
N VAL BA 212 -81.70 73.07 11.88
CA VAL BA 212 -82.15 72.92 13.26
C VAL BA 212 -81.58 74.10 14.03
N ALA BA 213 -82.32 74.57 15.02
CA ALA BA 213 -82.00 75.84 15.65
C ALA BA 213 -81.49 75.69 17.06
N ASP BA 214 -80.68 76.66 17.47
CA ASP BA 214 -80.13 76.68 18.81
C ASP BA 214 -81.25 76.64 19.84
N GLN BA 215 -81.17 75.69 20.77
CA GLN BA 215 -82.27 75.47 21.72
C GLN BA 215 -82.54 76.67 22.63
N ASP BA 216 -81.51 77.40 23.02
CA ASP BA 216 -81.71 78.54 23.92
C ASP BA 216 -82.36 79.71 23.19
N GLN BA 217 -81.85 80.08 22.02
CA GLN BA 217 -82.47 81.13 21.16
C GLN BA 217 -83.96 80.87 20.96
N CYS BA 218 -84.29 79.60 20.76
CA CYS BA 218 -85.66 79.19 20.55
C CYS BA 218 -86.48 79.34 21.82
N ILE BA 219 -85.89 78.98 22.95
CA ILE BA 219 -86.56 79.09 24.22
C ILE BA 219 -86.85 80.56 24.50
N ARG BA 220 -85.79 81.36 24.50
CA ARG BA 220 -85.93 82.79 24.72
C ARG BA 220 -86.93 83.41 23.78
N HIS BA 221 -87.12 82.80 22.60
CA HIS BA 221 -88.11 83.32 21.68
C HIS BA 221 -89.54 83.09 22.19
N TYR BA 222 -89.87 81.86 22.54
CA TYR BA 222 -91.24 81.48 22.83
C TYR BA 222 -91.75 81.79 24.24
N GLU BA 223 -90.86 81.59 25.19
CA GLU BA 223 -91.03 81.99 26.58
C GLU BA 223 -89.97 83.08 26.66
N GLY BA 224 -89.68 83.67 27.80
CA GLY BA 224 -88.76 84.79 27.69
C GLY BA 224 -87.37 84.41 28.08
N SER BA 225 -87.24 83.16 28.52
CA SER BA 225 -86.39 82.83 29.67
C SER BA 225 -85.00 82.20 29.50
N THR BA 226 -84.92 80.91 29.14
CA THR BA 226 -84.10 79.94 29.89
C THR BA 226 -84.78 79.84 31.26
N VAL BA 227 -84.20 80.43 32.31
CA VAL BA 227 -84.68 80.28 33.71
C VAL BA 227 -86.20 80.43 33.95
N PRO BA 228 -86.82 79.44 34.63
CA PRO BA 228 -88.28 79.28 34.67
C PRO BA 228 -89.05 80.37 35.43
N GLU BA 229 -88.36 81.18 36.23
CA GLU BA 229 -89.04 82.20 37.01
C GLU BA 229 -89.27 83.46 36.16
N LYS BA 230 -88.50 83.57 35.09
CA LYS BA 230 -88.62 84.68 34.16
C LYS BA 230 -89.47 84.29 32.92
N LYS BA 231 -90.01 83.09 32.95
CA LYS BA 231 -90.86 82.59 31.88
C LYS BA 231 -92.17 83.40 31.77
N THR BA 232 -92.46 83.86 30.56
CA THR BA 232 -93.74 84.48 30.22
C THR BA 232 -94.13 84.06 28.80
N PRO BA 233 -95.42 84.07 28.46
CA PRO BA 233 -95.83 83.67 27.11
C PRO BA 233 -95.53 84.69 26.02
N LYS BA 234 -94.33 84.65 25.46
CA LYS BA 234 -93.89 85.58 24.42
C LYS BA 234 -94.26 85.15 23.00
N SER BA 235 -94.95 84.02 22.84
CA SER BA 235 -95.21 83.44 21.52
C SER BA 235 -95.97 84.33 20.56
N PRO BA 236 -95.37 84.68 19.42
CA PRO BA 236 -95.96 85.47 18.33
C PRO BA 236 -97.37 85.08 17.83
N VAL BA 237 -97.71 83.80 17.73
CA VAL BA 237 -99.10 83.44 17.48
C VAL BA 237 -99.78 83.32 18.86
N GLY BA 238 -101.06 82.98 18.92
CA GLY BA 238 -101.73 82.89 20.21
C GLY BA 238 -101.22 81.81 21.18
N VAL BA 239 -100.75 80.68 20.66
CA VAL BA 239 -100.56 79.49 21.47
C VAL BA 239 -99.10 79.09 21.68
N GLN BA 240 -98.84 78.44 22.81
CA GLN BA 240 -97.48 78.11 23.23
C GLN BA 240 -97.06 76.70 22.82
N PRO BA 241 -95.82 76.58 22.30
CA PRO BA 241 -95.29 75.26 21.96
C PRO BA 241 -94.84 74.56 23.24
N ILE BA 242 -94.73 73.23 23.18
CA ILE BA 242 -94.22 72.44 24.29
C ILE BA 242 -92.72 72.41 24.22
N LEU BA 243 -92.03 72.90 25.24
CA LEU BA 243 -90.58 72.98 25.16
C LEU BA 243 -89.85 72.41 26.37
N ASN BA 244 -89.14 71.31 26.15
CA ASN BA 244 -88.41 70.62 27.19
C ASN BA 244 -87.13 70.02 26.60
N GLU BA 245 -86.51 69.10 27.33
CA GLU BA 245 -85.32 68.42 26.83
C GLU BA 245 -85.61 67.31 25.81
N HIS BA 246 -86.88 66.97 25.64
CA HIS BA 246 -87.30 66.01 24.61
C HIS BA 246 -87.70 66.69 23.29
N THR BA 247 -87.51 68.00 23.19
CA THR BA 247 -87.87 68.74 21.97
C THR BA 247 -86.65 69.41 21.36
N PHE BA 248 -86.77 69.80 20.08
CA PHE BA 248 -85.79 70.67 19.44
C PHE BA 248 -86.48 71.59 18.43
N CYS BA 249 -85.86 72.70 18.10
CA CYS BA 249 -86.50 73.66 17.20
C CYS BA 249 -85.81 73.79 15.86
N ALA BA 250 -86.60 73.84 14.79
CA ALA BA 250 -86.05 74.06 13.46
C ALA BA 250 -86.36 75.46 12.97
N GLY BA 251 -85.36 76.13 12.41
CA GLY BA 251 -85.48 77.50 11.98
C GLY BA 251 -86.41 77.68 10.80
N MET BA 252 -86.41 78.89 10.25
CA MET BA 252 -87.21 79.13 9.06
C MET BA 252 -86.37 78.84 7.82
N SER BA 253 -87.01 78.86 6.66
CA SER BA 253 -86.37 78.46 5.42
C SER BA 253 -85.37 79.51 4.97
N LYS BA 254 -84.69 79.23 3.87
CA LYS BA 254 -83.76 80.20 3.28
C LYS BA 254 -84.59 81.33 2.73
N TYR BA 255 -85.72 80.96 2.13
CA TYR BA 255 -86.69 81.86 1.48
C TYR BA 255 -87.92 82.22 2.32
N GLN BA 256 -87.85 81.99 3.64
CA GLN BA 256 -88.93 82.27 4.60
C GLN BA 256 -90.12 81.34 4.41
N GLU BA 257 -89.88 80.15 3.92
CA GLU BA 257 -90.93 79.16 3.87
C GLU BA 257 -91.05 78.63 5.28
N ASP BA 258 -92.23 78.18 5.65
CA ASP BA 258 -92.36 77.58 6.96
C ASP BA 258 -93.53 76.64 6.96
N THR BA 259 -93.77 76.10 8.13
CA THR BA 259 -94.59 74.95 8.32
C THR BA 259 -95.77 75.37 9.18
N CYS BA 260 -96.98 75.11 8.69
CA CYS BA 260 -98.21 75.67 9.23
C CYS BA 260 -99.17 74.55 9.60
N TYR BA 261 -100.42 74.90 9.89
CA TYR BA 261 -101.43 73.98 10.41
C TYR BA 261 -101.57 72.67 9.58
N GLY BA 262 -101.42 71.53 10.22
CA GLY BA 262 -101.56 70.26 9.54
C GLY BA 262 -100.22 69.58 9.40
N ASP BA 263 -99.16 70.33 9.64
CA ASP BA 263 -97.81 69.81 9.40
C ASP BA 263 -97.26 69.07 10.60
N ALA BA 264 -98.01 69.00 11.69
CA ALA BA 264 -97.57 68.20 12.82
C ALA BA 264 -97.66 66.73 12.45
N GLY BA 265 -96.75 65.92 12.99
CA GLY BA 265 -96.76 64.51 12.69
C GLY BA 265 -95.94 64.17 11.46
N SER BA 266 -95.69 65.17 10.61
CA SER BA 266 -94.74 65.05 9.53
C SER BA 266 -93.34 65.03 10.11
N ALA BA 267 -92.45 64.22 9.53
CA ALA BA 267 -91.15 63.93 10.12
C ALA BA 267 -90.10 64.93 9.68
N PHE BA 268 -89.24 65.32 10.61
CA PHE BA 268 -88.14 66.18 10.25
C PHE BA 268 -87.09 65.19 9.91
N ALA BA 269 -86.87 65.01 8.60
CA ALA BA 269 -86.16 63.85 8.08
C ALA BA 269 -84.78 64.23 7.62
N VAL BA 270 -83.76 63.73 8.31
CA VAL BA 270 -82.37 64.06 7.94
C VAL BA 270 -81.69 62.96 7.11
N HIS BA 271 -81.21 63.36 5.95
CA HIS BA 271 -80.57 62.48 5.01
C HIS BA 271 -79.09 62.39 5.39
N ASP BA 272 -78.63 61.17 5.64
CA ASP BA 272 -77.25 60.91 6.03
C ASP BA 272 -76.50 60.56 4.78
N LEU BA 273 -75.56 61.41 4.37
CA LEU BA 273 -74.95 61.21 3.05
C LEU BA 273 -73.97 60.03 2.97
N GLU BA 274 -73.29 59.71 4.09
CA GLU BA 274 -72.33 58.62 4.12
C GLU BA 274 -72.97 57.25 3.91
N GLU BA 275 -74.03 56.97 4.66
CA GLU BA 275 -74.76 55.71 4.51
C GLU BA 275 -75.98 55.81 3.60
N ASP BA 276 -76.18 56.99 2.99
CA ASP BA 276 -77.28 57.24 2.05
C ASP BA 276 -78.63 56.72 2.58
N THR BA 277 -78.95 57.04 3.82
CA THR BA 277 -80.21 56.62 4.39
C THR BA 277 -80.97 57.79 4.97
N TRP BA 278 -82.30 57.70 4.96
CA TRP BA 278 -83.15 58.74 5.50
C TRP BA 278 -83.65 58.40 6.90
N TYR BA 279 -83.22 59.17 7.89
CA TYR BA 279 -83.65 58.96 9.27
C TYR BA 279 -84.72 59.94 9.72
N ALA BA 280 -85.63 59.51 10.58
CA ALA BA 280 -86.53 60.48 11.20
C ALA BA 280 -85.89 60.96 12.48
N THR BA 281 -85.37 62.18 12.45
CA THR BA 281 -84.73 62.75 13.61
C THR BA 281 -85.80 63.28 14.57
N GLY BA 282 -86.85 63.87 14.02
CA GLY BA 282 -87.95 64.35 14.85
C GLY BA 282 -89.33 64.28 14.22
N ILE BA 283 -90.34 64.43 15.07
CA ILE BA 283 -91.71 64.58 14.63
C ILE BA 283 -92.21 65.99 14.97
N LEU BA 284 -92.95 66.62 14.07
CA LEU BA 284 -93.42 67.98 14.29
C LEU BA 284 -94.52 68.04 15.34
N SER BA 285 -94.31 68.83 16.39
CA SER BA 285 -95.36 69.07 17.38
C SER BA 285 -96.10 70.34 17.09
N PHE BA 286 -95.39 71.46 17.10
CA PHE BA 286 -95.99 72.76 16.95
C PHE BA 286 -95.98 73.24 15.49
N ASP BA 287 -97.13 73.11 14.85
CA ASP BA 287 -97.31 73.51 13.45
C ASP BA 287 -97.98 74.85 13.33
N LYS BA 288 -98.10 75.55 14.44
CA LYS BA 288 -98.82 76.82 14.46
C LYS BA 288 -98.03 78.04 13.97
N SER BA 289 -96.70 77.92 13.84
CA SER BA 289 -95.83 79.11 13.71
C SER BA 289 -95.92 79.93 12.40
N CYS BA 290 -95.93 79.26 11.26
CA CYS BA 290 -96.18 79.94 9.97
C CYS BA 290 -95.34 81.16 9.58
N ALA BA 291 -95.99 82.17 9.05
CA ALA BA 291 -95.25 83.39 8.77
C ALA BA 291 -94.64 83.94 10.06
N VAL BA 292 -95.49 84.02 11.08
CA VAL BA 292 -95.29 85.00 12.13
C VAL BA 292 -94.33 84.60 13.24
N ALA BA 293 -94.08 83.30 13.42
CA ALA BA 293 -93.36 82.83 14.60
C ALA BA 293 -92.11 82.04 14.24
N GLU BA 294 -90.95 82.54 14.68
CA GLU BA 294 -89.68 82.12 14.11
C GLU BA 294 -89.27 80.61 14.13
N TYR BA 295 -89.86 79.77 14.97
CA TYR BA 295 -89.44 78.35 14.99
C TYR BA 295 -90.56 77.32 15.13
N GLY BA 296 -90.67 76.41 14.18
CA GLY BA 296 -91.46 75.21 14.36
C GLY BA 296 -90.64 74.33 15.28
N VAL BA 297 -91.28 73.43 16.02
CA VAL BA 297 -90.59 72.73 17.08
C VAL BA 297 -90.91 71.25 17.01
N TYR BA 298 -89.89 70.42 17.18
CA TYR BA 298 -90.00 68.98 16.99
C TYR BA 298 -89.59 68.28 18.26
N VAL BA 299 -90.17 67.11 18.51
CA VAL BA 299 -89.70 66.19 19.58
C VAL BA 299 -88.69 65.18 19.03
N LYS BA 300 -87.50 65.17 19.61
CA LYS BA 300 -86.41 64.31 19.19
C LYS BA 300 -86.89 62.88 19.19
N VAL BA 301 -86.56 62.14 18.13
CA VAL BA 301 -87.07 60.78 18.02
C VAL BA 301 -86.22 59.88 18.92
N THR BA 302 -84.92 60.18 19.00
CA THR BA 302 -84.03 59.44 19.88
C THR BA 302 -84.53 59.37 21.32
N SER BA 303 -85.28 60.39 21.76
CA SER BA 303 -85.81 60.42 23.11
C SER BA 303 -87.06 59.55 23.32
N ILE BA 304 -87.85 59.31 22.28
CA ILE BA 304 -88.97 58.36 22.35
C ILE BA 304 -88.61 56.94 21.91
N GLN BA 305 -87.33 56.68 21.72
CA GLN BA 305 -86.82 55.38 21.25
C GLN BA 305 -87.32 54.17 22.05
N ASP BA 306 -86.90 54.08 23.30
CA ASP BA 306 -87.17 52.90 24.09
C ASP BA 306 -88.65 52.71 24.34
N TRP BA 307 -89.42 53.75 24.10
CA TRP BA 307 -90.86 53.62 24.22
C TRP BA 307 -91.49 53.01 22.96
N VAL BA 308 -91.02 53.42 21.78
CA VAL BA 308 -91.66 52.99 20.54
C VAL BA 308 -91.32 51.53 20.36
N GLN BA 309 -90.08 51.18 20.66
CA GLN BA 309 -89.67 49.79 20.58
C GLN BA 309 -90.55 48.94 21.48
N LYS BA 310 -90.74 49.41 22.70
CA LYS BA 310 -91.55 48.74 23.71
C LYS BA 310 -92.99 48.52 23.24
N THR BA 311 -93.58 49.52 22.61
CA THR BA 311 -94.97 49.44 22.20
C THR BA 311 -95.17 48.47 21.03
N ILE BA 312 -94.21 48.49 20.09
CA ILE BA 312 -94.25 47.64 18.89
C ILE BA 312 -94.46 46.17 19.21
N ALA BA 313 -93.89 45.78 20.36
CA ALA BA 313 -93.99 44.43 20.91
C ALA BA 313 -95.45 44.00 21.20
N GLU BA 314 -96.39 44.92 21.23
CA GLU BA 314 -97.80 44.56 21.36
C GLU BA 314 -98.64 45.03 20.17
N ALA CA 3 -77.54 112.77 21.62
CA ALA CA 3 -78.64 111.86 21.94
C ALA CA 3 -79.81 111.99 20.97
N ASP CA 4 -80.25 113.23 20.75
CA ASP CA 4 -81.42 113.51 19.91
C ASP CA 4 -81.07 113.87 18.46
N GLU CA 5 -79.78 113.83 18.14
CA GLU CA 5 -79.34 114.00 16.77
C GLU CA 5 -79.62 112.70 16.01
N SER CA 6 -79.25 111.56 16.58
CA SER CA 6 -79.65 110.27 16.01
C SER CA 6 -80.09 109.30 17.11
N LEU CA 7 -81.37 108.91 17.08
CA LEU CA 7 -81.95 108.06 18.11
C LEU CA 7 -81.63 106.58 17.88
N LYS CA 8 -81.55 106.17 16.62
CA LYS CA 8 -81.28 104.76 16.30
C LYS CA 8 -79.80 104.41 16.47
N ASP CA 9 -78.94 105.42 16.47
CA ASP CA 9 -77.54 105.24 16.88
C ASP CA 9 -77.47 105.21 18.41
N ALA CA 10 -78.35 105.99 19.05
CA ALA CA 10 -78.37 106.08 20.49
C ALA CA 10 -78.66 104.74 21.15
N ILE CA 11 -79.62 103.98 20.60
CA ILE CA 11 -80.01 102.74 21.27
C ILE CA 11 -78.93 101.66 21.16
N LYS CA 12 -77.87 101.94 20.40
CA LYS CA 12 -76.78 100.99 20.21
C LYS CA 12 -75.88 100.83 21.43
N ASP CA 13 -75.93 101.80 22.35
CA ASP CA 13 -75.18 101.71 23.60
C ASP CA 13 -75.71 100.53 24.41
N PRO CA 14 -74.85 99.53 24.66
CA PRO CA 14 -75.24 98.30 25.36
C PRO CA 14 -75.59 98.51 26.82
N ALA CA 15 -75.15 99.63 27.39
CA ALA CA 15 -75.37 99.89 28.81
C ALA CA 15 -76.84 100.14 29.11
N LEU CA 16 -77.61 100.40 28.06
CA LEU CA 16 -78.99 100.86 28.24
C LEU CA 16 -80.06 99.77 28.12
N GLU CA 17 -79.67 98.51 27.89
CA GLU CA 17 -80.67 97.52 27.53
C GLU CA 17 -81.34 96.87 28.74
N ASN CA 18 -82.67 97.00 28.77
CA ASN CA 18 -83.50 96.52 29.85
C ASN CA 18 -83.07 97.07 31.21
N LYS CA 19 -82.50 98.28 31.17
CA LYS CA 19 -82.14 99.03 32.35
C LYS CA 19 -83.43 99.52 32.99
N GLU CA 20 -83.43 99.75 34.31
CA GLU CA 20 -84.62 100.20 35.01
C GLU CA 20 -84.80 101.71 34.88
N HIS CA 21 -85.93 102.11 34.30
CA HIS CA 21 -86.37 103.50 34.33
C HIS CA 21 -87.55 103.78 35.29
N ASP CA 22 -88.03 102.75 36.00
CA ASP CA 22 -89.31 102.87 36.73
C ASP CA 22 -89.22 103.25 38.22
N ILE CA 23 -88.02 103.49 38.71
CA ILE CA 23 -87.83 103.82 40.13
C ILE CA 23 -88.32 105.22 40.46
N GLY CA 24 -89.13 105.34 41.52
CA GLY CA 24 -89.56 106.63 42.02
C GLY CA 24 -91.02 107.00 41.76
N PRO CA 25 -91.43 108.19 42.26
CA PRO CA 25 -92.79 108.72 42.16
C PRO CA 25 -93.06 109.25 40.75
N ARG CA 26 -94.31 109.10 40.28
CA ARG CA 26 -94.65 109.41 38.89
C ARG CA 26 -96.11 109.76 38.75
N GLU CA 27 -96.42 110.53 37.73
CA GLU CA 27 -97.81 110.83 37.41
C GLU CA 27 -98.10 110.26 36.04
N GLN CA 28 -99.35 109.91 35.75
CA GLN CA 28 -99.67 109.46 34.41
C GLN CA 28 -100.55 110.44 33.67
N VAL CA 29 -99.99 111.10 32.65
CA VAL CA 29 -100.75 112.12 31.95
C VAL CA 29 -101.04 111.74 30.49
N ASN CA 30 -102.31 111.55 30.15
CA ASN CA 30 -102.70 111.39 28.76
C ASN CA 30 -102.29 112.60 27.96
N PHE CA 31 -101.98 112.37 26.69
CA PHE CA 31 -101.68 113.46 25.78
C PHE CA 31 -102.29 113.18 24.44
N GLN CA 32 -102.29 114.19 23.57
CA GLN CA 32 -102.60 114.00 22.16
C GLN CA 32 -101.37 114.38 21.35
N LEU CA 33 -101.22 113.75 20.19
CA LEU CA 33 -100.17 114.06 19.24
C LEU CA 33 -100.80 114.55 17.94
N LEU CA 34 -100.58 115.81 17.59
CA LEU CA 34 -101.23 116.43 16.43
C LEU CA 34 -100.24 117.09 15.46
N ASP CA 35 -100.62 117.18 14.18
CA ASP CA 35 -99.80 117.84 13.17
C ASP CA 35 -100.16 119.34 13.10
N LYS CA 36 -99.68 120.05 12.08
CA LYS CA 36 -99.82 121.51 12.05
C LYS CA 36 -101.21 121.98 11.69
N ASN CA 37 -102.09 121.07 11.28
CA ASN CA 37 -103.50 121.40 11.08
C ASN CA 37 -104.38 120.96 12.27
N ASN CA 38 -103.76 120.47 13.33
CA ASN CA 38 -104.42 119.98 14.56
C ASN CA 38 -105.31 118.76 14.34
N GLU CA 39 -104.85 117.86 13.47
CA GLU CA 39 -105.39 116.51 13.35
C GLU CA 39 -104.27 115.56 13.75
N THR CA 40 -104.64 114.37 14.20
CA THR CA 40 -103.71 113.48 14.88
C THR CA 40 -102.55 113.15 13.98
N GLN CA 41 -101.35 113.12 14.54
CA GLN CA 41 -100.21 112.73 13.74
C GLN CA 41 -100.18 111.25 13.85
N TYR CA 42 -100.65 110.57 12.82
CA TYR CA 42 -100.94 109.14 12.97
C TYR CA 42 -99.68 108.30 13.10
N TYR CA 43 -98.57 108.70 12.49
CA TYR CA 43 -97.37 107.90 12.69
C TYR CA 43 -96.88 108.02 14.13
N HIS CA 44 -96.83 109.24 14.65
CA HIS CA 44 -96.39 109.43 16.02
C HIS CA 44 -97.42 108.85 16.98
N PHE CA 45 -98.70 108.98 16.61
CA PHE CA 45 -99.80 108.53 17.45
C PHE CA 45 -99.58 107.08 17.79
N PHE CA 46 -99.18 106.34 16.77
CA PHE CA 46 -98.98 104.90 16.79
C PHE CA 46 -97.69 104.50 17.43
N SER CA 47 -96.70 105.39 17.42
CA SER CA 47 -95.38 105.06 17.88
C SER CA 47 -95.12 105.41 19.31
N ILE CA 48 -95.99 106.20 19.93
CA ILE CA 48 -95.73 106.62 21.32
C ILE CA 48 -96.85 106.29 22.33
N LYS CA 49 -96.48 105.59 23.39
CA LYS CA 49 -97.44 105.10 24.39
C LYS CA 49 -98.20 106.19 25.12
N ASP CA 50 -99.52 106.05 25.09
CA ASP CA 50 -100.44 106.95 25.77
C ASP CA 50 -101.22 106.21 26.88
N PRO CA 51 -101.12 106.65 28.16
CA PRO CA 51 -100.55 107.85 28.79
C PRO CA 51 -99.05 107.85 28.99
N ALA CA 52 -98.53 108.98 29.48
CA ALA CA 52 -97.09 109.19 29.59
C ALA CA 52 -96.64 109.26 31.05
N ASP CA 53 -95.68 108.44 31.42
CA ASP CA 53 -95.16 108.49 32.77
C ASP CA 53 -94.39 109.79 32.94
N VAL CA 54 -94.74 110.57 33.97
CA VAL CA 54 -94.01 111.79 34.28
C VAL CA 54 -93.35 111.67 35.65
N TYR CA 55 -92.03 111.68 35.68
CA TYR CA 55 -91.32 111.39 36.91
C TYR CA 55 -90.96 112.66 37.65
N TYR CA 56 -91.11 112.62 38.97
CA TYR CA 56 -90.87 113.78 39.83
C TYR CA 56 -89.41 113.88 40.23
N THR CA 57 -88.89 115.09 40.29
CA THR CA 57 -87.49 115.34 40.68
C THR CA 57 -87.36 116.51 41.65
N LYS CA 58 -86.12 116.88 41.93
CA LYS CA 58 -85.83 118.05 42.76
C LYS CA 58 -86.20 119.34 42.03
N LYS CA 59 -85.86 119.41 40.73
CA LYS CA 59 -85.95 120.67 40.01
C LYS CA 59 -87.17 120.76 39.08
N LYS CA 60 -87.17 120.06 37.95
CA LYS CA 60 -88.37 120.02 37.12
C LYS CA 60 -88.80 118.58 36.87
N ALA CA 61 -90.09 118.37 36.64
CA ALA CA 61 -90.63 117.05 36.34
C ALA CA 61 -90.10 116.55 35.01
N GLU CA 62 -89.71 115.29 34.94
CA GLU CA 62 -89.15 114.74 33.71
C GLU CA 62 -90.10 113.78 33.03
N VAL CA 63 -90.59 114.16 31.85
CA VAL CA 63 -91.50 113.31 31.12
C VAL CA 63 -90.76 112.11 30.50
N GLU CA 64 -91.35 110.92 30.56
CA GLU CA 64 -90.75 109.77 29.90
C GLU CA 64 -91.63 109.25 28.76
N LEU CA 65 -91.03 109.13 27.58
CA LEU CA 65 -91.74 108.75 26.37
C LEU CA 65 -91.41 107.32 25.93
N ASP CA 66 -92.45 106.57 25.57
CA ASP CA 66 -92.31 105.16 25.20
C ASP CA 66 -92.44 105.02 23.66
N ILE CA 67 -91.35 104.78 22.96
CA ILE CA 67 -91.44 104.80 21.51
C ILE CA 67 -91.05 103.48 20.88
N ASN CA 68 -91.94 102.86 20.10
CA ASN CA 68 -91.54 101.63 19.39
C ASN CA 68 -90.77 101.94 18.09
N THR CA 69 -90.31 100.88 17.44
CA THR CA 69 -89.44 100.93 16.25
C THR CA 69 -88.35 101.97 16.41
N ALA CA 70 -87.77 102.05 17.60
CA ALA CA 70 -86.68 102.99 17.87
C ALA CA 70 -85.55 102.86 16.86
N SER CA 71 -85.31 101.66 16.35
CA SER CA 71 -84.25 101.46 15.38
C SER CA 71 -84.50 102.18 14.04
N THR CA 72 -85.76 102.46 13.72
CA THR CA 72 -86.07 103.25 12.53
C THR CA 72 -86.32 104.75 12.82
N TRP CA 73 -86.28 105.15 14.09
CA TRP CA 73 -86.34 106.57 14.43
C TRP CA 73 -84.96 107.22 14.29
N LYS CA 74 -84.91 108.44 13.76
CA LYS CA 74 -83.61 109.11 13.65
C LYS CA 74 -83.52 110.40 14.46
N LYS CA 75 -84.16 111.45 14.00
CA LYS CA 75 -84.09 112.72 14.70
C LYS CA 75 -85.27 112.82 15.62
N PHE CA 76 -85.07 112.97 16.92
CA PHE CA 76 -86.20 113.23 17.79
C PHE CA 76 -85.85 114.39 18.72
N GLU CA 77 -86.42 115.55 18.42
CA GLU CA 77 -86.09 116.76 19.14
C GLU CA 77 -87.35 117.25 19.81
N VAL CA 78 -87.27 117.60 21.10
CA VAL CA 78 -88.45 118.12 21.76
C VAL CA 78 -88.25 119.54 22.29
N TYR CA 79 -89.19 120.41 21.92
CA TYR CA 79 -89.08 121.85 22.19
C TYR CA 79 -90.16 122.35 23.16
N GLU CA 80 -89.76 123.21 24.10
CA GLU CA 80 -90.68 123.85 25.02
C GLU CA 80 -90.54 125.37 24.88
N ASN CA 81 -91.62 126.02 24.44
CA ASN CA 81 -91.59 127.44 24.08
C ASN CA 81 -90.55 127.77 23.03
N ASN CA 82 -90.46 126.92 22.01
CA ASN CA 82 -89.48 127.04 20.94
C ASN CA 82 -88.02 127.12 21.38
N GLN CA 83 -87.66 126.41 22.44
CA GLN CA 83 -86.24 126.22 22.75
C GLN CA 83 -85.94 124.75 23.10
N LYS CA 84 -84.72 124.31 22.82
CA LYS CA 84 -84.39 122.89 22.81
C LYS CA 84 -84.33 122.32 24.23
N LEU CA 85 -85.05 121.23 24.44
CA LEU CA 85 -84.91 120.48 25.70
C LEU CA 85 -83.80 119.45 25.55
N PRO CA 86 -83.01 119.25 26.61
CA PRO CA 86 -81.90 118.27 26.62
C PRO CA 86 -82.41 116.82 26.71
N VAL CA 87 -82.78 116.23 25.57
CA VAL CA 87 -83.35 114.89 25.58
C VAL CA 87 -82.26 113.84 25.78
N ARG CA 88 -82.55 112.82 26.59
CA ARG CA 88 -81.61 111.72 26.78
C ARG CA 88 -82.32 110.35 26.84
N LEU CA 89 -81.58 109.32 26.46
CA LEU CA 89 -82.12 107.97 26.43
C LEU CA 89 -81.81 107.25 27.75
N VAL CA 90 -82.84 106.68 28.38
CA VAL CA 90 -82.61 105.98 29.64
C VAL CA 90 -82.61 104.45 29.45
N SER CA 91 -83.68 103.84 28.97
CA SER CA 91 -83.60 102.41 28.67
C SER CA 91 -83.94 102.10 27.22
N TYR CA 92 -83.48 100.96 26.73
CA TYR CA 92 -83.89 100.44 25.42
C TYR CA 92 -84.29 98.97 25.52
N SER CA 93 -85.30 98.56 24.76
CA SER CA 93 -85.74 97.17 24.79
C SER CA 93 -85.52 96.51 23.43
N PRO CA 94 -84.64 95.49 23.36
CA PRO CA 94 -84.09 94.92 22.13
C PRO CA 94 -85.13 94.27 21.23
N VAL CA 95 -84.66 93.78 20.08
CA VAL CA 95 -85.37 93.93 18.80
C VAL CA 95 -86.79 93.35 18.57
N PRO CA 96 -87.16 92.21 19.21
CA PRO CA 96 -88.60 91.91 19.10
C PRO CA 96 -89.46 93.02 19.75
N GLU CA 97 -88.84 93.77 20.66
CA GLU CA 97 -89.48 94.87 21.35
C GLU CA 97 -89.20 96.21 20.67
N ASP CA 98 -87.93 96.60 20.60
CA ASP CA 98 -87.51 97.75 19.81
C ASP CA 98 -88.21 99.01 20.31
N HIS CA 99 -88.31 99.15 21.64
CA HIS CA 99 -88.83 100.38 22.30
C HIS CA 99 -87.72 101.21 22.93
N ALA CA 100 -87.68 102.50 22.63
CA ALA CA 100 -86.70 103.35 23.31
C ALA CA 100 -87.40 104.21 24.37
N TYR CA 101 -86.70 104.43 25.47
CA TYR CA 101 -87.24 105.21 26.58
C TYR CA 101 -86.41 106.46 26.82
N ILE CA 102 -87.03 107.61 26.63
CA ILE CA 102 -86.35 108.89 26.74
C ILE CA 102 -86.99 109.80 27.77
N ARG CA 103 -86.15 110.64 28.38
CA ARG CA 103 -86.59 111.62 29.38
C ARG CA 103 -86.06 113.03 29.10
N PHE CA 104 -86.89 114.03 29.40
CA PHE CA 104 -86.50 115.42 29.32
C PHE CA 104 -87.24 116.25 30.37
N PRO CA 105 -86.59 117.29 30.91
CA PRO CA 105 -87.26 118.17 31.89
C PRO CA 105 -88.30 119.08 31.26
N VAL CA 106 -89.43 119.30 31.92
CA VAL CA 106 -90.36 120.30 31.43
C VAL CA 106 -90.65 121.31 32.56
N SER CA 107 -90.72 122.59 32.19
CA SER CA 107 -90.97 123.65 33.15
C SER CA 107 -92.39 123.57 33.66
N ASP CA 108 -92.57 123.75 34.97
CA ASP CA 108 -93.88 123.72 35.61
C ASP CA 108 -94.84 124.64 34.85
N GLY CA 109 -95.99 124.12 34.47
CA GLY CA 109 -96.97 124.91 33.75
C GLY CA 109 -97.11 124.59 32.27
N THR CA 110 -96.11 123.90 31.71
CA THR CA 110 -96.12 123.45 30.32
C THR CA 110 -97.28 122.53 29.99
N GLN CA 111 -97.90 122.72 28.84
CA GLN CA 111 -98.89 121.78 28.35
C GLN CA 111 -98.55 121.33 26.92
N GLU CA 112 -98.45 122.28 26.00
CA GLU CA 112 -98.04 122.00 24.62
C GLU CA 112 -96.55 121.68 24.48
N LEU CA 113 -96.21 120.79 23.56
CA LEU CA 113 -94.81 120.52 23.26
C LEU CA 113 -94.57 120.32 21.76
N LYS CA 114 -93.44 120.82 21.27
CA LYS CA 114 -93.06 120.75 19.85
C LYS CA 114 -92.10 119.58 19.55
N ILE CA 115 -92.44 118.70 18.62
CA ILE CA 115 -91.54 117.61 18.26
C ILE CA 115 -91.11 117.67 16.81
N VAL CA 116 -89.82 117.91 16.60
CA VAL CA 116 -89.18 117.80 15.29
C VAL CA 116 -88.54 116.42 15.15
N SER CA 117 -89.11 115.57 14.29
CA SER CA 117 -88.65 114.19 14.20
C SER CA 117 -88.37 113.70 12.77
N SER CA 118 -87.69 112.56 12.64
CA SER CA 118 -87.55 111.89 11.35
C SER CA 118 -87.38 110.36 11.45
N THR CA 119 -87.91 109.63 10.47
CA THR CA 119 -87.79 108.17 10.44
C THR CA 119 -87.13 107.68 9.13
N GLN CA 120 -86.06 106.90 9.28
CA GLN CA 120 -85.32 106.31 8.15
C GLN CA 120 -85.02 104.83 8.35
N ILE CA 121 -85.41 103.99 7.38
CA ILE CA 121 -85.11 102.55 7.47
C ILE CA 121 -83.76 102.22 6.85
N ASP CA 122 -82.84 101.74 7.68
CA ASP CA 122 -81.47 101.46 7.26
C ASP CA 122 -80.84 102.69 6.57
N ASP CA 123 -80.44 102.55 5.31
CA ASP CA 123 -79.80 103.65 4.57
C ASP CA 123 -80.77 104.43 3.69
N GLY CA 124 -82.03 104.04 3.69
CA GLY CA 124 -82.98 104.50 2.71
C GLY CA 124 -83.43 105.94 2.89
N GLU CA 125 -84.58 106.24 2.26
CA GLU CA 125 -85.20 107.54 2.34
C GLU CA 125 -85.50 107.98 3.79
N GLU CA 126 -85.01 109.14 4.16
CA GLU CA 126 -85.30 109.73 5.45
C GLU CA 126 -86.62 110.49 5.39
N THR CA 127 -87.57 110.15 6.25
CA THR CA 127 -88.84 110.87 6.24
C THR CA 127 -88.88 111.91 7.36
N ASN CA 128 -88.84 113.19 6.98
CA ASN CA 128 -88.83 114.25 7.98
C ASN CA 128 -90.24 114.59 8.40
N TYR CA 129 -90.45 114.66 9.71
CA TYR CA 129 -91.72 115.08 10.28
C TYR CA 129 -91.48 116.42 10.91
N ASP CA 130 -91.99 117.45 10.27
CA ASP CA 130 -91.54 118.83 10.50
C ASP CA 130 -91.87 119.36 11.85
N TYR CA 131 -93.15 119.26 12.15
CA TYR CA 131 -93.75 119.80 13.34
C TYR CA 131 -94.73 118.77 13.86
N THR CA 132 -94.58 118.41 15.13
CA THR CA 132 -95.55 117.56 15.78
C THR CA 132 -95.88 118.21 17.12
N LYS CA 133 -97.15 118.49 17.36
CA LYS CA 133 -97.54 119.17 18.60
C LYS CA 133 -97.98 118.12 19.61
N LEU CA 134 -97.30 118.05 20.75
CA LEU CA 134 -97.72 117.17 21.83
C LEU CA 134 -98.51 117.95 22.85
N VAL CA 135 -99.77 117.56 23.06
CA VAL CA 135 -100.66 118.23 24.00
C VAL CA 135 -101.08 117.37 25.18
N PHE CA 136 -100.55 117.66 26.37
CA PHE CA 136 -100.94 116.92 27.56
C PHE CA 136 -102.37 117.26 27.91
N ALA CA 137 -103.16 116.25 28.30
CA ALA CA 137 -104.57 116.49 28.63
C ALA CA 137 -104.73 117.42 29.86
N LYS CA 138 -103.66 117.56 30.65
CA LYS CA 138 -103.60 118.52 31.73
C LYS CA 138 -102.17 119.04 31.88
N PRO CA 139 -101.99 120.26 32.40
CA PRO CA 139 -100.64 120.83 32.56
C PRO CA 139 -99.71 119.95 33.39
N ILE CA 140 -98.40 120.12 33.26
CA ILE CA 140 -97.43 119.36 34.04
C ILE CA 140 -96.88 120.18 35.19
N TYR CA 141 -97.00 119.67 36.43
CA TYR CA 141 -96.41 120.33 37.60
C TYR CA 141 -95.59 119.38 38.45
N ASN CA 142 -94.34 119.76 38.69
CA ASN CA 142 -93.46 118.99 39.56
C ASN CA 142 -93.97 118.95 40.98
N ASP CA 143 -93.66 117.85 41.68
CA ASP CA 143 -94.09 117.67 43.07
C ASP CA 143 -92.94 117.09 43.89
N PRO CA 144 -91.94 117.93 44.21
CA PRO CA 144 -90.76 117.47 44.95
C PRO CA 144 -91.09 116.89 46.34
N SER CA 145 -92.33 117.13 46.79
CA SER CA 145 -92.77 116.70 48.11
C SER CA 145 -92.84 115.16 48.29
N LEU CA 146 -92.64 114.41 47.21
CA LEU CA 146 -92.70 112.94 47.27
C LEU CA 146 -91.33 112.26 47.26
N ALA DA 1 -79.41 83.86 -45.75
CA ALA DA 1 -79.91 82.79 -44.89
C ALA DA 1 -81.22 82.21 -45.45
N GLU DA 2 -81.24 80.93 -45.81
CA GLU DA 2 -82.50 80.30 -46.23
C GLU DA 2 -82.73 78.92 -45.63
N GLY DA 3 -83.75 78.78 -44.79
CA GLY DA 3 -84.22 77.48 -44.31
C GLY DA 3 -85.16 76.58 -45.10
N LEU DA 4 -84.76 75.33 -45.37
CA LEU DA 4 -85.64 74.15 -45.51
C LEU DA 4 -84.88 72.97 -46.12
N LYS DA 5 -85.54 71.83 -46.20
CA LYS DA 5 -85.01 70.65 -46.88
C LYS DA 5 -86.10 69.57 -46.95
N THR DA 6 -85.67 68.33 -47.14
CA THR DA 6 -86.55 67.16 -47.02
C THR DA 6 -87.15 67.03 -45.60
N LYS DA 7 -88.20 66.20 -45.50
CA LYS DA 7 -88.93 65.94 -44.24
C LYS DA 7 -88.01 65.41 -43.14
N ASP DA 8 -86.77 65.09 -43.49
CA ASP DA 8 -85.78 64.79 -42.47
C ASP DA 8 -85.29 66.09 -41.82
N GLU DA 9 -84.67 66.96 -42.61
CA GLU DA 9 -84.01 68.15 -42.08
C GLU DA 9 -84.97 69.12 -41.34
N VAL DA 10 -86.28 68.95 -41.50
CA VAL DA 10 -87.22 69.71 -40.67
C VAL DA 10 -87.14 69.19 -39.23
N GLU DA 11 -87.11 67.87 -39.06
CA GLU DA 11 -87.10 67.32 -37.70
C GLU DA 11 -85.68 67.16 -37.15
N LYS DA 12 -84.67 67.28 -37.99
CA LYS DA 12 -83.30 67.35 -37.47
C LYS DA 12 -83.17 68.68 -36.76
N ALA DA 13 -83.91 69.66 -37.28
CA ALA DA 13 -83.99 70.98 -36.66
C ALA DA 13 -84.98 71.02 -35.52
N CYS DA 14 -86.14 70.38 -35.71
CA CYS DA 14 -87.15 70.33 -34.66
C CYS DA 14 -86.57 69.81 -33.35
N HIS DA 15 -85.73 68.80 -33.48
CA HIS DA 15 -85.07 68.26 -32.33
C HIS DA 15 -84.10 69.28 -31.78
N LEU DA 16 -83.58 70.16 -32.64
CA LEU DA 16 -82.61 71.12 -32.15
C LEU DA 16 -83.32 72.15 -31.31
N ALA DA 17 -84.37 72.72 -31.87
CA ALA DA 17 -85.20 73.70 -31.18
C ALA DA 17 -85.61 73.16 -29.83
N GLN DA 18 -85.96 71.89 -29.80
CA GLN DA 18 -86.45 71.30 -28.59
C GLN DA 18 -85.31 71.20 -27.61
N GLN DA 19 -84.14 70.76 -28.05
CA GLN DA 19 -83.04 70.67 -27.09
C GLN DA 19 -82.63 72.08 -26.74
N LEU DA 20 -82.47 72.91 -27.76
CA LEU DA 20 -82.08 74.30 -27.53
C LEU DA 20 -83.03 75.01 -26.56
N LYS DA 21 -84.32 74.70 -26.57
CA LYS DA 21 -85.20 75.38 -25.61
C LYS DA 21 -85.08 74.75 -24.24
N GLU DA 22 -84.94 73.42 -24.22
CA GLU DA 22 -84.83 72.68 -22.99
C GLU DA 22 -83.53 72.89 -22.22
N VAL DA 23 -82.57 73.63 -22.75
CA VAL DA 23 -81.34 73.84 -21.96
C VAL DA 23 -81.61 74.84 -20.86
N SER DA 24 -82.52 75.78 -21.13
CA SER DA 24 -82.85 76.80 -20.15
C SER DA 24 -83.71 76.22 -19.04
N ILE DA 25 -84.34 75.09 -19.30
CA ILE DA 25 -85.16 74.41 -18.32
C ILE DA 25 -84.28 73.53 -17.45
N THR DA 26 -83.67 72.51 -18.08
CA THR DA 26 -82.82 71.53 -17.39
C THR DA 26 -81.81 72.18 -16.45
N LEU DA 27 -81.07 73.15 -16.97
CA LEU DA 27 -80.05 73.84 -16.18
C LEU DA 27 -80.64 74.49 -14.92
N GLY DA 28 -81.93 74.82 -15.01
CA GLY DA 28 -82.67 75.36 -13.88
C GLY DA 28 -82.81 74.35 -12.77
N VAL DA 29 -83.38 73.20 -13.10
CA VAL DA 29 -83.57 72.09 -12.15
C VAL DA 29 -82.26 71.72 -11.50
N ILE DA 30 -81.19 71.91 -12.24
CA ILE DA 30 -79.90 71.51 -11.71
C ILE DA 30 -79.42 72.54 -10.68
N TYR DA 31 -79.71 73.82 -10.89
CA TYR DA 31 -79.22 74.83 -9.96
C TYR DA 31 -79.89 74.56 -8.60
N ARG DA 32 -81.16 74.21 -8.67
CA ARG DA 32 -81.98 73.99 -7.51
C ARG DA 32 -81.60 72.70 -6.82
N THR DA 33 -81.12 71.76 -7.63
CA THR DA 33 -80.49 70.54 -7.12
C THR DA 33 -79.41 70.86 -6.07
N THR DA 34 -78.81 72.04 -6.17
CA THR DA 34 -77.79 72.50 -5.23
C THR DA 34 -78.23 73.47 -4.11
N GLU DA 35 -79.51 73.76 -3.97
CA GLU DA 35 -79.90 74.61 -2.84
C GLU DA 35 -79.49 73.94 -1.54
N ARG DA 36 -79.62 72.62 -1.52
CA ARG DA 36 -79.23 71.79 -0.39
C ARG DA 36 -77.86 72.15 0.16
N HIS DA 37 -76.89 72.20 -0.72
CA HIS DA 37 -75.52 72.47 -0.30
C HIS DA 37 -75.36 73.88 0.22
N SER DA 38 -76.13 74.80 -0.37
CA SER DA 38 -76.06 76.21 0.01
C SER DA 38 -76.52 76.43 1.42
N VAL DA 39 -77.71 75.92 1.74
CA VAL DA 39 -78.28 76.02 3.08
C VAL DA 39 -77.49 75.17 4.09
N GLN DA 40 -76.84 74.11 3.62
CA GLN DA 40 -76.09 73.25 4.50
C GLN DA 40 -74.84 73.95 4.94
N VAL DA 41 -74.17 74.57 4.00
CA VAL DA 41 -72.93 75.22 4.32
C VAL DA 41 -73.24 76.42 5.25
N GLU DA 42 -74.46 76.95 5.13
CA GLU DA 42 -74.88 78.05 5.99
C GLU DA 42 -75.02 77.58 7.44
N ALA DA 43 -75.64 76.42 7.63
CA ALA DA 43 -75.82 75.93 8.98
C ALA DA 43 -74.46 75.57 9.57
N HIS DA 44 -73.48 75.28 8.73
CA HIS DA 44 -72.14 74.99 9.22
C HIS DA 44 -71.60 76.22 9.88
N LYS DA 45 -71.87 77.36 9.26
CA LYS DA 45 -71.47 78.65 9.80
C LYS DA 45 -72.12 78.84 11.15
N THR DA 46 -73.41 78.55 11.24
CA THR DA 46 -74.16 78.75 12.48
C THR DA 46 -73.49 77.98 13.61
N ALA DA 47 -73.21 76.70 13.34
CA ALA DA 47 -72.62 75.80 14.33
C ALA DA 47 -71.17 76.18 14.68
N ILE DA 48 -70.38 76.55 13.67
CA ILE DA 48 -69.02 77.01 13.91
C ILE DA 48 -69.03 78.22 14.84
N ASP DA 49 -69.99 79.11 14.68
CA ASP DA 49 -70.15 80.21 15.63
C ASP DA 49 -70.38 79.64 17.02
N LYS DA 50 -71.40 78.79 17.14
CA LYS DA 50 -71.79 78.21 18.43
C LYS DA 50 -70.63 77.55 19.16
N HIS DA 51 -69.79 76.85 18.41
CA HIS DA 51 -68.62 76.16 18.98
C HIS DA 51 -67.61 77.14 19.56
N ALA DA 52 -67.41 78.27 18.88
CA ALA DA 52 -66.44 79.26 19.31
C ALA DA 52 -66.76 79.75 20.71
N ASP DA 53 -68.07 79.88 20.98
CA ASP DA 53 -68.53 80.28 22.31
C ASP DA 53 -68.52 79.10 23.28
N ALA DA 54 -68.78 77.90 22.75
CA ALA DA 54 -68.79 76.70 23.57
C ALA DA 54 -67.44 76.45 24.25
N VAL DA 55 -66.37 76.66 23.49
CA VAL DA 55 -65.03 76.43 23.98
C VAL DA 55 -64.38 77.70 24.51
N SER DA 56 -65.12 78.80 24.49
CA SER DA 56 -64.57 80.10 24.87
C SER DA 56 -63.87 80.04 26.22
N ARG DA 57 -64.53 79.43 27.20
CA ARG DA 57 -64.00 79.33 28.55
C ARG DA 57 -62.67 78.56 28.58
N ALA DA 58 -62.55 77.56 27.73
CA ALA DA 58 -61.37 76.71 27.69
C ALA DA 58 -60.20 77.35 26.94
N VAL DA 59 -60.50 78.23 26.00
CA VAL DA 59 -59.44 78.96 25.29
C VAL DA 59 -58.94 80.12 26.15
N GLU DA 60 -59.88 80.82 26.78
CA GLU DA 60 -59.53 81.92 27.68
C GLU DA 60 -58.62 81.44 28.79
N ALA DA 61 -58.83 80.19 29.21
CA ALA DA 61 -58.00 79.56 30.23
C ALA DA 61 -56.63 79.24 29.67
N LEU DA 62 -56.60 78.65 28.47
CA LEU DA 62 -55.34 78.24 27.87
C LEU DA 62 -54.56 79.47 27.42
N THR DA 63 -55.27 80.59 27.27
CA THR DA 63 -54.60 81.86 26.98
C THR DA 63 -53.86 82.32 28.22
N ARG DA 64 -54.51 82.19 29.37
CA ARG DA 64 -53.92 82.61 30.65
C ARG DA 64 -52.58 81.94 30.91
N VAL DA 65 -52.43 80.69 30.46
CA VAL DA 65 -51.19 79.95 30.70
C VAL DA 65 -50.15 80.34 29.66
N ASP DA 66 -50.60 81.00 28.59
CA ASP DA 66 -49.68 81.56 27.60
C ASP DA 66 -49.11 82.88 28.12
N VAL DA 67 -49.99 83.69 28.72
CA VAL DA 67 -49.62 85.02 29.18
C VAL DA 67 -48.91 84.97 30.53
N ALA DA 68 -49.03 83.84 31.22
CA ALA DA 68 -48.31 83.64 32.47
C ALA DA 68 -47.02 82.86 32.22
N LEU DA 69 -46.82 82.44 30.97
CA LEU DA 69 -45.56 81.82 30.56
C LEU DA 69 -44.68 82.89 29.94
N GLN DA 70 -45.17 84.13 29.95
CA GLN DA 70 -44.44 85.30 29.44
C GLN DA 70 -43.64 86.00 30.53
N ARG DA 71 -44.32 86.46 31.59
CA ARG DA 71 -43.62 86.97 32.77
C ARG DA 71 -42.74 85.85 33.37
N LEU DA 72 -43.04 84.62 32.96
CA LEU DA 72 -42.23 83.45 33.29
C LEU DA 72 -41.07 83.27 32.32
N LYS DA 73 -40.90 84.22 31.40
CA LYS DA 73 -39.80 84.15 30.43
C LYS DA 73 -38.57 84.77 31.08
N GLU DA 74 -38.69 85.04 32.38
CA GLU DA 74 -37.56 85.44 33.20
C GLU DA 74 -37.00 84.25 34.03
N LEU DA 75 -37.67 83.85 35.12
CA LEU DA 75 -37.18 82.72 35.92
C LEU DA 75 -37.89 81.38 35.63
N GLY DA 76 -38.90 81.40 34.76
CA GLY DA 76 -39.75 80.23 34.61
C GLY DA 76 -39.48 79.30 33.44
N LYS DA 77 -38.71 79.76 32.47
CA LYS DA 77 -38.42 78.95 31.28
C LYS DA 77 -37.59 77.71 31.62
N ALA DA 78 -37.00 77.69 32.82
CA ALA DA 78 -36.15 76.57 33.19
C ALA DA 78 -36.76 75.77 34.33
N ASN DA 79 -37.24 74.57 34.00
CA ASN DA 79 -37.52 73.47 34.93
C ASN DA 79 -38.07 73.89 36.29
N ASP DA 80 -39.28 74.46 36.27
CA ASP DA 80 -39.85 75.05 37.48
C ASP DA 80 -40.62 73.99 38.27
N THR DA 81 -40.46 72.72 37.89
CA THR DA 81 -41.25 71.61 38.45
C THR DA 81 -42.71 71.89 38.15
N LYS DA 82 -43.47 72.32 39.15
CA LYS DA 82 -44.93 72.49 39.05
C LYS DA 82 -45.40 73.36 37.87
N ALA DA 83 -44.46 74.03 37.20
CA ALA DA 83 -44.77 74.74 35.95
C ALA DA 83 -44.53 73.88 34.70
N VAL DA 84 -43.28 73.45 34.49
CA VAL DA 84 -42.92 72.67 33.31
C VAL DA 84 -43.67 71.32 33.21
N LYS DA 85 -44.29 70.90 34.31
CA LYS DA 85 -45.13 69.70 34.31
C LYS DA 85 -46.59 70.04 33.95
N ILE DA 86 -46.89 71.33 33.82
CA ILE DA 86 -48.20 71.77 33.36
C ILE DA 86 -48.34 71.53 31.87
N ILE DA 87 -47.32 71.95 31.10
CA ILE DA 87 -47.31 71.72 29.64
C ILE DA 87 -47.40 70.23 29.32
N GLU DA 88 -47.11 69.40 30.31
CA GLU DA 88 -47.26 67.95 30.20
C GLU DA 88 -48.73 67.53 30.30
N ASN DA 89 -49.52 68.25 31.08
CA ASN DA 89 -50.95 67.96 31.20
C ASN DA 89 -51.80 68.75 30.21
N ILE DA 90 -51.17 69.72 29.56
CA ILE DA 90 -51.80 70.52 28.50
C ILE DA 90 -51.45 69.89 27.14
N THR DA 91 -50.79 68.73 27.21
CA THR DA 91 -50.34 68.02 26.02
C THR DA 91 -51.46 67.91 24.98
N SER DA 92 -52.57 67.26 25.33
CA SER DA 92 -53.67 67.04 24.40
C SER DA 92 -54.55 68.28 24.23
N ALA DA 93 -54.58 69.13 25.24
CA ALA DA 93 -55.37 70.36 25.17
C ALA DA 93 -54.94 71.22 23.98
N ARG DA 94 -53.65 71.46 23.87
CA ARG DA 94 -53.13 72.26 22.76
C ARG DA 94 -53.13 71.48 21.45
N GLU DA 95 -53.19 70.16 21.54
CA GLU DA 95 -53.34 69.34 20.34
C GLU DA 95 -54.67 69.70 19.67
N ASN DA 96 -55.75 69.54 20.44
CA ASN DA 96 -57.10 69.77 19.93
C ASN DA 96 -57.31 71.21 19.45
N LEU DA 97 -56.84 72.16 20.25
CA LEU DA 97 -56.95 73.57 19.91
C LEU DA 97 -56.25 73.84 18.58
N ALA DA 98 -55.18 73.11 18.32
CA ALA DA 98 -54.50 73.21 17.03
C ALA DA 98 -55.42 72.67 15.94
N LEU DA 99 -56.03 71.51 16.19
CA LEU DA 99 -56.94 70.90 15.23
C LEU DA 99 -58.17 71.77 15.01
N PHE DA 100 -58.63 72.42 16.08
CA PHE DA 100 -59.82 73.24 16.02
C PHE DA 100 -59.67 74.41 15.04
N ASN DA 101 -58.69 75.27 15.29
CA ASN DA 101 -58.46 76.43 14.43
C ASN DA 101 -57.97 76.01 13.05
N ASN DA 102 -57.63 74.74 12.91
CA ASN DA 102 -57.31 74.16 11.62
C ASN DA 102 -58.58 73.76 10.87
N GLU DA 103 -59.31 72.82 11.45
CA GLU DA 103 -60.53 72.25 10.84
C GLU DA 103 -61.68 73.24 10.69
N THR DA 104 -61.87 74.13 11.65
CA THR DA 104 -62.90 75.15 11.52
C THR DA 104 -62.64 76.00 10.29
N GLN DA 105 -61.39 76.41 10.12
CA GLN DA 105 -60.98 77.21 8.97
C GLN DA 105 -61.26 76.49 7.65
N ALA DA 106 -61.17 75.17 7.69
CA ALA DA 106 -61.39 74.35 6.50
C ALA DA 106 -62.85 74.38 6.05
N VAL DA 107 -63.76 74.29 7.00
CA VAL DA 107 -65.19 74.33 6.67
C VAL DA 107 -65.57 75.75 6.29
N LEU DA 108 -64.77 76.71 6.73
CA LEU DA 108 -64.95 78.10 6.32
C LEU DA 108 -64.52 78.28 4.87
N THR DA 109 -63.37 77.72 4.50
CA THR DA 109 -62.92 77.82 3.14
C THR DA 109 -63.82 76.99 2.23
N ALA DA 110 -64.15 75.76 2.66
CA ALA DA 110 -65.11 74.92 1.94
C ALA DA 110 -66.40 75.68 1.69
N ARG DA 111 -66.81 76.43 2.71
CA ARG DA 111 -67.97 77.31 2.64
C ARG DA 111 -67.82 78.33 1.54
N ASP DA 112 -66.77 79.13 1.63
CA ASP DA 112 -66.57 80.18 0.67
C ASP DA 112 -66.59 79.62 -0.75
N HIS DA 113 -65.92 78.48 -0.93
CA HIS DA 113 -65.82 77.87 -2.26
C HIS DA 113 -67.18 77.43 -2.78
N VAL DA 114 -68.04 76.92 -1.90
CA VAL DA 114 -69.30 76.35 -2.37
C VAL DA 114 -70.19 77.47 -2.90
N HIS DA 115 -70.13 78.66 -2.30
CA HIS DA 115 -70.90 79.80 -2.81
C HIS DA 115 -70.39 80.20 -4.19
N LYS DA 116 -69.10 80.46 -4.28
CA LYS DA 116 -68.50 80.91 -5.53
C LYS DA 116 -68.88 79.99 -6.68
N HIS DA 117 -68.69 78.69 -6.49
CA HIS DA 117 -69.05 77.71 -7.50
C HIS DA 117 -70.53 77.78 -7.80
N ARG DA 118 -71.34 77.91 -6.74
CA ARG DA 118 -72.78 78.01 -6.93
C ARG DA 118 -73.10 79.30 -7.68
N ALA DA 119 -72.24 80.30 -7.55
CA ALA DA 119 -72.40 81.56 -8.30
C ALA DA 119 -72.04 81.34 -9.76
N ALA DA 120 -70.88 80.74 -9.98
CA ALA DA 120 -70.47 80.38 -11.34
C ALA DA 120 -71.50 79.45 -11.96
N ALA DA 121 -72.04 78.54 -11.15
CA ALA DA 121 -73.20 77.74 -11.56
C ALA DA 121 -74.30 78.66 -12.05
N LEU DA 122 -74.66 79.62 -11.20
CA LEU DA 122 -75.76 80.56 -11.44
C LEU DA 122 -75.47 81.36 -12.69
N GLN DA 123 -74.27 81.92 -12.76
CA GLN DA 123 -73.93 82.76 -13.90
C GLN DA 123 -74.11 81.97 -15.18
N GLY DA 124 -73.48 80.80 -15.22
CA GLY DA 124 -73.57 79.89 -16.35
C GLY DA 124 -74.99 79.59 -16.77
N TRP DA 125 -75.87 79.35 -15.81
CA TRP DA 125 -77.29 79.16 -16.10
C TRP DA 125 -77.85 80.38 -16.89
N SER DA 126 -77.74 81.59 -16.31
CA SER DA 126 -78.36 82.77 -16.91
C SER DA 126 -77.92 83.01 -18.34
N ASP DA 127 -76.63 82.82 -18.60
CA ASP DA 127 -76.10 82.96 -19.95
C ASP DA 127 -76.78 82.00 -20.88
N ALA DA 128 -76.65 80.71 -20.58
CA ALA DA 128 -77.17 79.66 -21.46
C ALA DA 128 -78.67 79.73 -21.61
N LYS DA 129 -79.36 80.46 -20.74
CA LYS DA 129 -80.77 80.72 -20.99
C LYS DA 129 -80.86 81.68 -22.19
N GLU DA 130 -80.08 82.77 -22.19
CA GLU DA 130 -80.08 83.72 -23.30
C GLU DA 130 -79.73 83.03 -24.61
N LYS DA 131 -78.49 82.55 -24.65
CA LYS DA 131 -77.93 81.90 -25.81
C LYS DA 131 -78.86 80.81 -26.33
N GLY DA 132 -79.28 79.90 -25.44
CA GLY DA 132 -80.24 78.89 -25.81
C GLY DA 132 -81.60 79.40 -26.29
N ASP DA 133 -82.22 80.31 -25.54
CA ASP DA 133 -83.53 80.84 -25.91
C ASP DA 133 -83.46 81.60 -27.21
N ALA DA 134 -82.38 82.36 -27.35
CA ALA DA 134 -82.09 83.05 -28.58
C ALA DA 134 -82.10 82.06 -29.71
N ALA DA 135 -81.10 81.17 -29.69
CA ALA DA 135 -80.87 80.14 -30.70
C ALA DA 135 -82.12 79.31 -31.03
N ALA DA 136 -82.79 78.79 -30.01
CA ALA DA 136 -84.01 78.02 -30.25
C ALA DA 136 -85.04 78.85 -31.00
N GLU DA 137 -85.04 80.15 -30.75
CA GLU DA 137 -85.99 81.07 -31.37
C GLU DA 137 -85.70 81.22 -32.84
N ASP DA 138 -84.41 81.28 -33.18
CA ASP DA 138 -83.99 81.40 -34.57
C ASP DA 138 -84.40 80.19 -35.35
N VAL DA 139 -84.14 79.00 -34.80
CA VAL DA 139 -84.37 77.79 -35.58
C VAL DA 139 -85.87 77.50 -35.53
N TRP DA 140 -86.62 78.37 -34.85
CA TRP DA 140 -88.06 78.31 -34.93
C TRP DA 140 -88.65 79.22 -35.99
N VAL DA 141 -87.87 80.13 -36.55
CA VAL DA 141 -88.39 80.96 -37.64
C VAL DA 141 -88.29 80.19 -38.95
N LEU DA 142 -87.37 79.23 -39.01
CA LEU DA 142 -87.29 78.29 -40.12
C LEU DA 142 -88.35 77.21 -39.93
N LEU DA 143 -88.62 76.89 -38.68
CA LEU DA 143 -89.59 75.84 -38.36
C LEU DA 143 -91.00 76.35 -38.63
N ASN DA 144 -91.23 77.63 -38.36
CA ASN DA 144 -92.52 78.24 -38.63
C ASN DA 144 -92.64 78.62 -40.10
N ALA DA 145 -91.50 78.93 -40.74
CA ALA DA 145 -91.48 79.20 -42.18
C ALA DA 145 -91.89 77.98 -42.96
N ALA DA 146 -91.49 76.80 -42.46
CA ALA DA 146 -91.82 75.52 -43.09
C ALA DA 146 -93.31 75.24 -42.98
N LYS DA 147 -93.95 75.83 -41.98
CA LYS DA 147 -95.40 75.91 -42.00
C LYS DA 147 -95.73 76.90 -43.13
N LYS DA 148 -96.52 76.44 -44.10
CA LYS DA 148 -96.84 77.16 -45.35
C LYS DA 148 -95.62 77.81 -46.06
N GLY DA 149 -94.56 77.02 -46.26
CA GLY DA 149 -93.35 77.47 -46.91
C GLY DA 149 -93.19 77.04 -48.37
N ASN DA 150 -94.33 76.82 -49.04
CA ASN DA 150 -94.44 76.28 -50.41
C ASN DA 150 -94.17 74.76 -50.42
N GLY DA 151 -93.53 74.28 -49.35
CA GLY DA 151 -93.65 72.90 -48.92
C GLY DA 151 -92.99 71.82 -49.77
N SER DA 152 -92.72 70.69 -49.13
CA SER DA 152 -92.63 69.41 -49.81
C SER DA 152 -93.96 68.70 -49.55
N ALA DA 153 -94.79 69.40 -48.76
CA ALA DA 153 -96.13 68.98 -48.32
C ALA DA 153 -96.10 67.74 -47.39
N ASP DA 154 -94.99 67.01 -47.39
CA ASP DA 154 -94.72 66.10 -46.28
C ASP DA 154 -93.78 66.83 -45.33
N VAL DA 155 -93.26 67.98 -45.79
CA VAL DA 155 -92.51 68.88 -44.95
C VAL DA 155 -93.48 69.76 -44.17
N LYS DA 156 -94.59 70.09 -44.82
CA LYS DA 156 -95.66 70.84 -44.18
C LYS DA 156 -96.17 70.05 -42.99
N ALA DA 157 -96.51 68.79 -43.22
CA ALA DA 157 -96.99 67.91 -42.16
C ALA DA 157 -95.97 67.80 -41.04
N ALA DA 158 -94.68 67.89 -41.39
CA ALA DA 158 -93.60 67.65 -40.46
C ALA DA 158 -93.31 68.85 -39.57
N ALA DA 159 -94.03 69.93 -39.78
CA ALA DA 159 -93.95 71.05 -38.86
C ALA DA 159 -95.06 70.91 -37.83
N GLU DA 160 -96.31 70.94 -38.28
CA GLU DA 160 -97.44 70.96 -37.35
C GLU DA 160 -97.45 69.79 -36.37
N LYS DA 161 -96.76 68.70 -36.70
CA LYS DA 161 -96.58 67.59 -35.77
C LYS DA 161 -95.60 67.97 -34.66
N CYS DA 162 -94.82 69.03 -34.87
CA CYS DA 162 -93.76 69.41 -33.94
C CYS DA 162 -94.30 70.22 -32.75
N SER DA 163 -93.75 69.99 -31.56
CA SER DA 163 -94.20 70.71 -30.37
C SER DA 163 -93.05 71.44 -29.67
N ARG DA 164 -93.39 72.51 -28.95
CA ARG DA 164 -92.40 73.48 -28.47
C ARG DA 164 -91.33 72.92 -27.54
N TYR DA 165 -91.72 72.05 -26.61
CA TYR DA 165 -90.79 71.52 -25.61
C TYR DA 165 -90.38 70.06 -25.88
N SER DA 166 -89.15 69.72 -25.55
CA SER DA 166 -88.73 68.32 -25.58
C SER DA 166 -89.50 67.51 -24.56
N SER DA 167 -89.52 66.20 -24.69
CA SER DA 167 -90.26 65.39 -23.75
C SER DA 167 -89.44 65.11 -22.51
N SER DA 168 -88.14 65.43 -22.58
CA SER DA 168 -87.16 65.01 -21.56
C SER DA 168 -86.10 66.07 -21.27
N SER DA 169 -85.19 65.75 -20.37
CA SER DA 169 -84.11 66.67 -20.01
C SER DA 169 -83.00 66.63 -21.04
N THR DA 170 -81.89 67.35 -20.82
CA THR DA 170 -80.77 67.30 -21.76
C THR DA 170 -79.40 67.09 -21.14
N SER DA 171 -78.69 66.07 -21.62
CA SER DA 171 -77.30 65.91 -21.28
C SER DA 171 -76.50 66.94 -22.03
N GLU DA 172 -75.20 67.01 -21.73
CA GLU DA 172 -74.28 67.62 -22.66
C GLU DA 172 -74.36 66.76 -23.90
N THR DA 173 -74.50 65.46 -23.68
CA THR DA 173 -74.54 64.46 -24.73
C THR DA 173 -75.64 64.73 -25.74
N GLU DA 174 -76.88 64.66 -25.27
CA GLU DA 174 -78.04 64.91 -26.12
C GLU DA 174 -77.92 66.18 -26.96
N LEU DA 175 -77.39 67.25 -26.33
CA LEU DA 175 -77.23 68.56 -26.96
C LEU DA 175 -76.30 68.50 -28.17
N GLN DA 176 -75.07 68.03 -27.95
CA GLN DA 176 -74.08 67.88 -29.03
C GLN DA 176 -74.62 66.99 -30.14
N LYS DA 177 -75.34 65.95 -29.72
CA LYS DA 177 -76.01 65.01 -30.62
C LYS DA 177 -77.15 65.71 -31.39
N ALA DA 178 -77.66 66.80 -30.84
CA ALA DA 178 -78.64 67.60 -31.56
C ALA DA 178 -77.96 68.58 -32.53
N ILE DA 179 -76.82 69.11 -32.11
CA ILE DA 179 -75.97 69.94 -32.95
C ILE DA 179 -75.37 69.10 -34.05
N ASP DA 180 -74.96 67.88 -33.70
CA ASP DA 180 -74.41 66.92 -34.65
C ASP DA 180 -75.32 66.67 -35.82
N ALA DA 181 -76.50 66.11 -35.56
CA ALA DA 181 -77.46 65.87 -36.64
C ALA DA 181 -77.78 67.16 -37.43
N ALA DA 182 -77.58 68.30 -36.79
CA ALA DA 182 -77.86 69.61 -37.36
C ALA DA 182 -76.76 70.17 -38.27
N ALA DA 183 -75.50 69.93 -37.92
CA ALA DA 183 -74.38 70.47 -38.68
C ALA DA 183 -74.38 70.01 -40.12
N ASN DA 184 -74.13 68.70 -40.30
CA ASN DA 184 -73.83 68.09 -41.60
C ASN DA 184 -74.85 68.26 -42.74
N VAL DA 185 -76.01 67.66 -42.56
CA VAL DA 185 -77.18 67.92 -43.39
C VAL DA 185 -77.70 69.27 -42.97
N GLY DA 186 -78.23 70.04 -43.92
CA GLY DA 186 -78.82 71.31 -43.57
C GLY DA 186 -77.87 72.24 -42.85
N GLY DA 187 -76.73 72.52 -43.50
CA GLY DA 187 -75.83 73.60 -43.10
C GLY DA 187 -76.57 74.91 -43.31
N LEU DA 188 -77.82 74.70 -43.71
CA LEU DA 188 -78.91 75.64 -43.72
C LEU DA 188 -78.87 76.52 -42.49
N SER DA 189 -78.53 75.90 -41.36
CA SER DA 189 -78.29 76.65 -40.15
C SER DA 189 -76.96 77.42 -40.29
N ALA DA 190 -75.83 76.70 -40.28
CA ALA DA 190 -74.50 77.35 -40.31
C ALA DA 190 -74.40 78.43 -39.23
N HIS DA 191 -75.12 78.21 -38.13
CA HIS DA 191 -75.05 79.04 -36.94
C HIS DA 191 -74.13 78.40 -35.92
N LYS DA 192 -73.52 77.28 -36.28
CA LYS DA 192 -72.95 76.35 -35.31
C LYS DA 192 -71.97 76.98 -34.30
N SER DA 193 -71.43 78.15 -34.62
CA SER DA 193 -70.56 78.83 -33.67
C SER DA 193 -71.34 79.37 -32.48
N LYS DA 194 -72.63 79.64 -32.66
CA LYS DA 194 -73.45 80.08 -31.53
C LYS DA 194 -73.94 78.89 -30.70
N TYR DA 195 -74.32 77.80 -31.34
CA TYR DA 195 -74.65 76.58 -30.60
C TYR DA 195 -73.46 76.18 -29.74
N GLY DA 196 -72.27 76.52 -30.20
CA GLY DA 196 -71.06 76.27 -29.46
C GLY DA 196 -71.10 76.97 -28.13
N ASP DA 197 -71.61 78.20 -28.12
CA ASP DA 197 -71.78 78.94 -26.87
C ASP DA 197 -72.72 78.23 -25.91
N VAL DA 198 -73.94 77.95 -26.34
CA VAL DA 198 -74.96 77.43 -25.45
C VAL DA 198 -74.50 76.14 -24.82
N LEU DA 199 -73.68 75.39 -25.54
CA LEU DA 199 -73.13 74.17 -25.01
C LEU DA 199 -72.01 74.54 -24.04
N ASN DA 200 -71.16 75.50 -24.43
CA ASN DA 200 -70.03 75.84 -23.59
C ASN DA 200 -70.45 76.52 -22.29
N LYS DA 201 -71.57 77.21 -22.31
CA LYS DA 201 -72.04 77.81 -21.07
C LYS DA 201 -72.69 76.68 -20.26
N PHE DA 202 -73.37 75.78 -20.97
CA PHE DA 202 -73.94 74.59 -20.36
C PHE DA 202 -72.83 73.87 -19.63
N LYS DA 203 -71.84 73.39 -20.37
CA LYS DA 203 -70.74 72.63 -19.78
C LYS DA 203 -70.19 73.36 -18.57
N LEU DA 204 -69.89 74.63 -18.77
CA LEU DA 204 -69.35 75.50 -17.74
C LEU DA 204 -70.22 75.51 -16.50
N SER DA 205 -71.54 75.49 -16.70
CA SER DA 205 -72.51 75.56 -15.60
C SER DA 205 -72.58 74.29 -14.73
N ASN DA 206 -72.84 73.17 -15.39
CA ASN DA 206 -72.78 71.81 -14.83
C ASN DA 206 -71.45 71.59 -14.14
N ALA DA 207 -70.39 72.13 -14.75
CA ALA DA 207 -69.05 72.02 -14.21
C ALA DA 207 -69.05 72.50 -12.76
N SER DA 208 -69.76 73.60 -12.54
CA SER DA 208 -69.79 74.24 -11.25
C SER DA 208 -70.76 73.57 -10.27
N VAL DA 209 -71.87 73.05 -10.79
CA VAL DA 209 -72.78 72.24 -9.97
C VAL DA 209 -72.02 71.09 -9.34
N GLY DA 210 -71.39 70.27 -10.20
CA GLY DA 210 -70.50 69.21 -9.78
C GLY DA 210 -69.48 69.75 -8.80
N ALA DA 211 -68.98 70.95 -9.04
CA ALA DA 211 -67.99 71.52 -8.14
C ALA DA 211 -68.51 71.69 -6.73
N VAL DA 212 -69.80 72.02 -6.57
CA VAL DA 212 -70.29 72.25 -5.22
C VAL DA 212 -70.55 70.91 -4.50
N ARG DA 213 -71.15 69.93 -5.18
CA ARG DA 213 -71.37 68.63 -4.52
C ARG DA 213 -70.01 68.15 -4.03
N ASP DA 214 -69.01 68.19 -4.90
CA ASP DA 214 -67.65 67.81 -4.51
C ASP DA 214 -67.15 68.66 -3.34
N THR DA 215 -67.28 69.97 -3.46
CA THR DA 215 -66.64 70.87 -2.51
C THR DA 215 -67.45 70.95 -1.21
N SER DA 216 -68.76 70.71 -1.27
CA SER DA 216 -69.59 70.73 -0.06
C SER DA 216 -69.44 69.41 0.69
N GLY DA 217 -69.15 68.34 -0.04
CA GLY DA 217 -68.94 67.05 0.56
C GLY DA 217 -67.76 67.06 1.51
N ARG DA 218 -66.65 67.65 1.05
CA ARG DA 218 -65.45 67.66 1.86
C ARG DA 218 -65.59 68.65 3.00
N GLY DA 219 -66.58 69.53 2.87
CA GLY DA 219 -66.98 70.44 3.94
C GLY DA 219 -67.59 69.70 5.11
N GLY DA 220 -68.62 68.90 4.83
CA GLY DA 220 -69.26 68.06 5.83
C GLY DA 220 -68.29 67.09 6.50
N LYS DA 221 -67.27 66.65 5.75
CA LYS DA 221 -66.22 65.83 6.34
C LYS DA 221 -65.55 66.63 7.42
N HIS DA 222 -65.12 67.83 7.04
CA HIS DA 222 -64.41 68.70 7.96
C HIS DA 222 -65.27 69.10 9.14
N MET DA 223 -66.55 69.36 8.90
CA MET DA 223 -67.44 69.77 9.98
C MET DA 223 -67.53 68.69 11.03
N GLU DA 224 -67.63 67.45 10.58
CA GLU DA 224 -67.71 66.34 11.53
C GLU DA 224 -66.47 66.32 12.43
N LYS DA 225 -65.30 66.53 11.81
CA LYS DA 225 -64.06 66.62 12.57
C LYS DA 225 -64.08 67.83 13.52
N VAL DA 226 -64.85 68.85 13.16
CA VAL DA 226 -64.98 70.02 14.02
C VAL DA 226 -65.75 69.67 15.28
N ASN DA 227 -66.94 69.09 15.13
CA ASN DA 227 -67.82 68.79 16.26
C ASN DA 227 -67.13 67.95 17.33
N ASN DA 228 -66.36 66.97 16.87
CA ASN DA 228 -65.70 66.02 17.77
C ASN DA 228 -64.68 66.69 18.68
N VAL DA 229 -63.67 67.30 18.08
CA VAL DA 229 -62.55 67.87 18.83
C VAL DA 229 -63.01 69.02 19.72
N ALA DA 230 -64.18 69.59 19.41
CA ALA DA 230 -64.75 70.68 20.19
C ALA DA 230 -65.28 70.15 21.52
N LYS DA 231 -65.72 68.89 21.51
CA LYS DA 231 -66.19 68.24 22.71
C LYS DA 231 -65.04 67.97 23.67
N LEU DA 232 -63.87 67.62 23.13
CA LEU DA 232 -62.69 67.37 23.94
C LEU DA 232 -62.29 68.62 24.72
N LEU DA 233 -62.53 69.79 24.12
CA LEU DA 233 -62.21 71.06 24.76
C LEU DA 233 -63.23 71.48 25.80
N LYS DA 234 -64.51 71.24 25.52
CA LYS DA 234 -65.58 71.65 26.41
C LYS DA 234 -65.59 70.83 27.69
N ASP DA 235 -65.25 69.54 27.56
CA ASP DA 235 -65.20 68.63 28.71
C ASP DA 235 -63.88 68.74 29.49
N ALA DA 236 -62.84 69.23 28.83
CA ALA DA 236 -61.57 69.49 29.49
C ALA DA 236 -61.52 70.92 30.01
N GLU DA 237 -62.65 71.62 29.89
CA GLU DA 237 -62.76 73.01 30.35
C GLU DA 237 -62.45 73.17 31.83
N VAL DA 238 -63.00 72.28 32.65
CA VAL DA 238 -62.75 72.27 34.09
C VAL DA 238 -61.27 72.00 34.37
N SER DA 239 -60.72 70.99 33.70
CA SER DA 239 -59.30 70.68 33.76
C SER DA 239 -58.45 71.93 33.54
N LEU DA 240 -58.57 72.51 32.34
CA LEU DA 240 -57.83 73.72 31.95
C LEU DA 240 -58.09 74.90 32.90
N ALA DA 241 -59.28 74.95 33.48
CA ALA DA 241 -59.66 76.05 34.36
C ALA DA 241 -58.71 76.14 35.56
N ALA DA 242 -58.45 75.00 36.17
CA ALA DA 242 -57.56 74.95 37.33
C ALA DA 242 -56.11 74.80 36.89
N ALA DA 243 -55.90 74.61 35.59
CA ALA DA 243 -54.54 74.46 35.06
C ALA DA 243 -53.84 75.81 34.94
N ALA DA 244 -54.59 76.83 34.54
CA ALA DA 244 -54.04 78.18 34.42
C ALA DA 244 -53.93 78.81 35.79
N ALA DA 245 -54.87 78.45 36.66
CA ALA DA 245 -54.89 79.00 38.00
C ALA DA 245 -53.91 78.25 38.91
N GLU DA 246 -53.27 77.22 38.37
CA GLU DA 246 -52.24 76.47 39.10
C GLU DA 246 -50.88 77.09 38.80
N ILE DA 247 -50.89 78.12 37.96
CA ILE DA 247 -49.69 78.89 37.67
C ILE DA 247 -49.65 80.03 38.72
N GLU DA 248 -50.57 79.92 39.68
CA GLU DA 248 -50.69 80.83 40.82
C GLU DA 248 -49.36 81.14 41.53
N GLU DA 249 -48.62 80.09 41.88
CA GLU DA 249 -47.39 80.26 42.66
C GLU DA 249 -46.25 80.65 41.73
N VAL DA 250 -46.48 80.46 40.44
CA VAL DA 250 -45.57 80.94 39.44
C VAL DA 250 -45.63 82.48 39.41
N LYS DA 251 -46.79 83.01 39.77
CA LYS DA 251 -46.97 84.46 39.91
C LYS DA 251 -46.33 84.96 41.20
N ASN DA 252 -46.06 84.04 42.12
CA ASN DA 252 -45.33 84.38 43.34
C ASN DA 252 -43.84 84.43 43.05
N ALA DA 253 -43.44 83.79 41.95
CA ALA DA 253 -42.07 83.92 41.46
C ALA DA 253 -41.90 85.31 40.85
N HIS DA 254 -43.01 86.03 40.70
CA HIS DA 254 -43.00 87.43 40.28
C HIS DA 254 -43.18 88.36 41.48
N GLU DA 255 -44.32 88.21 42.15
CA GLU DA 255 -44.67 89.04 43.31
C GLU DA 255 -43.61 89.08 44.41
N THR DA 256 -43.12 87.91 44.82
CA THR DA 256 -42.10 87.83 45.86
C THR DA 256 -40.75 88.36 45.38
N LYS DA 257 -40.63 88.53 44.06
CA LYS DA 257 -39.41 89.04 43.43
C LYS DA 257 -39.49 90.53 43.09
N ALA DA 258 -40.46 90.91 42.25
CA ALA DA 258 -40.53 92.23 41.64
C ALA DA 258 -40.51 93.42 42.60
N GLN DA 259 -40.77 93.16 43.88
CA GLN DA 259 -40.74 94.22 44.89
C GLN DA 259 -39.31 94.60 45.34
N GLU DA 260 -38.48 93.60 45.63
CA GLU DA 260 -37.18 93.82 46.27
C GLU DA 260 -36.11 94.45 45.36
N GLU DA 261 -36.15 94.10 44.07
CA GLU DA 261 -35.18 94.58 43.09
C GLU DA 261 -33.75 94.24 43.51
C1 NAG EA . 62.28 -36.76 8.39
C2 NAG EA . 63.51 -36.36 9.21
C3 NAG EA . 64.76 -36.58 8.37
C4 NAG EA . 65.01 -38.07 8.21
C5 NAG EA . 63.70 -38.82 7.87
C6 NAG EA . 63.20 -39.72 8.97
C7 NAG EA . 63.83 -33.89 9.10
C8 NAG EA . 63.71 -32.61 9.88
N2 NAG EA . 63.45 -35.00 9.75
O3 NAG EA . 65.90 -35.96 8.98
O4 NAG EA . 66.10 -38.37 7.34
O5 NAG EA . 62.62 -37.91 7.51
O6 NAG EA . 61.85 -40.11 8.79
O7 NAG EA . 64.22 -33.91 7.92
C1 NAG EA . 66.32 -37.75 6.03
C2 NAG EA . 67.41 -36.66 6.00
C3 NAG EA . 67.71 -36.28 4.54
C4 NAG EA . 68.22 -37.51 3.80
C5 NAG EA . 67.12 -38.56 3.80
C6 NAG EA . 67.58 -39.85 3.14
C7 NAG EA . 67.97 -34.65 7.30
C8 NAG EA . 67.43 -33.47 8.08
N2 NAG EA . 67.06 -35.48 6.78
O3 NAG EA . 68.64 -35.20 4.48
O4 NAG EA . 68.62 -37.19 2.47
O5 NAG EA . 66.71 -38.88 5.14
O6 NAG EA . 66.73 -40.96 3.44
O7 NAG EA . 69.18 -34.82 7.16
C1 NAG FA . 38.96 -52.70 13.49
C2 NAG FA . 38.11 -53.50 14.49
C3 NAG FA . 37.24 -54.52 13.76
C4 NAG FA . 36.31 -53.72 12.86
C5 NAG FA . 37.12 -52.94 11.82
C6 NAG FA . 36.27 -51.97 11.02
C7 NAG FA . 39.90 -54.92 15.48
C8 NAG FA . 40.51 -55.39 16.76
N2 NAG FA . 38.84 -54.10 15.60
O3 NAG FA . 36.51 -55.30 14.70
O4 NAG FA . 35.13 -54.40 12.43
O5 NAG FA . 38.11 -52.11 12.48
O6 NAG FA . 36.55 -52.03 9.63
O7 NAG FA . 40.33 -55.27 14.39
C1 NAG FA . 34.92 -55.26 11.30
C2 NAG FA . 33.41 -55.18 11.22
C3 NAG FA . 32.88 -56.03 10.07
C4 NAG FA . 33.58 -55.65 8.76
C5 NAG FA . 35.10 -55.67 8.92
C6 NAG FA . 35.83 -55.10 7.72
C7 NAG FA . 31.50 -55.62 12.74
C8 NAG FA . 31.11 -56.08 14.11
N2 NAG FA . 32.81 -55.59 12.49
O3 NAG FA . 31.48 -55.83 9.95
O4 NAG FA . 33.20 -56.55 7.72
O5 NAG FA . 35.49 -54.85 10.05
O6 NAG FA . 35.39 -55.72 6.51
O7 NAG FA . 30.66 -55.27 11.91
C1 NAG GA . -8.22 17.60 83.27
C2 NAG GA . -8.75 17.84 81.84
C3 NAG GA . -10.26 18.07 81.87
C4 NAG GA . -10.87 16.78 82.38
C5 NAG GA . -10.43 16.52 83.82
C6 NAG GA . -10.90 15.18 84.36
C7 NAG GA . -7.75 20.09 81.52
C8 NAG GA . -6.96 20.94 80.58
N2 NAG GA . -8.04 18.86 81.09
O3 NAG GA . -10.76 18.38 80.57
O4 NAG GA . -12.23 16.53 82.03
O5 NAG GA . -8.99 16.50 83.90
O6 NAG GA . -11.95 15.31 85.31
O7 NAG GA . -8.12 20.51 82.61
C1 NAG GA . -13.43 17.15 82.56
C2 NAG GA . -14.52 16.25 81.97
C3 NAG GA . -15.90 16.74 82.42
C4 NAG GA . -15.96 16.80 83.94
C5 NAG GA . -14.82 17.65 84.51
C6 NAG GA . -14.75 17.56 86.03
C7 NAG GA . -15.22 15.40 79.75
C8 NAG GA . -14.92 15.44 78.29
N2 NAG GA . -14.42 16.16 80.53
O3 NAG GA . -16.90 15.86 81.93
O4 NAG GA . -17.22 17.33 84.38
O5 NAG GA . -13.55 17.20 84.01
O6 NAG GA . -13.53 18.07 86.54
O7 NAG GA . -16.14 14.74 80.21
C1 NAG HA . 56.19 -65.84 -78.65
C2 NAG HA . 54.79 -65.91 -79.18
C3 NAG HA . 54.62 -67.18 -79.97
C4 NAG HA . 55.53 -67.16 -81.19
C5 NAG HA . 56.98 -66.76 -80.85
C6 NAG HA . 57.66 -66.04 -81.99
C7 NAG HA . 53.38 -66.79 -77.34
C8 NAG HA . 52.28 -66.45 -76.37
N2 NAG HA . 53.77 -65.80 -78.15
O3 NAG HA . 53.26 -67.33 -80.37
O4 NAG HA . 55.43 -68.41 -81.89
O5 NAG HA . 57.11 -65.84 -79.73
O6 NAG HA . 58.09 -64.74 -81.57
O7 NAG HA . 53.91 -67.91 -77.36
C1 NAG HA . 55.68 -69.71 -81.26
C2 NAG HA . 54.45 -70.60 -80.92
C3 NAG HA . 54.89 -72.03 -80.58
C4 NAG HA . 55.67 -72.62 -81.75
C5 NAG HA . 56.91 -71.76 -81.99
C6 NAG HA . 57.74 -72.26 -83.17
C7 NAG HA . 52.28 -70.07 -79.89
C8 NAG HA . 51.58 -69.49 -78.69
N2 NAG HA . 53.62 -70.06 -79.86
O3 NAG HA . 53.77 -72.83 -80.23
O4 NAG HA . 56.06 -73.96 -81.50
O5 NAG HA . 56.53 -70.40 -82.26
O6 NAG HA . 58.09 -71.23 -84.08
O7 NAG HA . 51.66 -70.52 -80.85
C1 NAG IA . 77.04 -46.33 -79.86
C2 NAG IA . 77.55 -44.92 -80.30
C3 NAG IA . 79.08 -44.89 -80.37
C4 NAG IA . 79.58 -45.25 -78.99
C5 NAG IA . 79.17 -46.69 -78.68
C6 NAG IA . 79.67 -47.22 -77.35
C7 NAG IA . 76.56 -45.08 -82.57
C8 NAG IA . 75.91 -44.28 -83.69
N2 NAG IA . 76.93 -44.37 -81.50
O3 NAG IA . 79.51 -43.59 -80.74
O4 NAG IA . 80.94 -44.93 -78.69
O5 NAG IA . 77.73 -46.75 -78.64
O6 NAG IA . 80.69 -48.21 -77.52
O7 NAG IA . 76.74 -46.29 -82.66
C1 NAG IA . 82.04 -45.34 -79.48
C2 NAG IA . 83.05 -44.57 -78.62
C3 NAG IA . 84.49 -45.00 -78.94
C4 NAG IA . 84.64 -46.51 -78.84
C5 NAG IA . 83.58 -47.21 -79.71
C6 NAG IA . 83.57 -48.71 -79.53
C7 NAG IA . 83.58 -42.18 -78.19
C8 NAG IA . 83.22 -40.76 -78.55
N2 NAG IA . 82.88 -43.14 -78.83
O3 NAG IA . 85.38 -44.37 -78.02
O4 NAG IA . 85.94 -46.95 -79.22
O5 NAG IA . 82.27 -46.75 -79.34
O6 NAG IA . 82.62 -49.34 -80.37
O7 NAG IA . 84.46 -42.45 -77.38
C1 NAG JA . 7.62 28.78 -24.72
C2 NAG JA . 6.39 27.94 -25.04
C3 NAG JA . 5.14 28.76 -24.78
C4 NAG JA . 5.08 29.19 -23.32
C5 NAG JA . 6.42 29.82 -22.85
C6 NAG JA . 6.59 29.77 -21.35
C7 NAG JA . 6.14 28.14 -27.48
C8 NAG JA . 6.14 27.38 -28.79
N2 NAG JA . 6.40 27.42 -26.40
O3 NAG JA . 3.99 27.98 -25.10
O4 NAG JA . 3.94 30.01 -23.07
O5 NAG JA . 7.58 29.15 -23.36
O6 NAG JA . 7.74 28.98 -21.04
O7 NAG JA . 5.94 29.34 -27.44
C1 NAG JA . 3.64 31.27 -23.76
C2 NAG JA . 2.52 31.22 -24.83
C3 NAG JA . 2.19 32.63 -25.32
C4 NAG JA . 1.73 33.48 -24.14
C5 NAG JA . 2.85 33.57 -23.10
C6 NAG JA . 2.41 34.31 -21.86
C7 NAG JA . 1.92 29.70 -26.66
C8 NAG JA . 2.42 28.85 -27.80
N2 NAG JA . 2.84 30.35 -25.95
O3 NAG JA . 1.22 32.61 -26.36
O4 NAG JA . 1.38 34.79 -24.57
O5 NAG JA . 3.27 32.24 -22.69
O6 NAG JA . 3.14 33.93 -20.70
O7 NAG JA . 0.72 29.78 -26.40
C1 NAG KA . 31.61 24.54 -9.57
C2 NAG KA . 32.56 23.51 -8.99
C3 NAG KA . 33.23 24.09 -7.77
C4 NAG KA . 34.00 25.37 -8.13
C5 NAG KA . 33.25 26.29 -9.13
C6 NAG KA . 34.21 27.07 -10.01
C7 NAG KA . 30.92 22.00 -7.91
C8 NAG KA . 30.46 20.57 -7.81
N2 NAG KA . 31.96 22.22 -8.73
O3 NAG KA . 34.12 23.12 -7.23
O4 NAG KA . 34.19 26.04 -6.90
O5 NAG KA . 32.34 25.62 -10.04
O6 NAG KA . 33.94 28.47 -10.02
O7 NAG KA . 30.35 22.91 -7.31
C1 NAG KA . 35.10 27.18 -6.70
C2 NAG KA . 36.53 27.13 -7.23
C3 NAG KA . 37.36 28.22 -6.57
C4 NAG KA . 36.68 29.59 -6.71
C5 NAG KA . 35.21 29.56 -6.27
C6 NAG KA . 34.47 30.83 -6.59
C7 NAG KA . 38.40 25.47 -7.00
C8 NAG KA . 38.70 24.03 -6.74
N2 NAG KA . 37.10 25.80 -7.01
O3 NAG KA . 38.67 28.28 -7.14
O4 NAG KA . 37.36 30.58 -5.94
O5 NAG KA . 34.52 28.49 -6.94
O6 NAG KA . 33.09 30.60 -6.86
O7 NAG KA . 39.29 26.30 -7.20
C1 NAG LA . -46.40 -6.86 -38.47
C2 NAG LA . -45.95 -5.39 -38.70
C3 NAG LA . -44.45 -5.32 -38.93
C4 NAG LA . -43.80 -5.82 -37.64
C5 NAG LA . -44.17 -7.29 -37.42
C6 NAG LA . -43.67 -7.82 -36.09
C7 NAG LA . -46.86 -5.11 -41.00
C8 NAG LA . -47.68 -4.21 -41.89
N2 NAG LA . -46.70 -4.69 -39.74
O3 NAG LA . -44.04 -3.99 -39.21
O4 NAG LA . -42.45 -5.43 -37.42
O5 NAG LA . -45.60 -7.45 -37.38
O6 NAG LA . -42.44 -8.54 -36.22
O7 NAG LA . -46.37 -6.14 -41.41
C1 NAG LA . -41.25 -5.93 -38.03
C2 NAG LA . -40.23 -5.08 -37.27
C3 NAG LA . -38.80 -5.50 -37.63
C4 NAG LA . -38.61 -7.00 -37.44
C5 NAG LA . -39.70 -7.81 -38.15
C6 NAG LA . -39.66 -9.27 -37.78
C7 NAG LA . -39.88 -2.68 -36.82
C8 NAG LA . -40.23 -1.28 -37.25
N2 NAG LA . -40.44 -3.67 -37.53
O3 NAG LA . -37.89 -4.81 -36.77
O4 NAG LA . -37.34 -7.40 -37.96
O5 NAG LA . -41.01 -7.33 -37.78
O6 NAG LA . -39.69 -10.14 -38.89
O7 NAG LA . -39.13 -2.89 -35.88
C1 NAG MA . -116.38 68.04 16.30
C2 NAG MA . -117.60 67.19 15.92
C3 NAG MA . -118.88 68.00 16.07
C4 NAG MA . -119.01 68.50 17.50
C5 NAG MA . -117.76 69.28 17.94
C6 NAG MA . -117.71 69.54 19.43
C7 NAG MA . -117.77 67.25 13.45
C8 NAG MA . -117.68 66.42 12.20
N2 NAG MA . -117.52 66.61 14.59
O3 NAG MA . -120.00 67.21 15.72
O4 NAG MA . -120.24 69.22 17.69
O5 NAG MA . -116.55 68.54 17.65
O6 NAG MA . -116.74 68.71 20.05
O7 NAG MA . -118.04 68.45 13.41
C1 NAG MA . -120.52 70.49 17.04
C2 NAG MA . -121.64 70.44 15.97
C3 NAG MA . -122.02 71.86 15.53
C4 NAG MA . -122.43 72.69 16.74
C5 NAG MA . -121.27 72.73 17.74
C6 NAG MA . -121.62 73.47 19.01
C7 NAG MA . -122.15 69.11 13.96
C8 NAG MA . -121.58 68.30 12.83
N2 NAG MA . -121.26 69.63 14.81
O3 NAG MA . -123.08 71.83 14.57
O4 NAG MA . -122.78 74.02 16.35
O5 NAG MA . -120.90 71.39 18.12
O6 NAG MA . -120.54 73.42 19.94
O7 NAG MA . -123.36 69.26 14.10
C1 NAG NA . -92.45 63.75 31.55
C2 NAG NA . -91.51 62.76 32.26
C3 NAG NA . -90.62 63.49 33.26
C4 NAG NA . -89.78 64.48 32.46
C5 NAG NA . -90.69 65.51 31.78
C6 NAG NA . -89.94 66.46 30.87
C7 NAG NA . -93.25 61.70 33.65
C8 NAG NA . -93.79 60.39 34.16
N2 NAG NA . -92.18 61.62 32.86
O3 NAG NA . -89.79 62.54 33.92
O4 NAG NA . -88.58 64.94 33.07
O5 NAG NA . -91.66 64.85 30.95
O6 NAG NA . -90.05 67.82 31.28
O7 NAG NA . -93.76 62.76 33.97
C1 NAG NA . -88.41 65.94 34.10
C2 NAG NA . -86.88 66.01 34.09
C3 NAG NA . -86.39 67.11 35.03
C4 NAG NA . -87.02 68.45 34.65
C5 NAG NA . -88.55 68.33 34.65
C6 NAG NA . -89.22 69.58 34.13
C7 NAG NA . -84.97 64.45 34.30
C8 NAG NA . -84.55 63.06 34.67
N2 NAG NA . -86.28 64.73 34.42
O3 NAG NA . -84.97 67.21 34.97
O4 NAG NA . -86.62 69.49 35.52
O5 NAG NA . -88.97 67.24 33.81
O6 NAG NA . -90.60 69.61 34.46
O7 NAG NA . -84.16 65.30 33.93
CHA HEM OA . 62.32 -35.61 -13.30
CHB HEM OA . 57.83 -34.75 -14.84
CHC HEM OA . 57.18 -31.05 -11.79
CHD HEM OA . 61.72 -31.82 -10.31
C1A HEM OA . 61.16 -35.70 -14.03
C2A HEM OA . 60.88 -36.61 -15.12
C3A HEM OA . 59.64 -36.36 -15.53
C4A HEM OA . 59.10 -35.28 -14.72
CMA HEM OA . 58.87 -37.04 -16.67
CAA HEM OA . 61.86 -37.64 -15.68
CBA HEM OA . 61.47 -39.08 -15.35
CGA HEM OA . 62.73 -39.91 -15.30
O1A HEM OA . 63.72 -39.44 -15.98
O2A HEM OA . 62.76 -40.99 -14.60
C1B HEM OA . 57.27 -33.73 -14.14
C2B HEM OA . 55.89 -33.29 -14.27
C3B HEM OA . 55.72 -32.28 -13.41
C4B HEM OA . 56.98 -32.03 -12.75
CMB HEM OA . 54.87 -33.94 -15.20
CAB HEM OA . 54.47 -31.41 -13.11
CBB HEM OA . 53.38 -31.38 -13.89
C1C HEM OA . 58.37 -30.91 -11.15
C2C HEM OA . 58.75 -29.85 -10.23
C3C HEM OA . 59.99 -30.09 -9.82
C4C HEM OA . 60.47 -31.27 -10.50
CMC HEM OA . 57.80 -28.72 -9.81
CAC HEM OA . 60.89 -29.28 -8.89
CBC HEM OA . 60.88 -27.94 -8.99
C1D HEM OA . 62.31 -32.87 -10.99
C2D HEM OA . 63.71 -33.22 -10.85
C3D HEM OA . 63.90 -34.42 -11.79
C4D HEM OA . 62.60 -34.64 -12.38
CMD HEM OA . 64.74 -32.53 -9.94
CAD HEM OA . 65.18 -35.23 -12.09
CBD HEM OA . 66.34 -34.30 -12.43
CGD HEM OA . 67.41 -35.08 -13.18
O1D HEM OA . 67.20 -35.33 -14.40
O2D HEM OA . 68.45 -35.43 -12.57
NA HEM OA . 60.05 -34.92 -13.80
NB HEM OA . 57.91 -32.95 -13.22
NC HEM OA . 59.46 -31.76 -11.28
ND HEM OA . 61.70 -33.73 -11.88
FE HEM OA . 59.68 -33.51 -12.40
O1 OXY PA . 60.96 -32.38 -14.07
O2 OXY PA . 61.17 -31.48 -13.27
CHA HEM QA . 36.90 -3.15 -4.66
CHB HEM QA . 41.56 -3.31 -5.82
CHC HEM QA . 42.08 -8.07 -5.41
CHD HEM QA . 37.41 -8.00 -4.17
C1A HEM QA . 38.13 -2.73 -5.03
C2A HEM QA . 38.59 -1.40 -5.42
C3A HEM QA . 39.87 -1.49 -5.72
C4A HEM QA . 40.29 -2.86 -5.55
CMA HEM QA . 40.74 -0.31 -6.17
CAA HEM QA . 37.90 -0.03 -5.50
CBA HEM QA . 36.43 -0.06 -5.16
CGA HEM QA . 35.81 0.87 -6.15
O1A HEM QA . 34.57 0.77 -6.34
O2A HEM QA . 36.59 1.69 -6.75
C1B HEM QA . 42.08 -4.59 -5.79
C2B HEM QA . 43.47 -4.90 -6.04
C3B HEM QA . 43.65 -6.20 -5.94
C4B HEM QA . 42.36 -6.77 -5.61
CMB HEM QA . 44.56 -3.86 -6.38
CAB HEM QA . 45.01 -6.89 -6.15
CBB HEM QA . 45.12 -8.21 -6.30
C1C HEM QA . 40.86 -8.45 -4.98
C2C HEM QA . 40.50 -9.79 -4.52
C3C HEM QA . 39.23 -9.77 -4.20
C4C HEM QA . 38.71 -8.42 -4.40
CMC HEM QA . 41.44 -11.02 -4.45
CAC HEM QA . 38.46 -11.00 -3.69
CBC HEM QA . 37.21 -11.20 -4.14
C1D HEM QA . 36.86 -6.75 -4.18
C2D HEM QA . 35.46 -6.48 -3.83
C3D HEM QA . 35.29 -4.97 -3.99
C4D HEM QA . 36.58 -4.47 -4.41
CMD HEM QA . 34.33 -7.44 -3.40
CAD HEM QA . 33.98 -4.21 -3.73
CBD HEM QA . 34.03 -3.60 -2.33
CGD HEM QA . 33.14 -2.41 -2.42
O1D HEM QA . 31.90 -2.58 -2.19
O2D HEM QA . 33.70 -1.33 -2.77
NA HEM QA . 39.20 -3.59 -5.12
NB HEM QA . 41.42 -5.78 -5.52
NC HEM QA . 39.74 -7.64 -4.90
ND HEM QA . 37.47 -5.55 -4.49
FE HEM QA . 39.53 -5.61 -4.53
O1 OXY RA . 38.24 -5.90 -7.08
O2 OXY RA . 39.39 -5.57 -7.21
C1 NAG SA . 59.35 -23.79 7.47
C2 NAG SA . 58.18 -22.80 7.45
C3 NAG SA . 58.68 -21.46 6.91
C4 NAG SA . 59.86 -20.96 7.73
C5 NAG SA . 60.95 -22.05 7.88
C6 NAG SA . 62.03 -21.69 8.89
C7 NAG SA . 55.79 -23.02 6.92
C8 NAG SA . 54.78 -23.59 5.97
N2 NAG SA . 57.07 -23.28 6.64
O3 NAG SA . 57.63 -20.49 6.88
O4 NAG SA . 60.44 -19.82 7.10
O5 NAG SA . 60.37 -23.30 8.32
O6 NAG SA . 61.65 -22.01 10.23
O7 NAG SA . 55.46 -22.36 7.90
C1 NAG TA . 61.76 -51.67 12.46
C2 NAG TA . 61.27 -52.54 11.30
C3 NAG TA . 62.45 -52.84 10.35
C4 NAG TA . 63.04 -51.55 9.82
C5 NAG TA . 63.52 -50.68 10.98
C6 NAG TA . 62.96 -49.27 10.99
C7 NAG TA . 59.50 -54.27 11.35
C8 NAG TA . 59.06 -55.55 11.98
N2 NAG TA . 60.68 -53.77 11.78
O3 NAG TA . 62.05 -53.72 9.30
O4 NAG TA . 64.15 -51.83 8.97
O5 NAG TA . 63.19 -51.28 12.25
O6 NAG TA . 63.38 -48.54 12.13
O7 NAG TA . 58.84 -53.69 10.50
C1 NAG UA . -0.36 -31.38 6.02
C2 NAG UA . -0.32 -30.74 7.42
C3 NAG UA . -1.42 -29.70 7.56
C4 NAG UA . -1.36 -28.69 6.42
C5 NAG UA . -1.37 -29.40 5.07
C6 NAG UA . -1.17 -28.45 3.90
C7 NAG UA . 0.47 -31.90 9.44
C8 NAG UA . 0.20 -33.01 10.42
N2 NAG UA . -0.42 -31.75 8.46
O3 NAG UA . -1.28 -29.02 8.81
O4 NAG UA . -2.48 -27.80 6.48
O5 NAG UA . -0.29 -30.34 5.03
O6 NAG UA . -0.99 -29.15 2.67
O7 NAG UA . 1.47 -31.19 9.53
C1 NAG VA . 18.70 -4.87 9.45
C2 NAG VA . 18.20 -5.64 10.67
C3 NAG VA . 18.46 -4.82 11.93
C4 NAG VA . 19.93 -4.39 12.01
C5 NAG VA . 20.44 -3.85 10.66
C6 NAG VA . 21.94 -3.70 10.58
C7 NAG VA . 15.74 -5.59 11.23
C8 NAG VA . 14.43 -6.26 10.93
N2 NAG VA . 16.80 -6.06 10.56
O3 NAG VA . 18.09 -5.55 13.10
O4 NAG VA . 20.07 -3.36 12.98
O5 NAG VA . 20.08 -4.70 9.56
O6 NAG VA . 22.27 -3.22 9.29
O7 NAG VA . 15.80 -4.64 12.01
CHA HEM WA . 2.98 12.63 121.06
CHB HEM WA . -0.31 9.27 119.86
CHC HEM WA . 3.01 6.35 117.87
CHD HEM WA . 6.28 9.77 118.79
C1A HEM WA . 1.79 11.96 120.95
C2A HEM WA . 0.50 12.39 121.48
C3A HEM WA . -0.38 11.44 121.12
C4A HEM WA . 0.29 10.41 120.36
CMA HEM WA . -1.88 11.37 121.42
CAA HEM WA . 0.28 13.70 122.30
CBA HEM WA . -0.66 14.70 121.63
CGA HEM WA . -0.06 16.09 121.65
O1A HEM WA . 1.05 16.25 122.26
O2A HEM WA . -0.68 17.06 121.08
C1B HEM WA . 0.27 8.19 119.25
C2B HEM WA . -0.41 7.01 118.76
C3B HEM WA . 0.53 6.21 118.20
C4B HEM WA . 1.81 6.86 118.33
CMB HEM WA . -1.92 6.78 118.87
CAB HEM WA . 0.41 4.81 117.53
CBB HEM WA . -0.72 4.11 117.41
C1C HEM WA . 4.22 7.00 117.96
C2C HEM WA . 5.52 6.51 117.55
C3C HEM WA . 6.41 7.48 117.80
C4C HEM WA . 5.70 8.59 118.40
CMC HEM WA . 5.80 5.14 116.91
CAC HEM WA . 7.95 7.47 117.57
CBC HEM WA . 8.70 6.37 117.60
C1D HEM WA . 5.72 10.85 119.45
C2D HEM WA . 6.46 12.04 119.85
C3D HEM WA . 5.43 12.93 120.56
C4D HEM WA . 4.18 12.19 120.53
CMD HEM WA . 7.96 12.34 119.60
CAD HEM WA . 5.65 14.32 121.21
CBD HEM WA . 6.85 14.25 122.15
CGD HEM WA . 6.77 15.30 123.23
O1D HEM WA . 5.61 15.65 123.63
O2D HEM WA . 7.85 15.76 123.69
NA HEM WA . 1.62 10.76 120.27
NB HEM WA . 1.61 8.08 118.98
NC HEM WA . 4.37 8.27 118.46
ND HEM WA . 4.40 10.98 119.85
FE HEM WA . 2.94 9.57 119.14
O1 OXY XA . 3.23 8.73 121.47
O2 OXY XA . 4.40 8.66 121.16
CHA HEM YA . 9.61 -26.27 106.14
CHB HEM YA . 11.97 -23.78 109.58
CHC HEM YA . 9.56 -19.72 108.57
CHD HEM YA . 7.47 -22.11 104.88
C1A HEM YA . 10.46 -25.95 107.17
C2A HEM YA . 11.36 -26.87 107.86
C3A HEM YA . 12.01 -26.17 108.79
C4A HEM YA . 11.54 -24.79 108.74
CMA HEM YA . 13.06 -26.78 109.73
CAA HEM YA . 11.65 -28.39 107.60
CBA HEM YA . 10.49 -29.37 107.79
CGA HEM YA . 11.12 -30.67 108.29
O1A HEM YA . 10.45 -31.73 108.24
O2A HEM YA . 12.30 -30.64 108.74
C1B HEM YA . 11.54 -22.45 109.60
C2B HEM YA . 12.10 -21.39 110.42
C3B HEM YA . 11.46 -20.29 110.15
C4B HEM YA . 10.45 -20.58 109.15
CMB HEM YA . 13.25 -21.54 111.43
CAB HEM YA . 11.78 -18.95 110.84
CBB HEM YA . 11.13 -17.83 110.54
C1C HEM YA . 8.81 -20.00 107.45
C2C HEM YA . 8.03 -19.05 106.65
C3C HEM YA . 7.45 -19.72 105.69
C4C HEM YA . 7.85 -21.12 105.76
CMC HEM YA . 7.80 -17.54 106.85
CAC HEM YA . 6.54 -19.02 104.67
CBC HEM YA . 5.56 -19.74 104.12
C1D HEM YA . 7.77 -23.44 104.88
C2D HEM YA . 7.20 -24.46 103.99
C3D HEM YA . 7.86 -25.77 104.40
C4D HEM YA . 8.77 -25.41 105.47
CMD HEM YA . 6.12 -24.31 102.88
CAD HEM YA . 7.58 -27.15 103.77
CBD HEM YA . 8.37 -27.35 102.48
CGD HEM YA . 8.65 -28.83 102.32
O1D HEM YA . 7.94 -29.46 101.50
O2D HEM YA . 9.56 -29.33 103.03
NA HEM YA . 10.60 -24.69 107.73
NB HEM YA . 10.53 -21.91 108.82
NC HEM YA . 8.69 -21.25 106.85
ND HEM YA . 8.70 -24.04 105.72
FE HEM YA . 9.96 -22.83 106.92
O1 OXY ZA . 8.34 -23.48 108.80
O2 OXY ZA . 7.44 -23.43 107.98
C1 NAG AB . 18.22 5.21 104.00
C2 NAG AB . 18.09 3.87 103.25
C3 NAG AB . 18.74 2.77 104.07
C4 NAG AB . 20.20 3.11 104.32
C5 NAG AB . 20.30 4.47 105.03
C6 NAG AB . 21.72 4.93 105.27
C7 NAG AB . 16.15 3.62 101.76
C8 NAG AB . 14.72 3.20 101.65
N2 NAG AB . 16.70 3.55 102.97
O3 NAG AB . 18.61 1.51 103.43
O4 NAG AB . 20.85 2.09 105.05
O5 NAG AB . 19.65 5.49 104.25
O6 NAG AB . 22.55 3.86 105.67
O7 NAG AB . 16.79 4.01 100.77
C1 NAG BB . 13.43 17.69 102.12
C2 NAG BB . 12.63 18.87 102.70
C3 NAG BB . 13.53 19.69 103.63
C4 NAG BB . 14.11 18.80 104.72
C5 NAG BB . 14.91 17.70 104.04
C6 NAG BB . 15.58 16.74 105.00
C7 NAG BB . 10.85 19.61 101.18
C8 NAG BB . 10.47 20.58 100.11
N2 NAG BB . 12.10 19.72 101.65
O3 NAG BB . 12.78 20.76 104.21
O4 NAG BB . 14.90 19.55 105.64
O5 NAG BB . 14.04 16.92 103.20
O6 NAG BB . 16.13 17.44 106.12
O7 NAG BB . 10.07 18.75 101.59
C1 NAG CB . -24.57 -23.00 72.58
C2 NAG CB . -23.28 -23.23 71.79
C3 NAG CB . -23.29 -24.61 71.13
C4 NAG CB . -23.54 -25.68 72.18
C5 NAG CB . -24.83 -25.39 72.95
C6 NAG CB . -25.08 -26.36 74.08
C7 NAG CB . -21.88 -21.66 70.49
C8 NAG CB . -21.87 -20.58 69.45
N2 NAG CB . -23.08 -22.18 70.80
O3 NAG CB . -22.06 -24.85 70.46
O4 NAG CB . -23.63 -26.97 71.57
O5 NAG CB . -24.75 -24.08 73.54
O6 NAG CB . -26.26 -27.12 73.85
O7 NAG CB . -20.85 -22.05 71.03
C1 NAG DB . 4.51 -32.81 84.67
C2 NAG DB . 4.33 -32.60 83.19
C3 NAG DB . 5.61 -32.96 82.44
C4 NAG DB . 6.80 -32.22 83.05
C5 NAG DB . 6.81 -32.34 84.59
C6 NAG DB . 7.84 -31.46 85.25
C7 NAG DB . 2.70 -33.21 81.45
C8 NAG DB . 1.53 -34.08 81.10
N2 NAG DB . 3.20 -33.37 82.67
O3 NAG DB . 5.49 -32.64 81.06
O4 NAG DB . 8.02 -32.77 82.56
O5 NAG DB . 5.53 -31.97 85.12
O6 NAG DB . 7.92 -31.76 86.65
O7 NAG DB . 3.17 -32.40 80.65
CHA HEM EB . 66.96 -84.20 -73.66
CHB HEM EB . 70.40 -83.11 -70.42
CHC HEM EB . 67.29 -80.78 -67.46
CHD HEM EB . 63.85 -81.91 -70.67
C1A HEM EB . 68.19 -84.13 -73.04
C2A HEM EB . 69.43 -84.70 -73.53
C3A HEM EB . 70.37 -84.38 -72.60
C4A HEM EB . 69.76 -83.61 -71.54
CMA HEM EB . 71.86 -84.72 -72.60
CAA HEM EB . 69.56 -85.52 -74.84
CBA HEM EB . 70.18 -84.82 -76.06
CGA HEM EB . 69.30 -85.01 -77.30
O1A HEM EB . 68.40 -85.91 -77.24
O2A HEM EB . 69.50 -84.31 -78.35
C1B HEM EB . 69.88 -82.36 -69.38
C2B HEM EB . 70.64 -81.72 -68.33
C3B HEM EB . 69.80 -81.10 -67.52
C4B HEM EB . 68.45 -81.30 -68.01
CMB HEM EB . 72.15 -81.70 -68.09
CAB HEM EB . 70.24 -80.30 -66.28
CBB HEM EB . 69.55 -80.49 -65.15
C1C HEM EB . 66.07 -80.91 -68.06
C2C HEM EB . 64.77 -80.51 -67.55
C3C HEM EB . 63.85 -80.83 -68.46
C4C HEM EB . 64.51 -81.47 -69.55
CMC HEM EB . 64.56 -79.80 -66.19
CAC HEM EB . 62.32 -80.67 -68.47
CBC HEM EB . 61.63 -80.90 -67.36
C1D HEM EB . 64.33 -82.59 -71.77
C2D HEM EB . 63.53 -83.00 -72.90
C3D HEM EB . 64.52 -83.70 -73.81
C4D HEM EB . 65.79 -83.65 -73.15
CMD HEM EB . 62.01 -82.81 -73.18
CAD HEM EB . 64.21 -84.37 -75.16
CBD HEM EB . 63.82 -85.81 -74.81
CGD HEM EB . 63.64 -86.58 -76.09
O1D HEM EB . 64.60 -86.56 -76.91
O2D HEM EB . 62.54 -87.16 -76.27
NA HEM EB . 68.43 -83.47 -71.85
NB HEM EB . 68.55 -82.09 -69.16
NC HEM EB . 65.86 -81.50 -69.29
ND HEM EB . 65.64 -82.96 -71.96
FE HEM EB . 67.25 -82.22 -70.66
O1 OXY FB . 66.69 -84.25 -69.64
O2 OXY FB . 65.49 -84.14 -69.52
CHA HEM GB . 61.14 -68.33 -34.82
CHB HEM GB . 59.16 -72.05 -37.25
CHC HEM GB . 61.09 -71.17 -41.55
CHD HEM GB . 63.36 -67.60 -39.15
C1A HEM GB . 60.42 -69.49 -35.07
C2A HEM GB . 59.67 -70.37 -34.14
C3A HEM GB . 59.16 -71.36 -34.88
C4A HEM GB . 59.54 -71.16 -36.27
CMA HEM GB . 58.32 -72.53 -34.36
CAA HEM GB . 59.40 -70.37 -32.62
CBA HEM GB . 59.74 -69.10 -31.86
CGA HEM GB . 60.78 -69.52 -30.84
O1A HEM GB . 61.91 -68.90 -30.88
O2A HEM GB . 60.48 -70.46 -30.02
C1B HEM GB . 59.46 -72.08 -38.58
C2B HEM GB . 58.80 -72.94 -39.52
C3B HEM GB . 59.31 -72.73 -40.73
C4B HEM GB . 60.31 -71.69 -40.58
CMB HEM GB . 57.69 -73.96 -39.21
CAB HEM GB . 58.80 -73.51 -41.96
CBB HEM GB . 59.52 -73.71 -43.06
C1C HEM GB . 61.87 -70.07 -41.28
C2C HEM GB . 62.56 -69.26 -42.25
C3C HEM GB . 63.19 -68.29 -41.60
C4C HEM GB . 62.91 -68.43 -40.17
CMC HEM GB . 62.56 -69.51 -43.78
CAC HEM GB . 64.05 -67.22 -42.28
CBC HEM GB . 65.09 -66.75 -41.61
C1D HEM GB . 62.97 -67.42 -37.82
C2D HEM GB . 63.43 -66.32 -36.96
C3D HEM GB . 62.76 -66.53 -35.60
C4D HEM GB . 61.95 -67.73 -35.75
CMD HEM GB . 64.41 -65.16 -37.28
CAD HEM GB . 63.01 -65.56 -34.42
CBD HEM GB . 61.71 -64.95 -33.91
CGD HEM GB . 61.94 -64.88 -32.43
O1D HEM GB . 62.78 -64.03 -32.04
O2D HEM GB . 61.31 -65.70 -31.68
NA HEM GB . 60.28 -70.01 -36.35
NB HEM GB . 60.39 -71.30 -39.25
NC HEM GB . 62.10 -69.53 -40.02
ND HEM GB . 62.10 -68.19 -37.08
FE HEM GB . 60.87 -69.36 -38.33
O1 OXY HB . 62.49 -71.17 -37.43
O2 OXY HB . 63.38 -70.36 -37.50
C1 NAG IB . 51.43 -67.25 -66.07
C2 NAG IB . 51.62 -66.76 -64.63
C3 NAG IB . 51.00 -67.78 -63.65
C4 NAG IB . 49.61 -68.23 -64.11
C5 NAG IB . 49.59 -68.52 -65.60
C6 NAG IB . 48.22 -68.84 -66.16
C7 NAG IB . 53.53 -66.14 -63.18
C8 NAG IB . 55.02 -66.02 -63.11
N2 NAG IB . 53.03 -66.56 -64.35
O3 NAG IB . 50.92 -67.23 -62.34
O4 NAG IB . 49.23 -69.40 -63.40
O5 NAG IB . 50.07 -67.40 -66.33
O6 NAG IB . 48.24 -68.86 -67.58
O7 NAG IB . 52.81 -65.86 -62.22
C1 NAG JB . 62.21 -59.64 -91.38
C2 NAG JB . 63.53 -60.37 -91.70
C3 NAG JB . 63.23 -61.65 -92.49
C4 NAG JB . 62.29 -62.56 -91.70
C5 NAG JB . 60.99 -61.82 -91.40
C6 NAG JB . 60.60 -61.80 -89.94
C7 NAG JB . 65.62 -59.07 -92.02
C8 NAG JB . 66.38 -58.19 -92.97
N2 NAG JB . 64.42 -59.50 -92.45
O3 NAG JB . 64.43 -62.33 -92.84
O4 NAG JB . 62.02 -63.73 -92.46
O5 NAG JB . 61.05 -60.46 -91.86
O6 NAG JB . 59.37 -61.14 -89.71
O7 NAG JB . 66.05 -59.37 -90.91
C1 NAG KB . 94.78 -34.73 -39.83
C2 NAG KB . 93.60 -33.80 -39.60
C3 NAG KB . 93.67 -33.21 -38.19
C4 NAG KB . 93.74 -34.34 -37.16
C5 NAG KB . 94.91 -35.27 -37.48
C6 NAG KB . 94.96 -36.48 -36.58
C7 NAG KB . 92.42 -32.32 -41.18
C8 NAG KB . 92.58 -31.24 -42.22
N2 NAG KB . 93.57 -32.75 -40.61
O3 NAG KB . 92.50 -32.42 -37.96
O4 NAG KB . 93.89 -33.82 -35.84
O5 NAG KB . 94.79 -35.76 -38.83
O6 NAG KB . 96.11 -37.29 -36.84
O7 NAG KB . 91.33 -32.79 -40.87
C1 NAG LB . 66.19 -46.86 -28.95
C2 NAG LB . 66.33 -45.36 -29.24
C3 NAG LB . 65.00 -44.67 -28.96
C4 NAG LB . 63.85 -45.38 -29.67
C5 NAG LB . 63.94 -46.89 -29.41
C6 NAG LB . 62.93 -47.73 -30.15
C7 NAG LB . 67.84 -43.52 -28.66
C8 NAG LB . 68.98 -43.06 -27.80
N2 NAG LB . 67.42 -44.77 -28.47
O3 NAG LB . 65.06 -43.29 -29.36
O4 NAG LB . 62.59 -44.92 -29.21
O5 NAG LB . 65.23 -47.38 -29.78
O6 NAG LB . 63.04 -49.05 -29.64
O7 NAG LB . 67.31 -42.77 -29.50
CHA HEM MB . 6.77 50.41 -26.72
CHB HEM MB . 11.37 51.74 -27.56
CHC HEM MB . 12.05 48.79 -31.35
CHD HEM MB . 7.51 47.35 -30.47
C1A HEM MB . 7.97 51.09 -26.63
C2A HEM MB . 8.30 52.17 -25.73
C3A HEM MB . 9.56 52.50 -25.98
C4A HEM MB . 10.09 51.66 -27.04
CMA HEM MB . 10.36 53.61 -25.29
CAA HEM MB . 7.36 52.84 -24.68
CBA HEM MB . 7.36 52.22 -23.27
CGA HEM MB . 5.91 52.04 -22.83
O1A HEM MB . 5.07 52.85 -23.33
O2A HEM MB . 5.62 51.10 -22.02
C1B HEM MB . 11.94 51.11 -28.65
C2B HEM MB . 13.28 51.35 -29.14
C3B HEM MB . 13.46 50.52 -30.21
C4B HEM MB . 12.25 49.75 -30.38
CMB HEM MB . 14.26 52.37 -28.55
CAB HEM MB . 14.68 50.32 -31.14
CBB HEM MB . 15.86 50.92 -30.95
C1C HEM MB . 10.84 48.14 -31.49
C2C HEM MB . 10.43 47.24 -32.54
C3C HEM MB . 9.17 46.85 -32.27
C4C HEM MB . 8.76 47.52 -31.06
CMC HEM MB . 11.31 46.81 -33.73
CAC HEM MB . 8.21 45.91 -33.04
CBC HEM MB . 8.36 45.54 -34.30
C1D HEM MB . 6.89 48.00 -29.43
C2D HEM MB . 5.54 47.75 -28.98
C3D HEM MB . 5.30 48.70 -27.80
C4D HEM MB . 6.54 49.43 -27.65
CMD HEM MB . 4.54 46.74 -29.58
CAD HEM MB . 4.02 48.87 -26.96
CBD HEM MB . 2.84 49.29 -27.84
CGD HEM MB . 1.65 49.59 -26.95
O1D HEM MB . 1.44 50.80 -26.65
O2D HEM MB . 0.93 48.63 -26.56
NA HEM MB . 9.08 50.79 -27.41
NB HEM MB . 11.35 50.14 -29.40
NC HEM MB . 9.80 48.28 -30.60
ND HEM MB . 7.45 48.99 -28.61
FE HEM MB . 9.53 49.31 -28.89
O1 OXY NB . 9.22 51.41 -30.07
O2 OXY NB . 8.34 50.70 -30.47
CHA HEM OB . 31.75 41.28 -59.55
CHB HEM OB . 27.14 42.60 -59.28
CHC HEM OB . 26.83 42.00 -54.49
CHD HEM OB . 31.49 40.77 -54.72
C1A HEM OB . 30.51 41.66 -59.92
C2A HEM OB . 30.03 41.92 -61.26
C3A HEM OB . 28.76 42.27 -61.17
C4A HEM OB . 28.38 42.26 -59.78
CMA HEM OB . 27.88 42.63 -62.38
CAA HEM OB . 30.77 41.79 -62.61
CBA HEM OB . 32.00 42.67 -62.74
CGA HEM OB . 32.06 42.95 -64.21
O1A HEM OB . 33.14 43.39 -64.69
O2A HEM OB . 31.00 42.72 -64.89
C1B HEM OB . 26.68 42.52 -57.96
C2B HEM OB . 25.30 42.74 -57.59
C3B HEM OB . 25.19 42.55 -56.30
C4B HEM OB . 26.50 42.24 -55.78
CMB HEM OB . 24.12 43.07 -58.53
CAB HEM OB . 23.87 42.69 -55.55
CBB HEM OB . 23.78 42.49 -54.24
C1C HEM OB . 28.08 41.60 -54.13
C2C HEM OB . 28.52 41.25 -52.80
C3C HEM OB . 29.79 40.95 -52.87
C4C HEM OB . 30.22 41.05 -54.24
CMC HEM OB . 27.68 41.27 -51.50
CAC HEM OB . 30.63 40.53 -51.66
CBC HEM OB . 31.92 40.85 -51.66
C1D HEM OB . 32.00 40.79 -56.00
C2D HEM OB . 33.38 40.53 -56.32
C3D HEM OB . 33.48 40.71 -57.84
C4D HEM OB . 32.14 41.05 -58.27
CMD HEM OB . 34.54 40.15 -55.37
CAD HEM OB . 34.75 40.53 -58.69
CBD HEM OB . 34.60 39.17 -59.36
CGD HEM OB . 35.44 39.18 -60.58
O1D HEM OB . 36.66 38.83 -60.47
O2D HEM OB . 34.86 39.56 -61.65
NA HEM OB . 29.48 41.86 -59.03
NB HEM OB . 27.40 42.22 -56.82
NC HEM OB . 29.14 41.46 -55.00
ND HEM OB . 31.29 41.09 -57.17
FE HEM OB . 29.26 41.12 -57.01
O1 OXY PB . 29.64 44.06 -57.37
O2 OXY PB . 30.24 43.54 -56.45
C1 NAG QB . 10.24 29.46 -37.93
C2 NAG QB . 11.45 29.07 -38.81
C3 NAG QB . 11.19 29.46 -40.25
C4 NAG QB . 9.85 28.90 -40.74
C5 NAG QB . 8.72 29.26 -39.77
C6 NAG QB . 7.40 28.61 -40.13
C7 NAG QB . 13.69 28.98 -37.78
C8 NAG QB . 14.89 29.78 -37.38
N2 NAG QB . 12.67 29.68 -38.33
O3 NAG QB . 12.25 28.99 -41.08
O4 NAG QB . 9.55 29.41 -42.04
O5 NAG QB . 9.05 28.84 -38.44
O6 NAG QB . 6.78 29.23 -41.25
O7 NAG QB . 13.63 27.76 -37.63
C1 NAG RB . 8.80 25.66 -10.24
C2 NAG RB . 7.27 25.56 -10.29
C3 NAG RB . 6.67 26.85 -9.70
C4 NAG RB . 7.27 27.17 -8.33
C5 NAG RB . 8.81 27.10 -8.37
C6 NAG RB . 9.46 27.26 -7.02
C7 NAG RB . 5.73 24.63 -11.96
C8 NAG RB . 5.40 24.51 -13.43
N2 NAG RB . 6.80 25.35 -11.65
O3 NAG RB . 5.24 26.73 -9.61
O4 NAG RB . 6.87 28.48 -7.93
O5 NAG RB . 9.23 25.83 -8.89
O6 NAG RB . 10.88 27.20 -7.10
O7 NAG RB . 5.02 24.09 -11.11
C1 NAG SB . 69.99 31.68 -32.19
C2 NAG SB . 69.72 30.35 -32.89
C3 NAG SB . 70.85 30.04 -33.87
C4 NAG SB . 71.09 31.21 -34.82
C5 NAG SB . 71.29 32.50 -34.03
C6 NAG SB . 71.40 33.72 -34.91
C7 NAG SB . 68.62 28.32 -32.05
C8 NAG SB . 68.59 27.30 -30.95
N2 NAG SB . 69.55 29.27 -31.93
O3 NAG SB . 70.57 28.85 -34.61
O4 NAG SB . 72.22 30.97 -35.64
O5 NAG SB . 70.17 32.72 -33.16
O6 NAG SB . 72.76 33.98 -35.24
O7 NAG SB . 67.85 28.28 -33.00
C1 NAG TB . 50.18 27.57 -58.15
C2 NAG TB . 50.84 26.44 -57.36
C3 NAG TB . 50.66 25.13 -58.12
C4 NAG TB . 49.18 24.90 -58.43
C5 NAG TB . 48.53 26.15 -59.05
C6 NAG TB . 47.03 26.06 -59.15
C7 NAG TB . 53.28 25.91 -56.98
C8 NAG TB . 54.59 26.55 -56.64
N2 NAG TB . 52.24 26.76 -57.07
O3 NAG TB . 51.14 24.02 -57.37
O4 NAG TB . 49.02 23.81 -59.33
O5 NAG TB . 48.81 27.31 -58.26
O6 NAG TB . 46.47 27.30 -59.56
O7 NAG TB . 53.18 24.71 -57.18
CHA HEM UB . -56.26 -44.45 -32.11
CHB HEM UB . -53.03 -43.32 -28.68
CHC HEM UB . -56.39 -41.14 -26.02
CHD HEM UB . -59.70 -42.48 -29.28
C1A HEM UB . -55.11 -44.35 -31.38
C2A HEM UB . -53.83 -44.94 -31.74
C3A HEM UB . -52.95 -44.62 -30.80
C4A HEM UB . -53.63 -43.82 -29.80
CMA HEM UB . -51.47 -45.04 -30.77
CAA HEM UB . -53.52 -45.79 -33.00
CBA HEM UB . -52.90 -44.88 -34.06
CGA HEM UB . -53.18 -45.47 -35.41
O1A HEM UB . -53.69 -46.63 -35.46
O2A HEM UB . -52.91 -44.78 -36.44
C1B HEM UB . -53.65 -42.68 -27.65
C2B HEM UB . -53.02 -42.29 -26.40
C3B HEM UB . -53.95 -41.68 -25.64
C4B HEM UB . -55.18 -41.67 -26.42
CMB HEM UB . -51.53 -42.58 -26.08
CAB HEM UB . -53.85 -41.05 -24.22
CBB HEM UB . -52.71 -40.88 -23.52
C1C HEM UB . -57.60 -41.38 -26.64
C2C HEM UB . -58.90 -41.13 -26.07
C3C HEM UB . -59.83 -41.49 -26.98
C4C HEM UB . -59.11 -42.01 -28.13
CMC HEM UB . -59.11 -40.53 -24.66
CAC HEM UB . -61.37 -41.46 -26.90
CBC HEM UB . -62.04 -41.47 -25.75
C1D HEM UB . -59.11 -43.13 -30.34
C2D HEM UB . -59.82 -43.69 -31.46
C3D HEM UB . -58.75 -44.32 -32.37
C4D HEM UB . -57.50 -44.06 -31.68
CMD HEM UB . -61.35 -43.64 -31.68
CAD HEM UB . -58.94 -45.06 -33.72
CBD HEM UB . -59.83 -46.31 -33.56
CGD HEM UB . -60.02 -47.12 -34.83
O1D HEM UB . -59.67 -48.31 -34.82
O2D HEM UB . -60.50 -46.57 -35.86
NA HEM UB . -54.95 -43.66 -30.20
NB HEM UB . -54.97 -42.29 -27.63
NC HEM UB . -57.76 -41.92 -27.90
ND HEM UB . -57.75 -43.36 -30.50
FE HEM UB . -56.43 -42.66 -29.06
O1 OXY VB . -56.38 -45.48 -28.66
O2 OXY VB . -57.19 -44.94 -27.94
CHA HEM WB . -62.53 -29.33 6.28
CHB HEM WB . -64.67 -32.94 3.83
CHC HEM WB . -62.69 -31.51 -0.36
CHD HEM WB . -60.59 -27.87 2.00
C1A HEM WB . -63.32 -30.42 6.00
C2A HEM WB . -64.16 -31.15 6.92
C3A HEM WB . -64.75 -32.14 6.25
C4A HEM WB . -64.29 -32.07 4.85
CMA HEM WB . -65.73 -33.17 6.85
CAA HEM WB . -64.42 -30.89 8.41
CBA HEM WB . -63.17 -30.97 9.29
CGA HEM WB . -63.67 -31.10 10.71
O1A HEM WB . -62.86 -30.87 11.64
O2A HEM WB . -64.88 -31.43 10.91
C1B HEM WB . -64.33 -32.86 2.49
C2B HEM WB . -64.81 -33.73 1.42
C3B HEM WB . -64.25 -33.32 0.28
C4B HEM WB . -63.41 -32.20 0.58
CMB HEM WB . -65.79 -34.92 1.61
CAB HEM WB . -64.42 -33.86 -1.15
CBB HEM WB . -65.50 -34.52 -1.55
C1C HEM WB . -61.92 -30.42 -0.05
C2C HEM WB . -61.06 -29.75 -0.99
C3C HEM WB . -60.46 -28.76 -0.37
C4C HEM WB . -60.95 -28.74 1.01
CMC HEM WB . -60.87 -30.15 -2.45
CAC HEM WB . -59.46 -27.81 -1.03
CBC HEM WB . -58.42 -27.38 -0.31
C1D HEM WB . -60.86 -27.97 3.34
C2D HEM WB . -60.26 -27.10 4.34
C3D HEM WB . -60.86 -27.57 5.70
C4D HEM WB . -61.77 -28.65 5.35
CMD HEM WB . -59.22 -25.98 4.05
CAD HEM WB . -60.60 -27.03 7.11
CBD HEM WB . -61.02 -25.56 7.17
CGD HEM WB . -61.45 -25.22 8.58
O1D HEM WB . -60.83 -24.31 9.16
O2D HEM WB . -62.38 -25.89 9.09
NA HEM WB . -63.43 -30.99 4.75
NB HEM WB . -63.46 -31.92 1.93
NC HEM WB . -61.84 -29.77 1.17
ND HEM WB . -61.74 -28.84 3.97
FE HEM WB . -62.79 -30.12 2.96
O1 OXY XB . -60.68 -32.07 4.30
O2 OXY XB . -60.41 -31.16 3.54
C1 NAG YB . -72.18 -27.93 -24.87
C2 NAG YB . -72.08 -27.37 -23.43
C3 NAG YB . -72.92 -28.23 -22.47
C4 NAG YB . -74.33 -28.46 -23.02
C5 NAG YB . -74.27 -28.92 -24.47
C6 NAG YB . -75.64 -29.03 -25.12
C7 NAG YB . -69.95 -26.21 -22.98
C8 NAG YB . -68.56 -26.35 -22.44
N2 NAG YB . -70.70 -27.32 -22.96
O3 NAG YB . -72.98 -27.62 -21.19
O4 NAG YB . -74.99 -29.44 -22.23
O5 NAG YB . -73.52 -27.98 -25.26
O6 NAG YB . -75.56 -28.75 -26.51
O7 NAG YB . -70.38 -25.16 -23.44
C1 NAG ZB . -67.16 -26.49 -37.46
C2 NAG ZB . -68.57 -26.81 -37.93
C3 NAG ZB . -68.55 -28.09 -38.75
C4 NAG ZB . -67.58 -27.97 -39.92
C5 NAG ZB . -66.22 -27.39 -39.52
C6 NAG ZB . -65.48 -26.79 -40.68
C7 NAG ZB . -69.61 -27.91 -35.97
C8 NAG ZB . -70.73 -27.82 -34.97
N2 NAG ZB . -69.53 -26.90 -36.85
O3 NAG ZB . -69.85 -28.45 -39.20
O4 NAG ZB . -67.39 -29.27 -40.46
O5 NAG ZB . -66.33 -26.32 -38.57
O6 NAG ZB . -65.04 -25.47 -40.36
O7 NAG ZB . -68.81 -28.85 -35.98
C1 NAG AC . -29.29 5.17 1.51
C2 NAG AC . -30.58 5.98 1.67
C3 NAG AC . -30.67 6.61 3.06
C4 NAG AC . -30.44 5.56 4.15
C5 NAG AC . -29.12 4.84 3.89
C6 NAG AC . -28.86 3.73 4.87
C7 NAG AC . -31.86 7.26 0.00
C8 NAG AC . -31.79 8.33 -1.05
N2 NAG AC . -30.71 6.99 0.63
O3 NAG AC . -31.94 7.22 3.24
O4 NAG AC . -30.42 6.16 5.44
O5 NAG AC . -29.16 4.23 2.59
O6 NAG AC . -27.47 3.50 5.04
O7 NAG AC . -32.90 6.67 0.25
C1 NAG BC . -57.64 -7.29 12.36
C2 NAG BC . -57.53 -5.88 11.77
C3 NAG BC . -58.81 -5.12 12.08
C4 NAG BC . -60.04 -5.92 11.63
C5 NAG BC . -59.96 -7.38 12.11
C6 NAG BC . -61.00 -8.29 11.48
C7 NAG BC . -56.16 -4.73 13.47
C8 NAG BC . -54.90 -3.94 13.70
N2 NAG BC . -56.37 -5.13 12.22
O3 NAG BC . -58.76 -3.83 11.45
O4 NAG BC . -61.23 -5.35 12.19
O5 NAG BC . -58.70 -7.96 11.78
O6 NAG BC . -60.67 -9.65 11.74
O7 NAG BC . -56.93 -5.01 14.39
CHA HEM CC . -116.77 89.99 14.45
CHB HEM CC . -112.20 91.35 13.50
CHC HEM CC . -111.88 88.22 9.87
CHD HEM CC . -116.31 86.62 10.99
C1A HEM CC . -115.56 90.64 14.48
C2A HEM CC . -115.22 91.70 15.39
C3A HEM CC . -113.98 92.08 15.13
C4A HEM CC . -113.46 91.26 14.04
CMA HEM CC . -113.22 93.19 15.86
CAA HEM CC . -116.12 92.31 16.47
CBA HEM CC . -115.63 91.76 17.81
CGA HEM CC . -116.85 91.30 18.58
O1A HEM CC . -117.91 91.14 17.90
O2A HEM CC . -116.75 91.11 19.83
C1B HEM CC . -111.71 90.61 12.45
C2B HEM CC . -110.36 90.69 11.90
C3B HEM CC . -110.27 89.81 10.90
C4B HEM CC . -111.56 89.17 10.78
CMB HEM CC . -109.29 91.65 12.46
CAB HEM CC . -109.11 89.48 9.93
CBB HEM CC . -108.07 90.28 9.66
C1C HEM CC . -113.08 87.55 9.82
C2C HEM CC . -113.48 86.63 8.78
C3C HEM CC . -114.71 86.17 9.10
C4C HEM CC . -115.10 86.83 10.34
CMC HEM CC . -112.61 86.27 7.56
CAC HEM CC . -115.61 85.18 8.32
CBC HEM CC . -115.50 84.92 7.02
C1D HEM CC . -116.88 87.35 12.00
C2D HEM CC . -118.22 87.18 12.53
C3D HEM CC . -118.37 88.26 13.61
C4D HEM CC . -117.09 88.94 13.62
CMD HEM CC . -119.26 86.13 12.06
CAD HEM CC . -119.57 88.61 14.55
CBD HEM CC . -120.94 88.24 13.97
CGD HEM CC . -121.98 89.29 14.19
O1D HEM CC . -121.63 90.50 14.18
O2D HEM CC . -123.18 88.92 14.34
NA HEM CC . -114.47 90.37 13.67
NB HEM CC . -112.41 89.67 11.74
NC HEM CC . -114.08 87.66 10.75
ND HEM CC . -116.24 88.39 12.67
FE HEM CC . -114.20 88.85 12.32
O1 OXY DC . -115.45 90.99 11.24
O2 OXY DC . -115.30 90.07 10.44
CHA HEM EC . -91.98 80.61 -18.18
CHB HEM EC . -96.68 81.82 -17.90
CHC HEM EC . -96.96 81.42 -13.09
CHD HEM EC . -92.30 80.17 -13.28
C1A HEM EC . -93.23 81.06 -18.57
C2A HEM EC . -93.67 81.55 -19.87
C3A HEM EC . -94.96 81.87 -19.74
C4A HEM EC . -95.40 81.59 -18.38
CMA HEM EC . -95.84 82.44 -20.88
CAA HEM EC . -92.94 81.74 -21.25
CBA HEM EC . -91.67 80.94 -21.50
CGA HEM EC . -90.57 81.91 -21.85
O1A HEM EC . -89.53 81.94 -21.11
O2A HEM EC . -90.75 82.68 -22.86
C1B HEM EC . -97.15 81.84 -16.59
C2B HEM EC . -98.50 82.20 -16.17
C3B HEM EC . -98.60 82.08 -14.88
C4B HEM EC . -97.31 81.66 -14.38
CMB HEM EC . -99.70 82.65 -17.05
CAB HEM EC . -99.89 82.38 -14.11
CBB HEM EC . -100.02 82.15 -12.81
C1C HEM EC . -95.71 81.05 -12.73
C2C HEM EC . -95.28 80.78 -11.38
C3C HEM EC . -93.99 80.44 -11.42
C4C HEM EC . -93.55 80.48 -12.81
CMC HEM EC . -96.14 80.87 -10.12
CAC HEM EC . -93.20 80.09 -10.17
CBC HEM EC . -91.88 80.25 -10.16
C1D HEM EC . -91.80 80.17 -14.57
C2D HEM EC . -90.43 79.84 -14.89
C3D HEM EC . -90.29 79.96 -16.41
C4D HEM EC . -91.62 80.38 -16.86
CMD HEM EC . -89.32 79.44 -13.89
CAD HEM EC . -89.01 79.72 -17.25
CBD HEM EC . -88.91 78.33 -17.87
CGD HEM EC . -87.95 78.39 -19.03
O1D HEM EC . -86.71 78.36 -18.80
O2D HEM EC . -88.41 78.48 -20.20
NA HEM EC . -94.31 81.09 -17.69
NB HEM EC . -96.44 81.50 -15.45
NC HEM EC . -94.64 80.85 -13.59
ND HEM EC . -92.47 80.47 -15.75
FE HEM EC . -94.49 80.65 -15.62
O1 OXY FC . -94.34 83.16 -16.00
O2 OXY FC . -93.38 82.87 -15.34
C1 NAG GC . -113.64 68.73 3.06
C2 NAG GC . -112.43 68.45 2.18
C3 NAG GC . -112.67 69.07 0.81
C4 NAG GC . -113.96 68.51 0.21
C5 NAG GC . -115.12 68.71 1.18
C6 NAG GC . -116.41 68.09 0.73
C7 NAG GC . -109.99 68.50 2.50
C8 NAG GC . -108.84 69.14 3.23
N2 NAG GC . -111.22 68.97 2.80
O3 NAG GC . -111.56 68.84 -0.07
O4 NAG GC . -114.24 69.16 -1.03
O5 NAG GC . -114.81 68.13 2.47
O6 NAG GC . -117.52 68.58 1.47
O7 NAG GC . -109.81 67.59 1.70
C1 NAG HC . -53.81 71.43 9.49
C2 NAG HC . -53.92 70.03 8.89
C3 NAG HC . -52.65 69.71 8.12
C4 NAG HC . -52.37 70.79 7.09
C5 NAG HC . -52.43 72.19 7.69
C6 NAG HC . -52.39 73.28 6.64
C7 NAG HC . -55.10 68.07 9.79
C8 NAG HC . -55.23 67.12 10.95
N2 NAG HC . -54.18 69.03 9.92
O3 NAG HC . -52.81 68.44 7.47
O4 NAG HC . -51.07 70.60 6.52
O5 NAG HC . -53.64 72.37 8.44
O6 NAG HC . -52.52 74.57 7.22
O7 NAG HC . -55.80 67.95 8.78
C1 NAG IC . -73.40 67.09 -16.71
C2 NAG IC . -72.64 65.95 -16.05
C3 NAG IC . -72.93 64.64 -16.82
C4 NAG IC . -74.43 64.44 -16.96
C5 NAG IC . -75.10 65.71 -17.50
C6 NAG IC . -76.61 65.65 -17.55
C7 NAG IC . -70.25 65.36 -15.63
C8 NAG IC . -68.85 65.90 -15.62
N2 NAG IC . -71.20 66.23 -15.99
O3 NAG IC . -72.34 63.52 -16.16
O4 NAG IC . -74.71 63.34 -17.83
O5 NAG IC . -74.76 66.83 -16.67
O6 NAG IC . -77.12 66.83 -18.14
O7 NAG IC . -70.49 64.19 -15.34
#